data_7RH6
#
_entry.id   7RH6
#
loop_
_entity.id
_entity.type
_entity.pdbx_description
1 polymer 'Cytochrome bc1 complex cytochrome c subunit'
2 polymer 'Cytochrome c oxidase subunit 1'
3 polymer 'Cytochrome bc1 complex Rieske iron-sulfur subunit'
4 polymer 'Cytochrome aa3 subunit 3'
5 polymer 'Cytochrome bc1 complex cytochrome b subunit'
6 polymer 'Putative conserved transmembrane protein'
7 polymer 'Superoxide dismutase [Cu-Zn]'
8 polymer 'Cytochrome aa3 subunit 2'
9 polymer 'Cytochrome c oxidase polypeptide 4'
10 polymer 'Cytochrome c oxidase subunit CtaJ'
11 polymer 'Uncharacterized protein MSMEG_4692/MSMEI_4575'
12 polymer 'LpqE protein'
13 non-polymer 'HEME C'
14 non-polymer '(2R)-2-(hexadecanoyloxy)-3-{[(S)-hydroxy{[(1R,2R,3R,4R,5R,6S)-2,3,4,5,6-pentahydroxycyclohexyl]oxy}phosphoryl]oxy}propyl (9S)-9-methyloctadecanoate'
15 non-polymer MENAQUINONE-9
16 non-polymer 'COPPER (II) ION'
17 non-polymer HEME-A
18 non-polymer CARDIOLIPIN
19 non-polymer 'FE2/S2 (INORGANIC) CLUSTER'
20 non-polymer '(2R)-3-(((2-aminoethoxy)(hydroxy)phosphoryl)oxy)-2-(palmitoyloxy)propyl (E)-octadec-9-enoate'
21 non-polymer 'PROTOPORPHYRIN IX CONTAINING FE'
22 non-polymer 'PALMITIC ACID'
23 non-polymer '(2S)-1-(hexadecanoyloxy)propan-2-yl (10S)-10-methyloctadecanoate'
#
loop_
_entity_poly.entity_id
_entity_poly.type
_entity_poly.pdbx_seq_one_letter_code
_entity_poly.pdbx_strand_id
1 'polypeptide(L)'
;QSALLRTGKQLFETSCVSCHGANLQGVPDRGPSLIGTGEAAVYFQVSTGRMPAMRGEAQAPSKPPHFDESQIDALGAYVQ
ANGGGPTVPRDDHGAVAQESLIGGDVARGGDLFRLNCASCHNFTGKGGALSSGKYAPDLGDANPAQIYTAMLTGPQNMPK
FSDRQLTPDEKRDIVAYVRESAETPSYGGYGLGGFGPAPEGMAMWIIGMVAAIGVAMWIGSRA
;
O,I
2 'polypeptide(L)'
;ELEARRPFPERMGPKGNLIYKLITTTDHKLIGIMYCVVCFAFFLVGGLMALFMRTELAMPGLQFLSNEQFNQLFTMHGTV
MLLFYATPIVFGFANLVLPLQIGAPDVAFPRLNALSFWLFLFGALIAIAGFITPGGAADFGWTAYSPLTDAIHSPGAGGD
LWIMGLAVGGLGTILGGVNMITTVVCMRAPGMTMFRMPIFTWNILVTSILVLIAFPILTAALFGLAADRHLGAHIYDPAN
GGVLLWQHLFWFFGHPEVYIIALPFFGIVSEIFPVFSRKPIFGYTTLIYATLAIAALSVAVWAHHMYATGAVLLPFFSFM
TFLIAVPTGIKFFNWIGTMWKGQLTFETPMLFSVGFLITFLLGGLSGVLLASPPLDFHVTDSYFVIAHFHYVLFGTIVFA
TYAGIYFWFPKMTGRLLDERLGKLHFWLTFIGFHTTFLVQHWLGDEGMPRRYADYLPTDGFTTLNVISTVGAFILGVSML
PFVWNVFKSWRYGEPVTVDDPWGYGNSLEWATSCPPPRHNFTELPRIRSERPAFELHYPHMVERMRAEAHVG
;
R,L
3 'polypeptide(L)'
;GQPTDAELAEMSREELVKLGGKIDGVETIFKEPRWPVPGTKAEKRTERLVAYWLMLGGLSGLALLLVFLFWPWEYQPFGS
EGEFLYSLATPLYGLTFGLSILSIGIGAVLFQKKFIPEEISVQDRHDGRSPEVHRKTVAANLTDALEGSTLKRRKVIGLS
LGIGLGAFGAGTLVAFIGGLIKNPWKPVVPTAEGKKAVLWTSGWTPRFKGETIYLARATGRPGESPFVKMRPEDIDAGGM
ETVFPWRESDGDGTTVESEHKLTEIAMGVRNPVMLIRIKPADMHRVIKRKGQESFNFGELFAYTKVCSHLGCPSSLYEQQ
TYRILCPCHQSQFDALEFAKPIFGPAARALAQLPITIDEDGYLVANGDFVEPVGPAFWERKS
;
M,Y
4 'polypeptide(L)'
;MTSAVGTSGTAITSRVHSLNRPNMVSVGTIVWLSSELMFFAGLFAMYFTARAQAGGAWPPEPTELNLALAVPVTLVLIAS
SFTCQMGVFAAERGDVFGLRRWYVITFLMGLFFVLGQGYEYIHLVEHGTTIPGSAYGSVFYLATGFHGLHVIGGLVAFVL
LLARTKMSKFTPAQATAAIVVSYYWHFVDIVWIALFATIYFVR
;
S,X
5 'polypeptide(L)'
;DFAKLAAAQGDAIDSRYHPSAAVRRQLNKVFPTHWSFLLGEIALYSFIILLLTGVWLTLFFDPSMAHVTYDGVYQPLRGV
QMSRAYETALDISFEVRGGLFVRQVHHWAALMFAASIMVHLARIFFTGAFRRPREANWVIGSLLLILAMFEGFFGYSLPD
DLLSGTGIRAALSGITMGIPVIGTWMHWALFGGDFPGEILIPRLYALHILLIPGIILALIGAHLALVWFQKHTQFPGPGR
TETNVVGVRVMPVFAVKSGAFFAMITGVLGLMGGLLTINPIWNLGPYKPSQVSAGSQPDFYMMWTDGLIRLWPAWEFYPF
GHTIPQGVWVAVGMGLVFALLIAYPFIEKKVTGDDAHHNLLQRPRDVPVRTAIGSMAIALYLLLTFACMNDIIALKFHIS
LNATTWIGRIGMVVLPAIVYFVAYRWAISLQRSDREVLEHGVETGIIKRLPHGAYVELHQPLGPVDEHGHPIPLEYAGAP
LPKRMNKLGSGGAPGTGSFLFPDPAVEHEALTEAAHASEHKSLTALKEHQDRIHG
;
E,F
6 'polypeptide(L)'
;MSSTQDRSQLDPEEQPVANTEVERHTGVDVEDVPSAEWGWSHMPIGVMHIGGLLSAAFLLVMMRGNHVGHVEDWFLIGFA
AVIVALVGRNWWLRRRGWIR
;
J,P
7 'polypeptide(L)'
;CSPPGETASSEPGTTPAIWTGSPSPAAPSGEDHGGGHGAGAAGAGETLTAELKTADGTSVATADFQFADGFATVTIETTT
PGRLTPGFHGVHIHSVGKCEANSVAPTGGAPGDFNSAGGHFQVSGHSGHPASGDLSSLQVRADGSGKLVTTTDAFTAEDL
LDGAKTAIIIHEKADNFANIPPERYQQVNGAPGPDQTTMATGDAGSRVACGVISAG
;
D,G
8 'polypeptide(L)'
;WSDALALGWPTGITPEAKLNRELWIGSVIASFAVGAIVWGLIFWTSAFHRKKATDTELPRQFGYNMPLELTLTVIPFLII
SVLFYFTVVVQERMMHKDPNPEVVIDVTAFQWNWKFGYQKIAFADGSFDYDGADPERKEAMTSRPEGKDEHGIEKVGPIR
GMTPEDRTYLNFDKIETLGTSSEIPVLVLPAGKRIEFVLNSADVIHGFWVPEFLFKRDVLPEPKANNSDNVFQVSEIQQT
GAFVGRCTEMCGTFHAMMNFEVRVVEPNDFKAYIDQRNAGKTNAEALAAINQPPLAITTEPFESRRGELVPQ
;
Q,K
9 'polypeptide(L)'
;MHIEARLFEILTAFFALAAVVYAVLTAMFATGGVEWAGTTALVLTTGLTLITGTFFRFVARRLDTRPEDYEDAEISDGAG
ELGFFAPHSWWPILISLSFSTAAVGAALWLPWLIAAGVAFVITSVCGLVFEYYWGPEKH
;
T,Z
10 'polypeptide(L)' MSTALTHGLIGGVPLVLFAVLALIFLTRKGPHPDTYKMSDPWTHAPILWAAEEPREHGHGGHGHDSHGVVIGGGASGKW U,a
11 'polypeptide(L)'
;ELDLPYGSALTSSGRISAVTEPGELSVHYPFPTMDLVVLDDALKYGSRAAKARFAVYIGPLGADTAATAREILANVPTPE
NAVLLAVSPDQRAIEVVYGADVKGRGIESAAPLGVSAAAASFKEGNLIDGLISAVRVMSAGVSPA
;
V,b
12 'polypeptide(L)'
;CSAGQISQTTTQEPAVNGVNAQAGQVSLRNVHLRAPQQTDYVEPGTTVELLFVAANDSTEGSNKLKSITSDVGEVTLTGD
STVPADGVLIVGEPDGQIQAVENAEAADAVTAEVELTKPITNGLLYDFTFTFEDGETTVAVPISAGEQPRRPVPPAGPG
;
c
#
loop_
_chem_comp.id
_chem_comp.type
_chem_comp.name
_chem_comp.formula
9XX non-polymer '(2S)-1-(hexadecanoyloxy)propan-2-yl (10S)-10-methyloctadecanoate' 'C38 H74 O4'
9Y0 non-polymer '(2R)-3-(((2-aminoethoxy)(hydroxy)phosphoryl)oxy)-2-(palmitoyloxy)propyl (E)-octadec-9-enoate' 'C39 H76 N O8 P'
9YF non-polymer '(2R)-2-(hexadecanoyloxy)-3-{[(S)-hydroxy{[(1R,2R,3R,4R,5R,6S)-2,3,4,5,6-pentahydroxycyclohexyl]oxy}phosphoryl]oxy}propyl (9S)-9-methyloctadecanoate' 'C44 H85 O13 P'
CDL non-polymer CARDIOLIPIN 'C81 H156 O17 P2 -2'
CU non-polymer 'COPPER (II) ION' 'Cu 2'
FES non-polymer 'FE2/S2 (INORGANIC) CLUSTER' 'Fe2 S2'
HEA non-polymer HEME-A 'C49 H56 Fe N4 O6'
HEC non-polymer 'HEME C' 'C34 H34 Fe N4 O4'
HEM non-polymer 'PROTOPORPHYRIN IX CONTAINING FE' 'C34 H32 Fe N4 O4'
MQ9 non-polymer MENAQUINONE-9 'C56 H80 O2'
PLM non-polymer 'PALMITIC ACID' 'C16 H32 O2'
#
# COMPACT_ATOMS: atom_id res chain seq x y z
N GLN A 1 69.26 -18.78 -14.08
CA GLN A 1 69.07 -18.06 -15.36
C GLN A 1 69.50 -16.61 -15.15
N SER A 2 70.13 -16.00 -16.15
CA SER A 2 70.65 -14.62 -15.95
C SER A 2 69.52 -13.65 -15.63
N ALA A 3 68.39 -13.76 -16.33
CA ALA A 3 67.26 -12.85 -16.09
C ALA A 3 66.67 -13.09 -14.71
N LEU A 4 66.57 -14.35 -14.28
CA LEU A 4 65.94 -14.63 -12.98
C LEU A 4 66.78 -14.01 -11.86
N LEU A 5 68.11 -14.12 -11.92
CA LEU A 5 68.89 -13.44 -10.86
C LEU A 5 68.71 -11.94 -10.96
N ARG A 6 68.71 -11.40 -12.18
CA ARG A 6 68.64 -9.93 -12.38
C ARG A 6 67.33 -9.38 -11.82
N THR A 7 66.22 -10.00 -12.20
CA THR A 7 64.89 -9.56 -11.70
C THR A 7 64.88 -9.73 -10.19
N GLY A 8 65.48 -10.80 -9.69
CA GLY A 8 65.43 -11.03 -8.24
C GLY A 8 66.09 -9.89 -7.51
N LYS A 9 67.23 -9.42 -8.01
CA LYS A 9 67.92 -8.36 -7.26
C LYS A 9 66.99 -7.15 -7.24
N GLN A 10 66.36 -6.81 -8.38
CA GLN A 10 65.55 -5.57 -8.38
C GLN A 10 64.37 -5.68 -7.40
N LEU A 11 63.76 -6.85 -7.30
CA LEU A 11 62.59 -7.01 -6.40
C LEU A 11 63.07 -7.12 -4.96
N PHE A 12 64.24 -7.72 -4.74
CA PHE A 12 64.81 -7.85 -3.38
C PHE A 12 65.21 -6.47 -2.87
N GLU A 13 65.79 -5.67 -3.74
CA GLU A 13 66.29 -4.37 -3.31
C GLU A 13 65.12 -3.49 -2.92
N THR A 14 63.90 -3.86 -3.29
CA THR A 14 62.77 -2.97 -3.04
C THR A 14 61.84 -3.60 -2.00
N SER A 15 62.22 -4.70 -1.38
CA SER A 15 61.33 -5.22 -0.31
C SER A 15 62.10 -5.63 0.94
N CYS A 16 63.20 -6.38 0.82
CA CYS A 16 63.83 -6.91 2.05
C CYS A 16 65.27 -6.47 2.28
N VAL A 17 65.74 -5.42 1.62
CA VAL A 17 67.13 -5.02 2.00
C VAL A 17 66.92 -4.27 3.31
N SER A 18 65.65 -3.98 3.63
CA SER A 18 65.41 -3.44 4.99
C SER A 18 65.67 -4.51 6.05
N CYS A 19 65.47 -5.80 5.78
CA CYS A 19 65.74 -6.76 6.88
C CYS A 19 66.84 -7.76 6.50
N HIS A 20 67.13 -7.90 5.21
CA HIS A 20 68.25 -8.75 4.72
C HIS A 20 69.11 -7.85 3.83
N GLY A 21 69.99 -7.03 4.42
CA GLY A 21 70.76 -6.02 3.65
C GLY A 21 71.64 -6.55 2.53
N ALA A 22 71.70 -5.84 1.40
CA ALA A 22 72.61 -6.18 0.28
C ALA A 22 72.37 -7.60 -0.25
N ASN A 23 73.45 -8.38 -0.40
CA ASN A 23 73.33 -9.74 -1.01
C ASN A 23 72.88 -10.76 0.04
N LEU A 24 71.61 -10.71 0.43
CA LEU A 24 71.03 -11.69 1.39
C LEU A 24 71.82 -11.73 2.71
N GLN A 25 72.26 -10.58 3.24
CA GLN A 25 72.91 -10.57 4.57
C GLN A 25 71.95 -9.97 5.59
N GLY A 26 71.58 -10.70 6.64
CA GLY A 26 70.54 -10.23 7.57
C GLY A 26 70.81 -8.95 8.33
N VAL A 27 69.78 -8.12 8.52
CA VAL A 27 69.92 -6.87 9.33
C VAL A 27 69.78 -7.24 10.82
N PRO A 28 70.75 -6.93 11.75
CA PRO A 28 70.65 -7.45 13.12
C PRO A 28 69.42 -6.96 13.88
N ASP A 29 68.64 -7.87 14.46
CA ASP A 29 67.38 -7.54 15.18
C ASP A 29 66.29 -7.03 14.23
N ARG A 30 66.36 -7.32 12.94
CA ARG A 30 65.26 -6.97 12.01
C ARG A 30 64.93 -8.22 11.19
N GLY A 31 65.93 -8.92 10.65
CA GLY A 31 65.71 -10.14 9.87
C GLY A 31 66.92 -11.05 9.82
N PRO A 32 66.78 -12.34 9.48
CA PRO A 32 67.91 -13.26 9.37
C PRO A 32 68.76 -13.22 8.09
N SER A 33 69.96 -13.80 8.12
CA SER A 33 70.77 -13.91 6.88
C SER A 33 70.00 -14.81 5.95
N LEU A 34 70.03 -14.50 4.67
CA LEU A 34 69.30 -15.31 3.68
C LEU A 34 70.31 -16.14 2.90
N ILE A 35 71.54 -16.23 3.40
CA ILE A 35 72.58 -17.09 2.77
C ILE A 35 72.36 -18.52 3.24
N GLY A 36 71.96 -19.41 2.34
CA GLY A 36 71.76 -20.83 2.65
C GLY A 36 70.31 -21.17 2.78
N THR A 37 69.46 -20.15 2.83
CA THR A 37 68.00 -20.38 2.91
C THR A 37 67.51 -21.00 1.60
N GLY A 38 67.95 -20.51 0.45
CA GLY A 38 67.63 -21.16 -0.83
C GLY A 38 66.28 -20.87 -1.43
N GLU A 39 66.00 -21.36 -2.63
CA GLU A 39 64.73 -21.07 -3.37
C GLU A 39 63.50 -21.60 -2.62
N ALA A 40 63.54 -22.84 -2.12
CA ALA A 40 62.37 -23.44 -1.46
C ALA A 40 62.01 -22.67 -0.18
N ALA A 41 63.00 -22.18 0.59
CA ALA A 41 62.67 -21.35 1.76
C ALA A 41 61.98 -20.08 1.29
N VAL A 42 62.51 -19.47 0.23
CA VAL A 42 61.84 -18.28 -0.35
C VAL A 42 60.47 -18.74 -0.83
N TYR A 43 60.40 -19.98 -1.33
CA TYR A 43 59.09 -20.53 -1.77
C TYR A 43 58.16 -20.59 -0.55
N PHE A 44 58.70 -21.01 0.59
CA PHE A 44 57.87 -21.17 1.81
C PHE A 44 57.38 -19.83 2.38
N GLN A 45 57.97 -18.70 1.98
CA GLN A 45 57.41 -17.43 2.53
C GLN A 45 56.51 -16.75 1.50
N VAL A 46 57.09 -16.07 0.51
CA VAL A 46 56.29 -15.27 -0.47
C VAL A 46 55.38 -16.17 -1.30
N SER A 47 55.89 -17.29 -1.83
CA SER A 47 55.02 -18.25 -2.56
C SER A 47 54.03 -18.95 -1.62
N THR A 48 54.47 -19.36 -0.42
CA THR A 48 53.62 -20.13 0.53
C THR A 48 52.74 -19.20 1.34
N GLY A 49 52.02 -19.74 2.32
CA GLY A 49 51.16 -18.90 3.15
C GLY A 49 51.93 -17.82 3.92
N ARG A 50 53.04 -18.14 4.60
CA ARG A 50 53.68 -17.13 5.52
C ARG A 50 54.57 -16.10 4.85
N MET A 51 53.99 -15.15 4.13
CA MET A 51 54.80 -14.04 3.59
C MET A 51 55.24 -13.26 4.83
N PRO A 52 56.49 -12.74 4.92
CA PRO A 52 56.97 -12.06 6.14
C PRO A 52 56.24 -10.76 6.47
N ALA A 53 55.97 -10.49 7.75
CA ALA A 53 55.20 -9.29 8.13
C ALA A 53 56.17 -8.15 8.48
N MET A 54 55.91 -6.97 7.93
CA MET A 54 56.79 -5.78 8.17
C MET A 54 56.75 -5.43 9.65
N ARG A 55 55.57 -5.49 10.26
CA ARG A 55 55.56 -5.28 11.73
C ARG A 55 56.23 -6.52 12.33
N GLY A 56 57.19 -6.35 13.24
CA GLY A 56 57.78 -7.53 13.88
C GLY A 56 56.77 -8.21 14.77
N GLU A 57 56.64 -9.53 14.65
CA GLU A 57 55.64 -10.28 15.46
C GLU A 57 56.13 -11.72 15.68
N ALA A 58 55.58 -12.39 16.68
CA ALA A 58 55.99 -13.77 17.00
C ALA A 58 55.66 -14.67 15.80
N GLN A 59 54.50 -14.44 15.18
CA GLN A 59 54.08 -15.25 14.00
C GLN A 59 53.62 -14.28 12.92
N ALA A 60 53.51 -14.74 11.67
CA ALA A 60 52.95 -13.86 10.65
C ALA A 60 51.65 -14.43 10.12
N PRO A 61 50.74 -13.61 9.54
CA PRO A 61 49.58 -14.15 8.87
C PRO A 61 50.06 -14.66 7.51
N SER A 62 49.48 -15.74 6.98
CA SER A 62 49.78 -16.15 5.57
C SER A 62 49.11 -15.03 4.80
N LYS A 63 49.72 -13.84 4.77
CA LYS A 63 48.96 -12.69 4.28
C LYS A 63 48.84 -12.87 2.77
N PRO A 64 47.98 -12.15 1.99
CA PRO A 64 47.99 -12.39 0.56
C PRO A 64 49.39 -12.15 -0.01
N PRO A 65 49.91 -13.00 -0.93
CA PRO A 65 51.25 -12.84 -1.47
C PRO A 65 51.48 -11.47 -2.13
N HIS A 66 52.65 -10.87 -1.94
CA HIS A 66 52.98 -9.55 -2.54
C HIS A 66 53.74 -9.72 -3.85
N PHE A 67 54.02 -10.94 -4.26
CA PHE A 67 54.82 -11.19 -5.48
C PHE A 67 54.15 -12.31 -6.26
N ASP A 68 54.15 -12.23 -7.60
CA ASP A 68 53.46 -13.23 -8.47
C ASP A 68 54.34 -14.45 -8.66
N GLU A 69 53.85 -15.52 -9.29
CA GLU A 69 54.65 -16.77 -9.40
C GLU A 69 55.97 -16.60 -10.16
N SER A 70 56.03 -15.87 -11.27
CA SER A 70 57.33 -15.62 -11.94
C SER A 70 58.23 -14.81 -11.02
N GLN A 71 57.67 -13.83 -10.32
CA GLN A 71 58.46 -13.00 -9.39
C GLN A 71 58.96 -13.87 -8.25
N ILE A 72 58.16 -14.79 -7.72
CA ILE A 72 58.60 -15.60 -6.56
C ILE A 72 59.80 -16.41 -7.03
N ASP A 73 59.75 -16.88 -8.27
CA ASP A 73 60.89 -17.64 -8.83
C ASP A 73 62.13 -16.74 -8.98
N ALA A 74 61.95 -15.52 -9.45
CA ALA A 74 63.10 -14.59 -9.61
C ALA A 74 63.70 -14.24 -8.25
N LEU A 75 62.86 -13.99 -7.25
CA LEU A 75 63.34 -13.69 -5.87
C LEU A 75 64.07 -14.92 -5.36
N GLY A 76 63.53 -16.10 -5.59
CA GLY A 76 64.16 -17.35 -5.11
C GLY A 76 65.52 -17.62 -5.75
N ALA A 77 65.63 -17.46 -7.06
CA ALA A 77 66.90 -17.71 -7.76
C ALA A 77 67.95 -16.72 -7.27
N TYR A 78 67.54 -15.50 -6.94
CA TYR A 78 68.51 -14.55 -6.36
C TYR A 78 69.04 -15.14 -5.07
N VAL A 79 68.22 -15.72 -4.20
CA VAL A 79 68.76 -16.16 -2.88
C VAL A 79 69.44 -17.51 -2.96
N GLN A 80 69.21 -18.27 -4.01
CA GLN A 80 69.85 -19.58 -4.22
C GLN A 80 71.18 -19.31 -4.91
N ALA A 81 71.27 -18.27 -5.73
CA ALA A 81 72.57 -17.95 -6.36
C ALA A 81 73.42 -17.23 -5.33
N ASN A 82 72.80 -16.35 -4.56
CA ASN A 82 73.60 -15.72 -3.51
C ASN A 82 73.94 -16.71 -2.40
N GLY A 83 72.98 -17.48 -1.96
CA GLY A 83 73.28 -18.34 -0.80
C GLY A 83 73.71 -19.76 -1.14
N GLY A 84 72.85 -20.53 -1.76
CA GLY A 84 73.14 -21.94 -2.03
C GLY A 84 72.38 -22.79 -1.03
N GLY A 85 71.29 -23.41 -1.45
CA GLY A 85 70.48 -24.16 -0.47
C GLY A 85 69.39 -24.98 -1.13
N PRO A 86 68.32 -25.32 -0.39
CA PRO A 86 67.25 -26.12 -0.95
C PRO A 86 66.53 -25.46 -2.13
N THR A 87 66.12 -26.24 -3.13
CA THR A 87 65.39 -25.70 -4.29
C THR A 87 63.96 -26.25 -4.29
N VAL A 88 62.98 -25.46 -4.73
CA VAL A 88 61.54 -25.85 -4.68
C VAL A 88 61.30 -27.01 -5.63
N PRO A 89 60.47 -28.00 -5.31
CA PRO A 89 60.31 -29.15 -6.18
C PRO A 89 59.66 -28.61 -7.48
N ARG A 90 60.14 -29.03 -8.65
CA ARG A 90 59.63 -28.48 -9.93
C ARG A 90 59.28 -29.62 -10.86
N ASP A 91 58.26 -29.43 -11.71
CA ASP A 91 57.80 -30.50 -12.63
C ASP A 91 58.65 -30.52 -13.90
N ASP A 92 58.34 -31.43 -14.83
CA ASP A 92 59.16 -31.57 -16.06
C ASP A 92 59.13 -30.27 -16.85
N HIS A 93 57.98 -29.62 -16.93
CA HIS A 93 57.86 -28.34 -17.68
C HIS A 93 58.74 -27.26 -17.03
N GLY A 94 58.84 -27.23 -15.71
CA GLY A 94 59.59 -26.16 -15.03
C GLY A 94 58.71 -25.34 -14.11
N ALA A 95 57.42 -25.68 -13.98
CA ALA A 95 56.54 -25.00 -13.01
C ALA A 95 56.78 -25.60 -11.63
N VAL A 96 56.44 -24.88 -10.54
CA VAL A 96 56.59 -25.52 -9.20
C VAL A 96 55.63 -26.70 -9.18
N ALA A 97 56.11 -27.90 -8.84
CA ALA A 97 55.27 -29.11 -8.92
C ALA A 97 54.26 -29.08 -7.82
N GLN A 98 53.02 -29.45 -8.11
CA GLN A 98 52.04 -29.53 -7.00
C GLN A 98 51.45 -30.93 -7.00
N GLU A 99 50.90 -31.36 -8.12
CA GLU A 99 50.27 -32.70 -8.22
C GLU A 99 51.36 -33.77 -8.05
N SER A 100 52.54 -33.54 -8.61
CA SER A 100 53.62 -34.55 -8.52
C SER A 100 53.99 -34.73 -7.05
N LEU A 101 53.87 -33.65 -6.26
CA LEU A 101 54.22 -33.67 -4.82
C LEU A 101 53.09 -34.33 -4.02
N ILE A 102 52.05 -34.82 -4.70
CA ILE A 102 50.99 -35.58 -3.97
C ILE A 102 51.51 -37.00 -3.75
N GLY A 103 51.76 -37.38 -2.51
CA GLY A 103 52.33 -38.71 -2.20
C GLY A 103 51.36 -39.85 -2.44
N GLY A 104 51.87 -40.99 -2.88
CA GLY A 104 51.01 -42.18 -3.07
C GLY A 104 50.41 -42.65 -1.76
N ASP A 105 51.19 -42.64 -0.68
CA ASP A 105 50.68 -43.19 0.60
C ASP A 105 49.95 -42.11 1.40
N VAL A 106 48.74 -42.42 1.87
CA VAL A 106 48.00 -41.47 2.74
C VAL A 106 47.92 -42.17 4.10
N ALA A 107 47.85 -43.50 4.09
CA ALA A 107 47.93 -44.26 5.35
C ALA A 107 49.25 -43.96 6.02
N ARG A 108 50.35 -44.20 5.29
CA ARG A 108 51.69 -43.91 5.84
C ARG A 108 51.93 -42.42 5.62
N GLY A 109 51.19 -41.84 4.67
CA GLY A 109 51.27 -40.39 4.49
C GLY A 109 50.75 -39.76 5.76
N GLY A 110 49.93 -40.53 6.49
CA GLY A 110 49.35 -40.04 7.75
C GLY A 110 50.24 -40.41 8.92
N ASP A 111 50.68 -41.67 9.01
CA ASP A 111 51.48 -42.12 10.16
C ASP A 111 52.69 -41.20 10.33
N LEU A 112 53.36 -40.91 9.22
CA LEU A 112 54.49 -39.96 9.20
C LEU A 112 53.99 -38.69 9.88
N PHE A 113 52.79 -38.24 9.49
CA PHE A 113 52.28 -36.93 9.95
C PHE A 113 52.18 -36.94 11.47
N ARG A 114 51.62 -38.00 12.05
CA ARG A 114 51.40 -37.95 13.52
C ARG A 114 52.71 -37.94 14.32
N LEU A 115 53.67 -38.81 14.00
CA LEU A 115 54.94 -38.72 14.76
C LEU A 115 55.64 -37.42 14.42
N ASN A 116 55.66 -37.07 13.13
CA ASN A 116 56.43 -35.87 12.73
C ASN A 116 55.50 -34.77 12.25
N CYS A 117 55.25 -33.75 13.08
CA CYS A 117 54.45 -32.54 12.72
C CYS A 117 52.98 -32.56 13.13
N ALA A 118 52.39 -33.72 13.39
CA ALA A 118 50.94 -33.71 13.67
C ALA A 118 50.73 -32.90 14.94
N SER A 119 51.66 -33.05 15.88
CA SER A 119 51.44 -32.44 17.20
C SER A 119 51.35 -30.91 17.15
N CYS A 120 52.25 -30.20 16.47
CA CYS A 120 52.09 -28.74 16.53
C CYS A 120 50.84 -28.33 15.79
N HIS A 121 50.40 -29.14 14.83
CA HIS A 121 49.18 -28.80 14.05
C HIS A 121 47.99 -29.48 14.71
N ASN A 122 47.16 -30.14 13.91
CA ASN A 122 46.04 -30.94 14.46
C ASN A 122 46.11 -32.25 13.69
N PHE A 123 45.55 -33.34 14.22
CA PHE A 123 45.55 -34.57 13.39
C PHE A 123 44.77 -34.24 12.11
N THR A 124 43.73 -33.43 12.23
CA THR A 124 42.92 -33.00 11.06
C THR A 124 43.77 -32.17 10.11
N GLY A 125 44.69 -31.35 10.63
CA GLY A 125 45.46 -30.43 9.77
C GLY A 125 45.00 -29.05 10.14
N LYS A 126 44.28 -28.95 11.26
CA LYS A 126 43.73 -27.69 11.78
C LYS A 126 44.87 -27.13 12.61
N GLY A 127 44.83 -25.88 12.99
CA GLY A 127 46.03 -25.34 13.65
C GLY A 127 46.26 -25.82 15.05
N GLY A 128 47.43 -25.56 15.60
CA GLY A 128 47.71 -25.86 17.00
C GLY A 128 48.23 -24.57 17.58
N ALA A 129 48.27 -24.42 18.89
CA ALA A 129 48.87 -23.17 19.40
C ALA A 129 50.24 -23.49 19.97
N LEU A 130 51.22 -22.59 19.87
CA LEU A 130 52.62 -23.03 20.19
C LEU A 130 53.36 -22.20 21.23
N SER A 131 54.57 -21.73 20.89
CA SER A 131 55.43 -21.03 21.88
C SER A 131 54.98 -19.60 22.19
N SER A 132 55.92 -18.65 22.21
CA SER A 132 55.53 -17.29 22.66
C SER A 132 54.83 -16.56 21.52
N GLY A 133 53.50 -16.43 21.59
CA GLY A 133 52.72 -15.72 20.57
C GLY A 133 52.78 -16.50 19.28
N LYS A 134 53.19 -17.77 19.38
CA LYS A 134 53.41 -18.59 18.17
C LYS A 134 52.26 -19.57 18.03
N TYR A 135 51.72 -19.69 16.83
CA TYR A 135 50.69 -20.72 16.57
C TYR A 135 51.10 -21.55 15.37
N ALA A 136 50.59 -22.76 15.27
CA ALA A 136 50.84 -23.61 14.09
C ALA A 136 49.68 -23.42 13.15
N PRO A 137 49.83 -22.89 11.93
CA PRO A 137 48.70 -22.60 11.10
C PRO A 137 47.86 -23.75 10.54
N ASP A 138 46.60 -23.50 10.19
CA ASP A 138 45.78 -24.51 9.49
C ASP A 138 46.46 -24.74 8.15
N LEU A 139 46.66 -25.99 7.75
CA LEU A 139 47.36 -26.28 6.47
C LEU A 139 46.35 -26.57 5.37
N GLY A 140 45.14 -26.00 5.45
CA GLY A 140 44.15 -26.16 4.38
C GLY A 140 44.47 -25.35 3.16
N ASP A 141 44.93 -24.13 3.34
CA ASP A 141 45.27 -23.24 2.21
C ASP A 141 46.46 -23.77 1.41
N ALA A 142 47.44 -24.38 2.06
CA ALA A 142 48.70 -24.77 1.39
C ALA A 142 48.50 -25.70 0.21
N ASN A 143 49.07 -25.35 -0.95
CA ASN A 143 49.06 -26.20 -2.15
C ASN A 143 50.14 -27.23 -1.91
N PRO A 144 50.28 -28.32 -2.68
CA PRO A 144 51.28 -29.33 -2.34
C PRO A 144 52.73 -28.84 -2.30
N ALA A 145 53.16 -27.93 -3.17
CA ALA A 145 54.52 -27.38 -3.07
C ALA A 145 54.68 -26.63 -1.77
N GLN A 146 53.66 -25.84 -1.42
CA GLN A 146 53.71 -25.16 -0.10
C GLN A 146 54.05 -26.23 0.98
N ILE A 147 53.21 -27.27 1.16
CA ILE A 147 53.44 -28.43 2.09
C ILE A 147 54.88 -28.99 2.10
N TYR A 148 55.49 -29.13 0.92
CA TYR A 148 56.85 -29.72 0.84
C TYR A 148 57.90 -28.72 1.29
N THR A 149 57.55 -27.45 1.10
CA THR A 149 58.52 -26.37 1.46
C THR A 149 58.40 -25.99 2.94
N ALA A 150 57.34 -26.39 3.65
CA ALA A 150 57.31 -25.99 5.07
C ALA A 150 58.24 -26.99 5.68
N MET A 151 58.13 -28.25 5.25
CA MET A 151 59.00 -29.31 5.79
C MET A 151 60.49 -29.14 5.39
N LEU A 152 60.84 -28.88 4.13
CA LEU A 152 62.25 -28.81 3.69
C LEU A 152 62.90 -27.55 4.23
N THR A 153 62.21 -26.40 4.17
CA THR A 153 62.79 -25.15 4.73
C THR A 153 62.01 -24.81 5.99
N GLY A 154 62.50 -25.25 7.17
CA GLY A 154 61.66 -25.16 8.38
C GLY A 154 61.39 -23.71 8.61
N PRO A 155 60.13 -23.20 8.58
CA PRO A 155 59.89 -21.75 8.69
C PRO A 155 60.31 -21.14 10.02
N GLN A 156 59.35 -20.80 10.86
CA GLN A 156 59.78 -20.18 12.12
C GLN A 156 59.19 -20.98 13.25
N ASN A 157 60.03 -21.55 14.11
CA ASN A 157 59.59 -22.39 15.25
C ASN A 157 58.94 -23.63 14.68
N MET A 158 59.13 -23.90 13.39
CA MET A 158 58.64 -25.17 12.83
C MET A 158 59.85 -26.03 12.58
N PRO A 159 59.97 -27.23 13.17
CA PRO A 159 61.15 -28.03 13.02
C PRO A 159 61.46 -28.20 11.52
N LYS A 160 62.72 -28.07 11.13
CA LYS A 160 63.14 -28.21 9.72
C LYS A 160 63.35 -29.69 9.47
N PHE A 161 62.72 -30.22 8.42
CA PHE A 161 62.99 -31.63 8.06
C PHE A 161 63.80 -31.68 6.77
N SER A 162 65.04 -32.17 6.87
CA SER A 162 65.94 -32.26 5.69
C SER A 162 65.45 -33.39 4.80
N ASP A 163 65.92 -33.46 3.56
CA ASP A 163 65.50 -34.53 2.63
C ASP A 163 65.98 -35.85 3.21
N ARG A 164 67.07 -35.85 3.98
CA ARG A 164 67.53 -37.07 4.70
C ARG A 164 66.60 -37.43 5.88
N GLN A 165 66.19 -36.41 6.65
CA GLN A 165 65.30 -36.61 7.82
C GLN A 165 63.97 -37.16 7.31
N LEU A 166 63.31 -36.42 6.43
CA LEU A 166 62.09 -36.98 5.78
C LEU A 166 62.44 -37.03 4.30
N THR A 167 62.40 -38.21 3.68
CA THR A 167 62.91 -38.34 2.29
C THR A 167 62.05 -37.52 1.34
N PRO A 168 62.46 -37.26 0.10
CA PRO A 168 61.61 -36.54 -0.81
C PRO A 168 60.31 -37.33 -0.95
N ASP A 169 60.36 -38.66 -0.93
CA ASP A 169 59.17 -39.52 -1.11
C ASP A 169 58.16 -39.25 0.01
N GLU A 170 58.62 -39.36 1.27
CA GLU A 170 57.71 -39.24 2.43
C GLU A 170 57.07 -37.86 2.44
N LYS A 171 57.83 -36.84 2.04
CA LYS A 171 57.28 -35.46 2.10
C LYS A 171 56.06 -35.41 1.19
N ARG A 172 56.12 -36.07 0.03
CA ARG A 172 54.93 -36.13 -0.85
C ARG A 172 53.81 -36.86 -0.11
N ASP A 173 54.15 -37.97 0.55
CA ASP A 173 53.11 -38.77 1.25
C ASP A 173 52.50 -37.89 2.32
N ILE A 174 53.34 -37.09 2.97
CA ILE A 174 52.86 -36.17 4.05
C ILE A 174 51.87 -35.19 3.42
N VAL A 175 52.19 -34.71 2.21
CA VAL A 175 51.29 -33.76 1.50
C VAL A 175 49.97 -34.49 1.30
N ALA A 176 50.05 -35.76 0.93
CA ALA A 176 48.82 -36.53 0.65
C ALA A 176 47.94 -36.58 1.90
N TYR A 177 48.52 -36.77 3.09
CA TYR A 177 47.65 -36.74 4.30
C TYR A 177 47.16 -35.32 4.57
N VAL A 178 48.07 -34.34 4.63
CA VAL A 178 47.67 -32.95 5.00
C VAL A 178 47.07 -32.21 3.78
N ARG A 179 46.29 -32.90 2.96
CA ARG A 179 45.63 -32.29 1.78
C ARG A 179 44.43 -33.18 1.59
N GLU A 180 44.66 -34.51 1.46
CA GLU A 180 43.46 -35.36 1.49
C GLU A 180 42.62 -35.00 2.71
N SER A 181 43.23 -34.79 3.86
CA SER A 181 42.49 -34.47 5.11
C SER A 181 41.80 -33.13 4.94
N ALA A 182 42.45 -32.18 4.28
CA ALA A 182 41.90 -30.83 4.08
C ALA A 182 40.67 -30.88 3.19
N GLY A 196 17.41 -18.01 11.98
CA GLY A 196 16.26 -17.22 12.34
C GLY A 196 15.07 -18.05 12.75
N PRO A 197 14.44 -18.74 11.80
CA PRO A 197 13.13 -19.34 12.09
C PRO A 197 13.15 -20.40 13.18
N ALA A 198 14.18 -21.22 13.27
CA ALA A 198 14.17 -22.33 14.21
C ALA A 198 14.39 -21.86 15.64
N PRO A 199 15.51 -21.18 15.94
CA PRO A 199 15.66 -20.62 17.28
C PRO A 199 14.56 -19.67 17.66
N GLU A 200 14.08 -18.85 16.71
CA GLU A 200 13.00 -17.91 17.00
C GLU A 200 11.72 -18.64 17.39
N GLY A 201 11.35 -19.67 16.64
CA GLY A 201 10.14 -20.41 16.97
C GLY A 201 10.25 -21.15 18.28
N MET A 202 11.40 -21.76 18.55
CA MET A 202 11.56 -22.46 19.82
C MET A 202 11.55 -21.47 20.97
N ALA A 203 12.17 -20.30 20.77
CA ALA A 203 12.17 -19.26 21.79
C ALA A 203 10.76 -18.78 22.07
N MET A 204 9.94 -18.62 21.03
CA MET A 204 8.52 -18.37 21.27
C MET A 204 7.93 -19.47 22.13
N TRP A 205 7.94 -20.70 21.63
CA TRP A 205 7.20 -21.76 22.29
C TRP A 205 7.64 -21.97 23.73
N ILE A 206 8.88 -21.63 24.09
CA ILE A 206 9.24 -21.68 25.49
C ILE A 206 8.93 -20.36 26.16
N ILE A 207 9.71 -19.33 25.85
CA ILE A 207 9.61 -18.09 26.64
C ILE A 207 8.21 -17.52 26.53
N GLY A 208 7.78 -17.18 25.33
CA GLY A 208 6.58 -16.39 25.18
C GLY A 208 5.35 -17.19 25.48
N MET A 209 5.27 -18.41 24.93
CA MET A 209 4.05 -19.18 25.10
C MET A 209 3.93 -19.77 26.50
N VAL A 210 5.03 -20.23 27.11
CA VAL A 210 4.96 -20.66 28.49
C VAL A 210 4.62 -19.48 29.39
N ALA A 211 5.16 -18.30 29.11
CA ALA A 211 4.79 -17.12 29.89
C ALA A 211 3.30 -16.87 29.77
N ALA A 212 2.77 -16.86 28.55
CA ALA A 212 1.35 -16.58 28.36
C ALA A 212 0.48 -17.64 29.03
N ILE A 213 0.84 -18.91 28.88
CA ILE A 213 0.02 -19.99 29.42
C ILE A 213 0.08 -19.98 30.94
N GLY A 214 1.26 -19.79 31.53
CA GLY A 214 1.35 -19.71 32.97
C GLY A 214 0.59 -18.50 33.51
N VAL A 215 0.63 -17.39 32.78
CA VAL A 215 -0.14 -16.22 33.18
C VAL A 215 -1.64 -16.53 33.14
N ALA A 216 -2.09 -17.26 32.12
CA ALA A 216 -3.50 -17.64 32.04
C ALA A 216 -3.87 -18.56 33.19
N MET A 217 -3.02 -19.54 33.49
CA MET A 217 -3.27 -20.42 34.62
C MET A 217 -3.34 -19.64 35.93
N TRP A 218 -2.52 -18.59 36.06
CA TRP A 218 -2.61 -17.72 37.22
C TRP A 218 -3.94 -16.98 37.25
N ILE A 219 -4.31 -16.35 36.14
CA ILE A 219 -5.55 -15.57 36.10
C ILE A 219 -6.76 -16.49 36.18
N GLY A 220 -6.78 -17.56 35.38
CA GLY A 220 -7.91 -18.45 35.32
C GLY A 220 -7.99 -19.35 36.54
N SER A 221 -8.89 -20.34 36.44
CA SER A 221 -9.15 -21.25 37.54
C SER A 221 -9.21 -22.68 37.02
N ARG A 222 -8.44 -23.56 37.65
CA ARG A 222 -8.52 -24.97 37.33
C ARG A 222 -9.84 -25.55 37.83
N ALA A 223 -10.45 -26.38 37.00
CA ALA A 223 -11.73 -27.00 37.34
C ALA A 223 -12.14 -28.00 36.28
N GLU B 1 -18.12 -73.43 52.79
CA GLU B 1 -16.88 -74.08 53.21
C GLU B 1 -15.88 -74.18 52.06
N LEU B 2 -16.16 -73.47 50.96
CA LEU B 2 -15.29 -73.46 49.79
C LEU B 2 -15.23 -72.05 49.25
N GLU B 3 -14.11 -71.74 48.57
CA GLU B 3 -13.82 -70.40 48.10
C GLU B 3 -14.12 -70.28 46.62
N ALA B 4 -14.66 -69.14 46.22
CA ALA B 4 -15.01 -68.85 44.83
C ALA B 4 -13.86 -68.08 44.20
N ARG B 5 -12.94 -68.79 43.58
CA ARG B 5 -11.79 -68.21 42.91
C ARG B 5 -12.01 -68.19 41.40
N ARG B 6 -11.09 -67.53 40.70
CA ARG B 6 -11.14 -67.54 39.25
C ARG B 6 -10.49 -68.82 38.72
N PRO B 7 -10.92 -69.30 37.54
CA PRO B 7 -10.22 -70.46 36.95
C PRO B 7 -8.74 -70.20 36.74
N PHE B 8 -8.38 -68.99 36.33
CA PHE B 8 -7.00 -68.59 36.15
C PHE B 8 -6.87 -67.14 36.59
N PRO B 9 -5.71 -66.73 37.11
CA PRO B 9 -5.55 -65.32 37.47
C PRO B 9 -5.64 -64.43 36.24
N GLU B 10 -5.92 -63.15 36.48
CA GLU B 10 -5.95 -62.18 35.39
C GLU B 10 -4.63 -62.22 34.63
N ARG B 11 -4.71 -62.42 33.32
CA ARG B 11 -3.51 -62.61 32.52
C ARG B 11 -2.70 -61.32 32.45
N MET B 12 -3.27 -60.27 31.87
CA MET B 12 -2.57 -59.01 31.67
C MET B 12 -3.17 -57.87 32.46
N GLY B 13 -4.45 -57.57 32.25
CA GLY B 13 -5.11 -56.48 32.93
C GLY B 13 -5.83 -55.57 31.97
N PRO B 14 -6.69 -54.70 32.48
CA PRO B 14 -7.48 -53.83 31.59
C PRO B 14 -6.58 -52.87 30.84
N LYS B 15 -7.05 -52.47 29.65
CA LYS B 15 -6.32 -51.47 28.88
C LYS B 15 -6.11 -50.23 29.71
N GLY B 16 -4.94 -49.62 29.55
CA GLY B 16 -4.63 -48.40 30.27
C GLY B 16 -4.76 -48.55 31.78
N ASN B 17 -3.87 -49.33 32.38
CA ASN B 17 -3.69 -49.31 33.82
C ASN B 17 -2.24 -49.22 34.23
N LEU B 18 -1.30 -49.56 33.36
CA LEU B 18 0.12 -49.54 33.67
C LEU B 18 0.81 -48.27 33.17
N ILE B 19 0.43 -47.77 31.99
CA ILE B 19 1.18 -46.68 31.38
C ILE B 19 1.26 -45.49 32.32
N TYR B 20 0.15 -45.15 32.98
CA TYR B 20 0.19 -44.00 33.90
C TYR B 20 0.89 -44.34 35.20
N LYS B 21 0.84 -45.60 35.63
CA LYS B 21 1.60 -45.97 36.81
C LYS B 21 3.08 -45.76 36.57
N LEU B 22 3.60 -46.27 35.45
CA LEU B 22 5.02 -46.13 35.15
C LEU B 22 5.45 -44.67 35.25
N ILE B 23 4.66 -43.77 34.66
CA ILE B 23 4.99 -42.35 34.73
C ILE B 23 4.90 -41.86 36.17
N THR B 24 3.84 -42.24 36.87
CA THR B 24 3.60 -41.78 38.23
C THR B 24 3.98 -42.83 39.27
N THR B 25 4.68 -43.88 38.88
CA THR B 25 5.01 -44.94 39.82
C THR B 25 5.76 -44.37 41.02
N THR B 26 5.31 -44.76 42.20
CA THR B 26 6.03 -44.47 43.43
C THR B 26 6.11 -45.71 44.31
N ASP B 27 5.60 -46.85 43.83
CA ASP B 27 5.77 -48.12 44.51
C ASP B 27 7.12 -48.71 44.15
N HIS B 28 7.97 -48.93 45.15
CA HIS B 28 9.28 -49.51 44.90
C HIS B 28 9.17 -50.81 44.12
N LYS B 29 8.14 -51.61 44.39
CA LYS B 29 8.00 -52.89 43.70
C LYS B 29 7.86 -52.70 42.20
N LEU B 30 7.02 -51.76 41.77
CA LEU B 30 6.89 -51.50 40.34
C LEU B 30 8.18 -50.92 39.77
N ILE B 31 8.82 -50.02 40.52
CA ILE B 31 10.07 -49.43 40.06
C ILE B 31 11.13 -50.51 39.91
N GLY B 32 11.22 -51.42 40.88
CA GLY B 32 12.15 -52.53 40.76
C GLY B 32 11.89 -53.37 39.53
N ILE B 33 10.61 -53.57 39.18
CA ILE B 33 10.28 -54.31 37.97
C ILE B 33 10.66 -53.50 36.74
N MET B 34 10.46 -52.18 36.79
CA MET B 34 10.91 -51.33 35.69
C MET B 34 12.42 -51.41 35.53
N TYR B 35 13.15 -51.38 36.64
CA TYR B 35 14.59 -51.57 36.59
C TYR B 35 14.93 -52.87 35.88
N CYS B 36 14.32 -53.97 36.32
CA CYS B 36 14.69 -55.29 35.80
C CYS B 36 14.43 -55.36 34.30
N VAL B 37 13.28 -54.87 33.84
CA VAL B 37 12.96 -54.93 32.43
C VAL B 37 13.88 -54.01 31.64
N VAL B 38 14.02 -52.75 32.09
CA VAL B 38 14.87 -51.81 31.37
C VAL B 38 16.32 -52.24 31.41
N CYS B 39 16.80 -52.65 32.60
CA CYS B 39 18.18 -53.10 32.70
C CYS B 39 18.44 -54.28 31.78
N PHE B 40 17.49 -55.22 31.72
CA PHE B 40 17.65 -56.38 30.85
C PHE B 40 17.64 -55.97 29.39
N ALA B 41 16.84 -54.96 29.04
CA ALA B 41 16.86 -54.47 27.66
C ALA B 41 18.25 -53.98 27.29
N PHE B 42 18.93 -53.30 28.21
CA PHE B 42 20.29 -52.85 27.94
C PHE B 42 21.25 -54.04 27.90
N PHE B 43 20.94 -55.11 28.62
CA PHE B 43 21.73 -56.34 28.49
C PHE B 43 21.65 -56.87 27.06
N LEU B 44 20.44 -56.92 26.49
CA LEU B 44 20.30 -57.36 25.11
C LEU B 44 20.97 -56.38 24.16
N VAL B 45 20.80 -55.08 24.38
CA VAL B 45 21.44 -54.08 23.53
C VAL B 45 22.95 -54.18 23.66
N GLY B 46 23.46 -54.17 24.90
CA GLY B 46 24.88 -54.29 25.11
C GLY B 46 25.41 -55.64 24.67
N GLY B 47 24.64 -56.70 24.90
CA GLY B 47 25.05 -58.02 24.47
C GLY B 47 25.12 -58.16 22.96
N LEU B 48 24.21 -57.51 22.25
CA LEU B 48 24.26 -57.55 20.79
C LEU B 48 25.57 -56.97 20.28
N MET B 49 26.12 -55.98 20.98
CA MET B 49 27.40 -55.42 20.58
C MET B 49 28.49 -56.48 20.63
N ALA B 50 28.48 -57.32 21.67
CA ALA B 50 29.51 -58.35 21.79
C ALA B 50 29.47 -59.31 20.62
N LEU B 51 28.27 -59.60 20.11
CA LEU B 51 28.15 -60.49 18.96
C LEU B 51 28.80 -59.88 17.74
N PHE B 52 28.64 -58.56 17.54
CA PHE B 52 29.31 -57.89 16.43
C PHE B 52 30.82 -57.96 16.60
N MET B 53 31.31 -57.65 17.80
CA MET B 53 32.74 -57.80 18.06
C MET B 53 33.15 -59.25 17.91
N ARG B 54 32.30 -60.17 18.37
CA ARG B 54 32.64 -61.58 18.29
C ARG B 54 32.60 -62.09 16.87
N THR B 55 31.60 -61.68 16.08
CA THR B 55 31.55 -62.09 14.69
C THR B 55 32.77 -61.57 13.93
N GLU B 56 33.16 -60.33 14.20
CA GLU B 56 34.33 -59.76 13.54
C GLU B 56 35.60 -60.52 13.90
N LEU B 57 35.75 -60.88 15.18
CA LEU B 57 36.97 -61.53 15.64
C LEU B 57 37.03 -63.00 15.25
N ALA B 58 35.97 -63.56 14.70
CA ALA B 58 36.00 -64.96 14.30
C ALA B 58 37.07 -65.21 13.24
N MET B 59 37.18 -64.30 12.27
CA MET B 59 38.15 -64.43 11.20
C MET B 59 39.21 -63.34 11.30
N PRO B 60 40.46 -63.62 10.93
CA PRO B 60 41.52 -62.62 11.12
C PRO B 60 41.26 -61.29 10.42
N GLY B 61 40.64 -61.29 9.24
CA GLY B 61 40.42 -60.06 8.53
C GLY B 61 39.33 -59.22 9.17
N LEU B 62 39.19 -57.99 8.66
CA LEU B 62 38.13 -57.08 9.08
C LEU B 62 36.96 -57.27 8.12
N GLN B 63 36.18 -58.31 8.38
CA GLN B 63 35.15 -58.74 7.43
C GLN B 63 34.10 -57.66 7.22
N PHE B 64 33.52 -57.17 8.31
CA PHE B 64 32.39 -56.24 8.23
C PHE B 64 32.50 -55.05 9.17
N LEU B 65 33.47 -55.01 10.07
CA LEU B 65 33.63 -53.91 11.01
C LEU B 65 34.87 -53.10 10.64
N SER B 66 34.81 -51.80 10.89
CA SER B 66 35.98 -50.96 10.80
C SER B 66 36.68 -50.91 12.15
N ASN B 67 37.91 -50.39 12.14
CA ASN B 67 38.67 -50.31 13.37
C ASN B 67 37.93 -49.49 14.43
N GLU B 68 37.42 -48.33 14.04
CA GLU B 68 36.79 -47.44 15.01
C GLU B 68 35.38 -47.91 15.35
N GLN B 69 34.68 -48.55 14.41
CA GLN B 69 33.39 -49.14 14.75
C GLN B 69 33.55 -50.22 15.81
N PHE B 70 34.58 -51.07 15.66
CA PHE B 70 34.87 -52.07 16.68
C PHE B 70 35.23 -51.40 17.99
N ASN B 71 36.04 -50.34 17.94
CA ASN B 71 36.45 -49.67 19.17
C ASN B 71 35.25 -49.08 19.90
N GLN B 72 34.27 -48.60 19.15
CA GLN B 72 33.04 -48.11 19.77
C GLN B 72 32.28 -49.25 20.43
N LEU B 73 32.40 -50.46 19.88
CA LEU B 73 31.58 -51.57 20.35
C LEU B 73 32.00 -52.02 21.75
N PHE B 74 33.30 -52.24 21.96
CA PHE B 74 33.72 -52.67 23.30
C PHE B 74 33.63 -51.52 24.29
N THR B 75 33.74 -50.29 23.83
CA THR B 75 33.52 -49.15 24.72
C THR B 75 32.10 -49.16 25.25
N MET B 76 31.12 -49.24 24.35
CA MET B 76 29.73 -49.20 24.77
C MET B 76 29.29 -50.53 25.36
N HIS B 77 29.81 -51.65 24.86
CA HIS B 77 29.50 -52.93 25.47
C HIS B 77 29.97 -52.97 26.91
N GLY B 78 31.18 -52.49 27.17
CA GLY B 78 31.70 -52.48 28.52
C GLY B 78 30.89 -51.59 29.44
N THR B 79 30.57 -50.38 28.98
CA THR B 79 29.86 -49.44 29.83
C THR B 79 28.39 -49.81 29.97
N VAL B 80 27.75 -50.20 28.86
CA VAL B 80 26.34 -50.55 28.91
C VAL B 80 26.12 -51.70 29.87
N MET B 81 26.94 -52.73 29.77
CA MET B 81 26.78 -53.91 30.63
C MET B 81 27.05 -53.56 32.08
N LEU B 82 28.06 -52.74 32.36
CA LEU B 82 28.36 -52.36 33.73
C LEU B 82 27.43 -51.27 34.23
N LEU B 83 27.44 -50.12 33.58
CA LEU B 83 26.81 -48.93 34.12
C LEU B 83 25.33 -48.82 33.77
N PHE B 84 24.87 -49.56 32.77
CA PHE B 84 23.46 -49.51 32.37
C PHE B 84 22.76 -50.85 32.50
N TYR B 85 23.45 -51.90 32.93
CA TYR B 85 22.83 -53.18 33.23
C TYR B 85 23.18 -53.71 34.60
N ALA B 86 24.44 -53.54 35.04
CA ALA B 86 24.89 -54.16 36.29
C ALA B 86 24.68 -53.24 37.48
N THR B 87 25.15 -52.00 37.39
CA THR B 87 24.97 -51.07 38.49
C THR B 87 23.53 -50.61 38.67
N PRO B 88 22.71 -50.46 37.63
CA PRO B 88 21.33 -50.03 37.84
C PRO B 88 20.38 -51.17 38.21
N ILE B 89 20.86 -52.42 38.17
CA ILE B 89 19.99 -53.54 38.48
C ILE B 89 20.18 -54.04 39.90
N VAL B 90 21.28 -53.68 40.57
CA VAL B 90 21.38 -53.92 42.01
C VAL B 90 20.32 -53.10 42.74
N PHE B 91 20.15 -51.85 42.33
CA PHE B 91 19.06 -51.04 42.85
C PHE B 91 17.73 -51.46 42.28
N GLY B 92 17.74 -52.18 41.16
CA GLY B 92 16.52 -52.82 40.69
C GLY B 92 16.06 -53.92 41.62
N PHE B 93 17.01 -54.75 42.08
CA PHE B 93 16.69 -55.78 43.05
C PHE B 93 16.43 -55.19 44.42
N ALA B 94 17.22 -54.18 44.82
CA ALA B 94 17.00 -53.53 46.10
C ALA B 94 15.59 -52.95 46.17
N ASN B 95 15.21 -52.15 45.17
CA ASN B 95 13.84 -51.64 45.13
C ASN B 95 12.84 -52.79 45.08
N LEU B 96 13.26 -53.95 44.59
CA LEU B 96 12.33 -55.06 44.44
C LEU B 96 11.93 -55.65 45.77
N VAL B 97 12.91 -55.93 46.65
CA VAL B 97 12.67 -56.76 47.81
C VAL B 97 13.24 -56.18 49.10
N LEU B 98 14.13 -55.18 49.01
CA LEU B 98 14.76 -54.68 50.23
C LEU B 98 13.73 -54.16 51.22
N PRO B 99 12.75 -53.32 50.84
CA PRO B 99 11.69 -52.96 51.80
C PRO B 99 10.93 -54.16 52.29
N LEU B 100 10.68 -55.16 51.45
CA LEU B 100 10.03 -56.38 51.90
C LEU B 100 10.89 -57.14 52.89
N GLN B 101 12.21 -57.16 52.67
CA GLN B 101 13.09 -57.99 53.48
C GLN B 101 13.31 -57.40 54.87
N ILE B 102 13.18 -56.09 55.02
CA ILE B 102 13.30 -55.45 56.33
C ILE B 102 11.94 -55.15 56.95
N GLY B 103 10.85 -55.49 56.26
CA GLY B 103 9.53 -55.25 56.79
C GLY B 103 8.98 -53.86 56.60
N ALA B 104 9.63 -53.05 55.79
CA ALA B 104 9.17 -51.69 55.59
C ALA B 104 8.07 -51.63 54.53
N PRO B 105 7.22 -50.60 54.55
CA PRO B 105 6.21 -50.49 53.49
C PRO B 105 6.78 -49.94 52.20
N ASP B 106 7.74 -49.04 52.28
CA ASP B 106 8.29 -48.38 51.11
C ASP B 106 9.71 -47.93 51.44
N VAL B 107 10.40 -47.39 50.44
CA VAL B 107 11.74 -46.84 50.63
C VAL B 107 11.62 -45.51 51.35
N ALA B 108 12.75 -44.99 51.83
CA ALA B 108 12.71 -43.76 52.63
C ALA B 108 12.16 -42.59 51.82
N PHE B 109 12.60 -42.44 50.58
CA PHE B 109 12.21 -41.33 49.71
C PHE B 109 11.66 -41.92 48.42
N PRO B 110 10.39 -42.29 48.38
CA PRO B 110 9.91 -43.09 47.24
C PRO B 110 9.75 -42.28 45.96
N ARG B 111 9.65 -40.96 46.06
CA ARG B 111 9.74 -40.14 44.84
C ARG B 111 11.18 -40.02 44.39
N LEU B 112 12.13 -40.11 45.31
CA LEU B 112 13.54 -40.04 44.93
C LEU B 112 13.96 -41.28 44.17
N ASN B 113 13.57 -42.46 44.64
CA ASN B 113 13.94 -43.69 43.93
C ASN B 113 13.27 -43.76 42.57
N ALA B 114 12.10 -43.13 42.43
CA ALA B 114 11.52 -42.97 41.10
C ALA B 114 12.40 -42.10 40.21
N LEU B 115 12.93 -41.01 40.78
CA LEU B 115 13.86 -40.17 40.03
C LEU B 115 15.13 -40.94 39.68
N SER B 116 15.58 -41.81 40.58
CA SER B 116 16.80 -42.57 40.34
C SER B 116 16.63 -43.47 39.12
N PHE B 117 15.48 -44.12 38.98
CA PHE B 117 15.25 -44.97 37.82
C PHE B 117 15.25 -44.15 36.54
N TRP B 118 14.57 -43.02 36.54
CA TRP B 118 14.45 -42.22 35.33
C TRP B 118 15.78 -41.57 34.98
N LEU B 119 16.55 -41.19 36.00
CA LEU B 119 17.91 -40.71 35.73
C LEU B 119 18.76 -41.81 35.12
N PHE B 120 18.61 -43.05 35.61
CA PHE B 120 19.27 -44.18 34.98
C PHE B 120 18.83 -44.34 33.54
N LEU B 121 17.52 -44.37 33.30
CA LEU B 121 17.03 -44.65 31.96
C LEU B 121 17.48 -43.59 30.97
N PHE B 122 17.21 -42.31 31.30
CA PHE B 122 17.55 -41.24 30.37
C PHE B 122 19.05 -40.99 30.31
N GLY B 123 19.74 -41.11 31.45
CA GLY B 123 21.19 -41.04 31.42
C GLY B 123 21.79 -42.12 30.54
N ALA B 124 21.24 -43.33 30.64
CA ALA B 124 21.72 -44.43 29.81
C ALA B 124 21.47 -44.16 28.34
N LEU B 125 20.31 -43.63 28.00
CA LEU B 125 19.95 -43.45 26.60
C LEU B 125 20.88 -42.46 25.90
N ILE B 126 21.20 -41.35 26.57
CA ILE B 126 22.05 -40.34 25.94
C ILE B 126 23.49 -40.84 25.79
N ALA B 127 23.89 -41.83 26.58
CA ALA B 127 25.18 -42.47 26.33
C ALA B 127 25.11 -43.37 25.11
N ILE B 128 24.03 -44.14 24.98
CA ILE B 128 23.82 -44.95 23.77
C ILE B 128 23.68 -44.05 22.55
N ALA B 129 23.28 -42.79 22.76
CA ALA B 129 22.97 -41.89 21.66
C ALA B 129 24.21 -41.59 20.82
N GLY B 130 25.40 -41.90 21.33
CA GLY B 130 26.59 -41.69 20.55
C GLY B 130 26.55 -42.42 19.22
N PHE B 131 25.83 -43.55 19.17
CA PHE B 131 25.80 -44.36 17.95
C PHE B 131 25.12 -43.62 16.81
N ILE B 132 24.00 -42.96 17.08
CA ILE B 132 23.26 -42.31 16.00
C ILE B 132 24.06 -41.18 15.37
N THR B 133 25.02 -40.62 16.11
CA THR B 133 25.85 -39.56 15.55
C THR B 133 26.73 -40.14 14.43
N PRO B 134 27.05 -39.33 13.42
CA PRO B 134 27.86 -39.87 12.31
C PRO B 134 29.20 -40.42 12.75
N GLY B 135 29.86 -39.75 13.70
CA GLY B 135 31.13 -40.24 14.17
C GLY B 135 31.01 -41.58 14.87
N GLY B 136 29.97 -41.75 15.67
CA GLY B 136 29.73 -42.97 16.42
C GLY B 136 29.81 -42.71 17.91
N ALA B 137 29.84 -43.80 18.67
CA ALA B 137 29.92 -43.72 20.12
C ALA B 137 31.36 -43.41 20.52
N ALA B 138 31.66 -43.53 21.81
CA ALA B 138 32.99 -43.23 22.30
C ALA B 138 33.98 -44.30 21.84
N ASP B 139 35.07 -43.87 21.20
CA ASP B 139 36.10 -44.81 20.78
C ASP B 139 36.83 -45.39 21.97
N PHE B 140 37.27 -44.53 22.90
CA PHE B 140 38.06 -44.98 24.04
C PHE B 140 37.28 -46.04 24.82
N GLY B 141 38.01 -47.01 25.35
CA GLY B 141 37.39 -48.12 26.05
C GLY B 141 36.54 -47.67 27.22
N TRP B 142 35.92 -48.62 27.91
CA TRP B 142 35.12 -48.30 29.08
C TRP B 142 35.93 -47.49 30.08
N THR B 143 37.21 -47.81 30.22
CA THR B 143 38.05 -47.11 31.19
C THR B 143 38.19 -45.64 30.84
N ALA B 144 38.29 -45.31 29.55
CA ALA B 144 38.35 -43.93 29.09
C ALA B 144 39.57 -43.22 29.68
N TYR B 145 40.75 -43.71 29.32
CA TYR B 145 41.98 -43.15 29.85
C TYR B 145 42.18 -41.73 29.34
N SER B 146 42.95 -40.97 30.12
CA SER B 146 42.97 -39.51 30.01
C SER B 146 43.40 -39.01 28.64
N PRO B 147 44.65 -39.22 28.22
CA PRO B 147 45.11 -38.58 26.98
C PRO B 147 44.27 -38.97 25.77
N LEU B 148 43.76 -40.20 25.72
CA LEU B 148 42.93 -40.62 24.62
C LEU B 148 41.55 -39.97 24.65
N THR B 149 41.13 -39.45 25.80
CA THR B 149 39.79 -38.90 25.96
C THR B 149 39.73 -37.39 25.75
N ASP B 150 40.84 -36.67 25.90
CA ASP B 150 40.82 -35.23 25.75
C ASP B 150 40.33 -34.85 24.36
N ALA B 151 40.02 -33.56 24.18
CA ALA B 151 39.45 -33.10 22.92
C ALA B 151 40.36 -33.43 21.74
N ILE B 152 41.67 -33.50 21.98
CA ILE B 152 42.60 -33.78 20.88
C ILE B 152 42.37 -35.18 20.33
N HIS B 153 42.20 -36.15 21.23
CA HIS B 153 42.03 -37.55 20.85
C HIS B 153 40.58 -37.96 21.08
N SER B 154 39.96 -38.56 20.07
CA SER B 154 38.55 -38.87 20.15
C SER B 154 37.77 -37.57 20.26
N PRO B 155 37.76 -36.74 19.23
CA PRO B 155 37.12 -35.43 19.31
C PRO B 155 35.61 -35.45 19.06
N GLY B 156 35.04 -36.59 18.75
CA GLY B 156 33.65 -36.63 18.32
C GLY B 156 32.69 -36.30 19.44
N ALA B 157 31.42 -36.13 19.05
CA ALA B 157 30.36 -35.90 20.02
C ALA B 157 30.02 -37.16 20.80
N GLY B 158 30.31 -38.33 20.25
CA GLY B 158 30.03 -39.56 20.97
C GLY B 158 30.72 -39.62 22.33
N GLY B 159 31.99 -39.20 22.36
CA GLY B 159 32.70 -39.17 23.63
C GLY B 159 32.07 -38.21 24.61
N ASP B 160 31.66 -37.03 24.13
CA ASP B 160 31.03 -36.05 25.00
C ASP B 160 29.71 -36.58 25.56
N LEU B 161 28.85 -37.09 24.69
CA LEU B 161 27.59 -37.66 25.15
C LEU B 161 27.85 -38.80 26.15
N TRP B 162 28.88 -39.59 25.89
CA TRP B 162 29.23 -40.67 26.80
C TRP B 162 29.57 -40.13 28.19
N ILE B 163 30.34 -39.04 28.25
CA ILE B 163 30.74 -38.49 29.53
C ILE B 163 29.53 -37.99 30.30
N MET B 164 28.63 -37.27 29.62
CA MET B 164 27.47 -36.72 30.31
C MET B 164 26.43 -37.79 30.60
N GLY B 165 26.31 -38.79 29.72
CA GLY B 165 25.41 -39.88 29.99
C GLY B 165 25.75 -40.60 31.28
N LEU B 166 27.05 -40.82 31.52
CA LEU B 166 27.47 -41.42 32.78
C LEU B 166 27.20 -40.49 33.95
N ALA B 167 27.39 -39.19 33.76
CA ALA B 167 27.15 -38.24 34.84
C ALA B 167 25.68 -38.25 35.25
N VAL B 168 24.77 -38.29 34.27
CA VAL B 168 23.35 -38.37 34.58
C VAL B 168 23.02 -39.71 35.24
N GLY B 169 23.48 -40.80 34.63
CA GLY B 169 23.23 -42.10 35.20
C GLY B 169 23.85 -42.27 36.58
N GLY B 170 25.04 -41.70 36.76
CA GLY B 170 25.69 -41.79 38.07
C GLY B 170 24.89 -41.12 39.16
N LEU B 171 24.27 -39.97 38.86
CA LEU B 171 23.49 -39.27 39.86
C LEU B 171 22.34 -40.13 40.35
N GLY B 172 21.62 -40.78 39.44
CA GLY B 172 20.56 -41.68 39.85
C GLY B 172 21.08 -42.81 40.71
N THR B 173 22.27 -43.32 40.40
CA THR B 173 22.88 -44.36 41.22
C THR B 173 23.21 -43.83 42.60
N ILE B 174 23.72 -42.60 42.69
CA ILE B 174 24.02 -42.01 44.00
C ILE B 174 22.73 -41.82 44.79
N LEU B 175 21.70 -41.27 44.16
CA LEU B 175 20.43 -41.07 44.86
C LEU B 175 19.82 -42.39 45.30
N GLY B 176 19.91 -43.41 44.44
CA GLY B 176 19.44 -44.73 44.84
C GLY B 176 20.18 -45.25 46.06
N GLY B 177 21.48 -44.98 46.13
CA GLY B 177 22.24 -45.38 47.30
C GLY B 177 21.76 -44.70 48.56
N VAL B 178 21.27 -43.46 48.44
CA VAL B 178 20.74 -42.74 49.59
C VAL B 178 19.44 -43.38 50.06
N ASN B 179 18.60 -43.80 49.12
CA ASN B 179 17.34 -44.45 49.49
C ASN B 179 17.60 -45.77 50.21
N MET B 180 18.39 -46.64 49.60
CA MET B 180 18.60 -47.96 50.18
C MET B 180 19.27 -47.86 51.54
N ILE B 181 20.27 -46.98 51.67
CA ILE B 181 20.97 -46.83 52.94
C ILE B 181 20.07 -46.16 53.96
N THR B 182 19.29 -45.16 53.54
CA THR B 182 18.37 -44.50 54.46
C THR B 182 17.22 -45.41 54.84
N THR B 183 16.74 -46.20 53.88
CA THR B 183 15.63 -47.11 54.16
C THR B 183 16.01 -48.10 55.25
N VAL B 184 17.20 -48.71 55.14
CA VAL B 184 17.62 -49.69 56.12
C VAL B 184 17.87 -49.04 57.47
N VAL B 185 18.53 -47.89 57.48
CA VAL B 185 18.91 -47.26 58.73
C VAL B 185 17.66 -46.88 59.54
N CYS B 186 16.65 -46.32 58.89
CA CYS B 186 15.48 -45.79 59.56
C CYS B 186 14.29 -46.72 59.52
N MET B 187 13.89 -47.16 58.33
CA MET B 187 12.66 -47.93 58.15
C MET B 187 12.97 -49.42 58.27
N ARG B 188 12.46 -50.03 59.32
CA ARG B 188 12.63 -51.47 59.54
C ARG B 188 11.50 -51.96 60.41
N ALA B 189 11.27 -53.26 60.40
CA ALA B 189 10.20 -53.82 61.18
C ALA B 189 10.50 -53.63 62.67
N PRO B 190 9.45 -53.61 63.51
CA PRO B 190 9.70 -53.37 64.94
C PRO B 190 10.68 -54.34 65.57
N GLY B 191 10.63 -55.61 65.20
CA GLY B 191 11.53 -56.59 65.76
C GLY B 191 12.84 -56.76 65.04
N MET B 192 12.99 -56.18 63.85
CA MET B 192 14.15 -56.43 62.99
C MET B 192 15.30 -55.53 63.45
N THR B 193 16.29 -56.15 64.08
CA THR B 193 17.52 -55.45 64.42
C THR B 193 18.53 -55.60 63.29
N MET B 194 19.61 -54.82 63.36
CA MET B 194 20.59 -54.82 62.29
C MET B 194 21.23 -56.19 62.10
N PHE B 195 21.33 -56.98 63.17
CA PHE B 195 22.03 -58.25 63.14
C PHE B 195 21.11 -59.44 62.92
N ARG B 196 19.84 -59.20 62.57
CA ARG B 196 18.96 -60.28 62.16
C ARG B 196 18.25 -59.96 60.84
N MET B 197 18.66 -58.93 60.14
CA MET B 197 18.15 -58.69 58.80
C MET B 197 18.92 -59.53 57.80
N PRO B 198 18.32 -59.83 56.64
CA PRO B 198 18.94 -60.79 55.73
C PRO B 198 20.30 -60.31 55.23
N ILE B 199 21.07 -61.25 54.69
CA ILE B 199 22.37 -60.92 54.13
C ILE B 199 22.21 -59.99 52.94
N PHE B 200 21.15 -60.19 52.16
CA PHE B 200 20.93 -59.35 50.98
C PHE B 200 20.77 -57.89 51.38
N THR B 201 19.98 -57.61 52.41
CA THR B 201 19.83 -56.24 52.87
C THR B 201 21.15 -55.70 53.42
N TRP B 202 21.90 -56.55 54.11
CA TRP B 202 23.23 -56.15 54.56
C TRP B 202 24.13 -55.80 53.38
N ASN B 203 24.07 -56.61 52.32
CA ASN B 203 24.94 -56.39 51.18
C ASN B 203 24.61 -55.09 50.45
N ILE B 204 23.32 -54.78 50.29
CA ILE B 204 22.95 -53.54 49.62
C ILE B 204 23.34 -52.34 50.47
N LEU B 205 23.13 -52.41 51.78
CA LEU B 205 23.52 -51.31 52.64
C LEU B 205 25.01 -51.02 52.52
N VAL B 206 25.83 -52.06 52.56
CA VAL B 206 27.26 -51.89 52.37
C VAL B 206 27.57 -51.45 50.95
N THR B 207 26.83 -52.00 49.98
CA THR B 207 27.00 -51.58 48.59
C THR B 207 26.63 -50.11 48.42
N SER B 208 25.58 -49.66 49.11
CA SER B 208 25.17 -48.27 49.00
C SER B 208 26.28 -47.34 49.47
N ILE B 209 26.97 -47.69 50.56
CA ILE B 209 28.09 -46.89 51.02
C ILE B 209 29.17 -46.83 49.95
N LEU B 210 29.47 -47.97 49.33
CA LEU B 210 30.44 -47.99 48.24
C LEU B 210 29.99 -47.08 47.10
N VAL B 211 28.69 -47.11 46.78
CA VAL B 211 28.17 -46.27 45.71
C VAL B 211 28.39 -44.80 46.06
N LEU B 212 28.13 -44.45 47.31
CA LEU B 212 28.31 -43.06 47.74
C LEU B 212 29.79 -42.67 47.75
N ILE B 213 30.66 -43.61 48.11
CA ILE B 213 32.09 -43.32 48.13
C ILE B 213 32.62 -43.18 46.71
N ALA B 214 32.14 -44.01 45.78
CA ALA B 214 32.77 -44.17 44.48
C ALA B 214 32.21 -43.20 43.43
N PHE B 215 30.90 -43.28 43.20
CA PHE B 215 30.33 -42.55 42.06
C PHE B 215 30.60 -41.05 42.09
N PRO B 216 30.57 -40.36 43.23
CA PRO B 216 30.89 -38.92 43.20
C PRO B 216 32.26 -38.63 42.61
N ILE B 217 33.24 -39.51 42.82
CA ILE B 217 34.54 -39.32 42.18
C ILE B 217 34.39 -39.36 40.67
N LEU B 218 33.64 -40.34 40.15
CA LEU B 218 33.41 -40.38 38.72
C LEU B 218 32.78 -39.08 38.23
N THR B 219 31.76 -38.61 38.93
CA THR B 219 31.14 -37.33 38.57
C THR B 219 32.17 -36.21 38.62
N ALA B 220 33.02 -36.21 39.65
CA ALA B 220 34.11 -35.24 39.70
C ALA B 220 35.08 -35.44 38.55
N ALA B 221 35.52 -36.67 38.33
CA ALA B 221 36.47 -36.95 37.25
C ALA B 221 35.86 -36.64 35.89
N LEU B 222 34.61 -37.07 35.67
CA LEU B 222 33.98 -36.85 34.37
C LEU B 222 33.83 -35.36 34.09
N PHE B 223 33.40 -34.58 35.08
CA PHE B 223 33.30 -33.13 34.88
C PHE B 223 34.68 -32.54 34.62
N GLY B 224 35.69 -33.00 35.33
CA GLY B 224 37.05 -32.58 35.01
C GLY B 224 37.42 -32.92 33.59
N LEU B 225 37.07 -34.13 33.15
CA LEU B 225 37.29 -34.51 31.76
C LEU B 225 36.46 -33.65 30.82
N ALA B 226 35.19 -33.43 31.15
CA ALA B 226 34.33 -32.62 30.31
C ALA B 226 34.84 -31.19 30.22
N ALA B 227 35.33 -30.65 31.33
CA ALA B 227 35.96 -29.33 31.30
C ALA B 227 37.18 -29.33 30.39
N ASP B 228 38.00 -30.37 30.49
CA ASP B 228 39.20 -30.44 29.65
C ASP B 228 38.82 -30.49 28.17
N ARG B 229 37.76 -31.23 27.84
CA ARG B 229 37.36 -31.38 26.44
C ARG B 229 36.75 -30.10 25.89
N HIS B 230 35.85 -29.46 26.64
CA HIS B 230 35.11 -28.31 26.16
C HIS B 230 35.74 -26.98 26.50
N LEU B 231 36.77 -26.96 27.35
CA LEU B 231 37.37 -25.70 27.78
C LEU B 231 38.89 -25.72 27.76
N GLY B 232 39.52 -26.83 27.40
CA GLY B 232 40.97 -26.90 27.45
C GLY B 232 41.52 -26.66 28.83
N ALA B 233 40.83 -27.16 29.85
CA ALA B 233 41.16 -26.89 31.24
C ALA B 233 42.44 -27.57 31.71
N HIS B 234 43.24 -28.23 30.89
CA HIS B 234 44.54 -28.75 31.32
C HIS B 234 44.43 -29.61 32.58
N ILE B 235 43.24 -30.10 32.90
CA ILE B 235 43.08 -30.88 34.13
C ILE B 235 43.83 -32.19 34.02
N TYR B 236 43.69 -32.88 32.90
CA TYR B 236 44.38 -34.14 32.66
C TYR B 236 45.45 -34.00 31.58
N ASP B 237 46.11 -32.86 31.52
CA ASP B 237 47.19 -32.67 30.57
C ASP B 237 48.29 -33.70 30.86
N PRO B 238 48.79 -34.42 29.85
CA PRO B 238 49.83 -35.41 30.14
C PRO B 238 51.05 -34.83 30.84
N ALA B 239 51.44 -33.61 30.47
CA ALA B 239 52.59 -32.97 31.11
C ALA B 239 52.34 -32.69 32.58
N ASN B 240 51.07 -32.64 32.99
CA ASN B 240 50.72 -32.70 34.41
C ASN B 240 50.78 -34.16 34.85
N GLY B 241 50.23 -34.46 36.02
CA GLY B 241 50.00 -35.84 36.39
C GLY B 241 48.70 -36.34 35.80
N GLY B 242 48.32 -35.80 34.65
CA GLY B 242 46.99 -36.01 34.13
C GLY B 242 46.72 -37.46 33.78
N VAL B 243 47.68 -38.11 33.13
CA VAL B 243 47.45 -39.47 32.68
C VAL B 243 47.27 -40.40 33.87
N LEU B 244 48.10 -40.23 34.90
CA LEU B 244 47.96 -41.03 36.11
C LEU B 244 46.89 -40.47 37.03
N LEU B 245 46.64 -39.16 36.96
CA LEU B 245 45.56 -38.58 37.76
C LEU B 245 44.23 -39.21 37.40
N TRP B 246 43.92 -39.30 36.10
CA TRP B 246 42.68 -39.94 35.70
C TRP B 246 42.66 -41.41 36.07
N GLN B 247 43.78 -42.11 35.85
CA GLN B 247 43.85 -43.52 36.23
C GLN B 247 43.56 -43.68 37.71
N HIS B 248 44.12 -42.79 38.54
CA HIS B 248 43.86 -42.83 39.96
C HIS B 248 42.40 -42.49 40.26
N LEU B 249 41.91 -41.39 39.70
CA LEU B 249 40.54 -40.97 39.96
C LEU B 249 39.55 -42.01 39.46
N PHE B 250 39.73 -42.49 38.23
CA PHE B 250 38.77 -43.43 37.67
C PHE B 250 38.76 -44.72 38.47
N TRP B 251 39.93 -45.33 38.68
CA TRP B 251 39.97 -46.63 39.35
C TRP B 251 39.54 -46.54 40.80
N PHE B 252 39.83 -45.42 41.48
CA PHE B 252 39.29 -45.22 42.81
C PHE B 252 37.77 -45.33 42.79
N PHE B 253 37.15 -44.95 41.67
CA PHE B 253 35.75 -45.29 41.45
C PHE B 253 35.61 -46.68 40.86
N GLY B 254 36.48 -47.02 39.90
CA GLY B 254 36.27 -48.22 39.12
C GLY B 254 36.25 -49.48 39.97
N HIS B 255 37.24 -49.65 40.83
CA HIS B 255 37.30 -50.87 41.63
C HIS B 255 36.13 -50.99 42.60
N PRO B 256 35.73 -49.95 43.34
CA PRO B 256 34.45 -50.05 44.04
C PRO B 256 33.29 -50.34 43.12
N GLU B 257 33.36 -49.88 41.87
CA GLU B 257 32.27 -50.12 40.93
C GLU B 257 32.08 -51.62 40.69
N VAL B 258 33.18 -52.37 40.61
CA VAL B 258 33.07 -53.80 40.35
C VAL B 258 32.78 -54.57 41.63
N TYR B 259 32.58 -53.87 42.75
CA TYR B 259 32.16 -54.52 43.99
C TYR B 259 30.73 -54.16 44.35
N ILE B 260 30.27 -52.96 44.00
CA ILE B 260 28.84 -52.69 44.05
C ILE B 260 28.13 -53.55 43.01
N ILE B 261 28.83 -53.92 41.94
CA ILE B 261 28.28 -54.85 40.97
C ILE B 261 28.30 -56.27 41.52
N ALA B 262 29.11 -56.51 42.55
CA ALA B 262 29.32 -57.88 43.03
C ALA B 262 28.56 -58.15 44.32
N LEU B 263 28.75 -57.29 45.33
CA LEU B 263 28.22 -57.57 46.66
C LEU B 263 26.71 -57.79 46.66
N PRO B 264 25.90 -56.97 45.99
CA PRO B 264 24.46 -57.21 46.04
C PRO B 264 24.05 -58.59 45.56
N PHE B 265 24.73 -59.11 44.53
CA PHE B 265 24.41 -60.44 44.01
C PHE B 265 25.02 -61.54 44.87
N PHE B 266 26.08 -61.25 45.62
CA PHE B 266 26.49 -62.15 46.68
C PHE B 266 25.37 -62.31 47.70
N GLY B 267 24.65 -61.22 47.96
CA GLY B 267 23.48 -61.30 48.82
C GLY B 267 22.37 -62.15 48.22
N ILE B 268 22.09 -61.95 46.93
CA ILE B 268 21.07 -62.76 46.27
C ILE B 268 21.40 -64.23 46.41
N VAL B 269 22.65 -64.60 46.09
CA VAL B 269 23.05 -65.98 46.20
C VAL B 269 22.94 -66.46 47.64
N SER B 270 23.26 -65.59 48.60
CA SER B 270 23.12 -65.95 50.00
C SER B 270 21.67 -66.16 50.39
N GLU B 271 20.74 -65.54 49.66
CA GLU B 271 19.32 -65.79 49.91
C GLU B 271 18.89 -67.13 49.30
N ILE B 272 19.46 -67.50 48.16
CA ILE B 272 19.01 -68.69 47.45
C ILE B 272 19.39 -69.95 48.20
N PHE B 273 20.63 -70.02 48.70
CA PHE B 273 21.14 -71.27 49.23
C PHE B 273 20.36 -71.74 50.46
N PRO B 274 20.13 -70.91 51.49
CA PRO B 274 19.45 -71.43 52.68
C PRO B 274 18.06 -71.99 52.40
N VAL B 275 17.32 -71.38 51.48
CA VAL B 275 15.94 -71.83 51.23
C VAL B 275 15.96 -73.18 50.53
N PHE B 276 16.86 -73.37 49.57
CA PHE B 276 16.94 -74.62 48.83
C PHE B 276 17.86 -75.64 49.48
N SER B 277 18.72 -75.23 50.40
CA SER B 277 19.50 -76.14 51.21
C SER B 277 18.78 -76.53 52.50
N ARG B 278 17.63 -75.93 52.77
CA ARG B 278 16.81 -76.28 53.94
C ARG B 278 17.62 -76.12 55.24
N LYS B 279 18.47 -75.10 55.29
CA LYS B 279 19.23 -74.83 56.51
C LYS B 279 19.69 -73.39 56.48
N PRO B 280 20.03 -72.81 57.63
CA PRO B 280 20.38 -71.39 57.67
C PRO B 280 21.65 -71.10 56.90
N ILE B 281 21.75 -69.86 56.41
CA ILE B 281 22.98 -69.40 55.81
C ILE B 281 24.12 -69.69 56.77
N PHE B 282 25.12 -70.44 56.29
CA PHE B 282 26.19 -70.93 57.14
C PHE B 282 27.10 -69.79 57.53
N GLY B 283 27.01 -69.36 58.79
CA GLY B 283 27.87 -68.31 59.29
C GLY B 283 27.34 -66.92 58.98
N TYR B 284 26.07 -66.68 59.33
CA TYR B 284 25.45 -65.40 59.03
C TYR B 284 26.31 -64.24 59.53
N THR B 285 26.75 -64.31 60.78
CA THR B 285 27.54 -63.23 61.35
C THR B 285 28.86 -63.04 60.59
N THR B 286 29.38 -64.13 60.01
CA THR B 286 30.65 -64.03 59.28
C THR B 286 30.44 -63.38 57.92
N LEU B 287 29.32 -63.64 57.27
CA LEU B 287 29.07 -63.02 55.96
C LEU B 287 28.97 -61.51 56.08
N ILE B 288 28.27 -61.02 57.10
CA ILE B 288 28.12 -59.57 57.25
C ILE B 288 29.47 -58.93 57.55
N TYR B 289 30.29 -59.58 58.38
CA TYR B 289 31.64 -59.07 58.63
C TYR B 289 32.48 -59.15 57.37
N ALA B 290 32.36 -60.25 56.61
CA ALA B 290 33.09 -60.37 55.35
C ALA B 290 32.68 -59.27 54.39
N THR B 291 31.37 -58.98 54.32
CA THR B 291 30.89 -57.94 53.42
C THR B 291 31.50 -56.59 53.78
N LEU B 292 31.55 -56.27 55.07
CA LEU B 292 32.17 -55.02 55.50
C LEU B 292 33.65 -55.00 55.14
N ALA B 293 34.36 -56.12 55.37
CA ALA B 293 35.76 -56.19 55.01
C ALA B 293 35.94 -56.02 53.51
N ILE B 294 35.08 -56.66 52.71
CA ILE B 294 35.18 -56.54 51.26
C ILE B 294 35.05 -55.09 50.84
N ALA B 295 34.02 -54.40 51.34
CA ALA B 295 33.79 -53.03 50.94
C ALA B 295 34.84 -52.10 51.50
N ALA B 296 35.24 -52.31 52.76
CA ALA B 296 36.24 -51.45 53.38
C ALA B 296 37.56 -51.55 52.63
N LEU B 297 37.98 -52.77 52.29
CA LEU B 297 39.27 -52.96 51.63
C LEU B 297 39.22 -52.54 50.16
N SER B 298 38.06 -52.66 49.52
CA SER B 298 37.99 -52.34 48.09
C SER B 298 38.32 -50.88 47.82
N VAL B 299 37.96 -49.98 48.74
CA VAL B 299 38.22 -48.56 48.54
C VAL B 299 39.72 -48.27 48.49
N ALA B 300 40.54 -49.07 49.16
CA ALA B 300 41.97 -48.80 49.29
C ALA B 300 42.81 -49.73 48.43
N VAL B 301 42.21 -50.42 47.46
CA VAL B 301 42.94 -51.34 46.60
C VAL B 301 42.65 -51.01 45.14
N TRP B 302 42.36 -49.74 44.87
CA TRP B 302 41.91 -49.34 43.54
C TRP B 302 43.00 -49.47 42.50
N ALA B 303 44.27 -49.31 42.90
CA ALA B 303 45.35 -49.10 41.95
C ALA B 303 45.91 -50.39 41.39
N HIS B 304 45.42 -51.55 41.79
CA HIS B 304 45.96 -52.79 41.24
C HIS B 304 45.64 -52.96 39.76
N HIS B 305 44.76 -52.12 39.21
CA HIS B 305 44.54 -52.06 37.77
C HIS B 305 45.64 -51.28 37.05
N MET B 306 46.60 -50.72 37.79
CA MET B 306 47.63 -49.87 37.21
C MET B 306 49.03 -50.45 37.38
N TYR B 307 49.15 -51.76 37.56
CA TYR B 307 50.47 -52.36 37.72
C TYR B 307 51.33 -52.11 36.49
N ALA B 308 50.71 -52.03 35.31
CA ALA B 308 51.48 -51.86 34.08
C ALA B 308 52.00 -50.43 33.95
N THR B 309 51.32 -49.45 34.54
CA THR B 309 51.75 -48.06 34.38
C THR B 309 53.13 -47.82 34.98
N GLY B 310 53.57 -48.65 35.91
CA GLY B 310 54.86 -48.43 36.55
C GLY B 310 54.92 -47.11 37.29
N ALA B 311 53.79 -46.70 37.87
CA ALA B 311 53.70 -45.41 38.57
C ALA B 311 52.95 -45.53 39.89
N VAL B 312 52.75 -46.75 40.39
CA VAL B 312 52.03 -46.99 41.62
C VAL B 312 52.88 -47.86 42.52
N LEU B 313 52.64 -47.74 43.83
CA LEU B 313 53.38 -48.50 44.83
C LEU B 313 52.85 -49.93 44.79
N LEU B 314 53.46 -50.75 43.95
CA LEU B 314 52.99 -52.12 43.75
C LEU B 314 52.88 -52.91 45.03
N PRO B 315 53.87 -52.89 45.94
CA PRO B 315 53.75 -53.72 47.15
C PRO B 315 52.52 -53.39 47.98
N PHE B 316 52.14 -52.11 48.07
CA PHE B 316 51.01 -51.73 48.91
C PHE B 316 49.71 -52.32 48.38
N PHE B 317 49.43 -52.10 47.10
CA PHE B 317 48.14 -52.52 46.56
C PHE B 317 48.10 -54.03 46.31
N SER B 318 49.24 -54.65 46.01
CA SER B 318 49.27 -56.10 45.90
C SER B 318 48.89 -56.74 47.23
N PHE B 319 49.41 -56.22 48.34
CA PHE B 319 49.05 -56.74 49.65
C PHE B 319 47.56 -56.59 49.90
N MET B 320 47.01 -55.40 49.64
CA MET B 320 45.58 -55.20 49.80
C MET B 320 44.79 -56.07 48.83
N THR B 321 45.29 -56.24 47.60
CA THR B 321 44.58 -57.08 46.64
C THR B 321 44.50 -58.52 47.11
N PHE B 322 45.59 -59.04 47.68
CA PHE B 322 45.52 -60.35 48.30
C PHE B 322 44.65 -60.33 49.54
N LEU B 323 44.51 -59.16 50.18
CA LEU B 323 43.73 -59.05 51.40
C LEU B 323 42.22 -58.96 51.12
N ILE B 324 41.83 -58.65 49.89
CA ILE B 324 40.41 -58.73 49.53
C ILE B 324 40.06 -60.13 49.03
N ALA B 325 41.07 -60.94 48.72
CA ALA B 325 40.80 -62.32 48.31
C ALA B 325 40.32 -63.16 49.49
N VAL B 326 40.97 -63.01 50.64
CA VAL B 326 40.62 -63.86 51.78
C VAL B 326 39.19 -63.61 52.28
N PRO B 327 38.71 -62.37 52.44
CA PRO B 327 37.30 -62.23 52.82
C PRO B 327 36.35 -62.85 51.83
N THR B 328 36.63 -62.74 50.54
CA THR B 328 35.80 -63.40 49.54
C THR B 328 35.88 -64.91 49.68
N GLY B 329 37.04 -65.42 50.12
CA GLY B 329 37.15 -66.85 50.37
C GLY B 329 36.23 -67.29 51.49
N ILE B 330 36.14 -66.51 52.56
CA ILE B 330 35.25 -66.86 53.66
C ILE B 330 33.81 -66.89 53.17
N LYS B 331 33.43 -65.87 52.40
CA LYS B 331 32.08 -65.82 51.85
C LYS B 331 31.82 -66.99 50.92
N PHE B 332 32.82 -67.34 50.10
CA PHE B 332 32.67 -68.50 49.21
C PHE B 332 32.55 -69.79 50.01
N PHE B 333 33.41 -69.97 51.01
CA PHE B 333 33.33 -71.16 51.84
C PHE B 333 32.03 -71.20 52.64
N ASN B 334 31.51 -70.03 53.01
CA ASN B 334 30.24 -69.99 53.74
C ASN B 334 29.10 -70.51 52.88
N TRP B 335 29.08 -70.15 51.60
CA TRP B 335 28.03 -70.63 50.70
C TRP B 335 28.06 -72.15 50.60
N ILE B 336 29.26 -72.73 50.47
CA ILE B 336 29.38 -74.19 50.42
C ILE B 336 28.88 -74.78 51.73
N GLY B 337 29.23 -74.16 52.86
CA GLY B 337 28.74 -74.65 54.14
C GLY B 337 27.22 -74.65 54.21
N THR B 338 26.59 -73.61 53.63
CA THR B 338 25.14 -73.57 53.59
C THR B 338 24.58 -74.75 52.82
N MET B 339 25.20 -75.09 51.69
CA MET B 339 24.79 -76.28 50.96
C MET B 339 25.09 -77.55 51.75
N TRP B 340 26.17 -77.54 52.54
CA TRP B 340 26.61 -78.76 53.20
C TRP B 340 25.50 -79.37 54.05
N LYS B 341 25.34 -80.68 53.92
CA LYS B 341 24.41 -81.47 54.73
C LYS B 341 23.03 -80.80 54.80
N GLY B 342 22.44 -80.69 53.61
CA GLY B 342 21.07 -80.22 53.49
C GLY B 342 20.38 -80.94 52.36
N GLN B 343 19.05 -80.93 52.41
CA GLN B 343 18.26 -81.54 51.34
C GLN B 343 18.24 -80.57 50.16
N LEU B 344 19.24 -80.72 49.30
CA LEU B 344 19.35 -79.87 48.13
C LEU B 344 18.37 -80.33 47.05
N THR B 345 17.59 -79.39 46.54
CA THR B 345 16.82 -79.57 45.32
C THR B 345 17.24 -78.47 44.36
N PHE B 346 17.70 -78.83 43.19
CA PHE B 346 18.28 -77.87 42.25
C PHE B 346 17.23 -77.35 41.28
N GLU B 347 16.20 -76.74 41.85
CA GLU B 347 15.27 -75.97 41.03
C GLU B 347 16.03 -74.84 40.34
N THR B 348 15.38 -74.22 39.36
CA THR B 348 16.08 -73.24 38.54
C THR B 348 16.73 -72.12 39.35
N PRO B 349 16.15 -71.62 40.45
CA PRO B 349 16.84 -70.53 41.16
C PRO B 349 18.17 -70.96 41.75
N MET B 350 18.22 -72.11 42.41
CA MET B 350 19.48 -72.58 42.97
C MET B 350 20.39 -73.16 41.88
N LEU B 351 19.81 -73.69 40.81
CA LEU B 351 20.62 -74.20 39.71
C LEU B 351 21.53 -73.10 39.18
N PHE B 352 20.97 -71.91 38.99
CA PHE B 352 21.79 -70.75 38.62
C PHE B 352 22.74 -70.38 39.74
N SER B 353 22.29 -70.46 41.00
CA SER B 353 23.13 -70.08 42.12
C SER B 353 24.37 -70.95 42.22
N VAL B 354 24.21 -72.26 41.98
CA VAL B 354 25.38 -73.14 41.97
C VAL B 354 26.28 -72.83 40.79
N GLY B 355 25.68 -72.51 39.64
CA GLY B 355 26.48 -72.11 38.49
C GLY B 355 27.35 -70.91 38.80
N PHE B 356 26.80 -69.95 39.55
CA PHE B 356 27.59 -68.81 40.01
C PHE B 356 28.85 -69.28 40.74
N LEU B 357 28.70 -70.26 41.63
CA LEU B 357 29.85 -70.75 42.38
C LEU B 357 30.92 -71.32 41.44
N ILE B 358 30.49 -72.12 40.46
CA ILE B 358 31.45 -72.77 39.57
C ILE B 358 32.17 -71.74 38.72
N THR B 359 31.40 -70.85 38.07
CA THR B 359 32.02 -69.88 37.17
C THR B 359 32.79 -68.82 37.94
N PHE B 360 32.23 -68.34 39.05
CA PHE B 360 32.90 -67.29 39.81
C PHE B 360 34.24 -67.75 40.35
N LEU B 361 34.34 -69.01 40.77
CA LEU B 361 35.58 -69.48 41.36
C LEU B 361 36.73 -69.38 40.36
N LEU B 362 36.55 -69.93 39.16
CA LEU B 362 37.63 -69.90 38.17
C LEU B 362 37.99 -68.47 37.83
N GLY B 363 36.99 -67.60 37.69
CA GLY B 363 37.28 -66.18 37.57
C GLY B 363 38.03 -65.65 38.76
N GLY B 364 37.66 -66.13 39.95
CA GLY B 364 38.38 -65.69 41.14
C GLY B 364 39.80 -66.21 41.20
N LEU B 365 40.00 -67.46 40.80
CA LEU B 365 41.36 -68.02 40.79
C LEU B 365 42.24 -67.23 39.84
N SER B 366 41.70 -66.85 38.67
CA SER B 366 42.44 -65.98 37.77
C SER B 366 42.65 -64.60 38.39
N GLY B 367 41.65 -64.12 39.14
CA GLY B 367 41.76 -62.80 39.73
C GLY B 367 42.95 -62.66 40.65
N VAL B 368 43.17 -63.66 41.52
CA VAL B 368 44.32 -63.62 42.41
C VAL B 368 45.61 -63.72 41.61
N LEU B 369 45.59 -64.43 40.49
CA LEU B 369 46.77 -64.46 39.62
C LEU B 369 47.10 -63.07 39.12
N LEU B 370 46.08 -62.29 38.75
CA LEU B 370 46.30 -60.91 38.34
C LEU B 370 46.77 -60.04 39.49
N ALA B 371 46.47 -60.43 40.73
CA ALA B 371 46.89 -59.63 41.88
C ALA B 371 48.41 -59.53 42.00
N SER B 372 49.13 -60.46 41.38
CA SER B 372 50.59 -60.45 41.40
C SER B 372 51.10 -59.58 40.26
N PRO B 373 51.75 -58.45 40.53
CA PRO B 373 52.21 -57.58 39.44
C PRO B 373 53.08 -58.33 38.44
N PRO B 374 54.07 -59.12 38.89
CA PRO B 374 54.90 -59.81 37.90
C PRO B 374 54.10 -60.67 36.93
N LEU B 375 53.06 -61.35 37.41
CA LEU B 375 52.16 -62.06 36.51
C LEU B 375 51.25 -61.09 35.78
N ASP B 376 50.81 -60.04 36.47
CA ASP B 376 49.94 -59.06 35.85
C ASP B 376 50.63 -58.33 34.71
N PHE B 377 51.97 -58.28 34.71
CA PHE B 377 52.70 -57.63 33.63
C PHE B 377 52.40 -58.32 32.31
N HIS B 378 52.79 -59.58 32.18
CA HIS B 378 52.57 -60.28 30.91
C HIS B 378 51.09 -60.39 30.59
N VAL B 379 50.24 -60.37 31.63
CA VAL B 379 48.82 -60.62 31.42
C VAL B 379 48.00 -59.35 31.31
N THR B 380 48.49 -58.22 31.84
CA THR B 380 47.69 -57.01 31.83
C THR B 380 47.28 -56.63 30.41
N ASP B 381 46.02 -56.25 30.27
CA ASP B 381 45.48 -55.78 29.00
C ASP B 381 45.61 -56.83 27.90
N SER B 382 45.60 -58.10 28.29
CA SER B 382 45.49 -59.21 27.36
C SER B 382 44.04 -59.69 27.34
N TYR B 383 43.78 -60.79 26.64
CA TYR B 383 42.48 -61.42 26.73
C TYR B 383 42.33 -62.31 27.96
N PHE B 384 43.43 -62.62 28.65
CA PHE B 384 43.32 -63.33 29.91
C PHE B 384 42.56 -62.50 30.94
N VAL B 385 42.89 -61.20 31.03
CA VAL B 385 42.14 -60.32 31.91
C VAL B 385 40.70 -60.21 31.43
N ILE B 386 40.50 -60.18 30.12
CA ILE B 386 39.13 -60.23 29.58
C ILE B 386 38.44 -61.49 30.08
N ALA B 387 39.15 -62.62 30.06
CA ALA B 387 38.59 -63.86 30.59
C ALA B 387 38.36 -63.76 32.09
N HIS B 388 39.28 -63.11 32.82
CA HIS B 388 39.13 -63.00 34.27
C HIS B 388 37.80 -62.34 34.61
N PHE B 389 37.62 -61.08 34.22
CA PHE B 389 36.53 -60.31 34.77
C PHE B 389 35.19 -60.62 34.11
N HIS B 390 35.11 -61.69 33.31
CA HIS B 390 33.80 -62.16 32.86
C HIS B 390 33.32 -63.32 33.69
N TYR B 391 34.23 -64.20 34.13
CA TYR B 391 33.83 -65.26 35.04
C TYR B 391 33.31 -64.67 36.34
N VAL B 392 33.94 -63.59 36.82
CA VAL B 392 33.46 -62.94 38.02
C VAL B 392 32.19 -62.13 37.73
N LEU B 393 32.18 -61.39 36.61
CA LEU B 393 30.99 -60.62 36.28
C LEU B 393 29.86 -61.54 35.85
N PHE B 394 30.03 -62.24 34.74
CA PHE B 394 28.97 -63.13 34.27
C PHE B 394 28.54 -64.07 35.38
N GLY B 395 29.48 -64.60 36.15
CA GLY B 395 29.12 -65.41 37.29
C GLY B 395 28.31 -64.63 38.31
N THR B 396 28.70 -63.39 38.58
CA THR B 396 28.12 -62.65 39.70
C THR B 396 26.89 -61.85 39.33
N ILE B 397 26.73 -61.44 38.06
CA ILE B 397 25.63 -60.56 37.70
C ILE B 397 24.87 -61.04 36.49
N VAL B 398 25.07 -62.31 36.11
CA VAL B 398 24.22 -62.93 35.10
C VAL B 398 23.68 -64.22 35.69
N PHE B 399 24.56 -65.04 36.26
CA PHE B 399 24.12 -66.25 36.92
C PHE B 399 23.36 -65.95 38.20
N ALA B 400 23.86 -65.01 39.00
CA ALA B 400 23.19 -64.67 40.24
C ALA B 400 21.93 -63.84 40.00
N THR B 401 21.99 -62.90 39.06
CA THR B 401 20.81 -62.10 38.76
C THR B 401 19.69 -62.98 38.20
N TYR B 402 20.05 -63.95 37.36
CA TYR B 402 19.07 -64.92 36.90
C TYR B 402 18.53 -65.74 38.05
N ALA B 403 19.39 -66.12 38.99
CA ALA B 403 18.90 -66.79 40.19
C ALA B 403 17.91 -65.91 40.93
N GLY B 404 18.24 -64.62 41.08
CA GLY B 404 17.30 -63.71 41.72
C GLY B 404 16.01 -63.57 40.95
N ILE B 405 16.09 -63.49 39.63
CA ILE B 405 14.89 -63.40 38.81
C ILE B 405 14.08 -64.69 38.92
N TYR B 406 14.72 -65.84 38.73
CA TYR B 406 14.02 -67.10 38.87
C TYR B 406 13.53 -67.33 40.28
N PHE B 407 14.06 -66.59 41.25
CA PHE B 407 13.69 -66.77 42.66
C PHE B 407 12.58 -65.83 43.09
N TRP B 408 12.65 -64.56 42.68
CA TRP B 408 11.70 -63.54 43.15
C TRP B 408 10.64 -63.20 42.12
N PHE B 409 10.66 -63.80 40.93
CA PHE B 409 9.57 -63.56 40.00
C PHE B 409 8.22 -63.94 40.59
N PRO B 410 8.05 -65.10 41.23
CA PRO B 410 6.76 -65.36 41.90
C PRO B 410 6.43 -64.32 42.96
N LYS B 411 7.43 -63.84 43.68
CA LYS B 411 7.21 -62.88 44.76
C LYS B 411 6.94 -61.48 44.25
N MET B 412 7.05 -61.26 42.94
CA MET B 412 6.76 -59.95 42.36
C MET B 412 5.70 -60.00 41.27
N THR B 413 5.44 -61.17 40.69
CA THR B 413 4.46 -61.34 39.63
C THR B 413 3.33 -62.28 39.99
N GLY B 414 3.55 -63.17 40.95
CA GLY B 414 2.56 -64.16 41.31
C GLY B 414 2.51 -65.37 40.42
N ARG B 415 3.42 -65.48 39.45
CA ARG B 415 3.47 -66.61 38.54
C ARG B 415 4.85 -67.25 38.60
N LEU B 416 4.89 -68.55 38.30
CA LEU B 416 6.13 -69.31 38.32
C LEU B 416 6.69 -69.42 36.92
N LEU B 417 7.98 -69.12 36.77
CA LEU B 417 8.68 -69.43 35.53
C LEU B 417 8.73 -70.93 35.33
N ASP B 418 8.52 -71.37 34.09
CA ASP B 418 8.55 -72.79 33.80
C ASP B 418 9.90 -73.37 34.21
N GLU B 419 9.85 -74.45 34.98
CA GLU B 419 11.09 -75.06 35.46
C GLU B 419 11.90 -75.63 34.31
N ARG B 420 11.24 -76.25 33.33
CA ARG B 420 11.95 -76.88 32.23
C ARG B 420 12.66 -75.84 31.38
N LEU B 421 11.97 -74.74 31.05
CA LEU B 421 12.61 -73.69 30.26
C LEU B 421 13.77 -73.06 31.02
N GLY B 422 13.63 -72.94 32.34
CA GLY B 422 14.73 -72.42 33.14
C GLY B 422 15.95 -73.30 33.09
N LYS B 423 15.75 -74.62 33.18
CA LYS B 423 16.87 -75.54 33.10
C LYS B 423 17.53 -75.49 31.72
N LEU B 424 16.72 -75.40 30.67
CA LEU B 424 17.27 -75.24 29.33
C LEU B 424 18.07 -73.94 29.22
N HIS B 425 17.52 -72.86 29.79
CA HIS B 425 18.19 -71.57 29.73
C HIS B 425 19.52 -71.61 30.48
N PHE B 426 19.54 -72.27 31.64
CA PHE B 426 20.78 -72.33 32.43
C PHE B 426 21.87 -73.06 31.67
N TRP B 427 21.57 -74.26 31.19
CA TRP B 427 22.60 -75.09 30.59
C TRP B 427 23.10 -74.49 29.28
N LEU B 428 22.22 -73.83 28.53
CA LEU B 428 22.68 -73.06 27.38
C LEU B 428 23.61 -71.94 27.82
N THR B 429 23.25 -71.25 28.90
CA THR B 429 24.12 -70.19 29.43
C THR B 429 25.41 -70.77 29.98
N PHE B 430 25.31 -71.85 30.76
CA PHE B 430 26.50 -72.44 31.36
C PHE B 430 27.43 -73.03 30.30
N ILE B 431 26.87 -73.83 29.40
CA ILE B 431 27.67 -74.40 28.32
C ILE B 431 28.17 -73.28 27.41
N GLY B 432 27.32 -72.31 27.12
CA GLY B 432 27.73 -71.21 26.27
C GLY B 432 28.83 -70.37 26.89
N PHE B 433 28.68 -70.03 28.16
CA PHE B 433 29.64 -69.12 28.79
C PHE B 433 31.03 -69.74 28.82
N HIS B 434 31.15 -70.95 29.36
CA HIS B 434 32.46 -71.58 29.45
C HIS B 434 33.08 -71.80 28.08
N THR B 435 32.25 -71.94 27.04
CA THR B 435 32.79 -72.06 25.69
C THR B 435 33.44 -70.76 25.24
N THR B 436 32.74 -69.63 25.42
CA THR B 436 33.22 -68.38 24.86
C THR B 436 34.45 -67.85 25.59
N PHE B 437 34.49 -67.98 26.91
CA PHE B 437 35.48 -67.27 27.72
C PHE B 437 36.58 -68.15 28.29
N LEU B 438 36.38 -69.47 28.37
CA LEU B 438 37.42 -70.32 28.93
C LEU B 438 38.69 -70.25 28.07
N VAL B 439 38.55 -70.42 26.76
CA VAL B 439 39.71 -70.41 25.90
C VAL B 439 40.33 -69.03 25.80
N GLN B 440 39.59 -67.97 26.16
CA GLN B 440 40.17 -66.63 26.13
C GLN B 440 41.37 -66.51 27.07
N HIS B 441 41.44 -67.34 28.11
CA HIS B 441 42.64 -67.37 28.94
C HIS B 441 43.86 -67.70 28.09
N TRP B 442 43.79 -68.79 27.33
CA TRP B 442 44.86 -69.12 26.40
C TRP B 442 45.00 -68.05 25.33
N LEU B 443 43.87 -67.54 24.86
CA LEU B 443 43.89 -66.50 23.83
C LEU B 443 44.80 -65.35 24.22
N GLY B 444 44.61 -64.81 25.43
CA GLY B 444 45.35 -63.64 25.83
C GLY B 444 46.68 -63.94 26.48
N ASP B 445 46.84 -65.15 27.00
CA ASP B 445 48.09 -65.48 27.69
C ASP B 445 49.25 -65.40 26.71
N GLU B 446 49.11 -66.02 25.55
CA GLU B 446 49.98 -65.71 24.43
C GLU B 446 49.56 -64.36 23.86
N GLY B 447 50.45 -63.76 23.07
CA GLY B 447 50.25 -62.39 22.65
C GLY B 447 48.95 -62.13 21.92
N MET B 448 47.99 -61.50 22.61
CA MET B 448 46.80 -60.97 21.97
C MET B 448 46.16 -59.94 22.88
N PRO B 449 46.58 -58.67 22.81
CA PRO B 449 46.01 -57.67 23.70
C PRO B 449 44.51 -57.49 23.46
N ARG B 450 43.81 -57.13 24.53
CA ARG B 450 42.40 -56.81 24.41
C ARG B 450 42.23 -55.59 23.50
N ARG B 451 40.99 -55.32 23.13
CA ARG B 451 40.66 -54.14 22.32
C ARG B 451 41.40 -54.18 20.99
N TYR B 452 41.54 -55.37 20.41
CA TYR B 452 42.09 -55.56 19.08
C TYR B 452 40.95 -55.86 18.12
N ALA B 453 40.77 -55.01 17.12
CA ALA B 453 39.70 -55.20 16.16
C ALA B 453 40.03 -56.30 15.15
N ASP B 454 41.31 -56.46 14.82
CA ASP B 454 41.74 -57.46 13.86
C ASP B 454 43.11 -57.98 14.24
N TYR B 455 43.43 -59.16 13.74
CA TYR B 455 44.71 -59.79 13.96
C TYR B 455 45.14 -60.51 12.68
N LEU B 456 46.44 -60.69 12.53
CA LEU B 456 46.96 -61.28 11.30
C LEU B 456 46.71 -62.78 11.28
N PRO B 457 46.48 -63.37 10.10
CA PRO B 457 46.43 -64.83 10.04
C PRO B 457 47.71 -65.49 10.50
N THR B 458 48.87 -64.86 10.23
CA THR B 458 50.14 -65.44 10.66
C THR B 458 50.19 -65.59 12.18
N ASP B 459 49.50 -64.72 12.91
CA ASP B 459 49.39 -64.89 14.34
C ASP B 459 48.72 -66.23 14.64
N GLY B 460 48.96 -66.74 15.84
CA GLY B 460 48.26 -67.92 16.28
C GLY B 460 46.82 -67.60 16.62
N PHE B 461 46.24 -68.41 17.49
CA PHE B 461 44.90 -68.16 18.04
C PHE B 461 43.93 -67.64 16.98
N THR B 462 43.83 -68.38 15.88
CA THR B 462 42.73 -68.22 14.94
C THR B 462 41.63 -69.24 15.18
N THR B 463 41.98 -70.38 15.76
CA THR B 463 40.97 -71.39 16.08
C THR B 463 40.31 -71.10 17.43
N LEU B 464 41.00 -70.38 18.32
CA LEU B 464 40.41 -70.06 19.61
C LEU B 464 39.35 -68.98 19.47
N ASN B 465 39.57 -68.01 18.59
CA ASN B 465 38.59 -66.95 18.41
C ASN B 465 37.27 -67.50 17.88
N VAL B 466 37.33 -68.44 16.93
CA VAL B 466 36.10 -69.05 16.44
C VAL B 466 35.48 -69.93 17.51
N ILE B 467 36.31 -70.68 18.24
CA ILE B 467 35.80 -71.47 19.36
C ILE B 467 35.12 -70.54 20.37
N SER B 468 35.71 -69.37 20.60
CA SER B 468 35.08 -68.39 21.47
C SER B 468 33.83 -67.81 20.83
N THR B 469 33.83 -67.67 19.50
CA THR B 469 32.65 -67.15 18.82
C THR B 469 31.48 -68.13 18.89
N VAL B 470 31.77 -69.43 18.81
CA VAL B 470 30.72 -70.42 18.97
C VAL B 470 30.06 -70.27 20.34
N GLY B 471 30.88 -70.03 21.37
CA GLY B 471 30.34 -69.87 22.70
C GLY B 471 29.43 -68.66 22.83
N ALA B 472 29.85 -67.53 22.25
CA ALA B 472 29.06 -66.31 22.40
C ALA B 472 27.69 -66.45 21.74
N PHE B 473 27.63 -67.11 20.58
CA PHE B 473 26.34 -67.32 19.94
C PHE B 473 25.53 -68.37 20.66
N ILE B 474 26.19 -69.29 21.38
CA ILE B 474 25.46 -70.19 22.27
C ILE B 474 24.84 -69.39 23.41
N LEU B 475 25.56 -68.37 23.90
CA LEU B 475 24.97 -67.46 24.88
C LEU B 475 23.84 -66.67 24.26
N GLY B 476 23.97 -66.31 22.98
CA GLY B 476 22.92 -65.56 22.32
C GLY B 476 21.62 -66.34 22.23
N VAL B 477 21.70 -67.61 21.81
CA VAL B 477 20.51 -68.44 21.74
C VAL B 477 20.03 -68.78 23.14
N SER B 478 20.94 -68.81 24.11
CA SER B 478 20.53 -69.03 25.50
C SER B 478 19.58 -67.94 25.97
N MET B 479 19.56 -66.80 25.28
CA MET B 479 18.69 -65.71 25.69
C MET B 479 17.23 -66.00 25.37
N LEU B 480 16.97 -66.68 24.24
CA LEU B 480 15.60 -66.86 23.80
C LEU B 480 14.77 -67.66 24.81
N PRO B 481 15.25 -68.77 25.36
CA PRO B 481 14.44 -69.47 26.38
C PRO B 481 14.04 -68.59 27.55
N PHE B 482 14.94 -67.73 28.02
CA PHE B 482 14.62 -66.90 29.18
C PHE B 482 13.57 -65.86 28.83
N VAL B 483 13.75 -65.15 27.71
CA VAL B 483 12.78 -64.14 27.32
C VAL B 483 11.44 -64.79 27.04
N TRP B 484 11.45 -65.93 26.35
CA TRP B 484 10.20 -66.66 26.12
C TRP B 484 9.57 -67.08 27.44
N ASN B 485 10.37 -67.60 28.36
CA ASN B 485 9.84 -68.05 29.64
C ASN B 485 9.22 -66.90 30.40
N VAL B 486 9.93 -65.78 30.51
CA VAL B 486 9.38 -64.62 31.21
C VAL B 486 8.17 -64.08 30.47
N PHE B 487 8.25 -64.01 29.14
CA PHE B 487 7.15 -63.47 28.36
C PHE B 487 5.89 -64.31 28.55
N LYS B 488 6.00 -65.63 28.48
CA LYS B 488 4.86 -66.51 28.70
C LYS B 488 4.50 -66.66 30.16
N SER B 489 5.49 -66.73 31.05
CA SER B 489 5.23 -66.93 32.46
C SER B 489 4.70 -65.69 33.16
N TRP B 490 4.79 -64.52 32.54
CA TRP B 490 4.24 -63.32 33.15
C TRP B 490 2.72 -63.36 33.10
N ARG B 491 2.15 -63.40 31.90
CA ARG B 491 0.70 -63.46 31.75
C ARG B 491 0.17 -64.84 32.11
N TYR B 492 0.77 -65.88 31.55
CA TYR B 492 0.41 -67.27 31.83
C TYR B 492 1.43 -67.84 32.81
N GLY B 493 1.36 -69.13 33.02
CA GLY B 493 2.31 -69.80 33.90
C GLY B 493 1.69 -70.13 35.24
N GLU B 494 2.15 -71.24 35.80
CA GLU B 494 1.57 -71.82 37.01
C GLU B 494 1.42 -70.74 38.08
N PRO B 495 0.19 -70.33 38.41
CA PRO B 495 0.03 -69.33 39.48
C PRO B 495 0.45 -69.88 40.83
N VAL B 496 0.88 -68.97 41.69
CA VAL B 496 1.22 -69.29 43.06
C VAL B 496 0.23 -68.56 43.96
N THR B 497 -0.63 -69.34 44.62
CA THR B 497 -1.64 -68.79 45.52
C THR B 497 -1.17 -68.75 46.96
N VAL B 498 0.10 -69.02 47.21
CA VAL B 498 0.65 -69.13 48.56
C VAL B 498 1.92 -68.30 48.64
N ASP B 499 2.32 -67.99 49.87
CA ASP B 499 3.64 -67.45 50.09
C ASP B 499 4.67 -68.57 49.93
N ASP B 500 5.92 -68.20 49.71
CA ASP B 500 6.96 -69.19 49.52
C ASP B 500 6.56 -70.21 48.45
N PRO B 501 6.56 -69.84 47.18
CA PRO B 501 6.52 -70.89 46.14
C PRO B 501 7.71 -71.81 46.24
N TRP B 502 8.82 -71.30 46.77
CA TRP B 502 9.95 -72.12 47.21
C TRP B 502 9.80 -72.25 48.71
N GLY B 503 9.30 -73.40 49.16
CA GLY B 503 9.12 -73.63 50.58
C GLY B 503 10.41 -73.42 51.34
N TYR B 504 10.33 -73.30 52.66
CA TYR B 504 11.51 -73.12 53.50
C TYR B 504 12.20 -71.79 53.23
N GLY B 505 11.47 -70.82 52.69
CA GLY B 505 12.04 -69.51 52.46
C GLY B 505 12.18 -68.71 53.75
N ASN B 506 12.89 -67.59 53.64
CA ASN B 506 13.20 -66.76 54.79
C ASN B 506 13.44 -65.33 54.32
N SER B 507 13.82 -64.47 55.25
CA SER B 507 14.08 -63.06 54.99
C SER B 507 12.81 -62.21 54.94
N LEU B 508 11.69 -62.73 55.44
CA LEU B 508 10.51 -61.91 55.76
C LEU B 508 9.75 -61.43 54.53
N GLU B 509 10.33 -61.61 53.33
CA GLU B 509 9.58 -61.27 52.12
C GLU B 509 8.61 -62.36 51.74
N TRP B 510 8.73 -63.55 52.35
CA TRP B 510 7.82 -64.65 52.13
C TRP B 510 6.74 -64.72 53.20
N ALA B 511 6.60 -63.68 54.03
CA ALA B 511 5.49 -63.56 54.96
C ALA B 511 4.37 -62.69 54.39
N THR B 512 4.21 -62.70 53.06
CA THR B 512 3.21 -61.90 52.40
C THR B 512 2.81 -62.58 51.10
N SER B 513 1.67 -62.16 50.55
CA SER B 513 1.15 -62.78 49.34
C SER B 513 2.15 -62.64 48.21
N CYS B 514 2.21 -63.66 47.36
CA CYS B 514 3.27 -63.70 46.34
C CYS B 514 3.30 -62.44 45.50
N PRO B 515 2.20 -61.94 44.95
CA PRO B 515 2.16 -60.55 44.55
C PRO B 515 1.94 -59.68 45.78
N PRO B 516 2.99 -59.02 46.30
CA PRO B 516 2.85 -58.37 47.60
C PRO B 516 1.78 -57.29 47.55
N PRO B 517 1.01 -57.13 48.62
CA PRO B 517 0.07 -56.00 48.66
C PRO B 517 0.82 -54.69 48.63
N ARG B 518 0.21 -53.68 48.02
CA ARG B 518 0.78 -52.35 48.11
C ARG B 518 1.08 -52.05 49.58
N HIS B 519 2.30 -51.59 49.84
CA HIS B 519 2.86 -51.43 51.18
C HIS B 519 3.31 -52.77 51.76
N ASN B 520 3.43 -53.80 50.92
CA ASN B 520 4.28 -54.96 51.16
C ASN B 520 3.75 -55.95 52.19
N PHE B 521 2.72 -55.59 52.95
CA PHE B 521 2.37 -56.38 54.12
C PHE B 521 0.95 -56.06 54.59
N THR B 522 0.21 -57.13 54.90
CA THR B 522 -0.96 -57.04 55.75
C THR B 522 -0.68 -57.56 57.15
N GLU B 523 0.52 -58.10 57.39
CA GLU B 523 0.88 -58.70 58.67
C GLU B 523 2.38 -58.57 58.84
N LEU B 524 2.85 -58.85 60.05
CA LEU B 524 4.26 -59.03 60.31
C LEU B 524 4.44 -60.12 61.36
N PRO B 525 5.21 -61.17 61.08
CA PRO B 525 5.43 -62.21 62.09
C PRO B 525 6.38 -61.75 63.18
N ARG B 526 6.41 -62.53 64.26
CA ARG B 526 7.38 -62.32 65.33
C ARG B 526 8.78 -62.45 64.75
N ILE B 527 9.54 -61.35 64.75
CA ILE B 527 10.89 -61.33 64.21
C ILE B 527 11.83 -61.67 65.35
N ARG B 528 12.52 -62.81 65.24
CA ARG B 528 13.42 -63.28 66.28
C ARG B 528 14.82 -63.56 65.75
N SER B 529 14.94 -64.01 64.50
CA SER B 529 16.23 -64.40 63.93
C SER B 529 16.27 -63.91 62.49
N GLU B 530 17.23 -64.41 61.72
CA GLU B 530 17.38 -64.01 60.33
C GLU B 530 16.41 -64.73 59.41
N ARG B 531 15.48 -65.54 59.94
CA ARG B 531 14.52 -66.29 59.15
C ARG B 531 13.13 -66.13 59.74
N PRO B 532 12.58 -64.91 59.73
CA PRO B 532 11.22 -64.74 60.29
C PRO B 532 10.18 -65.58 59.58
N ALA B 533 10.27 -65.72 58.25
CA ALA B 533 9.27 -66.48 57.52
C ALA B 533 9.41 -67.97 57.77
N PHE B 534 10.65 -68.46 57.90
CA PHE B 534 10.86 -69.86 58.24
C PHE B 534 10.26 -70.18 59.61
N GLU B 535 10.46 -69.30 60.59
CA GLU B 535 9.84 -69.49 61.89
C GLU B 535 8.33 -69.40 61.78
N LEU B 536 7.83 -68.46 60.97
CA LEU B 536 6.39 -68.31 60.80
C LEU B 536 5.76 -69.58 60.24
N HIS B 537 6.40 -70.17 59.23
CA HIS B 537 5.77 -71.28 58.52
C HIS B 537 6.02 -72.62 59.20
N TYR B 538 7.11 -72.74 59.96
CA TYR B 538 7.47 -73.98 60.64
C TYR B 538 7.75 -73.68 62.11
N PRO B 539 6.71 -73.47 62.91
CA PRO B 539 6.94 -73.14 64.33
C PRO B 539 7.71 -74.21 65.08
N HIS B 540 7.52 -75.48 64.72
CA HIS B 540 8.23 -76.55 65.42
C HIS B 540 9.73 -76.41 65.28
N MET B 541 10.20 -75.95 64.11
CA MET B 541 11.63 -75.80 63.89
C MET B 541 12.24 -74.71 64.78
N VAL B 542 11.43 -73.82 65.34
CA VAL B 542 11.96 -72.66 66.05
C VAL B 542 12.94 -73.12 67.13
N GLU B 543 12.52 -74.10 67.93
CA GLU B 543 13.43 -74.65 68.93
C GLU B 543 14.62 -75.31 68.29
N ARG B 544 14.40 -76.07 67.21
CA ARG B 544 15.50 -76.77 66.55
C ARG B 544 16.52 -75.80 65.99
N MET B 545 16.07 -74.73 65.34
CA MET B 545 17.00 -73.78 64.77
C MET B 545 17.93 -73.17 65.81
N ARG B 546 17.49 -73.10 67.07
CA ARG B 546 18.34 -72.62 68.15
C ARG B 546 19.22 -73.72 68.72
N ALA B 547 18.73 -74.96 68.78
CA ALA B 547 19.50 -76.04 69.40
C ALA B 547 20.73 -76.37 68.59
N GLU B 548 20.58 -76.55 67.27
CA GLU B 548 21.69 -76.94 66.43
C GLU B 548 22.53 -75.76 65.96
N ALA B 549 22.11 -74.52 66.26
CA ALA B 549 22.79 -73.36 65.71
C ALA B 549 24.28 -73.40 65.98
N HIS B 550 24.67 -73.60 67.24
CA HIS B 550 26.06 -73.45 67.63
C HIS B 550 26.91 -74.67 67.26
N VAL B 551 26.27 -75.81 66.94
CA VAL B 551 27.04 -77.03 66.69
C VAL B 551 27.97 -76.84 65.50
N GLY B 552 27.46 -76.25 64.42
CA GLY B 552 28.27 -76.02 63.24
C GLY B 552 28.80 -77.33 62.64
N GLY C 1 -43.44 -11.39 40.37
CA GLY C 1 -43.64 -11.54 38.94
C GLY C 1 -44.22 -10.29 38.31
N GLN C 2 -43.76 -9.13 38.79
CA GLN C 2 -44.21 -7.84 38.30
C GLN C 2 -43.01 -6.94 38.03
N PRO C 3 -43.15 -5.97 37.13
CA PRO C 3 -41.99 -5.17 36.70
C PRO C 3 -41.53 -4.11 37.70
N THR C 4 -42.09 -4.08 38.91
CA THR C 4 -41.66 -3.15 39.96
C THR C 4 -41.81 -1.70 39.48
N ASP C 5 -43.08 -1.30 39.29
CA ASP C 5 -43.36 0.02 38.77
C ASP C 5 -42.77 1.13 39.66
N ALA C 6 -43.01 1.01 40.97
CA ALA C 6 -42.56 2.02 41.92
C ALA C 6 -41.68 1.46 43.02
N GLU C 7 -41.49 0.15 43.09
CA GLU C 7 -40.63 -0.45 44.11
C GLU C 7 -39.16 -0.15 43.86
N LEU C 8 -38.78 0.11 42.60
CA LEU C 8 -37.38 0.39 42.28
C LEU C 8 -36.86 1.58 43.06
N ALA C 9 -37.74 2.52 43.43
CA ALA C 9 -37.29 3.71 44.14
C ALA C 9 -36.63 3.34 45.46
N GLU C 10 -37.23 2.43 46.22
CA GLU C 10 -36.69 2.01 47.50
C GLU C 10 -35.84 0.74 47.40
N MET C 11 -35.83 0.07 46.25
CA MET C 11 -34.93 -1.06 46.08
C MET C 11 -33.48 -0.60 46.22
N SER C 12 -32.70 -1.34 47.00
CA SER C 12 -31.31 -0.99 47.23
C SER C 12 -30.45 -1.47 46.07
N ARG C 13 -29.17 -1.13 46.11
CA ARG C 13 -28.25 -1.52 45.03
C ARG C 13 -28.16 -3.03 44.92
N GLU C 14 -28.07 -3.73 46.05
CA GLU C 14 -28.02 -5.19 46.00
C GLU C 14 -29.30 -5.76 45.41
N GLU C 15 -30.45 -5.24 45.82
CA GLU C 15 -31.71 -5.71 45.29
C GLU C 15 -31.81 -5.44 43.80
N LEU C 16 -31.35 -4.27 43.35
CA LEU C 16 -31.41 -3.96 41.92
C LEU C 16 -30.47 -4.86 41.13
N VAL C 17 -29.29 -5.17 41.66
CA VAL C 17 -28.38 -6.08 40.98
C VAL C 17 -29.01 -7.46 40.88
N LYS C 18 -29.63 -7.93 41.96
CA LYS C 18 -30.31 -9.22 41.93
C LYS C 18 -31.44 -9.21 40.90
N LEU C 19 -32.19 -8.11 40.83
CA LEU C 19 -33.26 -8.00 39.85
C LEU C 19 -32.73 -8.06 38.43
N GLY C 20 -31.61 -7.38 38.17
CA GLY C 20 -31.02 -7.45 36.85
C GLY C 20 -30.54 -8.83 36.49
N GLY C 21 -29.89 -9.51 37.44
CA GLY C 21 -29.52 -10.88 37.22
C GLY C 21 -30.73 -11.75 36.92
N LYS C 22 -31.81 -11.56 37.67
CA LYS C 22 -33.02 -12.35 37.44
C LYS C 22 -33.57 -12.10 36.05
N ILE C 23 -33.60 -10.83 35.63
CA ILE C 23 -34.13 -10.50 34.31
C ILE C 23 -33.28 -11.14 33.22
N ASP C 24 -31.96 -11.09 33.37
CA ASP C 24 -31.05 -11.64 32.37
C ASP C 24 -30.84 -13.13 32.51
N GLY C 25 -31.47 -13.77 33.50
CA GLY C 25 -31.26 -15.19 33.73
C GLY C 25 -30.00 -15.50 34.50
N VAL C 26 -29.48 -14.55 35.26
CA VAL C 26 -28.21 -14.68 35.96
C VAL C 26 -28.48 -14.61 37.46
N GLU C 27 -28.06 -15.65 38.17
CA GLU C 27 -28.17 -15.68 39.63
C GLU C 27 -26.75 -15.57 40.19
N THR C 28 -26.46 -14.46 40.85
CA THR C 28 -25.12 -14.26 41.43
C THR C 28 -25.06 -14.91 42.81
N ILE C 29 -24.34 -16.01 42.90
CA ILE C 29 -24.22 -16.75 44.16
C ILE C 29 -22.85 -16.48 44.76
N PHE C 30 -22.85 -16.23 46.08
CA PHE C 30 -21.62 -15.96 46.83
C PHE C 30 -20.82 -14.84 46.18
N LYS C 31 -21.40 -13.65 46.17
CA LYS C 31 -20.67 -12.43 45.84
C LYS C 31 -20.19 -11.84 47.16
N GLU C 32 -18.99 -12.21 47.56
CA GLU C 32 -18.47 -11.88 48.88
C GLU C 32 -17.23 -11.00 48.77
N PRO C 33 -17.12 -9.95 49.59
CA PRO C 33 -15.92 -9.11 49.54
C PRO C 33 -14.69 -9.87 50.02
N ARG C 34 -13.53 -9.42 49.55
CA ARG C 34 -12.27 -10.08 49.87
C ARG C 34 -11.80 -9.76 51.28
N TRP C 35 -12.17 -8.61 51.83
CA TRP C 35 -11.69 -8.15 53.14
C TRP C 35 -12.88 -7.81 54.02
N PRO C 36 -13.64 -8.82 54.47
CA PRO C 36 -14.77 -8.53 55.36
C PRO C 36 -14.36 -7.88 56.66
N VAL C 37 -13.20 -8.25 57.21
CA VAL C 37 -12.75 -7.69 58.48
C VAL C 37 -12.08 -6.36 58.20
N PRO C 38 -12.49 -5.26 58.83
CA PRO C 38 -11.87 -3.96 58.57
C PRO C 38 -10.71 -3.67 59.51
N GLY C 39 -9.80 -2.83 59.02
CA GLY C 39 -8.69 -2.34 59.82
C GLY C 39 -7.50 -3.26 59.89
N THR C 40 -7.58 -4.45 59.31
CA THR C 40 -6.44 -5.36 59.33
C THR C 40 -5.31 -4.82 58.48
N LYS C 41 -4.08 -5.13 58.88
CA LYS C 41 -2.90 -4.66 58.17
C LYS C 41 -2.49 -5.58 57.03
N ALA C 42 -3.03 -6.81 56.95
CA ALA C 42 -2.85 -7.61 55.75
C ALA C 42 -3.53 -6.94 54.56
N GLU C 43 -4.69 -6.34 54.79
CA GLU C 43 -5.35 -5.56 53.76
C GLU C 43 -4.46 -4.42 53.30
N LYS C 44 -3.81 -3.73 54.25
CA LYS C 44 -2.91 -2.63 53.89
C LYS C 44 -1.72 -3.14 53.10
N ARG C 45 -1.15 -4.29 53.49
CA ARG C 45 -0.03 -4.85 52.75
C ARG C 45 -0.42 -5.21 51.32
N THR C 46 -1.59 -5.82 51.14
CA THR C 46 -2.02 -6.16 49.80
C THR C 46 -2.27 -4.91 48.97
N GLU C 47 -2.89 -3.90 49.59
CA GLU C 47 -3.07 -2.61 48.94
C GLU C 47 -1.74 -2.05 48.47
N ARG C 48 -0.74 -2.06 49.35
CA ARG C 48 0.58 -1.56 49.00
C ARG C 48 1.24 -2.41 47.93
N LEU C 49 0.98 -3.71 47.91
CA LEU C 49 1.57 -4.58 46.90
C LEU C 49 1.06 -4.24 45.51
N VAL C 50 -0.27 -4.14 45.38
CA VAL C 50 -0.83 -3.78 44.08
C VAL C 50 -0.39 -2.37 43.69
N ALA C 51 -0.31 -1.47 44.68
CA ALA C 51 0.17 -0.12 44.40
C ALA C 51 1.61 -0.15 43.91
N TYR C 52 2.45 -1.00 44.51
CA TYR C 52 3.84 -1.11 44.09
C TYR C 52 3.94 -1.63 42.67
N TRP C 53 3.10 -2.61 42.32
CA TRP C 53 3.13 -3.11 40.95
C TRP C 53 2.71 -2.04 39.95
N LEU C 54 1.66 -1.29 40.27
CA LEU C 54 1.23 -0.22 39.37
C LEU C 54 2.27 0.89 39.29
N MET C 55 2.93 1.20 40.41
CA MET C 55 3.97 2.21 40.40
C MET C 55 5.20 1.74 39.62
N LEU C 56 5.51 0.45 39.69
CA LEU C 56 6.58 -0.09 38.87
C LEU C 56 6.22 0.03 37.40
N GLY C 57 4.96 -0.24 37.05
CA GLY C 57 4.52 -0.02 35.69
C GLY C 57 4.70 1.42 35.25
N GLY C 58 4.32 2.36 36.11
CA GLY C 58 4.47 3.77 35.76
C GLY C 58 5.91 4.20 35.65
N LEU C 59 6.76 3.76 36.58
CA LEU C 59 8.17 4.09 36.51
C LEU C 59 8.81 3.50 35.27
N SER C 60 8.42 2.29 34.88
CA SER C 60 8.95 1.69 33.67
C SER C 60 8.43 2.39 32.42
N GLY C 61 7.20 2.89 32.46
CA GLY C 61 6.71 3.68 31.32
C GLY C 61 7.47 4.98 31.18
N LEU C 62 7.72 5.66 32.30
CA LEU C 62 8.55 6.86 32.27
C LEU C 62 9.96 6.51 31.79
N ALA C 63 10.48 5.36 32.19
CA ALA C 63 11.77 4.91 31.72
C ALA C 63 11.76 4.70 30.21
N LEU C 64 10.69 4.11 29.69
CA LEU C 64 10.55 3.96 28.24
C LEU C 64 10.58 5.31 27.57
N LEU C 65 9.82 6.26 28.09
CA LEU C 65 9.79 7.60 27.49
C LEU C 65 11.18 8.23 27.48
N LEU C 66 11.85 8.23 28.63
CA LEU C 66 13.15 8.88 28.75
C LEU C 66 14.20 8.17 27.90
N VAL C 67 14.17 6.84 27.86
CA VAL C 67 15.14 6.09 27.07
C VAL C 67 14.91 6.36 25.59
N PHE C 68 13.66 6.34 25.14
CA PHE C 68 13.37 6.60 23.74
C PHE C 68 13.81 7.99 23.34
N LEU C 69 13.50 8.99 24.17
CA LEU C 69 13.86 10.36 23.84
C LEU C 69 15.36 10.57 23.89
N PHE C 70 16.04 10.00 24.88
CA PHE C 70 17.46 10.26 25.13
C PHE C 70 18.17 8.92 25.31
N TRP C 71 18.64 8.35 24.21
CA TRP C 71 19.52 7.20 24.26
C TRP C 71 20.35 7.15 22.99
N PRO C 72 21.61 6.68 23.06
CA PRO C 72 22.42 6.64 21.83
C PRO C 72 21.92 5.60 20.84
N TRP C 73 20.80 5.89 20.19
CA TRP C 73 20.31 5.04 19.11
C TRP C 73 21.14 5.34 17.86
N GLU C 74 20.72 4.82 16.72
CA GLU C 74 21.40 4.97 15.43
C GLU C 74 22.50 3.93 15.28
N TYR C 75 22.61 3.37 14.09
CA TYR C 75 23.61 2.35 13.81
C TYR C 75 25.02 2.90 14.02
N GLN C 76 25.89 2.06 14.58
CA GLN C 76 27.30 2.37 14.73
C GLN C 76 28.11 1.35 13.96
N PRO C 77 29.07 1.77 13.11
CA PRO C 77 29.57 0.87 12.06
C PRO C 77 30.05 -0.49 12.56
N PHE C 78 31.11 -0.51 13.36
CA PHE C 78 31.61 -1.76 13.92
C PHE C 78 32.79 -1.43 14.83
N GLY C 79 32.89 -2.12 15.95
CA GLY C 79 33.99 -1.88 16.87
C GLY C 79 34.17 -0.41 17.16
N SER C 80 33.07 0.34 17.23
CA SER C 80 33.10 1.80 17.36
C SER C 80 32.61 2.17 18.75
N GLU C 81 33.17 3.25 19.30
CA GLU C 81 32.65 3.79 20.55
C GLU C 81 31.18 4.14 20.33
N GLY C 82 30.31 3.61 21.17
CA GLY C 82 28.88 3.75 20.98
C GLY C 82 28.21 2.54 20.37
N GLU C 83 28.98 1.59 19.84
CA GLU C 83 28.42 0.34 19.36
C GLU C 83 27.76 -0.46 20.47
N PHE C 84 28.36 -0.52 21.65
CA PHE C 84 27.74 -1.22 22.76
C PHE C 84 26.42 -0.57 23.16
N LEU C 85 26.38 0.76 23.22
CA LEU C 85 25.13 1.44 23.54
C LEU C 85 24.08 1.18 22.48
N TYR C 86 24.46 1.22 21.20
CA TYR C 86 23.50 0.95 20.14
C TYR C 86 22.97 -0.48 20.24
N SER C 87 23.85 -1.43 20.54
CA SER C 87 23.44 -2.83 20.55
C SER C 87 22.32 -3.11 21.54
N LEU C 88 22.29 -2.37 22.66
CA LEU C 88 21.27 -2.56 23.67
C LEU C 88 20.28 -1.39 23.70
N ALA C 89 20.35 -0.50 22.70
CA ALA C 89 19.32 0.50 22.54
C ALA C 89 17.94 -0.12 22.39
N THR C 90 17.72 -0.87 21.30
CA THR C 90 16.42 -1.49 21.09
C THR C 90 16.04 -2.43 22.23
N PRO C 91 16.92 -3.30 22.73
CA PRO C 91 16.55 -4.09 23.90
C PRO C 91 16.07 -3.25 25.06
N LEU C 92 16.62 -2.06 25.26
CA LEU C 92 16.13 -1.21 26.34
C LEU C 92 14.73 -0.68 26.05
N TYR C 93 14.46 -0.30 24.80
CA TYR C 93 13.10 0.09 24.44
C TYR C 93 12.13 -1.01 24.80
N GLY C 94 12.41 -2.23 24.33
CA GLY C 94 11.50 -3.33 24.58
C GLY C 94 11.39 -3.67 26.04
N LEU C 95 12.51 -3.67 26.76
CA LEU C 95 12.49 -3.97 28.19
C LEU C 95 11.61 -2.98 28.93
N THR C 96 11.82 -1.68 28.71
CA THR C 96 11.03 -0.68 29.41
C THR C 96 9.55 -0.81 29.06
N PHE C 97 9.23 -0.91 27.78
CA PHE C 97 7.82 -0.96 27.37
C PHE C 97 7.14 -2.20 27.94
N GLY C 98 7.74 -3.37 27.72
CA GLY C 98 7.14 -4.59 28.19
C GLY C 98 7.02 -4.63 29.70
N LEU C 99 8.07 -4.20 30.40
CA LEU C 99 8.01 -4.19 31.86
C LEU C 99 6.90 -3.26 32.35
N SER C 100 6.76 -2.10 31.73
CA SER C 100 5.71 -1.17 32.15
C SER C 100 4.34 -1.79 32.01
N ILE C 101 4.01 -2.28 30.81
CA ILE C 101 2.65 -2.77 30.59
C ILE C 101 2.43 -4.09 31.34
N LEU C 102 3.46 -4.92 31.46
CA LEU C 102 3.35 -6.15 32.22
C LEU C 102 3.10 -5.86 33.70
N SER C 103 3.78 -4.86 34.26
CA SER C 103 3.55 -4.51 35.65
C SER C 103 2.15 -3.94 35.84
N ILE C 104 1.67 -3.14 34.88
CA ILE C 104 0.30 -2.65 34.96
C ILE C 104 -0.68 -3.83 34.94
N GLY C 105 -0.45 -4.79 34.05
CA GLY C 105 -1.31 -5.96 33.99
C GLY C 105 -1.27 -6.79 35.26
N ILE C 106 -0.08 -6.94 35.84
CA ILE C 106 0.06 -7.68 37.09
C ILE C 106 -0.69 -6.97 38.21
N GLY C 107 -0.58 -5.65 38.26
CA GLY C 107 -1.33 -4.89 39.25
C GLY C 107 -2.83 -5.07 39.09
N ALA C 108 -3.31 -5.03 37.85
CA ALA C 108 -4.73 -5.23 37.59
C ALA C 108 -5.17 -6.63 38.01
N VAL C 109 -4.38 -7.65 37.68
CA VAL C 109 -4.73 -9.02 38.05
C VAL C 109 -4.75 -9.15 39.57
N LEU C 110 -3.76 -8.57 40.25
CA LEU C 110 -3.73 -8.65 41.71
C LEU C 110 -4.92 -7.93 42.32
N PHE C 111 -5.31 -6.78 41.76
CA PHE C 111 -6.48 -6.09 42.26
C PHE C 111 -7.73 -6.95 42.09
N GLN C 112 -7.86 -7.61 40.94
CA GLN C 112 -9.01 -8.49 40.73
C GLN C 112 -8.98 -9.66 41.72
N LYS C 113 -7.81 -10.23 41.96
CA LYS C 113 -7.68 -11.44 42.77
C LYS C 113 -7.63 -11.16 44.26
N LYS C 114 -7.55 -9.90 44.68
CA LYS C 114 -7.37 -9.56 46.08
C LYS C 114 -8.40 -8.59 46.63
N PHE C 115 -8.98 -7.72 45.79
CA PHE C 115 -9.89 -6.70 46.27
C PHE C 115 -11.28 -6.80 45.66
N ILE C 116 -11.38 -7.08 44.36
CA ILE C 116 -12.71 -7.21 43.74
C ILE C 116 -13.41 -8.41 44.37
N PRO C 117 -14.69 -8.32 44.73
CA PRO C 117 -15.34 -9.44 45.44
C PRO C 117 -15.39 -10.68 44.57
N GLU C 118 -15.38 -11.83 45.24
CA GLU C 118 -15.44 -13.11 44.55
C GLU C 118 -16.89 -13.52 44.36
N GLU C 119 -17.25 -13.87 43.13
CA GLU C 119 -18.61 -14.26 42.77
C GLU C 119 -18.57 -15.54 41.97
N ILE C 120 -19.64 -16.34 42.06
CA ILE C 120 -19.73 -17.58 41.30
C ILE C 120 -21.00 -17.54 40.47
N SER C 121 -21.34 -16.34 40.00
CA SER C 121 -22.58 -16.14 39.25
C SER C 121 -22.80 -17.25 38.23
N VAL C 122 -24.06 -17.68 38.12
CA VAL C 122 -24.47 -18.74 37.21
C VAL C 122 -25.56 -18.18 36.30
N GLN C 123 -25.35 -18.28 34.99
CA GLN C 123 -26.28 -17.74 34.01
C GLN C 123 -27.11 -18.86 33.41
N ASP C 124 -28.40 -18.61 33.23
CA ASP C 124 -29.28 -19.58 32.60
C ASP C 124 -29.02 -19.57 31.10
N ARG C 125 -28.64 -20.72 30.57
CA ARG C 125 -28.31 -20.86 29.16
C ARG C 125 -29.55 -21.32 28.41
N HIS C 126 -30.04 -20.48 27.49
CA HIS C 126 -31.23 -20.78 26.70
C HIS C 126 -30.88 -21.28 25.31
N ASP C 127 -29.80 -22.05 25.20
CA ASP C 127 -29.30 -22.46 23.90
C ASP C 127 -30.24 -23.44 23.22
N GLY C 128 -30.32 -23.32 21.90
CA GLY C 128 -30.96 -24.34 21.08
C GLY C 128 -32.46 -24.19 20.93
N ARG C 129 -32.93 -24.16 19.68
CA ARG C 129 -34.35 -24.31 19.38
C ARG C 129 -35.19 -23.24 20.09
N SER C 130 -35.03 -22.01 19.61
CA SER C 130 -35.82 -20.89 20.10
C SER C 130 -37.27 -21.33 20.26
N PRO C 131 -38.02 -20.77 21.20
CA PRO C 131 -39.36 -21.30 21.48
C PRO C 131 -40.21 -21.37 20.22
N GLU C 132 -41.16 -22.29 20.24
CA GLU C 132 -41.94 -22.58 19.03
C GLU C 132 -42.64 -21.33 18.52
N VAL C 133 -43.03 -20.42 19.40
CA VAL C 133 -43.63 -19.16 18.93
C VAL C 133 -42.66 -18.44 18.02
N HIS C 134 -41.41 -18.28 18.46
CA HIS C 134 -40.43 -17.56 17.65
C HIS C 134 -40.13 -18.31 16.36
N ARG C 135 -39.92 -19.62 16.45
CA ARG C 135 -39.59 -20.40 15.26
C ARG C 135 -40.72 -20.30 14.23
N LYS C 136 -41.95 -20.57 14.65
CA LYS C 136 -43.06 -20.59 13.72
C LYS C 136 -43.35 -19.20 13.16
N THR C 137 -43.17 -18.17 13.98
CA THR C 137 -43.42 -16.82 13.50
C THR C 137 -42.37 -16.38 12.49
N VAL C 138 -41.10 -16.74 12.71
CA VAL C 138 -40.07 -16.45 11.73
C VAL C 138 -40.35 -17.20 10.44
N ALA C 139 -40.71 -18.48 10.54
CA ALA C 139 -41.02 -19.25 9.35
C ALA C 139 -42.19 -18.65 8.60
N ALA C 140 -43.23 -18.22 9.32
CA ALA C 140 -44.38 -17.60 8.69
C ALA C 140 -43.99 -16.30 8.01
N ASN C 141 -43.15 -15.48 8.67
CA ASN C 141 -42.73 -14.22 8.06
C ASN C 141 -41.97 -14.46 6.76
N LEU C 142 -41.00 -15.39 6.79
CA LEU C 142 -40.21 -15.66 5.59
C LEU C 142 -41.07 -16.25 4.49
N THR C 143 -41.96 -17.19 4.83
CA THR C 143 -42.79 -17.81 3.82
C THR C 143 -43.79 -16.82 3.24
N ASP C 144 -44.30 -15.90 4.07
CA ASP C 144 -45.18 -14.86 3.56
C ASP C 144 -44.43 -13.91 2.65
N ALA C 145 -43.21 -13.55 3.01
CA ALA C 145 -42.39 -12.72 2.12
C ALA C 145 -42.19 -13.41 0.79
N LEU C 146 -41.93 -14.71 0.80
CA LEU C 146 -41.66 -15.44 -0.44
C LEU C 146 -42.92 -15.57 -1.29
N GLU C 147 -44.00 -16.08 -0.69
CA GLU C 147 -45.20 -16.38 -1.47
C GLU C 147 -45.93 -15.11 -1.87
N GLY C 148 -46.09 -14.17 -0.94
CA GLY C 148 -46.75 -12.93 -1.27
C GLY C 148 -46.07 -12.20 -2.41
N SER C 149 -44.74 -12.21 -2.42
CA SER C 149 -43.99 -11.62 -3.53
C SER C 149 -44.44 -12.17 -4.87
N THR C 150 -45.12 -13.31 -4.88
CA THR C 150 -45.71 -13.94 -6.06
C THR C 150 -44.64 -14.67 -6.86
N LEU C 151 -43.38 -14.67 -6.42
CA LEU C 151 -42.39 -15.54 -7.01
C LEU C 151 -42.83 -16.99 -6.87
N LYS C 152 -42.09 -17.89 -7.50
CA LYS C 152 -42.48 -19.29 -7.67
C LYS C 152 -43.90 -19.40 -8.23
N ARG C 153 -44.35 -18.37 -8.94
CA ARG C 153 -45.50 -18.44 -9.82
C ARG C 153 -45.21 -17.83 -11.17
N ARG C 154 -44.29 -16.88 -11.26
CA ARG C 154 -43.88 -16.26 -12.52
C ARG C 154 -42.65 -17.03 -13.00
N LYS C 155 -42.89 -18.17 -13.63
CA LYS C 155 -41.77 -19.00 -14.09
C LYS C 155 -40.83 -18.19 -14.97
N VAL C 156 -41.38 -17.26 -15.77
CA VAL C 156 -40.55 -16.46 -16.65
C VAL C 156 -39.65 -15.54 -15.83
N ILE C 157 -40.19 -14.94 -14.76
CA ILE C 157 -39.35 -14.12 -13.89
C ILE C 157 -38.38 -14.99 -13.11
N GLY C 158 -38.85 -16.12 -12.59
CA GLY C 158 -37.96 -16.98 -11.83
C GLY C 158 -36.75 -17.41 -12.64
N LEU C 159 -36.97 -17.81 -13.89
CA LEU C 159 -35.87 -18.24 -14.74
C LEU C 159 -35.07 -17.06 -15.26
N SER C 160 -35.73 -15.95 -15.59
CA SER C 160 -35.02 -14.80 -16.15
C SER C 160 -34.12 -14.16 -15.10
N LEU C 161 -34.57 -14.04 -13.86
CA LEU C 161 -33.73 -13.49 -12.81
C LEU C 161 -32.52 -14.37 -12.58
N GLY C 162 -32.72 -15.69 -12.54
CA GLY C 162 -31.59 -16.59 -12.37
C GLY C 162 -30.60 -16.47 -13.50
N ILE C 163 -31.10 -16.44 -14.75
CA ILE C 163 -30.21 -16.31 -15.90
C ILE C 163 -29.47 -14.99 -15.84
N GLY C 164 -30.16 -13.91 -15.51
CA GLY C 164 -29.52 -12.61 -15.48
C GLY C 164 -28.45 -12.52 -14.41
N LEU C 165 -28.77 -12.98 -13.21
CA LEU C 165 -27.78 -12.96 -12.12
C LEU C 165 -26.59 -13.85 -12.47
N GLY C 166 -26.85 -15.03 -13.02
CA GLY C 166 -25.75 -15.91 -13.37
C GLY C 166 -24.87 -15.34 -14.46
N ALA C 167 -25.47 -14.76 -15.50
CA ALA C 167 -24.69 -14.15 -16.57
C ALA C 167 -23.90 -12.97 -16.05
N PHE C 168 -24.51 -12.13 -15.22
CA PHE C 168 -23.81 -10.98 -14.68
C PHE C 168 -22.65 -11.42 -13.80
N GLY C 169 -22.87 -12.42 -12.96
CA GLY C 169 -21.78 -12.93 -12.14
C GLY C 169 -20.66 -13.53 -12.97
N ALA C 170 -21.01 -14.27 -14.03
CA ALA C 170 -20.01 -14.80 -14.93
C ALA C 170 -19.18 -13.69 -15.54
N GLY C 171 -19.85 -12.69 -16.12
CA GLY C 171 -19.13 -11.59 -16.73
C GLY C 171 -18.25 -10.86 -15.74
N THR C 172 -18.78 -10.60 -14.54
CA THR C 172 -18.03 -9.84 -13.55
C THR C 172 -16.81 -10.62 -13.06
N LEU C 173 -16.98 -11.91 -12.77
CA LEU C 173 -15.84 -12.70 -12.31
C LEU C 173 -14.78 -12.82 -13.40
N VAL C 174 -15.21 -13.07 -14.63
CA VAL C 174 -14.25 -13.18 -15.72
C VAL C 174 -13.52 -11.85 -15.92
N ALA C 175 -14.25 -10.73 -15.82
CA ALA C 175 -13.62 -9.43 -15.98
C ALA C 175 -12.66 -9.14 -14.83
N PHE C 176 -13.00 -9.62 -13.63
CA PHE C 176 -12.13 -9.45 -12.47
C PHE C 176 -10.82 -10.23 -12.63
N ILE C 177 -10.91 -11.47 -13.12
CA ILE C 177 -9.75 -12.36 -13.08
C ILE C 177 -8.93 -12.35 -14.38
N GLY C 178 -9.49 -11.86 -15.49
CA GLY C 178 -8.75 -11.85 -16.73
C GLY C 178 -7.56 -10.90 -16.73
N GLY C 179 -7.62 -9.86 -15.91
CA GLY C 179 -6.44 -9.01 -15.75
C GLY C 179 -5.26 -9.79 -15.24
N LEU C 180 -5.50 -10.69 -14.28
CA LEU C 180 -4.42 -11.52 -13.74
C LEU C 180 -4.03 -12.62 -14.70
N ILE C 181 -4.99 -13.28 -15.34
CA ILE C 181 -4.68 -14.47 -16.13
C ILE C 181 -3.74 -14.10 -17.27
N LYS C 182 -2.53 -14.65 -17.24
CA LYS C 182 -1.56 -14.48 -18.32
C LYS C 182 -1.20 -15.85 -18.86
N ASN C 183 -0.92 -15.90 -20.16
CA ASN C 183 -0.54 -17.17 -20.80
C ASN C 183 0.93 -17.45 -20.53
N PRO C 184 1.28 -18.53 -19.82
CA PRO C 184 2.70 -18.81 -19.60
C PRO C 184 3.47 -19.14 -20.87
N TRP C 185 2.80 -19.53 -21.94
CA TRP C 185 3.45 -20.02 -23.14
C TRP C 185 3.33 -19.03 -24.30
N LYS C 186 3.15 -17.76 -23.99
CA LYS C 186 3.25 -16.72 -25.02
C LYS C 186 4.72 -16.57 -25.40
N PRO C 187 5.10 -16.76 -26.67
CA PRO C 187 6.51 -16.55 -27.02
C PRO C 187 6.91 -15.09 -26.92
N VAL C 188 7.72 -14.77 -25.91
CA VAL C 188 8.13 -13.40 -25.65
C VAL C 188 9.66 -13.25 -25.70
N VAL C 189 10.38 -14.22 -25.17
CA VAL C 189 11.85 -14.12 -25.11
C VAL C 189 12.41 -14.38 -26.49
N PRO C 190 13.16 -13.44 -27.09
CA PRO C 190 13.74 -13.71 -28.41
C PRO C 190 14.82 -14.77 -28.32
N THR C 191 15.03 -15.46 -29.45
CA THR C 191 15.99 -16.54 -29.51
C THR C 191 16.37 -16.78 -30.96
N ALA C 192 17.48 -17.48 -31.17
CA ALA C 192 17.92 -17.80 -32.52
C ALA C 192 16.84 -18.53 -33.30
N GLU C 193 15.99 -19.29 -32.61
CA GLU C 193 14.88 -20.01 -33.24
C GLU C 193 13.55 -19.26 -33.08
N GLY C 194 13.60 -17.94 -33.11
CA GLY C 194 12.40 -17.14 -32.93
C GLY C 194 12.03 -17.00 -31.46
N LYS C 195 11.02 -16.18 -31.21
CA LYS C 195 10.56 -15.97 -29.84
C LYS C 195 10.11 -17.30 -29.24
N LYS C 196 10.50 -17.53 -27.99
CA LYS C 196 10.13 -18.72 -27.25
C LYS C 196 9.59 -18.30 -25.89
N ALA C 197 9.04 -19.27 -25.17
CA ALA C 197 8.45 -18.98 -23.86
C ALA C 197 9.55 -18.77 -22.82
N VAL C 198 9.18 -18.03 -21.77
CA VAL C 198 10.14 -17.70 -20.72
C VAL C 198 10.66 -18.96 -20.06
N LEU C 199 9.78 -19.93 -19.82
CA LEU C 199 10.21 -21.17 -19.16
C LEU C 199 11.19 -21.95 -20.02
N TRP C 200 10.97 -21.99 -21.34
CA TRP C 200 11.93 -22.65 -22.21
C TRP C 200 13.27 -21.91 -22.24
N THR C 201 13.24 -20.58 -22.29
CA THR C 201 14.45 -19.78 -22.49
C THR C 201 15.02 -19.35 -21.14
N SER C 202 16.34 -19.29 -21.08
CA SER C 202 17.07 -18.74 -19.95
C SER C 202 18.10 -17.74 -20.46
N GLY C 203 18.95 -17.25 -19.55
CA GLY C 203 20.03 -16.37 -19.96
C GLY C 203 21.09 -17.05 -20.80
N TRP C 204 21.13 -18.37 -20.81
CA TRP C 204 22.09 -19.12 -21.60
C TRP C 204 21.57 -19.44 -23.00
N THR C 205 20.35 -19.08 -23.31
CA THR C 205 19.78 -19.36 -24.62
C THR C 205 20.40 -18.41 -25.64
N PRO C 206 21.06 -18.90 -26.69
CA PRO C 206 21.67 -17.97 -27.65
C PRO C 206 20.62 -17.12 -28.35
N ARG C 207 20.75 -15.80 -28.19
CA ARG C 207 19.81 -14.89 -28.83
C ARG C 207 19.89 -15.00 -30.35
N PHE C 208 21.11 -15.11 -30.88
CA PHE C 208 21.32 -15.34 -32.31
C PHE C 208 22.30 -16.49 -32.48
N LYS C 209 22.16 -17.21 -33.59
CA LYS C 209 22.97 -18.39 -33.82
C LYS C 209 24.45 -18.04 -33.75
N GLY C 210 25.22 -18.84 -33.02
CA GLY C 210 26.65 -18.63 -32.90
C GLY C 210 27.04 -17.58 -31.89
N GLU C 211 26.12 -17.12 -31.05
CA GLU C 211 26.44 -16.11 -30.06
C GLU C 211 27.41 -16.66 -29.02
N THR C 212 28.31 -15.81 -28.54
CA THR C 212 29.26 -16.18 -27.49
C THR C 212 28.68 -15.76 -26.14
N ILE C 213 28.55 -16.73 -25.23
CA ILE C 213 28.02 -16.48 -23.89
C ILE C 213 29.10 -16.93 -22.92
N TYR C 214 29.93 -15.99 -22.48
CA TYR C 214 31.01 -16.28 -21.57
C TYR C 214 30.46 -16.69 -20.21
N LEU C 215 31.16 -17.63 -19.56
CA LEU C 215 30.86 -18.02 -18.19
C LEU C 215 31.52 -17.00 -17.28
N ALA C 216 30.89 -15.85 -17.11
CA ALA C 216 31.51 -14.76 -16.37
C ALA C 216 31.36 -14.99 -14.88
N ARG C 217 32.48 -14.83 -14.16
CA ARG C 217 32.43 -14.90 -12.71
C ARG C 217 31.83 -13.61 -12.17
N ALA C 218 30.99 -13.74 -11.14
CA ALA C 218 30.34 -12.58 -10.53
C ALA C 218 31.17 -12.12 -9.35
N THR C 219 32.09 -11.19 -9.63
CA THR C 219 32.83 -10.55 -8.57
C THR C 219 31.88 -9.71 -7.72
N GLY C 220 32.19 -9.59 -6.43
CA GLY C 220 31.31 -8.90 -5.52
C GLY C 220 31.45 -7.39 -5.60
N ARG C 221 32.15 -6.90 -6.60
CA ARG C 221 32.39 -5.46 -6.71
C ARG C 221 31.05 -4.73 -6.75
N PRO C 222 30.83 -3.71 -5.89
CA PRO C 222 29.48 -3.11 -5.82
C PRO C 222 29.12 -2.29 -7.05
N GLY C 223 28.67 -2.98 -8.10
CA GLY C 223 28.01 -2.31 -9.22
C GLY C 223 28.80 -2.24 -10.50
N GLU C 224 30.10 -1.96 -10.42
CA GLU C 224 30.92 -1.76 -11.60
C GLU C 224 31.65 -3.06 -11.94
N SER C 225 31.61 -3.44 -13.21
CA SER C 225 32.20 -4.68 -13.69
C SER C 225 31.81 -5.87 -12.80
N PRO C 226 30.53 -6.03 -12.49
CA PRO C 226 30.13 -7.14 -11.61
C PRO C 226 30.44 -8.51 -12.21
N PHE C 227 30.43 -8.63 -13.53
CA PHE C 227 30.69 -9.90 -14.21
C PHE C 227 31.95 -9.77 -15.04
N VAL C 228 32.88 -10.70 -14.85
CA VAL C 228 34.19 -10.65 -15.49
C VAL C 228 34.45 -11.98 -16.18
N LYS C 229 34.95 -11.91 -17.42
CA LYS C 229 35.23 -13.12 -18.18
C LYS C 229 36.11 -14.06 -17.35
N MET C 230 36.09 -15.34 -17.72
CA MET C 230 36.69 -16.38 -16.90
C MET C 230 37.51 -17.30 -17.79
N ARG C 231 38.50 -17.94 -17.18
CA ARG C 231 39.42 -18.84 -17.86
C ARG C 231 39.50 -20.17 -17.11
N PRO C 232 39.72 -21.29 -17.81
CA PRO C 232 39.75 -22.57 -17.10
C PRO C 232 40.79 -22.64 -16.01
N GLU C 233 41.95 -22.00 -16.21
CA GLU C 233 43.02 -22.07 -15.22
C GLU C 233 42.62 -21.44 -13.89
N ASP C 234 41.60 -20.58 -13.89
CA ASP C 234 41.23 -19.88 -12.66
C ASP C 234 40.80 -20.87 -11.59
N ILE C 235 40.00 -21.87 -11.95
CA ILE C 235 39.61 -22.91 -11.00
C ILE C 235 40.74 -23.92 -10.89
N ASP C 236 40.80 -24.60 -9.76
CA ASP C 236 41.71 -25.70 -9.54
C ASP C 236 40.92 -26.93 -9.10
N ALA C 237 41.52 -28.09 -9.31
CA ALA C 237 40.84 -29.35 -9.02
C ALA C 237 40.11 -29.28 -7.69
N GLY C 238 38.88 -29.77 -7.67
CA GLY C 238 38.04 -29.65 -6.49
C GLY C 238 37.62 -28.22 -6.23
N GLY C 239 37.31 -27.47 -7.28
CA GLY C 239 36.88 -26.09 -7.15
C GLY C 239 35.53 -25.88 -7.79
N MET C 240 34.74 -25.00 -7.18
CA MET C 240 33.42 -24.64 -7.67
C MET C 240 33.34 -23.12 -7.79
N GLU C 241 32.83 -22.64 -8.93
CA GLU C 241 32.66 -21.21 -9.16
C GLU C 241 31.28 -20.96 -9.75
N THR C 242 30.57 -19.98 -9.20
CA THR C 242 29.28 -19.59 -9.75
C THR C 242 29.50 -18.62 -10.91
N VAL C 243 29.01 -18.99 -12.08
CA VAL C 243 29.20 -18.22 -13.30
C VAL C 243 27.83 -17.85 -13.87
N PHE C 244 27.84 -16.83 -14.71
CA PHE C 244 26.63 -16.26 -15.30
C PHE C 244 26.82 -16.07 -16.79
N PRO C 245 25.72 -15.97 -17.55
CA PRO C 245 25.83 -15.84 -19.01
C PRO C 245 26.12 -14.42 -19.46
N TRP C 246 27.39 -14.04 -19.54
CA TRP C 246 27.77 -12.67 -19.87
C TRP C 246 28.08 -12.58 -21.37
N ARG C 247 27.55 -11.56 -22.02
CA ARG C 247 27.86 -11.27 -23.40
C ARG C 247 28.75 -10.04 -23.50
N GLU C 248 29.55 -10.00 -24.58
CA GLU C 248 30.38 -8.83 -24.82
C GLU C 248 29.54 -7.56 -24.85
N SER C 249 28.34 -7.65 -25.43
CA SER C 249 27.44 -6.49 -25.45
C SER C 249 27.05 -6.08 -24.04
N ASP C 250 26.98 -7.03 -23.11
CA ASP C 250 26.65 -6.74 -21.72
C ASP C 250 27.92 -6.32 -20.96
N GLY C 251 28.53 -5.22 -21.42
CA GLY C 251 29.77 -4.75 -20.85
C GLY C 251 29.64 -4.41 -19.38
N ASP C 252 30.69 -3.81 -18.81
CA ASP C 252 30.67 -3.47 -17.40
C ASP C 252 29.47 -2.58 -17.09
N GLY C 253 29.22 -2.41 -15.80
CA GLY C 253 28.05 -1.68 -15.34
C GLY C 253 28.19 -0.19 -15.29
N THR C 254 29.24 0.37 -15.92
CA THR C 254 29.45 1.81 -15.86
C THR C 254 28.30 2.57 -16.51
N THR C 255 27.84 2.13 -17.67
CA THR C 255 26.80 2.85 -18.39
C THR C 255 25.43 2.51 -17.82
N VAL C 256 24.45 3.35 -18.17
CA VAL C 256 23.07 3.09 -17.77
C VAL C 256 22.48 1.96 -18.61
N GLU C 257 22.82 1.91 -19.90
CA GLU C 257 22.37 0.80 -20.73
C GLU C 257 22.86 -0.52 -20.13
N SER C 258 24.15 -0.61 -19.83
CA SER C 258 24.64 -1.65 -18.94
C SER C 258 24.17 -1.36 -17.52
N GLU C 259 24.36 -2.33 -16.63
CA GLU C 259 23.88 -2.25 -15.26
C GLU C 259 22.37 -2.48 -15.20
N HIS C 260 21.73 -2.55 -16.35
CA HIS C 260 20.40 -3.12 -16.49
C HIS C 260 20.44 -4.50 -17.13
N LYS C 261 21.22 -4.66 -18.20
CA LYS C 261 21.51 -5.99 -18.71
C LYS C 261 22.20 -6.83 -17.66
N LEU C 262 23.14 -6.23 -16.92
CA LEU C 262 23.87 -6.96 -15.88
C LEU C 262 22.94 -7.30 -14.71
N THR C 263 22.05 -6.38 -14.35
CA THR C 263 21.07 -6.69 -13.31
C THR C 263 20.15 -7.82 -13.76
N GLU C 264 19.75 -7.81 -15.03
CA GLU C 264 18.95 -8.91 -15.56
C GLU C 264 19.72 -10.23 -15.48
N ILE C 265 21.00 -10.21 -15.81
CA ILE C 265 21.82 -11.42 -15.73
C ILE C 265 21.85 -11.93 -14.30
N ALA C 266 22.09 -11.02 -13.35
CA ALA C 266 22.19 -11.42 -11.95
C ALA C 266 20.87 -11.96 -11.43
N MET C 267 19.75 -11.34 -11.80
CA MET C 267 18.44 -11.70 -11.31
C MET C 267 17.80 -12.84 -12.09
N GLY C 268 18.42 -13.29 -13.17
CA GLY C 268 17.88 -14.41 -13.92
C GLY C 268 17.75 -15.64 -13.06
N VAL C 269 16.54 -16.16 -12.91
CA VAL C 269 16.32 -17.33 -12.07
C VAL C 269 17.10 -18.53 -12.60
N ARG C 270 17.04 -18.75 -13.91
CA ARG C 270 17.71 -19.87 -14.53
C ARG C 270 19.11 -19.53 -15.03
N ASN C 271 19.58 -18.31 -14.75
CA ASN C 271 20.89 -17.90 -15.25
C ASN C 271 22.04 -18.55 -14.48
N PRO C 272 22.09 -18.48 -13.15
CA PRO C 272 23.32 -18.92 -12.46
C PRO C 272 23.64 -20.37 -12.73
N VAL C 273 24.93 -20.64 -12.93
CA VAL C 273 25.43 -21.99 -13.16
C VAL C 273 26.62 -22.18 -12.23
N MET C 274 26.90 -23.44 -11.88
CA MET C 274 28.08 -23.77 -11.09
C MET C 274 29.03 -24.55 -11.98
N LEU C 275 30.24 -24.04 -12.12
CA LEU C 275 31.31 -24.67 -12.85
C LEU C 275 32.19 -25.41 -11.86
N ILE C 276 32.35 -26.71 -12.08
CA ILE C 276 33.02 -27.61 -11.17
C ILE C 276 34.24 -28.18 -11.87
N ARG C 277 35.39 -28.14 -11.22
CA ARG C 277 36.60 -28.76 -11.73
C ARG C 277 36.72 -30.14 -11.10
N ILE C 278 36.35 -31.16 -11.89
CA ILE C 278 36.47 -32.54 -11.41
C ILE C 278 37.94 -32.88 -11.28
N LYS C 279 38.30 -33.48 -10.15
CA LYS C 279 39.68 -33.85 -9.92
C LYS C 279 40.12 -34.87 -10.97
N PRO C 280 41.29 -34.71 -11.58
CA PRO C 280 41.69 -35.65 -12.65
C PRO C 280 41.75 -37.09 -12.18
N ALA C 281 42.11 -37.32 -10.92
CA ALA C 281 42.12 -38.68 -10.39
C ALA C 281 40.72 -39.29 -10.44
N ASP C 282 39.70 -38.52 -10.10
CA ASP C 282 38.33 -39.00 -10.09
C ASP C 282 37.62 -38.82 -11.42
N MET C 283 38.30 -38.28 -12.43
CA MET C 283 37.68 -38.11 -13.74
C MET C 283 37.23 -39.45 -14.34
N HIS C 284 37.82 -40.56 -13.90
CA HIS C 284 37.45 -41.86 -14.46
C HIS C 284 36.15 -42.40 -13.87
N ARG C 285 35.66 -41.82 -12.78
CA ARG C 285 34.38 -42.23 -12.20
C ARG C 285 33.20 -41.51 -12.82
N VAL C 286 33.44 -40.62 -13.78
CA VAL C 286 32.37 -39.80 -14.35
C VAL C 286 31.54 -40.65 -15.29
N ILE C 287 30.23 -40.64 -15.10
CA ILE C 287 29.26 -41.17 -16.06
C ILE C 287 28.57 -39.97 -16.71
N LYS C 288 28.15 -40.14 -17.96
CA LYS C 288 27.67 -39.03 -18.76
C LYS C 288 26.28 -39.34 -19.30
N ARG C 289 25.48 -38.29 -19.48
CA ARG C 289 24.09 -38.43 -19.88
C ARG C 289 23.98 -38.52 -21.39
N LYS C 290 22.80 -38.96 -21.84
CA LYS C 290 22.53 -39.05 -23.28
C LYS C 290 22.51 -37.66 -23.89
N GLY C 291 23.39 -37.43 -24.86
CA GLY C 291 23.49 -36.13 -25.49
C GLY C 291 24.28 -35.11 -24.71
N GLN C 292 24.79 -35.47 -23.52
CA GLN C 292 25.60 -34.58 -22.71
C GLN C 292 27.02 -35.13 -22.54
N GLU C 293 27.45 -36.00 -23.44
CA GLU C 293 28.74 -36.67 -23.26
C GLU C 293 29.88 -35.72 -23.57
N SER C 294 29.73 -34.85 -24.57
CA SER C 294 30.75 -33.90 -24.95
C SER C 294 30.55 -32.54 -24.29
N PHE C 295 29.56 -32.41 -23.41
CA PHE C 295 29.30 -31.11 -22.79
C PHE C 295 30.47 -30.65 -21.94
N ASN C 296 31.07 -31.55 -21.17
CA ASN C 296 32.18 -31.18 -20.31
C ASN C 296 33.40 -30.80 -21.15
N PHE C 297 34.12 -29.78 -20.70
CA PHE C 297 35.37 -29.36 -21.32
C PHE C 297 36.50 -29.93 -20.48
N GLY C 298 37.11 -31.01 -20.96
CA GLY C 298 38.15 -31.67 -20.19
C GLY C 298 37.64 -32.12 -18.85
N GLU C 299 38.09 -31.46 -17.78
CA GLU C 299 37.65 -31.75 -16.42
C GLU C 299 36.77 -30.64 -15.86
N LEU C 300 36.09 -29.89 -16.72
CA LEU C 300 35.19 -28.83 -16.30
C LEU C 300 33.76 -29.24 -16.60
N PHE C 301 32.89 -29.19 -15.60
CA PHE C 301 31.49 -29.54 -15.75
C PHE C 301 30.63 -28.37 -15.28
N ALA C 302 29.73 -27.90 -16.13
CA ALA C 302 28.89 -26.75 -15.82
C ALA C 302 27.47 -27.25 -15.62
N TYR C 303 27.00 -27.25 -14.37
CA TYR C 303 25.65 -27.68 -14.04
C TYR C 303 24.85 -26.48 -13.55
N THR C 304 23.57 -26.43 -13.90
CA THR C 304 22.73 -25.37 -13.39
C THR C 304 22.69 -25.41 -11.87
N LYS C 305 22.76 -24.24 -11.25
CA LYS C 305 22.63 -24.17 -9.79
C LYS C 305 21.19 -24.40 -9.34
N VAL C 306 20.22 -24.01 -10.16
CA VAL C 306 18.82 -24.12 -9.74
C VAL C 306 18.50 -25.59 -9.53
N CYS C 307 18.08 -25.93 -8.30
CA CYS C 307 17.72 -27.30 -7.98
C CYS C 307 16.57 -27.75 -8.87
N SER C 308 16.65 -28.99 -9.33
CA SER C 308 15.61 -29.54 -10.20
C SER C 308 14.28 -29.67 -9.50
N HIS C 309 14.24 -29.56 -8.18
CA HIS C 309 13.00 -29.71 -7.40
C HIS C 309 12.76 -28.40 -6.65
N LEU C 310 11.85 -27.58 -7.17
CA LEU C 310 11.38 -26.32 -6.59
C LEU C 310 12.36 -25.19 -6.78
N GLY C 311 13.51 -25.41 -7.42
CA GLY C 311 14.25 -24.33 -8.04
C GLY C 311 15.18 -23.54 -7.13
N CYS C 312 15.34 -23.92 -5.87
CA CYS C 312 16.35 -23.28 -5.05
C CYS C 312 17.73 -23.56 -5.65
N PRO C 313 18.70 -22.66 -5.49
CA PRO C 313 20.05 -22.99 -5.91
C PRO C 313 20.58 -24.19 -5.15
N SER C 314 21.34 -25.03 -5.84
CA SER C 314 21.96 -26.21 -5.26
C SER C 314 23.40 -25.91 -4.87
N SER C 315 23.61 -24.70 -4.35
CA SER C 315 24.94 -24.11 -4.30
C SER C 315 25.93 -24.93 -3.48
N LEU C 316 25.48 -25.80 -2.57
CA LEU C 316 26.44 -26.50 -1.73
C LEU C 316 27.16 -27.52 -2.59
N TYR C 317 28.48 -27.59 -2.46
CA TYR C 317 29.28 -28.54 -3.23
C TYR C 317 30.23 -29.25 -2.29
N GLU C 318 30.25 -30.59 -2.37
CA GLU C 318 31.13 -31.42 -1.56
C GLU C 318 32.11 -32.10 -2.50
N GLN C 319 33.37 -31.68 -2.41
CA GLN C 319 34.46 -32.29 -3.17
C GLN C 319 34.99 -33.51 -2.43
N GLN C 320 35.57 -34.44 -3.20
CA GLN C 320 35.97 -35.77 -2.73
C GLN C 320 34.74 -36.62 -2.43
N THR C 321 33.56 -36.03 -2.50
CA THR C 321 32.30 -36.73 -2.60
C THR C 321 31.56 -36.36 -3.87
N TYR C 322 31.87 -35.21 -4.46
CA TYR C 322 31.24 -34.77 -5.70
C TYR C 322 29.73 -34.78 -5.57
N ARG C 323 29.24 -34.15 -4.51
CA ARG C 323 27.80 -34.09 -4.25
C ARG C 323 27.37 -32.63 -4.20
N ILE C 324 26.46 -32.26 -5.10
CA ILE C 324 25.88 -30.93 -5.13
C ILE C 324 24.63 -30.98 -4.26
N LEU C 325 24.68 -30.34 -3.11
CA LEU C 325 23.60 -30.36 -2.13
C LEU C 325 22.82 -29.05 -2.22
N CYS C 326 21.50 -29.18 -2.08
CA CYS C 326 20.59 -28.04 -2.10
C CYS C 326 20.15 -27.74 -0.68
N PRO C 327 20.28 -26.50 -0.19
CA PRO C 327 19.96 -26.25 1.22
C PRO C 327 18.47 -26.25 1.51
N CYS C 328 17.63 -25.94 0.52
CA CYS C 328 16.22 -25.75 0.79
C CYS C 328 15.57 -27.03 1.31
N HIS C 329 15.86 -28.17 0.68
CA HIS C 329 15.22 -29.42 1.08
C HIS C 329 16.18 -30.59 1.05
N GLN C 330 17.49 -30.36 1.16
CA GLN C 330 18.47 -31.41 1.39
C GLN C 330 18.38 -32.49 0.31
N SER C 331 18.65 -32.06 -0.93
CA SER C 331 18.74 -32.97 -2.06
C SER C 331 20.16 -32.94 -2.61
N GLN C 332 20.73 -34.12 -2.79
CA GLN C 332 22.10 -34.25 -3.29
C GLN C 332 22.07 -34.78 -4.72
N PHE C 333 22.92 -34.22 -5.57
CA PHE C 333 23.09 -34.67 -6.94
C PHE C 333 24.53 -35.11 -7.14
N ASP C 334 24.70 -36.27 -7.79
CA ASP C 334 26.03 -36.82 -8.00
C ASP C 334 26.68 -36.12 -9.18
N ALA C 335 27.58 -35.17 -8.89
CA ALA C 335 28.24 -34.44 -9.96
C ALA C 335 29.13 -35.34 -10.81
N LEU C 336 29.69 -36.40 -10.22
CA LEU C 336 30.52 -37.31 -11.00
C LEU C 336 29.74 -37.88 -12.18
N GLU C 337 28.69 -38.65 -11.89
CA GLU C 337 27.71 -38.93 -12.92
C GLU C 337 27.07 -37.61 -13.35
N PHE C 338 26.31 -37.67 -14.44
CA PHE C 338 25.42 -36.55 -14.71
C PHE C 338 24.68 -36.22 -13.42
N ALA C 339 24.41 -34.95 -13.20
CA ALA C 339 24.07 -34.52 -11.84
C ALA C 339 22.71 -35.09 -11.45
N LYS C 340 22.65 -36.40 -11.33
CA LYS C 340 21.40 -37.08 -11.01
C LYS C 340 21.18 -37.06 -9.51
N PRO C 341 19.93 -36.91 -9.05
CA PRO C 341 19.70 -36.87 -7.60
C PRO C 341 19.88 -38.24 -6.96
N ILE C 342 20.80 -38.33 -6.00
CA ILE C 342 21.01 -39.55 -5.24
C ILE C 342 20.52 -39.41 -3.80
N PHE C 343 19.69 -38.39 -3.53
CA PHE C 343 19.04 -38.24 -2.23
C PHE C 343 18.09 -37.07 -2.30
N GLY C 344 17.13 -37.04 -1.37
CA GLY C 344 16.28 -35.90 -1.20
C GLY C 344 15.13 -35.85 -2.17
N PRO C 345 14.32 -34.79 -2.08
CA PRO C 345 13.12 -34.72 -2.91
C PRO C 345 13.37 -34.70 -4.42
N ALA C 346 14.52 -34.19 -4.87
CA ALA C 346 14.73 -34.02 -6.29
C ALA C 346 14.72 -35.36 -7.00
N ALA C 347 14.07 -35.41 -8.17
CA ALA C 347 14.00 -36.61 -8.98
C ALA C 347 14.57 -36.45 -10.37
N ARG C 348 14.89 -35.24 -10.80
CA ARG C 348 15.46 -34.98 -12.11
C ARG C 348 16.87 -34.42 -11.96
N ALA C 349 17.77 -34.87 -12.84
CA ALA C 349 19.14 -34.42 -12.81
C ALA C 349 19.22 -32.93 -13.17
N LEU C 350 20.22 -32.26 -12.62
CA LEU C 350 20.46 -30.86 -12.96
C LEU C 350 20.90 -30.76 -14.42
N ALA C 351 20.39 -29.75 -15.12
CA ALA C 351 20.74 -29.56 -16.52
C ALA C 351 22.22 -29.22 -16.65
N GLN C 352 22.88 -29.79 -17.64
CA GLN C 352 24.30 -29.60 -17.86
C GLN C 352 24.54 -28.63 -19.01
N LEU C 353 25.26 -27.57 -18.75
CA LEU C 353 25.56 -26.56 -19.76
C LEU C 353 26.74 -27.01 -20.60
N PRO C 354 26.64 -27.07 -21.93
CA PRO C 354 27.83 -27.29 -22.74
C PRO C 354 28.81 -26.14 -22.55
N ILE C 355 30.09 -26.47 -22.39
CA ILE C 355 31.11 -25.46 -22.19
C ILE C 355 32.33 -25.79 -23.05
N THR C 356 33.12 -24.75 -23.29
CA THR C 356 34.34 -24.85 -24.08
C THR C 356 35.12 -23.57 -23.86
N ILE C 357 36.20 -23.38 -24.63
CA ILE C 357 36.99 -22.17 -24.60
C ILE C 357 37.02 -21.58 -26.00
N ASP C 358 36.76 -20.28 -26.09
CA ASP C 358 36.85 -19.57 -27.37
C ASP C 358 38.32 -19.19 -27.59
N GLU C 359 38.56 -18.32 -28.57
CA GLU C 359 39.88 -17.74 -28.72
C GLU C 359 40.23 -16.96 -27.46
N ASP C 360 41.51 -16.98 -27.09
CA ASP C 360 42.07 -16.39 -25.88
C ASP C 360 41.84 -17.28 -24.68
N GLY C 361 41.14 -18.41 -24.82
CA GLY C 361 41.00 -19.36 -23.74
C GLY C 361 39.85 -19.09 -22.78
N TYR C 362 39.12 -18.00 -22.96
CA TYR C 362 38.02 -17.69 -22.05
C TYR C 362 36.92 -18.73 -22.18
N LEU C 363 36.36 -19.12 -21.04
CA LEU C 363 35.31 -20.13 -21.02
C LEU C 363 34.02 -19.55 -21.61
N VAL C 364 33.42 -20.29 -22.53
CA VAL C 364 32.16 -19.88 -23.16
C VAL C 364 31.28 -21.10 -23.28
N ALA C 365 29.97 -20.90 -23.10
CA ALA C 365 29.03 -21.98 -23.29
C ALA C 365 29.06 -22.44 -24.74
N ASN C 366 29.15 -23.76 -24.93
CA ASN C 366 29.18 -24.35 -26.26
C ASN C 366 27.78 -24.65 -26.78
N GLY C 367 26.78 -23.95 -26.29
CA GLY C 367 25.41 -24.18 -26.69
C GLY C 367 24.47 -23.78 -25.57
N ASP C 368 23.30 -24.40 -25.57
CA ASP C 368 22.29 -24.19 -24.55
C ASP C 368 21.91 -25.52 -23.91
N PHE C 369 21.29 -25.43 -22.74
CA PHE C 369 20.80 -26.63 -22.08
C PHE C 369 19.89 -27.41 -23.02
N VAL C 370 20.12 -28.72 -23.12
CA VAL C 370 19.28 -29.56 -23.96
C VAL C 370 17.93 -29.86 -23.33
N GLU C 371 17.66 -29.32 -22.15
CA GLU C 371 16.39 -29.51 -21.48
C GLU C 371 16.06 -28.23 -20.72
N PRO C 372 14.79 -28.00 -20.38
CA PRO C 372 14.48 -26.87 -19.49
C PRO C 372 15.19 -27.07 -18.16
N VAL C 373 15.66 -25.96 -17.59
CA VAL C 373 16.67 -26.00 -16.55
C VAL C 373 16.06 -25.79 -15.17
N GLY C 374 15.03 -24.96 -15.05
CA GLY C 374 14.41 -24.70 -13.77
C GLY C 374 13.74 -25.94 -13.20
N PRO C 375 12.91 -25.76 -12.18
CA PRO C 375 12.11 -26.89 -11.69
C PRO C 375 11.08 -27.33 -12.71
N ALA C 376 10.66 -28.58 -12.59
CA ALA C 376 9.77 -29.17 -13.59
C ALA C 376 8.36 -28.60 -13.47
N PHE C 377 7.58 -28.84 -14.51
CA PHE C 377 6.20 -28.39 -14.59
C PHE C 377 5.46 -29.31 -15.54
N TRP C 378 4.16 -29.06 -15.70
CA TRP C 378 3.30 -29.97 -16.46
C TRP C 378 3.82 -30.18 -17.87
N GLU C 379 4.20 -29.09 -18.55
CA GLU C 379 4.60 -29.15 -19.95
C GLU C 379 6.11 -29.33 -19.99
N ARG C 380 6.54 -30.58 -19.82
CA ARG C 380 7.97 -30.88 -19.75
C ARG C 380 8.19 -32.30 -20.23
N LYS C 381 9.44 -32.59 -20.60
CA LYS C 381 9.85 -33.92 -21.05
C LYS C 381 9.22 -34.25 -22.41
N SER C 382 9.18 -33.27 -23.30
CA SER C 382 8.66 -33.47 -24.64
C SER C 382 9.02 -32.30 -25.54
N MET D 1 -16.08 -38.27 54.35
CA MET D 1 -15.49 -36.92 54.57
C MET D 1 -16.01 -36.30 55.86
N THR D 2 -16.50 -37.14 56.78
CA THR D 2 -17.10 -36.66 58.01
C THR D 2 -16.19 -35.62 58.66
N SER D 3 -15.01 -36.04 59.11
CA SER D 3 -13.92 -35.12 59.41
C SER D 3 -12.71 -35.41 58.54
N ALA D 4 -12.16 -36.62 58.63
CA ALA D 4 -11.08 -37.08 57.75
C ALA D 4 -10.76 -38.53 58.12
N VAL D 5 -10.39 -39.35 57.14
CA VAL D 5 -9.95 -40.70 57.45
C VAL D 5 -8.53 -40.67 58.00
N GLY D 6 -7.72 -39.71 57.56
CA GLY D 6 -6.41 -39.50 58.12
C GLY D 6 -6.39 -38.34 59.09
N THR D 7 -6.35 -38.65 60.39
CA THR D 7 -6.46 -37.62 61.44
C THR D 7 -5.14 -36.83 61.51
N SER D 8 -4.94 -36.00 60.50
CA SER D 8 -3.76 -35.15 60.41
C SER D 8 -4.15 -33.77 59.91
N GLY D 9 -3.56 -32.75 60.52
CA GLY D 9 -3.79 -31.37 60.08
C GLY D 9 -2.89 -30.92 58.95
N THR D 10 -2.02 -31.78 58.45
CA THR D 10 -1.13 -31.46 57.35
C THR D 10 -1.18 -32.59 56.33
N ALA D 11 -1.44 -32.24 55.07
CA ALA D 11 -1.43 -33.24 54.01
C ALA D 11 -0.09 -33.96 53.95
N ILE D 12 0.98 -33.26 54.33
CA ILE D 12 2.33 -33.81 54.38
C ILE D 12 2.90 -33.54 55.76
N THR D 13 3.44 -34.58 56.39
CA THR D 13 3.97 -34.50 57.74
C THR D 13 5.37 -35.09 57.76
N SER D 14 5.99 -35.08 58.94
CA SER D 14 7.30 -35.69 59.09
C SER D 14 7.24 -37.16 58.68
N ARG D 15 8.27 -37.61 57.98
CA ARG D 15 8.25 -38.97 57.44
C ARG D 15 8.37 -40.03 58.53
N VAL D 16 8.86 -39.65 59.72
CA VAL D 16 8.73 -40.47 60.93
C VAL D 16 8.74 -39.51 62.11
N HIS D 17 8.08 -39.93 63.19
CA HIS D 17 8.06 -39.12 64.40
C HIS D 17 9.47 -38.97 64.94
N SER D 18 10.05 -37.76 64.80
CA SER D 18 11.47 -37.57 65.04
C SER D 18 11.83 -37.54 66.52
N LEU D 19 10.86 -37.35 67.42
CA LEU D 19 11.19 -37.29 68.84
C LEU D 19 11.80 -38.60 69.32
N ASN D 20 11.21 -39.73 68.92
CA ASN D 20 11.71 -41.05 69.30
C ASN D 20 12.52 -41.73 68.22
N ARG D 21 12.44 -41.26 66.98
CA ARG D 21 13.01 -41.92 65.83
C ARG D 21 13.92 -40.95 65.09
N PRO D 22 14.87 -41.46 64.29
CA PRO D 22 15.67 -40.58 63.46
C PRO D 22 14.82 -39.91 62.38
N ASN D 23 15.23 -38.71 62.01
CA ASN D 23 14.57 -37.98 60.93
C ASN D 23 15.11 -38.52 59.61
N MET D 24 14.25 -39.17 58.83
CA MET D 24 14.69 -39.77 57.57
C MET D 24 15.25 -38.72 56.63
N VAL D 25 14.60 -37.56 56.55
CA VAL D 25 15.07 -36.52 55.64
C VAL D 25 16.46 -36.08 56.04
N SER D 26 16.69 -35.89 57.35
CA SER D 26 18.01 -35.50 57.83
C SER D 26 19.04 -36.58 57.53
N VAL D 27 18.68 -37.85 57.75
CA VAL D 27 19.63 -38.93 57.49
C VAL D 27 20.02 -38.97 56.02
N GLY D 28 19.02 -38.89 55.14
CA GLY D 28 19.32 -38.89 53.72
C GLY D 28 20.16 -37.70 53.30
N THR D 29 19.85 -36.51 53.83
CA THR D 29 20.64 -35.34 53.51
C THR D 29 22.07 -35.50 53.97
N ILE D 30 22.27 -36.03 55.19
CA ILE D 30 23.63 -36.20 55.69
C ILE D 30 24.40 -37.17 54.81
N VAL D 31 23.76 -38.27 54.40
CA VAL D 31 24.45 -39.23 53.54
C VAL D 31 24.81 -38.59 52.21
N TRP D 32 23.87 -37.85 51.62
CA TRP D 32 24.15 -37.24 50.32
C TRP D 32 25.26 -36.19 50.43
N LEU D 33 25.29 -35.45 51.54
CA LEU D 33 26.36 -34.49 51.75
C LEU D 33 27.69 -35.21 51.90
N SER D 34 27.69 -36.36 52.57
CA SER D 34 28.91 -37.15 52.67
C SER D 34 29.38 -37.61 51.29
N SER D 35 28.45 -37.80 50.35
CA SER D 35 28.83 -38.12 48.97
C SER D 35 29.39 -36.90 48.24
N GLU D 36 28.74 -35.74 48.42
CA GLU D 36 29.26 -34.52 47.82
C GLU D 36 30.65 -34.21 48.33
N LEU D 37 30.95 -34.65 49.56
CA LEU D 37 32.31 -34.54 50.06
C LEU D 37 33.28 -35.30 49.17
N MET D 38 32.88 -36.47 48.67
CA MET D 38 33.75 -37.22 47.77
C MET D 38 33.84 -36.58 46.39
N PHE D 39 32.76 -35.96 45.93
CA PHE D 39 32.86 -35.17 44.70
C PHE D 39 33.95 -34.10 44.84
N PHE D 40 33.85 -33.30 45.91
CA PHE D 40 34.89 -32.31 46.16
C PHE D 40 36.23 -32.97 46.43
N ALA D 41 36.24 -34.22 46.86
CA ALA D 41 37.51 -34.94 47.01
C ALA D 41 38.16 -35.17 45.66
N GLY D 42 37.36 -35.54 44.66
CA GLY D 42 37.90 -35.64 43.31
C GLY D 42 38.47 -34.32 42.84
N LEU D 43 37.74 -33.22 43.08
CA LEU D 43 38.25 -31.90 42.70
C LEU D 43 39.55 -31.58 43.43
N PHE D 44 39.61 -31.89 44.74
CA PHE D 44 40.82 -31.66 45.51
C PHE D 44 41.98 -32.48 44.98
N ALA D 45 41.71 -33.72 44.57
CA ALA D 45 42.77 -34.56 44.00
C ALA D 45 43.32 -33.92 42.74
N MET D 46 42.44 -33.43 41.87
CA MET D 46 42.91 -32.71 40.68
C MET D 46 43.82 -31.56 41.07
N TYR D 47 43.36 -30.72 42.00
CA TYR D 47 44.14 -29.54 42.39
C TYR D 47 45.49 -29.95 42.98
N PHE D 48 45.50 -30.97 43.84
CA PHE D 48 46.73 -31.35 44.51
C PHE D 48 47.72 -31.99 43.55
N THR D 49 47.23 -32.74 42.56
CA THR D 49 48.12 -33.28 41.54
C THR D 49 48.77 -32.15 40.75
N ALA D 50 47.97 -31.14 40.36
CA ALA D 50 48.55 -30.00 39.66
C ALA D 50 49.58 -29.29 40.53
N ARG D 51 49.26 -29.11 41.81
CA ARG D 51 50.19 -28.47 42.74
C ARG D 51 51.50 -29.25 42.83
N ALA D 52 51.41 -30.58 42.94
CA ALA D 52 52.61 -31.39 43.04
C ALA D 52 53.46 -31.29 41.79
N GLN D 53 52.82 -31.29 40.62
CA GLN D 53 53.56 -31.24 39.37
C GLN D 53 54.02 -29.83 39.02
N ALA D 54 53.58 -28.81 39.74
CA ALA D 54 54.10 -27.47 39.53
C ALA D 54 55.58 -27.41 39.87
N GLY D 55 56.31 -26.57 39.14
CA GLY D 55 57.75 -26.47 39.30
C GLY D 55 58.17 -25.45 40.33
N GLY D 56 57.71 -25.63 41.57
CA GLY D 56 58.10 -24.77 42.67
C GLY D 56 57.21 -23.57 42.89
N ALA D 57 56.95 -22.76 41.86
CA ALA D 57 56.10 -21.59 41.97
C ALA D 57 54.68 -22.06 41.64
N TRP D 58 53.96 -22.51 42.66
CA TRP D 58 52.66 -23.14 42.41
C TRP D 58 51.69 -22.19 41.74
N PRO D 59 51.41 -21.01 42.26
CA PRO D 59 50.65 -20.02 41.49
C PRO D 59 51.55 -19.37 40.46
N PRO D 60 51.36 -19.65 39.15
CA PRO D 60 52.29 -19.11 38.15
C PRO D 60 52.49 -17.61 38.28
N GLU D 61 53.50 -17.09 37.61
CA GLU D 61 53.79 -15.65 37.67
C GLU D 61 52.58 -14.78 37.31
N PRO D 62 51.85 -15.04 36.21
CA PRO D 62 50.71 -14.17 35.90
C PRO D 62 49.65 -14.11 36.99
N THR D 63 49.41 -15.23 37.68
CA THR D 63 48.35 -15.30 38.68
C THR D 63 48.81 -14.74 40.01
N GLU D 64 47.91 -14.08 40.72
CA GLU D 64 48.20 -13.55 42.05
C GLU D 64 46.89 -13.49 42.82
N LEU D 65 46.78 -14.30 43.86
CA LEU D 65 45.55 -14.37 44.63
C LEU D 65 45.31 -13.06 45.37
N ASN D 66 44.04 -12.69 45.51
CA ASN D 66 43.63 -11.44 46.13
C ASN D 66 43.00 -11.77 47.48
N LEU D 67 43.83 -11.88 48.51
CA LEU D 67 43.32 -12.12 49.85
C LEU D 67 42.39 -11.00 50.30
N ALA D 68 42.64 -9.77 49.84
CA ALA D 68 41.78 -8.65 50.22
C ALA D 68 40.32 -8.93 49.90
N LEU D 69 40.06 -9.65 48.81
CA LEU D 69 38.71 -10.01 48.42
C LEU D 69 38.34 -11.44 48.81
N ALA D 70 39.32 -12.28 49.14
CA ALA D 70 39.04 -13.65 49.51
C ALA D 70 38.76 -13.84 51.00
N VAL D 71 39.23 -12.92 51.84
CA VAL D 71 38.99 -13.02 53.29
C VAL D 71 37.58 -12.50 53.59
N PRO D 72 37.17 -11.35 53.04
CA PRO D 72 35.79 -10.90 53.30
C PRO D 72 34.75 -11.92 52.88
N VAL D 73 34.94 -12.60 51.75
CA VAL D 73 33.92 -13.51 51.26
C VAL D 73 33.81 -14.73 52.14
N THR D 74 34.94 -15.29 52.58
CA THR D 74 34.88 -16.44 53.48
C THR D 74 34.31 -16.04 54.85
N LEU D 75 34.65 -14.84 55.33
CA LEU D 75 34.04 -14.37 56.56
C LEU D 75 32.53 -14.24 56.40
N VAL D 76 32.08 -13.73 55.25
CA VAL D 76 30.65 -13.60 55.00
C VAL D 76 29.99 -14.97 54.93
N LEU D 77 30.68 -15.96 54.37
CA LEU D 77 30.11 -17.31 54.33
C LEU D 77 29.99 -17.90 55.73
N ILE D 78 30.98 -17.67 56.58
CA ILE D 78 30.88 -18.12 57.97
C ILE D 78 29.70 -17.44 58.66
N ALA D 79 29.55 -16.13 58.44
CA ALA D 79 28.41 -15.42 59.00
C ALA D 79 27.10 -15.99 58.48
N SER D 80 27.06 -16.36 57.20
CA SER D 80 25.87 -16.96 56.62
C SER D 80 25.56 -18.29 57.30
N SER D 81 26.58 -19.08 57.60
CA SER D 81 26.36 -20.32 58.32
C SER D 81 25.79 -20.07 59.71
N PHE D 82 26.32 -19.05 60.40
CA PHE D 82 25.79 -18.73 61.72
C PHE D 82 24.33 -18.31 61.65
N THR D 83 24.00 -17.44 60.69
CA THR D 83 22.60 -17.02 60.54
C THR D 83 21.71 -18.18 60.13
N CYS D 84 22.23 -19.10 59.32
CA CYS D 84 21.46 -20.27 58.94
C CYS D 84 21.17 -21.13 60.16
N GLN D 85 22.14 -21.27 61.07
CA GLN D 85 21.90 -22.02 62.28
C GLN D 85 20.88 -21.32 63.16
N MET D 86 20.91 -19.99 63.21
CA MET D 86 19.87 -19.27 63.94
C MET D 86 18.50 -19.52 63.33
N GLY D 87 18.41 -19.52 62.00
CA GLY D 87 17.16 -19.88 61.34
C GLY D 87 16.75 -21.31 61.64
N VAL D 88 17.72 -22.21 61.78
CA VAL D 88 17.41 -23.58 62.18
C VAL D 88 16.78 -23.60 63.56
N PHE D 89 17.32 -22.81 64.48
CA PHE D 89 16.73 -22.73 65.81
C PHE D 89 15.30 -22.20 65.72
N ALA D 90 15.08 -21.18 64.90
CA ALA D 90 13.72 -20.68 64.70
C ALA D 90 12.80 -21.77 64.17
N ALA D 91 13.29 -22.56 63.21
CA ALA D 91 12.49 -23.65 62.64
C ALA D 91 12.22 -24.73 63.67
N GLU D 92 13.18 -25.03 64.53
CA GLU D 92 12.94 -25.96 65.63
C GLU D 92 11.83 -25.45 66.52
N ARG D 93 11.84 -24.14 66.82
CA ARG D 93 10.64 -23.52 67.34
C ARG D 93 9.62 -23.38 66.22
N GLY D 94 8.45 -22.84 66.56
CA GLY D 94 7.42 -22.62 65.58
C GLY D 94 7.57 -21.29 64.86
N ASP D 95 8.72 -20.65 65.04
CA ASP D 95 8.91 -19.29 64.55
C ASP D 95 9.04 -19.28 63.04
N VAL D 96 7.90 -19.27 62.34
CA VAL D 96 7.92 -19.26 60.88
C VAL D 96 8.65 -18.03 60.37
N PHE D 97 8.28 -16.87 60.90
CA PHE D 97 8.81 -15.61 60.41
C PHE D 97 10.24 -15.39 60.87
N GLY D 98 10.61 -15.88 62.05
CA GLY D 98 12.01 -15.85 62.45
C GLY D 98 12.86 -16.69 61.53
N LEU D 99 12.40 -17.89 61.20
CA LEU D 99 13.12 -18.72 60.23
C LEU D 99 13.23 -17.99 58.90
N ARG D 100 12.14 -17.36 58.47
CA ARG D 100 12.17 -16.66 57.19
C ARG D 100 13.19 -15.52 57.21
N ARG D 101 13.22 -14.74 58.29
CA ARG D 101 14.19 -13.65 58.39
C ARG D 101 15.61 -14.18 58.34
N TRP D 102 15.90 -15.20 59.17
CA TRP D 102 17.25 -15.72 59.23
C TRP D 102 17.68 -16.30 57.89
N TYR D 103 16.80 -17.05 57.23
CA TYR D 103 17.15 -17.63 55.94
C TYR D 103 17.24 -16.58 54.85
N VAL D 104 16.47 -15.50 54.95
CA VAL D 104 16.59 -14.44 53.96
C VAL D 104 17.93 -13.75 54.08
N ILE D 105 18.36 -13.43 55.31
CA ILE D 105 19.67 -12.80 55.45
C ILE D 105 20.77 -13.78 55.06
N THR D 106 20.58 -15.07 55.35
CA THR D 106 21.55 -16.07 54.89
C THR D 106 21.62 -16.11 53.38
N PHE D 107 20.48 -16.05 52.70
CA PHE D 107 20.47 -16.04 51.24
C PHE D 107 21.14 -14.79 50.70
N LEU D 108 20.89 -13.64 51.33
CA LEU D 108 21.53 -12.40 50.89
C LEU D 108 23.04 -12.48 51.03
N MET D 109 23.52 -13.01 52.16
CA MET D 109 24.97 -13.11 52.35
C MET D 109 25.59 -14.15 51.43
N GLY D 110 24.87 -15.25 51.14
CA GLY D 110 25.37 -16.21 50.18
C GLY D 110 25.44 -15.63 48.78
N LEU D 111 24.44 -14.82 48.41
CA LEU D 111 24.49 -14.14 47.13
C LEU D 111 25.65 -13.14 47.09
N PHE D 112 25.90 -12.46 48.20
CA PHE D 112 27.07 -11.58 48.26
C PHE D 112 28.36 -12.37 48.08
N PHE D 113 28.44 -13.56 48.69
CA PHE D 113 29.61 -14.41 48.50
C PHE D 113 29.77 -14.81 47.04
N VAL D 114 28.67 -15.18 46.39
CA VAL D 114 28.73 -15.56 44.98
C VAL D 114 29.19 -14.39 44.13
N LEU D 115 28.65 -13.20 44.41
CA LEU D 115 29.05 -12.02 43.64
C LEU D 115 30.51 -11.67 43.88
N GLY D 116 31.00 -11.82 45.12
CA GLY D 116 32.41 -11.59 45.38
C GLY D 116 33.30 -12.58 44.66
N GLN D 117 32.89 -13.85 44.64
CA GLN D 117 33.63 -14.85 43.88
C GLN D 117 33.65 -14.51 42.40
N GLY D 118 32.51 -14.05 41.87
CA GLY D 118 32.48 -13.64 40.48
C GLY D 118 33.37 -12.44 40.20
N TYR D 119 33.40 -11.49 41.13
CA TYR D 119 34.29 -10.34 40.97
C TYR D 119 35.75 -10.77 40.97
N GLU D 120 36.12 -11.67 41.88
CA GLU D 120 37.49 -12.17 41.89
C GLU D 120 37.79 -12.95 40.62
N TYR D 121 36.80 -13.69 40.11
CA TYR D 121 36.98 -14.38 38.83
C TYR D 121 37.26 -13.39 37.72
N ILE D 122 36.49 -12.31 37.65
CA ILE D 122 36.68 -11.31 36.60
C ILE D 122 38.06 -10.68 36.72
N HIS D 123 38.46 -10.33 37.94
CA HIS D 123 39.77 -9.73 38.14
C HIS D 123 40.88 -10.69 37.73
N LEU D 124 40.76 -11.96 38.12
CA LEU D 124 41.77 -12.95 37.78
C LEU D 124 41.85 -13.16 36.27
N VAL D 125 40.70 -13.26 35.61
CA VAL D 125 40.69 -13.45 34.17
C VAL D 125 41.33 -12.25 33.47
N GLU D 126 41.01 -11.05 33.94
CA GLU D 126 41.64 -9.85 33.37
C GLU D 126 43.15 -9.91 33.53
N HIS D 127 43.62 -10.33 34.71
CA HIS D 127 45.05 -10.43 34.96
C HIS D 127 45.60 -11.81 34.57
N GLY D 128 45.33 -12.21 33.34
CA GLY D 128 46.01 -13.36 32.76
C GLY D 128 45.38 -14.71 33.04
N THR D 129 45.41 -15.14 34.30
CA THR D 129 45.07 -16.51 34.64
C THR D 129 43.67 -16.86 34.13
N THR D 130 43.55 -18.02 33.50
CA THR D 130 42.32 -18.46 32.87
C THR D 130 42.27 -19.99 32.92
N ILE D 131 41.08 -20.54 32.73
CA ILE D 131 40.94 -21.99 32.74
C ILE D 131 41.86 -22.56 31.67
N PRO D 132 41.67 -22.25 30.38
CA PRO D 132 42.64 -22.70 29.38
C PRO D 132 44.02 -22.08 29.54
N GLY D 133 44.12 -20.96 30.25
CA GLY D 133 45.39 -20.25 30.35
C GLY D 133 46.48 -21.01 31.05
N SER D 134 46.17 -21.68 32.16
CA SER D 134 47.19 -22.37 32.93
C SER D 134 46.55 -23.51 33.70
N ALA D 135 47.39 -24.48 34.09
CA ALA D 135 46.91 -25.58 34.92
C ALA D 135 46.45 -25.08 36.28
N TYR D 136 47.21 -24.17 36.89
CA TYR D 136 46.76 -23.60 38.15
C TYR D 136 45.42 -22.91 37.97
N GLY D 137 45.31 -22.07 36.95
CA GLY D 137 44.05 -21.38 36.70
C GLY D 137 42.91 -22.37 36.54
N SER D 138 43.14 -23.45 35.81
CA SER D 138 42.07 -24.38 35.51
C SER D 138 41.64 -25.15 36.74
N VAL D 139 42.60 -25.68 37.51
CA VAL D 139 42.23 -26.43 38.71
C VAL D 139 41.58 -25.52 39.73
N PHE D 140 42.13 -24.32 39.91
CA PHE D 140 41.55 -23.35 40.84
C PHE D 140 40.12 -23.02 40.44
N TYR D 141 39.90 -22.74 39.15
CA TYR D 141 38.57 -22.40 38.69
C TYR D 141 37.62 -23.57 38.82
N LEU D 142 38.06 -24.78 38.46
CA LEU D 142 37.19 -25.94 38.62
C LEU D 142 36.76 -26.09 40.06
N ALA D 143 37.72 -26.13 40.99
CA ALA D 143 37.38 -26.31 42.40
C ALA D 143 36.46 -25.20 42.88
N THR D 144 36.90 -23.95 42.78
CA THR D 144 36.17 -22.86 43.40
C THR D 144 34.85 -22.59 42.69
N GLY D 145 34.79 -22.80 41.36
CA GLY D 145 33.56 -22.59 40.64
C GLY D 145 32.55 -23.71 40.80
N PHE D 146 33.01 -24.94 40.98
CA PHE D 146 32.07 -25.99 41.36
C PHE D 146 31.52 -25.75 42.75
N HIS D 147 32.37 -25.25 43.66
CA HIS D 147 31.84 -24.82 44.95
C HIS D 147 30.84 -23.68 44.77
N GLY D 148 31.11 -22.76 43.85
CA GLY D 148 30.19 -21.68 43.61
C GLY D 148 28.86 -22.16 43.04
N LEU D 149 28.91 -23.18 42.19
CA LEU D 149 27.69 -23.80 41.70
C LEU D 149 26.92 -24.45 42.85
N HIS D 150 27.64 -25.08 43.78
CA HIS D 150 26.98 -25.64 44.95
C HIS D 150 26.35 -24.55 45.81
N VAL D 151 27.04 -23.41 45.93
CA VAL D 151 26.48 -22.28 46.67
C VAL D 151 25.23 -21.75 45.99
N ILE D 152 25.24 -21.70 44.66
CA ILE D 152 24.06 -21.28 43.91
C ILE D 152 22.93 -22.26 44.13
N GLY D 153 23.24 -23.55 44.15
CA GLY D 153 22.23 -24.55 44.47
C GLY D 153 21.66 -24.36 45.87
N GLY D 154 22.52 -24.01 46.81
CA GLY D 154 22.04 -23.72 48.16
C GLY D 154 21.15 -22.49 48.20
N LEU D 155 21.49 -21.47 47.42
CA LEU D 155 20.64 -20.28 47.32
C LEU D 155 19.28 -20.65 46.74
N VAL D 156 19.27 -21.48 45.69
CA VAL D 156 18.02 -21.93 45.10
C VAL D 156 17.21 -22.71 46.13
N ALA D 157 17.88 -23.58 46.89
CA ALA D 157 17.18 -24.32 47.94
C ALA D 157 16.60 -23.38 48.97
N PHE D 158 17.34 -22.32 49.34
CA PHE D 158 16.83 -21.37 50.31
C PHE D 158 15.56 -20.70 49.82
N VAL D 159 15.60 -20.14 48.61
CA VAL D 159 14.44 -19.43 48.09
C VAL D 159 13.27 -20.40 47.92
N LEU D 160 13.56 -21.64 47.50
CA LEU D 160 12.51 -22.62 47.28
C LEU D 160 11.86 -23.02 48.60
N LEU D 161 12.66 -23.23 49.64
CA LEU D 161 12.11 -23.53 50.96
C LEU D 161 11.29 -22.36 51.49
N LEU D 162 11.76 -21.13 51.27
CA LEU D 162 11.01 -19.97 51.72
C LEU D 162 9.66 -19.89 51.01
N ALA D 163 9.64 -20.19 49.71
CA ALA D 163 8.36 -20.24 48.99
C ALA D 163 7.46 -21.31 49.57
N ARG D 164 8.03 -22.47 49.91
CA ARG D 164 7.23 -23.54 50.51
C ARG D 164 6.61 -23.09 51.83
N THR D 165 7.41 -22.43 52.68
CA THR D 165 6.89 -21.94 53.95
C THR D 165 5.80 -20.91 53.72
N LYS D 166 5.95 -20.08 52.70
CA LYS D 166 4.90 -19.13 52.36
C LYS D 166 3.61 -19.85 51.99
N MET D 167 3.70 -20.89 51.17
CA MET D 167 2.50 -21.47 50.59
C MET D 167 1.80 -22.47 51.51
N SER D 168 2.49 -23.05 52.49
CA SER D 168 1.84 -23.99 53.39
C SER D 168 2.18 -23.65 54.82
N LYS D 169 1.33 -24.10 55.74
CA LYS D 169 1.53 -23.79 57.15
C LYS D 169 2.76 -24.51 57.69
N PHE D 170 3.43 -23.86 58.63
CA PHE D 170 4.63 -24.43 59.21
C PHE D 170 4.29 -25.67 60.02
N THR D 171 5.04 -26.73 59.79
CA THR D 171 4.84 -28.00 60.47
C THR D 171 6.20 -28.65 60.70
N PRO D 172 6.27 -29.76 61.43
CA PRO D 172 7.55 -30.46 61.54
C PRO D 172 8.15 -30.83 60.20
N ALA D 173 7.32 -31.06 59.18
CA ALA D 173 7.85 -31.33 57.86
C ALA D 173 8.68 -30.16 57.33
N GLN D 174 8.13 -28.95 57.39
CA GLN D 174 8.88 -27.79 56.92
C GLN D 174 10.04 -27.47 57.84
N ALA D 175 9.90 -27.71 59.14
CA ALA D 175 11.03 -27.54 60.04
C ALA D 175 12.18 -28.45 59.65
N THR D 176 11.88 -29.71 59.34
CA THR D 176 12.92 -30.65 58.92
C THR D 176 13.51 -30.23 57.57
N ALA D 177 12.67 -29.73 56.67
CA ALA D 177 13.18 -29.25 55.39
C ALA D 177 14.17 -28.12 55.59
N ALA D 178 13.85 -27.17 56.47
CA ALA D 178 14.78 -26.11 56.80
C ALA D 178 16.05 -26.67 57.41
N ILE D 179 15.91 -27.67 58.29
CA ILE D 179 17.07 -28.26 58.94
C ILE D 179 18.02 -28.87 57.91
N VAL D 180 17.47 -29.60 56.93
CA VAL D 180 18.33 -30.26 55.95
C VAL D 180 18.93 -29.23 54.99
N VAL D 181 18.18 -28.19 54.64
CA VAL D 181 18.76 -27.12 53.83
C VAL D 181 19.92 -26.49 54.57
N SER D 182 19.79 -26.31 55.89
CA SER D 182 20.87 -25.78 56.68
C SER D 182 22.05 -26.74 56.74
N TYR D 183 21.78 -28.05 56.79
CA TYR D 183 22.85 -29.02 56.70
C TYR D 183 23.64 -28.84 55.41
N TYR D 184 22.93 -28.66 54.30
CA TYR D 184 23.60 -28.44 53.03
C TYR D 184 24.44 -27.16 53.08
N TRP D 185 23.89 -26.09 53.64
CA TRP D 185 24.63 -24.83 53.70
C TRP D 185 25.88 -24.97 54.57
N HIS D 186 25.77 -25.67 55.69
CA HIS D 186 26.92 -25.88 56.56
C HIS D 186 27.97 -26.71 55.85
N PHE D 187 27.56 -27.75 55.12
CA PHE D 187 28.52 -28.52 54.35
C PHE D 187 29.21 -27.64 53.32
N VAL D 188 28.46 -26.76 52.66
CA VAL D 188 29.03 -25.88 51.65
C VAL D 188 30.07 -24.95 52.29
N ASP D 189 29.75 -24.38 53.45
CA ASP D 189 30.71 -23.48 54.08
C ASP D 189 31.92 -24.23 54.60
N ILE D 190 31.75 -25.47 55.04
CA ILE D 190 32.88 -26.26 55.50
C ILE D 190 33.82 -26.57 54.34
N VAL D 191 33.26 -27.00 53.20
CA VAL D 191 34.12 -27.26 52.05
C VAL D 191 34.75 -25.95 51.57
N TRP D 192 34.07 -24.82 51.78
CA TRP D 192 34.71 -23.55 51.45
C TRP D 192 35.87 -23.25 52.37
N ILE D 193 35.74 -23.56 53.65
CA ILE D 193 36.86 -23.37 54.57
C ILE D 193 38.04 -24.22 54.13
N ALA D 194 37.76 -25.47 53.75
CA ALA D 194 38.83 -26.34 53.26
C ALA D 194 39.48 -25.77 52.01
N LEU D 195 38.66 -25.34 51.05
CA LEU D 195 39.19 -24.77 49.81
C LEU D 195 39.98 -23.50 50.06
N PHE D 196 39.52 -22.66 50.98
CA PHE D 196 40.26 -21.43 51.29
C PHE D 196 41.61 -21.77 51.90
N ALA D 197 41.62 -22.63 52.93
CA ALA D 197 42.87 -23.00 53.57
C ALA D 197 43.83 -23.64 52.56
N THR D 198 43.28 -24.33 51.56
CA THR D 198 44.13 -25.01 50.59
C THR D 198 44.66 -24.04 49.53
N ILE D 199 43.75 -23.30 48.90
CA ILE D 199 44.13 -22.43 47.79
C ILE D 199 45.01 -21.29 48.28
N TYR D 200 44.59 -20.61 49.36
CA TYR D 200 45.19 -19.33 49.72
C TYR D 200 46.32 -19.50 50.74
N PHE D 201 46.04 -20.11 51.88
CA PHE D 201 47.04 -20.23 52.93
C PHE D 201 48.07 -21.31 52.60
N VAL D 202 47.62 -22.56 52.45
CA VAL D 202 48.53 -23.65 52.15
C VAL D 202 49.21 -23.43 50.80
N ARG D 203 48.42 -23.09 49.79
CA ARG D 203 48.93 -22.90 48.43
C ARG D 203 49.79 -24.09 48.02
N ASP E 1 -35.53 -31.17 -3.68
CA ASP E 1 -36.55 -30.65 -2.77
C ASP E 1 -36.03 -29.41 -2.05
N PHE E 2 -36.04 -28.28 -2.77
CA PHE E 2 -35.51 -27.04 -2.21
C PHE E 2 -36.28 -26.59 -0.98
N ALA E 3 -37.59 -26.81 -0.96
CA ALA E 3 -38.37 -26.45 0.23
C ALA E 3 -37.91 -27.25 1.44
N LYS E 4 -37.71 -28.56 1.27
CA LYS E 4 -37.23 -29.39 2.36
C LYS E 4 -35.83 -28.96 2.79
N LEU E 5 -34.95 -28.65 1.82
CA LEU E 5 -33.61 -28.20 2.16
C LEU E 5 -33.66 -26.91 2.97
N ALA E 6 -34.51 -25.96 2.56
CA ALA E 6 -34.63 -24.70 3.28
C ALA E 6 -35.16 -24.93 4.70
N ALA E 7 -36.17 -25.79 4.83
CA ALA E 7 -36.71 -26.07 6.16
C ALA E 7 -35.66 -26.72 7.05
N ALA E 8 -34.93 -27.69 6.52
CA ALA E 8 -33.89 -28.38 7.30
C ALA E 8 -32.78 -27.41 7.69
N GLN E 9 -32.37 -26.54 6.77
CA GLN E 9 -31.34 -25.57 7.09
C GLN E 9 -31.82 -24.58 8.14
N GLY E 10 -33.08 -24.15 8.06
CA GLY E 10 -33.61 -23.27 9.08
C GLY E 10 -33.65 -23.94 10.44
N ASP E 11 -34.08 -25.21 10.48
CA ASP E 11 -34.10 -25.93 11.75
C ASP E 11 -32.69 -26.12 12.30
N ALA E 12 -31.72 -26.43 11.45
CA ALA E 12 -30.35 -26.57 11.90
C ALA E 12 -29.80 -25.25 12.43
N ILE E 13 -30.10 -24.15 11.76
CA ILE E 13 -29.65 -22.85 12.22
C ILE E 13 -30.28 -22.51 13.56
N ASP E 14 -31.58 -22.76 13.70
CA ASP E 14 -32.27 -22.46 14.95
C ASP E 14 -31.96 -23.44 16.06
N SER E 15 -31.33 -24.57 15.75
CA SER E 15 -30.85 -25.48 16.78
C SER E 15 -29.44 -25.14 17.22
N ARG E 16 -28.51 -24.98 16.27
CA ARG E 16 -27.15 -24.56 16.62
C ARG E 16 -27.18 -23.21 17.33
N TYR E 17 -27.84 -22.24 16.73
CA TYR E 17 -28.04 -20.93 17.33
C TYR E 17 -29.53 -20.78 17.63
N HIS E 18 -29.91 -19.60 18.11
CA HIS E 18 -31.32 -19.28 18.36
C HIS E 18 -31.62 -17.90 17.82
N PRO E 19 -31.49 -17.70 16.51
CA PRO E 19 -31.70 -16.37 15.93
C PRO E 19 -33.14 -16.07 15.53
N SER E 20 -34.12 -16.85 15.98
CA SER E 20 -35.48 -16.66 15.51
C SER E 20 -36.00 -15.28 15.88
N ALA E 21 -35.93 -14.93 17.17
CA ALA E 21 -36.49 -13.66 17.62
C ALA E 21 -35.72 -12.49 17.00
N ALA E 22 -34.39 -12.56 17.02
CA ALA E 22 -33.59 -11.46 16.49
C ALA E 22 -33.85 -11.27 15.00
N VAL E 23 -33.86 -12.38 14.24
CA VAL E 23 -34.08 -12.28 12.80
C VAL E 23 -35.48 -11.77 12.51
N ARG E 24 -36.47 -12.19 13.30
CA ARG E 24 -37.81 -11.67 13.11
C ARG E 24 -37.86 -10.17 13.37
N ARG E 25 -37.15 -9.70 14.39
CA ARG E 25 -37.07 -8.27 14.64
C ARG E 25 -36.45 -7.54 13.46
N GLN E 26 -35.35 -8.08 12.93
CA GLN E 26 -34.71 -7.44 11.79
C GLN E 26 -35.63 -7.40 10.57
N LEU E 27 -36.33 -8.51 10.30
CA LEU E 27 -37.20 -8.56 9.14
C LEU E 27 -38.40 -7.65 9.30
N ASN E 28 -38.93 -7.55 10.52
CA ASN E 28 -40.12 -6.74 10.77
C ASN E 28 -39.79 -5.27 10.97
N LYS E 29 -38.52 -4.90 11.12
CA LYS E 29 -38.18 -3.50 11.25
C LYS E 29 -38.76 -2.71 10.09
N VAL E 30 -39.41 -1.59 10.40
CA VAL E 30 -40.09 -0.77 9.41
C VAL E 30 -39.22 0.41 9.06
N PHE E 31 -39.07 0.67 7.77
CA PHE E 31 -38.27 1.77 7.27
C PHE E 31 -39.15 2.71 6.44
N PRO E 32 -39.14 4.02 6.71
CA PRO E 32 -39.93 4.93 5.88
C PRO E 32 -39.50 4.86 4.42
N THR E 33 -40.47 4.98 3.52
CA THR E 33 -40.25 4.78 2.10
C THR E 33 -40.10 6.10 1.35
N HIS E 34 -39.53 7.12 1.98
CA HIS E 34 -39.27 8.38 1.30
C HIS E 34 -38.03 8.25 0.43
N TRP E 35 -38.08 8.86 -0.76
CA TRP E 35 -36.97 8.76 -1.68
C TRP E 35 -35.71 9.40 -1.12
N SER E 36 -35.86 10.52 -0.41
CA SER E 36 -34.71 11.25 0.09
C SER E 36 -33.93 10.43 1.11
N PHE E 37 -34.52 9.36 1.63
CA PHE E 37 -33.84 8.49 2.57
C PHE E 37 -32.96 7.45 1.88
N LEU E 38 -32.94 7.43 0.55
CA LEU E 38 -32.03 6.57 -0.20
C LEU E 38 -30.70 7.27 -0.51
N LEU E 39 -30.58 8.54 -0.17
CA LEU E 39 -29.37 9.29 -0.50
C LEU E 39 -28.17 8.74 0.25
N GLY E 40 -28.37 8.36 1.51
CA GLY E 40 -27.29 7.71 2.24
C GLY E 40 -26.94 6.34 1.68
N GLU E 41 -27.95 5.62 1.20
CA GLU E 41 -27.69 4.33 0.58
C GLU E 41 -26.85 4.49 -0.68
N ILE E 42 -27.03 5.60 -1.40
CA ILE E 42 -26.20 5.84 -2.57
C ILE E 42 -24.73 5.89 -2.16
N ALA E 43 -24.43 6.63 -1.09
CA ALA E 43 -23.06 6.74 -0.61
C ALA E 43 -22.53 5.39 -0.14
N LEU E 44 -23.37 4.63 0.56
CA LEU E 44 -22.96 3.32 1.03
C LEU E 44 -22.61 2.41 -0.14
N TYR E 45 -23.43 2.43 -1.18
CA TYR E 45 -23.22 1.56 -2.33
C TYR E 45 -21.98 1.98 -3.12
N SER E 46 -21.78 3.29 -3.28
CA SER E 46 -20.56 3.77 -3.91
C SER E 46 -19.34 3.36 -3.11
N PHE E 47 -19.44 3.37 -1.78
CA PHE E 47 -18.34 2.92 -0.94
C PHE E 47 -18.05 1.44 -1.15
N ILE E 48 -19.11 0.63 -1.24
CA ILE E 48 -18.91 -0.80 -1.47
C ILE E 48 -18.21 -1.03 -2.81
N ILE E 49 -18.66 -0.33 -3.84
CA ILE E 49 -18.03 -0.45 -5.16
C ILE E 49 -16.58 0.01 -5.09
N LEU E 50 -16.32 1.05 -4.29
CA LEU E 50 -14.96 1.53 -4.11
C LEU E 50 -14.08 0.46 -3.50
N LEU E 51 -14.58 -0.22 -2.47
CA LEU E 51 -13.82 -1.32 -1.88
C LEU E 51 -13.52 -2.40 -2.90
N LEU E 52 -14.55 -2.83 -3.64
CA LEU E 52 -14.38 -3.93 -4.57
C LEU E 52 -13.39 -3.58 -5.67
N THR E 53 -13.47 -2.37 -6.21
CA THR E 53 -12.54 -1.97 -7.26
C THR E 53 -11.15 -1.68 -6.70
N GLY E 54 -11.08 -1.21 -5.45
CA GLY E 54 -9.79 -0.91 -4.87
C GLY E 54 -8.97 -2.16 -4.60
N VAL E 55 -9.64 -3.25 -4.23
CA VAL E 55 -8.92 -4.51 -4.07
C VAL E 55 -8.27 -4.91 -5.39
N TRP E 56 -9.05 -4.86 -6.47
CA TRP E 56 -8.53 -5.17 -7.79
C TRP E 56 -7.37 -4.26 -8.14
N LEU E 57 -7.50 -2.97 -7.85
CA LEU E 57 -6.43 -2.03 -8.15
C LEU E 57 -5.16 -2.33 -7.37
N THR E 58 -5.29 -2.62 -6.07
CA THR E 58 -4.13 -2.98 -5.27
C THR E 58 -3.46 -4.25 -5.74
N LEU E 59 -4.21 -5.14 -6.40
CA LEU E 59 -3.57 -6.32 -6.95
C LEU E 59 -2.59 -6.00 -8.07
N PHE E 60 -2.59 -4.76 -8.60
CA PHE E 60 -1.73 -4.40 -9.72
C PHE E 60 -0.92 -3.14 -9.48
N PHE E 61 -1.17 -2.40 -8.40
CA PHE E 61 -0.51 -1.12 -8.16
C PHE E 61 0.75 -1.35 -7.34
N ASP E 62 1.81 -0.62 -7.68
CA ASP E 62 3.07 -0.64 -6.93
C ASP E 62 3.38 0.77 -6.45
N PRO E 63 3.29 1.07 -5.16
CA PRO E 63 3.59 2.43 -4.69
C PRO E 63 5.08 2.61 -4.47
N SER E 64 5.70 3.51 -5.23
CA SER E 64 7.10 3.83 -5.02
C SER E 64 7.48 5.00 -5.91
N MET E 65 8.42 5.81 -5.43
CA MET E 65 9.05 6.84 -6.24
C MET E 65 10.27 6.33 -6.98
N ALA E 66 10.63 5.07 -6.82
CA ALA E 66 11.79 4.50 -7.49
C ALA E 66 11.74 4.86 -8.96
N HIS E 67 12.73 5.62 -9.43
CA HIS E 67 12.73 6.10 -10.80
C HIS E 67 12.93 4.94 -11.78
N VAL E 68 12.17 4.97 -12.86
CA VAL E 68 12.27 3.94 -13.89
C VAL E 68 11.88 4.58 -15.22
N THR E 69 12.49 4.07 -16.30
CA THR E 69 12.06 4.41 -17.65
C THR E 69 10.93 3.48 -18.04
N TYR E 70 9.89 4.03 -18.69
CA TYR E 70 8.66 3.27 -18.88
C TYR E 70 8.94 1.96 -19.60
N ASP E 71 9.37 2.03 -20.85
CA ASP E 71 9.62 0.83 -21.65
C ASP E 71 8.40 -0.09 -21.66
N GLY E 72 7.22 0.52 -21.77
CA GLY E 72 5.98 -0.21 -21.81
C GLY E 72 5.41 -0.30 -23.22
N VAL E 73 4.10 -0.08 -23.33
CA VAL E 73 3.43 -0.14 -24.62
C VAL E 73 3.06 1.28 -25.06
N TYR E 74 2.73 2.14 -24.10
CA TYR E 74 2.29 3.49 -24.42
C TYR E 74 3.44 4.25 -25.07
N GLN E 75 3.36 4.42 -26.38
CA GLN E 75 4.47 5.03 -27.11
C GLN E 75 4.75 6.46 -26.68
N PRO E 76 3.75 7.32 -26.47
CA PRO E 76 4.05 8.73 -26.16
C PRO E 76 4.85 8.93 -24.88
N LEU E 77 4.99 7.91 -24.03
CA LEU E 77 5.82 7.99 -22.83
C LEU E 77 6.75 6.78 -22.83
N ARG E 78 7.87 6.89 -23.54
CA ARG E 78 8.84 5.82 -23.62
C ARG E 78 10.23 6.39 -23.32
N GLY E 79 10.94 5.73 -22.41
CA GLY E 79 12.25 6.20 -22.03
C GLY E 79 12.23 7.39 -21.10
N VAL E 80 11.07 7.79 -20.62
CA VAL E 80 10.95 8.95 -19.73
C VAL E 80 11.03 8.46 -18.29
N GLN E 81 11.87 9.11 -17.49
CA GLN E 81 11.96 8.78 -16.08
C GLN E 81 10.61 9.01 -15.42
N MET E 82 10.16 8.00 -14.67
CA MET E 82 8.90 8.10 -13.94
C MET E 82 9.00 7.25 -12.69
N SER E 83 8.15 7.56 -11.72
CA SER E 83 8.06 6.74 -10.52
C SER E 83 7.40 5.40 -10.85
N ARG E 84 7.76 4.38 -10.08
CA ARG E 84 7.12 3.09 -10.24
C ARG E 84 5.62 3.18 -10.03
N ALA E 85 5.17 4.12 -9.21
CA ALA E 85 3.74 4.33 -9.02
C ALA E 85 3.07 4.71 -10.34
N TYR E 86 3.62 5.71 -11.03
CA TYR E 86 3.08 6.10 -12.33
C TYR E 86 3.21 4.96 -13.33
N GLU E 87 4.33 4.24 -13.30
CA GLU E 87 4.53 3.15 -14.25
C GLU E 87 3.47 2.08 -14.07
N THR E 88 3.15 1.73 -12.82
CA THR E 88 2.16 0.69 -12.58
C THR E 88 0.75 1.21 -12.81
N ALA E 89 0.50 2.51 -12.62
CA ALA E 89 -0.79 3.05 -13.01
C ALA E 89 -0.98 2.95 -14.52
N LEU E 90 0.07 3.25 -15.29
CA LEU E 90 0.02 3.08 -16.73
C LEU E 90 -0.13 1.61 -17.09
N ASP E 91 0.49 0.71 -16.33
CA ASP E 91 0.33 -0.72 -16.58
C ASP E 91 -1.11 -1.15 -16.35
N ILE E 92 -1.74 -0.64 -15.29
CA ILE E 92 -3.15 -0.92 -15.07
C ILE E 92 -3.96 -0.40 -16.25
N SER E 93 -3.66 0.81 -16.72
CA SER E 93 -4.44 1.41 -17.79
C SER E 93 -4.33 0.61 -19.08
N PHE E 94 -3.12 0.17 -19.43
CA PHE E 94 -2.86 -0.39 -20.75
C PHE E 94 -2.55 -1.87 -20.73
N GLU E 95 -1.59 -2.31 -19.92
CA GLU E 95 -1.12 -3.69 -19.96
C GLU E 95 -2.14 -4.68 -19.42
N VAL E 96 -3.02 -4.28 -18.52
CA VAL E 96 -3.92 -5.19 -17.82
C VAL E 96 -5.29 -5.11 -18.47
N ARG E 97 -5.87 -6.28 -18.77
CA ARG E 97 -7.18 -6.33 -19.41
C ARG E 97 -8.24 -5.78 -18.47
N GLY E 98 -8.93 -4.73 -18.93
CA GLY E 98 -9.96 -4.12 -18.11
C GLY E 98 -9.45 -3.28 -16.98
N GLY E 99 -8.14 -3.10 -16.86
CA GLY E 99 -7.61 -2.28 -15.78
C GLY E 99 -7.99 -0.82 -15.92
N LEU E 100 -7.99 -0.31 -17.16
CA LEU E 100 -8.46 1.05 -17.37
C LEU E 100 -9.89 1.21 -16.91
N PHE E 101 -10.74 0.25 -17.26
CA PHE E 101 -12.14 0.32 -16.84
C PHE E 101 -12.25 0.23 -15.33
N VAL E 102 -11.47 -0.63 -14.69
CA VAL E 102 -11.58 -0.80 -13.24
C VAL E 102 -11.15 0.47 -12.54
N ARG E 103 -10.06 1.08 -12.97
CA ARG E 103 -9.61 2.31 -12.33
C ARG E 103 -10.56 3.46 -12.62
N GLN E 104 -11.15 3.49 -13.81
CA GLN E 104 -12.10 4.56 -14.11
C GLN E 104 -13.37 4.42 -13.29
N VAL E 105 -13.89 3.19 -13.14
CA VAL E 105 -15.08 3.01 -12.32
C VAL E 105 -14.73 3.26 -10.86
N HIS E 106 -13.49 2.97 -10.44
CA HIS E 106 -13.08 3.30 -9.08
C HIS E 106 -13.10 4.80 -8.85
N HIS E 107 -12.54 5.57 -9.77
CA HIS E 107 -12.52 7.02 -9.62
C HIS E 107 -13.92 7.61 -9.70
N TRP E 108 -14.75 7.08 -10.61
CA TRP E 108 -16.13 7.54 -10.70
C TRP E 108 -16.90 7.20 -9.44
N ALA E 109 -16.63 6.03 -8.85
CA ALA E 109 -17.25 5.67 -7.59
C ALA E 109 -16.79 6.61 -6.49
N ALA E 110 -15.53 7.03 -6.51
CA ALA E 110 -15.06 8.01 -5.54
C ALA E 110 -15.82 9.32 -5.68
N LEU E 111 -15.97 9.80 -6.92
CA LEU E 111 -16.70 11.04 -7.14
C LEU E 111 -18.15 10.92 -6.71
N MET E 112 -18.79 9.80 -7.04
CA MET E 112 -20.18 9.59 -6.61
C MET E 112 -20.27 9.44 -5.11
N PHE E 113 -19.26 8.85 -4.48
CA PHE E 113 -19.24 8.71 -3.03
C PHE E 113 -19.22 10.09 -2.38
N ALA E 114 -18.33 10.97 -2.84
CA ALA E 114 -18.30 12.33 -2.31
C ALA E 114 -19.61 13.05 -2.58
N ALA E 115 -20.12 12.95 -3.82
CA ALA E 115 -21.32 13.69 -4.18
C ALA E 115 -22.53 13.21 -3.40
N SER E 116 -22.68 11.89 -3.23
CA SER E 116 -23.80 11.35 -2.48
C SER E 116 -23.67 11.64 -0.99
N ILE E 117 -22.44 11.69 -0.46
CA ILE E 117 -22.26 12.12 0.91
C ILE E 117 -22.72 13.56 1.07
N MET E 118 -22.37 14.42 0.11
CA MET E 118 -22.81 15.81 0.17
C MET E 118 -24.32 15.92 0.09
N VAL E 119 -24.94 15.15 -0.80
CA VAL E 119 -26.39 15.20 -0.96
C VAL E 119 -27.08 14.68 0.30
N HIS E 120 -26.55 13.62 0.88
CA HIS E 120 -27.11 13.09 2.13
C HIS E 120 -26.97 14.09 3.27
N LEU E 121 -25.82 14.76 3.34
CA LEU E 121 -25.64 15.80 4.35
C LEU E 121 -26.66 16.91 4.16
N ALA E 122 -26.88 17.33 2.91
CA ALA E 122 -27.90 18.34 2.65
C ALA E 122 -29.27 17.85 3.10
N ARG E 123 -29.62 16.62 2.75
CA ARG E 123 -30.91 16.07 3.14
C ARG E 123 -31.10 16.15 4.65
N ILE E 124 -30.14 15.61 5.41
CA ILE E 124 -30.32 15.54 6.85
C ILE E 124 -30.33 16.93 7.46
N PHE E 125 -29.43 17.81 7.00
CA PHE E 125 -29.38 19.16 7.56
C PHE E 125 -30.68 19.89 7.33
N PHE E 126 -31.17 19.89 6.09
CA PHE E 126 -32.36 20.65 5.77
C PHE E 126 -33.61 20.03 6.38
N THR E 127 -33.63 18.71 6.58
CA THR E 127 -34.78 18.06 7.18
C THR E 127 -34.69 17.98 8.70
N GLY E 128 -33.61 18.44 9.30
CA GLY E 128 -33.50 18.40 10.75
C GLY E 128 -33.41 17.00 11.31
N ALA E 129 -32.65 16.11 10.66
CA ALA E 129 -32.47 14.75 11.13
C ALA E 129 -31.33 14.63 12.14
N PHE E 130 -30.71 15.75 12.51
CA PHE E 130 -29.59 15.75 13.43
C PHE E 130 -29.99 16.11 14.85
N ARG E 131 -31.27 16.32 15.11
CA ARG E 131 -31.70 16.88 16.39
C ARG E 131 -31.56 15.81 17.47
N ARG E 132 -32.08 16.10 18.67
CA ARG E 132 -31.65 15.44 19.90
C ARG E 132 -31.22 13.99 19.75
N PRO E 133 -32.03 13.09 19.21
CA PRO E 133 -31.61 11.68 19.18
C PRO E 133 -30.36 11.40 18.36
N ARG E 134 -30.00 12.25 17.40
CA ARG E 134 -29.06 11.83 16.35
C ARG E 134 -27.94 12.85 16.12
N GLU E 135 -27.62 13.69 17.10
CA GLU E 135 -26.48 14.58 16.94
C GLU E 135 -25.18 13.79 16.83
N ALA E 136 -25.07 12.69 17.58
CA ALA E 136 -23.89 11.85 17.47
C ALA E 136 -23.78 11.26 16.07
N ASN E 137 -24.90 10.86 15.50
CA ASN E 137 -24.91 10.34 14.13
C ASN E 137 -24.43 11.42 13.16
N TRP E 138 -24.91 12.66 13.35
CA TRP E 138 -24.44 13.76 12.53
C TRP E 138 -22.94 13.95 12.66
N VAL E 139 -22.43 13.87 13.89
CA VAL E 139 -21.01 14.13 14.14
C VAL E 139 -20.17 13.08 13.44
N ILE E 140 -20.51 11.79 13.62
CA ILE E 140 -19.73 10.74 13.01
C ILE E 140 -19.85 10.80 11.49
N GLY E 141 -21.01 11.23 10.99
CA GLY E 141 -21.15 11.40 9.55
C GLY E 141 -20.28 12.52 9.02
N SER E 142 -20.12 13.59 9.80
CA SER E 142 -19.23 14.68 9.39
C SER E 142 -17.79 14.21 9.36
N LEU E 143 -17.37 13.45 10.37
CA LEU E 143 -16.04 12.86 10.34
C LEU E 143 -15.88 11.97 9.13
N LEU E 144 -16.94 11.23 8.80
CA LEU E 144 -16.92 10.36 7.63
C LEU E 144 -16.73 11.15 6.35
N LEU E 145 -17.42 12.28 6.24
CA LEU E 145 -17.27 13.14 5.07
C LEU E 145 -15.85 13.66 4.95
N ILE E 146 -15.28 14.11 6.06
CA ILE E 146 -13.90 14.61 6.04
C ILE E 146 -12.95 13.50 5.60
N LEU E 147 -13.14 12.30 6.15
CA LEU E 147 -12.29 11.18 5.79
C LEU E 147 -12.44 10.83 4.32
N ALA E 148 -13.68 10.88 3.81
CA ALA E 148 -13.90 10.59 2.39
C ALA E 148 -13.19 11.60 1.51
N MET E 149 -13.27 12.89 1.87
CA MET E 149 -12.59 13.92 1.11
C MET E 149 -11.09 13.63 1.06
N PHE E 150 -10.48 13.40 2.23
CA PHE E 150 -9.04 13.25 2.27
C PHE E 150 -8.60 11.94 1.64
N GLU E 151 -9.43 10.89 1.72
CA GLU E 151 -9.08 9.63 1.08
C GLU E 151 -9.15 9.75 -0.42
N GLY E 152 -10.13 10.48 -0.94
CA GLY E 152 -10.14 10.77 -2.36
C GLY E 152 -8.93 11.57 -2.78
N PHE E 153 -8.53 12.54 -1.95
CA PHE E 153 -7.30 13.28 -2.22
C PHE E 153 -6.11 12.35 -2.35
N PHE E 154 -5.89 11.49 -1.36
CA PHE E 154 -4.79 10.54 -1.40
C PHE E 154 -4.94 9.52 -2.53
N GLY E 155 -6.16 9.17 -2.91
CA GLY E 155 -6.39 8.21 -3.95
C GLY E 155 -6.01 8.72 -5.32
N TYR E 156 -6.42 9.94 -5.66
CA TYR E 156 -6.01 10.50 -6.94
C TYR E 156 -4.60 11.08 -6.87
N SER E 157 -4.01 11.15 -5.68
CA SER E 157 -2.59 11.43 -5.54
C SER E 157 -1.72 10.18 -5.60
N LEU E 158 -2.31 8.99 -5.47
CA LEU E 158 -1.51 7.77 -5.43
C LEU E 158 -0.72 7.56 -6.70
N PRO E 159 -1.32 7.52 -7.90
CA PRO E 159 -0.50 7.38 -9.10
C PRO E 159 0.24 8.67 -9.39
N ASP E 160 1.54 8.69 -9.11
CA ASP E 160 2.28 9.95 -9.20
C ASP E 160 2.13 10.50 -10.60
N ASP E 161 1.37 11.59 -10.72
CA ASP E 161 1.03 12.18 -11.99
C ASP E 161 1.42 13.64 -11.95
N LEU E 162 1.44 14.30 -13.11
CA LEU E 162 1.77 15.71 -13.10
C LEU E 162 0.70 16.52 -12.37
N LEU E 163 -0.57 16.29 -12.70
CA LEU E 163 -1.66 17.03 -12.06
C LEU E 163 -1.72 16.75 -10.57
N SER E 164 -1.77 15.47 -10.20
CA SER E 164 -1.89 15.11 -8.79
C SER E 164 -0.65 15.52 -8.02
N GLY E 165 0.52 15.42 -8.65
CA GLY E 165 1.74 15.81 -7.98
C GLY E 165 1.81 17.30 -7.71
N THR E 166 1.42 18.12 -8.68
CA THR E 166 1.40 19.56 -8.42
C THR E 166 0.33 19.91 -7.40
N GLY E 167 -0.80 19.22 -7.42
CA GLY E 167 -1.81 19.42 -6.38
C GLY E 167 -1.29 19.09 -5.00
N ILE E 168 -0.55 17.98 -4.88
CA ILE E 168 0.05 17.61 -3.61
C ILE E 168 1.05 18.69 -3.19
N ARG E 169 1.95 19.05 -4.09
CA ARG E 169 2.95 20.08 -3.79
C ARG E 169 2.29 21.33 -3.25
N ALA E 170 1.24 21.81 -3.92
CA ALA E 170 0.56 22.99 -3.42
C ALA E 170 -0.03 22.68 -2.06
N ALA E 171 -1.09 21.88 -2.03
CA ALA E 171 -1.88 21.75 -0.81
C ALA E 171 -1.03 21.20 0.32
N LEU E 172 -0.64 19.94 0.23
CA LEU E 172 0.02 19.29 1.36
C LEU E 172 1.27 20.05 1.76
N SER E 173 2.24 20.11 0.85
CA SER E 173 3.55 20.65 1.22
C SER E 173 3.46 22.12 1.60
N GLY E 174 2.88 22.96 0.74
CA GLY E 174 2.86 24.39 1.03
C GLY E 174 2.10 24.72 2.29
N ILE E 175 0.86 24.20 2.41
CA ILE E 175 0.04 24.57 3.55
C ILE E 175 0.58 23.93 4.82
N THR E 176 1.32 22.83 4.73
CA THR E 176 1.93 22.24 5.91
C THR E 176 3.12 23.08 6.38
N MET E 177 3.99 23.49 5.44
CA MET E 177 5.10 24.34 5.81
C MET E 177 4.61 25.69 6.34
N GLY E 178 3.45 26.15 5.87
CA GLY E 178 2.96 27.45 6.29
C GLY E 178 2.65 27.54 7.77
N ILE E 179 2.21 26.44 8.38
CA ILE E 179 1.68 26.46 9.74
C ILE E 179 2.76 27.01 10.66
N PRO E 180 2.45 27.98 11.54
CA PRO E 180 3.54 28.73 12.19
C PRO E 180 4.50 27.91 13.03
N VAL E 181 4.05 27.27 14.10
CA VAL E 181 5.01 26.76 15.08
C VAL E 181 5.49 25.38 14.70
N ILE E 182 4.62 24.57 14.09
CA ILE E 182 4.96 23.18 13.79
C ILE E 182 4.82 22.84 12.31
N GLY E 183 4.75 23.84 11.43
CA GLY E 183 4.48 23.54 10.03
C GLY E 183 5.60 22.76 9.37
N THR E 184 6.82 23.24 9.50
CA THR E 184 7.96 22.56 8.88
C THR E 184 8.16 21.18 9.49
N TRP E 185 7.95 21.07 10.81
CA TRP E 185 8.07 19.77 11.46
C TRP E 185 7.03 18.79 10.96
N MET E 186 5.78 19.25 10.79
CA MET E 186 4.76 18.39 10.19
C MET E 186 5.14 17.98 8.79
N HIS E 187 5.65 18.91 7.99
CA HIS E 187 6.05 18.57 6.63
C HIS E 187 7.12 17.48 6.63
N TRP E 188 8.16 17.64 7.44
CA TRP E 188 9.23 16.65 7.52
C TRP E 188 8.76 15.32 8.09
N ALA E 189 7.86 15.31 9.06
CA ALA E 189 7.30 14.07 9.57
C ALA E 189 6.48 13.35 8.52
N LEU E 190 5.66 14.08 7.75
CA LEU E 190 4.79 13.45 6.78
C LEU E 190 5.58 12.94 5.58
N PHE E 191 6.48 13.77 5.04
CA PHE E 191 7.25 13.40 3.86
C PHE E 191 8.57 12.73 4.19
N GLY E 192 8.92 12.62 5.46
CA GLY E 192 10.21 12.04 5.84
C GLY E 192 11.38 12.85 5.34
N GLY E 193 11.19 14.14 5.11
CA GLY E 193 12.23 14.98 4.57
C GLY E 193 11.61 16.11 3.76
N ASP E 194 12.37 16.58 2.77
CA ASP E 194 11.88 17.62 1.88
C ASP E 194 10.68 17.10 1.10
N PHE E 195 10.06 17.94 0.28
CA PHE E 195 8.80 17.57 -0.35
C PHE E 195 8.88 16.27 -1.15
N PRO E 196 9.86 16.06 -2.02
CA PRO E 196 9.85 14.85 -2.86
C PRO E 196 10.37 13.62 -2.15
N GLY E 197 10.40 13.66 -0.82
CA GLY E 197 10.85 12.53 -0.02
C GLY E 197 10.35 11.22 -0.58
N GLU E 198 11.18 10.18 -0.50
CA GLU E 198 10.94 8.92 -1.18
C GLU E 198 10.04 7.97 -0.37
N ILE E 199 9.20 8.50 0.52
CA ILE E 199 8.28 7.66 1.30
C ILE E 199 6.85 8.19 1.18
N LEU E 200 6.68 9.30 0.47
CA LEU E 200 5.37 9.96 0.43
C LEU E 200 4.30 9.04 -0.14
N ILE E 201 4.55 8.47 -1.33
CA ILE E 201 3.50 7.68 -1.99
C ILE E 201 3.29 6.35 -1.29
N PRO E 202 4.32 5.65 -0.82
CA PRO E 202 4.04 4.46 0.02
C PRO E 202 3.21 4.79 1.25
N ARG E 203 3.50 5.92 1.91
CA ARG E 203 2.71 6.30 3.08
C ARG E 203 1.27 6.59 2.69
N LEU E 204 1.07 7.31 1.58
CA LEU E 204 -0.29 7.60 1.12
C LEU E 204 -1.00 6.32 0.71
N TYR E 205 -0.29 5.39 0.09
CA TYR E 205 -0.89 4.12 -0.30
C TYR E 205 -1.39 3.37 0.93
N ALA E 206 -0.55 3.28 1.96
CA ALA E 206 -1.02 2.65 3.20
C ALA E 206 -2.24 3.37 3.74
N LEU E 207 -2.14 4.69 3.91
CA LEU E 207 -3.25 5.46 4.46
C LEU E 207 -4.52 5.26 3.65
N HIS E 208 -4.39 5.07 2.34
CA HIS E 208 -5.53 5.07 1.45
C HIS E 208 -6.16 3.71 1.25
N ILE E 209 -5.39 2.63 1.36
CA ILE E 209 -5.95 1.31 1.11
C ILE E 209 -6.26 0.59 2.43
N LEU E 210 -5.57 0.95 3.52
CA LEU E 210 -5.76 0.25 4.78
C LEU E 210 -6.26 1.16 5.89
N LEU E 211 -5.59 2.28 6.16
CA LEU E 211 -5.85 3.02 7.39
C LEU E 211 -7.16 3.81 7.29
N ILE E 212 -7.23 4.75 6.35
CA ILE E 212 -8.44 5.56 6.22
C ILE E 212 -9.64 4.71 5.82
N PRO E 213 -9.54 3.76 4.89
CA PRO E 213 -10.69 2.88 4.65
C PRO E 213 -11.11 2.09 5.87
N GLY E 214 -10.17 1.68 6.71
CA GLY E 214 -10.56 0.99 7.94
C GLY E 214 -11.38 1.88 8.85
N ILE E 215 -10.94 3.11 9.05
CA ILE E 215 -11.66 4.05 9.90
C ILE E 215 -13.03 4.35 9.29
N ILE E 216 -13.08 4.53 7.97
CA ILE E 216 -14.34 4.81 7.31
C ILE E 216 -15.28 3.63 7.43
N LEU E 217 -14.76 2.41 7.31
CA LEU E 217 -15.61 1.23 7.46
C LEU E 217 -16.16 1.14 8.88
N ALA E 218 -15.31 1.38 9.88
CA ALA E 218 -15.79 1.35 11.27
C ALA E 218 -16.84 2.42 11.50
N LEU E 219 -16.62 3.62 10.97
CA LEU E 219 -17.57 4.71 11.17
C LEU E 219 -18.86 4.47 10.39
N ILE E 220 -18.79 3.84 9.23
CA ILE E 220 -20.00 3.48 8.49
C ILE E 220 -20.76 2.40 9.23
N GLY E 221 -20.05 1.45 9.85
CA GLY E 221 -20.71 0.46 10.68
C GLY E 221 -21.44 1.11 11.84
N ALA E 222 -20.77 2.04 12.53
CA ALA E 222 -21.43 2.76 13.61
C ALA E 222 -22.63 3.56 13.10
N HIS E 223 -22.47 4.21 11.95
CA HIS E 223 -23.54 5.00 11.36
C HIS E 223 -24.76 4.14 11.06
N LEU E 224 -24.55 3.02 10.36
CA LEU E 224 -25.66 2.15 10.00
C LEU E 224 -26.28 1.51 11.23
N ALA E 225 -25.46 1.13 12.22
CA ALA E 225 -26.01 0.57 13.44
C ALA E 225 -26.89 1.59 14.17
N LEU E 226 -26.43 2.84 14.24
CA LEU E 226 -27.22 3.88 14.88
C LEU E 226 -28.51 4.11 14.13
N VAL E 227 -28.46 4.19 12.80
CA VAL E 227 -29.69 4.36 12.03
C VAL E 227 -30.62 3.17 12.28
N TRP E 228 -30.05 1.98 12.36
CA TRP E 228 -30.86 0.77 12.53
C TRP E 228 -31.58 0.78 13.86
N PHE E 229 -30.89 1.17 14.93
CA PHE E 229 -31.44 1.01 16.28
C PHE E 229 -32.17 2.26 16.77
N GLN E 230 -31.64 3.45 16.53
CA GLN E 230 -32.44 4.67 16.58
C GLN E 230 -33.27 4.66 15.31
N LYS E 231 -34.45 4.06 15.37
CA LYS E 231 -35.25 3.85 14.18
C LYS E 231 -35.27 5.10 13.31
N HIS E 232 -35.23 4.89 12.00
CA HIS E 232 -35.10 5.99 11.06
C HIS E 232 -36.22 7.00 11.24
N THR E 233 -35.86 8.28 11.23
CA THR E 233 -36.86 9.33 11.34
C THR E 233 -37.70 9.40 10.07
N GLN E 234 -38.79 10.15 10.13
CA GLN E 234 -39.74 10.21 9.04
C GLN E 234 -40.39 11.59 8.99
N PHE E 235 -40.93 11.91 7.82
CA PHE E 235 -41.61 13.18 7.65
C PHE E 235 -42.99 13.13 8.27
N PRO E 236 -43.55 14.27 8.71
CA PRO E 236 -44.93 14.26 9.19
C PRO E 236 -45.88 13.79 8.10
N GLY E 237 -46.88 13.02 8.50
CA GLY E 237 -47.81 12.43 7.57
C GLY E 237 -49.07 11.95 8.24
N PRO E 238 -49.94 11.27 7.49
CA PRO E 238 -51.25 10.88 8.04
C PRO E 238 -51.15 10.08 9.33
N GLY E 239 -50.49 8.94 9.29
CA GLY E 239 -50.35 8.08 10.45
C GLY E 239 -49.00 8.16 11.12
N ARG E 240 -48.17 9.13 10.76
CA ARG E 240 -46.81 9.21 11.26
C ARG E 240 -46.76 10.14 12.46
N THR E 241 -46.21 9.65 13.57
CA THR E 241 -46.09 10.42 14.80
C THR E 241 -44.66 10.31 15.31
N GLU E 242 -44.40 10.99 16.43
CA GLU E 242 -43.07 10.97 17.02
C GLU E 242 -42.72 9.63 17.65
N THR E 243 -43.68 8.71 17.77
CA THR E 243 -43.47 7.44 18.46
C THR E 243 -43.89 6.27 17.59
N ASN E 244 -43.71 6.37 16.27
CA ASN E 244 -43.96 5.24 15.39
C ASN E 244 -43.20 5.46 14.08
N VAL E 245 -43.01 4.37 13.35
CA VAL E 245 -42.34 4.39 12.06
C VAL E 245 -43.32 3.82 11.04
N VAL E 246 -43.80 4.65 10.13
CA VAL E 246 -44.71 4.21 9.08
C VAL E 246 -43.91 4.03 7.80
N GLY E 247 -44.02 2.84 7.22
CA GLY E 247 -43.26 2.52 6.02
C GLY E 247 -43.48 1.09 5.58
N VAL E 248 -42.40 0.39 5.29
CA VAL E 248 -42.46 -1.00 4.85
C VAL E 248 -41.47 -1.81 5.66
N ARG E 249 -41.78 -3.09 5.83
CA ARG E 249 -40.90 -3.97 6.59
C ARG E 249 -39.61 -4.21 5.82
N VAL E 250 -38.58 -4.66 6.54
CA VAL E 250 -37.28 -4.88 5.92
C VAL E 250 -37.36 -5.99 4.89
N MET E 251 -38.02 -7.11 5.23
CA MET E 251 -37.88 -8.31 4.41
C MET E 251 -38.54 -8.16 3.05
N PRO E 252 -39.86 -8.05 2.93
CA PRO E 252 -40.47 -8.23 1.61
C PRO E 252 -40.14 -7.13 0.64
N VAL E 253 -40.22 -5.86 1.06
CA VAL E 253 -40.18 -4.72 0.15
C VAL E 253 -38.88 -3.94 0.27
N PHE E 254 -38.52 -3.54 1.49
CA PHE E 254 -37.36 -2.67 1.66
C PHE E 254 -36.08 -3.37 1.23
N ALA E 255 -35.90 -4.63 1.61
CA ALA E 255 -34.70 -5.35 1.20
C ALA E 255 -34.62 -5.45 -0.31
N VAL E 256 -35.73 -5.81 -0.96
CA VAL E 256 -35.74 -5.98 -2.41
C VAL E 256 -35.40 -4.66 -3.09
N LYS E 257 -36.04 -3.57 -2.67
CA LYS E 257 -35.83 -2.30 -3.34
C LYS E 257 -34.45 -1.73 -3.05
N SER E 258 -33.90 -1.96 -1.85
CA SER E 258 -32.55 -1.52 -1.57
C SER E 258 -31.53 -2.29 -2.40
N GLY E 259 -31.71 -3.61 -2.52
CA GLY E 259 -30.81 -4.38 -3.36
C GLY E 259 -30.90 -3.96 -4.82
N ALA E 260 -32.11 -3.72 -5.31
CA ALA E 260 -32.28 -3.28 -6.68
C ALA E 260 -31.65 -1.90 -6.89
N PHE E 261 -31.79 -1.01 -5.90
CA PHE E 261 -31.17 0.30 -5.99
C PHE E 261 -29.66 0.18 -6.02
N PHE E 262 -29.10 -0.73 -5.24
CA PHE E 262 -27.66 -0.97 -5.27
C PHE E 262 -27.23 -1.46 -6.65
N ALA E 263 -28.04 -2.37 -7.23
CA ALA E 263 -27.74 -2.83 -8.58
C ALA E 263 -27.74 -1.67 -9.56
N MET E 264 -28.73 -0.78 -9.46
CA MET E 264 -28.83 0.31 -10.42
C MET E 264 -27.72 1.34 -10.22
N ILE E 265 -27.32 1.57 -8.98
CA ILE E 265 -26.19 2.48 -8.74
C ILE E 265 -24.91 1.88 -9.30
N THR E 266 -24.71 0.57 -9.10
CA THR E 266 -23.56 -0.10 -9.71
C THR E 266 -23.61 0.04 -11.23
N GLY E 267 -24.80 -0.07 -11.80
CA GLY E 267 -24.93 0.08 -13.24
C GLY E 267 -24.59 1.48 -13.72
N VAL E 268 -25.06 2.49 -13.00
CA VAL E 268 -24.73 3.87 -13.37
C VAL E 268 -23.22 4.08 -13.30
N LEU E 269 -22.59 3.59 -12.22
CA LEU E 269 -21.15 3.78 -12.08
C LEU E 269 -20.37 3.03 -13.15
N GLY E 270 -20.81 1.81 -13.50
CA GLY E 270 -20.15 1.08 -14.56
C GLY E 270 -20.31 1.77 -15.91
N LEU E 271 -21.51 2.27 -16.19
CA LEU E 271 -21.74 2.99 -17.43
C LEU E 271 -20.85 4.23 -17.51
N MET E 272 -20.70 4.94 -16.39
CA MET E 272 -19.80 6.10 -16.38
C MET E 272 -18.36 5.65 -16.60
N GLY E 273 -17.93 4.60 -15.91
CA GLY E 273 -16.56 4.12 -16.09
C GLY E 273 -16.28 3.72 -17.52
N GLY E 274 -17.30 3.25 -18.23
CA GLY E 274 -17.14 2.91 -19.63
C GLY E 274 -17.12 4.12 -20.53
N LEU E 275 -18.18 4.93 -20.47
CA LEU E 275 -18.41 5.93 -21.50
C LEU E 275 -17.69 7.25 -21.23
N LEU E 276 -17.39 7.56 -19.96
CA LEU E 276 -16.78 8.82 -19.59
C LEU E 276 -15.35 8.58 -19.12
N THR E 277 -14.41 9.35 -19.66
CA THR E 277 -13.00 9.22 -19.28
C THR E 277 -12.74 10.04 -18.02
N ILE E 278 -12.15 9.39 -17.03
CA ILE E 278 -11.88 9.99 -15.72
C ILE E 278 -10.39 9.88 -15.47
N ASN E 279 -9.74 11.00 -15.21
CA ASN E 279 -8.32 11.05 -14.87
C ASN E 279 -7.49 10.24 -15.86
N PRO E 280 -7.33 10.71 -17.10
CA PRO E 280 -6.47 10.00 -18.07
C PRO E 280 -5.00 10.33 -17.84
N ILE E 281 -4.39 9.61 -16.89
CA ILE E 281 -3.06 9.96 -16.42
C ILE E 281 -2.03 9.87 -17.54
N TRP E 282 -2.28 9.04 -18.56
CA TRP E 282 -1.30 8.88 -19.63
C TRP E 282 -1.05 10.20 -20.35
N ASN E 283 -2.11 11.01 -20.53
CA ASN E 283 -1.91 12.35 -21.05
C ASN E 283 -1.07 13.19 -20.10
N LEU E 284 -1.16 12.91 -18.81
CA LEU E 284 -0.41 13.63 -17.80
C LEU E 284 0.93 12.95 -17.55
N GLY E 285 2.01 13.57 -18.01
CA GLY E 285 3.32 13.00 -17.82
C GLY E 285 3.60 12.72 -16.36
N PRO E 286 4.68 11.99 -16.07
CA PRO E 286 5.04 11.75 -14.67
C PRO E 286 5.37 13.06 -13.97
N TYR E 287 5.13 13.09 -12.66
CA TYR E 287 5.37 14.32 -11.92
C TYR E 287 6.82 14.74 -12.01
N LYS E 288 7.03 16.02 -12.32
CA LYS E 288 8.34 16.64 -12.24
C LYS E 288 8.13 18.01 -11.61
N PRO E 289 9.03 18.46 -10.74
CA PRO E 289 8.83 19.79 -10.13
C PRO E 289 8.77 20.93 -11.13
N SER E 290 9.38 20.78 -12.31
CA SER E 290 9.42 21.85 -13.28
C SER E 290 8.20 21.88 -14.19
N GLN E 291 7.72 20.72 -14.63
CA GLN E 291 6.58 20.67 -15.53
C GLN E 291 5.31 21.08 -14.80
N VAL E 292 4.40 21.72 -15.53
CA VAL E 292 3.16 22.25 -14.98
C VAL E 292 2.05 22.07 -16.00
N SER E 293 0.84 22.48 -15.61
CA SER E 293 -0.28 22.62 -16.53
C SER E 293 -1.15 23.78 -16.08
N ALA E 294 -1.99 24.25 -17.00
CA ALA E 294 -2.85 25.39 -16.69
C ALA E 294 -4.00 25.00 -15.77
N GLY E 295 -4.55 23.80 -15.94
CA GLY E 295 -5.72 23.40 -15.17
C GLY E 295 -5.43 23.33 -13.68
N SER E 296 -4.65 22.35 -13.27
CA SER E 296 -4.19 22.21 -11.89
C SER E 296 -5.35 22.39 -10.90
N GLN E 297 -6.30 21.46 -10.96
CA GLN E 297 -7.43 21.42 -10.05
C GLN E 297 -7.47 20.09 -9.31
N PRO E 298 -8.04 20.06 -8.10
CA PRO E 298 -8.29 18.78 -7.45
C PRO E 298 -9.68 18.25 -7.77
N ASP E 299 -10.03 17.06 -7.28
CA ASP E 299 -11.38 16.55 -7.46
C ASP E 299 -12.37 17.53 -6.85
N PHE E 300 -13.64 17.43 -7.27
CA PHE E 300 -14.61 18.44 -6.91
C PHE E 300 -14.78 18.57 -5.41
N TYR E 301 -14.54 17.50 -4.66
CA TYR E 301 -14.74 17.54 -3.21
C TYR E 301 -13.63 18.30 -2.49
N MET E 302 -12.47 18.50 -3.12
CA MET E 302 -11.43 19.38 -2.61
C MET E 302 -11.34 20.68 -3.40
N MET E 303 -12.16 20.82 -4.44
CA MET E 303 -12.16 22.05 -5.22
C MET E 303 -12.51 23.25 -4.35
N TRP E 304 -13.30 23.04 -3.30
CA TRP E 304 -13.66 24.18 -2.44
C TRP E 304 -12.47 24.65 -1.63
N THR E 305 -11.65 23.72 -1.12
CA THR E 305 -10.42 24.12 -0.44
C THR E 305 -9.48 24.82 -1.41
N ASP E 306 -9.34 24.30 -2.62
CA ASP E 306 -8.47 24.94 -3.59
C ASP E 306 -8.97 26.35 -3.93
N GLY E 307 -10.30 26.50 -4.07
CA GLY E 307 -10.86 27.81 -4.33
C GLY E 307 -10.66 28.77 -3.19
N LEU E 308 -10.71 28.27 -1.95
CA LEU E 308 -10.36 29.11 -0.81
C LEU E 308 -8.92 29.60 -0.93
N ILE E 309 -8.01 28.69 -1.30
CA ILE E 309 -6.61 29.07 -1.51
C ILE E 309 -6.54 30.19 -2.54
N ARG E 310 -7.23 30.03 -3.67
CA ARG E 310 -7.15 31.00 -4.75
C ARG E 310 -7.70 32.35 -4.32
N LEU E 311 -8.89 32.34 -3.70
CA LEU E 311 -9.60 33.58 -3.45
C LEU E 311 -9.04 34.36 -2.28
N TRP E 312 -8.55 33.70 -1.24
CA TRP E 312 -8.16 34.44 -0.06
C TRP E 312 -7.07 35.45 -0.42
N PRO E 313 -7.17 36.71 0.04
CA PRO E 313 -6.39 37.80 -0.59
C PRO E 313 -4.99 37.96 -0.02
N ALA E 314 -4.13 36.97 -0.27
CA ALA E 314 -2.68 37.13 -0.12
C ALA E 314 -2.27 37.92 1.10
N TRP E 315 -2.90 37.68 2.24
CA TRP E 315 -2.57 38.38 3.47
C TRP E 315 -1.54 37.57 4.24
N GLU E 316 -0.32 38.08 4.32
CA GLU E 316 0.76 37.44 5.04
C GLU E 316 1.23 38.36 6.16
N PHE E 317 1.52 37.78 7.31
CA PHE E 317 2.02 38.51 8.46
C PHE E 317 3.44 38.05 8.76
N TYR E 318 4.27 38.98 9.24
CA TYR E 318 5.69 38.76 9.46
C TYR E 318 6.02 39.14 10.90
N PRO E 319 5.84 38.21 11.84
CA PRO E 319 6.25 38.49 13.22
C PRO E 319 7.76 38.66 13.33
N PHE E 320 8.27 38.76 14.54
CA PHE E 320 9.68 39.09 14.73
C PHE E 320 10.51 37.97 14.10
N GLY E 321 11.09 38.27 12.94
CA GLY E 321 11.96 37.33 12.28
C GLY E 321 11.29 36.06 11.81
N HIS E 322 10.01 36.12 11.48
CA HIS E 322 9.27 34.93 11.05
C HIS E 322 8.26 35.34 9.99
N THR E 323 7.58 34.33 9.44
CA THR E 323 6.59 34.53 8.40
C THR E 323 5.35 33.70 8.72
N ILE E 324 4.19 34.23 8.37
CA ILE E 324 2.92 33.52 8.52
C ILE E 324 2.25 33.55 7.14
N PRO E 325 2.59 32.62 6.25
CA PRO E 325 2.16 32.75 4.86
C PRO E 325 0.65 32.65 4.71
N GLN E 326 0.19 32.80 3.47
CA GLN E 326 -1.24 32.81 3.19
C GLN E 326 -1.84 31.41 3.30
N GLY E 327 -1.00 30.38 3.33
CA GLY E 327 -1.52 29.02 3.46
C GLY E 327 -2.17 28.78 4.81
N VAL E 328 -1.61 29.39 5.86
CA VAL E 328 -2.17 29.20 7.19
C VAL E 328 -3.58 29.76 7.28
N TRP E 329 -3.86 30.82 6.52
CA TRP E 329 -5.21 31.36 6.47
C TRP E 329 -6.20 30.29 6.03
N VAL E 330 -5.86 29.58 4.95
CA VAL E 330 -6.76 28.54 4.44
C VAL E 330 -6.80 27.36 5.38
N ALA E 331 -5.67 27.05 6.02
CA ALA E 331 -5.67 25.97 7.00
C ALA E 331 -6.66 26.26 8.12
N VAL E 332 -6.62 27.48 8.64
CA VAL E 332 -7.55 27.88 9.70
C VAL E 332 -8.97 27.92 9.16
N GLY E 333 -9.14 28.33 7.91
CA GLY E 333 -10.47 28.33 7.31
C GLY E 333 -11.06 26.95 7.24
N MET E 334 -10.26 25.97 6.81
CA MET E 334 -10.72 24.58 6.76
C MET E 334 -11.01 24.06 8.16
N GLY E 335 -10.17 24.40 9.12
CA GLY E 335 -10.41 24.02 10.49
C GLY E 335 -11.76 24.53 10.98
N LEU E 336 -12.03 25.80 10.70
CA LEU E 336 -13.30 26.42 11.08
C LEU E 336 -14.47 25.74 10.38
N VAL E 337 -14.31 25.45 9.09
CA VAL E 337 -15.37 24.81 8.32
C VAL E 337 -15.73 23.46 8.95
N PHE E 338 -14.71 22.64 9.20
CA PHE E 338 -14.96 21.31 9.76
C PHE E 338 -15.52 21.42 11.17
N ALA E 339 -14.99 22.34 11.98
CA ALA E 339 -15.47 22.48 13.35
C ALA E 339 -16.94 22.88 13.37
N LEU E 340 -17.31 23.88 12.58
CA LEU E 340 -18.71 24.30 12.51
C LEU E 340 -19.60 23.19 11.97
N LEU E 341 -19.16 22.46 10.95
CA LEU E 341 -19.97 21.39 10.39
C LEU E 341 -20.21 20.30 11.44
N ILE E 342 -19.16 19.94 12.18
CA ILE E 342 -19.28 18.89 13.18
C ILE E 342 -20.15 19.34 14.34
N ALA E 343 -20.04 20.61 14.73
CA ALA E 343 -20.69 21.11 15.92
C ALA E 343 -22.00 21.84 15.64
N TYR E 344 -22.52 21.76 14.42
CA TYR E 344 -23.76 22.46 14.13
C TYR E 344 -24.93 22.02 15.00
N PRO E 345 -25.24 20.72 15.13
CA PRO E 345 -26.43 20.36 15.93
C PRO E 345 -26.37 20.94 17.33
N PHE E 346 -25.19 20.94 17.93
CA PHE E 346 -25.04 21.54 19.25
C PHE E 346 -25.15 23.06 19.17
N ILE E 347 -24.61 23.67 18.13
CA ILE E 347 -24.80 25.09 17.90
C ILE E 347 -26.28 25.39 17.69
N GLU E 348 -26.95 24.57 16.89
CA GLU E 348 -28.37 24.76 16.62
C GLU E 348 -29.17 24.72 17.91
N LYS E 349 -28.90 23.72 18.77
CA LYS E 349 -29.69 23.60 19.99
C LYS E 349 -29.33 24.68 21.00
N LYS E 350 -28.08 25.13 21.03
CA LYS E 350 -27.74 26.26 21.88
C LYS E 350 -28.48 27.51 21.42
N VAL E 351 -28.55 27.73 20.11
CA VAL E 351 -29.17 28.95 19.60
C VAL E 351 -30.67 28.92 19.84
N THR E 352 -31.33 27.81 19.49
CA THR E 352 -32.78 27.76 19.50
C THR E 352 -33.37 27.38 20.85
N GLY E 353 -32.72 26.48 21.58
CA GLY E 353 -33.25 25.94 22.81
C GLY E 353 -33.88 24.58 22.69
N ASP E 354 -33.87 23.98 21.49
CA ASP E 354 -34.52 22.69 21.27
C ASP E 354 -33.71 21.58 21.93
N ASP E 355 -34.25 21.02 23.02
CA ASP E 355 -33.68 19.85 23.66
C ASP E 355 -34.69 18.70 23.68
N ALA E 356 -35.66 18.75 22.77
CA ALA E 356 -36.72 17.76 22.71
C ALA E 356 -36.31 16.61 21.81
N HIS E 357 -36.84 15.42 22.11
CA HIS E 357 -36.57 14.23 21.31
C HIS E 357 -37.38 14.33 20.02
N HIS E 358 -36.70 14.60 18.91
CA HIS E 358 -37.35 14.84 17.63
C HIS E 358 -37.23 13.60 16.75
N ASN E 359 -38.38 13.02 16.41
CA ASN E 359 -38.44 11.88 15.51
C ASN E 359 -39.18 12.18 14.22
N LEU E 360 -39.84 13.33 14.12
CA LEU E 360 -40.51 13.75 12.89
C LEU E 360 -39.66 14.84 12.23
N LEU E 361 -39.30 14.62 10.97
CA LEU E 361 -38.47 15.57 10.26
C LEU E 361 -39.20 16.90 10.08
N GLN E 362 -38.43 17.95 9.83
CA GLN E 362 -38.96 19.27 9.53
C GLN E 362 -38.81 19.51 8.03
N ARG E 363 -39.82 20.10 7.43
CA ARG E 363 -39.70 20.51 6.05
C ARG E 363 -38.77 21.72 5.96
N PRO E 364 -37.86 21.76 4.98
CA PRO E 364 -36.96 22.92 4.91
C PRO E 364 -37.69 24.24 4.83
N ARG E 365 -38.85 24.28 4.18
CA ARG E 365 -39.67 25.48 4.22
C ARG E 365 -40.15 25.76 5.63
N ASP E 366 -40.55 24.71 6.37
CA ASP E 366 -41.04 24.89 7.73
C ASP E 366 -39.96 25.36 8.68
N VAL E 367 -38.67 25.16 8.34
CA VAL E 367 -37.59 25.71 9.15
C VAL E 367 -36.84 26.74 8.30
N PRO E 368 -37.29 28.00 8.26
CA PRO E 368 -36.67 28.96 7.34
C PRO E 368 -35.23 29.28 7.66
N VAL E 369 -34.92 29.64 8.90
CA VAL E 369 -33.59 30.13 9.24
C VAL E 369 -32.55 29.06 8.97
N ARG E 370 -32.83 27.81 9.35
CA ARG E 370 -31.90 26.74 9.04
C ARG E 370 -31.80 26.50 7.54
N THR E 371 -32.94 26.55 6.84
CA THR E 371 -32.91 26.42 5.39
C THR E 371 -32.12 27.55 4.76
N ALA E 372 -32.30 28.77 5.26
CA ALA E 372 -31.55 29.91 4.74
C ALA E 372 -30.06 29.74 4.98
N ILE E 373 -29.69 29.25 6.17
CA ILE E 373 -28.27 29.07 6.50
C ILE E 373 -27.67 27.97 5.64
N GLY E 374 -28.39 26.88 5.42
CA GLY E 374 -27.91 25.82 4.57
C GLY E 374 -27.75 26.27 3.13
N SER E 375 -28.71 27.06 2.65
CA SER E 375 -28.59 27.63 1.31
C SER E 375 -27.39 28.55 1.22
N MET E 376 -27.16 29.35 2.25
CA MET E 376 -26.00 30.25 2.27
C MET E 376 -24.71 29.45 2.22
N ALA E 377 -24.62 28.38 3.02
CA ALA E 377 -23.44 27.55 3.03
C ALA E 377 -23.22 26.85 1.70
N ILE E 378 -24.28 26.34 1.08
CA ILE E 378 -24.15 25.70 -0.23
C ILE E 378 -23.72 26.72 -1.26
N ALA E 379 -24.23 27.95 -1.18
CA ALA E 379 -23.81 28.99 -2.11
C ALA E 379 -22.33 29.30 -1.92
N LEU E 380 -21.86 29.37 -0.69
CA LEU E 380 -20.44 29.62 -0.45
C LEU E 380 -19.61 28.47 -1.00
N TYR E 381 -20.05 27.23 -0.79
CA TYR E 381 -19.30 26.08 -1.29
C TYR E 381 -19.24 26.07 -2.81
N LEU E 382 -20.37 26.35 -3.47
CA LEU E 382 -20.39 26.43 -4.91
C LEU E 382 -19.52 27.56 -5.44
N LEU E 383 -19.54 28.72 -4.78
CA LEU E 383 -18.67 29.81 -5.17
C LEU E 383 -17.22 29.42 -5.06
N LEU E 384 -16.84 28.74 -3.97
CA LEU E 384 -15.46 28.30 -3.81
C LEU E 384 -15.07 27.27 -4.88
N THR E 385 -15.98 26.34 -5.18
CA THR E 385 -15.69 25.33 -6.19
C THR E 385 -15.49 25.98 -7.56
N PHE E 386 -16.39 26.88 -7.95
CA PHE E 386 -16.22 27.56 -9.23
C PHE E 386 -15.05 28.52 -9.22
N ALA E 387 -14.63 29.00 -8.05
CA ALA E 387 -13.41 29.80 -7.98
C ALA E 387 -12.19 28.94 -8.24
N CYS E 388 -12.16 27.73 -7.68
CA CYS E 388 -11.10 26.79 -8.03
C CYS E 388 -11.11 26.50 -9.53
N MET E 389 -12.29 26.35 -10.11
CA MET E 389 -12.41 26.12 -11.55
C MET E 389 -12.29 27.40 -12.37
N ASN E 390 -12.04 28.54 -11.72
CA ASN E 390 -12.04 29.81 -12.43
C ASN E 390 -11.08 29.82 -13.61
N ASP E 391 -9.99 29.05 -13.52
CA ASP E 391 -9.05 28.99 -14.64
C ASP E 391 -9.75 28.48 -15.90
N ILE E 392 -10.42 27.34 -15.81
CA ILE E 392 -11.08 26.77 -16.98
C ILE E 392 -12.33 27.59 -17.32
N ILE E 393 -13.01 28.12 -16.30
CA ILE E 393 -14.16 28.98 -16.57
C ILE E 393 -13.72 30.20 -17.37
N ALA E 394 -12.64 30.83 -16.94
CA ALA E 394 -12.12 31.98 -17.68
C ALA E 394 -11.71 31.57 -19.10
N LEU E 395 -11.07 30.40 -19.23
CA LEU E 395 -10.61 29.97 -20.54
C LEU E 395 -11.79 29.76 -21.50
N LYS E 396 -12.77 28.96 -21.09
CA LYS E 396 -13.86 28.60 -21.99
C LYS E 396 -14.88 29.72 -22.09
N PHE E 397 -15.50 30.08 -20.97
CA PHE E 397 -16.37 31.25 -20.92
C PHE E 397 -15.46 32.47 -20.84
N HIS E 398 -15.51 33.31 -21.86
CA HIS E 398 -14.48 34.33 -22.04
C HIS E 398 -14.62 35.40 -20.97
N ILE E 399 -14.04 35.14 -19.81
CA ILE E 399 -13.99 36.09 -18.71
C ILE E 399 -12.54 36.21 -18.27
N SER E 400 -12.12 37.44 -17.97
CA SER E 400 -10.76 37.68 -17.51
C SER E 400 -10.49 36.85 -16.27
N LEU E 401 -9.27 36.30 -16.20
CA LEU E 401 -8.90 35.49 -15.04
C LEU E 401 -8.93 36.33 -13.76
N ASN E 402 -8.41 37.56 -13.84
CA ASN E 402 -8.53 38.48 -12.72
C ASN E 402 -9.98 38.77 -12.40
N ALA E 403 -10.82 38.91 -13.43
CA ALA E 403 -12.24 39.16 -13.20
C ALA E 403 -12.88 38.01 -12.43
N THR E 404 -12.56 36.77 -12.80
CA THR E 404 -13.13 35.63 -12.10
C THR E 404 -12.62 35.57 -10.67
N THR E 405 -11.32 35.82 -10.47
CA THR E 405 -10.78 35.79 -9.11
C THR E 405 -11.48 36.82 -8.23
N TRP E 406 -11.68 38.03 -8.74
CA TRP E 406 -12.30 39.06 -7.93
C TRP E 406 -13.81 38.87 -7.81
N ILE E 407 -14.43 38.26 -8.81
CA ILE E 407 -15.84 37.85 -8.66
C ILE E 407 -15.96 36.90 -7.50
N GLY E 408 -15.07 35.91 -7.42
CA GLY E 408 -15.08 35.00 -6.30
C GLY E 408 -14.84 35.72 -4.98
N ARG E 409 -13.85 36.62 -4.96
CA ARG E 409 -13.51 37.30 -3.72
C ARG E 409 -14.68 38.12 -3.19
N ILE E 410 -15.33 38.88 -4.07
CA ILE E 410 -16.46 39.70 -3.64
C ILE E 410 -17.67 38.84 -3.31
N GLY E 411 -17.92 37.83 -4.13
CA GLY E 411 -19.11 37.01 -3.97
C GLY E 411 -19.05 36.10 -2.77
N MET E 412 -17.87 35.75 -2.29
CA MET E 412 -17.79 34.89 -1.11
C MET E 412 -18.28 35.61 0.14
N VAL E 413 -18.49 36.93 0.08
CA VAL E 413 -19.17 37.65 1.14
C VAL E 413 -20.48 38.26 0.66
N VAL E 414 -20.69 38.38 -0.66
CA VAL E 414 -21.94 38.93 -1.16
C VAL E 414 -22.93 37.82 -1.47
N LEU E 415 -22.51 36.81 -2.23
CA LEU E 415 -23.42 35.77 -2.68
C LEU E 415 -24.00 35.01 -1.48
N PRO E 416 -23.21 34.67 -0.46
CA PRO E 416 -23.83 34.07 0.72
C PRO E 416 -24.96 34.89 1.31
N ALA E 417 -24.79 36.21 1.39
CA ALA E 417 -25.85 37.06 1.95
C ALA E 417 -27.08 37.06 1.05
N ILE E 418 -26.87 37.20 -0.27
CA ILE E 418 -28.00 37.20 -1.21
C ILE E 418 -28.76 35.89 -1.11
N VAL E 419 -28.04 34.77 -1.08
CA VAL E 419 -28.68 33.47 -1.05
C VAL E 419 -29.39 33.27 0.29
N TYR E 420 -28.80 33.75 1.39
CA TYR E 420 -29.48 33.64 2.68
C TYR E 420 -30.82 34.37 2.63
N PHE E 421 -30.80 35.62 2.19
CA PHE E 421 -32.04 36.40 2.15
C PHE E 421 -33.06 35.75 1.24
N VAL E 422 -32.63 35.35 0.04
CA VAL E 422 -33.54 34.77 -0.93
C VAL E 422 -34.13 33.47 -0.40
N ALA E 423 -33.30 32.63 0.23
CA ALA E 423 -33.77 31.35 0.73
C ALA E 423 -34.71 31.52 1.90
N TYR E 424 -34.42 32.46 2.80
CA TYR E 424 -35.32 32.72 3.91
C TYR E 424 -36.70 33.16 3.40
N ARG E 425 -36.71 34.14 2.50
CA ARG E 425 -37.99 34.61 1.96
C ARG E 425 -38.68 33.52 1.16
N TRP E 426 -37.92 32.71 0.42
CA TRP E 426 -38.50 31.63 -0.36
C TRP E 426 -39.16 30.60 0.55
N ALA E 427 -38.51 30.25 1.65
CA ALA E 427 -39.11 29.32 2.59
C ALA E 427 -40.40 29.88 3.18
N ILE E 428 -40.38 31.16 3.57
CA ILE E 428 -41.58 31.74 4.16
C ILE E 428 -42.70 31.78 3.11
N SER E 429 -42.36 32.03 1.85
CA SER E 429 -43.38 32.08 0.81
C SER E 429 -43.90 30.68 0.47
N LEU E 430 -43.06 29.66 0.59
CA LEU E 430 -43.56 28.29 0.47
C LEU E 430 -44.54 27.98 1.59
N GLN E 431 -44.24 28.43 2.80
CA GLN E 431 -45.21 28.29 3.89
C GLN E 431 -46.51 29.02 3.57
N ARG E 432 -46.40 30.23 3.02
CA ARG E 432 -47.59 31.00 2.68
C ARG E 432 -48.41 30.27 1.62
N SER E 433 -47.74 29.66 0.64
CA SER E 433 -48.44 28.88 -0.37
C SER E 433 -49.15 27.68 0.25
N ASP E 434 -48.48 26.99 1.18
CA ASP E 434 -49.11 25.87 1.86
C ASP E 434 -50.36 26.31 2.59
N ARG E 435 -50.30 27.45 3.27
CA ARG E 435 -51.48 27.92 4.01
C ARG E 435 -52.57 28.39 3.07
N GLU E 436 -52.20 28.98 1.92
CA GLU E 436 -53.21 29.34 0.93
C GLU E 436 -53.95 28.10 0.47
N VAL E 437 -53.22 27.02 0.20
CA VAL E 437 -53.87 25.77 -0.18
C VAL E 437 -54.75 25.26 0.96
N LEU E 438 -54.25 25.33 2.20
CA LEU E 438 -55.02 24.84 3.33
C LEU E 438 -56.34 25.60 3.47
N GLU E 439 -56.32 26.92 3.23
CA GLU E 439 -57.49 27.73 3.54
C GLU E 439 -58.43 27.90 2.35
N HIS E 440 -57.97 27.62 1.12
CA HIS E 440 -58.81 27.81 -0.05
C HIS E 440 -59.01 26.57 -0.89
N GLY E 441 -58.27 25.49 -0.64
CA GLY E 441 -58.33 24.32 -1.49
C GLY E 441 -57.42 24.46 -2.69
N VAL E 442 -57.29 23.33 -3.41
CA VAL E 442 -56.44 23.33 -4.59
C VAL E 442 -57.06 24.19 -5.69
N GLU E 443 -56.22 24.69 -6.58
CA GLU E 443 -56.64 25.53 -7.69
C GLU E 443 -56.92 24.69 -8.93
N THR E 444 -57.80 25.20 -9.79
CA THR E 444 -58.26 24.46 -10.95
C THR E 444 -58.59 25.47 -12.06
N GLY E 445 -59.38 25.05 -13.04
CA GLY E 445 -59.74 25.93 -14.13
C GLY E 445 -60.79 26.96 -13.74
N ILE E 446 -60.81 28.06 -14.48
CA ILE E 446 -61.67 29.20 -14.16
C ILE E 446 -63.06 28.98 -14.73
N ILE E 447 -64.05 29.59 -14.07
CA ILE E 447 -65.44 29.51 -14.49
C ILE E 447 -66.06 30.89 -14.32
N LYS E 448 -66.98 31.23 -15.24
CA LYS E 448 -67.67 32.50 -15.24
C LYS E 448 -69.04 32.32 -14.60
N ARG E 449 -69.32 33.10 -13.57
CA ARG E 449 -70.54 32.93 -12.79
C ARG E 449 -71.76 33.21 -13.65
N LEU E 450 -72.86 32.51 -13.33
CA LEU E 450 -74.05 32.56 -14.19
C LEU E 450 -74.65 33.96 -14.24
N PRO E 451 -75.19 34.51 -13.15
CA PRO E 451 -75.91 35.78 -13.27
C PRO E 451 -75.02 36.92 -13.75
N HIS E 452 -73.92 37.16 -13.05
CA HIS E 452 -72.99 38.24 -13.37
C HIS E 452 -71.77 37.64 -14.05
N GLY E 453 -70.78 38.48 -14.34
CA GLY E 453 -69.62 38.04 -15.08
C GLY E 453 -68.39 37.82 -14.22
N ALA E 454 -68.58 37.49 -12.95
CA ALA E 454 -67.44 37.20 -12.08
C ALA E 454 -66.69 35.97 -12.59
N TYR E 455 -65.40 35.95 -12.32
CA TYR E 455 -64.55 34.81 -12.63
C TYR E 455 -64.06 34.20 -11.33
N VAL E 456 -64.26 32.90 -11.16
CA VAL E 456 -63.82 32.19 -9.97
C VAL E 456 -63.04 30.96 -10.39
N GLU E 457 -61.91 30.72 -9.72
CA GLU E 457 -61.01 29.66 -10.13
C GLU E 457 -61.57 28.27 -9.89
N LEU E 458 -62.67 28.14 -9.17
CA LEU E 458 -63.28 26.83 -8.94
C LEU E 458 -62.31 25.92 -8.19
N HIS E 459 -61.94 26.36 -6.99
CA HIS E 459 -60.99 25.64 -6.17
C HIS E 459 -61.53 24.27 -5.78
N GLN E 460 -60.72 23.47 -5.09
CA GLN E 460 -61.15 22.16 -4.61
C GLN E 460 -60.75 22.02 -3.14
N PRO E 461 -61.69 22.05 -2.21
CA PRO E 461 -61.30 21.99 -0.79
C PRO E 461 -60.70 20.65 -0.41
N LEU E 462 -59.74 20.69 0.51
CA LEU E 462 -59.07 19.50 1.00
C LEU E 462 -59.66 18.98 2.30
N GLY E 463 -60.73 19.60 2.80
CA GLY E 463 -61.33 19.20 4.05
C GLY E 463 -62.82 19.40 4.04
N PRO E 464 -63.45 19.29 5.21
CA PRO E 464 -64.91 19.50 5.27
C PRO E 464 -65.28 20.89 4.78
N VAL E 465 -66.39 20.95 4.05
CA VAL E 465 -66.84 22.20 3.42
C VAL E 465 -67.96 22.78 4.28
N ASP E 466 -67.87 24.08 4.54
CA ASP E 466 -68.90 24.75 5.31
C ASP E 466 -70.26 24.62 4.62
N GLU E 467 -71.31 24.98 5.34
CA GLU E 467 -72.66 24.93 4.77
C GLU E 467 -72.72 25.71 3.46
N HIS E 468 -71.99 26.81 3.38
CA HIS E 468 -71.88 27.57 2.14
C HIS E 468 -70.66 27.09 1.35
N GLY E 469 -70.31 27.82 0.30
CA GLY E 469 -69.27 27.34 -0.61
C GLY E 469 -67.91 27.23 0.06
N HIS E 470 -67.51 28.27 0.78
CA HIS E 470 -66.14 28.31 1.29
C HIS E 470 -65.92 27.17 2.27
N PRO E 471 -64.74 26.54 2.27
CA PRO E 471 -64.50 25.42 3.18
C PRO E 471 -63.94 25.86 4.52
N ILE E 472 -63.98 24.94 5.48
CA ILE E 472 -63.38 25.15 6.79
C ILE E 472 -61.87 24.97 6.62
N PRO E 473 -61.04 25.98 6.91
CA PRO E 473 -59.61 25.79 6.73
C PRO E 473 -59.08 24.67 7.62
N LEU E 474 -58.14 23.91 7.07
CA LEU E 474 -57.50 22.84 7.83
C LEU E 474 -56.27 23.39 8.56
N GLU E 475 -55.81 22.62 9.54
CA GLU E 475 -54.61 22.97 10.28
C GLU E 475 -53.40 22.33 9.61
N TYR E 476 -52.33 23.12 9.47
CA TYR E 476 -51.11 22.60 8.92
C TYR E 476 -50.52 21.53 9.84
N ALA E 477 -50.08 20.42 9.25
CA ALA E 477 -49.59 19.28 10.02
C ALA E 477 -48.18 18.87 9.62
N GLY E 478 -47.43 19.76 8.98
CA GLY E 478 -46.06 19.48 8.63
C GLY E 478 -45.87 18.57 7.44
N ALA E 479 -46.94 18.22 6.74
CA ALA E 479 -46.85 17.32 5.60
C ALA E 479 -47.13 18.09 4.31
N PRO E 480 -46.57 17.65 3.18
CA PRO E 480 -46.80 18.37 1.93
C PRO E 480 -48.27 18.34 1.53
N LEU E 481 -48.69 19.39 0.84
CA LEU E 481 -50.07 19.53 0.41
C LEU E 481 -50.16 19.40 -1.11
N PRO E 482 -51.19 18.73 -1.63
CA PRO E 482 -51.32 18.59 -3.09
C PRO E 482 -51.85 19.87 -3.71
N LYS E 483 -50.98 20.56 -4.46
CA LYS E 483 -51.33 21.82 -5.09
C LYS E 483 -51.84 21.64 -6.52
N ARG E 484 -51.91 20.41 -7.01
CA ARG E 484 -52.46 20.12 -8.32
C ARG E 484 -53.51 19.03 -8.17
N MET E 485 -54.70 19.26 -8.75
CA MET E 485 -55.67 18.18 -8.85
C MET E 485 -55.14 17.03 -9.70
N ASN E 486 -54.10 17.29 -10.49
CA ASN E 486 -53.31 16.24 -11.12
C ASN E 486 -53.10 15.06 -10.18
N LYS E 487 -52.49 15.33 -9.02
CA LYS E 487 -52.03 14.30 -8.10
C LYS E 487 -53.13 13.83 -7.16
N LEU E 488 -54.32 14.42 -7.24
CA LEU E 488 -55.47 13.94 -6.50
C LEU E 488 -56.30 13.03 -7.40
N GLY E 489 -57.47 12.63 -6.93
CA GLY E 489 -58.33 11.74 -7.69
C GLY E 489 -59.00 12.45 -8.85
N SER E 490 -58.21 12.81 -9.86
CA SER E 490 -58.75 13.50 -11.03
C SER E 490 -57.90 13.18 -12.24
N GLY E 491 -58.55 12.75 -13.32
CA GLY E 491 -57.86 12.44 -14.56
C GLY E 491 -56.72 11.48 -14.38
N GLY E 492 -57.03 10.22 -14.06
CA GLY E 492 -55.99 9.24 -13.80
C GLY E 492 -56.32 7.83 -14.25
N ALA E 493 -57.27 7.68 -15.18
CA ALA E 493 -57.76 6.37 -15.59
C ALA E 493 -57.67 6.23 -17.10
N PRO E 494 -56.47 6.09 -17.64
CA PRO E 494 -56.34 5.74 -19.06
C PRO E 494 -56.73 4.30 -19.31
N GLY E 495 -57.12 4.01 -20.54
CA GLY E 495 -57.43 2.65 -20.92
C GLY E 495 -56.29 1.74 -20.55
N THR E 496 -56.54 0.72 -19.74
CA THR E 496 -55.49 -0.11 -19.18
C THR E 496 -55.08 -1.25 -20.09
N GLY E 497 -55.33 -1.14 -21.38
CA GLY E 497 -55.02 -2.23 -22.28
C GLY E 497 -53.53 -2.41 -22.50
N SER E 498 -52.92 -1.51 -23.24
CA SER E 498 -51.51 -1.58 -23.58
C SER E 498 -51.13 -0.27 -24.24
N PHE E 499 -49.89 -0.17 -24.71
CA PHE E 499 -49.49 1.05 -25.39
C PHE E 499 -50.10 1.13 -26.78
N LEU E 500 -50.20 0.00 -27.49
CA LEU E 500 -50.66 -0.02 -28.86
C LEU E 500 -52.09 -0.50 -29.00
N PHE E 501 -52.55 -1.39 -28.14
CA PHE E 501 -53.86 -2.00 -28.30
C PHE E 501 -54.60 -2.06 -26.97
N PRO E 502 -55.94 -2.09 -27.00
CA PRO E 502 -56.71 -2.13 -25.76
C PRO E 502 -56.80 -3.55 -25.22
N ASP E 503 -57.44 -3.67 -24.07
CA ASP E 503 -57.80 -4.96 -23.47
C ASP E 503 -59.31 -5.09 -23.42
N PRO E 504 -59.84 -6.29 -23.20
CA PRO E 504 -61.29 -6.44 -23.10
C PRO E 504 -61.86 -5.55 -22.01
N ALA E 505 -63.05 -5.01 -22.27
CA ALA E 505 -63.67 -4.09 -21.34
C ALA E 505 -63.87 -4.73 -19.96
N VAL E 506 -64.18 -6.02 -19.92
CA VAL E 506 -64.37 -6.69 -18.64
C VAL E 506 -63.06 -6.68 -17.85
N GLU E 507 -61.94 -6.98 -18.51
CA GLU E 507 -60.64 -6.94 -17.86
C GLU E 507 -60.32 -5.52 -17.38
N HIS E 508 -60.57 -4.53 -18.24
CA HIS E 508 -60.27 -3.14 -17.86
C HIS E 508 -61.08 -2.72 -16.64
N GLU E 509 -62.36 -3.03 -16.62
CA GLU E 509 -63.21 -2.65 -15.51
C GLU E 509 -62.77 -3.36 -14.24
N ALA E 510 -62.53 -4.68 -14.33
CA ALA E 510 -62.09 -5.42 -13.17
C ALA E 510 -60.84 -4.78 -12.59
N LEU E 511 -59.84 -4.52 -13.44
CA LEU E 511 -58.59 -3.96 -12.97
C LEU E 511 -58.79 -2.58 -12.36
N THR E 512 -59.60 -1.73 -13.00
CA THR E 512 -59.70 -0.35 -12.55
C THR E 512 -60.44 -0.27 -11.23
N GLU E 513 -61.54 -1.01 -11.07
CA GLU E 513 -62.21 -0.98 -9.77
C GLU E 513 -61.42 -1.73 -8.71
N ALA E 514 -60.63 -2.73 -9.08
CA ALA E 514 -59.73 -3.36 -8.10
C ALA E 514 -58.71 -2.36 -7.58
N ALA E 515 -58.14 -1.57 -8.48
CA ALA E 515 -57.18 -0.54 -8.06
C ALA E 515 -57.86 0.52 -7.20
N HIS E 516 -59.07 0.92 -7.59
CA HIS E 516 -59.82 1.89 -6.79
C HIS E 516 -60.07 1.35 -5.38
N ALA E 517 -60.49 0.09 -5.29
CA ALA E 517 -60.70 -0.52 -3.98
C ALA E 517 -59.42 -0.57 -3.17
N SER E 518 -58.31 -0.95 -3.81
CA SER E 518 -57.05 -1.06 -3.09
C SER E 518 -56.60 0.29 -2.56
N GLU E 519 -56.66 1.33 -3.39
CA GLU E 519 -56.18 2.63 -2.95
C GLU E 519 -57.08 3.22 -1.87
N HIS E 520 -58.40 3.07 -1.98
CA HIS E 520 -59.26 3.55 -0.91
C HIS E 520 -59.11 2.70 0.35
N LYS E 521 -58.78 1.41 0.21
CA LYS E 521 -58.49 0.61 1.38
C LYS E 521 -57.24 1.11 2.09
N SER E 522 -56.21 1.46 1.33
CA SER E 522 -55.00 2.02 1.93
C SER E 522 -55.31 3.33 2.65
N LEU E 523 -56.07 4.20 1.98
CA LEU E 523 -56.42 5.48 2.58
C LEU E 523 -57.22 5.29 3.86
N THR E 524 -58.18 4.36 3.84
CA THR E 524 -59.00 4.11 5.02
C THR E 524 -58.17 3.52 6.15
N ALA E 525 -57.23 2.63 5.83
CA ALA E 525 -56.38 2.05 6.87
C ALA E 525 -55.54 3.13 7.52
N LEU E 526 -54.93 4.01 6.71
CA LEU E 526 -54.15 5.10 7.29
C LEU E 526 -55.02 6.03 8.12
N LYS E 527 -56.22 6.34 7.62
CA LYS E 527 -57.12 7.24 8.35
C LYS E 527 -57.52 6.63 9.68
N GLU E 528 -57.84 5.33 9.68
CA GLU E 528 -58.24 4.67 10.91
C GLU E 528 -57.09 4.62 11.92
N HIS E 529 -55.87 4.34 11.44
CA HIS E 529 -54.73 4.33 12.36
C HIS E 529 -54.50 5.73 12.93
N GLN E 530 -54.60 6.76 12.10
CA GLN E 530 -54.44 8.12 12.56
C GLN E 530 -55.48 8.47 13.62
N ASP E 531 -56.74 8.08 13.39
CA ASP E 531 -57.79 8.35 14.36
C ASP E 531 -57.55 7.55 15.63
N ARG E 532 -57.01 6.34 15.51
CA ARG E 532 -56.79 5.50 16.67
C ARG E 532 -55.70 6.06 17.57
N ILE E 533 -54.66 6.65 16.98
CA ILE E 533 -53.54 7.14 17.78
C ILE E 533 -54.03 8.17 18.80
N HIS E 534 -54.88 9.10 18.37
CA HIS E 534 -55.55 10.03 19.30
C HIS E 534 -57.02 10.10 18.89
N GLY E 535 -57.82 9.17 19.39
CA GLY E 535 -59.26 9.19 19.20
C GLY E 535 -59.87 7.81 19.25
N ASP F 1 -17.07 17.27 39.70
CA ASP F 1 -18.06 16.31 40.17
C ASP F 1 -18.16 15.14 39.20
N PHE F 2 -17.23 14.18 39.34
CA PHE F 2 -17.18 13.05 38.42
C PHE F 2 -18.45 12.21 38.50
N ALA F 3 -19.00 12.02 39.69
CA ALA F 3 -20.23 11.26 39.82
C ALA F 3 -21.37 11.94 39.08
N LYS F 4 -21.50 13.26 39.23
CA LYS F 4 -22.54 14.00 38.51
C LYS F 4 -22.33 13.90 37.01
N LEU F 5 -21.09 14.04 36.55
CA LEU F 5 -20.82 13.93 35.12
C LEU F 5 -21.18 12.55 34.60
N ALA F 6 -20.83 11.50 35.35
CA ALA F 6 -21.15 10.15 34.93
C ALA F 6 -22.65 9.93 34.87
N ALA F 7 -23.39 10.41 35.88
CA ALA F 7 -24.84 10.26 35.87
C ALA F 7 -25.46 11.01 34.70
N ALA F 8 -24.98 12.23 34.44
CA ALA F 8 -25.52 13.02 33.34
C ALA F 8 -25.22 12.35 32.00
N GLN F 9 -24.02 11.80 31.85
CA GLN F 9 -23.69 11.12 30.61
C GLN F 9 -24.50 9.84 30.43
N GLY F 10 -24.75 9.11 31.52
CA GLY F 10 -25.61 7.95 31.44
C GLY F 10 -27.02 8.31 31.04
N ASP F 11 -27.56 9.38 31.63
CA ASP F 11 -28.89 9.84 31.24
C ASP F 11 -28.92 10.28 29.79
N ALA F 12 -27.87 10.98 29.34
CA ALA F 12 -27.82 11.39 27.94
C ALA F 12 -27.76 10.18 27.01
N ILE F 13 -26.97 9.18 27.37
CA ILE F 13 -26.87 7.99 26.53
C ILE F 13 -28.21 7.28 26.47
N ASP F 14 -28.87 7.11 27.61
CA ASP F 14 -30.14 6.41 27.65
C ASP F 14 -31.30 7.24 27.11
N SER F 15 -31.10 8.54 26.88
CA SER F 15 -32.11 9.34 26.21
C SER F 15 -31.90 9.36 24.71
N ARG F 16 -30.67 9.63 24.26
CA ARG F 16 -30.38 9.58 22.83
C ARG F 16 -30.68 8.19 22.28
N TYR F 17 -30.14 7.17 22.91
CA TYR F 17 -30.40 5.78 22.60
C TYR F 17 -31.14 5.17 23.77
N HIS F 18 -31.40 3.87 23.71
CA HIS F 18 -31.98 3.14 24.82
C HIS F 18 -31.22 1.83 25.02
N PRO F 19 -29.93 1.91 25.34
CA PRO F 19 -29.11 0.71 25.48
C PRO F 19 -29.10 0.09 26.86
N SER F 20 -30.03 0.46 27.74
CA SER F 20 -29.98 -0.02 29.12
C SER F 20 -30.09 -1.54 29.16
N ALA F 21 -31.12 -2.10 28.51
CA ALA F 21 -31.34 -3.54 28.58
C ALA F 21 -30.19 -4.30 27.94
N ALA F 22 -29.76 -3.89 26.75
CA ALA F 22 -28.68 -4.59 26.07
C ALA F 22 -27.39 -4.51 26.85
N VAL F 23 -27.06 -3.34 27.39
CA VAL F 23 -25.84 -3.17 28.16
C VAL F 23 -25.90 -4.02 29.42
N ARG F 24 -27.05 -4.06 30.09
CA ARG F 24 -27.19 -4.91 31.27
C ARG F 24 -27.00 -6.37 30.91
N ARG F 25 -27.54 -6.80 29.78
CA ARG F 25 -27.34 -8.17 29.34
C ARG F 25 -25.85 -8.46 29.14
N GLN F 26 -25.15 -7.54 28.48
CA GLN F 26 -23.72 -7.74 28.24
C GLN F 26 -22.96 -7.81 29.56
N LEU F 27 -23.28 -6.91 30.49
CA LEU F 27 -22.56 -6.88 31.76
C LEU F 27 -22.85 -8.10 32.61
N ASN F 28 -24.09 -8.60 32.57
CA ASN F 28 -24.48 -9.75 33.36
C ASN F 28 -24.10 -11.07 32.71
N LYS F 29 -23.72 -11.07 31.44
CA LYS F 29 -23.30 -12.31 30.79
C LYS F 29 -22.21 -12.98 31.61
N VAL F 30 -22.35 -14.28 31.84
CA VAL F 30 -21.45 -15.05 32.69
C VAL F 30 -20.48 -15.80 31.81
N PHE F 31 -19.20 -15.76 32.18
CA PHE F 31 -18.14 -16.44 31.45
C PHE F 31 -17.42 -17.41 32.37
N PRO F 32 -17.25 -18.67 31.99
CA PRO F 32 -16.50 -19.58 32.86
C PRO F 32 -15.06 -19.09 33.08
N THR F 33 -14.55 -19.35 34.29
CA THR F 33 -13.26 -18.83 34.70
C THR F 33 -12.15 -19.87 34.58
N HIS F 34 -12.21 -20.72 33.56
CA HIS F 34 -11.17 -21.70 33.33
C HIS F 34 -10.00 -21.07 32.58
N TRP F 35 -8.79 -21.43 32.98
CA TRP F 35 -7.60 -20.84 32.37
C TRP F 35 -7.51 -21.20 30.90
N SER F 36 -7.87 -22.43 30.55
CA SER F 36 -7.74 -22.88 29.17
C SER F 36 -8.64 -22.07 28.24
N PHE F 37 -9.61 -21.35 28.78
CA PHE F 37 -10.48 -20.51 27.98
C PHE F 37 -9.88 -19.15 27.67
N LEU F 38 -8.69 -18.86 28.21
CA LEU F 38 -7.97 -17.64 27.85
C LEU F 38 -7.02 -17.86 26.67
N LEU F 39 -6.93 -19.09 26.17
CA LEU F 39 -6.02 -19.38 25.08
C LEU F 39 -6.43 -18.65 23.81
N GLY F 40 -7.74 -18.59 23.55
CA GLY F 40 -8.22 -17.80 22.42
C GLY F 40 -7.99 -16.32 22.62
N GLU F 41 -8.11 -15.85 23.87
CA GLU F 41 -7.85 -14.44 24.16
C GLU F 41 -6.39 -14.10 23.87
N ILE F 42 -5.49 -15.05 24.10
CA ILE F 42 -4.08 -14.82 23.75
C ILE F 42 -3.96 -14.50 22.27
N ALA F 43 -4.61 -15.31 21.43
CA ALA F 43 -4.55 -15.09 19.99
C ALA F 43 -5.17 -13.76 19.62
N LEU F 44 -6.30 -13.42 20.24
CA LEU F 44 -6.97 -12.16 19.95
C LEU F 44 -6.07 -10.98 20.29
N TYR F 45 -5.43 -11.02 21.45
CA TYR F 45 -4.56 -9.93 21.88
C TYR F 45 -3.33 -9.82 20.99
N SER F 46 -2.75 -10.96 20.62
CA SER F 46 -1.62 -10.94 19.71
C SER F 46 -2.03 -10.37 18.36
N PHE F 47 -3.25 -10.65 17.91
CA PHE F 47 -3.76 -10.06 16.67
C PHE F 47 -3.88 -8.55 16.79
N ILE F 48 -4.37 -8.07 17.93
CA ILE F 48 -4.50 -6.63 18.13
C ILE F 48 -3.12 -5.97 18.10
N ILE F 49 -2.14 -6.58 18.77
CA ILE F 49 -0.77 -6.06 18.76
C ILE F 49 -0.23 -6.07 17.33
N LEU F 50 -0.54 -7.14 16.58
CA LEU F 50 -0.10 -7.22 15.20
C LEU F 50 -0.66 -6.06 14.39
N LEU F 51 -1.94 -5.76 14.56
CA LEU F 51 -2.55 -4.64 13.84
C LEU F 51 -1.86 -3.33 14.20
N LEU F 52 -1.67 -3.09 15.49
CA LEU F 52 -1.11 -1.82 15.93
C LEU F 52 0.31 -1.63 15.41
N THR F 53 1.11 -2.70 15.45
CA THR F 53 2.48 -2.60 14.95
C THR F 53 2.51 -2.56 13.42
N GLY F 54 1.55 -3.23 12.77
CA GLY F 54 1.53 -3.24 11.32
C GLY F 54 1.20 -1.89 10.74
N VAL F 55 0.34 -1.13 11.41
CA VAL F 55 0.07 0.23 10.96
C VAL F 55 1.35 1.05 10.97
N TRP F 56 2.10 0.96 12.08
CA TRP F 56 3.36 1.68 12.20
C TRP F 56 4.33 1.24 11.11
N LEU F 57 4.41 -0.06 10.86
CA LEU F 57 5.31 -0.57 9.82
C LEU F 57 4.92 -0.09 8.43
N THR F 58 3.62 -0.10 8.10
CA THR F 58 3.15 0.41 6.83
C THR F 58 3.46 1.89 6.66
N LEU F 59 3.52 2.65 7.76
CA LEU F 59 3.91 4.05 7.63
C LEU F 59 5.33 4.22 7.11
N PHE F 60 6.16 3.18 7.13
CA PHE F 60 7.56 3.29 6.75
C PHE F 60 8.00 2.31 5.67
N PHE F 61 7.19 1.33 5.32
CA PHE F 61 7.60 0.28 4.38
C PHE F 61 7.23 0.68 2.96
N ASP F 62 8.11 0.38 2.01
CA ASP F 62 7.89 0.65 0.60
C ASP F 62 7.97 -0.66 -0.18
N PRO F 63 6.85 -1.24 -0.63
CA PRO F 63 6.91 -2.51 -1.36
C PRO F 63 7.24 -2.28 -2.82
N SER F 64 8.38 -2.83 -3.25
CA SER F 64 8.75 -2.77 -4.66
C SER F 64 10.02 -3.58 -4.87
N MET F 65 10.13 -4.17 -6.07
CA MET F 65 11.36 -4.78 -6.52
C MET F 65 12.27 -3.80 -7.23
N ALA F 66 11.85 -2.56 -7.39
CA ALA F 66 12.69 -1.55 -8.04
C ALA F 66 14.07 -1.57 -7.43
N HIS F 67 15.07 -1.91 -8.25
CA HIS F 67 16.42 -2.08 -7.74
C HIS F 67 16.99 -0.74 -7.30
N VAL F 68 17.73 -0.76 -6.19
CA VAL F 68 18.38 0.43 -5.67
C VAL F 68 19.65 0.02 -4.96
N THR F 69 20.68 0.85 -5.07
CA THR F 69 21.85 0.72 -4.22
C THR F 69 21.56 1.33 -2.87
N TYR F 70 21.97 0.65 -1.80
CA TYR F 70 21.52 1.03 -0.46
C TYR F 70 21.86 2.48 -0.16
N ASP F 71 23.15 2.81 -0.08
CA ASP F 71 23.59 4.15 0.26
C ASP F 71 22.89 4.64 1.52
N GLY F 72 22.71 3.73 2.48
CA GLY F 72 22.05 4.06 3.73
C GLY F 72 23.02 4.22 4.87
N VAL F 73 22.71 3.66 6.03
CA VAL F 73 23.56 3.74 7.19
C VAL F 73 24.25 2.41 7.50
N TYR F 74 23.60 1.28 7.24
CA TYR F 74 24.20 -0.02 7.52
C TYR F 74 25.37 -0.24 6.58
N GLN F 75 26.58 -0.14 7.13
CA GLN F 75 27.77 -0.21 6.29
C GLN F 75 27.94 -1.56 5.60
N PRO F 76 27.76 -2.70 6.26
CA PRO F 76 28.05 -3.99 5.60
C PRO F 76 27.25 -4.23 4.34
N LEU F 77 26.19 -3.46 4.08
CA LEU F 77 25.43 -3.54 2.84
C LEU F 77 25.37 -2.14 2.26
N ARG F 78 26.40 -1.74 1.53
CA ARG F 78 26.46 -0.42 0.91
C ARG F 78 26.88 -0.58 -0.53
N GLY F 79 26.14 0.05 -1.44
CA GLY F 79 26.40 -0.09 -2.86
C GLY F 79 25.95 -1.40 -3.43
N VAL F 80 25.22 -2.21 -2.68
CA VAL F 80 24.76 -3.51 -3.15
C VAL F 80 23.36 -3.35 -3.73
N GLN F 81 23.16 -3.88 -4.93
CA GLN F 81 21.84 -3.83 -5.54
C GLN F 81 20.83 -4.53 -4.64
N MET F 82 19.73 -3.84 -4.36
CA MET F 82 18.66 -4.40 -3.54
C MET F 82 17.34 -3.77 -3.98
N SER F 83 16.26 -4.45 -3.61
CA SER F 83 14.94 -3.93 -3.91
C SER F 83 14.54 -2.84 -2.91
N ARG F 84 13.59 -2.01 -3.31
CA ARG F 84 13.12 -0.97 -2.41
C ARG F 84 12.49 -1.55 -1.16
N ALA F 85 11.87 -2.73 -1.27
CA ALA F 85 11.32 -3.40 -0.09
C ALA F 85 12.42 -3.66 0.93
N TYR F 86 13.52 -4.28 0.49
CA TYR F 86 14.62 -4.54 1.39
C TYR F 86 15.23 -3.25 1.92
N GLU F 87 15.36 -2.25 1.05
CA GLU F 87 15.96 -0.98 1.48
C GLU F 87 15.13 -0.34 2.57
N THR F 88 13.80 -0.33 2.42
CA THR F 88 12.97 0.31 3.42
C THR F 88 12.83 -0.54 4.68
N ALA F 89 12.94 -1.86 4.56
CA ALA F 89 13.00 -2.69 5.76
C ALA F 89 14.27 -2.38 6.55
N LEU F 90 15.39 -2.22 5.85
CA LEU F 90 16.62 -1.80 6.50
C LEU F 90 16.47 -0.41 7.11
N ASP F 91 15.77 0.48 6.42
CA ASP F 91 15.54 1.81 6.96
C ASP F 91 14.72 1.75 8.24
N ILE F 92 13.69 0.91 8.27
CA ILE F 92 12.94 0.70 9.50
C ILE F 92 13.86 0.20 10.60
N SER F 93 14.71 -0.77 10.27
CA SER F 93 15.59 -1.35 11.28
C SER F 93 16.55 -0.33 11.85
N PHE F 94 17.14 0.51 10.99
CA PHE F 94 18.28 1.33 11.39
C PHE F 94 17.97 2.81 11.47
N GLU F 95 17.42 3.40 10.40
CA GLU F 95 17.29 4.85 10.29
C GLU F 95 15.94 5.37 10.78
N VAL F 96 15.15 4.54 11.47
CA VAL F 96 13.92 4.98 12.10
C VAL F 96 13.99 4.59 13.57
N ARG F 97 13.77 5.58 14.44
CA ARG F 97 13.88 5.35 15.88
C ARG F 97 12.80 4.38 16.31
N GLY F 98 13.21 3.33 17.02
CA GLY F 98 12.28 2.30 17.45
C GLY F 98 11.74 1.43 16.35
N GLY F 99 12.19 1.62 15.11
CA GLY F 99 11.68 0.81 14.03
C GLY F 99 12.09 -0.64 14.14
N LEU F 100 13.34 -0.88 14.54
CA LEU F 100 13.77 -2.26 14.78
C LEU F 100 12.91 -2.91 15.85
N PHE F 101 12.65 -2.18 16.94
CA PHE F 101 11.82 -2.74 18.00
C PHE F 101 10.41 -3.02 17.51
N VAL F 102 9.85 -2.10 16.71
CA VAL F 102 8.47 -2.27 16.26
C VAL F 102 8.36 -3.47 15.34
N ARG F 103 9.30 -3.61 14.40
CA ARG F 103 9.23 -4.77 13.50
C ARG F 103 9.52 -6.06 14.25
N GLN F 104 10.40 -6.03 15.25
CA GLN F 104 10.68 -7.23 16.01
C GLN F 104 9.48 -7.66 16.83
N VAL F 105 8.82 -6.72 17.50
CA VAL F 105 7.64 -7.06 18.27
C VAL F 105 6.51 -7.46 17.34
N HIS F 106 6.47 -6.91 16.12
CA HIS F 106 5.49 -7.35 15.14
C HIS F 106 5.69 -8.82 14.78
N HIS F 107 6.93 -9.20 14.49
CA HIS F 107 7.21 -10.59 14.12
C HIS F 107 7.00 -11.52 15.30
N TRP F 108 7.39 -11.09 16.50
CA TRP F 108 7.14 -11.91 17.69
C TRP F 108 5.65 -12.05 17.95
N ALA F 109 4.88 -10.98 17.71
CA ALA F 109 3.43 -11.07 17.83
C ALA F 109 2.86 -12.03 16.80
N ALA F 110 3.42 -12.05 15.59
CA ALA F 110 2.98 -13.03 14.60
C ALA F 110 3.24 -14.45 15.07
N LEU F 111 4.43 -14.69 15.62
CA LEU F 111 4.76 -16.03 16.11
C LEU F 111 3.84 -16.42 17.26
N MET F 112 3.58 -15.50 18.19
CA MET F 112 2.67 -15.80 19.29
C MET F 112 1.24 -15.98 18.79
N PHE F 113 0.84 -15.23 17.77
CA PHE F 113 -0.47 -15.39 17.18
C PHE F 113 -0.65 -16.81 16.64
N ALA F 114 0.32 -17.27 15.85
CA ALA F 114 0.25 -18.63 15.33
C ALA F 114 0.26 -19.65 16.48
N ALA F 115 1.17 -19.47 17.45
CA ALA F 115 1.30 -20.44 18.52
C ALA F 115 0.04 -20.51 19.37
N SER F 116 -0.55 -19.35 19.68
CA SER F 116 -1.76 -19.33 20.49
C SER F 116 -2.96 -19.84 19.72
N ILE F 117 -3.01 -19.62 18.40
CA ILE F 117 -4.05 -20.25 17.60
C ILE F 117 -3.92 -21.76 17.68
N MET F 118 -2.69 -22.26 17.57
CA MET F 118 -2.46 -23.71 17.67
C MET F 118 -2.85 -24.26 19.03
N VAL F 119 -2.48 -23.57 20.11
CA VAL F 119 -2.85 -24.00 21.45
C VAL F 119 -4.36 -23.95 21.67
N HIS F 120 -5.02 -22.90 21.18
CA HIS F 120 -6.48 -22.82 21.28
C HIS F 120 -7.15 -23.94 20.50
N LEU F 121 -6.64 -24.24 19.31
CA LEU F 121 -7.16 -25.36 18.54
C LEU F 121 -7.00 -26.67 19.31
N ALA F 122 -5.84 -26.88 19.94
CA ALA F 122 -5.66 -28.05 20.77
C ALA F 122 -6.69 -28.10 21.89
N ARG F 123 -6.87 -26.98 22.59
CA ARG F 123 -7.83 -26.94 23.69
C ARG F 123 -9.21 -27.35 23.22
N ILE F 124 -9.71 -26.69 22.17
CA ILE F 124 -11.07 -26.96 21.72
C ILE F 124 -11.21 -28.39 21.22
N PHE F 125 -10.23 -28.86 20.45
CA PHE F 125 -10.33 -30.21 19.90
C PHE F 125 -10.35 -31.25 21.01
N PHE F 126 -9.46 -31.10 22.00
CA PHE F 126 -9.33 -32.11 23.03
C PHE F 126 -10.49 -32.05 24.03
N THR F 127 -11.07 -30.86 24.25
CA THR F 127 -12.21 -30.73 25.14
C THR F 127 -13.54 -30.88 24.43
N GLY F 128 -13.54 -31.10 23.12
CA GLY F 128 -14.78 -31.29 22.40
C GLY F 128 -15.65 -30.05 22.35
N ALA F 129 -15.05 -28.88 22.17
CA ALA F 129 -15.79 -27.63 22.10
C ALA F 129 -16.31 -27.33 20.71
N PHE F 130 -16.45 -28.35 19.86
CA PHE F 130 -16.87 -28.16 18.48
C PHE F 130 -18.13 -28.94 18.12
N ARG F 131 -18.50 -29.95 18.90
CA ARG F 131 -19.57 -30.85 18.50
C ARG F 131 -20.93 -30.18 18.64
N ARG F 132 -21.94 -30.75 17.95
CA ARG F 132 -23.22 -30.15 17.63
C ARG F 132 -23.10 -28.62 17.57
N PRO F 133 -23.36 -27.82 18.62
CA PRO F 133 -23.17 -26.38 18.43
C PRO F 133 -21.69 -26.08 18.32
N ARG F 134 -21.38 -24.90 17.80
CA ARG F 134 -20.01 -24.41 17.70
C ARG F 134 -19.23 -25.17 16.64
N GLU F 135 -19.85 -26.07 15.88
CA GLU F 135 -19.14 -26.75 14.80
C GLU F 135 -18.80 -25.78 13.67
N ALA F 136 -19.73 -24.89 13.32
CA ALA F 136 -19.42 -23.83 12.38
C ALA F 136 -18.37 -22.88 12.96
N ASN F 137 -18.39 -22.66 14.26
CA ASN F 137 -17.35 -21.86 14.90
C ASN F 137 -15.99 -22.50 14.70
N TRP F 138 -15.92 -23.82 14.87
CA TRP F 138 -14.68 -24.54 14.62
C TRP F 138 -14.26 -24.40 13.16
N VAL F 139 -15.23 -24.48 12.24
CA VAL F 139 -14.91 -24.39 10.82
C VAL F 139 -14.28 -23.04 10.51
N ILE F 140 -14.92 -21.95 10.94
CA ILE F 140 -14.39 -20.63 10.66
C ILE F 140 -13.08 -20.41 11.40
N GLY F 141 -12.92 -21.04 12.56
CA GLY F 141 -11.64 -20.96 13.24
C GLY F 141 -10.53 -21.65 12.48
N SER F 142 -10.84 -22.77 11.83
CA SER F 142 -9.86 -23.45 10.99
C SER F 142 -9.48 -22.56 9.81
N LEU F 143 -10.48 -21.95 9.17
CA LEU F 143 -10.18 -20.98 8.12
C LEU F 143 -9.28 -19.88 8.64
N LEU F 144 -9.56 -19.42 9.87
CA LEU F 144 -8.78 -18.36 10.48
C LEU F 144 -7.33 -18.79 10.69
N LEU F 145 -7.14 -20.03 11.13
CA LEU F 145 -5.78 -20.54 11.33
C LEU F 145 -5.03 -20.61 10.01
N ILE F 146 -5.70 -21.08 8.96
CA ILE F 146 -5.05 -21.15 7.64
C ILE F 146 -4.68 -19.76 7.17
N LEU F 147 -5.61 -18.81 7.35
CA LEU F 147 -5.35 -17.44 6.95
C LEU F 147 -4.19 -16.84 7.73
N ALA F 148 -4.11 -17.16 9.02
CA ALA F 148 -2.99 -16.67 9.83
C ALA F 148 -1.68 -17.25 9.36
N MET F 149 -1.67 -18.54 9.03
CA MET F 149 -0.46 -19.17 8.51
C MET F 149 0.02 -18.45 7.27
N PHE F 150 -0.86 -18.27 6.29
CA PHE F 150 -0.44 -17.63 5.04
C PHE F 150 -0.19 -16.14 5.24
N GLU F 151 -0.84 -15.52 6.21
CA GLU F 151 -0.58 -14.12 6.51
C GLU F 151 0.84 -13.93 7.02
N GLY F 152 1.27 -14.78 7.96
CA GLY F 152 2.65 -14.74 8.40
C GLY F 152 3.61 -15.10 7.29
N PHE F 153 3.21 -16.03 6.42
CA PHE F 153 4.05 -16.40 5.28
C PHE F 153 4.32 -15.20 4.39
N PHE F 154 3.28 -14.44 4.06
CA PHE F 154 3.45 -13.22 3.28
C PHE F 154 4.13 -12.11 4.07
N GLY F 155 3.97 -12.08 5.39
CA GLY F 155 4.58 -11.06 6.20
C GLY F 155 6.07 -11.17 6.24
N TYR F 156 6.61 -12.30 6.70
CA TYR F 156 8.07 -12.42 6.75
C TYR F 156 8.67 -12.51 5.36
N SER F 157 7.86 -12.73 4.33
CA SER F 157 8.31 -12.63 2.95
C SER F 157 8.21 -11.21 2.41
N LEU F 158 7.53 -10.32 3.11
CA LEU F 158 7.32 -8.97 2.59
C LEU F 158 8.62 -8.21 2.38
N PRO F 159 9.53 -8.12 3.35
CA PRO F 159 10.82 -7.48 3.06
C PRO F 159 11.69 -8.39 2.22
N ASP F 160 11.83 -8.04 0.93
CA ASP F 160 12.54 -8.91 0.01
C ASP F 160 13.91 -9.22 0.59
N ASP F 161 14.13 -10.48 0.96
CA ASP F 161 15.27 -10.89 1.75
C ASP F 161 15.82 -12.17 1.15
N LEU F 162 17.08 -12.48 1.48
CA LEU F 162 17.65 -13.73 0.98
C LEU F 162 16.88 -14.93 1.52
N LEU F 163 16.72 -15.00 2.84
CA LEU F 163 16.05 -16.14 3.45
C LEU F 163 14.61 -16.26 2.97
N SER F 164 13.85 -15.16 3.10
CA SER F 164 12.42 -15.22 2.80
C SER F 164 12.17 -15.34 1.30
N GLY F 165 13.02 -14.72 0.49
CA GLY F 165 12.91 -14.87 -0.95
C GLY F 165 13.24 -16.27 -1.39
N THR F 166 14.21 -16.92 -0.74
CA THR F 166 14.45 -18.33 -1.01
C THR F 166 13.25 -19.17 -0.64
N GLY F 167 12.63 -18.87 0.50
CA GLY F 167 11.42 -19.58 0.88
C GLY F 167 10.30 -19.39 -0.13
N ILE F 168 10.15 -18.16 -0.64
CA ILE F 168 9.15 -17.90 -1.68
C ILE F 168 9.47 -18.70 -2.93
N ARG F 169 10.71 -18.62 -3.39
CA ARG F 169 11.12 -19.37 -4.58
C ARG F 169 10.81 -20.85 -4.42
N ALA F 170 11.10 -21.41 -3.25
CA ALA F 170 10.75 -22.82 -3.05
C ALA F 170 9.24 -22.97 -3.12
N ALA F 171 8.52 -22.47 -2.13
CA ALA F 171 7.11 -22.82 -1.99
C ALA F 171 6.27 -22.19 -3.08
N LEU F 172 6.16 -20.87 -3.07
CA LEU F 172 5.16 -20.21 -3.91
C LEU F 172 5.43 -20.49 -5.38
N SER F 173 6.70 -20.51 -5.78
CA SER F 173 7.01 -20.72 -7.18
C SER F 173 6.99 -22.20 -7.54
N GLY F 174 7.83 -23.02 -6.91
CA GLY F 174 7.93 -24.41 -7.33
C GLY F 174 6.64 -25.17 -7.16
N ILE F 175 6.02 -25.06 -5.97
CA ILE F 175 4.80 -25.83 -5.72
C ILE F 175 3.70 -25.39 -6.68
N THR F 176 3.56 -24.07 -6.83
CA THR F 176 2.52 -23.55 -7.71
C THR F 176 2.73 -23.99 -9.16
N MET F 177 3.98 -23.94 -9.62
CA MET F 177 4.27 -24.23 -11.02
C MET F 177 4.33 -25.72 -11.31
N GLY F 178 4.39 -26.57 -10.29
CA GLY F 178 4.37 -28.00 -10.50
C GLY F 178 2.98 -28.59 -10.62
N ILE F 179 1.96 -27.81 -10.27
CA ILE F 179 0.60 -28.37 -10.23
C ILE F 179 0.19 -28.77 -11.64
N PRO F 180 -0.37 -29.97 -11.87
CA PRO F 180 -0.43 -30.49 -13.24
C PRO F 180 -1.20 -29.64 -14.24
N VAL F 181 -2.50 -29.43 -14.05
CA VAL F 181 -3.29 -28.89 -15.13
C VAL F 181 -3.10 -27.38 -15.29
N ILE F 182 -2.96 -26.66 -14.18
CA ILE F 182 -2.98 -25.21 -14.20
C ILE F 182 -1.81 -24.63 -13.42
N GLY F 183 -0.79 -25.44 -13.13
CA GLY F 183 0.27 -24.99 -12.24
C GLY F 183 0.99 -23.76 -12.77
N THR F 184 1.46 -23.84 -14.01
CA THR F 184 2.17 -22.71 -14.60
C THR F 184 1.26 -21.51 -14.75
N TRP F 185 -0.03 -21.74 -15.03
CA TRP F 185 -0.97 -20.64 -15.18
C TRP F 185 -1.17 -19.92 -13.86
N MET F 186 -1.33 -20.66 -12.76
CA MET F 186 -1.42 -20.04 -11.45
C MET F 186 -0.15 -19.28 -11.12
N HIS F 187 1.01 -19.89 -11.41
CA HIS F 187 2.27 -19.21 -11.15
C HIS F 187 2.33 -17.87 -11.87
N TRP F 188 2.00 -17.86 -13.16
CA TRP F 188 2.09 -16.64 -13.93
C TRP F 188 1.04 -15.62 -13.52
N ALA F 189 -0.17 -16.06 -13.17
CA ALA F 189 -1.17 -15.13 -12.68
C ALA F 189 -0.73 -14.47 -11.39
N LEU F 190 -0.13 -15.25 -10.49
CA LEU F 190 0.27 -14.70 -9.19
C LEU F 190 1.47 -13.78 -9.34
N PHE F 191 2.47 -14.17 -10.11
CA PHE F 191 3.71 -13.43 -10.21
C PHE F 191 3.74 -12.43 -11.36
N GLY F 192 2.64 -12.29 -12.10
CA GLY F 192 2.65 -11.40 -13.25
C GLY F 192 3.65 -11.81 -14.31
N GLY F 193 4.07 -13.06 -14.30
CA GLY F 193 5.09 -13.53 -15.21
C GLY F 193 5.96 -14.57 -14.52
N ASP F 194 7.24 -14.59 -14.90
CA ASP F 194 8.19 -15.52 -14.31
C ASP F 194 8.35 -15.21 -12.82
N PHE F 195 9.14 -16.02 -12.14
CA PHE F 195 9.21 -15.93 -10.68
C PHE F 195 9.57 -14.53 -10.19
N PRO F 196 10.61 -13.87 -10.69
CA PRO F 196 11.00 -12.57 -10.11
C PRO F 196 10.16 -11.42 -10.63
N GLY F 197 8.99 -11.71 -11.19
CA GLY F 197 8.10 -10.69 -11.70
C GLY F 197 8.04 -9.46 -10.83
N GLU F 198 7.96 -8.29 -11.44
CA GLU F 198 8.08 -7.02 -10.73
C GLU F 198 6.84 -6.63 -9.94
N ILE F 199 5.87 -7.53 -9.70
CA ILE F 199 4.66 -7.19 -8.96
C ILE F 199 4.44 -8.10 -7.77
N LEU F 200 5.32 -9.06 -7.52
CA LEU F 200 5.08 -10.04 -6.47
C LEU F 200 4.95 -9.36 -5.11
N ILE F 201 5.96 -8.57 -4.73
CA ILE F 201 5.94 -7.96 -3.40
C ILE F 201 4.83 -6.94 -3.25
N PRO F 202 4.56 -6.07 -4.23
CA PRO F 202 3.36 -5.22 -4.09
C PRO F 202 2.08 -6.01 -3.91
N ARG F 203 1.92 -7.11 -4.64
CA ARG F 203 0.72 -7.93 -4.49
C ARG F 203 0.66 -8.54 -3.10
N LEU F 204 1.78 -9.05 -2.60
CA LEU F 204 1.82 -9.62 -1.26
C LEU F 204 1.57 -8.55 -0.21
N TYR F 205 2.05 -7.33 -0.46
CA TYR F 205 1.80 -6.23 0.47
C TYR F 205 0.32 -5.92 0.56
N ALA F 206 -0.35 -5.81 -0.58
CA ALA F 206 -1.80 -5.65 -0.54
C ALA F 206 -2.45 -6.79 0.24
N LEU F 207 -2.12 -8.03 -0.14
CA LEU F 207 -2.73 -9.19 0.52
C LEU F 207 -2.49 -9.19 2.02
N HIS F 208 -1.34 -8.70 2.45
CA HIS F 208 -0.90 -8.86 3.82
C HIS F 208 -1.29 -7.69 4.72
N ILE F 209 -1.53 -6.50 4.18
CA ILE F 209 -1.89 -5.37 5.02
C ILE F 209 -3.39 -5.14 4.96
N LEU F 210 -4.04 -5.45 3.82
CA LEU F 210 -5.47 -5.18 3.69
C LEU F 210 -6.29 -6.44 3.49
N LEU F 211 -6.00 -7.24 2.47
CA LEU F 211 -6.95 -8.27 2.06
C LEU F 211 -7.05 -9.38 3.10
N ILE F 212 -5.96 -10.09 3.35
CA ILE F 212 -6.01 -11.20 4.30
C ILE F 212 -6.28 -10.70 5.71
N PRO F 213 -5.65 -9.64 6.21
CA PRO F 213 -6.04 -9.13 7.54
C PRO F 213 -7.48 -8.67 7.60
N GLY F 214 -8.04 -8.13 6.53
CA GLY F 214 -9.46 -7.79 6.55
C GLY F 214 -10.33 -9.02 6.73
N ILE F 215 -10.02 -10.10 6.01
CA ILE F 215 -10.77 -11.34 6.16
C ILE F 215 -10.58 -11.91 7.55
N ILE F 216 -9.36 -11.82 8.08
CA ILE F 216 -9.09 -12.32 9.42
C ILE F 216 -9.90 -11.53 10.44
N LEU F 217 -9.98 -10.21 10.28
CA LEU F 217 -10.76 -9.39 11.19
C LEU F 217 -12.24 -9.75 11.11
N ALA F 218 -12.76 -9.93 9.89
CA ALA F 218 -14.16 -10.30 9.74
C ALA F 218 -14.44 -11.65 10.38
N LEU F 219 -13.55 -12.62 10.17
CA LEU F 219 -13.76 -13.94 10.74
C LEU F 219 -13.56 -13.95 12.24
N ILE F 220 -12.68 -13.10 12.77
CA ILE F 220 -12.55 -12.97 14.23
C ILE F 220 -13.79 -12.34 14.82
N GLY F 221 -14.37 -11.36 14.11
CA GLY F 221 -15.63 -10.80 14.56
C GLY F 221 -16.73 -11.84 14.59
N ALA F 222 -16.83 -12.65 13.54
CA ALA F 222 -17.81 -13.73 13.53
C ALA F 222 -17.52 -14.73 14.66
N HIS F 223 -16.26 -15.07 14.87
CA HIS F 223 -15.88 -16.01 15.90
C HIS F 223 -16.29 -15.50 17.28
N LEU F 224 -15.93 -14.26 17.60
CA LEU F 224 -16.24 -13.71 18.90
C LEU F 224 -17.74 -13.52 19.08
N ALA F 225 -18.44 -13.11 18.03
CA ALA F 225 -19.90 -12.98 18.13
C ALA F 225 -20.54 -14.34 18.39
N LEU F 226 -20.07 -15.38 17.71
CA LEU F 226 -20.58 -16.72 17.94
C LEU F 226 -20.31 -17.16 19.35
N VAL F 227 -19.09 -16.94 19.86
CA VAL F 227 -18.80 -17.32 21.23
C VAL F 227 -19.68 -16.54 22.21
N TRP F 228 -19.93 -15.27 21.90
CA TRP F 228 -20.71 -14.41 22.79
C TRP F 228 -22.15 -14.87 22.88
N PHE F 229 -22.79 -15.13 21.74
CA PHE F 229 -24.22 -15.41 21.71
C PHE F 229 -24.54 -16.89 21.79
N GLN F 230 -23.57 -17.76 21.54
CA GLN F 230 -23.65 -19.18 21.80
C GLN F 230 -22.82 -19.42 23.05
N LYS F 231 -23.45 -19.16 24.20
CA LYS F 231 -22.72 -18.99 25.45
C LYS F 231 -21.59 -20.00 25.59
N HIS F 232 -20.47 -19.51 26.11
CA HIS F 232 -19.26 -20.33 26.19
C HIS F 232 -19.52 -21.63 26.95
N THR F 233 -19.06 -22.73 26.39
CA THR F 233 -19.19 -24.02 27.05
C THR F 233 -18.23 -24.10 28.23
N GLN F 234 -18.51 -25.04 29.14
CA GLN F 234 -17.80 -25.14 30.40
C GLN F 234 -17.56 -26.60 30.74
N PHE F 235 -16.53 -26.84 31.57
CA PHE F 235 -16.24 -28.19 32.01
C PHE F 235 -17.28 -28.65 33.03
N PRO F 236 -17.54 -29.95 33.12
CA PRO F 236 -18.45 -30.44 34.15
C PRO F 236 -17.94 -30.09 35.54
N GLY F 237 -18.86 -29.76 36.43
CA GLY F 237 -18.51 -29.33 37.76
C GLY F 237 -19.69 -29.37 38.70
N PRO F 238 -19.54 -28.80 39.89
CA PRO F 238 -20.60 -28.91 40.90
C PRO F 238 -21.95 -28.39 40.43
N GLY F 239 -22.01 -27.11 40.09
CA GLY F 239 -23.26 -26.49 39.66
C GLY F 239 -23.38 -26.32 38.17
N ARG F 240 -22.50 -26.94 37.39
CA ARG F 240 -22.43 -26.72 35.95
C ARG F 240 -23.22 -27.81 35.24
N THR F 241 -24.20 -27.40 34.44
CA THR F 241 -25.03 -28.31 33.66
C THR F 241 -25.01 -27.85 32.21
N GLU F 242 -25.70 -28.61 31.35
CA GLU F 242 -25.76 -28.26 29.95
C GLU F 242 -26.65 -27.05 29.66
N THR F 243 -27.39 -26.57 30.66
CA THR F 243 -28.33 -25.48 30.48
C THR F 243 -28.02 -24.32 31.43
N ASN F 244 -26.74 -24.09 31.72
CA ASN F 244 -26.35 -22.95 32.53
C ASN F 244 -24.87 -22.68 32.32
N VAL F 245 -24.46 -21.47 32.67
CA VAL F 245 -23.06 -21.06 32.60
C VAL F 245 -22.65 -20.59 33.99
N VAL F 246 -21.75 -21.34 34.63
CA VAL F 246 -21.25 -21.00 35.95
C VAL F 246 -19.90 -20.33 35.76
N GLY F 247 -19.74 -19.14 36.33
CA GLY F 247 -18.52 -18.39 36.19
C GLY F 247 -18.61 -17.03 36.84
N VAL F 248 -18.19 -15.99 36.13
CA VAL F 248 -18.22 -14.62 36.64
C VAL F 248 -18.80 -13.72 35.57
N ARG F 249 -19.50 -12.68 36.02
CA ARG F 249 -20.15 -11.76 35.11
C ARG F 249 -19.10 -10.91 34.38
N VAL F 250 -19.53 -10.34 33.25
CA VAL F 250 -18.60 -9.62 32.39
C VAL F 250 -18.03 -8.39 33.12
N MET F 251 -18.89 -7.62 33.78
CA MET F 251 -18.48 -6.28 34.22
C MET F 251 -17.41 -6.34 35.30
N PRO F 252 -17.69 -6.83 36.51
CA PRO F 252 -16.75 -6.61 37.61
C PRO F 252 -15.44 -7.34 37.45
N VAL F 253 -15.49 -8.62 37.11
CA VAL F 253 -14.35 -9.52 37.24
C VAL F 253 -13.80 -9.93 35.87
N PHE F 254 -14.66 -10.45 34.99
CA PHE F 254 -14.18 -10.95 33.72
C PHE F 254 -13.53 -9.85 32.90
N ALA F 255 -14.17 -8.68 32.82
CA ALA F 255 -13.62 -7.60 32.02
C ALA F 255 -12.26 -7.16 32.54
N VAL F 256 -12.16 -6.98 33.86
CA VAL F 256 -10.90 -6.50 34.43
C VAL F 256 -9.80 -7.54 34.21
N LYS F 257 -10.10 -8.82 34.43
CA LYS F 257 -9.06 -9.83 34.26
C LYS F 257 -8.67 -10.01 32.80
N SER F 258 -9.62 -9.86 31.87
CA SER F 258 -9.28 -9.95 30.46
C SER F 258 -8.41 -8.76 30.05
N GLY F 259 -8.73 -7.57 30.51
CA GLY F 259 -7.88 -6.42 30.22
C GLY F 259 -6.49 -6.57 30.80
N ALA F 260 -6.41 -7.08 32.03
CA ALA F 260 -5.10 -7.31 32.65
C ALA F 260 -4.32 -8.37 31.88
N PHE F 261 -5.01 -9.41 31.41
CA PHE F 261 -4.33 -10.44 30.62
C PHE F 261 -3.84 -9.87 29.31
N PHE F 262 -4.62 -8.99 28.69
CA PHE F 262 -4.15 -8.30 27.49
C PHE F 262 -2.90 -7.50 27.79
N ALA F 263 -2.90 -6.76 28.90
CA ALA F 263 -1.72 -5.99 29.28
C ALA F 263 -0.51 -6.89 29.46
N MET F 264 -0.68 -8.02 30.13
CA MET F 264 0.44 -8.90 30.39
C MET F 264 0.94 -9.56 29.10
N ILE F 265 0.02 -9.91 28.20
CA ILE F 265 0.43 -10.53 26.94
C ILE F 265 1.22 -9.53 26.10
N THR F 266 0.74 -8.28 26.00
CA THR F 266 1.50 -7.29 25.26
C THR F 266 2.82 -6.98 25.95
N GLY F 267 2.88 -7.08 27.27
CA GLY F 267 4.14 -6.92 27.96
C GLY F 267 5.13 -8.03 27.62
N VAL F 268 4.65 -9.27 27.57
CA VAL F 268 5.51 -10.37 27.16
C VAL F 268 6.01 -10.15 25.74
N LEU F 269 5.11 -9.72 24.84
CA LEU F 269 5.50 -9.49 23.45
C LEU F 269 6.53 -8.38 23.35
N GLY F 270 6.34 -7.29 24.09
CA GLY F 270 7.31 -6.21 24.06
C GLY F 270 8.65 -6.62 24.64
N LEU F 271 8.63 -7.37 25.75
CA LEU F 271 9.88 -7.86 26.32
C LEU F 271 10.62 -8.74 25.34
N MET F 272 9.90 -9.61 24.63
CA MET F 272 10.56 -10.46 23.64
C MET F 272 11.07 -9.64 22.46
N GLY F 273 10.29 -8.64 22.01
CA GLY F 273 10.76 -7.78 20.93
C GLY F 273 12.04 -7.05 21.30
N GLY F 274 12.19 -6.68 22.57
CA GLY F 274 13.40 -6.06 23.01
C GLY F 274 14.56 -7.03 23.15
N LEU F 275 14.38 -8.07 23.97
CA LEU F 275 15.49 -8.91 24.39
C LEU F 275 15.87 -9.98 23.38
N LEU F 276 14.94 -10.42 22.53
CA LEU F 276 15.19 -11.51 21.60
C LEU F 276 15.18 -10.97 20.18
N THR F 277 16.24 -11.27 19.43
CA THR F 277 16.36 -10.80 18.05
C THR F 277 15.59 -11.73 17.13
N ILE F 278 14.74 -11.14 16.29
CA ILE F 278 13.89 -11.89 15.37
C ILE F 278 14.14 -11.36 13.97
N ASN F 279 14.43 -12.26 13.04
CA ASN F 279 14.59 -11.93 11.62
C ASN F 279 15.56 -10.77 11.42
N PRO F 280 16.87 -10.99 11.59
CA PRO F 280 17.85 -9.93 11.28
C PRO F 280 18.09 -9.81 9.77
N ILE F 281 17.18 -9.08 9.11
CA ILE F 281 17.25 -8.96 7.66
C ILE F 281 18.57 -8.33 7.23
N TRP F 282 19.15 -7.48 8.07
CA TRP F 282 20.45 -6.90 7.72
C TRP F 282 21.50 -7.99 7.58
N ASN F 283 21.48 -8.98 8.49
CA ASN F 283 22.32 -10.14 8.33
C ASN F 283 21.95 -10.92 7.07
N LEU F 284 20.65 -11.06 6.81
CA LEU F 284 20.18 -11.77 5.63
C LEU F 284 20.22 -10.83 4.43
N GLY F 285 21.24 -10.96 3.60
CA GLY F 285 21.44 -10.05 2.49
C GLY F 285 20.21 -9.96 1.59
N PRO F 286 20.25 -9.05 0.63
CA PRO F 286 19.12 -8.93 -0.30
C PRO F 286 18.97 -10.18 -1.15
N TYR F 287 17.73 -10.47 -1.53
CA TYR F 287 17.47 -11.66 -2.33
C TYR F 287 18.21 -11.58 -3.66
N LYS F 288 18.88 -12.67 -4.02
CA LYS F 288 19.49 -12.83 -5.32
C LYS F 288 19.30 -14.31 -5.65
N PRO F 289 18.82 -14.66 -6.85
CA PRO F 289 18.60 -16.09 -7.15
C PRO F 289 19.85 -16.94 -6.99
N SER F 290 21.04 -16.36 -7.20
CA SER F 290 22.27 -17.13 -7.16
C SER F 290 22.77 -17.38 -5.73
N GLN F 291 22.26 -16.65 -4.75
CA GLN F 291 22.74 -16.75 -3.38
C GLN F 291 21.74 -17.52 -2.53
N VAL F 292 22.24 -18.20 -1.49
CA VAL F 292 21.40 -18.97 -0.59
C VAL F 292 22.21 -19.29 0.66
N SER F 293 21.51 -19.59 1.74
CA SER F 293 22.12 -20.06 2.98
C SER F 293 21.81 -21.53 3.19
N ALA F 294 22.22 -22.04 4.35
CA ALA F 294 21.98 -23.44 4.68
C ALA F 294 20.71 -23.62 5.49
N GLY F 295 20.31 -22.62 6.27
CA GLY F 295 19.11 -22.74 7.07
C GLY F 295 17.87 -22.91 6.22
N SER F 296 17.48 -21.84 5.51
CA SER F 296 16.38 -21.87 4.56
C SER F 296 15.16 -22.56 5.16
N GLN F 297 14.61 -21.95 6.21
CA GLN F 297 13.41 -22.44 6.85
C GLN F 297 12.36 -21.34 6.87
N PRO F 298 11.07 -21.72 6.90
CA PRO F 298 10.03 -20.71 7.12
C PRO F 298 9.70 -20.61 8.60
N ASP F 299 8.84 -19.66 8.97
CA ASP F 299 8.42 -19.56 10.37
C ASP F 299 7.82 -20.88 10.83
N PHE F 300 7.76 -21.04 12.15
CA PHE F 300 7.41 -22.34 12.71
C PHE F 300 6.03 -22.82 12.27
N TYR F 301 5.14 -21.91 11.87
CA TYR F 301 3.81 -22.34 11.44
C TYR F 301 3.81 -22.93 10.04
N MET F 302 4.71 -22.50 9.16
CA MET F 302 4.88 -23.12 7.85
C MET F 302 5.99 -24.17 7.86
N MET F 303 6.66 -24.34 8.99
CA MET F 303 7.69 -25.35 9.11
C MET F 303 7.17 -26.75 8.85
N TRP F 304 5.91 -27.05 9.18
CA TRP F 304 5.38 -28.38 8.90
C TRP F 304 5.17 -28.61 7.40
N THR F 305 4.73 -27.59 6.66
CA THR F 305 4.67 -27.74 5.21
C THR F 305 6.06 -27.93 4.62
N ASP F 306 7.03 -27.15 5.09
CA ASP F 306 8.40 -27.31 4.59
C ASP F 306 8.94 -28.70 4.91
N GLY F 307 8.67 -29.20 6.12
CA GLY F 307 9.10 -30.52 6.50
C GLY F 307 8.45 -31.60 5.66
N LEU F 308 7.18 -31.41 5.31
CA LEU F 308 6.53 -32.34 4.38
C LEU F 308 7.27 -32.35 3.05
N ILE F 309 7.62 -31.17 2.54
CA ILE F 309 8.38 -31.08 1.30
C ILE F 309 9.67 -31.88 1.42
N ARG F 310 10.39 -31.68 2.53
CA ARG F 310 11.68 -32.35 2.70
C ARG F 310 11.52 -33.86 2.78
N LEU F 311 10.56 -34.33 3.57
CA LEU F 311 10.46 -35.74 3.87
C LEU F 311 9.86 -36.54 2.73
N TRP F 312 8.94 -35.98 1.96
CA TRP F 312 8.25 -36.79 0.98
C TRP F 312 9.25 -37.36 -0.03
N PRO F 313 9.17 -38.68 -0.40
CA PRO F 313 10.30 -39.37 -1.01
C PRO F 313 10.42 -39.25 -2.53
N ALA F 314 10.41 -38.01 -3.02
CA ALA F 314 10.85 -37.71 -4.38
C ALA F 314 10.14 -38.59 -5.41
N TRP F 315 8.84 -38.75 -5.25
CA TRP F 315 8.03 -39.54 -6.18
C TRP F 315 7.46 -38.61 -7.23
N GLU F 316 7.91 -38.79 -8.47
CA GLU F 316 7.45 -37.99 -9.60
C GLU F 316 6.88 -38.90 -10.67
N PHE F 317 5.80 -38.45 -11.30
CA PHE F 317 5.13 -39.19 -12.35
C PHE F 317 5.23 -38.41 -13.66
N TYR F 318 5.39 -39.15 -14.75
CA TYR F 318 5.60 -38.56 -16.08
C TYR F 318 4.56 -39.15 -17.02
N PRO F 319 3.37 -38.57 -17.08
CA PRO F 319 2.37 -39.02 -18.06
C PRO F 319 2.83 -38.73 -19.48
N PHE F 320 1.94 -38.94 -20.45
CA PHE F 320 2.35 -38.85 -21.85
C PHE F 320 2.86 -37.45 -22.15
N GLY F 321 4.17 -37.32 -22.30
CA GLY F 321 4.77 -36.04 -22.60
C GLY F 321 4.52 -34.97 -21.56
N HIS F 322 4.50 -35.33 -20.28
CA HIS F 322 4.24 -34.38 -19.21
C HIS F 322 5.00 -34.81 -17.97
N THR F 323 5.00 -33.93 -16.97
CA THR F 323 5.68 -34.18 -15.71
C THR F 323 4.74 -33.82 -14.57
N ILE F 324 4.81 -34.61 -13.49
CA ILE F 324 4.02 -34.37 -12.29
C ILE F 324 5.02 -34.28 -11.14
N PRO F 325 5.59 -33.10 -10.86
CA PRO F 325 6.69 -33.03 -9.90
C PRO F 325 6.25 -33.37 -8.48
N GLN F 326 7.25 -33.49 -7.60
CA GLN F 326 6.98 -33.84 -6.21
C GLN F 326 6.26 -32.73 -5.47
N GLY F 327 6.20 -31.53 -6.05
CA GLY F 327 5.49 -30.44 -5.41
C GLY F 327 4.01 -30.72 -5.28
N VAL F 328 3.44 -31.43 -6.24
CA VAL F 328 2.00 -31.72 -6.21
C VAL F 328 1.70 -32.61 -5.01
N TRP F 329 2.61 -33.51 -4.67
CA TRP F 329 2.40 -34.38 -3.51
C TRP F 329 2.19 -33.55 -2.25
N VAL F 330 3.08 -32.60 -2.00
CA VAL F 330 2.96 -31.77 -0.80
C VAL F 330 1.75 -30.85 -0.90
N ALA F 331 1.43 -30.37 -2.11
CA ALA F 331 0.25 -29.53 -2.26
C ALA F 331 -1.01 -30.30 -1.89
N VAL F 332 -1.12 -31.53 -2.38
CA VAL F 332 -2.27 -32.37 -2.05
C VAL F 332 -2.26 -32.73 -0.57
N GLY F 333 -1.07 -32.92 0.00
CA GLY F 333 -0.98 -33.19 1.43
C GLY F 333 -1.52 -32.04 2.25
N MET F 334 -1.14 -30.81 1.89
CA MET F 334 -1.66 -29.64 2.58
C MET F 334 -3.16 -29.52 2.39
N GLY F 335 -3.64 -29.77 1.18
CA GLY F 335 -5.07 -29.76 0.93
C GLY F 335 -5.81 -30.74 1.81
N LEU F 336 -5.29 -31.96 1.92
CA LEU F 336 -5.90 -32.96 2.80
C LEU F 336 -5.84 -32.54 4.25
N VAL F 337 -4.72 -31.98 4.69
CA VAL F 337 -4.59 -31.54 6.07
C VAL F 337 -5.67 -30.51 6.39
N PHE F 338 -5.79 -29.48 5.56
CA PHE F 338 -6.78 -28.44 5.79
C PHE F 338 -8.20 -28.98 5.67
N ALA F 339 -8.49 -29.83 4.70
CA ALA F 339 -9.83 -30.38 4.57
C ALA F 339 -10.22 -31.18 5.80
N LEU F 340 -9.32 -32.05 6.27
CA LEU F 340 -9.59 -32.83 7.47
C LEU F 340 -9.76 -31.95 8.69
N LEU F 341 -8.92 -30.93 8.85
CA LEU F 341 -9.03 -30.04 9.99
C LEU F 341 -10.37 -29.30 9.97
N ILE F 342 -10.79 -28.83 8.80
CA ILE F 342 -12.03 -28.07 8.69
C ILE F 342 -13.22 -28.98 8.93
N ALA F 343 -13.15 -30.22 8.44
CA ALA F 343 -14.30 -31.12 8.44
C ALA F 343 -14.27 -32.12 9.58
N TYR F 344 -13.37 -31.97 10.55
CA TYR F 344 -13.33 -32.94 11.65
C TYR F 344 -14.64 -33.03 12.41
N PRO F 345 -15.25 -31.94 12.91
CA PRO F 345 -16.47 -32.11 13.70
C PRO F 345 -17.54 -32.89 12.97
N PHE F 346 -17.68 -32.67 11.67
CA PHE F 346 -18.64 -33.43 10.89
C PHE F 346 -18.17 -34.87 10.70
N ILE F 347 -16.87 -35.07 10.51
CA ILE F 347 -16.33 -36.42 10.46
C ILE F 347 -16.56 -37.13 11.78
N GLU F 348 -16.30 -36.45 12.89
CA GLU F 348 -16.48 -37.07 14.20
C GLU F 348 -17.94 -37.42 14.44
N LYS F 349 -18.86 -36.51 14.09
CA LYS F 349 -20.27 -36.80 14.29
C LYS F 349 -20.73 -37.93 13.38
N LYS F 350 -20.27 -37.99 12.14
CA LYS F 350 -20.62 -39.10 11.27
C LYS F 350 -20.11 -40.41 11.84
N VAL F 351 -18.89 -40.42 12.38
CA VAL F 351 -18.30 -41.66 12.89
C VAL F 351 -19.01 -42.11 14.17
N THR F 352 -18.95 -41.28 15.21
CA THR F 352 -19.51 -41.67 16.49
C THR F 352 -21.03 -41.78 16.43
N GLY F 353 -21.70 -40.75 15.91
CA GLY F 353 -23.14 -40.70 15.87
C GLY F 353 -23.76 -39.66 16.78
N ASP F 354 -22.95 -38.86 17.47
CA ASP F 354 -23.45 -37.91 18.46
C ASP F 354 -23.74 -36.58 17.78
N ASP F 355 -25.02 -36.24 17.66
CA ASP F 355 -25.45 -34.92 17.23
C ASP F 355 -26.15 -34.16 18.36
N ALA F 356 -26.06 -34.66 19.59
CA ALA F 356 -26.70 -34.01 20.72
C ALA F 356 -26.07 -32.66 20.99
N HIS F 357 -26.90 -31.71 21.42
CA HIS F 357 -26.44 -30.35 21.71
C HIS F 357 -25.58 -30.40 22.96
N HIS F 358 -24.27 -30.28 22.77
CA HIS F 358 -23.31 -30.44 23.85
C HIS F 358 -22.84 -29.07 24.31
N ASN F 359 -23.09 -28.76 25.57
CA ASN F 359 -22.62 -27.52 26.20
C ASN F 359 -21.58 -27.77 27.28
N LEU F 360 -21.49 -28.99 27.81
CA LEU F 360 -20.49 -29.35 28.78
C LEU F 360 -19.31 -30.01 28.07
N LEU F 361 -18.13 -29.42 28.22
CA LEU F 361 -16.93 -30.02 27.66
C LEU F 361 -16.73 -31.40 28.24
N GLN F 362 -15.81 -32.16 27.65
CA GLN F 362 -15.41 -33.45 28.16
C GLN F 362 -13.89 -33.46 28.28
N ARG F 363 -13.40 -33.92 29.43
CA ARG F 363 -11.97 -33.94 29.66
C ARG F 363 -11.29 -34.82 28.61
N PRO F 364 -10.10 -34.45 28.13
CA PRO F 364 -9.47 -35.26 27.08
C PRO F 364 -9.29 -36.72 27.47
N ARG F 365 -9.08 -37.00 28.76
CA ARG F 365 -8.99 -38.39 29.20
C ARG F 365 -10.30 -39.12 28.99
N ASP F 366 -11.44 -38.44 29.16
CA ASP F 366 -12.74 -39.07 29.04
C ASP F 366 -13.08 -39.45 27.61
N VAL F 367 -12.30 -39.02 26.63
CA VAL F 367 -12.55 -39.35 25.23
C VAL F 367 -11.25 -39.96 24.67
N PRO F 368 -10.94 -41.21 25.00
CA PRO F 368 -9.61 -41.76 24.64
C PRO F 368 -9.33 -41.73 23.15
N VAL F 369 -10.32 -41.99 22.31
CA VAL F 369 -10.06 -42.10 20.87
C VAL F 369 -9.74 -40.72 20.29
N ARG F 370 -10.48 -39.70 20.71
CA ARG F 370 -10.23 -38.37 20.16
C ARG F 370 -8.94 -37.78 20.69
N THR F 371 -8.66 -37.95 21.99
CA THR F 371 -7.38 -37.47 22.51
C THR F 371 -6.23 -38.25 21.88
N ALA F 372 -6.43 -39.54 21.61
CA ALA F 372 -5.42 -40.32 20.92
C ALA F 372 -5.18 -39.79 19.51
N ILE F 373 -6.26 -39.46 18.79
CA ILE F 373 -6.12 -38.95 17.43
C ILE F 373 -5.45 -37.58 17.45
N GLY F 374 -5.82 -36.73 18.41
CA GLY F 374 -5.18 -35.43 18.51
C GLY F 374 -3.71 -35.54 18.86
N SER F 375 -3.36 -36.46 19.76
CA SER F 375 -1.96 -36.69 20.07
C SER F 375 -1.21 -37.20 18.85
N MET F 376 -1.84 -38.10 18.08
CA MET F 376 -1.22 -38.58 16.86
C MET F 376 -0.97 -37.45 15.87
N ALA F 377 -1.96 -36.56 15.71
CA ALA F 377 -1.81 -35.44 14.80
C ALA F 377 -0.75 -34.47 15.28
N ILE F 378 -0.70 -34.18 16.58
CA ILE F 378 0.34 -33.30 17.11
C ILE F 378 1.71 -33.94 16.94
N ALA F 379 1.80 -35.25 17.11
CA ALA F 379 3.07 -35.94 16.88
C ALA F 379 3.52 -35.81 15.44
N LEU F 380 2.59 -35.98 14.50
CA LEU F 380 2.93 -35.83 13.09
C LEU F 380 3.36 -34.39 12.79
N TYR F 381 2.65 -33.42 13.36
CA TYR F 381 3.00 -32.02 13.14
C TYR F 381 4.38 -31.71 13.70
N LEU F 382 4.69 -32.20 14.90
CA LEU F 382 6.00 -31.98 15.48
C LEU F 382 7.08 -32.67 14.66
N LEU F 383 6.79 -33.87 14.17
CA LEU F 383 7.75 -34.57 13.32
C LEU F 383 8.06 -33.74 12.09
N LEU F 384 7.03 -33.23 11.42
CA LEU F 384 7.25 -32.42 10.23
C LEU F 384 8.00 -31.12 10.57
N THR F 385 7.64 -30.50 11.69
CA THR F 385 8.27 -29.25 12.08
C THR F 385 9.76 -29.44 12.34
N PHE F 386 10.13 -30.53 13.01
CA PHE F 386 11.53 -30.82 13.25
C PHE F 386 12.23 -31.34 12.00
N ALA F 387 11.50 -31.99 11.08
CA ALA F 387 12.09 -32.37 9.81
C ALA F 387 12.50 -31.13 9.03
N CYS F 388 11.67 -30.09 9.05
CA CYS F 388 12.06 -28.84 8.41
C CYS F 388 13.33 -28.27 9.05
N MET F 389 13.54 -28.51 10.34
CA MET F 389 14.72 -28.02 11.03
C MET F 389 15.84 -29.05 11.06
N ASN F 390 15.70 -30.16 10.33
CA ASN F 390 16.72 -31.21 10.36
C ASN F 390 18.09 -30.67 10.01
N ASP F 391 18.16 -29.63 9.18
CA ASP F 391 19.45 -29.04 8.83
C ASP F 391 20.19 -28.55 10.07
N ILE F 392 19.53 -27.70 10.86
CA ILE F 392 20.17 -27.18 12.07
C ILE F 392 20.25 -28.26 13.14
N ILE F 393 19.27 -29.16 13.20
CA ILE F 393 19.35 -30.26 14.14
C ILE F 393 20.58 -31.11 13.84
N ALA F 394 20.78 -31.45 12.57
CA ALA F 394 21.96 -32.21 12.17
C ALA F 394 23.23 -31.43 12.48
N LEU F 395 23.23 -30.12 12.21
CA LEU F 395 24.43 -29.33 12.42
C LEU F 395 24.82 -29.29 13.91
N LYS F 396 23.88 -28.91 14.76
CA LYS F 396 24.18 -28.73 16.18
C LYS F 396 24.24 -30.06 16.91
N PHE F 397 23.14 -30.79 16.92
CA PHE F 397 23.12 -32.15 17.45
C PHE F 397 23.71 -33.05 16.38
N HIS F 398 24.87 -33.62 16.66
CA HIS F 398 25.66 -34.23 15.59
C HIS F 398 24.96 -35.50 15.10
N ILE F 399 24.12 -35.34 14.10
CA ILE F 399 23.40 -36.45 13.46
C ILE F 399 23.47 -36.19 11.96
N SER F 400 23.80 -37.23 11.19
CA SER F 400 23.97 -37.04 9.76
C SER F 400 22.66 -36.56 9.13
N LEU F 401 22.78 -35.69 8.14
CA LEU F 401 21.61 -35.08 7.52
C LEU F 401 20.72 -36.13 6.88
N ASN F 402 21.33 -37.12 6.21
CA ASN F 402 20.56 -38.24 5.67
C ASN F 402 19.85 -38.99 6.78
N ALA F 403 20.52 -39.18 7.92
CA ALA F 403 19.87 -39.87 9.03
C ALA F 403 18.67 -39.10 9.53
N THR F 404 18.78 -37.77 9.64
CA THR F 404 17.63 -36.99 10.09
C THR F 404 16.50 -37.07 9.08
N THR F 405 16.81 -36.97 7.79
CA THR F 405 15.77 -37.05 6.77
C THR F 405 15.04 -38.37 6.84
N TRP F 406 15.78 -39.48 6.97
CA TRP F 406 15.14 -40.78 6.98
C TRP F 406 14.47 -41.07 8.32
N ILE F 407 14.98 -40.49 9.41
CA ILE F 407 14.26 -40.56 10.68
C ILE F 407 12.90 -39.91 10.53
N GLY F 408 12.84 -38.74 9.91
CA GLY F 408 11.56 -38.12 9.65
C GLY F 408 10.68 -38.98 8.76
N ARG F 409 11.25 -39.52 7.69
CA ARG F 409 10.46 -40.31 6.74
C ARG F 409 9.83 -41.51 7.42
N ILE F 410 10.62 -42.26 8.19
CA ILE F 410 10.10 -43.44 8.86
C ILE F 410 9.15 -43.04 9.99
N GLY F 411 9.50 -42.01 10.76
CA GLY F 411 8.69 -41.64 11.90
C GLY F 411 7.31 -41.16 11.48
N MET F 412 7.21 -40.39 10.41
CA MET F 412 5.92 -39.83 10.01
C MET F 412 4.87 -40.90 9.77
N VAL F 413 5.26 -42.17 9.72
CA VAL F 413 4.30 -43.27 9.77
C VAL F 413 4.45 -44.10 11.04
N VAL F 414 5.62 -44.07 11.68
CA VAL F 414 5.80 -44.83 12.91
C VAL F 414 5.43 -44.00 14.13
N LEU F 415 5.98 -42.79 14.24
CA LEU F 415 5.73 -41.96 15.42
C LEU F 415 4.26 -41.65 15.62
N PRO F 416 3.47 -41.29 14.59
CA PRO F 416 2.04 -41.10 14.83
C PRO F 416 1.37 -42.33 15.43
N ALA F 417 1.71 -43.53 14.97
CA ALA F 417 1.10 -44.73 15.52
C ALA F 417 1.50 -44.95 16.98
N ILE F 418 2.80 -44.77 17.27
CA ILE F 418 3.27 -44.94 18.64
C ILE F 418 2.56 -43.96 19.57
N VAL F 419 2.48 -42.70 19.14
CA VAL F 419 1.86 -41.68 19.98
C VAL F 419 0.37 -41.95 20.12
N TYR F 420 -0.28 -42.44 19.07
CA TYR F 420 -1.69 -42.80 19.17
C TYR F 420 -1.90 -43.85 20.24
N PHE F 421 -1.14 -44.95 20.15
CA PHE F 421 -1.30 -46.03 21.12
C PHE F 421 -1.02 -45.53 22.54
N VAL F 422 0.08 -44.81 22.71
CA VAL F 422 0.47 -44.34 24.02
C VAL F 422 -0.59 -43.39 24.59
N ALA F 423 -1.10 -42.48 23.75
CA ALA F 423 -2.09 -41.52 24.24
C ALA F 423 -3.41 -42.19 24.57
N TYR F 424 -3.83 -43.16 23.76
CA TYR F 424 -5.05 -43.91 24.07
C TYR F 424 -4.93 -44.60 25.41
N ARG F 425 -3.84 -45.35 25.61
CA ARG F 425 -3.66 -46.05 26.88
C ARG F 425 -3.50 -45.08 28.03
N TRP F 426 -2.81 -43.95 27.80
CA TRP F 426 -2.64 -42.96 28.85
C TRP F 426 -3.97 -42.36 29.28
N ALA F 427 -4.84 -42.07 28.31
CA ALA F 427 -6.17 -41.55 28.66
C ALA F 427 -6.95 -42.57 29.46
N ILE F 428 -6.93 -43.84 29.04
CA ILE F 428 -7.67 -44.86 29.76
C ILE F 428 -7.12 -45.02 31.18
N SER F 429 -5.80 -44.90 31.33
CA SER F 429 -5.20 -45.03 32.65
C SER F 429 -5.49 -43.82 33.52
N LEU F 430 -5.63 -42.63 32.93
CA LEU F 430 -6.09 -41.48 33.69
C LEU F 430 -7.51 -41.71 34.17
N GLN F 431 -8.36 -42.29 33.33
CA GLN F 431 -9.70 -42.65 33.76
C GLN F 431 -9.64 -43.65 34.91
N ARG F 432 -8.77 -44.65 34.80
CA ARG F 432 -8.65 -45.64 35.86
C ARG F 432 -8.19 -44.99 37.16
N SER F 433 -7.27 -44.04 37.08
CA SER F 433 -6.83 -43.32 38.27
C SER F 433 -7.99 -42.54 38.89
N ASP F 434 -8.79 -41.88 38.05
CA ASP F 434 -9.95 -41.17 38.56
C ASP F 434 -10.90 -42.12 39.28
N ARG F 435 -11.13 -43.29 38.69
CA ARG F 435 -12.05 -44.26 39.31
C ARG F 435 -11.50 -44.79 40.62
N GLU F 436 -10.19 -45.06 40.68
CA GLU F 436 -9.60 -45.55 41.92
C GLU F 436 -9.70 -44.49 43.01
N VAL F 437 -9.49 -43.22 42.65
CA VAL F 437 -9.66 -42.14 43.62
C VAL F 437 -11.10 -42.07 44.09
N LEU F 438 -12.04 -42.22 43.14
CA LEU F 438 -13.46 -42.17 43.51
C LEU F 438 -13.81 -43.27 44.50
N GLU F 439 -13.31 -44.49 44.28
CA GLU F 439 -13.78 -45.63 45.04
C GLU F 439 -12.94 -45.87 46.30
N HIS F 440 -11.78 -45.21 46.45
CA HIS F 440 -10.95 -45.43 47.62
C HIS F 440 -10.58 -44.16 48.38
N GLY F 441 -10.92 -42.98 47.87
CA GLY F 441 -10.51 -41.76 48.51
C GLY F 441 -9.09 -41.38 48.11
N VAL F 442 -8.69 -40.18 48.54
CA VAL F 442 -7.36 -39.69 48.22
C VAL F 442 -6.33 -40.45 49.07
N GLU F 443 -5.10 -40.50 48.57
CA GLU F 443 -4.00 -41.18 49.24
C GLU F 443 -3.29 -40.22 50.18
N THR F 444 -2.66 -40.78 51.22
CA THR F 444 -2.03 -39.99 52.27
C THR F 444 -0.84 -40.78 52.81
N GLY F 445 -0.38 -40.45 54.01
CA GLY F 445 0.73 -41.16 54.61
C GLY F 445 0.31 -42.51 55.17
N ILE F 446 1.31 -43.39 55.26
CA ILE F 446 1.09 -44.79 55.65
C ILE F 446 1.05 -44.89 57.17
N ILE F 447 0.23 -45.82 57.67
CA ILE F 447 0.09 -46.10 59.09
C ILE F 447 0.21 -47.59 59.30
N LYS F 448 0.87 -47.98 60.39
CA LYS F 448 1.02 -49.38 60.78
C LYS F 448 -0.08 -49.73 61.77
N ARG F 449 -0.91 -50.69 61.42
CA ARG F 449 -2.07 -51.04 62.24
C ARG F 449 -1.62 -51.54 63.61
N LEU F 450 -2.46 -51.27 64.62
CA LEU F 450 -2.05 -51.52 66.00
C LEU F 450 -1.74 -52.98 66.27
N PRO F 451 -2.68 -53.92 66.15
CA PRO F 451 -2.40 -55.29 66.61
C PRO F 451 -1.33 -55.98 65.77
N HIS F 452 -1.48 -55.91 64.45
CA HIS F 452 -0.59 -56.59 63.52
C HIS F 452 0.19 -55.55 62.72
N GLY F 453 1.14 -56.04 61.94
CA GLY F 453 2.03 -55.16 61.21
C GLY F 453 1.51 -54.76 59.85
N ALA F 454 0.19 -54.74 59.69
CA ALA F 454 -0.40 -54.28 58.44
C ALA F 454 0.00 -52.84 58.17
N TYR F 455 0.24 -52.52 56.91
CA TYR F 455 0.48 -51.15 56.48
C TYR F 455 -0.70 -50.72 55.61
N VAL F 456 -1.30 -49.58 55.96
CA VAL F 456 -2.43 -49.05 55.21
C VAL F 456 -2.16 -47.59 54.91
N GLU F 457 -2.45 -47.17 53.68
CA GLU F 457 -2.11 -45.81 53.26
C GLU F 457 -2.93 -44.76 53.97
N LEU F 458 -3.98 -45.14 54.69
CA LEU F 458 -4.79 -44.18 55.44
C LEU F 458 -5.39 -43.15 54.49
N HIS F 459 -6.21 -43.65 53.56
CA HIS F 459 -6.83 -42.80 52.56
C HIS F 459 -7.78 -41.82 53.22
N GLN F 460 -8.37 -40.95 52.40
CA GLN F 460 -9.36 -39.99 52.86
C GLN F 460 -10.55 -39.98 51.90
N PRO F 461 -11.70 -40.51 52.28
CA PRO F 461 -12.81 -40.60 51.31
C PRO F 461 -13.33 -39.25 50.89
N LEU F 462 -13.78 -39.17 49.65
CA LEU F 462 -14.34 -37.95 49.08
C LEU F 462 -15.85 -37.86 49.20
N GLY F 463 -16.50 -38.87 49.77
CA GLY F 463 -17.93 -38.89 49.88
C GLY F 463 -18.39 -39.51 51.19
N PRO F 464 -19.69 -39.80 51.30
CA PRO F 464 -20.19 -40.43 52.52
C PRO F 464 -19.48 -41.75 52.79
N VAL F 465 -19.21 -42.00 54.07
CA VAL F 465 -18.44 -43.16 54.51
C VAL F 465 -19.41 -44.19 55.06
N ASP F 466 -19.24 -45.44 54.63
CA ASP F 466 -20.09 -46.53 55.12
C ASP F 466 -19.94 -46.65 56.64
N GLU F 467 -20.84 -47.44 57.24
CA GLU F 467 -20.78 -47.67 58.68
C GLU F 467 -19.39 -48.10 59.11
N HIS F 468 -18.74 -48.92 58.32
CA HIS F 468 -17.38 -49.35 58.57
C HIS F 468 -16.41 -48.39 57.87
N GLY F 469 -15.12 -48.76 57.85
CA GLY F 469 -14.10 -47.84 57.37
C GLY F 469 -14.25 -47.49 55.90
N HIS F 470 -14.45 -48.50 55.07
CA HIS F 470 -14.45 -48.27 53.63
C HIS F 470 -15.60 -47.35 53.25
N PRO F 471 -15.42 -46.44 52.29
CA PRO F 471 -16.50 -45.51 51.94
C PRO F 471 -17.41 -46.06 50.85
N ILE F 472 -18.52 -45.36 50.65
CA ILE F 472 -19.43 -45.66 49.55
C ILE F 472 -18.80 -45.08 48.29
N PRO F 473 -18.47 -45.87 47.27
CA PRO F 473 -17.85 -45.29 46.07
C PRO F 473 -18.78 -44.29 45.40
N LEU F 474 -18.20 -43.20 44.91
CA LEU F 474 -18.93 -42.20 44.17
C LEU F 474 -18.93 -42.56 42.69
N GLU F 475 -19.78 -41.88 41.93
CA GLU F 475 -19.87 -42.07 40.49
C GLU F 475 -19.17 -40.91 39.78
N TYR F 476 -18.40 -41.24 38.75
CA TYR F 476 -17.68 -40.22 38.02
C TYR F 476 -18.65 -39.24 37.38
N ALA F 477 -18.33 -37.95 37.48
CA ALA F 477 -19.21 -36.89 37.00
C ALA F 477 -18.53 -35.99 35.97
N GLY F 478 -17.47 -36.47 35.33
CA GLY F 478 -16.84 -35.71 34.26
C GLY F 478 -16.02 -34.54 34.73
N ALA F 479 -15.68 -34.47 36.02
CA ALA F 479 -14.95 -33.34 36.57
C ALA F 479 -13.69 -33.82 37.27
N PRO F 480 -12.65 -32.98 37.34
CA PRO F 480 -11.40 -33.43 37.95
C PRO F 480 -11.58 -33.77 39.43
N LEU F 481 -10.77 -34.71 39.90
CA LEU F 481 -10.82 -35.17 41.28
C LEU F 481 -9.54 -34.77 42.01
N PRO F 482 -9.62 -34.40 43.29
CA PRO F 482 -8.43 -34.01 44.04
C PRO F 482 -7.64 -35.22 44.49
N LYS F 483 -6.47 -35.43 43.90
CA LYS F 483 -5.64 -36.58 44.20
C LYS F 483 -4.58 -36.28 45.26
N ARG F 484 -4.59 -35.08 45.85
CA ARG F 484 -3.68 -34.74 46.93
C ARG F 484 -4.46 -34.01 48.01
N MET F 485 -4.36 -34.49 49.26
CA MET F 485 -4.90 -33.73 50.37
C MET F 485 -4.27 -32.36 50.46
N ASN F 486 -3.07 -32.21 49.90
CA ASN F 486 -2.48 -30.90 49.65
C ASN F 486 -3.52 -29.88 49.20
N LYS F 487 -4.30 -30.23 48.17
CA LYS F 487 -5.23 -29.31 47.54
C LYS F 487 -6.57 -29.25 48.25
N LEU F 488 -6.77 -30.04 49.30
CA LEU F 488 -7.96 -29.95 50.13
C LEU F 488 -7.63 -29.19 51.40
N GLY F 489 -8.59 -29.11 52.32
CA GLY F 489 -8.39 -28.40 53.56
C GLY F 489 -7.46 -29.15 54.49
N SER F 490 -6.18 -29.23 54.11
CA SER F 490 -5.20 -29.98 54.88
C SER F 490 -3.87 -29.24 54.81
N GLY F 491 -3.41 -28.72 55.95
CA GLY F 491 -2.16 -28.01 56.00
C GLY F 491 -2.10 -26.86 55.01
N GLY F 492 -2.90 -25.83 55.25
CA GLY F 492 -2.97 -24.71 54.32
C GLY F 492 -3.16 -23.36 54.98
N ALA F 493 -2.81 -23.24 56.26
CA ALA F 493 -3.04 -22.01 57.02
C ALA F 493 -1.74 -21.55 57.66
N PRO F 494 -0.81 -21.02 56.87
CA PRO F 494 0.39 -20.40 57.45
C PRO F 494 0.05 -19.10 58.14
N GLY F 495 0.92 -18.73 59.08
CA GLY F 495 0.75 -17.46 59.76
C GLY F 495 0.58 -16.35 58.76
N THR F 496 -0.51 -15.60 58.86
CA THR F 496 -0.87 -14.63 57.85
C THR F 496 -0.22 -13.27 58.09
N GLY F 497 0.89 -13.24 58.81
CA GLY F 497 1.52 -11.98 59.11
C GLY F 497 2.17 -11.32 57.91
N SER F 498 3.30 -11.84 57.48
CA SER F 498 4.03 -11.30 56.35
C SER F 498 5.16 -12.27 56.03
N PHE F 499 6.01 -11.91 55.08
CA PHE F 499 7.15 -12.77 54.77
C PHE F 499 8.21 -12.70 55.87
N LEU F 500 8.41 -11.52 56.47
CA LEU F 500 9.48 -11.32 57.43
C LEU F 500 8.98 -11.31 58.87
N PHE F 501 7.80 -10.74 59.12
CA PHE F 501 7.32 -10.55 60.48
C PHE F 501 5.87 -10.98 60.62
N PRO F 502 5.43 -11.35 61.82
CA PRO F 502 4.04 -11.76 62.02
C PRO F 502 3.11 -10.56 62.13
N ASP F 503 1.83 -10.87 62.22
CA ASP F 503 0.79 -9.91 62.56
C ASP F 503 0.19 -10.24 63.91
N PRO F 504 -0.54 -9.30 64.51
CA PRO F 504 -1.17 -9.60 65.80
C PRO F 504 -2.10 -10.81 65.70
N ALA F 505 -2.13 -11.58 66.79
CA ALA F 505 -2.92 -12.81 66.79
C ALA F 505 -4.38 -12.52 66.52
N VAL F 506 -4.90 -11.41 67.03
CA VAL F 506 -6.31 -11.07 66.80
C VAL F 506 -6.57 -10.88 65.32
N GLU F 507 -5.69 -10.14 64.63
CA GLU F 507 -5.87 -9.92 63.21
C GLU F 507 -5.75 -11.23 62.44
N HIS F 508 -4.77 -12.06 62.80
CA HIS F 508 -4.60 -13.32 62.09
C HIS F 508 -5.82 -14.22 62.27
N GLU F 509 -6.34 -14.31 63.50
CA GLU F 509 -7.52 -15.13 63.74
C GLU F 509 -8.72 -14.59 62.98
N ALA F 510 -8.92 -13.27 63.00
CA ALA F 510 -10.03 -12.69 62.25
C ALA F 510 -9.91 -13.04 60.77
N LEU F 511 -8.72 -12.84 60.20
CA LEU F 511 -8.53 -13.09 58.78
C LEU F 511 -8.79 -14.55 58.42
N THR F 512 -8.20 -15.48 59.18
CA THR F 512 -8.34 -16.89 58.84
C THR F 512 -9.77 -17.36 59.05
N GLU F 513 -10.44 -16.91 60.12
CA GLU F 513 -11.83 -17.27 60.35
C GLU F 513 -12.71 -16.74 59.22
N ALA F 514 -12.48 -15.50 58.80
CA ALA F 514 -13.26 -14.94 57.71
C ALA F 514 -13.04 -15.71 56.42
N ALA F 515 -11.79 -16.09 56.14
CA ALA F 515 -11.50 -16.87 54.94
C ALA F 515 -12.20 -18.22 54.99
N HIS F 516 -12.15 -18.89 56.15
CA HIS F 516 -12.81 -20.19 56.27
C HIS F 516 -14.31 -20.04 56.09
N ALA F 517 -14.89 -18.97 56.66
CA ALA F 517 -16.32 -18.73 56.48
C ALA F 517 -16.65 -18.49 55.02
N SER F 518 -15.79 -17.75 54.30
CA SER F 518 -16.03 -17.51 52.88
C SER F 518 -15.97 -18.81 52.08
N GLU F 519 -15.01 -19.68 52.39
CA GLU F 519 -14.94 -20.97 51.72
C GLU F 519 -16.18 -21.79 51.99
N HIS F 520 -16.63 -21.83 53.24
CA HIS F 520 -17.85 -22.54 53.58
C HIS F 520 -19.03 -21.98 52.79
N LYS F 521 -19.13 -20.65 52.72
CA LYS F 521 -20.24 -20.02 52.02
C LYS F 521 -20.23 -20.37 50.55
N SER F 522 -19.06 -20.31 49.91
CA SER F 522 -18.98 -20.63 48.49
C SER F 522 -19.35 -22.08 48.23
N LEU F 523 -18.79 -23.00 49.02
CA LEU F 523 -19.08 -24.42 48.82
C LEU F 523 -20.55 -24.70 49.08
N THR F 524 -21.13 -24.08 50.10
CA THR F 524 -22.55 -24.29 50.38
C THR F 524 -23.42 -23.72 49.29
N ALA F 525 -23.06 -22.57 48.75
CA ALA F 525 -23.83 -21.99 47.64
C ALA F 525 -23.81 -22.92 46.43
N LEU F 526 -22.63 -23.43 46.08
CA LEU F 526 -22.53 -24.37 44.97
C LEU F 526 -23.35 -25.62 45.24
N LYS F 527 -23.25 -26.16 46.46
CA LYS F 527 -23.97 -27.38 46.80
C LYS F 527 -25.46 -27.18 46.72
N GLU F 528 -25.96 -26.05 47.25
CA GLU F 528 -27.40 -25.80 47.25
C GLU F 528 -27.90 -25.55 45.83
N HIS F 529 -27.14 -24.83 45.01
CA HIS F 529 -27.55 -24.64 43.62
C HIS F 529 -27.58 -25.97 42.88
N GLN F 530 -26.58 -26.82 43.11
CA GLN F 530 -26.56 -28.13 42.47
C GLN F 530 -27.76 -28.96 42.89
N ASP F 531 -28.09 -28.96 44.18
CA ASP F 531 -29.25 -29.70 44.66
C ASP F 531 -30.53 -29.16 44.06
N ARG F 532 -30.66 -27.83 44.00
CA ARG F 532 -31.87 -27.24 43.43
C ARG F 532 -32.02 -27.63 41.97
N ILE F 533 -30.93 -27.60 41.21
CA ILE F 533 -31.00 -27.97 39.80
C ILE F 533 -31.37 -29.44 39.65
N HIS F 534 -30.64 -30.32 40.33
CA HIS F 534 -30.89 -31.76 40.27
C HIS F 534 -31.75 -32.15 41.46
N GLY F 535 -32.87 -31.43 41.63
CA GLY F 535 -33.84 -31.77 42.66
C GLY F 535 -34.60 -30.54 43.14
N GLU G 1 -73.97 51.02 9.73
CA GLU G 1 -74.06 51.88 8.56
C GLU G 1 -72.69 52.49 8.24
N LEU G 2 -71.63 51.81 8.68
CA LEU G 2 -70.27 52.29 8.46
C LEU G 2 -69.34 51.09 8.42
N GLU G 3 -68.26 51.24 7.65
CA GLU G 3 -67.34 50.14 7.39
C GLU G 3 -66.11 50.25 8.27
N ALA G 4 -65.52 49.10 8.58
CA ALA G 4 -64.31 49.00 9.39
C ALA G 4 -63.14 48.77 8.47
N ARG G 5 -62.54 49.86 8.00
CA ARG G 5 -61.40 49.82 7.09
C ARG G 5 -60.14 50.20 7.83
N ARG G 6 -59.01 49.69 7.37
CA ARG G 6 -57.74 50.01 8.01
C ARG G 6 -57.44 51.51 7.84
N PRO G 7 -56.75 52.12 8.80
CA PRO G 7 -56.41 53.54 8.64
C PRO G 7 -55.64 53.82 7.36
N PHE G 8 -54.74 52.91 6.97
CA PHE G 8 -54.01 53.00 5.73
C PHE G 8 -53.89 51.59 5.18
N PRO G 9 -53.89 51.39 3.87
CA PRO G 9 -53.74 50.04 3.33
C PRO G 9 -52.37 49.46 3.68
N GLU G 10 -52.27 48.14 3.60
CA GLU G 10 -51.01 47.47 3.87
C GLU G 10 -49.94 48.03 2.95
N ARG G 11 -48.79 48.38 3.53
CA ARG G 11 -47.73 49.04 2.78
C ARG G 11 -47.07 48.07 1.82
N MET G 12 -46.44 47.02 2.35
CA MET G 12 -45.64 46.11 1.54
C MET G 12 -46.23 44.70 1.54
N GLY G 13 -46.38 44.08 2.70
CA GLY G 13 -46.91 42.73 2.78
C GLY G 13 -46.03 41.86 3.65
N PRO G 14 -46.54 40.70 4.05
CA PRO G 14 -45.78 39.84 4.97
C PRO G 14 -44.48 39.36 4.33
N LYS G 15 -43.51 39.05 5.19
CA LYS G 15 -42.26 38.49 4.73
C LYS G 15 -42.54 37.26 3.89
N GLY G 16 -41.83 37.13 2.77
CA GLY G 16 -41.98 35.99 1.91
C GLY G 16 -43.41 35.77 1.47
N ASN G 17 -43.97 36.72 0.73
CA ASN G 17 -45.24 36.50 0.03
C ASN G 17 -45.12 36.79 -1.45
N LEU G 18 -43.95 37.21 -1.93
CA LEU G 18 -43.75 37.65 -3.30
C LEU G 18 -42.74 36.79 -4.04
N ILE G 19 -41.64 36.41 -3.38
CA ILE G 19 -40.54 35.75 -4.06
C ILE G 19 -41.02 34.49 -4.77
N TYR G 20 -41.88 33.72 -4.11
CA TYR G 20 -42.34 32.47 -4.71
C TYR G 20 -43.34 32.72 -5.82
N LYS G 21 -44.13 33.79 -5.74
CA LYS G 21 -45.01 34.13 -6.85
C LYS G 21 -44.20 34.40 -8.11
N LEU G 22 -43.19 35.26 -8.01
CA LEU G 22 -42.38 35.58 -9.18
C LEU G 22 -41.89 34.31 -9.87
N ILE G 23 -41.40 33.35 -9.11
CA ILE G 23 -40.93 32.08 -9.68
C ILE G 23 -42.09 31.34 -10.31
N THR G 24 -43.24 31.27 -9.62
CA THR G 24 -44.36 30.47 -10.06
C THR G 24 -45.52 31.27 -10.63
N THR G 25 -45.44 32.59 -10.67
CA THR G 25 -46.61 33.37 -11.04
C THR G 25 -47.10 32.99 -12.42
N THR G 26 -48.38 32.68 -12.51
CA THR G 26 -49.07 32.50 -13.77
C THR G 26 -50.11 33.60 -13.97
N ASP G 27 -50.05 34.66 -13.17
CA ASP G 27 -50.97 35.78 -13.28
C ASP G 27 -50.37 36.84 -14.19
N HIS G 28 -51.11 37.19 -15.25
CA HIS G 28 -50.63 38.19 -16.19
C HIS G 28 -50.38 39.53 -15.51
N LYS G 29 -51.24 39.91 -14.56
CA LYS G 29 -51.08 41.20 -13.90
C LYS G 29 -49.73 41.29 -13.21
N LEU G 30 -49.33 40.24 -12.49
CA LEU G 30 -48.02 40.24 -11.85
C LEU G 30 -46.91 40.12 -12.88
N ILE G 31 -47.11 39.32 -13.93
CA ILE G 31 -46.09 39.20 -14.98
C ILE G 31 -45.91 40.55 -15.67
N GLY G 32 -47.00 41.24 -15.95
CA GLY G 32 -46.87 42.58 -16.52
C GLY G 32 -46.10 43.51 -15.61
N ILE G 33 -46.30 43.39 -14.30
CA ILE G 33 -45.54 44.20 -13.35
C ILE G 33 -44.06 43.81 -13.40
N MET G 34 -43.77 42.50 -13.49
CA MET G 34 -42.39 42.08 -13.63
C MET G 34 -41.77 42.65 -14.90
N TYR G 35 -42.52 42.62 -16.00
CA TYR G 35 -42.03 43.24 -17.23
C TYR G 35 -41.70 44.71 -17.00
N CYS G 36 -42.64 45.46 -16.43
CA CYS G 36 -42.46 46.90 -16.29
C CYS G 36 -41.26 47.21 -15.41
N VAL G 37 -41.11 46.49 -14.30
CA VAL G 37 -39.98 46.73 -13.41
C VAL G 37 -38.68 46.34 -14.08
N VAL G 38 -38.62 45.15 -14.67
CA VAL G 38 -37.40 44.69 -15.31
C VAL G 38 -37.09 45.54 -16.54
N CYS G 39 -38.11 45.86 -17.34
CA CYS G 39 -37.88 46.68 -18.52
C CYS G 39 -37.30 48.02 -18.15
N PHE G 40 -37.81 48.65 -17.10
CA PHE G 40 -37.27 49.93 -16.67
C PHE G 40 -35.85 49.79 -16.15
N ALA G 41 -35.53 48.65 -15.53
CA ALA G 41 -34.15 48.42 -15.09
C ALA G 41 -33.21 48.43 -16.27
N PHE G 42 -33.62 47.81 -17.39
CA PHE G 42 -32.81 47.85 -18.61
C PHE G 42 -32.82 49.24 -19.22
N PHE G 43 -33.89 50.00 -19.04
CA PHE G 43 -33.89 51.40 -19.47
C PHE G 43 -32.82 52.18 -18.74
N LEU G 44 -32.77 52.05 -17.41
CA LEU G 44 -31.74 52.70 -16.62
C LEU G 44 -30.34 52.20 -16.97
N VAL G 45 -30.19 50.89 -17.15
CA VAL G 45 -28.90 50.32 -17.55
C VAL G 45 -28.53 50.76 -18.97
N GLY G 46 -29.47 50.64 -19.91
CA GLY G 46 -29.22 51.10 -21.26
C GLY G 46 -29.05 52.60 -21.34
N GLY G 47 -29.84 53.33 -20.56
CA GLY G 47 -29.69 54.78 -20.53
C GLY G 47 -28.35 55.23 -19.99
N LEU G 48 -27.84 54.53 -18.98
CA LEU G 48 -26.53 54.87 -18.44
C LEU G 48 -25.44 54.75 -19.50
N MET G 49 -25.60 53.81 -20.43
CA MET G 49 -24.62 53.67 -21.51
C MET G 49 -24.56 54.92 -22.37
N ALA G 50 -25.68 55.63 -22.51
CA ALA G 50 -25.68 56.87 -23.29
C ALA G 50 -25.00 58.02 -22.56
N LEU G 51 -25.11 58.05 -21.22
CA LEU G 51 -24.40 59.06 -20.46
C LEU G 51 -22.89 58.94 -20.60
N PHE G 52 -22.37 57.71 -20.65
CA PHE G 52 -20.95 57.53 -20.95
C PHE G 52 -20.64 58.03 -22.35
N MET G 53 -21.50 57.72 -23.33
CA MET G 53 -21.33 58.27 -24.66
C MET G 53 -21.44 59.79 -24.65
N ARG G 54 -22.41 60.33 -23.92
CA ARG G 54 -22.56 61.78 -23.83
C ARG G 54 -21.34 62.44 -23.23
N THR G 55 -20.85 61.90 -22.11
CA THR G 55 -19.67 62.49 -21.48
C THR G 55 -18.48 62.46 -22.41
N GLU G 56 -18.28 61.34 -23.09
CA GLU G 56 -17.15 61.23 -24.01
C GLU G 56 -17.29 62.19 -25.18
N LEU G 57 -18.49 62.32 -25.73
CA LEU G 57 -18.73 63.13 -26.90
C LEU G 57 -18.82 64.61 -26.59
N ALA G 58 -18.82 64.99 -25.31
CA ALA G 58 -18.85 66.39 -24.95
C ALA G 58 -17.61 67.14 -25.39
N MET G 59 -16.49 66.44 -25.57
CA MET G 59 -15.24 67.08 -25.92
C MET G 59 -14.57 66.31 -27.06
N PRO G 60 -13.81 67.01 -27.92
CA PRO G 60 -13.25 66.35 -29.11
C PRO G 60 -12.34 65.17 -28.79
N GLY G 61 -11.58 65.24 -27.71
CA GLY G 61 -10.66 64.16 -27.39
C GLY G 61 -11.36 62.94 -26.85
N LEU G 62 -10.59 61.85 -26.72
CA LEU G 62 -11.09 60.62 -26.13
C LEU G 62 -10.72 60.63 -24.64
N GLN G 63 -11.55 61.33 -23.87
CA GLN G 63 -11.19 61.66 -22.50
C GLN G 63 -11.02 60.40 -21.65
N PHE G 64 -12.03 59.53 -21.66
CA PHE G 64 -12.03 58.35 -20.79
C PHE G 64 -12.47 57.07 -21.48
N LEU G 65 -13.06 57.14 -22.68
CA LEU G 65 -13.45 55.96 -23.41
C LEU G 65 -12.44 55.66 -24.51
N SER G 66 -12.45 54.41 -24.95
CA SER G 66 -11.68 53.99 -26.11
C SER G 66 -12.60 53.88 -27.31
N ASN G 67 -12.00 53.72 -28.49
CA ASN G 67 -12.78 53.61 -29.71
C ASN G 67 -13.73 52.43 -29.65
N GLU G 68 -13.23 51.27 -29.21
CA GLU G 68 -14.07 50.08 -29.14
C GLU G 68 -15.02 50.11 -27.95
N GLN G 69 -14.61 50.70 -26.83
CA GLN G 69 -15.52 50.83 -25.70
C GLN G 69 -16.72 51.68 -26.07
N PHE G 70 -16.47 52.80 -26.76
CA PHE G 70 -17.58 53.61 -27.25
C PHE G 70 -18.43 52.83 -28.25
N ASN G 71 -17.78 52.06 -29.11
CA ASN G 71 -18.52 51.29 -30.11
C ASN G 71 -19.45 50.29 -29.43
N GLN G 72 -18.99 49.66 -28.36
CA GLN G 72 -19.84 48.72 -27.62
C GLN G 72 -21.01 49.45 -26.97
N LEU G 73 -20.84 50.73 -26.65
CA LEU G 73 -21.87 51.44 -25.90
C LEU G 73 -23.12 51.64 -26.74
N PHE G 74 -22.97 52.15 -27.97
CA PHE G 74 -24.17 52.38 -28.77
C PHE G 74 -24.76 51.09 -29.30
N THR G 75 -23.94 50.05 -29.47
CA THR G 75 -24.49 48.75 -29.84
C THR G 75 -25.40 48.24 -28.73
N MET G 76 -24.91 48.23 -27.49
CA MET G 76 -25.69 47.69 -26.39
C MET G 76 -26.75 48.68 -25.93
N HIS G 77 -26.47 49.98 -26.00
CA HIS G 77 -27.51 50.96 -25.69
C HIS G 77 -28.65 50.86 -26.68
N GLY G 78 -28.34 50.87 -27.98
CA GLY G 78 -29.38 50.67 -28.97
C GLY G 78 -30.07 49.34 -28.85
N THR G 79 -29.30 48.28 -28.58
CA THR G 79 -29.86 46.95 -28.37
C THR G 79 -30.72 46.89 -27.11
N VAL G 80 -30.17 47.33 -25.98
CA VAL G 80 -30.89 47.22 -24.70
C VAL G 80 -32.17 48.03 -24.75
N MET G 81 -32.08 49.27 -25.21
CA MET G 81 -33.23 50.16 -25.18
C MET G 81 -34.34 49.66 -26.09
N LEU G 82 -33.97 49.13 -27.25
CA LEU G 82 -34.98 48.65 -28.20
C LEU G 82 -35.48 47.27 -27.83
N LEU G 83 -34.58 46.30 -27.76
CA LEU G 83 -34.98 44.89 -27.65
C LEU G 83 -35.16 44.44 -26.20
N PHE G 84 -34.56 45.13 -25.24
CA PHE G 84 -34.66 44.73 -23.84
C PHE G 84 -35.41 45.74 -22.98
N TYR G 85 -35.86 46.85 -23.56
CA TYR G 85 -36.73 47.79 -22.86
C TYR G 85 -37.98 48.14 -23.64
N ALA G 86 -37.88 48.32 -24.97
CA ALA G 86 -39.00 48.83 -25.74
C ALA G 86 -39.89 47.70 -26.25
N THR G 87 -39.29 46.67 -26.83
CA THR G 87 -40.09 45.56 -27.31
C THR G 87 -40.61 44.66 -26.19
N PRO G 88 -39.89 44.42 -25.11
CA PRO G 88 -40.44 43.56 -24.05
C PRO G 88 -41.50 44.25 -23.21
N ILE G 89 -41.60 45.58 -23.29
CA ILE G 89 -42.55 46.30 -22.46
C ILE G 89 -43.89 46.52 -23.15
N VAL G 90 -43.99 46.26 -24.45
CA VAL G 90 -45.31 46.25 -25.09
C VAL G 90 -46.09 45.04 -24.58
N PHE G 91 -45.41 43.90 -24.43
CA PHE G 91 -46.03 42.74 -23.82
C PHE G 91 -46.08 42.88 -22.31
N GLY G 92 -45.26 43.78 -21.76
CA GLY G 92 -45.42 44.14 -20.35
C GLY G 92 -46.73 44.89 -20.12
N PHE G 93 -47.04 45.84 -21.00
CA PHE G 93 -48.30 46.56 -20.90
C PHE G 93 -49.46 45.68 -21.35
N ALA G 94 -49.26 44.87 -22.39
CA ALA G 94 -50.30 43.96 -22.84
C ALA G 94 -50.70 43.01 -21.73
N ASN G 95 -49.71 42.33 -21.13
CA ASN G 95 -50.00 41.47 -19.99
C ASN G 95 -50.63 42.26 -18.86
N LEU G 96 -50.35 43.56 -18.78
CA LEU G 96 -50.85 44.36 -17.66
C LEU G 96 -52.35 44.57 -17.76
N VAL G 97 -52.85 44.97 -18.93
CA VAL G 97 -54.21 45.46 -19.04
C VAL G 97 -54.97 44.83 -20.20
N LEU G 98 -54.29 44.16 -21.12
CA LEU G 98 -55.02 43.61 -22.27
C LEU G 98 -56.08 42.60 -21.84
N PRO G 99 -55.81 41.64 -20.96
CA PRO G 99 -56.92 40.81 -20.46
C PRO G 99 -57.98 41.63 -19.74
N LEU G 100 -57.58 42.65 -18.99
CA LEU G 100 -58.54 43.52 -18.34
C LEU G 100 -59.40 44.24 -19.37
N GLN G 101 -58.79 44.70 -20.46
CA GLN G 101 -59.47 45.55 -21.42
C GLN G 101 -60.41 44.78 -22.33
N ILE G 102 -60.37 43.45 -22.32
CA ILE G 102 -61.29 42.63 -23.10
C ILE G 102 -62.23 41.83 -22.23
N GLY G 103 -62.13 41.96 -20.90
CA GLY G 103 -62.98 41.21 -20.01
C GLY G 103 -62.53 39.81 -19.70
N ALA G 104 -61.36 39.43 -20.14
CA ALA G 104 -60.88 38.08 -19.91
C ALA G 104 -60.31 37.95 -18.50
N PRO G 105 -60.30 36.73 -17.93
CA PRO G 105 -59.68 36.55 -16.62
C PRO G 105 -58.17 36.43 -16.69
N ASP G 106 -57.68 35.82 -17.77
CA ASP G 106 -56.26 35.56 -17.94
C ASP G 106 -55.96 35.56 -19.42
N VAL G 107 -54.68 35.37 -19.76
CA VAL G 107 -54.26 35.27 -21.15
C VAL G 107 -54.54 33.87 -21.65
N ALA G 108 -54.42 33.67 -22.97
CA ALA G 108 -54.75 32.37 -23.55
C ALA G 108 -53.91 31.26 -22.95
N PHE G 109 -52.60 31.44 -22.93
CA PHE G 109 -51.66 30.42 -22.44
C PHE G 109 -50.82 31.07 -21.35
N PRO G 110 -51.28 31.05 -20.10
CA PRO G 110 -50.65 31.89 -19.08
C PRO G 110 -49.35 31.32 -18.56
N ARG G 111 -49.08 30.03 -18.75
CA ARG G 111 -47.74 29.53 -18.50
C ARG G 111 -46.80 29.88 -19.64
N LEU G 112 -47.35 30.17 -20.82
CA LEU G 112 -46.53 30.56 -21.95
C LEU G 112 -46.04 32.00 -21.81
N ASN G 113 -46.92 32.90 -21.32
CA ASN G 113 -46.49 34.28 -21.12
C ASN G 113 -45.54 34.40 -19.96
N ALA G 114 -45.65 33.50 -18.97
CA ALA G 114 -44.62 33.42 -17.93
C ALA G 114 -43.29 33.01 -18.53
N LEU G 115 -43.31 32.04 -19.45
CA LEU G 115 -42.10 31.66 -20.15
C LEU G 115 -41.56 32.82 -20.98
N SER G 116 -42.46 33.59 -21.61
CA SER G 116 -42.02 34.71 -22.45
C SER G 116 -41.25 35.73 -21.63
N PHE G 117 -41.74 36.05 -20.43
CA PHE G 117 -41.02 37.00 -19.59
C PHE G 117 -39.65 36.47 -19.20
N TRP G 118 -39.57 35.20 -18.81
CA TRP G 118 -38.29 34.65 -18.38
C TRP G 118 -37.35 34.49 -19.57
N LEU G 119 -37.90 34.18 -20.75
CA LEU G 119 -37.08 34.15 -21.96
C LEU G 119 -36.56 35.55 -22.26
N PHE G 120 -37.39 36.57 -22.06
CA PHE G 120 -36.95 37.95 -22.19
C PHE G 120 -35.83 38.25 -21.19
N LEU G 121 -36.06 37.95 -19.91
CA LEU G 121 -35.10 38.35 -18.89
C LEU G 121 -33.76 37.67 -19.11
N PHE G 122 -33.77 36.34 -19.23
CA PHE G 122 -32.50 35.62 -19.35
C PHE G 122 -31.86 35.84 -20.71
N GLY G 123 -32.66 35.93 -21.76
CA GLY G 123 -32.11 36.29 -23.06
C GLY G 123 -31.45 37.65 -23.04
N ALA G 124 -32.08 38.62 -22.37
CA ALA G 124 -31.50 39.96 -22.26
C ALA G 124 -30.21 39.94 -21.48
N LEU G 125 -30.15 39.16 -20.40
CA LEU G 125 -28.98 39.17 -19.54
C LEU G 125 -27.75 38.64 -20.28
N ILE G 126 -27.91 37.55 -21.04
CA ILE G 126 -26.76 37.00 -21.76
C ILE G 126 -26.29 37.93 -22.86
N ALA G 127 -27.18 38.73 -23.44
CA ALA G 127 -26.73 39.74 -24.41
C ALA G 127 -25.92 40.82 -23.72
N ILE G 128 -26.42 41.39 -22.62
CA ILE G 128 -25.67 42.38 -21.88
C ILE G 128 -24.43 41.78 -21.25
N ALA G 129 -24.37 40.46 -21.10
CA ALA G 129 -23.24 39.79 -20.47
C ALA G 129 -21.99 39.82 -21.33
N GLY G 130 -22.07 40.25 -22.58
CA GLY G 130 -20.87 40.43 -23.36
C GLY G 130 -19.91 41.42 -22.75
N PHE G 131 -20.43 42.33 -21.91
CA PHE G 131 -19.58 43.33 -21.27
C PHE G 131 -18.58 42.71 -20.30
N ILE G 132 -18.99 41.72 -19.50
CA ILE G 132 -18.08 41.14 -18.52
C ILE G 132 -16.91 40.42 -19.19
N THR G 133 -17.04 40.05 -20.46
CA THR G 133 -15.94 39.41 -21.15
C THR G 133 -14.81 40.42 -21.39
N PRO G 134 -13.56 39.96 -21.42
CA PRO G 134 -12.45 40.92 -21.56
C PRO G 134 -12.53 41.74 -22.84
N GLY G 135 -12.95 41.14 -23.95
CA GLY G 135 -13.05 41.88 -25.19
C GLY G 135 -14.09 42.98 -25.12
N GLY G 136 -15.23 42.69 -24.51
CA GLY G 136 -16.33 43.62 -24.39
C GLY G 136 -17.60 43.05 -24.99
N ALA G 137 -18.60 43.91 -25.09
CA ALA G 137 -19.88 43.53 -25.68
C ALA G 137 -19.76 43.56 -27.20
N ALA G 138 -20.89 43.45 -27.89
CA ALA G 138 -20.88 43.52 -29.34
C ALA G 138 -20.44 44.91 -29.79
N ASP G 139 -19.29 44.97 -30.47
CA ASP G 139 -18.77 46.25 -30.93
C ASP G 139 -19.50 46.76 -32.15
N PHE G 140 -19.90 45.88 -33.07
CA PHE G 140 -20.64 46.32 -34.24
C PHE G 140 -21.93 47.02 -33.80
N GLY G 141 -22.52 47.75 -34.73
CA GLY G 141 -23.70 48.52 -34.42
C GLY G 141 -24.88 47.63 -34.06
N TRP G 142 -25.93 48.27 -33.55
CA TRP G 142 -27.14 47.53 -33.25
C TRP G 142 -27.70 46.87 -34.49
N THR G 143 -27.62 47.55 -35.64
CA THR G 143 -28.04 46.96 -36.89
C THR G 143 -27.20 45.73 -37.22
N ALA G 144 -25.93 45.75 -36.84
CA ALA G 144 -25.06 44.59 -36.97
C ALA G 144 -24.95 44.15 -38.43
N TYR G 145 -24.38 45.03 -39.25
CA TYR G 145 -24.27 44.75 -40.68
C TYR G 145 -23.37 43.54 -40.91
N SER G 146 -23.45 43.01 -42.14
CA SER G 146 -23.03 41.63 -42.39
C SER G 146 -21.52 41.42 -42.22
N PRO G 147 -20.66 41.99 -43.08
CA PRO G 147 -19.24 41.62 -43.00
C PRO G 147 -18.61 42.00 -41.69
N LEU G 148 -19.03 43.11 -41.08
CA LEU G 148 -18.49 43.51 -39.79
C LEU G 148 -18.83 42.50 -38.70
N THR G 149 -19.93 41.78 -38.84
CA THR G 149 -20.33 40.77 -37.86
C THR G 149 -19.75 39.40 -38.16
N ASP G 150 -19.11 39.22 -39.32
CA ASP G 150 -18.49 37.94 -39.63
C ASP G 150 -17.40 37.62 -38.62
N ALA G 151 -17.06 36.34 -38.52
CA ALA G 151 -16.01 35.95 -37.57
C ALA G 151 -14.71 36.68 -37.84
N ILE G 152 -14.47 37.10 -39.08
CA ILE G 152 -13.25 37.81 -39.42
C ILE G 152 -13.19 39.15 -38.70
N HIS G 153 -14.30 39.89 -38.70
CA HIS G 153 -14.38 41.20 -38.07
C HIS G 153 -15.24 41.11 -36.83
N SER G 154 -14.74 41.61 -35.72
CA SER G 154 -15.41 41.45 -34.43
C SER G 154 -15.43 39.97 -34.07
N PRO G 155 -14.27 39.35 -33.87
CA PRO G 155 -14.22 37.92 -33.55
C PRO G 155 -14.53 37.59 -32.11
N GLY G 156 -14.72 38.57 -31.24
CA GLY G 156 -14.84 38.32 -29.83
C GLY G 156 -16.08 37.52 -29.47
N ALA G 157 -16.08 37.04 -28.22
CA ALA G 157 -17.23 36.32 -27.70
C ALA G 157 -18.43 37.22 -27.46
N GLY G 158 -18.20 38.49 -27.10
CA GLY G 158 -19.31 39.38 -26.84
C GLY G 158 -20.25 39.51 -28.02
N GLY G 159 -19.69 39.56 -29.24
CA GLY G 159 -20.53 39.61 -30.42
C GLY G 159 -21.41 38.40 -30.55
N ASP G 160 -20.88 37.22 -30.22
CA ASP G 160 -21.67 36.00 -30.30
C ASP G 160 -22.76 35.97 -29.24
N LEU G 161 -22.42 36.30 -28.00
CA LEU G 161 -23.42 36.35 -26.94
C LEU G 161 -24.57 37.27 -27.32
N TRP G 162 -24.24 38.39 -27.98
CA TRP G 162 -25.28 39.31 -28.45
C TRP G 162 -26.20 38.62 -29.43
N ILE G 163 -25.64 37.83 -30.36
CA ILE G 163 -26.46 37.16 -31.36
C ILE G 163 -27.41 36.18 -30.70
N MET G 164 -26.90 35.36 -29.78
CA MET G 164 -27.75 34.36 -29.14
C MET G 164 -28.68 34.99 -28.12
N GLY G 165 -28.24 36.06 -27.46
CA GLY G 165 -29.11 36.75 -26.52
C GLY G 165 -30.36 37.29 -27.19
N LEU G 166 -30.23 37.75 -28.43
CA LEU G 166 -31.40 38.19 -29.18
C LEU G 166 -32.26 37.01 -29.61
N ALA G 167 -31.64 35.88 -29.95
CA ALA G 167 -32.40 34.70 -30.34
C ALA G 167 -33.26 34.20 -29.19
N VAL G 168 -32.70 34.18 -27.96
CA VAL G 168 -33.47 33.77 -26.79
C VAL G 168 -34.56 34.79 -26.50
N GLY G 169 -34.18 36.07 -26.46
CA GLY G 169 -35.16 37.11 -26.22
C GLY G 169 -36.19 37.19 -27.32
N GLY G 170 -35.77 36.93 -28.56
CA GLY G 170 -36.71 36.95 -29.67
C GLY G 170 -37.81 35.91 -29.53
N LEU G 171 -37.44 34.71 -29.06
CA LEU G 171 -38.45 33.66 -28.90
C LEU G 171 -39.51 34.08 -27.89
N GLY G 172 -39.11 34.67 -26.77
CA GLY G 172 -40.08 35.15 -25.80
C GLY G 172 -41.02 36.17 -26.41
N THR G 173 -40.50 37.04 -27.25
CA THR G 173 -41.35 38.02 -27.94
C THR G 173 -42.32 37.33 -28.87
N ILE G 174 -41.85 36.31 -29.60
CA ILE G 174 -42.73 35.57 -30.50
C ILE G 174 -43.82 34.87 -29.72
N LEU G 175 -43.46 34.17 -28.63
CA LEU G 175 -44.45 33.48 -27.83
C LEU G 175 -45.43 34.46 -27.21
N GLY G 176 -44.94 35.61 -26.74
CA GLY G 176 -45.83 36.62 -26.21
C GLY G 176 -46.84 37.08 -27.24
N GLY G 177 -46.42 37.19 -28.50
CA GLY G 177 -47.34 37.54 -29.56
C GLY G 177 -48.42 36.50 -29.75
N VAL G 178 -48.11 35.23 -29.50
CA VAL G 178 -49.08 34.16 -29.65
C VAL G 178 -50.15 34.27 -28.57
N ASN G 179 -49.74 34.63 -27.35
CA ASN G 179 -50.72 34.78 -26.27
C ASN G 179 -51.66 35.95 -26.52
N MET G 180 -51.11 37.12 -26.84
CA MET G 180 -51.95 38.29 -27.02
C MET G 180 -52.90 38.13 -28.19
N ILE G 181 -52.42 37.54 -29.29
CA ILE G 181 -53.25 37.36 -30.46
C ILE G 181 -54.28 36.26 -30.21
N THR G 182 -53.87 35.19 -29.51
CA THR G 182 -54.81 34.12 -29.17
C THR G 182 -55.79 34.59 -28.10
N THR G 183 -55.31 35.39 -27.14
CA THR G 183 -56.18 35.90 -26.10
C THR G 183 -57.30 36.76 -26.69
N VAL G 184 -56.94 37.66 -27.61
CA VAL G 184 -57.93 38.54 -28.22
C VAL G 184 -58.91 37.72 -29.07
N VAL G 185 -58.38 36.80 -29.88
CA VAL G 185 -59.22 36.05 -30.79
C VAL G 185 -60.19 35.16 -30.01
N CYS G 186 -59.70 34.51 -28.95
CA CYS G 186 -60.46 33.48 -28.25
C CYS G 186 -61.12 34.02 -26.98
N MET G 187 -60.32 34.57 -26.07
CA MET G 187 -60.82 34.99 -24.76
C MET G 187 -61.32 36.42 -24.86
N ARG G 188 -62.62 36.61 -24.76
CA ARG G 188 -63.21 37.93 -24.82
C ARG G 188 -64.52 37.92 -24.04
N ALA G 189 -64.96 39.11 -23.64
CA ALA G 189 -66.17 39.21 -22.84
C ALA G 189 -67.38 38.77 -23.65
N PRO G 190 -68.46 38.34 -22.99
CA PRO G 190 -69.62 37.85 -23.74
C PRO G 190 -70.24 38.88 -24.66
N GLY G 191 -69.98 40.17 -24.46
CA GLY G 191 -70.58 41.20 -25.30
C GLY G 191 -69.57 42.00 -26.10
N MET G 192 -68.29 41.78 -25.86
CA MET G 192 -67.24 42.59 -26.48
C MET G 192 -66.96 42.05 -27.86
N THR G 193 -67.58 42.66 -28.87
CA THR G 193 -67.29 42.30 -30.25
C THR G 193 -65.94 42.86 -30.67
N MET G 194 -65.41 42.34 -31.77
CA MET G 194 -64.08 42.74 -32.21
C MET G 194 -64.00 44.23 -32.52
N PHE G 195 -65.12 44.85 -32.88
CA PHE G 195 -65.15 46.27 -33.20
C PHE G 195 -65.55 47.12 -32.01
N ARG G 196 -65.65 46.52 -30.81
CA ARG G 196 -65.91 47.26 -29.59
C ARG G 196 -64.80 47.11 -28.56
N MET G 197 -63.84 46.22 -28.77
CA MET G 197 -62.70 46.13 -27.88
C MET G 197 -61.88 47.41 -28.00
N PRO G 198 -61.21 47.84 -26.93
CA PRO G 198 -60.56 49.16 -26.96
C PRO G 198 -59.50 49.25 -28.04
N ILE G 199 -59.04 50.48 -28.26
CA ILE G 199 -58.03 50.72 -29.28
C ILE G 199 -56.69 50.11 -28.89
N PHE G 200 -56.35 50.16 -27.60
CA PHE G 200 -55.10 49.58 -27.15
C PHE G 200 -55.06 48.08 -27.39
N THR G 201 -56.15 47.38 -27.08
CA THR G 201 -56.19 45.95 -27.35
C THR G 201 -56.09 45.69 -28.84
N TRP G 202 -56.75 46.51 -29.65
CA TRP G 202 -56.60 46.39 -31.10
C TRP G 202 -55.16 46.65 -31.53
N ASN G 203 -54.54 47.68 -30.95
CA ASN G 203 -53.16 48.00 -31.33
C ASN G 203 -52.22 46.86 -30.95
N ILE G 204 -52.41 46.26 -29.78
CA ILE G 204 -51.58 45.12 -29.39
C ILE G 204 -51.83 43.95 -30.32
N LEU G 205 -53.08 43.75 -30.73
CA LEU G 205 -53.41 42.64 -31.62
C LEU G 205 -52.62 42.74 -32.92
N VAL G 206 -52.69 43.91 -33.58
CA VAL G 206 -51.96 44.08 -34.84
C VAL G 206 -50.47 44.06 -34.58
N THR G 207 -50.03 44.61 -33.44
CA THR G 207 -48.61 44.55 -33.10
C THR G 207 -48.14 43.10 -32.96
N SER G 208 -48.99 42.24 -32.39
CA SER G 208 -48.62 40.84 -32.24
C SER G 208 -48.37 40.20 -33.60
N ILE G 209 -49.23 40.51 -34.58
CA ILE G 209 -49.02 39.97 -35.93
C ILE G 209 -47.69 40.45 -36.47
N LEU G 210 -47.38 41.73 -36.30
CA LEU G 210 -46.09 42.25 -36.74
C LEU G 210 -44.95 41.52 -36.07
N VAL G 211 -45.10 41.21 -34.78
CA VAL G 211 -44.08 40.45 -34.05
C VAL G 211 -43.90 39.08 -34.70
N LEU G 212 -45.01 38.42 -35.02
CA LEU G 212 -44.94 37.10 -35.63
C LEU G 212 -44.33 37.18 -37.02
N ILE G 213 -44.64 38.23 -37.77
CA ILE G 213 -44.08 38.37 -39.12
C ILE G 213 -42.59 38.67 -39.05
N ALA G 214 -42.16 39.47 -38.08
CA ALA G 214 -40.83 40.06 -38.09
C ALA G 214 -39.81 39.21 -37.33
N PHE G 215 -40.08 38.93 -36.06
CA PHE G 215 -39.06 38.32 -35.21
C PHE G 215 -38.56 36.99 -35.75
N PRO G 216 -39.39 36.09 -36.26
CA PRO G 216 -38.84 34.84 -36.80
C PRO G 216 -37.80 35.07 -37.89
N ILE G 217 -37.97 36.11 -38.71
CA ILE G 217 -36.96 36.43 -39.71
C ILE G 217 -35.65 36.78 -39.02
N LEU G 218 -35.70 37.58 -37.96
CA LEU G 218 -34.49 37.90 -37.21
C LEU G 218 -33.81 36.65 -36.71
N THR G 219 -34.58 35.74 -36.10
CA THR G 219 -33.99 34.52 -35.57
C THR G 219 -33.36 33.69 -36.69
N ALA G 220 -34.03 33.62 -37.85
CA ALA G 220 -33.44 32.98 -39.00
C ALA G 220 -32.14 33.67 -39.41
N ALA G 221 -32.17 35.01 -39.48
CA ALA G 221 -30.98 35.76 -39.84
C ALA G 221 -29.88 35.59 -38.80
N LEU G 222 -30.25 35.66 -37.52
CA LEU G 222 -29.24 35.54 -36.47
C LEU G 222 -28.57 34.17 -36.50
N PHE G 223 -29.36 33.11 -36.69
CA PHE G 223 -28.76 31.78 -36.81
C PHE G 223 -27.88 31.70 -38.04
N GLY G 224 -28.33 32.27 -39.16
CA GLY G 224 -27.47 32.32 -40.33
C GLY G 224 -26.15 33.03 -40.04
N LEU G 225 -26.23 34.14 -39.31
CA LEU G 225 -25.01 34.82 -38.89
C LEU G 225 -24.21 33.95 -37.94
N ALA G 226 -24.88 33.33 -36.96
CA ALA G 226 -24.19 32.47 -36.01
C ALA G 226 -23.58 31.28 -36.72
N ALA G 227 -24.28 30.72 -37.71
CA ALA G 227 -23.70 29.66 -38.52
C ALA G 227 -22.49 30.16 -39.28
N ASP G 228 -22.56 31.38 -39.83
CA ASP G 228 -21.43 31.94 -40.54
C ASP G 228 -20.24 32.16 -39.61
N ARG G 229 -20.51 32.61 -38.38
CA ARG G 229 -19.42 32.92 -37.46
C ARG G 229 -18.75 31.66 -36.94
N HIS G 230 -19.54 30.61 -36.65
CA HIS G 230 -19.01 29.42 -36.01
C HIS G 230 -18.68 28.30 -36.99
N LEU G 231 -19.22 28.34 -38.20
CA LEU G 231 -19.01 27.26 -39.17
C LEU G 231 -18.51 27.76 -40.52
N GLY G 232 -18.27 29.06 -40.69
CA GLY G 232 -17.85 29.57 -41.97
C GLY G 232 -18.82 29.25 -43.08
N ALA G 233 -20.12 29.35 -42.80
CA ALA G 233 -21.16 28.92 -43.71
C ALA G 233 -21.37 29.85 -44.90
N HIS G 234 -20.52 30.85 -45.10
CA HIS G 234 -20.59 31.67 -46.31
C HIS G 234 -21.98 32.21 -46.55
N ILE G 235 -22.84 32.25 -45.53
CA ILE G 235 -24.22 32.67 -45.72
C ILE G 235 -24.27 34.15 -46.09
N TYR G 236 -23.47 34.96 -45.39
CA TYR G 236 -23.40 36.39 -45.65
C TYR G 236 -22.05 36.78 -46.22
N ASP G 237 -21.43 35.89 -46.98
CA ASP G 237 -20.18 36.22 -47.65
C ASP G 237 -20.44 37.36 -48.63
N PRO G 238 -19.64 38.42 -48.63
CA PRO G 238 -19.93 39.54 -49.55
C PRO G 238 -19.97 39.14 -51.01
N ALA G 239 -19.24 38.09 -51.40
CA ALA G 239 -19.27 37.64 -52.79
C ALA G 239 -20.66 37.18 -53.18
N ASN G 240 -21.42 36.64 -52.25
CA ASN G 240 -22.85 36.42 -52.44
C ASN G 240 -23.55 37.76 -52.22
N GLY G 241 -24.86 37.75 -52.07
CA GLY G 241 -25.57 38.94 -51.71
C GLY G 241 -25.51 39.20 -50.23
N GLY G 242 -24.44 38.76 -49.57
CA GLY G 242 -24.42 38.73 -48.12
C GLY G 242 -24.63 40.10 -47.51
N VAL G 243 -23.93 41.10 -48.04
CA VAL G 243 -24.03 42.45 -47.47
C VAL G 243 -25.45 42.99 -47.63
N LEU G 244 -26.04 42.80 -48.82
CA LEU G 244 -27.41 43.25 -49.03
C LEU G 244 -28.41 42.20 -48.58
N LEU G 245 -27.98 40.94 -48.41
CA LEU G 245 -28.89 39.92 -47.89
C LEU G 245 -29.21 40.19 -46.44
N TRP G 246 -28.17 40.45 -45.63
CA TRP G 246 -28.39 40.71 -44.22
C TRP G 246 -29.22 41.98 -44.02
N GLN G 247 -28.90 43.04 -44.78
CA GLN G 247 -29.66 44.27 -44.66
C GLN G 247 -31.11 44.05 -45.06
N HIS G 248 -31.34 43.29 -46.14
CA HIS G 248 -32.70 42.93 -46.53
C HIS G 248 -33.36 42.09 -45.45
N LEU G 249 -32.64 41.09 -44.94
CA LEU G 249 -33.21 40.25 -43.88
C LEU G 249 -33.41 41.04 -42.60
N PHE G 250 -32.40 41.79 -42.17
CA PHE G 250 -32.51 42.50 -40.91
C PHE G 250 -33.60 43.57 -40.96
N TRP G 251 -33.57 44.44 -41.97
CA TRP G 251 -34.51 45.54 -42.01
C TRP G 251 -35.93 45.06 -42.25
N PHE G 252 -36.11 43.98 -43.02
CA PHE G 252 -37.43 43.39 -43.12
C PHE G 252 -37.98 43.06 -41.75
N PHE G 253 -37.12 42.65 -40.83
CA PHE G 253 -37.48 42.59 -39.42
C PHE G 253 -37.38 43.96 -38.76
N GLY G 254 -36.33 44.72 -39.12
CA GLY G 254 -36.04 45.94 -38.39
C GLY G 254 -37.19 46.92 -38.40
N HIS G 255 -37.69 47.25 -39.59
CA HIS G 255 -38.72 48.29 -39.67
C HIS G 255 -40.02 47.86 -38.99
N PRO G 256 -40.51 46.64 -39.14
CA PRO G 256 -41.59 46.19 -38.25
C PRO G 256 -41.21 46.28 -36.79
N GLU G 257 -39.93 46.08 -36.46
CA GLU G 257 -39.51 46.18 -35.08
C GLU G 257 -39.76 47.57 -34.51
N VAL G 258 -39.49 48.61 -35.30
CA VAL G 258 -39.70 49.97 -34.85
C VAL G 258 -41.18 50.36 -34.88
N TYR G 259 -42.05 49.45 -35.33
CA TYR G 259 -43.48 49.70 -35.34
C TYR G 259 -44.23 48.87 -34.30
N ILE G 260 -43.79 47.66 -34.01
CA ILE G 260 -44.27 46.98 -32.81
C ILE G 260 -43.86 47.79 -31.59
N ILE G 261 -42.77 48.55 -31.69
CA ILE G 261 -42.36 49.45 -30.61
C ILE G 261 -43.25 50.68 -30.57
N ALA G 262 -43.96 50.98 -31.66
CA ALA G 262 -44.72 52.21 -31.79
C ALA G 262 -46.23 52.00 -31.59
N LEU G 263 -46.82 51.05 -32.32
CA LEU G 263 -48.27 50.90 -32.29
C LEU G 263 -48.81 50.67 -30.89
N PRO G 264 -48.23 49.83 -30.05
CA PRO G 264 -48.82 49.63 -28.70
C PRO G 264 -48.95 50.92 -27.92
N PHE G 265 -47.97 51.80 -28.02
CA PHE G 265 -48.00 53.06 -27.27
C PHE G 265 -48.86 54.12 -27.95
N PHE G 266 -49.15 53.95 -29.24
CA PHE G 266 -50.24 54.72 -29.84
C PHE G 266 -51.56 54.37 -29.19
N GLY G 267 -51.75 53.09 -28.86
CA GLY G 267 -52.95 52.70 -28.14
C GLY G 267 -52.99 53.28 -26.73
N ILE G 268 -51.86 53.22 -26.01
CA ILE G 268 -51.82 53.77 -24.66
C ILE G 268 -52.17 55.25 -24.70
N VAL G 269 -51.56 55.99 -25.62
CA VAL G 269 -51.89 57.40 -25.78
C VAL G 269 -53.35 57.56 -26.18
N SER G 270 -53.85 56.65 -27.02
CA SER G 270 -55.26 56.68 -27.40
C SER G 270 -56.18 56.29 -26.26
N GLU G 271 -55.68 55.54 -25.29
CA GLU G 271 -56.48 55.20 -24.12
C GLU G 271 -56.59 56.37 -23.16
N ILE G 272 -55.58 57.26 -23.15
CA ILE G 272 -55.51 58.29 -22.14
C ILE G 272 -56.24 59.55 -22.56
N PHE G 273 -56.28 59.84 -23.87
CA PHE G 273 -56.94 61.08 -24.31
C PHE G 273 -58.43 61.06 -24.04
N PRO G 274 -59.20 60.03 -24.42
CA PRO G 274 -60.64 60.09 -24.19
C PRO G 274 -61.03 60.23 -22.72
N VAL G 275 -60.29 59.59 -21.82
CA VAL G 275 -60.66 59.62 -20.41
C VAL G 275 -60.45 61.01 -19.83
N PHE G 276 -59.39 61.70 -20.26
CA PHE G 276 -59.10 63.03 -19.74
C PHE G 276 -59.67 64.14 -20.60
N SER G 277 -59.99 63.85 -21.86
CA SER G 277 -60.72 64.81 -22.68
C SER G 277 -62.22 64.74 -22.45
N ARG G 278 -62.70 63.73 -21.71
CA ARG G 278 -64.11 63.58 -21.40
C ARG G 278 -64.95 63.52 -22.68
N LYS G 279 -64.50 62.69 -23.61
CA LYS G 279 -65.24 62.47 -24.84
C LYS G 279 -64.66 61.24 -25.54
N PRO G 280 -65.41 60.61 -26.44
CA PRO G 280 -64.94 59.38 -27.06
C PRO G 280 -63.68 59.62 -27.88
N ILE G 281 -62.87 58.57 -28.00
CA ILE G 281 -61.72 58.61 -28.89
C ILE G 281 -62.24 59.03 -30.26
N PHE G 282 -61.75 60.16 -30.76
CA PHE G 282 -62.27 60.74 -31.99
C PHE G 282 -61.91 59.82 -33.16
N GLY G 283 -62.93 59.22 -33.77
CA GLY G 283 -62.72 58.37 -34.92
C GLY G 283 -62.18 57.01 -34.54
N TYR G 284 -62.94 56.28 -33.73
CA TYR G 284 -62.50 54.95 -33.31
C TYR G 284 -62.33 54.03 -34.51
N THR G 285 -63.35 53.95 -35.37
CA THR G 285 -63.27 53.05 -36.51
C THR G 285 -62.12 53.44 -37.44
N THR G 286 -61.77 54.72 -37.47
CA THR G 286 -60.67 55.16 -38.33
C THR G 286 -59.32 54.76 -37.74
N LEU G 287 -59.19 54.83 -36.41
CA LEU G 287 -57.93 54.47 -35.78
C LEU G 287 -57.60 53.00 -35.98
N ILE G 288 -58.60 52.12 -35.87
CA ILE G 288 -58.34 50.69 -36.05
C ILE G 288 -57.92 50.41 -37.49
N TYR G 289 -58.53 51.11 -38.45
CA TYR G 289 -58.09 50.97 -39.83
C TYR G 289 -56.71 51.58 -40.03
N ALA G 290 -56.45 52.73 -39.40
CA ALA G 290 -55.12 53.32 -39.48
C ALA G 290 -54.07 52.39 -38.91
N THR G 291 -54.34 51.80 -37.74
CA THR G 291 -53.41 50.84 -37.16
C THR G 291 -53.21 49.65 -38.08
N LEU G 292 -54.30 49.14 -38.66
CA LEU G 292 -54.20 47.99 -39.57
C LEU G 292 -53.38 48.35 -40.79
N ALA G 293 -53.59 49.55 -41.35
CA ALA G 293 -52.85 49.96 -42.53
C ALA G 293 -51.36 50.09 -42.23
N ILE G 294 -51.02 50.65 -41.07
CA ILE G 294 -49.62 50.84 -40.71
C ILE G 294 -48.89 49.51 -40.66
N ALA G 295 -49.50 48.52 -40.01
CA ALA G 295 -48.87 47.20 -39.92
C ALA G 295 -48.73 46.56 -41.30
N ALA G 296 -49.77 46.69 -42.13
CA ALA G 296 -49.69 46.14 -43.48
C ALA G 296 -48.59 46.83 -44.28
N LEU G 297 -48.47 48.15 -44.15
CA LEU G 297 -47.47 48.88 -44.93
C LEU G 297 -46.08 48.73 -44.35
N SER G 298 -45.94 48.59 -43.03
CA SER G 298 -44.61 48.52 -42.43
C SER G 298 -43.81 47.34 -42.95
N VAL G 299 -44.48 46.24 -43.30
CA VAL G 299 -43.77 45.06 -43.75
C VAL G 299 -43.11 45.31 -45.09
N ALA G 300 -43.76 46.06 -45.99
CA ALA G 300 -43.32 46.21 -47.36
C ALA G 300 -42.55 47.51 -47.61
N VAL G 301 -42.21 48.23 -46.55
CA VAL G 301 -41.43 49.47 -46.68
C VAL G 301 -40.18 49.36 -45.83
N TRP G 302 -39.64 48.15 -45.72
CA TRP G 302 -38.54 47.91 -44.81
C TRP G 302 -37.24 48.56 -45.29
N ALA G 303 -37.03 48.61 -46.60
CA ALA G 303 -35.71 48.88 -47.13
C ALA G 303 -35.38 50.37 -47.20
N HIS G 304 -36.28 51.25 -46.77
CA HIS G 304 -35.95 52.67 -46.79
C HIS G 304 -34.86 53.02 -45.78
N HIS G 305 -34.34 52.04 -45.04
CA HIS G 305 -33.14 52.22 -44.23
C HIS G 305 -31.87 51.91 -45.03
N MET G 306 -31.99 51.59 -46.31
CA MET G 306 -30.87 51.13 -47.13
C MET G 306 -30.75 51.98 -48.39
N TYR G 307 -31.17 53.23 -48.30
CA TYR G 307 -31.07 54.14 -49.44
C TYR G 307 -29.63 54.39 -49.85
N ALA G 308 -28.73 54.56 -48.88
CA ALA G 308 -27.34 54.83 -49.21
C ALA G 308 -26.66 53.66 -49.89
N THR G 309 -27.12 52.43 -49.67
CA THR G 309 -26.46 51.26 -50.25
C THR G 309 -26.48 51.30 -51.77
N GLY G 310 -27.45 51.99 -52.37
CA GLY G 310 -27.53 52.03 -53.83
C GLY G 310 -27.73 50.65 -54.42
N ALA G 311 -28.50 49.79 -53.75
CA ALA G 311 -28.73 48.43 -54.22
C ALA G 311 -30.17 48.01 -54.08
N VAL G 312 -31.11 48.95 -53.94
CA VAL G 312 -32.51 48.66 -53.74
C VAL G 312 -33.32 49.45 -54.75
N LEU G 313 -34.53 48.97 -55.02
CA LEU G 313 -35.44 49.66 -55.92
C LEU G 313 -35.89 50.93 -55.21
N LEU G 314 -35.18 52.01 -55.46
CA LEU G 314 -35.27 53.22 -54.66
C LEU G 314 -36.67 53.82 -54.72
N PRO G 315 -37.27 53.97 -55.90
CA PRO G 315 -38.61 54.59 -55.95
C PRO G 315 -39.68 53.80 -55.20
N PHE G 316 -39.59 52.48 -55.22
CA PHE G 316 -40.66 51.65 -54.65
C PHE G 316 -40.80 51.88 -53.16
N PHE G 317 -39.69 51.82 -52.43
CA PHE G 317 -39.76 51.94 -50.98
C PHE G 317 -40.05 53.36 -50.54
N SER G 318 -39.58 54.36 -51.31
CA SER G 318 -39.89 55.75 -50.97
C SER G 318 -41.38 56.00 -51.09
N PHE G 319 -42.02 55.47 -52.13
CA PHE G 319 -43.46 55.68 -52.29
C PHE G 319 -44.22 55.11 -51.12
N MET G 320 -43.90 53.88 -50.71
CA MET G 320 -44.60 53.27 -49.60
C MET G 320 -44.19 53.88 -48.26
N THR G 321 -42.98 54.45 -48.18
CA THR G 321 -42.60 55.23 -47.02
C THR G 321 -43.40 56.51 -46.91
N PHE G 322 -43.74 57.13 -48.04
CA PHE G 322 -44.68 58.24 -48.04
C PHE G 322 -46.11 57.76 -47.84
N LEU G 323 -46.40 56.52 -48.23
CA LEU G 323 -47.74 55.97 -48.04
C LEU G 323 -47.99 55.56 -46.60
N ILE G 324 -46.97 55.07 -45.88
CA ILE G 324 -47.13 54.70 -44.48
C ILE G 324 -47.13 55.90 -43.56
N ALA G 325 -46.72 57.08 -44.05
CA ALA G 325 -46.79 58.28 -43.22
C ALA G 325 -48.21 58.80 -43.13
N VAL G 326 -49.01 58.59 -44.18
CA VAL G 326 -50.39 59.08 -44.17
C VAL G 326 -51.21 58.44 -43.05
N PRO G 327 -51.24 57.11 -42.90
CA PRO G 327 -51.98 56.54 -41.77
C PRO G 327 -51.55 57.08 -40.42
N THR G 328 -50.25 57.25 -40.21
CA THR G 328 -49.77 57.82 -38.96
C THR G 328 -50.23 59.26 -38.82
N GLY G 329 -50.41 59.95 -39.95
CA GLY G 329 -51.00 61.28 -39.90
C GLY G 329 -52.46 61.25 -39.47
N ILE G 330 -53.21 60.26 -39.98
CA ILE G 330 -54.61 60.13 -39.57
C ILE G 330 -54.69 59.89 -38.08
N LYS G 331 -53.83 59.00 -37.57
CA LYS G 331 -53.82 58.72 -36.14
C LYS G 331 -53.48 59.97 -35.35
N PHE G 332 -52.51 60.77 -35.82
CA PHE G 332 -52.14 61.99 -35.11
C PHE G 332 -53.30 62.98 -35.09
N PHE G 333 -54.00 63.16 -36.20
CA PHE G 333 -55.12 64.08 -36.24
C PHE G 333 -56.28 63.61 -35.36
N ASN G 334 -56.51 62.30 -35.30
CA ASN G 334 -57.60 61.79 -34.48
C ASN G 334 -57.35 62.09 -33.01
N TRP G 335 -56.10 61.97 -32.56
CA TRP G 335 -55.78 62.27 -31.16
C TRP G 335 -56.10 63.71 -30.82
N ILE G 336 -55.77 64.64 -31.72
CA ILE G 336 -56.13 66.04 -31.53
C ILE G 336 -57.65 66.17 -31.51
N GLY G 337 -58.34 65.48 -32.41
CA GLY G 337 -59.79 65.51 -32.40
C GLY G 337 -60.37 65.06 -31.08
N THR G 338 -59.77 64.02 -30.48
CA THR G 338 -60.21 63.58 -29.16
C THR G 338 -60.02 64.69 -28.13
N MET G 339 -58.89 65.38 -28.20
CA MET G 339 -58.64 66.52 -27.32
C MET G 339 -59.54 67.69 -27.64
N TRP G 340 -60.06 67.77 -28.87
CA TRP G 340 -60.83 68.93 -29.29
C TRP G 340 -62.11 69.06 -28.49
N LYS G 341 -62.45 70.31 -28.17
CA LYS G 341 -63.69 70.64 -27.46
C LYS G 341 -63.96 69.68 -26.31
N GLY G 342 -62.91 69.28 -25.60
CA GLY G 342 -63.03 68.42 -24.45
C GLY G 342 -62.59 69.14 -23.20
N GLN G 343 -63.18 68.75 -22.07
CA GLN G 343 -62.83 69.33 -20.77
C GLN G 343 -61.49 68.73 -20.35
N LEU G 344 -60.42 69.25 -20.95
CA LEU G 344 -59.09 68.72 -20.68
C LEU G 344 -58.65 69.06 -19.26
N THR G 345 -58.15 68.04 -18.55
CA THR G 345 -57.48 68.24 -17.29
C THR G 345 -56.12 67.57 -17.40
N PHE G 346 -55.05 68.35 -17.32
CA PHE G 346 -53.72 67.86 -17.64
C PHE G 346 -53.04 67.25 -16.41
N GLU G 347 -53.63 66.17 -15.92
CA GLU G 347 -52.96 65.36 -14.93
C GLU G 347 -51.72 64.72 -15.55
N THR G 348 -50.92 64.07 -14.72
CA THR G 348 -49.64 63.55 -15.20
C THR G 348 -49.79 62.55 -16.34
N PRO G 349 -50.92 61.84 -16.52
CA PRO G 349 -51.02 60.99 -17.72
C PRO G 349 -51.20 61.81 -19.00
N MET G 350 -52.06 62.82 -18.97
CA MET G 350 -52.20 63.70 -20.13
C MET G 350 -50.92 64.47 -20.38
N LEU G 351 -50.29 64.98 -19.32
CA LEU G 351 -49.07 65.76 -19.49
C LEU G 351 -48.04 64.98 -20.30
N PHE G 352 -47.83 63.72 -19.94
CA PHE G 352 -46.95 62.87 -20.74
C PHE G 352 -47.58 62.56 -22.10
N SER G 353 -48.89 62.33 -22.13
CA SER G 353 -49.54 61.99 -23.40
C SER G 353 -49.46 63.14 -24.39
N VAL G 354 -49.64 64.38 -23.92
CA VAL G 354 -49.50 65.53 -24.80
C VAL G 354 -48.04 65.71 -25.20
N GLY G 355 -47.12 65.46 -24.27
CA GLY G 355 -45.71 65.53 -24.60
C GLY G 355 -45.35 64.59 -25.73
N PHE G 356 -45.95 63.39 -25.74
CA PHE G 356 -45.75 62.47 -26.84
C PHE G 356 -46.12 63.12 -28.17
N LEU G 357 -47.23 63.84 -28.21
CA LEU G 357 -47.65 64.49 -29.44
C LEU G 357 -46.61 65.50 -29.91
N ILE G 358 -46.09 66.31 -28.99
CA ILE G 358 -45.17 67.38 -29.36
C ILE G 358 -43.85 66.78 -29.86
N THR G 359 -43.28 65.83 -29.09
CA THR G 359 -42.00 65.26 -29.46
C THR G 359 -42.13 64.37 -30.69
N PHE G 360 -43.17 63.53 -30.73
CA PHE G 360 -43.35 62.63 -31.87
C PHE G 360 -43.50 63.38 -33.18
N LEU G 361 -44.22 64.50 -33.19
CA LEU G 361 -44.46 65.22 -34.43
C LEU G 361 -43.15 65.67 -35.05
N LEU G 362 -42.30 66.36 -34.27
CA LEU G 362 -41.03 66.83 -34.83
C LEU G 362 -40.19 65.66 -35.30
N GLY G 363 -40.12 64.59 -34.52
CA GLY G 363 -39.47 63.38 -34.99
C GLY G 363 -40.17 62.81 -36.21
N GLY G 364 -41.50 62.85 -36.23
CA GLY G 364 -42.22 62.42 -37.41
C GLY G 364 -41.95 63.29 -38.61
N LEU G 365 -41.99 64.61 -38.44
CA LEU G 365 -41.73 65.50 -39.56
C LEU G 365 -40.36 65.24 -40.17
N SER G 366 -39.35 65.02 -39.33
CA SER G 366 -38.04 64.63 -39.84
C SER G 366 -38.10 63.26 -40.51
N GLY G 367 -39.05 62.41 -40.11
CA GLY G 367 -39.14 61.09 -40.70
C GLY G 367 -39.37 61.13 -42.20
N VAL G 368 -40.31 61.96 -42.65
CA VAL G 368 -40.55 62.08 -44.09
C VAL G 368 -39.33 62.69 -44.78
N LEU G 369 -38.63 63.62 -44.13
CA LEU G 369 -37.40 64.13 -44.71
C LEU G 369 -36.43 63.00 -44.99
N LEU G 370 -36.40 61.98 -44.13
CA LEU G 370 -35.57 60.81 -44.38
C LEU G 370 -36.16 59.92 -45.46
N ALA G 371 -37.48 59.95 -45.62
CA ALA G 371 -38.14 59.14 -46.66
C ALA G 371 -37.75 59.56 -48.06
N SER G 372 -37.18 60.76 -48.24
CA SER G 372 -36.75 61.22 -49.54
C SER G 372 -35.30 60.80 -49.74
N PRO G 373 -35.00 59.88 -50.66
CA PRO G 373 -33.62 59.42 -50.82
C PRO G 373 -32.64 60.55 -51.06
N PRO G 374 -32.97 61.51 -51.95
CA PRO G 374 -32.01 62.61 -52.15
C PRO G 374 -31.68 63.35 -50.88
N LEU G 375 -32.66 63.56 -50.00
CA LEU G 375 -32.37 64.12 -48.69
C LEU G 375 -31.74 63.08 -47.77
N ASP G 376 -32.17 61.83 -47.88
CA ASP G 376 -31.59 60.78 -47.06
C ASP G 376 -30.13 60.55 -47.38
N PHE G 377 -29.69 60.86 -48.59
CA PHE G 377 -28.28 60.66 -48.95
C PHE G 377 -27.40 61.46 -48.01
N HIS G 378 -27.49 62.80 -48.05
CA HIS G 378 -26.63 63.62 -47.22
C HIS G 378 -26.85 63.33 -45.74
N VAL G 379 -28.10 63.16 -45.32
CA VAL G 379 -28.44 63.11 -43.90
C VAL G 379 -28.41 61.68 -43.35
N THR G 380 -28.22 60.68 -44.20
CA THR G 380 -28.20 59.29 -43.75
C THR G 380 -27.01 59.06 -42.83
N ASP G 381 -27.18 58.12 -41.90
CA ASP G 381 -26.11 57.66 -41.03
C ASP G 381 -25.41 58.85 -40.33
N SER G 382 -26.13 59.94 -40.15
CA SER G 382 -25.65 61.11 -39.44
C SER G 382 -26.49 61.32 -38.19
N TYR G 383 -26.09 62.29 -37.37
CA TYR G 383 -26.83 62.54 -36.14
C TYR G 383 -28.22 63.11 -36.40
N PHE G 384 -28.52 63.55 -37.62
CA PHE G 384 -29.90 63.91 -37.94
C PHE G 384 -30.81 62.70 -37.82
N VAL G 385 -30.35 61.54 -38.30
CA VAL G 385 -31.10 60.31 -38.12
C VAL G 385 -31.15 59.92 -36.65
N ILE G 386 -30.05 60.11 -35.92
CA ILE G 386 -30.06 59.86 -34.49
C ILE G 386 -31.11 60.74 -33.81
N ALA G 387 -31.24 61.99 -34.27
CA ALA G 387 -32.25 62.87 -33.71
C ALA G 387 -33.65 62.49 -34.18
N HIS G 388 -33.77 61.94 -35.39
CA HIS G 388 -35.09 61.54 -35.89
C HIS G 388 -35.71 60.49 -34.98
N PHE G 389 -35.08 59.32 -34.90
CA PHE G 389 -35.73 58.18 -34.26
C PHE G 389 -35.69 58.27 -32.75
N HIS G 390 -35.03 59.29 -32.18
CA HIS G 390 -35.13 59.52 -30.74
C HIS G 390 -36.31 60.42 -30.42
N TYR G 391 -36.55 61.43 -31.26
CA TYR G 391 -37.77 62.21 -31.14
C TYR G 391 -39.00 61.32 -31.35
N VAL G 392 -38.80 60.21 -32.05
CA VAL G 392 -39.92 59.33 -32.35
C VAL G 392 -40.00 58.20 -31.34
N LEU G 393 -38.87 57.56 -31.04
CA LEU G 393 -38.88 56.52 -30.01
C LEU G 393 -39.16 57.13 -28.64
N PHE G 394 -38.27 58.01 -28.17
CA PHE G 394 -38.48 58.63 -26.87
C PHE G 394 -39.87 59.23 -26.76
N GLY G 395 -40.33 59.88 -27.82
CA GLY G 395 -41.70 60.37 -27.82
C GLY G 395 -42.70 59.24 -27.69
N THR G 396 -42.44 58.12 -28.39
CA THR G 396 -43.45 57.07 -28.49
C THR G 396 -43.34 56.02 -27.40
N ILE G 397 -42.15 55.81 -26.82
CA ILE G 397 -41.95 54.70 -25.90
C ILE G 397 -41.25 55.15 -24.63
N VAL G 398 -41.24 56.45 -24.37
CA VAL G 398 -40.81 56.96 -23.07
C VAL G 398 -41.91 57.89 -22.55
N PHE G 399 -42.33 58.83 -23.39
CA PHE G 399 -43.42 59.71 -22.99
C PHE G 399 -44.73 58.94 -22.88
N ALA G 400 -45.00 58.05 -23.83
CA ALA G 400 -46.25 57.29 -23.80
C ALA G 400 -46.21 56.20 -22.73
N THR G 401 -45.09 55.48 -22.61
CA THR G 401 -45.01 54.44 -21.59
C THR G 401 -45.12 55.04 -20.20
N TYR G 402 -44.49 56.20 -19.96
CA TYR G 402 -44.66 56.88 -18.69
C TYR G 402 -46.12 57.30 -18.49
N ALA G 403 -46.76 57.76 -19.57
CA ALA G 403 -48.19 58.04 -19.49
C ALA G 403 -48.97 56.78 -19.15
N GLY G 404 -48.58 55.65 -19.76
CA GLY G 404 -49.21 54.39 -19.41
C GLY G 404 -48.93 53.98 -17.98
N ILE G 405 -47.70 54.18 -17.53
CA ILE G 405 -47.36 53.87 -16.13
C ILE G 405 -48.14 54.77 -15.19
N TYR G 406 -48.12 56.07 -15.44
CA TYR G 406 -48.88 56.99 -14.60
C TYR G 406 -50.37 56.72 -14.70
N PHE G 407 -50.87 56.41 -15.90
CA PHE G 407 -52.29 56.14 -16.08
C PHE G 407 -52.73 54.86 -15.35
N TRP G 408 -51.92 53.81 -15.43
CA TRP G 408 -52.33 52.50 -14.93
C TRP G 408 -51.65 52.09 -13.64
N PHE G 409 -50.90 52.98 -12.99
CA PHE G 409 -50.33 52.61 -11.69
C PHE G 409 -51.41 52.30 -10.67
N PRO G 410 -52.46 53.11 -10.51
CA PRO G 410 -53.52 52.73 -9.57
C PRO G 410 -54.19 51.42 -9.95
N LYS G 411 -54.37 51.16 -11.24
CA LYS G 411 -55.10 49.98 -11.69
C LYS G 411 -54.31 48.69 -11.49
N MET G 412 -53.04 48.77 -11.11
CA MET G 412 -52.24 47.60 -10.84
C MET G 412 -51.67 47.57 -9.43
N THR G 413 -51.69 48.69 -8.72
CA THR G 413 -51.13 48.79 -7.38
C THR G 413 -52.14 49.26 -6.35
N GLY G 414 -53.18 49.97 -6.77
CA GLY G 414 -54.13 50.55 -5.85
C GLY G 414 -53.67 51.84 -5.22
N ARG G 415 -52.51 52.36 -5.62
CA ARG G 415 -51.97 53.60 -5.10
C ARG G 415 -51.80 54.60 -6.24
N LEU G 416 -51.96 55.88 -5.93
CA LEU G 416 -51.81 56.93 -6.92
C LEU G 416 -50.42 57.53 -6.85
N LEU G 417 -49.75 57.57 -8.00
CA LEU G 417 -48.47 58.26 -8.08
C LEU G 417 -48.67 59.74 -7.82
N ASP G 418 -47.76 60.33 -7.07
CA ASP G 418 -47.87 61.74 -6.71
C ASP G 418 -47.93 62.59 -7.97
N GLU G 419 -48.89 63.52 -8.02
CA GLU G 419 -49.03 64.37 -9.19
C GLU G 419 -47.89 65.37 -9.28
N ARG G 420 -47.51 65.96 -8.15
CA ARG G 420 -46.45 66.97 -8.15
C ARG G 420 -45.13 66.38 -8.62
N LEU G 421 -44.77 65.20 -8.11
CA LEU G 421 -43.54 64.56 -8.56
C LEU G 421 -43.66 64.14 -10.01
N GLY G 422 -44.85 63.75 -10.45
CA GLY G 422 -45.04 63.42 -11.85
C GLY G 422 -44.85 64.61 -12.76
N LYS G 423 -45.38 65.77 -12.36
CA LYS G 423 -45.17 66.98 -13.16
C LYS G 423 -43.71 67.37 -13.20
N LEU G 424 -43.02 67.26 -12.06
CA LEU G 424 -41.58 67.52 -12.04
C LEU G 424 -40.85 66.56 -12.96
N HIS G 425 -41.21 65.28 -12.92
CA HIS G 425 -40.56 64.29 -13.77
C HIS G 425 -40.79 64.59 -15.25
N PHE G 426 -42.01 64.99 -15.61
CA PHE G 426 -42.30 65.26 -17.01
C PHE G 426 -41.47 66.42 -17.54
N TRP G 427 -41.50 67.55 -16.84
CA TRP G 427 -40.84 68.74 -17.37
C TRP G 427 -39.32 68.57 -17.38
N LEU G 428 -38.78 67.84 -16.40
CA LEU G 428 -37.38 67.46 -16.48
C LEU G 428 -37.13 66.60 -17.71
N THR G 429 -38.03 65.66 -17.98
CA THR G 429 -37.90 64.83 -19.17
C THR G 429 -38.12 65.64 -20.44
N PHE G 430 -39.16 66.48 -20.46
CA PHE G 430 -39.47 67.26 -21.65
C PHE G 430 -38.38 68.30 -21.92
N ILE G 431 -38.03 69.08 -20.90
CA ILE G 431 -36.97 70.08 -21.07
C ILE G 431 -35.65 69.39 -21.37
N GLY G 432 -35.37 68.30 -20.64
CA GLY G 432 -34.14 67.57 -20.87
C GLY G 432 -34.07 66.97 -22.26
N PHE G 433 -35.16 66.37 -22.71
CA PHE G 433 -35.13 65.67 -23.99
C PHE G 433 -34.90 66.65 -25.15
N HIS G 434 -35.71 67.70 -25.22
CA HIS G 434 -35.59 68.63 -26.33
C HIS G 434 -34.21 69.26 -26.37
N THR G 435 -33.56 69.40 -25.21
CA THR G 435 -32.22 69.94 -25.15
C THR G 435 -31.23 68.99 -25.84
N THR G 436 -31.30 67.70 -25.49
CA THR G 436 -30.24 66.78 -25.90
C THR G 436 -30.29 66.50 -27.40
N PHE G 437 -31.49 66.38 -27.97
CA PHE G 437 -31.62 65.87 -29.33
C PHE G 437 -31.98 66.94 -30.36
N LEU G 438 -32.55 68.07 -29.95
CA LEU G 438 -32.91 69.08 -30.93
C LEU G 438 -31.69 69.58 -31.68
N VAL G 439 -30.60 69.84 -30.95
CA VAL G 439 -29.37 70.29 -31.58
C VAL G 439 -28.74 69.20 -32.42
N GLN G 440 -29.06 67.93 -32.17
CA GLN G 440 -28.45 66.84 -32.92
C GLN G 440 -28.91 66.83 -34.37
N HIS G 441 -30.01 67.49 -34.69
CA HIS G 441 -30.37 67.68 -36.10
C HIS G 441 -29.32 68.52 -36.81
N TRP G 442 -28.99 69.68 -36.23
CA TRP G 442 -27.92 70.51 -36.78
C TRP G 442 -26.59 69.79 -36.71
N LEU G 443 -26.35 69.08 -35.60
CA LEU G 443 -25.11 68.35 -35.43
C LEU G 443 -24.83 67.42 -36.61
N GLY G 444 -25.82 66.63 -37.00
CA GLY G 444 -25.65 65.69 -38.09
C GLY G 444 -25.87 66.27 -39.46
N ASP G 445 -26.62 67.37 -39.56
CA ASP G 445 -26.83 68.00 -40.87
C ASP G 445 -25.50 68.43 -41.46
N GLU G 446 -24.71 69.18 -40.71
CA GLU G 446 -23.31 69.37 -41.06
C GLU G 446 -22.55 68.08 -40.76
N GLY G 447 -21.42 67.89 -41.42
CA GLY G 447 -20.76 66.61 -41.41
C GLY G 447 -20.41 66.12 -40.01
N MET G 448 -21.16 65.13 -39.53
CA MET G 448 -20.81 64.39 -38.33
C MET G 448 -21.53 63.04 -38.35
N PRO G 449 -20.96 62.02 -38.99
CA PRO G 449 -21.62 60.72 -39.01
C PRO G 449 -21.79 60.18 -37.60
N ARG G 450 -22.89 59.46 -37.40
CA ARG G 450 -23.13 58.84 -36.12
C ARG G 450 -22.12 57.73 -35.87
N ARG G 451 -22.18 57.17 -34.67
CA ARG G 451 -21.26 56.11 -34.26
C ARG G 451 -19.82 56.60 -34.36
N TYR G 452 -19.59 57.85 -33.99
CA TYR G 452 -18.26 58.46 -33.96
C TYR G 452 -17.85 58.61 -32.51
N ALA G 453 -16.79 57.91 -32.12
CA ALA G 453 -16.33 57.97 -30.73
C ALA G 453 -15.63 59.29 -30.43
N ASP G 454 -14.97 59.88 -31.41
CA ASP G 454 -14.24 61.13 -31.21
C ASP G 454 -14.30 61.95 -32.48
N TYR G 455 -14.06 63.25 -32.31
CA TYR G 455 -14.02 64.18 -33.44
C TYR G 455 -12.95 65.23 -33.15
N LEU G 456 -12.49 65.86 -34.21
CA LEU G 456 -11.42 66.84 -34.09
C LEU G 456 -11.94 68.14 -33.48
N PRO G 457 -11.11 68.85 -32.70
CA PRO G 457 -11.50 70.21 -32.32
C PRO G 457 -11.69 71.12 -33.52
N THR G 458 -10.90 70.94 -34.57
CA THR G 458 -11.04 71.76 -35.76
C THR G 458 -12.41 71.56 -36.40
N ASP G 459 -12.91 70.32 -36.36
CA ASP G 459 -14.29 70.09 -36.76
C ASP G 459 -15.21 70.96 -35.91
N GLY G 460 -16.20 71.55 -36.56
CA GLY G 460 -17.10 72.44 -35.85
C GLY G 460 -17.98 71.69 -34.88
N PHE G 461 -19.16 72.24 -34.62
CA PHE G 461 -20.19 71.57 -33.82
C PHE G 461 -19.63 70.94 -32.55
N THR G 462 -18.69 71.64 -31.91
CA THR G 462 -18.27 71.27 -30.56
C THR G 462 -19.21 71.80 -29.51
N THR G 463 -19.81 72.98 -29.75
CA THR G 463 -20.76 73.55 -28.79
C THR G 463 -22.05 72.75 -28.77
N LEU G 464 -22.46 72.22 -29.91
CA LEU G 464 -23.70 71.44 -29.96
C LEU G 464 -23.57 70.16 -29.14
N ASN G 465 -22.41 69.50 -29.22
CA ASN G 465 -22.22 68.25 -28.50
C ASN G 465 -22.35 68.44 -27.00
N VAL G 466 -21.76 69.50 -26.46
CA VAL G 466 -21.88 69.75 -25.03
C VAL G 466 -23.33 70.08 -24.68
N ILE G 467 -24.00 70.87 -25.52
CA ILE G 467 -25.42 71.13 -25.31
C ILE G 467 -26.20 69.82 -25.28
N SER G 468 -25.85 68.89 -26.17
CA SER G 468 -26.49 67.59 -26.16
C SER G 468 -26.21 66.85 -24.86
N THR G 469 -24.96 66.90 -24.39
CA THR G 469 -24.62 66.24 -23.13
C THR G 469 -25.36 66.87 -21.96
N VAL G 470 -25.51 68.20 -21.99
CA VAL G 470 -26.26 68.87 -20.93
C VAL G 470 -27.69 68.35 -20.90
N GLY G 471 -28.30 68.22 -22.07
CA GLY G 471 -29.67 67.72 -22.13
C GLY G 471 -29.80 66.31 -21.60
N ALA G 472 -28.85 65.44 -21.96
CA ALA G 472 -28.95 64.04 -21.54
C ALA G 472 -28.81 63.90 -20.03
N PHE G 473 -27.98 64.74 -19.41
CA PHE G 473 -27.87 64.69 -17.96
C PHE G 473 -29.08 65.31 -17.28
N ILE G 474 -29.76 66.25 -17.95
CA ILE G 474 -31.09 66.65 -17.49
C ILE G 474 -32.04 65.47 -17.59
N LEU G 475 -31.96 64.72 -18.69
CA LEU G 475 -32.68 63.46 -18.78
C LEU G 475 -32.20 62.45 -17.75
N GLY G 476 -30.90 62.45 -17.44
CA GLY G 476 -30.36 61.53 -16.46
C GLY G 476 -30.96 61.75 -15.09
N VAL G 477 -31.07 63.01 -14.66
CA VAL G 477 -31.67 63.31 -13.37
C VAL G 477 -33.18 63.25 -13.41
N SER G 478 -33.78 63.31 -14.60
CA SER G 478 -35.24 63.25 -14.70
C SER G 478 -35.78 61.91 -14.24
N MET G 479 -34.97 60.86 -14.27
CA MET G 479 -35.43 59.54 -13.82
C MET G 479 -35.39 59.39 -12.31
N LEU G 480 -34.85 60.37 -11.59
CA LEU G 480 -34.80 60.29 -10.14
C LEU G 480 -36.17 60.62 -9.55
N PRO G 481 -36.82 61.70 -9.98
CA PRO G 481 -38.19 61.94 -9.51
C PRO G 481 -39.13 60.78 -9.79
N PHE G 482 -39.01 60.14 -10.95
CA PHE G 482 -39.90 59.04 -11.29
C PHE G 482 -39.66 57.85 -10.38
N VAL G 483 -38.41 57.43 -10.24
CA VAL G 483 -38.11 56.27 -9.40
C VAL G 483 -38.50 56.55 -7.96
N TRP G 484 -38.24 57.78 -7.49
CA TRP G 484 -38.68 58.14 -6.15
C TRP G 484 -40.19 58.10 -6.03
N ASN G 485 -40.90 58.61 -7.04
CA ASN G 485 -42.35 58.61 -6.99
C ASN G 485 -42.88 57.18 -6.91
N VAL G 486 -42.39 56.30 -7.78
CA VAL G 486 -42.84 54.91 -7.76
C VAL G 486 -42.44 54.24 -6.46
N PHE G 487 -41.21 54.49 -5.99
CA PHE G 487 -40.73 53.84 -4.78
C PHE G 487 -41.58 54.21 -3.57
N LYS G 488 -41.91 55.50 -3.42
CA LYS G 488 -42.68 55.96 -2.27
C LYS G 488 -44.18 55.98 -2.54
N SER G 489 -44.62 55.59 -3.74
CA SER G 489 -46.04 55.48 -4.03
C SER G 489 -46.53 54.05 -4.11
N TRP G 490 -45.63 53.09 -4.34
CA TRP G 490 -46.05 51.68 -4.34
C TRP G 490 -46.49 51.27 -2.94
N ARG G 491 -45.73 51.66 -1.92
CA ARG G 491 -46.01 51.30 -0.54
C ARG G 491 -46.76 52.37 0.23
N TYR G 492 -46.61 53.63 -0.16
CA TYR G 492 -47.32 54.75 0.42
C TYR G 492 -48.04 55.49 -0.71
N GLY G 493 -48.53 56.67 -0.41
CA GLY G 493 -49.19 57.46 -1.43
C GLY G 493 -50.68 57.26 -1.42
N GLU G 494 -51.40 58.29 -1.86
CA GLU G 494 -52.84 58.36 -1.72
C GLU G 494 -53.49 57.08 -2.25
N PRO G 495 -54.05 56.23 -1.40
CA PRO G 495 -54.73 55.03 -1.90
C PRO G 495 -55.99 55.39 -2.68
N VAL G 496 -56.35 54.52 -3.60
CA VAL G 496 -57.59 54.65 -4.36
C VAL G 496 -58.49 53.50 -3.92
N THR G 497 -59.64 53.86 -3.35
CA THR G 497 -60.63 52.89 -2.90
C THR G 497 -61.76 52.72 -3.89
N VAL G 498 -61.61 53.27 -5.09
CA VAL G 498 -62.67 53.27 -6.10
C VAL G 498 -62.06 52.86 -7.44
N ASP G 499 -62.92 52.41 -8.33
CA ASP G 499 -62.53 52.22 -9.72
C ASP G 499 -62.36 53.59 -10.38
N ASP G 500 -61.58 53.62 -11.46
CA ASP G 500 -61.35 54.88 -12.14
C ASP G 500 -60.86 55.95 -11.18
N PRO G 501 -59.60 55.91 -10.74
CA PRO G 501 -59.04 57.09 -10.08
C PRO G 501 -59.07 58.30 -10.98
N TRP G 502 -58.98 58.08 -12.29
CA TRP G 502 -59.26 59.11 -13.28
C TRP G 502 -60.67 58.89 -13.78
N GLY G 503 -61.61 59.69 -13.31
CA GLY G 503 -62.99 59.56 -13.72
C GLY G 503 -63.11 59.54 -15.24
N TYR G 504 -64.25 59.06 -15.70
CA TYR G 504 -64.56 58.99 -17.13
C TYR G 504 -63.66 57.99 -17.85
N GLY G 505 -63.30 56.90 -17.19
CA GLY G 505 -62.51 55.86 -17.82
C GLY G 505 -63.34 54.97 -18.72
N ASN G 506 -62.64 54.32 -19.65
CA ASN G 506 -63.27 53.45 -20.64
C ASN G 506 -62.60 52.09 -20.56
N SER G 507 -62.84 51.26 -21.57
CA SER G 507 -62.07 50.05 -21.86
C SER G 507 -62.33 48.90 -20.89
N LEU G 508 -63.26 49.04 -19.94
CA LEU G 508 -63.71 47.92 -19.11
C LEU G 508 -62.69 47.53 -18.05
N GLU G 509 -61.48 48.04 -18.13
CA GLU G 509 -60.51 47.83 -17.05
C GLU G 509 -60.78 48.72 -15.86
N TRP G 510 -61.51 49.82 -16.07
CA TRP G 510 -61.96 50.69 -15.00
C TRP G 510 -63.31 50.27 -14.45
N ALA G 511 -63.74 49.04 -14.72
CA ALA G 511 -64.98 48.49 -14.17
C ALA G 511 -64.70 47.45 -13.11
N THR G 512 -63.51 47.48 -12.50
CA THR G 512 -63.11 46.53 -11.48
C THR G 512 -62.28 47.24 -10.44
N SER G 513 -62.09 46.59 -9.30
CA SER G 513 -61.34 47.18 -8.20
C SER G 513 -59.94 47.56 -8.68
N CYS G 514 -59.48 48.74 -8.24
CA CYS G 514 -58.24 49.28 -8.78
C CYS G 514 -57.09 48.30 -8.68
N PRO G 515 -56.83 47.65 -7.56
CA PRO G 515 -56.08 46.39 -7.60
C PRO G 515 -57.01 45.28 -8.02
N PRO G 516 -56.94 44.82 -9.27
CA PRO G 516 -57.98 43.93 -9.78
C PRO G 516 -57.98 42.61 -9.02
N PRO G 517 -59.14 42.00 -8.78
CA PRO G 517 -59.15 40.67 -8.20
C PRO G 517 -58.44 39.69 -9.12
N ARG G 518 -57.79 38.69 -8.53
CA ARG G 518 -57.28 37.59 -9.31
C ARG G 518 -58.38 37.09 -10.23
N HIS G 519 -58.07 36.95 -11.51
CA HIS G 519 -59.03 36.68 -12.57
C HIS G 519 -59.80 37.94 -12.96
N ASN G 520 -59.29 39.11 -12.58
CA ASN G 520 -59.57 40.39 -13.24
C ASN G 520 -60.93 40.99 -12.97
N PHE G 521 -61.88 40.24 -12.43
CA PHE G 521 -63.26 40.71 -12.37
C PHE G 521 -64.05 39.94 -11.32
N THR G 522 -64.93 40.65 -10.63
CA THR G 522 -66.05 40.07 -9.94
C THR G 522 -67.38 40.52 -10.53
N GLU G 523 -67.33 41.33 -11.60
CA GLU G 523 -68.52 41.97 -12.15
C GLU G 523 -68.19 42.39 -13.57
N LEU G 524 -68.83 41.77 -14.55
CA LEU G 524 -68.63 42.15 -15.94
C LEU G 524 -69.86 42.90 -16.43
N PRO G 525 -69.79 44.19 -16.73
CA PRO G 525 -70.98 44.92 -17.14
C PRO G 525 -71.45 44.53 -18.53
N ARG G 526 -72.68 44.93 -18.84
CA ARG G 526 -73.24 44.74 -20.18
C ARG G 526 -72.49 45.63 -21.15
N ILE G 527 -71.66 45.02 -21.99
CA ILE G 527 -70.84 45.77 -22.94
C ILE G 527 -71.70 46.13 -24.13
N ARG G 528 -71.80 47.43 -24.43
CA ARG G 528 -72.62 47.94 -25.52
C ARG G 528 -71.83 48.71 -26.56
N SER G 529 -70.76 49.38 -26.15
CA SER G 529 -70.04 50.29 -27.04
C SER G 529 -68.55 50.18 -26.74
N GLU G 530 -67.78 51.14 -27.26
CA GLU G 530 -66.35 51.19 -27.04
C GLU G 530 -65.97 51.74 -25.68
N ARG G 531 -66.95 52.15 -24.88
CA ARG G 531 -66.71 52.76 -23.57
C ARG G 531 -67.60 52.08 -22.53
N PRO G 532 -67.31 50.83 -22.20
CA PRO G 532 -68.19 50.13 -21.23
C PRO G 532 -68.13 50.74 -19.84
N ALA G 533 -66.93 51.01 -19.32
CA ALA G 533 -66.81 51.57 -17.98
C ALA G 533 -67.48 52.93 -17.90
N PHE G 534 -67.30 53.76 -18.92
CA PHE G 534 -67.98 55.06 -18.95
C PHE G 534 -69.49 54.88 -18.98
N GLU G 535 -69.99 53.93 -19.77
CA GLU G 535 -71.42 53.68 -19.81
C GLU G 535 -71.93 53.24 -18.44
N LEU G 536 -71.19 52.37 -17.76
CA LEU G 536 -71.60 51.92 -16.44
C LEU G 536 -71.62 53.07 -15.44
N HIS G 537 -70.52 53.82 -15.35
CA HIS G 537 -70.39 54.81 -14.29
C HIS G 537 -71.31 56.00 -14.51
N TYR G 538 -71.66 56.30 -15.77
CA TYR G 538 -72.51 57.44 -16.11
C TYR G 538 -73.63 56.94 -17.01
N PRO G 539 -74.63 56.26 -16.45
CA PRO G 539 -75.72 55.74 -17.29
C PRO G 539 -76.45 56.81 -18.07
N HIS G 540 -76.58 58.01 -17.50
CA HIS G 540 -77.28 59.09 -18.19
C HIS G 540 -76.58 59.47 -19.49
N MET G 541 -75.28 59.28 -19.57
CA MET G 541 -74.54 59.59 -20.78
C MET G 541 -74.77 58.55 -21.87
N VAL G 542 -75.34 57.40 -21.54
CA VAL G 542 -75.44 56.30 -22.51
C VAL G 542 -76.17 56.78 -23.75
N GLU G 543 -77.32 57.42 -23.57
CA GLU G 543 -78.07 57.93 -24.72
C GLU G 543 -77.29 59.02 -25.44
N ARG G 544 -76.66 59.92 -24.68
CA ARG G 544 -75.92 61.02 -25.30
C ARG G 544 -74.74 60.49 -26.12
N MET G 545 -74.03 59.50 -25.59
CA MET G 545 -72.90 58.94 -26.33
C MET G 545 -73.32 58.38 -27.67
N ARG G 546 -74.60 58.04 -27.84
CA ARG G 546 -75.11 57.63 -29.15
C ARG G 546 -75.64 58.79 -29.96
N ALA G 547 -76.24 59.79 -29.31
CA ALA G 547 -76.84 60.90 -30.03
C ALA G 547 -75.79 61.83 -30.62
N GLU G 548 -74.91 62.36 -29.77
CA GLU G 548 -73.89 63.29 -30.23
C GLU G 548 -72.83 62.63 -31.09
N ALA G 549 -72.80 61.28 -31.15
CA ALA G 549 -71.68 60.61 -31.80
C ALA G 549 -71.56 60.99 -33.27
N HIS G 550 -72.66 60.88 -34.01
CA HIS G 550 -72.58 60.97 -35.47
C HIS G 550 -72.14 62.35 -35.95
N VAL G 551 -72.47 63.40 -35.19
CA VAL G 551 -72.29 64.76 -35.69
C VAL G 551 -70.81 65.02 -35.99
N GLY G 552 -69.94 64.65 -35.06
CA GLY G 552 -68.52 64.88 -35.23
C GLY G 552 -68.18 66.36 -35.28
N MET H 1 -59.96 13.84 -3.86
CA MET H 1 -60.41 13.34 -2.53
C MET H 1 -59.63 12.11 -2.10
N SER H 2 -58.68 11.68 -2.94
CA SER H 2 -57.82 10.55 -2.59
C SER H 2 -56.66 11.01 -1.73
N SER H 3 -56.98 11.72 -0.64
CA SER H 3 -55.95 12.21 0.27
C SER H 3 -56.57 12.33 1.65
N THR H 4 -55.79 12.03 2.68
CA THR H 4 -56.24 12.07 4.06
C THR H 4 -55.58 13.25 4.76
N GLN H 5 -56.39 14.08 5.40
CA GLN H 5 -55.88 15.23 6.12
C GLN H 5 -54.87 14.78 7.17
N ASP H 6 -53.74 15.48 7.23
CA ASP H 6 -52.65 15.12 8.11
C ASP H 6 -52.79 15.82 9.45
N ARG H 7 -52.33 15.16 10.51
CA ARG H 7 -52.23 15.78 11.82
C ARG H 7 -50.98 15.26 12.50
N SER H 8 -50.27 16.15 13.18
CA SER H 8 -48.96 15.84 13.73
C SER H 8 -48.80 16.47 15.10
N GLN H 9 -48.13 15.75 16.00
CA GLN H 9 -47.74 16.27 17.31
C GLN H 9 -46.22 16.36 17.33
N LEU H 10 -45.70 17.57 17.16
CA LEU H 10 -44.27 17.82 17.13
C LEU H 10 -43.80 18.17 18.54
N ASP H 11 -42.78 17.46 19.02
CA ASP H 11 -42.24 17.69 20.36
C ASP H 11 -41.64 19.08 20.43
N PRO H 12 -42.25 20.03 21.15
CA PRO H 12 -41.72 21.39 21.18
C PRO H 12 -40.78 21.64 22.36
N GLU H 13 -40.01 22.71 22.23
CA GLU H 13 -39.14 23.18 23.31
C GLU H 13 -38.50 24.52 22.94
N VAL H 22 -36.54 28.37 23.82
CA VAL H 22 -37.43 29.52 23.76
C VAL H 22 -38.85 29.05 23.46
N GLU H 23 -39.83 29.74 24.04
CA GLU H 23 -41.24 29.39 23.85
C GLU H 23 -41.89 30.20 22.74
N ARG H 24 -41.10 30.61 21.74
CA ARG H 24 -41.57 31.41 20.61
C ARG H 24 -42.55 32.49 21.05
N HIS H 25 -42.32 33.07 22.23
CA HIS H 25 -43.17 34.13 22.75
C HIS H 25 -42.51 35.51 22.70
N THR H 26 -41.21 35.57 22.49
CA THR H 26 -40.48 36.82 22.28
C THR H 26 -39.65 36.63 21.01
N GLY H 27 -40.19 37.14 19.89
CA GLY H 27 -39.55 36.93 18.60
C GLY H 27 -40.54 36.98 17.45
N VAL H 28 -40.56 35.94 16.62
CA VAL H 28 -41.41 35.89 15.45
C VAL H 28 -42.77 35.36 15.85
N ASP H 29 -43.77 35.65 15.01
CA ASP H 29 -45.15 35.23 15.24
C ASP H 29 -45.71 34.59 13.99
N VAL H 30 -46.73 33.75 14.17
CA VAL H 30 -47.29 33.00 13.06
C VAL H 30 -47.80 33.93 11.97
N GLU H 31 -48.25 35.13 12.34
CA GLU H 31 -48.71 36.07 11.32
C GLU H 31 -47.58 36.43 10.35
N ASP H 32 -46.36 36.58 10.87
CA ASP H 32 -45.24 36.96 10.04
C ASP H 32 -44.62 35.75 9.35
N VAL H 33 -44.33 34.69 10.11
CA VAL H 33 -43.85 33.43 9.55
C VAL H 33 -44.86 32.34 9.89
N PRO H 34 -45.63 31.84 8.93
CA PRO H 34 -46.75 30.95 9.30
C PRO H 34 -46.34 29.72 10.10
N SER H 35 -45.12 29.23 9.95
CA SER H 35 -44.71 28.00 10.60
C SER H 35 -43.65 28.28 11.66
N ALA H 36 -43.87 29.33 12.46
CA ALA H 36 -42.90 29.68 13.49
C ALA H 36 -42.72 28.55 14.49
N GLU H 37 -43.80 27.89 14.87
CA GLU H 37 -43.71 26.83 15.89
C GLU H 37 -43.06 25.57 15.36
N TRP H 38 -42.89 25.44 14.04
CA TRP H 38 -42.40 24.20 13.46
C TRP H 38 -40.89 24.14 13.32
N GLY H 39 -40.18 25.24 13.55
CA GLY H 39 -38.74 25.20 13.46
C GLY H 39 -38.15 26.59 13.64
N TRP H 40 -36.82 26.61 13.71
CA TRP H 40 -36.07 27.86 13.82
C TRP H 40 -36.51 28.83 12.74
N SER H 41 -37.09 29.95 13.16
CA SER H 41 -37.82 30.81 12.25
C SER H 41 -37.40 32.28 12.27
N HIS H 42 -36.57 32.70 13.21
CA HIS H 42 -36.19 34.10 13.28
C HIS H 42 -34.76 34.22 13.79
N MET H 43 -33.95 34.96 13.04
CA MET H 43 -32.61 35.33 13.46
C MET H 43 -32.62 36.77 13.97
N PRO H 44 -32.02 37.08 15.12
CA PRO H 44 -32.03 38.47 15.59
C PRO H 44 -31.49 39.42 14.52
N ILE H 45 -32.20 40.53 14.34
CA ILE H 45 -31.81 41.48 13.32
C ILE H 45 -30.43 42.06 13.61
N GLY H 46 -30.03 42.06 14.88
CA GLY H 46 -28.67 42.46 15.20
C GLY H 46 -27.64 41.58 14.51
N VAL H 47 -27.93 40.28 14.41
CA VAL H 47 -27.01 39.37 13.73
C VAL H 47 -26.84 39.79 12.27
N MET H 48 -27.94 40.06 11.57
CA MET H 48 -27.84 40.46 10.17
C MET H 48 -27.16 41.82 10.03
N HIS H 49 -27.45 42.76 10.93
CA HIS H 49 -26.82 44.08 10.84
C HIS H 49 -25.31 43.97 11.02
N ILE H 50 -24.88 43.25 12.06
CA ILE H 50 -23.45 43.11 12.32
C ILE H 50 -22.80 42.31 11.20
N GLY H 51 -23.48 41.31 10.66
CA GLY H 51 -22.93 40.55 9.55
C GLY H 51 -22.74 41.40 8.31
N GLY H 52 -23.72 42.26 8.01
CA GLY H 52 -23.57 43.15 6.88
C GLY H 52 -22.44 44.15 7.08
N LEU H 53 -22.34 44.70 8.30
CA LEU H 53 -21.24 45.62 8.60
C LEU H 53 -19.89 44.94 8.43
N LEU H 54 -19.77 43.71 8.93
CA LEU H 54 -18.52 42.98 8.80
C LEU H 54 -18.23 42.60 7.36
N SER H 55 -19.25 42.27 6.58
CA SER H 55 -19.04 41.97 5.16
C SER H 55 -18.56 43.20 4.42
N ALA H 56 -19.15 44.35 4.68
CA ALA H 56 -18.69 45.59 4.07
C ALA H 56 -17.27 45.92 4.50
N ALA H 57 -16.96 45.72 5.78
CA ALA H 57 -15.61 45.97 6.26
C ALA H 57 -14.61 45.04 5.59
N PHE H 58 -14.98 43.77 5.41
CA PHE H 58 -14.11 42.83 4.74
C PHE H 58 -13.88 43.23 3.28
N LEU H 59 -14.95 43.65 2.60
CA LEU H 59 -14.80 44.10 1.23
C LEU H 59 -13.87 45.30 1.15
N LEU H 60 -14.01 46.26 2.07
CA LEU H 60 -13.11 47.40 2.08
C LEU H 60 -11.68 46.99 2.38
N VAL H 61 -11.49 46.06 3.33
CA VAL H 61 -10.15 45.65 3.72
C VAL H 61 -9.48 44.90 2.58
N MET H 62 -10.27 44.21 1.74
CA MET H 62 -9.67 43.50 0.62
C MET H 62 -9.04 44.45 -0.40
N MET H 63 -9.32 45.75 -0.30
CA MET H 63 -8.61 46.70 -1.14
C MET H 63 -7.12 46.67 -0.86
N ARG H 64 -6.75 46.58 0.41
CA ARG H 64 -5.34 46.45 0.79
C ARG H 64 -4.84 45.09 0.35
N GLY H 65 -3.93 45.07 -0.62
CA GLY H 65 -3.41 43.82 -1.14
C GLY H 65 -2.47 44.08 -2.29
N ASN H 66 -2.06 42.99 -2.93
CA ASN H 66 -1.11 43.04 -4.03
C ASN H 66 -1.88 42.98 -5.35
N HIS H 67 -2.31 44.15 -5.81
CA HIS H 67 -2.98 44.25 -7.11
C HIS H 67 -2.83 45.68 -7.60
N VAL H 68 -2.12 45.84 -8.72
CA VAL H 68 -1.82 47.18 -9.23
C VAL H 68 -3.09 47.88 -9.69
N GLY H 69 -4.04 47.13 -10.24
CA GLY H 69 -5.25 47.75 -10.75
C GLY H 69 -6.13 48.29 -9.64
N HIS H 70 -7.06 49.16 -10.02
CA HIS H 70 -7.98 49.80 -9.08
C HIS H 70 -9.43 49.66 -9.50
N VAL H 71 -9.72 49.07 -10.67
CA VAL H 71 -11.08 48.69 -10.99
C VAL H 71 -11.61 47.77 -9.91
N GLU H 72 -10.75 46.88 -9.41
CA GLU H 72 -11.12 45.96 -8.35
C GLU H 72 -11.46 46.72 -7.06
N ASP H 73 -10.65 47.71 -6.70
CA ASP H 73 -10.93 48.51 -5.52
C ASP H 73 -12.23 49.29 -5.67
N TRP H 74 -12.50 49.82 -6.85
CA TRP H 74 -13.75 50.55 -7.06
C TRP H 74 -14.95 49.62 -6.97
N PHE H 75 -14.83 48.40 -7.49
CA PHE H 75 -15.91 47.43 -7.32
C PHE H 75 -16.13 47.09 -5.86
N LEU H 76 -15.03 46.90 -5.11
CA LEU H 76 -15.14 46.64 -3.69
C LEU H 76 -15.85 47.78 -2.98
N ILE H 77 -15.47 49.02 -3.32
CA ILE H 77 -16.07 50.19 -2.69
C ILE H 77 -17.56 50.23 -3.01
N GLY H 78 -17.92 49.98 -4.27
CA GLY H 78 -19.34 50.01 -4.63
C GLY H 78 -20.15 48.98 -3.87
N PHE H 79 -19.65 47.74 -3.83
CA PHE H 79 -20.40 46.69 -3.14
C PHE H 79 -20.48 46.95 -1.64
N ALA H 80 -19.38 47.41 -1.03
CA ALA H 80 -19.40 47.74 0.38
C ALA H 80 -20.35 48.88 0.67
N ALA H 81 -20.39 49.89 -0.21
CA ALA H 81 -21.31 51.00 -0.03
C ALA H 81 -22.76 50.52 -0.14
N VAL H 82 -23.03 49.61 -1.07
CA VAL H 82 -24.38 49.06 -1.19
C VAL H 82 -24.77 48.31 0.08
N ILE H 83 -23.86 47.49 0.60
CA ILE H 83 -24.15 46.73 1.81
C ILE H 83 -24.39 47.67 2.99
N VAL H 84 -23.53 48.67 3.14
CA VAL H 84 -23.67 49.61 4.25
C VAL H 84 -24.96 50.40 4.11
N ALA H 85 -25.33 50.79 2.89
CA ALA H 85 -26.56 51.52 2.68
C ALA H 85 -27.77 50.66 3.02
N LEU H 86 -27.76 49.38 2.63
CA LEU H 86 -28.87 48.51 2.96
C LEU H 86 -28.99 48.34 4.47
N VAL H 87 -27.86 48.10 5.15
CA VAL H 87 -27.89 47.91 6.59
C VAL H 87 -28.36 49.18 7.29
N GLY H 88 -27.87 50.33 6.84
CA GLY H 88 -28.30 51.59 7.43
C GLY H 88 -29.78 51.85 7.22
N ARG H 89 -30.29 51.56 6.02
CA ARG H 89 -31.71 51.73 5.77
C ARG H 89 -32.53 50.84 6.69
N ASN H 90 -32.15 49.57 6.80
CA ASN H 90 -32.90 48.65 7.65
C ASN H 90 -32.86 49.09 9.10
N TRP H 91 -31.67 49.48 9.58
CA TRP H 91 -31.54 49.90 10.97
C TRP H 91 -32.36 51.15 11.24
N TRP H 92 -32.29 52.14 10.34
CA TRP H 92 -33.03 53.37 10.54
C TRP H 92 -34.53 53.11 10.53
N LEU H 93 -34.99 52.32 9.57
CA LEU H 93 -36.42 52.03 9.47
C LEU H 93 -36.91 51.32 10.73
N ARG H 94 -36.17 50.32 11.20
CA ARG H 94 -36.57 49.62 12.41
C ARG H 94 -36.53 50.53 13.62
N ARG H 95 -35.52 51.39 13.72
CA ARG H 95 -35.45 52.32 14.84
C ARG H 95 -36.65 53.24 14.87
N ARG H 96 -37.07 53.73 13.71
CA ARG H 96 -38.21 54.64 13.62
C ARG H 96 -39.53 53.91 13.51
N GLY H 97 -39.54 52.59 13.51
CA GLY H 97 -40.78 51.83 13.48
C GLY H 97 -41.24 51.53 12.05
N TRP H 98 -40.30 51.16 11.20
CA TRP H 98 -40.57 50.90 9.79
C TRP H 98 -41.35 52.07 9.17
N ILE H 99 -40.71 53.22 9.17
CA ILE H 99 -41.27 54.46 8.62
C ILE H 99 -40.40 54.90 7.45
N ARG H 100 -41.04 55.28 6.35
CA ARG H 100 -40.33 55.64 5.12
C ARG H 100 -39.44 54.50 4.64
N CYS I 1 0.57 42.35 5.58
CA CYS I 1 1.83 43.09 5.67
C CYS I 1 2.72 42.81 4.47
N SER I 2 3.53 43.81 4.11
CA SER I 2 4.51 43.63 3.05
C SER I 2 5.78 42.99 3.62
N PRO I 3 6.49 42.20 2.83
CA PRO I 3 7.73 41.60 3.32
C PRO I 3 8.74 42.67 3.69
N PRO I 4 9.58 42.44 4.70
CA PRO I 4 10.49 43.50 5.15
C PRO I 4 11.39 44.06 4.05
N GLY I 5 11.91 43.21 3.16
CA GLY I 5 12.89 43.65 2.19
C GLY I 5 12.39 43.67 0.76
N GLU I 6 12.19 44.86 0.20
CA GLU I 6 11.72 45.00 -1.17
C GLU I 6 12.20 46.34 -1.74
N THR I 7 12.32 46.39 -3.07
CA THR I 7 12.42 47.64 -3.81
C THR I 7 13.78 48.30 -3.67
N ALA I 8 14.40 48.67 -4.79
CA ALA I 8 15.67 49.41 -4.77
C ALA I 8 15.71 50.29 -6.01
N SER I 9 15.32 51.55 -5.85
CA SER I 9 15.33 52.50 -6.97
C SER I 9 16.72 52.99 -7.30
N SER I 10 17.56 53.25 -6.29
CA SER I 10 18.91 53.74 -6.52
C SER I 10 19.86 52.58 -6.77
N GLU I 11 21.14 52.91 -6.97
CA GLU I 11 22.15 51.89 -7.20
C GLU I 11 21.78 51.07 -8.43
N PRO I 12 21.89 51.64 -9.63
CA PRO I 12 21.42 50.92 -10.82
C PRO I 12 22.04 49.52 -10.98
N GLY I 13 23.28 49.35 -10.55
CA GLY I 13 23.95 48.07 -10.61
C GLY I 13 25.13 48.11 -11.56
N THR I 14 25.65 46.93 -11.87
CA THR I 14 26.77 46.79 -12.77
C THR I 14 26.64 45.48 -13.53
N THR I 15 27.29 45.41 -14.68
CA THR I 15 27.28 44.20 -15.47
C THR I 15 28.07 43.12 -14.75
N PRO I 16 27.52 41.93 -14.51
CA PRO I 16 28.29 40.89 -13.80
C PRO I 16 29.60 40.59 -14.51
N ALA I 17 30.64 40.39 -13.72
CA ALA I 17 31.95 40.06 -14.26
C ALA I 17 31.92 38.64 -14.82
N ILE I 18 32.86 38.37 -15.73
CA ILE I 18 32.97 37.03 -16.31
C ILE I 18 33.32 36.05 -15.21
N TRP I 19 32.53 34.99 -15.08
CA TRP I 19 32.73 34.04 -14.00
C TRP I 19 34.06 33.30 -14.19
N THR I 20 34.78 33.13 -13.09
CA THR I 20 36.05 32.41 -13.07
C THR I 20 35.95 31.36 -11.96
N GLY I 21 35.44 30.19 -12.29
CA GLY I 21 35.25 29.17 -11.29
C GLY I 21 36.57 28.68 -10.73
N SER I 22 36.51 28.18 -9.50
CA SER I 22 37.72 27.67 -8.84
C SER I 22 37.74 26.15 -8.86
N PRO I 23 38.91 25.51 -8.91
CA PRO I 23 38.95 24.05 -8.83
C PRO I 23 38.31 23.56 -7.53
N SER I 24 37.68 22.41 -7.59
CA SER I 24 36.94 21.88 -6.45
C SER I 24 37.90 21.38 -5.39
N PRO I 25 37.91 21.95 -4.17
CA PRO I 25 38.70 21.36 -3.09
C PRO I 25 37.95 20.21 -2.41
N ALA I 26 36.62 20.34 -2.33
CA ALA I 26 35.81 19.33 -1.65
C ALA I 26 35.62 18.11 -2.52
N ALA I 27 35.03 18.26 -3.70
CA ALA I 27 34.83 17.12 -4.59
C ALA I 27 36.14 16.47 -4.96
N PRO I 28 37.15 17.20 -5.43
CA PRO I 28 38.45 16.57 -5.68
C PRO I 28 39.37 16.64 -4.47
N SER I 29 39.92 15.49 -4.06
CA SER I 29 40.88 15.49 -2.96
C SER I 29 42.12 16.28 -3.33
N GLY I 30 42.62 16.10 -4.55
CA GLY I 30 43.74 16.83 -5.07
C GLY I 30 43.41 17.59 -6.33
N GLU I 31 44.41 17.70 -7.20
CA GLU I 31 44.26 18.39 -8.48
C GLU I 31 44.16 17.36 -9.60
N ASP I 32 43.10 17.47 -10.41
CA ASP I 32 42.93 16.55 -11.52
C ASP I 32 44.06 16.71 -12.52
N HIS I 33 44.56 15.58 -13.02
CA HIS I 33 45.68 15.56 -13.96
C HIS I 33 45.22 14.99 -15.29
N GLY I 34 45.88 15.44 -16.36
CA GLY I 34 45.53 15.01 -17.70
C GLY I 34 46.39 13.86 -18.19
N GLY I 35 47.26 14.14 -19.16
CA GLY I 35 48.09 13.08 -19.71
C GLY I 35 49.01 12.49 -18.66
N GLY I 36 49.22 11.19 -18.75
CA GLY I 36 50.08 10.45 -17.83
C GLY I 36 51.33 9.97 -18.55
N HIS I 37 52.49 10.26 -17.96
CA HIS I 37 53.76 9.86 -18.52
C HIS I 37 54.80 9.81 -17.41
N GLY I 38 55.91 9.13 -17.69
CA GLY I 38 56.98 9.05 -16.71
C GLY I 38 57.50 10.41 -16.32
N ALA I 39 57.78 11.26 -17.32
CA ALA I 39 58.18 12.64 -17.10
C ALA I 39 59.35 12.72 -16.12
N GLY I 40 60.49 12.19 -16.57
CA GLY I 40 61.70 12.22 -15.77
C GLY I 40 62.36 13.59 -15.74
N ALA I 41 61.58 14.62 -15.48
CA ALA I 41 62.07 15.99 -15.44
C ALA I 41 61.17 16.76 -14.46
N ALA I 42 61.22 18.09 -14.54
CA ALA I 42 60.35 18.91 -13.69
C ALA I 42 58.88 18.60 -13.91
N GLY I 43 58.53 18.03 -15.06
CA GLY I 43 57.16 17.61 -15.34
C GLY I 43 56.62 18.24 -16.62
N ALA I 44 56.29 17.39 -17.59
CA ALA I 44 55.71 17.85 -18.85
C ALA I 44 54.41 17.11 -19.13
N GLY I 45 54.36 15.83 -18.75
CA GLY I 45 53.16 15.03 -18.94
C GLY I 45 53.07 14.43 -20.33
N GLU I 46 51.92 13.80 -20.58
CA GLU I 46 51.65 13.16 -21.86
C GLU I 46 50.87 14.08 -22.80
N THR I 47 51.10 15.38 -22.70
CA THR I 47 50.41 16.35 -23.56
C THR I 47 51.37 17.50 -23.85
N LEU I 48 51.77 17.64 -25.10
CA LEU I 48 52.68 18.72 -25.49
C LEU I 48 52.37 19.11 -26.94
N THR I 49 52.01 20.36 -27.14
CA THR I 49 51.65 20.89 -28.45
C THR I 49 52.64 21.98 -28.86
N ALA I 50 52.45 22.48 -30.08
CA ALA I 50 53.32 23.53 -30.62
C ALA I 50 52.73 24.02 -31.92
N GLU I 51 52.94 25.31 -32.21
CA GLU I 51 52.49 25.93 -33.45
C GLU I 51 53.69 26.52 -34.16
N LEU I 52 54.01 25.97 -35.33
CA LEU I 52 55.11 26.45 -36.15
C LEU I 52 54.58 27.56 -37.07
N LYS I 53 55.06 28.78 -36.86
CA LYS I 53 54.59 29.94 -37.59
C LYS I 53 55.53 30.26 -38.74
N THR I 54 55.18 31.28 -39.51
CA THR I 54 55.94 31.71 -40.67
C THR I 54 56.65 33.04 -40.39
N ALA I 55 57.46 33.47 -41.35
CA ALA I 55 58.20 34.71 -41.19
C ALA I 55 57.26 35.90 -41.04
N ASP I 56 56.06 35.83 -41.61
CA ASP I 56 55.08 36.90 -41.53
C ASP I 56 54.02 36.66 -40.45
N GLY I 57 54.24 35.68 -39.58
CA GLY I 57 53.30 35.37 -38.52
C GLY I 57 52.27 34.33 -38.88
N THR I 58 52.22 33.89 -40.13
CA THR I 58 51.25 32.86 -40.53
C THR I 58 51.63 31.52 -39.91
N SER I 59 50.60 30.73 -39.61
CA SER I 59 50.78 29.41 -38.99
C SER I 59 51.19 28.44 -40.09
N VAL I 60 52.46 28.03 -40.08
CA VAL I 60 52.95 27.08 -41.07
C VAL I 60 52.38 25.69 -40.80
N ALA I 61 52.33 25.29 -39.53
CA ALA I 61 51.84 23.96 -39.17
C ALA I 61 51.56 23.94 -37.67
N THR I 62 51.01 22.83 -37.18
CA THR I 62 50.74 22.67 -35.75
C THR I 62 51.16 21.25 -35.37
N ALA I 63 52.26 21.15 -34.62
CA ALA I 63 52.78 19.86 -34.19
C ALA I 63 52.32 19.55 -32.78
N ASP I 64 52.44 18.27 -32.40
CA ASP I 64 52.11 17.86 -31.05
C ASP I 64 52.77 16.51 -30.79
N PHE I 65 53.61 16.44 -29.76
CA PHE I 65 54.31 15.22 -29.40
C PHE I 65 54.29 15.05 -27.90
N GLN I 66 54.03 13.83 -27.43
CA GLN I 66 53.92 13.56 -26.01
C GLN I 66 54.24 12.10 -25.73
N PHE I 67 54.75 11.84 -24.53
CA PHE I 67 55.08 10.48 -24.13
C PHE I 67 53.85 9.79 -23.54
N ALA I 68 53.66 8.53 -23.94
CA ALA I 68 52.53 7.72 -23.47
C ALA I 68 52.96 6.55 -22.61
N ASP I 69 53.85 5.71 -23.11
CA ASP I 69 54.32 4.53 -22.38
C ASP I 69 55.83 4.36 -22.56
N GLY I 70 56.56 5.47 -22.44
CA GLY I 70 58.00 5.47 -22.64
C GLY I 70 58.43 5.77 -24.05
N PHE I 71 57.50 5.79 -25.01
CA PHE I 71 57.78 6.14 -26.39
C PHE I 71 56.92 7.34 -26.75
N ALA I 72 57.53 8.38 -27.30
CA ALA I 72 56.82 9.61 -27.62
C ALA I 72 56.05 9.46 -28.92
N THR I 73 54.73 9.58 -28.84
CA THR I 73 53.87 9.62 -30.01
C THR I 73 53.66 11.07 -30.42
N VAL I 74 53.79 11.33 -31.72
CA VAL I 74 53.72 12.68 -32.27
C VAL I 74 52.85 12.69 -33.51
N THR I 75 52.42 13.89 -33.88
CA THR I 75 51.62 14.11 -35.08
C THR I 75 51.56 15.60 -35.35
N ILE I 76 51.56 15.95 -36.64
CA ILE I 76 51.58 17.35 -37.07
C ILE I 76 50.45 17.52 -38.08
N GLU I 77 49.67 18.59 -37.91
CA GLU I 77 48.63 18.91 -38.87
C GLU I 77 48.97 20.22 -39.60
N THR I 78 48.77 20.23 -40.91
CA THR I 78 49.03 21.43 -41.69
C THR I 78 48.12 22.56 -41.22
N THR I 79 48.72 23.72 -40.99
CA THR I 79 47.95 24.89 -40.53
C THR I 79 47.27 25.63 -41.68
N THR I 80 47.79 25.50 -42.89
CA THR I 80 47.20 26.11 -44.07
C THR I 80 47.19 25.08 -45.20
N PRO I 81 46.25 25.19 -46.14
CA PRO I 81 46.21 24.23 -47.25
C PRO I 81 47.43 24.29 -48.16
N GLY I 82 48.19 25.38 -48.14
CA GLY I 82 49.33 25.52 -49.01
C GLY I 82 50.57 25.98 -48.28
N ARG I 83 50.72 25.55 -47.03
CA ARG I 83 51.89 25.93 -46.24
C ARG I 83 53.18 25.45 -46.90
N LEU I 84 53.19 24.21 -47.39
CA LEU I 84 54.34 23.63 -48.04
C LEU I 84 54.06 23.43 -49.52
N THR I 85 55.08 23.68 -50.35
CA THR I 85 54.95 23.60 -51.79
C THR I 85 54.94 22.14 -52.22
N PRO I 86 54.80 21.87 -53.52
CA PRO I 86 54.79 20.48 -53.99
C PRO I 86 56.17 19.87 -54.04
N GLY I 87 56.74 19.57 -52.89
CA GLY I 87 58.04 18.95 -52.81
C GLY I 87 58.26 18.30 -51.47
N PHE I 88 59.48 18.45 -50.95
CA PHE I 88 59.89 17.84 -49.69
C PHE I 88 60.42 18.91 -48.76
N HIS I 89 60.39 18.62 -47.46
CA HIS I 89 60.94 19.49 -46.44
C HIS I 89 61.61 18.65 -45.36
N GLY I 90 62.68 19.17 -44.80
CA GLY I 90 63.42 18.49 -43.75
C GLY I 90 63.18 19.14 -42.41
N VAL I 91 62.70 18.35 -41.46
CA VAL I 91 62.39 18.81 -40.11
C VAL I 91 63.51 18.39 -39.17
N HIS I 92 64.01 19.33 -38.39
CA HIS I 92 65.08 19.08 -37.43
C HIS I 92 64.72 19.70 -36.09
N ILE I 93 65.17 19.03 -35.02
CA ILE I 93 64.98 19.52 -33.66
C ILE I 93 66.12 20.47 -33.33
N HIS I 94 65.77 21.71 -33.00
CA HIS I 94 66.72 22.75 -32.67
C HIS I 94 66.68 23.02 -31.17
N SER I 95 67.86 23.13 -30.56
CA SER I 95 67.93 23.27 -29.10
C SER I 95 67.24 24.54 -28.64
N VAL I 96 67.40 25.64 -29.37
CA VAL I 96 66.79 26.91 -28.99
C VAL I 96 65.34 26.90 -29.45
N GLY I 97 64.43 27.13 -28.51
CA GLY I 97 63.01 27.10 -28.79
C GLY I 97 62.42 28.36 -29.36
N LYS I 98 63.19 29.44 -29.43
CA LYS I 98 62.70 30.70 -29.96
C LYS I 98 62.38 30.53 -31.45
N CYS I 99 61.10 30.51 -31.79
CA CYS I 99 60.67 30.39 -33.18
C CYS I 99 60.58 31.78 -33.81
N GLU I 100 61.69 32.52 -33.71
CA GLU I 100 61.74 33.87 -34.26
C GLU I 100 61.85 33.83 -35.78
N ALA I 101 61.54 34.97 -36.40
CA ALA I 101 61.63 35.07 -37.85
C ALA I 101 63.06 34.86 -38.33
N ASN I 102 64.03 35.45 -37.64
CA ASN I 102 65.43 35.31 -38.02
C ASN I 102 66.29 35.66 -36.81
N SER I 103 67.19 34.74 -36.44
CA SER I 103 68.11 34.98 -35.33
C SER I 103 69.39 34.20 -35.58
N VAL I 104 70.46 34.62 -34.90
CA VAL I 104 71.77 34.00 -35.06
C VAL I 104 72.43 33.84 -33.70
N ALA I 105 72.38 32.63 -33.15
CA ALA I 105 73.06 32.37 -31.88
C ALA I 105 74.56 32.63 -31.98
N PRO I 106 75.27 32.15 -33.00
CA PRO I 106 76.70 32.47 -33.11
C PRO I 106 76.96 33.79 -33.80
N THR I 107 78.23 34.14 -33.98
CA THR I 107 78.61 35.37 -34.68
C THR I 107 78.67 35.09 -36.17
N GLY I 108 77.60 35.44 -36.88
CA GLY I 108 77.54 35.19 -38.31
C GLY I 108 76.19 35.60 -38.85
N GLY I 109 75.98 35.28 -40.13
CA GLY I 109 74.72 35.61 -40.77
C GLY I 109 73.55 34.96 -40.05
N ALA I 110 72.48 35.73 -39.86
CA ALA I 110 71.29 35.25 -39.17
C ALA I 110 70.32 34.66 -40.17
N PRO I 111 70.32 33.33 -40.35
CA PRO I 111 69.37 32.72 -41.28
C PRO I 111 67.94 32.79 -40.76
N GLY I 112 67.00 32.76 -41.71
CA GLY I 112 65.59 32.77 -41.36
C GLY I 112 65.22 31.60 -40.48
N ASP I 113 64.57 31.88 -39.34
CA ASP I 113 64.19 30.85 -38.38
C ASP I 113 65.40 30.01 -37.97
N PHE I 114 66.54 30.68 -37.80
CA PHE I 114 67.80 30.03 -37.44
C PHE I 114 68.18 30.33 -35.99
N ASN I 115 67.17 30.38 -35.11
CA ASN I 115 67.44 30.65 -33.70
C ASN I 115 68.12 29.50 -32.99
N SER I 116 68.24 28.34 -33.63
CA SER I 116 68.87 27.19 -33.00
C SER I 116 70.29 27.51 -32.57
N ALA I 117 70.67 27.01 -31.40
CA ALA I 117 72.03 27.20 -30.88
C ALA I 117 72.95 26.09 -31.39
N GLY I 118 72.98 25.95 -32.71
CA GLY I 118 73.77 24.93 -33.36
C GLY I 118 72.98 24.18 -34.41
N GLY I 119 73.30 22.90 -34.61
CA GLY I 119 72.59 22.07 -35.56
C GLY I 119 71.43 21.33 -34.92
N HIS I 120 71.46 20.01 -35.00
CA HIS I 120 70.42 19.20 -34.39
C HIS I 120 70.56 19.24 -32.87
N PHE I 121 69.43 19.43 -32.18
CA PHE I 121 69.40 19.47 -30.72
C PHE I 121 69.52 18.05 -30.20
N GLN I 122 70.76 17.55 -30.21
CA GLN I 122 71.04 16.20 -29.74
C GLN I 122 70.86 16.15 -28.22
N VAL I 123 71.09 14.97 -27.64
CA VAL I 123 70.97 14.80 -26.19
C VAL I 123 72.17 15.48 -25.52
N SER I 124 72.09 15.69 -24.21
CA SER I 124 73.18 16.32 -23.49
C SER I 124 74.45 15.48 -23.56
N GLY I 125 74.32 14.17 -23.41
CA GLY I 125 75.45 13.27 -23.48
C GLY I 125 75.79 12.75 -24.85
N HIS I 126 75.04 13.17 -25.87
CA HIS I 126 75.26 12.73 -27.25
C HIS I 126 75.46 13.95 -28.14
N SER I 127 76.59 13.99 -28.84
CA SER I 127 76.88 15.08 -29.77
C SER I 127 77.52 14.60 -31.06
N GLY I 128 77.47 13.30 -31.35
CA GLY I 128 78.09 12.75 -32.54
C GLY I 128 77.07 12.47 -33.64
N HIS I 129 76.61 11.22 -33.72
CA HIS I 129 75.65 10.81 -34.73
C HIS I 129 74.40 11.69 -34.65
N PRO I 130 73.51 11.61 -35.65
CA PRO I 130 72.33 12.48 -35.63
C PRO I 130 71.30 12.04 -34.60
N ALA I 131 71.47 12.48 -33.37
CA ALA I 131 70.58 12.10 -32.28
C ALA I 131 69.23 12.81 -32.46
N SER I 132 68.39 12.74 -31.43
CA SER I 132 67.00 13.19 -31.53
C SER I 132 66.87 14.62 -32.04
N GLY I 133 67.99 15.35 -32.13
CA GLY I 133 67.98 16.67 -32.73
C GLY I 133 67.44 16.68 -34.14
N ASP I 134 67.36 15.53 -34.80
CA ASP I 134 66.79 15.41 -36.14
C ASP I 134 65.42 14.76 -36.05
N LEU I 135 64.44 15.37 -36.70
CA LEU I 135 63.07 14.89 -36.71
C LEU I 135 62.72 14.34 -38.09
N SER I 136 61.49 13.82 -38.20
CA SER I 136 61.04 13.24 -39.46
C SER I 136 60.77 14.32 -40.50
N SER I 137 60.78 13.92 -41.76
CA SER I 137 60.59 14.86 -42.86
C SER I 137 59.11 15.16 -43.07
N LEU I 138 58.85 16.19 -43.90
CA LEU I 138 57.50 16.64 -44.22
C LEU I 138 57.40 16.77 -45.73
N GLN I 139 56.76 15.79 -46.37
CA GLN I 139 56.60 15.82 -47.82
C GLN I 139 55.22 16.35 -48.18
N VAL I 140 55.21 17.44 -48.95
CA VAL I 140 53.98 18.13 -49.32
C VAL I 140 53.72 17.89 -50.79
N ARG I 141 52.49 17.47 -51.12
CA ARG I 141 52.07 17.29 -52.49
C ARG I 141 51.31 18.54 -52.96
N ALA I 142 50.68 18.45 -54.12
CA ALA I 142 49.84 19.55 -54.59
C ALA I 142 48.74 19.86 -53.59
N ASP I 143 48.32 18.88 -52.79
CA ASP I 143 47.35 19.13 -51.74
C ASP I 143 47.92 20.08 -50.68
N GLY I 144 49.19 19.89 -50.32
CA GLY I 144 49.83 20.74 -49.33
C GLY I 144 49.38 20.42 -47.91
N SER I 145 49.68 19.21 -47.44
CA SER I 145 49.30 18.79 -46.10
C SER I 145 50.42 17.96 -45.51
N GLY I 146 50.45 17.90 -44.18
CA GLY I 146 51.49 17.19 -43.46
C GLY I 146 50.95 16.26 -42.40
N LYS I 147 51.19 14.95 -42.56
CA LYS I 147 50.76 13.97 -41.58
C LYS I 147 51.58 12.69 -41.80
N LEU I 148 52.52 12.41 -40.89
CA LEU I 148 53.34 11.20 -40.97
C LEU I 148 54.20 11.07 -39.73
N VAL I 149 54.67 9.86 -39.42
CA VAL I 149 55.40 9.63 -38.17
C VAL I 149 56.64 8.78 -38.44
N THR I 150 57.59 8.89 -37.51
CA THR I 150 58.82 8.10 -37.52
C THR I 150 59.07 7.55 -36.12
N THR I 151 60.25 7.00 -35.87
CA THR I 151 60.62 6.47 -34.54
C THR I 151 61.92 7.14 -34.12
N THR I 152 61.81 8.33 -33.51
CA THR I 152 62.96 9.11 -33.05
C THR I 152 62.82 9.33 -31.55
N ASP I 153 63.49 8.49 -30.76
CA ASP I 153 63.35 8.50 -29.31
C ASP I 153 64.69 8.53 -28.59
N ALA I 154 65.73 9.09 -29.21
CA ALA I 154 66.98 9.30 -28.49
C ALA I 154 66.78 10.20 -27.28
N PHE I 155 65.75 11.05 -27.31
CA PHE I 155 65.35 11.85 -26.16
C PHE I 155 63.91 11.51 -25.82
N THR I 156 63.55 11.72 -24.55
CA THR I 156 62.23 11.40 -24.05
C THR I 156 61.57 12.62 -23.43
N ALA I 157 60.45 12.42 -22.74
CA ALA I 157 59.80 13.53 -22.06
C ALA I 157 60.74 14.16 -21.04
N GLU I 158 61.59 13.35 -20.40
CA GLU I 158 62.55 13.88 -19.44
C GLU I 158 63.56 14.80 -20.13
N ASP I 159 64.09 14.38 -21.28
CA ASP I 159 65.07 15.18 -22.00
C ASP I 159 64.44 16.39 -22.68
N LEU I 160 63.15 16.35 -22.97
CA LEU I 160 62.50 17.48 -23.63
C LEU I 160 62.57 18.73 -22.77
N LEU I 161 62.33 18.58 -21.47
CA LEU I 161 62.41 19.71 -20.53
C LEU I 161 63.87 19.96 -20.17
N ASP I 162 64.61 20.45 -21.16
CA ASP I 162 66.03 20.74 -21.01
C ASP I 162 66.20 22.15 -20.45
N GLY I 163 67.45 22.63 -20.42
CA GLY I 163 67.70 23.96 -19.90
C GLY I 163 67.00 25.04 -20.70
N ALA I 164 66.91 24.87 -22.02
CA ALA I 164 66.26 25.82 -22.91
C ALA I 164 65.19 25.11 -23.72
N LYS I 165 64.10 25.82 -23.99
CA LYS I 165 63.03 25.26 -24.81
C LYS I 165 63.56 24.91 -26.19
N THR I 166 63.11 23.76 -26.72
CA THR I 166 63.51 23.31 -28.04
C THR I 166 62.43 23.69 -29.05
N ALA I 167 62.71 23.39 -30.31
CA ALA I 167 61.76 23.70 -31.39
C ALA I 167 61.94 22.69 -32.51
N ILE I 168 60.92 22.63 -33.37
CA ILE I 168 60.97 21.87 -34.61
C ILE I 168 61.02 22.87 -35.75
N ILE I 169 62.08 22.81 -36.55
CA ILE I 169 62.30 23.74 -37.65
C ILE I 169 62.32 22.93 -38.95
N ILE I 170 61.46 23.31 -39.89
CA ILE I 170 61.33 22.61 -41.16
C ILE I 170 61.82 23.52 -42.27
N HIS I 171 62.90 23.11 -42.93
CA HIS I 171 63.36 23.73 -44.15
C HIS I 171 62.80 22.95 -45.33
N GLU I 172 63.19 23.31 -46.55
CA GLU I 172 62.51 22.80 -47.75
C GLU I 172 63.41 21.86 -48.56
N LYS I 173 64.08 20.94 -47.89
CA LYS I 173 64.93 19.96 -48.56
C LYS I 173 64.40 18.56 -48.29
N ALA I 174 65.03 17.58 -48.93
CA ALA I 174 64.69 16.17 -48.77
C ALA I 174 65.54 15.58 -47.64
N ASP I 175 65.61 14.25 -47.55
CA ASP I 175 66.41 13.54 -46.54
C ASP I 175 67.40 12.64 -47.26
N ASN I 176 68.66 13.06 -47.32
CA ASN I 176 69.72 12.29 -47.98
C ASN I 176 70.85 11.93 -47.02
N PHE I 177 71.46 12.92 -46.35
CA PHE I 177 72.56 12.68 -45.42
C PHE I 177 73.77 12.06 -46.13
N ALA I 178 74.33 12.85 -47.04
CA ALA I 178 75.51 12.43 -47.80
C ALA I 178 75.25 11.09 -48.49
N ASN I 179 74.13 10.98 -49.19
CA ASN I 179 73.79 9.74 -49.86
C ASN I 179 74.83 9.34 -50.90
N ILE I 180 75.66 10.28 -51.34
CA ILE I 180 76.76 9.98 -52.26
C ILE I 180 77.93 9.46 -51.42
N PRO I 181 78.16 8.15 -51.39
CA PRO I 181 79.20 7.62 -50.51
C PRO I 181 80.58 8.02 -51.00
N PRO I 182 81.60 7.96 -50.14
CA PRO I 182 82.95 8.34 -50.57
C PRO I 182 83.51 7.46 -51.69
N GLU I 183 82.96 6.26 -51.88
CA GLU I 183 83.49 5.36 -52.90
C GLU I 183 83.39 5.99 -54.28
N ARG I 184 82.25 6.63 -54.59
CA ARG I 184 82.02 7.24 -55.88
C ARG I 184 82.12 8.76 -55.85
N TYR I 185 81.37 9.41 -54.97
CA TYR I 185 81.34 10.87 -54.93
C TYR I 185 82.58 11.42 -54.24
N GLN I 186 82.82 12.71 -54.46
CA GLN I 186 83.94 13.42 -53.85
C GLN I 186 83.48 14.79 -53.40
N GLN I 187 84.23 15.38 -52.47
CA GLN I 187 83.89 16.67 -51.90
C GLN I 187 84.43 17.79 -52.80
N VAL I 188 84.26 19.03 -52.34
CA VAL I 188 84.73 20.18 -53.10
C VAL I 188 86.25 20.20 -53.15
N ASN I 189 86.90 19.83 -52.05
CA ASN I 189 88.36 19.84 -51.96
C ASN I 189 88.99 18.54 -52.42
N GLY I 190 88.19 17.57 -52.89
CA GLY I 190 88.70 16.30 -53.33
C GLY I 190 88.60 15.18 -52.32
N ALA I 191 88.36 15.49 -51.05
CA ALA I 191 88.22 14.45 -50.05
C ALA I 191 86.92 13.67 -50.29
N PRO I 192 86.93 12.36 -50.02
CA PRO I 192 85.71 11.57 -50.24
C PRO I 192 84.73 11.61 -49.07
N GLY I 193 85.11 12.17 -47.94
CA GLY I 193 84.24 12.21 -46.79
C GLY I 193 83.15 13.25 -46.95
N PRO I 194 82.16 13.20 -46.06
CA PRO I 194 81.05 14.14 -46.11
C PRO I 194 81.36 15.44 -45.39
N ASP I 195 80.39 16.34 -45.41
CA ASP I 195 80.54 17.64 -44.78
C ASP I 195 80.05 17.59 -43.34
N GLN I 196 80.81 18.22 -42.44
CA GLN I 196 80.45 18.25 -41.03
C GLN I 196 79.13 19.01 -40.81
N THR I 197 78.94 20.14 -41.49
CA THR I 197 77.70 20.90 -41.34
C THR I 197 76.51 20.08 -41.81
N THR I 198 76.66 19.38 -42.93
CA THR I 198 75.59 18.51 -43.44
C THR I 198 75.30 17.35 -42.50
N MET I 199 76.33 16.73 -41.93
CA MET I 199 76.14 15.61 -41.01
C MET I 199 75.53 16.03 -39.69
N ALA I 200 75.85 17.23 -39.19
CA ALA I 200 75.36 17.66 -37.89
C ALA I 200 73.83 17.72 -37.87
N THR I 201 73.23 18.31 -38.91
CA THR I 201 71.79 18.46 -38.97
C THR I 201 71.38 18.67 -40.41
N GLY I 202 70.09 18.52 -40.68
CA GLY I 202 69.56 18.73 -42.00
C GLY I 202 69.71 20.16 -42.46
N ASP I 203 70.61 20.40 -43.39
CA ASP I 203 70.91 21.74 -43.88
C ASP I 203 70.26 21.95 -45.24
N ALA I 204 69.59 23.09 -45.39
CA ALA I 204 68.89 23.41 -46.63
C ALA I 204 68.91 24.94 -46.78
N GLY I 205 68.04 25.46 -47.63
CA GLY I 205 67.93 26.89 -47.83
C GLY I 205 67.27 27.56 -46.64
N SER I 206 66.64 28.71 -46.87
CA SER I 206 65.97 29.42 -45.80
C SER I 206 64.90 28.55 -45.16
N ARG I 207 64.82 28.61 -43.83
CA ARG I 207 63.85 27.82 -43.10
C ARG I 207 62.43 28.23 -43.48
N VAL I 208 61.56 27.23 -43.63
CA VAL I 208 60.18 27.47 -44.03
C VAL I 208 59.27 27.63 -42.82
N ALA I 209 59.41 26.77 -41.83
CA ALA I 209 58.57 26.80 -40.64
C ALA I 209 59.43 26.59 -39.40
N CYS I 210 58.95 27.09 -38.26
CA CYS I 210 59.64 26.92 -37.00
C CYS I 210 58.64 27.04 -35.87
N GLY I 211 58.63 26.06 -34.98
CA GLY I 211 57.69 26.04 -33.87
C GLY I 211 58.29 25.57 -32.56
N VAL I 212 58.10 26.36 -31.49
CA VAL I 212 58.65 25.99 -30.19
C VAL I 212 57.85 24.84 -29.59
N ILE I 213 58.55 23.83 -29.10
CA ILE I 213 57.93 22.64 -28.54
C ILE I 213 57.67 22.79 -27.03
N SER I 214 57.78 24.00 -26.50
CA SER I 214 57.50 24.25 -25.09
C SER I 214 56.00 24.47 -24.88
N ALA I 215 55.23 23.44 -25.24
CA ALA I 215 53.78 23.48 -25.13
C ALA I 215 53.21 24.70 -25.85
N GLY I 216 53.77 25.00 -27.02
CA GLY I 216 53.33 26.12 -27.81
C GLY I 216 51.90 25.95 -28.31
N CYS J 1 7.80 -43.55 -11.22
CA CYS J 1 8.40 -43.27 -12.51
C CYS J 1 9.78 -42.63 -12.36
N SER J 2 10.60 -42.74 -13.38
CA SER J 2 11.87 -42.06 -13.47
C SER J 2 11.96 -41.28 -14.77
N PRO J 3 12.81 -40.26 -14.85
CA PRO J 3 12.87 -39.44 -16.06
C PRO J 3 13.14 -40.30 -17.28
N PRO J 4 12.45 -40.07 -18.40
CA PRO J 4 12.64 -40.95 -19.56
C PRO J 4 14.08 -41.03 -20.05
N GLY J 5 14.81 -39.92 -20.06
CA GLY J 5 16.14 -39.90 -20.65
C GLY J 5 17.26 -39.75 -19.64
N GLU J 6 18.03 -40.82 -19.43
CA GLU J 6 19.14 -40.80 -18.49
C GLU J 6 20.14 -41.87 -18.87
N THR J 7 21.31 -41.82 -18.22
CA THR J 7 22.23 -42.95 -18.11
C THR J 7 22.70 -43.45 -19.48
N ALA J 8 23.46 -42.59 -20.16
CA ALA J 8 24.11 -42.95 -21.42
C ALA J 8 25.59 -43.17 -21.15
N SER J 9 25.92 -44.38 -20.70
CA SER J 9 27.32 -44.70 -20.41
C SER J 9 28.15 -44.74 -21.67
N SER J 10 27.60 -45.27 -22.77
CA SER J 10 28.35 -45.43 -24.00
C SER J 10 28.66 -44.05 -24.61
N GLU J 11 29.40 -44.07 -25.72
CA GLU J 11 29.74 -42.84 -26.43
C GLU J 11 30.51 -41.92 -25.49
N PRO J 12 31.77 -42.22 -25.20
CA PRO J 12 32.49 -41.42 -24.18
C PRO J 12 32.49 -39.93 -24.46
N GLY J 13 32.50 -39.52 -25.72
CA GLY J 13 32.44 -38.12 -26.08
C GLY J 13 33.76 -37.64 -26.67
N THR J 14 33.81 -36.34 -26.94
CA THR J 14 34.98 -35.70 -27.51
C THR J 14 35.16 -34.33 -26.89
N THR J 15 36.39 -33.85 -26.94
CA THR J 15 36.69 -32.53 -26.37
C THR J 15 36.01 -31.46 -27.22
N PRO J 16 35.26 -30.53 -26.62
CA PRO J 16 34.63 -29.47 -27.42
C PRO J 16 35.66 -28.69 -28.21
N ALA J 17 35.28 -28.32 -29.43
CA ALA J 17 36.15 -27.52 -30.27
C ALA J 17 36.23 -26.09 -29.74
N ILE J 18 37.26 -25.38 -30.16
CA ILE J 18 37.42 -23.99 -29.76
C ILE J 18 36.26 -23.17 -30.33
N TRP J 19 35.56 -22.47 -29.46
CA TRP J 19 34.40 -21.71 -29.88
C TRP J 19 34.81 -20.58 -30.80
N THR J 20 34.11 -20.47 -31.93
CA THR J 20 34.31 -19.39 -32.89
C THR J 20 32.97 -18.66 -33.02
N GLY J 21 32.76 -17.70 -32.13
CA GLY J 21 31.51 -16.96 -32.11
C GLY J 21 31.23 -16.25 -33.41
N SER J 22 30.01 -16.39 -33.92
CA SER J 22 29.64 -15.68 -35.13
C SER J 22 29.35 -14.21 -34.82
N PRO J 23 29.56 -13.31 -35.78
CA PRO J 23 29.25 -11.90 -35.53
C PRO J 23 27.75 -11.70 -35.33
N SER J 24 27.43 -10.69 -34.53
CA SER J 24 26.02 -10.42 -34.22
C SER J 24 25.27 -10.01 -35.49
N PRO J 25 24.16 -10.67 -35.82
CA PRO J 25 23.45 -10.33 -37.05
C PRO J 25 22.68 -9.02 -36.93
N ALA J 26 21.85 -8.71 -37.93
CA ALA J 26 21.07 -7.47 -37.90
C ALA J 26 20.37 -7.27 -36.56
N ALA J 27 20.02 -8.37 -35.87
CA ALA J 27 19.34 -8.25 -34.58
C ALA J 27 20.20 -7.43 -33.63
N PRO J 28 21.31 -7.98 -33.14
CA PRO J 28 22.30 -7.18 -32.41
C PRO J 28 23.38 -6.60 -33.33
N SER J 29 22.94 -5.89 -34.37
CA SER J 29 23.85 -5.43 -35.41
C SER J 29 24.88 -4.43 -34.88
N GLY J 30 24.66 -3.87 -33.70
CA GLY J 30 25.59 -2.90 -33.14
C GLY J 30 26.99 -3.46 -33.00
N GLU J 31 27.98 -2.71 -33.46
CA GLU J 31 29.37 -3.12 -33.39
C GLU J 31 30.25 -1.89 -33.30
N ASP J 32 31.46 -2.09 -32.77
CA ASP J 32 32.39 -0.98 -32.61
C ASP J 32 32.92 -0.53 -33.96
N HIS J 33 33.04 0.79 -34.14
CA HIS J 33 33.55 1.36 -35.37
C HIS J 33 35.05 1.07 -35.48
N GLY J 34 35.48 0.64 -36.67
CA GLY J 34 36.86 0.31 -36.91
C GLY J 34 37.77 1.49 -37.21
N GLY J 35 37.22 2.69 -37.26
CA GLY J 35 38.01 3.89 -37.53
C GLY J 35 37.46 4.68 -38.71
N GLY J 36 37.20 5.96 -38.49
CA GLY J 36 36.70 6.84 -39.54
C GLY J 36 37.85 7.52 -40.26
N HIS J 37 37.76 7.53 -41.59
CA HIS J 37 38.78 8.16 -42.41
C HIS J 37 38.17 8.51 -43.77
N GLY J 38 38.85 9.38 -44.50
CA GLY J 38 38.39 9.75 -45.83
C GLY J 38 38.29 8.54 -46.74
N ALA J 39 39.32 7.70 -46.75
CA ALA J 39 39.31 6.43 -47.49
C ALA J 39 38.94 6.65 -48.96
N GLY J 40 39.83 7.36 -49.65
CA GLY J 40 39.65 7.61 -51.06
C GLY J 40 40.11 6.45 -51.93
N ALA J 41 39.89 5.23 -51.46
CA ALA J 41 40.30 4.03 -52.18
C ALA J 41 39.31 2.93 -51.81
N ALA J 42 39.68 1.67 -52.05
CA ALA J 42 38.79 0.56 -51.74
C ALA J 42 38.42 0.53 -50.26
N GLY J 43 39.21 1.16 -49.40
CA GLY J 43 38.91 1.25 -47.98
C GLY J 43 40.02 0.70 -47.11
N ALA J 44 40.58 1.55 -46.26
CA ALA J 44 41.63 1.16 -45.32
C ALA J 44 41.24 1.51 -43.89
N GLY J 45 40.53 2.62 -43.72
CA GLY J 45 40.07 3.03 -42.41
C GLY J 45 41.13 3.82 -41.65
N GLU J 46 40.80 4.10 -40.40
CA GLU J 46 41.67 4.86 -39.50
C GLU J 46 42.48 3.95 -38.57
N THR J 47 42.87 2.78 -39.05
CA THR J 47 43.62 1.83 -38.24
C THR J 47 44.52 1.01 -39.16
N LEU J 48 45.83 1.14 -38.97
CA LEU J 48 46.79 0.41 -39.80
C LEU J 48 48.13 0.38 -39.08
N THR J 49 48.64 -0.83 -38.82
CA THR J 49 49.92 -1.02 -38.16
C THR J 49 50.86 -1.80 -39.07
N ALA J 50 52.11 -1.95 -38.60
CA ALA J 50 53.13 -2.64 -39.38
C ALA J 50 54.31 -2.91 -38.47
N GLU J 51 55.03 -3.99 -38.79
CA GLU J 51 56.23 -4.38 -38.04
C GLU J 51 57.42 -4.37 -38.98
N LEU J 52 58.39 -3.51 -38.70
CA LEU J 52 59.62 -3.45 -39.47
C LEU J 52 60.63 -4.41 -38.86
N LYS J 53 60.91 -5.51 -39.56
CA LYS J 53 61.77 -6.56 -39.06
C LYS J 53 63.18 -6.42 -39.63
N THR J 54 64.11 -7.20 -39.08
CA THR J 54 65.49 -7.20 -39.52
C THR J 54 65.78 -8.41 -40.40
N ALA J 55 67.02 -8.49 -40.88
CA ALA J 55 67.43 -9.60 -41.75
C ALA J 55 67.44 -10.94 -41.01
N ASP J 56 67.41 -10.92 -39.68
CA ASP J 56 67.44 -12.14 -38.88
C ASP J 56 66.05 -12.64 -38.51
N GLY J 57 65.00 -11.99 -38.99
CA GLY J 57 63.65 -12.39 -38.67
C GLY J 57 63.11 -11.82 -37.37
N THR J 58 63.84 -10.92 -36.72
CA THR J 58 63.42 -10.32 -35.47
C THR J 58 62.88 -8.91 -35.72
N SER J 59 61.82 -8.56 -35.00
CA SER J 59 61.21 -7.25 -35.16
C SER J 59 62.13 -6.16 -34.64
N VAL J 60 62.33 -5.13 -35.46
CA VAL J 60 63.12 -3.97 -35.06
C VAL J 60 62.24 -2.82 -34.60
N ALA J 61 61.30 -2.39 -35.44
CA ALA J 61 60.41 -1.29 -35.10
C ALA J 61 58.97 -1.73 -35.34
N THR J 62 58.03 -0.92 -34.87
CA THR J 62 56.60 -1.17 -35.10
C THR J 62 55.98 0.20 -35.43
N ALA J 63 55.63 0.38 -36.69
CA ALA J 63 55.05 1.63 -37.14
C ALA J 63 53.53 1.53 -37.18
N ASP J 64 52.88 2.68 -37.16
CA ASP J 64 51.42 2.76 -37.25
C ASP J 64 51.09 4.00 -38.05
N PHE J 65 50.30 3.82 -39.12
CA PHE J 65 49.89 4.92 -39.99
C PHE J 65 48.42 4.77 -40.31
N GLN J 66 47.66 5.85 -40.12
CA GLN J 66 46.22 5.81 -40.38
C GLN J 66 45.67 7.22 -40.36
N PHE J 67 44.76 7.51 -41.29
CA PHE J 67 44.08 8.80 -41.30
C PHE J 67 43.13 8.91 -40.12
N ALA J 68 43.07 10.11 -39.52
CA ALA J 68 42.20 10.38 -38.39
C ALA J 68 41.11 11.37 -38.73
N ASP J 69 41.47 12.55 -39.24
CA ASP J 69 40.50 13.57 -39.63
C ASP J 69 40.93 14.19 -40.96
N GLY J 70 41.35 13.33 -41.89
CA GLY J 70 41.85 13.78 -43.17
C GLY J 70 43.36 13.81 -43.28
N PHE J 71 44.07 13.62 -42.17
CA PHE J 71 45.53 13.59 -42.16
C PHE J 71 45.99 12.38 -41.38
N ALA J 72 47.06 11.74 -41.83
CA ALA J 72 47.58 10.56 -41.16
C ALA J 72 48.18 10.92 -39.81
N THR J 73 47.59 10.40 -38.74
CA THR J 73 48.11 10.54 -37.39
C THR J 73 48.86 9.27 -37.03
N VAL J 74 50.17 9.27 -37.27
CA VAL J 74 50.98 8.06 -37.22
C VAL J 74 51.82 8.08 -35.95
N THR J 75 52.44 6.92 -35.67
CA THR J 75 53.32 6.76 -34.52
C THR J 75 54.13 5.48 -34.65
N ILE J 76 55.42 5.54 -34.31
CA ILE J 76 56.31 4.39 -34.43
C ILE J 76 57.02 4.15 -33.11
N GLU J 77 57.06 2.89 -32.67
CA GLU J 77 57.75 2.54 -31.44
C GLU J 77 58.73 1.39 -31.69
N THR J 78 59.94 1.51 -31.16
CA THR J 78 60.93 0.46 -31.32
C THR J 78 60.46 -0.80 -30.60
N THR J 79 60.46 -1.92 -31.33
CA THR J 79 60.00 -3.19 -30.78
C THR J 79 61.04 -3.89 -29.92
N THR J 80 62.30 -3.45 -29.99
CA THR J 80 63.37 -4.01 -29.19
C THR J 80 64.16 -2.86 -28.55
N PRO J 81 64.83 -3.13 -27.42
CA PRO J 81 65.57 -2.05 -26.76
C PRO J 81 66.94 -1.77 -27.35
N GLY J 82 67.39 -2.57 -28.32
CA GLY J 82 68.69 -2.36 -28.93
C GLY J 82 68.66 -2.52 -30.44
N ARG J 83 67.54 -2.18 -31.06
CA ARG J 83 67.40 -2.32 -32.51
C ARG J 83 68.31 -1.33 -33.23
N LEU J 84 68.10 -0.03 -33.00
CA LEU J 84 68.88 1.01 -33.64
C LEU J 84 70.06 1.41 -32.75
N THR J 85 71.20 1.63 -33.38
CA THR J 85 72.43 1.98 -32.65
C THR J 85 72.34 3.44 -32.22
N PRO J 86 73.37 3.94 -31.53
CA PRO J 86 73.35 5.34 -31.08
C PRO J 86 73.48 6.31 -32.24
N GLY J 87 72.41 6.51 -32.99
CA GLY J 87 72.47 7.40 -34.13
C GLY J 87 71.11 7.55 -34.78
N PHE J 88 71.10 8.17 -35.95
CA PHE J 88 69.88 8.45 -36.69
C PHE J 88 69.69 7.44 -37.80
N HIS J 89 68.59 6.69 -37.74
CA HIS J 89 68.17 5.82 -38.82
C HIS J 89 67.27 6.62 -39.75
N GLY J 90 67.62 6.65 -41.03
CA GLY J 90 66.85 7.41 -42.01
C GLY J 90 65.66 6.64 -42.51
N VAL J 91 64.45 7.12 -42.20
CA VAL J 91 63.22 6.44 -42.62
C VAL J 91 62.89 6.86 -44.04
N HIS J 92 62.19 5.98 -44.75
CA HIS J 92 61.71 6.27 -46.09
C HIS J 92 60.53 5.37 -46.39
N ILE J 93 59.74 5.75 -47.38
CA ILE J 93 58.56 5.00 -47.79
C ILE J 93 58.86 4.42 -49.17
N HIS J 94 58.93 3.10 -49.24
CA HIS J 94 59.23 2.38 -50.48
C HIS J 94 57.93 1.87 -51.09
N SER J 95 57.80 2.02 -52.41
CA SER J 95 56.57 1.62 -53.08
C SER J 95 56.31 0.12 -52.93
N VAL J 96 57.36 -0.69 -53.01
CA VAL J 96 57.22 -2.13 -52.87
C VAL J 96 57.10 -2.47 -51.39
N GLY J 97 56.02 -3.16 -51.03
CA GLY J 97 55.74 -3.49 -49.65
C GLY J 97 56.41 -4.74 -49.14
N LYS J 98 57.07 -5.50 -49.99
CA LYS J 98 57.74 -6.74 -49.57
C LYS J 98 58.93 -6.38 -48.70
N CYS J 99 58.83 -6.64 -47.40
CA CYS J 99 59.93 -6.39 -46.49
C CYS J 99 60.87 -7.59 -46.46
N GLU J 100 61.35 -8.00 -47.63
CA GLU J 100 62.24 -9.15 -47.72
C GLU J 100 63.61 -8.79 -47.16
N ALA J 101 64.38 -9.84 -46.81
CA ALA J 101 65.72 -9.61 -46.28
C ALA J 101 66.61 -8.91 -47.31
N ASN J 102 66.53 -9.33 -48.57
CA ASN J 102 67.33 -8.70 -49.62
C ASN J 102 66.68 -9.03 -50.96
N SER J 103 66.34 -8.00 -51.73
CA SER J 103 65.75 -8.18 -53.05
C SER J 103 66.14 -7.00 -53.93
N VAL J 104 66.06 -7.22 -55.24
CA VAL J 104 66.41 -6.19 -56.22
C VAL J 104 65.35 -6.23 -57.32
N ALA J 105 64.44 -5.25 -57.31
CA ALA J 105 63.44 -5.17 -58.37
C ALA J 105 64.08 -5.00 -59.74
N PRO J 106 65.04 -4.11 -59.94
CA PRO J 106 65.68 -3.98 -61.26
C PRO J 106 66.80 -5.00 -61.46
N THR J 107 67.49 -4.91 -62.59
CA THR J 107 68.63 -5.79 -62.87
C THR J 107 69.88 -5.14 -62.28
N GLY J 108 70.28 -5.60 -61.10
CA GLY J 108 71.44 -5.04 -60.45
C GLY J 108 71.63 -5.65 -59.08
N GLY J 109 72.56 -5.07 -58.33
CA GLY J 109 72.86 -5.54 -56.99
C GLY J 109 71.64 -5.53 -56.09
N ALA J 110 71.46 -6.60 -55.30
CA ALA J 110 70.31 -6.70 -54.41
C ALA J 110 70.71 -6.29 -53.00
N PRO J 111 70.54 -5.02 -52.65
CA PRO J 111 70.89 -4.58 -51.29
C PRO J 111 69.95 -5.17 -50.25
N GLY J 112 70.47 -5.27 -49.03
CA GLY J 112 69.68 -5.76 -47.91
C GLY J 112 68.44 -4.92 -47.68
N ASP J 113 67.27 -5.57 -47.64
CA ASP J 113 66.01 -4.86 -47.46
C ASP J 113 65.83 -3.79 -48.54
N PHE J 114 66.26 -4.12 -49.75
CA PHE J 114 66.18 -3.20 -50.89
C PHE J 114 65.10 -3.63 -51.87
N ASN J 115 63.98 -4.14 -51.35
CA ASN J 115 62.88 -4.58 -52.19
C ASN J 115 62.13 -3.44 -52.85
N SER J 116 62.42 -2.19 -52.47
CA SER J 116 61.72 -1.05 -53.04
C SER J 116 61.90 -1.00 -54.55
N ALA J 117 60.83 -0.65 -55.25
CA ALA J 117 60.88 -0.50 -56.71
C ALA J 117 61.31 0.92 -57.09
N GLY J 118 62.46 1.33 -56.58
CA GLY J 118 62.97 2.67 -56.81
C GLY J 118 63.50 3.30 -55.54
N GLY J 119 63.34 4.61 -55.41
CA GLY J 119 63.77 5.32 -54.22
C GLY J 119 62.63 5.54 -53.25
N HIS J 120 62.14 6.78 -53.17
CA HIS J 120 61.01 7.11 -52.32
C HIS J 120 59.71 6.93 -53.10
N PHE J 121 58.75 6.26 -52.49
CA PHE J 121 57.46 6.03 -53.13
C PHE J 121 56.63 7.31 -53.12
N GLN J 122 56.81 8.14 -54.15
CA GLN J 122 56.10 9.41 -54.25
C GLN J 122 54.66 9.13 -54.67
N VAL J 123 53.90 10.19 -54.92
CA VAL J 123 52.53 10.04 -55.39
C VAL J 123 52.53 9.59 -56.85
N SER J 124 51.35 9.17 -57.32
CA SER J 124 51.23 8.72 -58.70
C SER J 124 51.55 9.86 -59.67
N GLY J 125 51.02 11.05 -59.41
CA GLY J 125 51.27 12.20 -60.25
C GLY J 125 52.49 13.01 -59.88
N HIS J 126 53.21 12.62 -58.84
CA HIS J 126 54.40 13.33 -58.38
C HIS J 126 55.59 12.38 -58.42
N SER J 127 56.64 12.77 -59.15
CA SER J 127 57.86 11.97 -59.23
C SER J 127 59.11 12.83 -59.19
N GLY J 128 59.02 14.06 -58.68
CA GLY J 128 60.15 14.97 -58.66
C GLY J 128 60.80 15.06 -57.30
N HIS J 129 60.44 16.08 -56.52
CA HIS J 129 61.02 16.30 -55.21
C HIS J 129 60.70 15.13 -54.28
N PRO J 130 61.27 15.10 -53.07
CA PRO J 130 61.03 13.97 -52.17
C PRO J 130 59.63 14.00 -51.56
N ALA J 131 58.66 13.45 -52.28
CA ALA J 131 57.28 13.44 -51.83
C ALA J 131 57.14 12.43 -50.69
N SER J 132 55.90 12.12 -50.32
CA SER J 132 55.63 11.33 -49.12
C SER J 132 56.50 10.07 -49.04
N GLY J 133 57.05 9.61 -50.16
CA GLY J 133 57.99 8.49 -50.10
C GLY J 133 59.19 8.80 -49.23
N ASP J 134 59.68 10.03 -49.27
CA ASP J 134 60.86 10.41 -48.50
C ASP J 134 60.52 10.57 -47.03
N LEU J 135 61.53 10.36 -46.19
CA LEU J 135 61.40 10.56 -44.75
C LEU J 135 62.76 10.89 -44.19
N SER J 136 62.76 11.51 -43.01
CA SER J 136 63.96 12.05 -42.39
C SER J 136 64.55 11.06 -41.38
N SER J 137 65.51 11.56 -40.59
CA SER J 137 66.19 10.72 -39.63
C SER J 137 65.44 10.67 -38.31
N LEU J 138 65.17 9.44 -37.85
CA LEU J 138 64.65 9.20 -36.52
C LEU J 138 65.78 8.64 -35.66
N GLN J 139 66.00 9.23 -34.49
CA GLN J 139 67.19 8.95 -33.69
C GLN J 139 66.91 7.95 -32.59
N VAL J 140 67.81 6.99 -32.44
CA VAL J 140 67.81 6.06 -31.32
C VAL J 140 69.12 6.24 -30.58
N ARG J 141 69.02 6.59 -29.29
CA ARG J 141 70.20 6.85 -28.47
C ARG J 141 70.68 5.55 -27.84
N ALA J 142 71.58 5.66 -26.85
CA ALA J 142 72.06 4.47 -26.15
C ALA J 142 70.92 3.68 -25.54
N ASP J 143 69.79 4.32 -25.23
CA ASP J 143 68.62 3.58 -24.76
C ASP J 143 68.12 2.63 -25.83
N GLY J 144 68.14 3.07 -27.09
CA GLY J 144 67.71 2.23 -28.20
C GLY J 144 66.21 2.17 -28.35
N SER J 145 65.59 3.33 -28.59
CA SER J 145 64.16 3.40 -28.80
C SER J 145 63.86 4.50 -29.81
N GLY J 146 62.73 4.36 -30.49
CA GLY J 146 62.33 5.33 -31.50
C GLY J 146 60.87 5.72 -31.41
N LYS J 147 60.60 7.01 -31.15
CA LYS J 147 59.22 7.49 -31.11
C LYS J 147 59.25 9.01 -31.33
N LEU J 148 58.91 9.44 -32.54
CA LEU J 148 58.80 10.85 -32.88
C LEU J 148 58.23 10.97 -34.28
N VAL J 149 57.39 11.99 -34.50
CA VAL J 149 56.62 12.10 -35.72
C VAL J 149 56.80 13.49 -36.33
N THR J 150 56.31 13.62 -37.56
CA THR J 150 56.44 14.85 -38.35
C THR J 150 55.12 15.05 -39.09
N THR J 151 55.14 15.90 -40.12
CA THR J 151 53.97 16.18 -40.93
C THR J 151 54.31 15.95 -42.40
N THR J 152 54.17 14.70 -42.86
CA THR J 152 54.47 14.32 -44.24
C THR J 152 53.21 13.70 -44.85
N ASP J 153 52.40 14.52 -45.50
CA ASP J 153 51.11 14.11 -46.02
C ASP J 153 50.94 14.50 -47.49
N ALA J 154 51.99 14.29 -48.29
CA ALA J 154 51.83 14.43 -49.73
C ALA J 154 50.84 13.41 -50.26
N PHE J 155 50.65 12.31 -49.55
CA PHE J 155 49.66 11.28 -49.87
C PHE J 155 48.69 11.16 -48.70
N THR J 156 47.72 10.27 -48.86
CA THR J 156 46.69 10.03 -47.84
C THR J 156 46.42 8.53 -47.79
N ALA J 157 45.33 8.16 -47.13
CA ALA J 157 44.92 6.76 -47.11
C ALA J 157 44.64 6.25 -48.51
N GLU J 158 44.03 7.07 -49.37
CA GLU J 158 43.76 6.67 -50.74
C GLU J 158 45.06 6.36 -51.48
N ASP J 159 46.04 7.24 -51.35
CA ASP J 159 47.34 7.01 -51.99
C ASP J 159 48.06 5.81 -51.42
N LEU J 160 47.98 5.59 -50.10
CA LEU J 160 48.58 4.40 -49.51
C LEU J 160 47.95 3.13 -50.07
N LEU J 161 46.62 3.14 -50.23
CA LEU J 161 45.92 2.00 -50.83
C LEU J 161 46.13 2.03 -52.35
N ASP J 162 47.37 1.81 -52.74
CA ASP J 162 47.76 1.84 -54.14
C ASP J 162 47.76 0.42 -54.71
N GLY J 163 48.23 0.28 -55.95
CA GLY J 163 48.25 -1.03 -56.57
C GLY J 163 49.13 -2.02 -55.84
N ALA J 164 50.31 -1.57 -55.39
CA ALA J 164 51.25 -2.41 -54.68
C ALA J 164 51.37 -1.92 -53.24
N LYS J 165 51.48 -2.87 -52.31
CA LYS J 165 51.66 -2.52 -50.91
C LYS J 165 52.97 -1.76 -50.73
N THR J 166 52.94 -0.73 -49.89
CA THR J 166 54.10 0.08 -49.59
C THR J 166 54.76 -0.44 -48.32
N ALA J 167 55.92 0.13 -47.99
CA ALA J 167 56.63 -0.26 -46.78
C ALA J 167 57.39 0.93 -46.23
N ILE J 168 57.69 0.85 -44.94
CA ILE J 168 58.57 1.80 -44.26
C ILE J 168 59.93 1.13 -44.07
N ILE J 169 60.96 1.71 -44.66
CA ILE J 169 62.31 1.17 -44.62
C ILE J 169 63.23 2.19 -43.96
N ILE J 170 63.95 1.74 -42.93
CA ILE J 170 64.87 2.59 -42.19
C ILE J 170 66.28 2.12 -42.52
N HIS J 171 67.04 2.98 -43.20
CA HIS J 171 68.46 2.78 -43.43
C HIS J 171 69.23 3.50 -42.32
N GLU J 172 70.55 3.62 -42.46
CA GLU J 172 71.43 4.10 -41.40
C GLU J 172 72.03 5.45 -41.75
N LYS J 173 71.20 6.37 -42.25
CA LYS J 173 71.67 7.71 -42.60
C LYS J 173 70.71 8.74 -42.01
N ALA J 174 71.16 9.99 -42.00
CA ALA J 174 70.39 11.11 -41.49
C ALA J 174 69.58 11.73 -42.64
N ASP J 175 69.05 12.94 -42.42
CA ASP J 175 68.30 13.68 -43.43
C ASP J 175 69.02 15.00 -43.69
N ASN J 176 69.72 15.10 -44.81
CA ASN J 176 70.44 16.32 -45.20
C ASN J 176 69.98 16.86 -46.54
N PHE J 177 69.87 16.00 -47.56
CA PHE J 177 69.42 16.41 -48.89
C PHE J 177 70.35 17.46 -49.49
N ALA J 178 71.60 17.03 -49.71
CA ALA J 178 72.62 17.88 -50.31
C ALA J 178 72.80 19.17 -49.50
N ASN J 179 73.07 19.01 -48.20
CA ASN J 179 73.27 20.16 -47.34
C ASN J 179 74.41 21.03 -47.82
N ILE J 180 75.36 20.47 -48.56
CA ILE J 180 76.46 21.24 -49.14
C ILE J 180 75.97 21.85 -50.46
N PRO J 181 75.62 23.13 -50.49
CA PRO J 181 75.04 23.71 -51.70
C PRO J 181 76.07 23.83 -52.81
N PRO J 182 75.62 24.02 -54.06
CA PRO J 182 76.57 24.12 -55.17
C PRO J 182 77.50 25.33 -55.08
N GLU J 183 77.17 26.33 -54.26
CA GLU J 183 78.01 27.52 -54.19
C GLU J 183 79.41 27.17 -53.72
N ARG J 184 79.53 26.30 -52.72
CA ARG J 184 80.81 25.92 -52.16
C ARG J 184 81.21 24.47 -52.46
N TYR J 185 80.32 23.52 -52.18
CA TYR J 185 80.65 22.12 -52.36
C TYR J 185 80.66 21.75 -53.85
N GLN J 186 81.40 20.69 -54.17
CA GLN J 186 81.46 20.16 -55.53
C GLN J 186 81.34 18.64 -55.47
N GLN J 187 80.88 18.07 -56.58
CA GLN J 187 80.65 16.64 -56.67
C GLN J 187 81.93 15.93 -57.13
N VAL J 188 81.83 14.65 -57.44
CA VAL J 188 83.00 13.89 -57.88
C VAL J 188 83.48 14.40 -59.24
N ASN J 189 82.55 14.68 -60.15
CA ASN J 189 82.89 15.12 -61.50
C ASN J 189 83.17 16.61 -61.59
N GLY J 190 83.05 17.34 -60.48
CA GLY J 190 83.29 18.78 -60.47
C GLY J 190 82.04 19.62 -60.67
N ALA J 191 80.93 19.02 -61.10
CA ALA J 191 79.69 19.77 -61.21
C ALA J 191 79.18 20.15 -59.83
N PRO J 192 78.77 21.41 -59.64
CA PRO J 192 78.27 21.82 -58.31
C PRO J 192 76.89 21.30 -57.97
N GLY J 193 76.21 20.63 -58.91
CA GLY J 193 74.90 20.09 -58.64
C GLY J 193 74.95 18.85 -57.77
N PRO J 194 73.79 18.47 -57.27
CA PRO J 194 73.70 17.30 -56.39
C PRO J 194 73.51 16.01 -57.17
N ASP J 195 73.49 14.91 -56.43
CA ASP J 195 73.32 13.58 -57.02
C ASP J 195 71.84 13.23 -57.12
N GLN J 196 71.45 12.69 -58.27
CA GLN J 196 70.07 12.30 -58.48
C GLN J 196 69.66 11.18 -57.54
N THR J 197 70.55 10.21 -57.30
CA THR J 197 70.23 9.11 -56.39
C THR J 197 69.99 9.63 -54.98
N THR J 198 70.81 10.58 -54.52
CA THR J 198 70.63 11.17 -53.20
C THR J 198 69.39 12.05 -53.13
N MET J 199 69.05 12.75 -54.20
CA MET J 199 67.89 13.65 -54.22
C MET J 199 66.57 12.91 -54.29
N ALA J 200 66.51 11.81 -55.05
CA ALA J 200 65.25 11.08 -55.17
C ALA J 200 64.80 10.50 -53.84
N THR J 201 65.72 9.92 -53.08
CA THR J 201 65.39 9.30 -51.81
C THR J 201 66.64 9.24 -50.96
N GLY J 202 66.45 8.98 -49.67
CA GLY J 202 67.56 8.86 -48.74
C GLY J 202 68.39 7.63 -49.00
N ASP J 203 69.59 7.82 -49.52
CA ASP J 203 70.51 6.73 -49.82
C ASP J 203 71.50 6.56 -48.69
N ALA J 204 71.72 5.32 -48.28
CA ALA J 204 72.60 5.01 -47.16
C ALA J 204 73.25 3.67 -47.43
N GLY J 205 73.84 3.07 -46.39
CA GLY J 205 74.42 1.75 -46.50
C GLY J 205 73.36 0.67 -46.50
N SER J 206 73.69 -0.49 -45.95
CA SER J 206 72.72 -1.58 -45.87
C SER J 206 71.51 -1.16 -45.03
N ARG J 207 70.33 -1.52 -45.51
CA ARG J 207 69.10 -1.17 -44.80
C ARG J 207 69.08 -1.82 -43.42
N VAL J 208 68.59 -1.09 -42.43
CA VAL J 208 68.54 -1.57 -41.06
C VAL J 208 67.22 -2.29 -40.78
N ALA J 209 66.10 -1.71 -41.18
CA ALA J 209 64.79 -2.29 -40.92
C ALA J 209 63.88 -2.05 -42.12
N CYS J 210 62.85 -2.89 -42.24
CA CYS J 210 61.88 -2.76 -43.31
C CYS J 210 60.59 -3.44 -42.89
N GLY J 211 59.46 -2.77 -43.12
CA GLY J 211 58.16 -3.31 -42.73
C GLY J 211 57.04 -2.91 -43.66
N VAL J 212 56.25 -3.88 -44.13
CA VAL J 212 55.15 -3.59 -45.03
C VAL J 212 54.05 -2.86 -44.27
N ILE J 213 53.53 -1.79 -44.88
CA ILE J 213 52.51 -0.96 -44.25
C ILE J 213 51.12 -1.44 -44.67
N SER J 214 51.05 -2.65 -45.22
CA SER J 214 49.75 -3.24 -45.60
C SER J 214 49.13 -3.95 -44.40
N ALA J 215 48.90 -3.17 -43.34
CA ALA J 215 48.35 -3.69 -42.09
C ALA J 215 49.19 -4.84 -41.56
N GLY J 216 50.51 -4.70 -41.67
CA GLY J 216 51.42 -5.72 -41.19
C GLY J 216 51.36 -5.89 -39.69
N TRP K 1 54.65 -81.15 29.48
CA TRP K 1 53.57 -80.86 30.41
C TRP K 1 53.60 -79.39 30.83
N SER K 2 54.82 -78.84 30.95
CA SER K 2 54.96 -77.46 31.41
C SER K 2 54.29 -76.49 30.44
N ASP K 3 54.47 -76.70 29.15
CA ASP K 3 53.86 -75.80 28.17
C ASP K 3 52.34 -75.83 28.26
N ALA K 4 51.77 -77.03 28.36
CA ALA K 4 50.33 -77.15 28.45
C ALA K 4 49.80 -76.53 29.74
N LEU K 5 50.51 -76.74 30.85
CA LEU K 5 50.05 -76.22 32.13
C LEU K 5 50.35 -74.74 32.31
N ALA K 6 51.17 -74.15 31.45
CA ALA K 6 51.45 -72.72 31.55
C ALA K 6 50.29 -71.89 31.03
N LEU K 7 49.29 -72.52 30.43
CA LEU K 7 48.11 -71.82 29.92
C LEU K 7 48.50 -70.84 28.82
N GLY K 8 49.32 -71.28 27.87
CA GLY K 8 49.65 -70.49 26.71
C GLY K 8 50.66 -69.39 26.98
N TRP K 9 51.56 -69.62 27.93
CA TRP K 9 52.64 -68.67 28.20
C TRP K 9 53.81 -68.97 27.27
N PRO K 10 54.26 -68.01 26.43
CA PRO K 10 55.44 -68.29 25.61
C PRO K 10 56.68 -68.43 26.46
N THR K 11 57.40 -69.54 26.31
CA THR K 11 58.64 -69.73 27.06
C THR K 11 59.53 -68.50 26.90
N GLY K 12 59.88 -67.89 28.03
CA GLY K 12 60.62 -66.66 28.03
C GLY K 12 61.90 -66.73 27.21
N ILE K 13 62.44 -65.57 26.84
CA ILE K 13 63.71 -65.46 26.15
C ILE K 13 64.74 -64.68 26.94
N THR K 14 64.39 -64.17 28.11
CA THR K 14 65.29 -63.44 28.98
C THR K 14 65.14 -63.99 30.39
N PRO K 15 66.20 -63.91 31.22
CA PRO K 15 66.09 -64.50 32.56
C PRO K 15 64.92 -63.96 33.35
N GLU K 16 64.58 -62.68 33.19
CA GLU K 16 63.41 -62.14 33.86
C GLU K 16 62.15 -62.87 33.42
N ALA K 17 62.01 -63.12 32.11
CA ALA K 17 60.86 -63.85 31.61
C ALA K 17 60.84 -65.27 32.13
N LYS K 18 62.00 -65.93 32.17
CA LYS K 18 62.07 -67.29 32.69
C LYS K 18 61.58 -67.34 34.14
N LEU K 19 62.09 -66.42 34.96
CA LEU K 19 61.71 -66.41 36.37
C LEU K 19 60.23 -66.07 36.53
N ASN K 20 59.72 -65.13 35.75
CA ASN K 20 58.31 -64.79 35.83
C ASN K 20 57.44 -65.97 35.39
N ARG K 21 57.88 -66.71 34.38
CA ARG K 21 57.14 -67.89 33.95
C ARG K 21 57.14 -68.96 35.02
N GLU K 22 58.26 -69.13 35.72
CA GLU K 22 58.29 -70.10 36.82
C GLU K 22 57.31 -69.68 37.92
N LEU K 23 57.28 -68.38 38.24
CA LEU K 23 56.32 -67.89 39.21
C LEU K 23 54.89 -68.14 38.73
N TRP K 24 54.64 -67.92 37.45
CA TRP K 24 53.30 -68.16 36.90
C TRP K 24 52.93 -69.63 37.01
N ILE K 25 53.87 -70.53 36.72
CA ILE K 25 53.60 -71.95 36.84
C ILE K 25 53.24 -72.31 38.27
N GLY K 26 54.01 -71.80 39.23
CA GLY K 26 53.69 -72.05 40.63
C GLY K 26 52.33 -71.51 41.02
N SER K 27 52.04 -70.28 40.60
CA SER K 27 50.76 -69.67 40.94
C SER K 27 49.60 -70.45 40.33
N VAL K 28 49.76 -70.91 39.09
CA VAL K 28 48.71 -71.69 38.44
C VAL K 28 48.55 -73.04 39.13
N ILE K 29 49.65 -73.64 39.57
CA ILE K 29 49.56 -74.88 40.34
C ILE K 29 48.72 -74.66 41.59
N ALA K 30 49.03 -73.60 42.34
CA ALA K 30 48.29 -73.34 43.57
C ALA K 30 46.82 -73.04 43.28
N SER K 31 46.57 -72.23 42.25
CA SER K 31 45.19 -71.88 41.92
C SER K 31 44.39 -73.10 41.47
N PHE K 32 45.01 -73.97 40.67
CA PHE K 32 44.31 -75.18 40.24
C PHE K 32 44.09 -76.14 41.40
N ALA K 33 45.02 -76.20 42.36
CA ALA K 33 44.77 -77.02 43.54
C ALA K 33 43.58 -76.50 44.32
N VAL K 34 43.54 -75.18 44.55
CA VAL K 34 42.41 -74.59 45.28
C VAL K 34 41.11 -74.82 44.52
N GLY K 35 41.14 -74.60 43.21
CA GLY K 35 39.95 -74.81 42.41
C GLY K 35 39.48 -76.24 42.43
N ALA K 36 40.43 -77.18 42.36
CA ALA K 36 40.06 -78.59 42.39
C ALA K 36 39.39 -78.94 43.71
N ILE K 37 39.95 -78.49 44.83
CA ILE K 37 39.35 -78.84 46.12
C ILE K 37 37.97 -78.19 46.27
N VAL K 38 37.83 -76.94 45.82
CA VAL K 38 36.54 -76.26 45.99
C VAL K 38 35.49 -76.87 45.07
N TRP K 39 35.87 -77.20 43.83
CA TRP K 39 34.94 -77.84 42.92
C TRP K 39 34.57 -79.23 43.42
N GLY K 40 35.51 -79.93 44.03
CA GLY K 40 35.19 -81.19 44.67
C GLY K 40 34.19 -81.02 45.79
N LEU K 41 34.35 -79.97 46.59
CA LEU K 41 33.37 -79.69 47.64
C LEU K 41 32.00 -79.42 47.04
N ILE K 42 31.94 -78.66 45.96
CA ILE K 42 30.66 -78.31 45.35
C ILE K 42 30.00 -79.55 44.78
N PHE K 43 30.75 -80.35 44.02
CA PHE K 43 30.19 -81.57 43.43
C PHE K 43 29.93 -82.65 44.48
N TRP K 44 30.50 -82.53 45.67
CA TRP K 44 30.17 -83.45 46.74
C TRP K 44 28.88 -83.05 47.44
N THR K 45 28.74 -81.77 47.79
CA THR K 45 27.49 -81.30 48.36
C THR K 45 26.35 -81.41 47.37
N SER K 46 26.65 -81.46 46.07
CA SER K 46 25.62 -81.79 45.08
C SER K 46 25.16 -83.23 45.18
N ALA K 47 25.85 -84.07 45.96
CA ALA K 47 25.40 -85.41 46.26
C ALA K 47 24.50 -85.47 47.48
N PHE K 48 24.27 -84.34 48.15
CA PHE K 48 23.30 -84.26 49.25
C PHE K 48 21.93 -83.85 48.74
N HIS K 49 21.44 -84.60 47.76
CA HIS K 49 20.11 -84.32 47.21
C HIS K 49 19.05 -84.55 48.26
N ARG K 50 17.84 -84.06 47.97
CA ARG K 50 16.68 -84.29 48.82
C ARG K 50 16.20 -85.72 48.57
N LYS K 51 16.88 -86.67 49.22
CA LYS K 51 16.55 -88.07 49.04
C LYS K 51 15.09 -88.30 49.42
N LYS K 52 14.39 -89.10 48.61
CA LYS K 52 12.99 -89.40 48.89
C LYS K 52 12.85 -90.05 50.26
N ALA K 53 13.87 -90.75 50.73
CA ALA K 53 13.84 -91.35 52.05
C ALA K 53 13.81 -90.30 53.16
N THR K 54 14.14 -89.05 52.86
CA THR K 54 14.07 -87.99 53.85
C THR K 54 12.61 -87.73 54.21
N ASP K 55 12.21 -88.16 55.40
CA ASP K 55 10.84 -88.02 55.86
C ASP K 55 10.63 -86.58 56.31
N THR K 56 9.53 -86.31 57.03
CA THR K 56 9.23 -84.97 57.48
C THR K 56 10.22 -84.58 58.58
N GLU K 57 11.49 -84.46 58.22
CA GLU K 57 12.54 -84.08 59.15
C GLU K 57 13.56 -83.23 58.39
N LEU K 58 13.76 -82.01 58.85
CA LEU K 58 14.68 -81.09 58.19
C LEU K 58 16.11 -81.41 58.60
N PRO K 59 17.10 -80.87 57.87
CA PRO K 59 18.49 -81.19 58.17
C PRO K 59 18.93 -80.65 59.53
N ARG K 60 20.22 -80.82 59.85
CA ARG K 60 20.71 -80.43 61.16
C ARG K 60 20.52 -78.93 61.42
N GLN K 61 20.53 -78.11 60.37
CA GLN K 61 20.26 -76.68 60.51
C GLN K 61 21.31 -76.00 61.39
N PHE K 62 22.59 -76.31 61.16
CA PHE K 62 23.61 -75.89 62.13
C PHE K 62 24.05 -74.45 61.90
N GLY K 63 24.67 -74.16 60.76
CA GLY K 63 25.29 -72.85 60.58
C GLY K 63 26.32 -72.56 61.65
N TYR K 64 27.02 -71.44 61.52
CA TYR K 64 27.82 -70.87 62.61
C TYR K 64 28.76 -71.90 63.23
N ASN K 65 29.75 -72.31 62.43
CA ASN K 65 30.82 -73.22 62.88
C ASN K 65 32.09 -72.39 63.04
N MET K 66 32.28 -71.85 64.24
CA MET K 66 33.37 -70.89 64.45
C MET K 66 34.75 -71.51 64.25
N PRO K 67 35.07 -72.69 64.79
CA PRO K 67 36.42 -73.24 64.54
C PRO K 67 36.69 -73.49 63.07
N LEU K 68 35.70 -73.99 62.33
CA LEU K 68 35.86 -74.22 60.90
C LEU K 68 36.07 -72.90 60.17
N GLU K 69 35.32 -71.87 60.56
CA GLU K 69 35.50 -70.54 59.97
C GLU K 69 36.92 -70.04 60.21
N LEU K 70 37.42 -70.23 61.44
CA LEU K 70 38.78 -69.79 61.75
C LEU K 70 39.80 -70.54 60.91
N THR K 71 39.63 -71.86 60.76
CA THR K 71 40.58 -72.63 59.96
C THR K 71 40.58 -72.16 58.50
N LEU K 72 39.39 -71.99 57.92
CA LEU K 72 39.29 -71.63 56.52
C LEU K 72 39.45 -70.14 56.28
N THR K 73 39.63 -69.34 57.33
CA THR K 73 40.03 -67.94 57.17
C THR K 73 41.47 -67.70 57.56
N VAL K 74 42.15 -68.67 58.19
CA VAL K 74 43.58 -68.55 58.40
C VAL K 74 44.35 -69.22 57.27
N ILE K 75 43.91 -70.37 56.76
CA ILE K 75 44.65 -71.04 55.69
C ILE K 75 44.72 -70.18 54.44
N PRO K 76 43.65 -69.51 53.98
CA PRO K 76 43.81 -68.68 52.78
C PRO K 76 44.79 -67.55 52.99
N PHE K 77 44.83 -67.00 54.21
CA PHE K 77 45.79 -65.95 54.51
C PHE K 77 47.22 -66.43 54.33
N LEU K 78 47.53 -67.63 54.83
CA LEU K 78 48.86 -68.19 54.66
C LEU K 78 49.16 -68.43 53.17
N ILE K 79 48.17 -68.94 52.44
CA ILE K 79 48.39 -69.21 51.01
C ILE K 79 48.73 -67.92 50.28
N ILE K 80 47.93 -66.87 50.50
CA ILE K 80 48.17 -65.61 49.81
C ILE K 80 49.45 -64.97 50.31
N SER K 81 49.84 -65.21 51.56
CA SER K 81 51.08 -64.64 52.06
C SER K 81 52.29 -65.28 51.39
N VAL K 82 52.25 -66.61 51.20
CA VAL K 82 53.32 -67.27 50.45
C VAL K 82 53.35 -66.75 49.02
N LEU K 83 52.18 -66.63 48.40
CA LEU K 83 52.12 -66.09 47.04
C LEU K 83 52.69 -64.67 47.00
N PHE K 84 52.41 -63.87 48.03
CA PHE K 84 52.89 -62.50 48.08
C PHE K 84 54.39 -62.43 48.25
N TYR K 85 54.95 -63.32 49.07
CA TYR K 85 56.41 -63.34 49.24
C TYR K 85 57.08 -63.73 47.93
N PHE K 86 56.57 -64.75 47.25
CA PHE K 86 57.13 -65.13 45.95
C PHE K 86 56.96 -63.99 44.95
N THR K 87 55.81 -63.32 44.98
CA THR K 87 55.56 -62.20 44.08
C THR K 87 56.54 -61.07 44.32
N VAL K 88 56.84 -60.78 45.59
CA VAL K 88 57.77 -59.70 45.90
C VAL K 88 59.17 -60.04 45.43
N VAL K 89 59.63 -61.27 45.71
CA VAL K 89 60.99 -61.62 45.30
C VAL K 89 61.11 -61.64 43.78
N VAL K 90 60.06 -62.06 43.08
CA VAL K 90 60.10 -62.04 41.62
C VAL K 90 60.05 -60.61 41.10
N GLN K 91 59.16 -59.79 41.66
CA GLN K 91 59.05 -58.39 41.26
C GLN K 91 60.37 -57.67 41.45
N GLU K 92 61.17 -58.09 42.45
CA GLU K 92 62.46 -57.46 42.66
C GLU K 92 63.25 -57.42 41.35
N ARG K 93 63.17 -58.48 40.56
CA ARG K 93 63.77 -58.50 39.23
C ARG K 93 62.77 -58.07 38.15
N MET K 94 62.10 -56.95 38.39
CA MET K 94 61.26 -56.31 37.37
C MET K 94 62.03 -55.22 36.66
N MET K 95 62.80 -54.44 37.41
CA MET K 95 63.79 -53.52 36.85
C MET K 95 64.92 -53.45 37.88
N HIS K 96 65.95 -54.26 37.67
CA HIS K 96 67.12 -54.16 38.55
C HIS K 96 67.79 -52.80 38.43
N LYS K 97 67.50 -52.06 37.36
CA LYS K 97 68.03 -50.70 37.20
C LYS K 97 69.56 -50.71 37.25
N ASP K 98 70.17 -51.63 36.51
CA ASP K 98 71.61 -51.71 36.46
C ASP K 98 72.16 -50.41 35.90
N PRO K 99 73.05 -49.70 36.61
CA PRO K 99 73.55 -48.42 36.08
C PRO K 99 74.50 -48.56 34.90
N ASN K 100 74.74 -49.77 34.41
CA ASN K 100 75.67 -50.00 33.30
C ASN K 100 74.99 -50.85 32.24
N PRO K 101 74.00 -50.28 31.55
CA PRO K 101 73.33 -51.03 30.48
C PRO K 101 74.27 -51.27 29.31
N GLU K 102 74.06 -52.35 28.56
CA GLU K 102 74.91 -52.66 27.42
C GLU K 102 74.37 -52.08 26.11
N VAL K 103 73.07 -51.87 26.00
CA VAL K 103 72.51 -51.14 24.87
C VAL K 103 71.20 -50.49 25.32
N VAL K 104 71.06 -49.21 25.05
CA VAL K 104 69.90 -48.43 25.48
C VAL K 104 69.10 -48.07 24.23
N ILE K 105 67.84 -48.50 24.20
CA ILE K 105 66.93 -48.24 23.09
C ILE K 105 65.91 -47.20 23.54
N ASP K 106 65.87 -46.08 22.82
CA ASP K 106 64.87 -45.05 23.07
C ASP K 106 63.62 -45.46 22.32
N VAL K 107 62.63 -45.97 23.06
CA VAL K 107 61.39 -46.46 22.46
C VAL K 107 60.35 -45.36 22.50
N THR K 108 60.26 -44.58 21.43
CA THR K 108 59.15 -43.66 21.27
C THR K 108 57.99 -44.40 20.63
N ALA K 109 56.80 -44.19 21.16
CA ALA K 109 55.59 -44.85 20.68
C ALA K 109 54.59 -43.75 20.38
N PHE K 110 54.49 -43.37 19.11
CA PHE K 110 53.62 -42.31 18.69
C PHE K 110 52.28 -42.90 18.22
N GLN K 111 51.47 -42.06 17.59
CA GLN K 111 50.12 -42.45 17.25
C GLN K 111 50.13 -43.52 16.17
N TRP K 112 50.00 -44.77 16.59
CA TRP K 112 49.80 -45.92 15.71
C TRP K 112 51.07 -46.38 15.00
N ASN K 113 52.23 -46.20 15.62
CA ASN K 113 53.42 -46.96 15.21
C ASN K 113 54.53 -46.64 16.21
N TRP K 114 55.72 -47.17 15.92
CA TRP K 114 56.84 -47.13 16.87
C TRP K 114 58.04 -46.44 16.23
N LYS K 115 59.01 -46.07 17.06
CA LYS K 115 60.28 -45.50 16.57
C LYS K 115 61.29 -45.92 17.63
N PHE K 116 62.46 -46.42 17.26
CA PHE K 116 63.53 -46.87 18.15
C PHE K 116 64.80 -46.09 17.84
N GLY K 117 65.38 -45.50 18.87
CA GLY K 117 66.42 -44.51 18.67
C GLY K 117 67.85 -45.00 18.84
N TYR K 118 68.07 -46.04 19.62
CA TYR K 118 69.42 -46.49 19.97
C TYR K 118 70.17 -45.34 20.66
N GLN K 119 69.67 -44.98 21.84
CA GLN K 119 70.22 -43.83 22.55
C GLN K 119 71.69 -44.01 22.86
N LYS K 120 72.09 -45.20 23.31
CA LYS K 120 73.47 -45.44 23.68
C LYS K 120 73.75 -46.93 23.58
N ILE K 121 74.99 -47.26 23.23
CA ILE K 121 75.47 -48.64 23.22
C ILE K 121 76.83 -48.65 23.89
N ALA K 122 77.01 -49.55 24.86
CA ALA K 122 78.30 -49.70 25.53
C ALA K 122 78.42 -51.16 25.97
N PHE K 123 79.03 -51.98 25.13
CA PHE K 123 79.19 -53.39 25.45
C PHE K 123 80.17 -53.53 26.62
N ALA K 124 79.81 -54.42 27.55
CA ALA K 124 80.68 -54.67 28.70
C ALA K 124 82.01 -55.26 28.25
N ASP K 125 81.99 -56.16 27.27
CA ASP K 125 83.22 -56.72 26.74
C ASP K 125 84.14 -55.66 26.17
N GLY K 126 83.58 -54.50 25.77
CA GLY K 126 84.36 -53.39 25.28
C GLY K 126 84.18 -53.18 23.79
N SER K 127 83.28 -52.25 23.44
CA SER K 127 83.00 -51.92 22.05
C SER K 127 81.96 -50.82 21.99
N PHE K 128 81.59 -50.39 20.78
CA PHE K 128 80.44 -49.53 20.56
C PHE K 128 80.55 -48.22 21.34
N ASP K 129 81.52 -47.41 20.92
CA ASP K 129 81.61 -46.03 21.40
C ASP K 129 80.56 -45.20 20.65
N TYR K 130 79.30 -45.41 21.01
CA TYR K 130 78.17 -44.80 20.34
C TYR K 130 77.29 -44.06 21.34
N ASP K 131 76.61 -43.02 20.85
CA ASP K 131 75.75 -42.19 21.69
C ASP K 131 74.59 -41.67 20.85
N GLY K 132 73.62 -41.07 21.54
CA GLY K 132 72.45 -40.49 20.89
C GLY K 132 72.66 -39.04 20.52
N ALA K 133 71.59 -38.41 20.07
CA ALA K 133 71.60 -37.03 19.58
C ALA K 133 71.02 -36.12 20.65
N ASP K 134 71.88 -35.27 21.23
CA ASP K 134 71.42 -34.29 22.20
C ASP K 134 70.62 -33.19 21.53
N PRO K 135 70.94 -32.79 20.30
CA PRO K 135 70.10 -31.81 19.60
C PRO K 135 68.76 -32.44 19.21
N GLU K 136 67.98 -31.64 18.49
CA GLU K 136 66.64 -31.97 17.99
C GLU K 136 65.58 -31.85 19.08
N ARG K 137 65.97 -31.61 20.33
CA ARG K 137 65.03 -31.45 21.44
C ARG K 137 64.74 -29.97 21.59
N LYS K 138 63.64 -29.52 20.99
CA LYS K 138 63.26 -28.11 20.98
C LYS K 138 62.03 -27.93 21.86
N GLU K 139 62.14 -27.06 22.85
CA GLU K 139 61.04 -26.81 23.78
C GLU K 139 59.98 -25.93 23.13
N ALA K 140 58.95 -25.61 23.90
CA ALA K 140 57.85 -24.76 23.46
C ALA K 140 57.50 -23.74 24.52
N MET K 141 58.51 -23.16 25.16
CA MET K 141 58.29 -22.15 26.19
C MET K 141 57.67 -20.92 25.56
N THR K 142 56.39 -20.68 25.85
CA THR K 142 55.67 -19.52 25.31
C THR K 142 55.91 -18.29 26.18
N SER K 143 57.20 -17.98 26.35
CA SER K 143 57.62 -16.86 27.20
C SER K 143 57.68 -15.55 26.42
N ARG K 144 56.57 -15.20 25.76
CA ARG K 144 56.52 -13.94 25.05
C ARG K 144 56.52 -12.77 26.04
N PRO K 145 57.11 -11.63 25.67
CA PRO K 145 57.12 -10.49 26.60
C PRO K 145 55.73 -10.01 26.96
N GLU K 146 54.78 -10.11 26.03
CA GLU K 146 53.42 -9.63 26.27
C GLU K 146 52.46 -10.46 25.43
N GLY K 147 51.26 -10.66 25.97
CA GLY K 147 50.20 -11.38 25.30
C GLY K 147 49.20 -10.45 24.64
N LYS K 148 47.95 -10.91 24.61
CA LYS K 148 46.89 -10.08 24.01
C LYS K 148 46.72 -8.77 24.75
N ASP K 149 46.86 -8.78 26.08
CA ASP K 149 46.75 -7.57 26.86
C ASP K 149 47.87 -6.60 26.49
N GLU K 150 47.81 -5.39 27.05
CA GLU K 150 48.80 -4.37 26.77
C GLU K 150 50.07 -4.56 27.57
N HIS K 151 49.95 -4.88 28.86
CA HIS K 151 51.11 -5.03 29.72
C HIS K 151 50.72 -5.84 30.95
N GLY K 152 51.73 -6.28 31.69
CA GLY K 152 51.53 -6.94 32.96
C GLY K 152 51.41 -8.45 32.89
N ILE K 153 50.70 -8.96 31.89
CA ILE K 153 50.44 -10.41 31.82
C ILE K 153 51.76 -11.16 31.67
N GLU K 154 52.61 -10.72 30.73
CA GLU K 154 53.91 -11.34 30.46
C GLU K 154 53.86 -12.85 30.66
N LYS K 155 52.83 -13.47 30.09
CA LYS K 155 52.57 -14.88 30.34
C LYS K 155 53.78 -15.72 29.99
N VAL K 156 54.15 -16.62 30.90
CA VAL K 156 55.28 -17.52 30.70
C VAL K 156 54.78 -18.76 29.98
N GLY K 157 53.83 -19.45 30.58
CA GLY K 157 53.22 -20.62 29.97
C GLY K 157 52.24 -21.29 30.89
N PRO K 158 51.35 -22.13 30.34
CA PRO K 158 50.33 -22.77 31.18
C PRO K 158 50.90 -23.60 32.31
N ILE K 159 51.78 -24.55 31.98
CA ILE K 159 52.29 -25.53 32.94
C ILE K 159 53.81 -25.36 33.04
N ARG K 160 54.30 -25.15 34.26
CA ARG K 160 55.72 -25.01 34.52
C ARG K 160 56.36 -24.07 33.50
N GLY K 161 55.60 -23.11 32.99
CA GLY K 161 56.10 -22.17 32.01
C GLY K 161 56.10 -22.67 30.59
N MET K 162 55.65 -23.90 30.33
CA MET K 162 55.64 -24.47 29.00
C MET K 162 54.23 -24.80 28.58
N THR K 163 53.97 -24.70 27.27
CA THR K 163 52.70 -25.08 26.69
C THR K 163 52.56 -26.60 26.67
N PRO K 164 51.34 -27.13 26.66
CA PRO K 164 51.19 -28.59 26.63
C PRO K 164 51.89 -29.25 25.46
N GLU K 165 51.91 -28.61 24.29
CA GLU K 165 52.60 -29.15 23.12
C GLU K 165 54.06 -28.71 23.19
N ASP K 166 54.85 -29.48 23.95
CA ASP K 166 56.25 -29.18 24.19
C ASP K 166 57.16 -30.24 23.60
N ARG K 167 56.93 -31.53 23.92
CA ARG K 167 57.73 -32.62 23.38
C ARG K 167 59.22 -32.41 23.64
N THR K 168 59.53 -31.90 24.83
CA THR K 168 60.90 -31.93 25.33
C THR K 168 61.21 -33.24 26.04
N TYR K 169 60.21 -33.86 26.65
CA TYR K 169 60.39 -35.18 27.22
C TYR K 169 60.82 -36.20 26.18
N LEU K 170 60.28 -36.11 24.97
CA LEU K 170 60.70 -36.98 23.88
C LEU K 170 62.19 -36.79 23.63
N ASN K 171 62.94 -37.88 23.69
CA ASN K 171 64.35 -37.84 23.36
C ASN K 171 64.57 -38.46 21.98
N PHE K 172 65.46 -37.86 21.21
CA PHE K 172 65.72 -38.24 19.83
C PHE K 172 67.15 -38.77 19.72
N ASP K 173 67.38 -39.54 18.65
CA ASP K 173 68.65 -40.22 18.46
C ASP K 173 69.03 -40.17 16.99
N LYS K 174 70.29 -40.50 16.71
CA LYS K 174 70.80 -40.43 15.35
C LYS K 174 70.23 -41.55 14.48
N ILE K 175 70.19 -42.77 15.01
CA ILE K 175 69.66 -43.93 14.30
C ILE K 175 68.22 -44.11 14.74
N GLU K 176 67.28 -43.78 13.85
CA GLU K 176 65.86 -43.88 14.15
C GLU K 176 65.26 -44.95 13.24
N THR K 177 64.77 -46.03 13.85
CA THR K 177 64.09 -47.09 13.13
C THR K 177 62.57 -46.86 13.17
N LEU K 178 62.16 -45.78 12.46
CA LEU K 178 60.74 -45.36 12.42
C LEU K 178 59.94 -46.44 11.70
N GLY K 179 58.74 -46.75 12.23
CA GLY K 179 57.88 -47.73 11.58
C GLY K 179 56.77 -47.07 10.79
N THR K 180 56.73 -47.33 9.48
CA THR K 180 55.69 -46.80 8.64
C THR K 180 54.49 -47.74 8.63
N SER K 181 53.34 -47.20 8.23
CA SER K 181 52.12 -48.00 8.22
C SER K 181 52.24 -49.20 7.31
N SER K 182 53.12 -49.13 6.31
CA SER K 182 53.33 -50.21 5.36
C SER K 182 54.66 -50.93 5.57
N GLU K 183 55.36 -50.64 6.66
CA GLU K 183 56.66 -51.26 6.91
C GLU K 183 56.79 -51.40 8.43
N ILE K 184 56.52 -52.60 8.93
CA ILE K 184 56.52 -52.81 10.38
C ILE K 184 57.93 -52.58 10.92
N PRO K 185 58.11 -51.78 11.98
CA PRO K 185 59.47 -51.57 12.49
C PRO K 185 60.04 -52.83 13.11
N VAL K 186 61.37 -52.95 13.02
CA VAL K 186 62.09 -54.11 13.53
C VAL K 186 63.26 -53.58 14.35
N LEU K 187 63.07 -53.49 15.66
CA LEU K 187 64.17 -53.13 16.56
C LEU K 187 65.11 -54.32 16.68
N VAL K 188 66.34 -54.17 16.21
CA VAL K 188 67.32 -55.26 16.26
C VAL K 188 68.19 -55.04 17.50
N LEU K 189 68.37 -56.10 18.28
CA LEU K 189 69.10 -56.06 19.52
C LEU K 189 70.20 -57.11 19.53
N PRO K 190 71.32 -56.86 20.20
CA PRO K 190 72.35 -57.89 20.32
C PRO K 190 71.97 -58.94 21.34
N ALA K 191 72.17 -60.21 20.99
CA ALA K 191 71.91 -61.29 21.92
C ALA K 191 72.97 -61.32 23.01
N GLY K 192 72.56 -61.71 24.22
CA GLY K 192 73.47 -61.90 25.32
C GLY K 192 73.82 -60.65 26.09
N LYS K 193 73.26 -59.49 25.72
CA LYS K 193 73.61 -58.23 26.34
C LYS K 193 72.45 -57.69 27.15
N ARG K 194 72.76 -56.74 28.03
CA ARG K 194 71.75 -56.07 28.85
C ARG K 194 71.13 -54.95 28.01
N ILE K 195 69.83 -55.02 27.81
CA ILE K 195 69.13 -54.07 26.94
C ILE K 195 68.17 -53.27 27.79
N GLU K 196 68.39 -51.97 27.87
CA GLU K 196 67.50 -51.05 28.56
C GLU K 196 66.59 -50.38 27.53
N PHE K 197 65.32 -50.21 27.90
CA PHE K 197 64.34 -49.54 27.07
C PHE K 197 63.89 -48.29 27.81
N VAL K 198 64.10 -47.13 27.19
CA VAL K 198 63.62 -45.86 27.71
C VAL K 198 62.32 -45.55 26.98
N LEU K 199 61.20 -45.75 27.65
CA LEU K 199 59.88 -45.71 27.02
C LEU K 199 59.32 -44.29 27.07
N ASN K 200 58.76 -43.85 25.94
CA ASN K 200 58.07 -42.56 25.87
C ASN K 200 56.99 -42.67 24.82
N SER K 201 56.03 -41.76 24.89
CA SER K 201 54.94 -41.69 23.92
C SER K 201 54.84 -40.28 23.38
N ALA K 202 54.53 -40.16 22.08
CA ALA K 202 54.47 -38.84 21.46
C ALA K 202 53.13 -38.18 21.73
N ASP K 203 52.03 -38.91 21.53
CA ASP K 203 50.69 -38.32 21.59
C ASP K 203 49.87 -38.84 22.76
N VAL K 204 49.63 -40.14 22.84
CA VAL K 204 48.65 -40.71 23.76
C VAL K 204 49.29 -41.83 24.55
N ILE K 205 48.75 -42.08 25.73
CA ILE K 205 49.12 -43.28 26.48
C ILE K 205 48.88 -44.50 25.61
N HIS K 206 49.83 -45.42 25.60
CA HIS K 206 49.55 -46.75 25.08
C HIS K 206 50.57 -47.71 25.69
N GLY K 207 50.64 -48.94 25.16
CA GLY K 207 51.40 -49.99 25.80
C GLY K 207 52.46 -50.56 24.87
N PHE K 208 53.44 -51.21 25.50
CA PHE K 208 54.56 -51.83 24.81
C PHE K 208 54.70 -53.23 25.38
N TRP K 209 54.43 -54.25 24.57
CA TRP K 209 54.44 -55.63 25.01
C TRP K 209 55.27 -56.45 24.03
N VAL K 210 56.17 -57.27 24.55
CA VAL K 210 56.84 -58.29 23.75
C VAL K 210 56.44 -59.63 24.36
N PRO K 211 55.40 -60.30 23.84
CA PRO K 211 54.92 -61.52 24.51
C PRO K 211 56.03 -62.48 24.90
N GLU K 212 57.15 -62.47 24.18
CA GLU K 212 58.26 -63.35 24.54
C GLU K 212 59.07 -62.82 25.70
N PHE K 213 58.99 -61.51 25.99
CA PHE K 213 59.61 -60.97 27.19
C PHE K 213 58.81 -61.26 28.44
N LEU K 214 57.57 -61.72 28.31
CA LEU K 214 56.70 -61.95 29.47
C LEU K 214 56.67 -60.71 30.35
N PHE K 215 56.55 -59.55 29.71
CA PHE K 215 56.59 -58.28 30.40
C PHE K 215 56.09 -57.20 29.45
N LYS K 216 55.37 -56.23 30.02
CA LYS K 216 54.90 -55.09 29.24
C LYS K 216 54.98 -53.85 30.11
N ARG K 217 55.03 -52.70 29.46
CA ARG K 217 55.08 -51.43 30.16
C ARG K 217 54.27 -50.41 29.37
N ASP K 218 53.61 -49.51 30.09
CA ASP K 218 52.77 -48.51 29.47
C ASP K 218 53.62 -47.30 29.09
N VAL K 219 53.83 -47.13 27.78
CA VAL K 219 54.46 -45.93 27.25
C VAL K 219 53.52 -44.76 27.51
N LEU K 220 53.92 -43.87 28.41
CA LEU K 220 53.14 -42.71 28.79
C LEU K 220 53.66 -41.47 28.06
N PRO K 221 52.80 -40.48 27.85
CA PRO K 221 53.29 -39.24 27.22
C PRO K 221 54.44 -38.61 27.98
N GLU K 222 54.24 -38.25 29.24
CA GLU K 222 55.27 -37.60 30.05
C GLU K 222 55.43 -38.38 31.34
N PRO K 223 56.11 -39.53 31.28
CA PRO K 223 56.21 -40.37 32.49
C PRO K 223 56.88 -39.69 33.68
N LYS K 224 57.93 -38.91 33.43
CA LYS K 224 58.62 -38.26 34.53
C LYS K 224 57.70 -37.27 35.24
N ALA K 225 56.92 -36.51 34.48
CA ALA K 225 55.95 -35.61 35.08
C ALA K 225 54.76 -36.34 35.67
N ASN K 226 54.48 -37.56 35.21
CA ASN K 226 53.38 -38.37 35.73
C ASN K 226 53.83 -39.28 36.86
N ASN K 227 55.09 -39.17 37.28
CA ASN K 227 55.62 -40.03 38.34
C ASN K 227 55.56 -41.50 37.92
N SER K 228 56.16 -41.77 36.76
CA SER K 228 56.18 -43.11 36.20
C SER K 228 57.62 -43.49 35.87
N ASP K 229 57.96 -44.75 36.13
CA ASP K 229 59.28 -45.28 35.81
C ASP K 229 59.19 -45.96 34.45
N ASN K 230 59.17 -45.14 33.40
CA ASN K 230 59.04 -45.66 32.04
C ASN K 230 60.19 -46.57 31.68
N VAL K 231 61.40 -46.19 32.05
CA VAL K 231 62.58 -46.95 31.66
C VAL K 231 62.59 -48.29 32.38
N PHE K 232 62.96 -49.35 31.67
CA PHE K 232 63.04 -50.68 32.26
C PHE K 232 64.08 -51.50 31.51
N GLN K 233 64.71 -52.43 32.22
CA GLN K 233 65.85 -53.18 31.69
C GLN K 233 65.51 -54.65 31.54
N VAL K 234 66.19 -55.29 30.60
CA VAL K 234 66.17 -56.72 30.39
C VAL K 234 67.61 -57.20 30.50
N SER K 235 67.87 -58.12 31.44
CA SER K 235 69.24 -58.49 31.74
C SER K 235 69.93 -59.12 30.54
N GLU K 236 69.21 -59.94 29.79
CA GLU K 236 69.81 -60.68 28.68
C GLU K 236 68.69 -61.16 27.76
N ILE K 237 69.07 -61.53 26.54
CA ILE K 237 68.17 -62.22 25.63
C ILE K 237 68.94 -63.36 24.99
N GLN K 238 68.72 -64.57 25.47
CA GLN K 238 69.51 -65.72 25.02
C GLN K 238 69.13 -66.11 23.59
N GLN K 239 67.87 -66.46 23.38
CA GLN K 239 67.45 -66.96 22.08
C GLN K 239 67.52 -65.84 21.05
N THR K 240 68.01 -66.17 19.86
CA THR K 240 68.05 -65.23 18.75
C THR K 240 66.81 -65.43 17.88
N GLY K 241 66.64 -64.57 16.89
CA GLY K 241 65.50 -64.63 15.99
C GLY K 241 64.56 -63.46 16.19
N ALA K 242 63.46 -63.50 15.44
CA ALA K 242 62.49 -62.41 15.45
C ALA K 242 61.33 -62.77 16.39
N PHE K 243 60.93 -61.81 17.21
CA PHE K 243 59.82 -61.97 18.14
C PHE K 243 58.84 -60.84 17.92
N VAL K 244 57.57 -61.20 17.70
CA VAL K 244 56.53 -60.20 17.51
C VAL K 244 56.39 -59.38 18.79
N GLY K 245 55.90 -58.15 18.64
CA GLY K 245 55.60 -57.31 19.77
C GLY K 245 54.35 -56.52 19.50
N ARG K 246 53.45 -56.46 20.48
CA ARG K 246 52.19 -55.78 20.31
C ARG K 246 52.15 -54.48 21.14
N CYS K 247 51.13 -53.69 20.85
CA CYS K 247 50.74 -52.58 21.71
C CYS K 247 49.62 -53.09 22.62
N THR K 248 49.78 -52.92 23.91
CA THR K 248 48.96 -53.60 24.91
C THR K 248 48.14 -52.62 25.74
N GLU K 249 47.55 -51.64 25.08
CA GLU K 249 46.78 -50.60 25.74
C GLU K 249 45.68 -50.18 24.76
N MET K 250 45.08 -49.01 24.96
CA MET K 250 44.21 -48.41 23.97
C MET K 250 44.91 -47.18 23.42
N CYS K 251 45.01 -47.11 22.09
CA CYS K 251 45.75 -46.06 21.40
C CYS K 251 44.87 -45.16 20.57
N GLY K 252 43.78 -45.68 20.06
CA GLY K 252 42.96 -45.02 19.07
C GLY K 252 42.41 -46.05 18.12
N THR K 253 42.07 -45.61 16.90
CA THR K 253 41.44 -46.51 15.95
C THR K 253 42.39 -47.63 15.55
N PHE K 254 43.59 -47.29 15.10
CA PHE K 254 44.55 -48.28 14.63
C PHE K 254 45.43 -48.77 15.77
N HIS K 255 44.78 -49.20 16.84
CA HIS K 255 45.51 -49.75 17.98
C HIS K 255 46.03 -51.15 17.70
N ALA K 256 45.31 -51.94 16.90
CA ALA K 256 45.76 -53.26 16.52
C ALA K 256 46.80 -53.23 15.41
N MET K 257 47.11 -52.06 14.87
CA MET K 257 48.06 -51.93 13.77
C MET K 257 49.44 -51.50 14.24
N MET K 258 49.70 -51.49 15.54
CA MET K 258 50.97 -51.03 16.09
C MET K 258 51.98 -52.16 16.27
N ASN K 259 51.70 -53.34 15.73
CA ASN K 259 52.63 -54.46 15.92
C ASN K 259 54.01 -54.10 15.37
N PHE K 260 55.03 -54.47 16.13
CA PHE K 260 56.42 -54.28 15.75
C PHE K 260 57.14 -55.61 15.91
N GLU K 261 58.45 -55.61 15.67
CA GLU K 261 59.26 -56.79 15.90
C GLU K 261 60.50 -56.42 16.71
N VAL K 262 60.97 -57.37 17.50
CA VAL K 262 62.29 -57.29 18.11
C VAL K 262 63.10 -58.46 17.55
N ARG K 263 64.16 -58.14 16.82
CA ARG K 263 64.99 -59.15 16.16
C ARG K 263 66.30 -59.23 16.93
N VAL K 264 66.48 -60.32 17.67
CA VAL K 264 67.68 -60.51 18.47
C VAL K 264 68.71 -61.22 17.59
N VAL K 265 69.78 -60.50 17.25
CA VAL K 265 70.85 -61.02 16.43
C VAL K 265 72.10 -61.14 17.30
N GLU K 266 73.11 -61.80 16.75
CA GLU K 266 74.35 -61.99 17.49
C GLU K 266 75.06 -60.64 17.67
N PRO K 267 75.95 -60.53 18.66
CA PRO K 267 76.66 -59.26 18.85
C PRO K 267 77.42 -58.80 17.62
N ASN K 268 78.04 -59.71 16.88
CA ASN K 268 78.74 -59.31 15.65
C ASN K 268 77.74 -58.81 14.61
N ASP K 269 76.59 -59.46 14.51
CA ASP K 269 75.55 -58.99 13.60
C ASP K 269 75.09 -57.59 14.00
N PHE K 270 74.99 -57.33 15.29
CA PHE K 270 74.61 -56.00 15.76
C PHE K 270 75.70 -54.97 15.44
N LYS K 271 76.97 -55.35 15.60
CA LYS K 271 78.07 -54.49 15.17
C LYS K 271 77.90 -54.10 13.71
N ALA K 272 77.72 -55.09 12.85
CA ALA K 272 77.59 -54.82 11.42
C ALA K 272 76.37 -53.96 11.13
N TYR K 273 75.24 -54.27 11.77
CA TYR K 273 74.01 -53.53 11.56
C TYR K 273 74.18 -52.06 11.94
N ILE K 274 74.75 -51.80 13.11
CA ILE K 274 74.89 -50.43 13.57
C ILE K 274 75.89 -49.68 12.70
N ASP K 275 76.97 -50.34 12.27
CA ASP K 275 77.91 -49.69 11.38
C ASP K 275 77.24 -49.32 10.06
N GLN K 276 76.50 -50.26 9.48
CA GLN K 276 75.85 -50.03 8.20
C GLN K 276 74.67 -49.07 8.31
N ARG K 277 74.14 -48.87 9.51
CA ARG K 277 73.10 -47.85 9.70
C ARG K 277 73.72 -46.48 9.93
N ASN K 278 74.84 -46.40 10.64
CA ASN K 278 75.61 -45.16 10.68
C ASN K 278 75.95 -44.72 9.27
N ALA K 279 76.39 -45.65 8.44
CA ALA K 279 76.38 -45.43 7.00
C ALA K 279 74.94 -45.32 6.52
N GLY K 280 74.70 -44.40 5.60
CA GLY K 280 73.32 -44.13 5.18
C GLY K 280 72.65 -45.35 4.60
N LYS K 281 71.77 -45.97 5.39
CA LYS K 281 71.03 -47.15 4.97
C LYS K 281 69.79 -47.27 5.82
N THR K 282 68.73 -47.84 5.25
CA THR K 282 67.50 -48.06 6.01
C THR K 282 67.62 -49.32 6.84
N ASN K 283 66.61 -49.54 7.69
CA ASN K 283 66.62 -50.73 8.55
C ASN K 283 66.58 -52.01 7.71
N ALA K 284 65.73 -52.03 6.68
CA ALA K 284 65.66 -53.20 5.81
C ALA K 284 66.97 -53.41 5.08
N GLU K 285 67.59 -52.33 4.61
CA GLU K 285 68.88 -52.45 3.93
C GLU K 285 69.94 -53.01 4.86
N ALA K 286 69.97 -52.53 6.11
CA ALA K 286 70.95 -53.04 7.07
C ALA K 286 70.70 -54.50 7.37
N LEU K 287 69.43 -54.90 7.53
CA LEU K 287 69.13 -56.31 7.77
C LEU K 287 69.58 -57.17 6.60
N ALA K 288 69.30 -56.74 5.38
CA ALA K 288 69.74 -57.49 4.21
C ALA K 288 71.26 -57.58 4.16
N ALA K 289 71.95 -56.48 4.51
CA ALA K 289 73.40 -56.48 4.54
C ALA K 289 73.96 -57.46 5.56
N ILE K 290 73.36 -57.55 6.75
CA ILE K 290 73.77 -58.54 7.74
C ILE K 290 73.14 -59.90 7.46
N ASN K 291 72.46 -60.04 6.33
CA ASN K 291 71.93 -61.34 5.87
C ASN K 291 70.88 -61.86 6.86
N GLN K 292 69.82 -61.06 6.99
CA GLN K 292 68.67 -61.43 7.80
C GLN K 292 67.45 -60.81 7.15
N PRO K 293 66.30 -61.47 7.12
CA PRO K 293 65.17 -60.96 6.32
C PRO K 293 64.84 -59.53 6.70
N PRO K 294 64.63 -58.64 5.73
CA PRO K 294 64.46 -57.22 6.08
C PRO K 294 63.11 -56.91 6.69
N LEU K 295 62.06 -57.53 6.18
CA LEU K 295 60.71 -57.26 6.64
C LEU K 295 60.37 -58.14 7.84
N ALA K 296 59.52 -57.62 8.72
CA ALA K 296 59.10 -58.36 9.90
C ALA K 296 58.52 -59.71 9.49
N ILE K 297 59.20 -60.78 9.91
CA ILE K 297 58.79 -62.12 9.49
C ILE K 297 57.65 -62.65 10.36
N THR K 298 57.58 -62.25 11.62
CA THR K 298 56.53 -62.73 12.50
C THR K 298 55.20 -62.05 12.26
N THR K 299 55.17 -60.87 11.66
CA THR K 299 53.93 -60.16 11.40
C THR K 299 54.06 -59.34 10.12
N GLU K 300 53.14 -59.53 9.20
CA GLU K 300 53.08 -58.70 8.00
C GLU K 300 52.40 -57.38 8.32
N PRO K 301 52.67 -56.33 7.54
CA PRO K 301 51.90 -55.09 7.71
C PRO K 301 50.42 -55.34 7.46
N PHE K 302 49.59 -54.66 8.25
CA PHE K 302 48.15 -54.74 8.05
C PHE K 302 47.75 -54.02 6.77
N GLU K 303 46.77 -54.59 6.08
CA GLU K 303 46.22 -53.91 4.91
C GLU K 303 45.64 -52.57 5.32
N SER K 304 46.17 -51.50 4.74
CA SER K 304 45.69 -50.16 5.09
C SER K 304 44.22 -49.99 4.74
N ARG K 305 43.69 -50.84 3.86
CA ARG K 305 42.27 -50.84 3.55
C ARG K 305 41.46 -51.04 4.82
N ARG K 306 40.36 -50.31 4.94
CA ARG K 306 39.57 -50.33 6.17
C ARG K 306 38.88 -51.67 6.41
N GLY K 307 38.86 -52.56 5.43
CA GLY K 307 38.30 -53.88 5.65
C GLY K 307 38.17 -54.63 4.35
N GLU K 308 37.57 -55.81 4.45
CA GLU K 308 37.46 -56.71 3.29
C GLU K 308 36.42 -56.23 2.30
N LEU K 309 35.27 -55.76 2.79
CA LEU K 309 34.16 -55.40 1.91
C LEU K 309 34.28 -53.99 1.35
N VAL K 310 35.31 -53.24 1.72
CA VAL K 310 35.53 -51.92 1.11
C VAL K 310 35.87 -52.12 -0.36
N PRO K 311 35.35 -51.31 -1.29
CA PRO K 311 35.65 -51.52 -2.72
C PRO K 311 37.02 -50.98 -3.11
N GLN K 312 38.06 -51.52 -2.47
CA GLN K 312 39.43 -51.10 -2.74
C GLN K 312 39.57 -49.59 -2.71
N MET L 1 20.28 -46.48 67.44
CA MET L 1 21.08 -46.59 66.18
C MET L 1 22.53 -46.92 66.47
N HIS L 2 22.76 -47.72 67.51
CA HIS L 2 24.13 -48.04 67.91
C HIS L 2 24.86 -48.79 66.80
N ILE L 3 24.26 -49.84 66.26
CA ILE L 3 24.93 -50.62 65.23
C ILE L 3 25.08 -49.82 63.95
N GLU L 4 24.06 -49.03 63.61
CA GLU L 4 24.15 -48.20 62.41
C GLU L 4 25.30 -47.21 62.52
N ALA L 5 25.51 -46.64 63.70
CA ALA L 5 26.62 -45.71 63.89
C ALA L 5 27.95 -46.45 63.94
N ARG L 6 27.98 -47.64 64.56
CA ARG L 6 29.22 -48.35 64.74
C ARG L 6 29.74 -48.90 63.41
N LEU L 7 28.84 -49.23 62.49
CA LEU L 7 29.29 -49.64 61.15
C LEU L 7 30.12 -48.56 60.50
N PHE L 8 29.61 -47.32 60.51
CA PHE L 8 30.35 -46.22 59.93
C PHE L 8 31.58 -45.86 60.76
N GLU L 9 31.53 -46.07 62.06
CA GLU L 9 32.74 -45.85 62.87
C GLU L 9 33.84 -46.82 62.47
N ILE L 10 33.49 -48.09 62.25
CA ILE L 10 34.47 -49.08 61.81
C ILE L 10 35.01 -48.69 60.44
N LEU L 11 34.12 -48.29 59.52
CA LEU L 11 34.59 -47.86 58.21
C LEU L 11 35.52 -46.67 58.32
N THR L 12 35.20 -45.73 59.22
CA THR L 12 36.07 -44.58 59.41
C THR L 12 37.43 -44.99 59.93
N ALA L 13 37.47 -45.91 60.89
CA ALA L 13 38.75 -46.38 61.40
C ALA L 13 39.58 -46.99 60.27
N PHE L 14 38.96 -47.88 59.49
CA PHE L 14 39.71 -48.54 58.42
C PHE L 14 40.18 -47.55 57.37
N PHE L 15 39.32 -46.61 56.98
CA PHE L 15 39.70 -45.67 55.93
C PHE L 15 40.75 -44.68 56.41
N ALA L 16 40.68 -44.28 57.68
CA ALA L 16 41.73 -43.44 58.24
C ALA L 16 43.05 -44.18 58.26
N LEU L 17 43.04 -45.45 58.65
CA LEU L 17 44.27 -46.24 58.62
C LEU L 17 44.81 -46.34 57.21
N ALA L 18 43.93 -46.61 56.24
CA ALA L 18 44.37 -46.74 54.85
C ALA L 18 44.94 -45.43 54.33
N ALA L 19 44.29 -44.31 54.64
CA ALA L 19 44.80 -43.01 54.19
C ALA L 19 46.15 -42.71 54.81
N VAL L 20 46.30 -42.97 56.11
CA VAL L 20 47.56 -42.66 56.77
C VAL L 20 48.68 -43.52 56.19
N VAL L 21 48.44 -44.83 56.06
CA VAL L 21 49.49 -45.72 55.58
C VAL L 21 49.82 -45.41 54.13
N TYR L 22 48.81 -45.12 53.31
CA TYR L 22 49.08 -44.75 51.92
C TYR L 22 49.89 -43.47 51.84
N ALA L 23 49.52 -42.46 52.64
CA ALA L 23 50.26 -41.21 52.62
C ALA L 23 51.71 -41.41 53.03
N VAL L 24 51.94 -42.20 54.08
CA VAL L 24 53.31 -42.42 54.54
C VAL L 24 54.11 -43.19 53.50
N LEU L 25 53.58 -44.33 53.04
CA LEU L 25 54.28 -45.19 52.10
C LEU L 25 54.36 -44.59 50.71
N THR L 26 53.66 -43.50 50.43
CA THR L 26 53.81 -42.78 49.18
C THR L 26 54.72 -41.57 49.32
N ALA L 27 54.73 -40.92 50.48
CA ALA L 27 55.72 -39.89 50.74
C ALA L 27 57.12 -40.49 50.71
N MET L 28 57.29 -41.69 51.28
CA MET L 28 58.52 -42.43 51.16
C MET L 28 58.24 -43.77 50.50
N PHE L 29 59.17 -44.20 49.66
CA PHE L 29 59.11 -45.45 48.88
C PHE L 29 58.30 -45.31 47.60
N ALA L 30 57.93 -44.10 47.19
CA ALA L 30 57.29 -43.87 45.90
C ALA L 30 58.23 -43.11 44.97
N THR L 31 57.97 -43.22 43.67
CA THR L 31 58.84 -42.61 42.69
C THR L 31 58.84 -41.09 42.80
N GLY L 32 57.67 -40.49 43.04
CA GLY L 32 57.55 -39.05 43.06
C GLY L 32 56.88 -38.52 44.31
N GLY L 33 57.15 -39.14 45.46
CA GLY L 33 56.56 -38.67 46.69
C GLY L 33 55.07 -38.97 46.75
N VAL L 34 54.37 -38.23 47.62
CA VAL L 34 52.96 -38.47 47.84
C VAL L 34 52.22 -38.45 46.51
N GLU L 35 51.29 -39.38 46.35
CA GLU L 35 50.55 -39.48 45.08
C GLU L 35 49.60 -38.29 44.91
N TRP L 36 49.01 -37.81 46.01
CA TRP L 36 48.18 -36.62 46.08
C TRP L 36 46.81 -36.80 45.44
N ALA L 37 46.55 -37.93 44.77
CA ALA L 37 45.22 -38.25 44.29
C ALA L 37 44.59 -39.36 45.14
N GLY L 38 45.28 -40.49 45.24
CA GLY L 38 44.81 -41.53 46.14
C GLY L 38 44.79 -41.07 47.58
N THR L 39 45.80 -40.28 47.98
CA THR L 39 45.84 -39.77 49.35
C THR L 39 44.62 -38.92 49.66
N THR L 40 44.31 -37.96 48.77
CA THR L 40 43.17 -37.09 49.00
C THR L 40 41.87 -37.88 48.95
N ALA L 41 41.75 -38.82 48.01
CA ALA L 41 40.53 -39.60 47.92
C ALA L 41 40.31 -40.43 49.17
N LEU L 42 41.37 -41.06 49.69
CA LEU L 42 41.25 -41.84 50.91
C LEU L 42 40.93 -40.95 52.10
N VAL L 43 41.56 -39.79 52.19
CA VAL L 43 41.28 -38.88 53.30
C VAL L 43 39.82 -38.46 53.28
N LEU L 44 39.29 -38.13 52.11
CA LEU L 44 37.94 -37.60 52.07
C LEU L 44 36.88 -38.69 52.03
N THR L 45 37.21 -39.95 51.70
CA THR L 45 36.25 -41.02 51.98
C THR L 45 36.24 -41.36 53.46
N THR L 46 37.40 -41.26 54.12
CA THR L 46 37.40 -41.26 55.58
C THR L 46 36.50 -40.17 56.12
N GLY L 47 36.55 -38.98 55.49
CA GLY L 47 35.67 -37.90 55.90
C GLY L 47 34.20 -38.20 55.65
N LEU L 48 33.89 -38.78 54.49
CA LEU L 48 32.53 -39.24 54.19
C LEU L 48 32.00 -40.11 55.32
N THR L 49 32.66 -41.23 55.56
CA THR L 49 32.21 -42.16 56.57
C THR L 49 32.25 -41.54 57.96
N LEU L 50 33.19 -40.64 58.22
CA LEU L 50 33.26 -39.98 59.51
C LEU L 50 32.05 -39.08 59.75
N ILE L 51 31.67 -38.31 58.74
CA ILE L 51 30.49 -37.45 58.87
C ILE L 51 29.26 -38.31 59.12
N THR L 52 29.09 -39.36 58.30
CA THR L 52 27.90 -40.20 58.46
C THR L 52 27.87 -40.86 59.83
N GLY L 53 29.01 -41.40 60.27
CA GLY L 53 29.07 -42.08 61.55
C GLY L 53 28.89 -41.13 62.71
N THR L 54 29.44 -39.92 62.62
CA THR L 54 29.26 -38.94 63.67
C THR L 54 27.79 -38.54 63.80
N PHE L 55 27.13 -38.31 62.68
CA PHE L 55 25.70 -38.00 62.74
C PHE L 55 24.92 -39.16 63.31
N PHE L 56 25.24 -40.38 62.89
CA PHE L 56 24.53 -41.55 63.40
C PHE L 56 24.75 -41.71 64.90
N ARG L 57 25.96 -41.44 65.38
CA ARG L 57 26.24 -41.55 66.81
C ARG L 57 25.51 -40.47 67.58
N PHE L 58 25.49 -39.24 67.06
CA PHE L 58 24.71 -38.18 67.70
C PHE L 58 23.26 -38.60 67.82
N VAL L 59 22.69 -39.16 66.76
CA VAL L 59 21.29 -39.57 66.77
C VAL L 59 21.09 -40.74 67.74
N ALA L 60 22.05 -41.66 67.79
CA ALA L 60 21.93 -42.80 68.69
C ALA L 60 21.90 -42.34 70.14
N ARG L 61 22.74 -41.36 70.48
CA ARG L 61 22.71 -40.82 71.84
C ARG L 61 21.49 -39.95 72.10
N ARG L 62 20.96 -39.30 71.06
CA ARG L 62 19.79 -38.46 71.22
C ARG L 62 18.50 -39.26 71.34
N LEU L 63 18.42 -40.45 70.75
CA LEU L 63 17.20 -41.24 70.72
C LEU L 63 17.31 -42.42 71.67
N ASP L 64 16.22 -42.70 72.36
CA ASP L 64 16.13 -43.92 73.16
C ASP L 64 16.02 -45.13 72.24
N THR L 65 16.29 -46.31 72.80
CA THR L 65 16.28 -47.54 72.02
C THR L 65 14.95 -47.69 71.29
N ARG L 66 15.02 -47.66 69.96
CA ARG L 66 13.83 -47.85 69.15
C ARG L 66 13.41 -49.31 69.18
N PRO L 67 12.14 -49.61 68.86
CA PRO L 67 11.77 -51.02 68.72
C PRO L 67 12.64 -51.73 67.70
N GLU L 68 12.96 -51.06 66.59
CA GLU L 68 13.78 -51.68 65.56
C GLU L 68 15.13 -52.11 66.12
N ASP L 69 15.75 -51.26 66.93
CA ASP L 69 17.02 -51.60 67.57
C ASP L 69 16.85 -52.59 68.72
N TYR L 70 15.65 -52.71 69.28
CA TYR L 70 15.43 -53.50 70.48
C TYR L 70 15.09 -54.94 70.08
N GLU L 71 15.95 -55.88 70.49
CA GLU L 71 15.59 -57.28 70.40
C GLU L 71 14.42 -57.57 71.34
N ASP L 72 13.62 -58.56 70.99
CA ASP L 72 12.42 -58.89 71.76
C ASP L 72 11.39 -57.77 71.69
N ALA L 73 11.34 -57.07 70.56
CA ALA L 73 10.38 -56.00 70.35
C ALA L 73 9.18 -56.54 69.58
N GLU L 74 8.00 -56.40 70.16
CA GLU L 74 6.79 -56.87 69.51
C GLU L 74 6.39 -55.94 68.37
N ILE L 75 5.64 -56.49 67.42
CA ILE L 75 5.15 -55.68 66.31
C ILE L 75 4.28 -54.55 66.82
N SER L 76 3.45 -54.83 67.84
CA SER L 76 2.59 -53.79 68.40
C SER L 76 3.40 -52.65 68.96
N ASP L 77 4.62 -52.90 69.42
CA ASP L 77 5.44 -51.83 69.98
C ASP L 77 5.70 -50.74 68.94
N GLY L 78 6.08 -51.14 67.74
CA GLY L 78 6.29 -50.19 66.66
C GLY L 78 5.03 -49.81 65.92
N ALA L 79 3.94 -50.53 66.12
CA ALA L 79 2.69 -50.18 65.47
C ALA L 79 2.27 -48.77 65.86
N GLY L 80 1.89 -47.99 64.86
CA GLY L 80 1.53 -46.60 65.08
C GLY L 80 1.49 -45.84 63.77
N GLU L 81 1.66 -44.53 63.88
CA GLU L 81 1.61 -43.64 62.73
C GLU L 81 2.99 -43.53 62.11
N LEU L 82 3.22 -44.27 61.03
CA LEU L 82 4.33 -43.98 60.15
C LEU L 82 4.07 -42.67 59.44
N GLY L 83 5.13 -41.98 59.05
CA GLY L 83 4.97 -40.64 58.52
C GLY L 83 4.52 -40.65 57.07
N PHE L 84 4.66 -39.47 56.46
CA PHE L 84 4.20 -39.27 55.08
C PHE L 84 5.19 -39.86 54.11
N PHE L 85 4.75 -40.85 53.35
CA PHE L 85 5.50 -41.40 52.22
C PHE L 85 4.79 -40.97 50.95
N ALA L 86 5.52 -40.29 50.08
CA ALA L 86 4.91 -39.64 48.94
C ALA L 86 4.18 -40.67 48.07
N PRO L 87 2.87 -40.49 47.82
CA PRO L 87 2.20 -41.36 46.83
C PRO L 87 2.58 -41.00 45.42
N HIS L 88 1.87 -41.59 44.45
CA HIS L 88 2.12 -41.37 43.04
C HIS L 88 2.53 -39.93 42.74
N SER L 89 3.54 -39.77 41.89
CA SER L 89 3.98 -38.45 41.46
C SER L 89 4.69 -38.58 40.13
N TRP L 90 4.42 -37.64 39.21
CA TRP L 90 5.05 -37.63 37.90
C TRP L 90 6.12 -36.55 37.78
N TRP L 91 6.54 -35.96 38.88
CA TRP L 91 7.59 -34.95 38.87
C TRP L 91 8.98 -35.57 38.74
N PRO L 92 9.24 -36.76 39.28
CA PRO L 92 10.56 -37.36 39.09
C PRO L 92 10.96 -37.53 37.64
N ILE L 93 10.03 -37.96 36.78
CA ILE L 93 10.39 -38.15 35.38
C ILE L 93 10.68 -36.81 34.72
N LEU L 94 9.96 -35.76 35.10
CA LEU L 94 10.23 -34.43 34.55
C LEU L 94 11.59 -33.93 35.01
N ILE L 95 11.95 -34.18 36.28
CA ILE L 95 13.27 -33.78 36.75
C ILE L 95 14.35 -34.51 35.98
N SER L 96 14.15 -35.81 35.76
CA SER L 96 15.13 -36.58 35.01
C SER L 96 15.27 -36.06 33.58
N LEU L 97 14.13 -35.73 32.94
CA LEU L 97 14.18 -35.22 31.58
C LEU L 97 14.87 -33.86 31.53
N SER L 98 14.59 -32.99 32.49
CA SER L 98 15.25 -31.69 32.52
C SER L 98 16.75 -31.83 32.72
N PHE L 99 17.17 -32.71 33.63
CA PHE L 99 18.59 -32.92 33.84
C PHE L 99 19.23 -33.57 32.63
N SER L 100 18.50 -34.41 31.91
CA SER L 100 19.02 -34.98 30.68
C SER L 100 19.19 -33.91 29.61
N THR L 101 18.25 -32.96 29.53
CA THR L 101 18.41 -31.85 28.61
C THR L 101 19.66 -31.04 28.94
N ALA L 102 19.86 -30.73 30.23
CA ALA L 102 21.06 -30.01 30.63
C ALA L 102 22.31 -30.82 30.32
N ALA L 103 22.24 -32.14 30.49
CA ALA L 103 23.40 -32.99 30.25
C ALA L 103 23.76 -33.04 28.78
N VAL L 104 22.77 -33.18 27.90
CA VAL L 104 23.07 -33.18 26.47
C VAL L 104 23.55 -31.80 26.05
N GLY L 105 23.02 -30.74 26.65
CA GLY L 105 23.53 -29.41 26.37
C GLY L 105 24.97 -29.25 26.79
N ALA L 106 25.37 -29.89 27.88
CA ALA L 106 26.78 -29.86 28.29
C ALA L 106 27.63 -30.70 27.34
N ALA L 107 27.16 -31.89 26.98
CA ALA L 107 27.91 -32.76 26.08
C ALA L 107 28.14 -32.09 24.73
N LEU L 108 27.04 -31.84 24.01
CA LEU L 108 27.09 -31.00 22.81
C LEU L 108 27.10 -29.56 23.30
N TRP L 109 28.24 -28.87 23.15
CA TRP L 109 28.46 -27.64 23.89
C TRP L 109 27.49 -26.59 23.34
N LEU L 110 26.28 -26.62 23.86
CA LEU L 110 25.18 -25.73 23.47
C LEU L 110 24.79 -24.92 24.69
N PRO L 111 25.35 -23.72 24.88
CA PRO L 111 24.98 -22.95 26.09
C PRO L 111 23.49 -22.66 26.18
N TRP L 112 22.82 -22.43 25.05
CA TRP L 112 21.38 -22.21 25.09
C TRP L 112 20.65 -23.42 25.64
N LEU L 113 21.05 -24.62 25.20
CA LEU L 113 20.41 -25.83 25.70
C LEU L 113 20.76 -26.08 27.15
N ILE L 114 21.99 -25.73 27.57
CA ILE L 114 22.33 -25.84 28.99
C ILE L 114 21.44 -24.94 29.83
N ALA L 115 21.24 -23.70 29.37
CA ALA L 115 20.38 -22.77 30.10
C ALA L 115 18.95 -23.29 30.15
N ALA L 116 18.44 -23.78 29.03
CA ALA L 116 17.07 -24.33 29.01
C ALA L 116 16.95 -25.51 29.94
N GLY L 117 17.95 -26.40 29.94
CA GLY L 117 17.90 -27.56 30.82
C GLY L 117 17.96 -27.17 32.28
N VAL L 118 18.77 -26.17 32.61
CA VAL L 118 18.85 -25.73 34.01
C VAL L 118 17.54 -25.08 34.42
N ALA L 119 16.92 -24.29 33.53
CA ALA L 119 15.63 -23.70 33.85
C ALA L 119 14.58 -24.78 34.08
N PHE L 120 14.58 -25.81 33.21
CA PHE L 120 13.62 -26.89 33.38
C PHE L 120 13.91 -27.67 34.66
N VAL L 121 15.18 -27.84 35.02
CA VAL L 121 15.52 -28.53 36.26
C VAL L 121 15.00 -27.75 37.46
N ILE L 122 15.18 -26.43 37.44
CA ILE L 122 14.67 -25.59 38.52
C ILE L 122 13.15 -25.73 38.59
N THR L 123 12.49 -25.66 37.44
CA THR L 123 11.02 -25.75 37.41
C THR L 123 10.54 -27.08 37.97
N SER L 124 11.17 -28.18 37.54
CA SER L 124 10.70 -29.50 37.92
C SER L 124 11.05 -29.81 39.38
N VAL L 125 12.19 -29.34 39.87
CA VAL L 125 12.51 -29.50 41.28
C VAL L 125 11.55 -28.69 42.14
N CYS L 126 11.20 -27.48 41.69
CA CYS L 126 10.20 -26.70 42.40
C CYS L 126 8.87 -27.45 42.42
N GLY L 127 8.48 -28.03 41.29
CA GLY L 127 7.24 -28.80 41.26
C GLY L 127 7.27 -29.97 42.23
N LEU L 128 8.37 -30.73 42.22
CA LEU L 128 8.47 -31.87 43.12
C LEU L 128 8.40 -31.44 44.58
N VAL L 129 9.12 -30.39 44.94
CA VAL L 129 9.19 -29.97 46.33
C VAL L 129 7.86 -29.37 46.78
N PHE L 130 7.20 -28.60 45.91
CA PHE L 130 5.92 -27.98 46.25
C PHE L 130 4.75 -28.90 46.01
N GLU L 131 4.97 -30.12 45.53
CA GLU L 131 3.86 -30.99 45.15
C GLU L 131 2.84 -31.11 46.26
N TYR L 132 3.30 -31.34 47.49
CA TYR L 132 2.41 -31.57 48.62
C TYR L 132 2.31 -30.34 49.53
N TYR L 133 2.52 -29.14 48.99
CA TYR L 133 2.36 -27.91 49.73
C TYR L 133 1.60 -26.83 48.98
N TRP L 134 1.31 -27.02 47.70
CA TRP L 134 0.53 -26.07 46.93
C TRP L 134 -0.89 -26.04 47.45
N GLY L 135 -1.21 -25.05 48.29
CA GLY L 135 -2.52 -24.95 48.88
C GLY L 135 -3.61 -24.91 47.82
N PRO L 136 -4.87 -25.08 48.25
CA PRO L 136 -5.96 -25.05 47.28
C PRO L 136 -6.02 -23.72 46.55
N GLU L 137 -6.37 -23.78 45.27
CA GLU L 137 -6.44 -22.56 44.47
C GLU L 137 -7.47 -21.61 45.06
N LYS L 138 -7.08 -20.35 45.21
CA LYS L 138 -7.90 -19.37 45.92
C LYS L 138 -8.82 -18.58 45.01
N HIS L 139 -8.79 -18.80 43.70
CA HIS L 139 -9.59 -18.03 42.77
C HIS L 139 -9.33 -16.54 42.94
N MET M 1 40.49 -69.21 8.64
CA MET M 1 40.54 -70.60 8.09
C MET M 1 39.16 -71.03 7.60
N SER M 2 39.05 -71.29 6.30
CA SER M 2 37.80 -71.77 5.71
C SER M 2 36.62 -70.91 6.15
N THR M 3 36.68 -69.65 5.70
CA THR M 3 35.66 -68.65 6.07
C THR M 3 34.26 -69.26 6.12
N ALA M 4 33.90 -70.02 5.08
CA ALA M 4 32.59 -70.66 5.08
C ALA M 4 32.45 -71.65 6.21
N LEU M 5 33.51 -72.43 6.49
CA LEU M 5 33.45 -73.39 7.59
C LEU M 5 33.24 -72.69 8.91
N THR M 6 33.97 -71.60 9.15
CA THR M 6 33.83 -70.88 10.41
C THR M 6 32.45 -70.27 10.55
N HIS M 7 31.93 -69.67 9.48
CA HIS M 7 30.59 -69.10 9.53
C HIS M 7 29.55 -70.18 9.81
N GLY M 8 29.64 -71.30 9.10
CA GLY M 8 28.71 -72.39 9.34
C GLY M 8 28.81 -72.93 10.75
N LEU M 9 30.03 -73.03 11.29
CA LEU M 9 30.21 -73.51 12.65
C LEU M 9 29.54 -72.58 13.65
N ILE M 10 29.86 -71.28 13.57
CA ILE M 10 29.30 -70.34 14.55
C ILE M 10 27.79 -70.24 14.41
N GLY M 11 27.26 -70.49 13.21
CA GLY M 11 25.83 -70.42 13.01
C GLY M 11 25.09 -71.70 13.34
N GLY M 12 25.79 -72.83 13.33
CA GLY M 12 25.14 -74.12 13.49
C GLY M 12 25.34 -74.75 14.85
N VAL M 13 26.55 -74.70 15.39
CA VAL M 13 26.79 -75.33 16.70
C VAL M 13 25.83 -74.78 17.75
N PRO M 14 25.60 -73.46 17.85
CA PRO M 14 24.55 -73.00 18.77
C PRO M 14 23.21 -73.61 18.48
N LEU M 15 22.83 -73.72 17.21
CA LEU M 15 21.54 -74.31 16.85
C LEU M 15 21.48 -75.79 17.23
N VAL M 16 22.54 -76.54 16.95
CA VAL M 16 22.56 -77.96 17.27
C VAL M 16 22.46 -78.16 18.78
N LEU M 17 23.24 -77.37 19.54
CA LEU M 17 23.19 -77.48 21.00
C LEU M 17 21.82 -77.10 21.53
N PHE M 18 21.22 -76.04 20.97
CA PHE M 18 19.88 -75.65 21.40
C PHE M 18 18.88 -76.76 21.13
N ALA M 19 18.95 -77.38 19.95
CA ALA M 19 18.04 -78.47 19.64
C ALA M 19 18.22 -79.63 20.61
N VAL M 20 19.47 -80.00 20.90
CA VAL M 20 19.74 -81.12 21.79
C VAL M 20 19.19 -80.82 23.19
N LEU M 21 19.49 -79.62 23.70
CA LEU M 21 19.05 -79.27 25.06
C LEU M 21 17.54 -79.14 25.14
N ALA M 22 16.89 -78.63 24.09
CA ALA M 22 15.44 -78.59 24.07
C ALA M 22 14.85 -79.99 24.07
N LEU M 23 15.43 -80.90 23.28
CA LEU M 23 14.96 -82.28 23.31
C LEU M 23 15.12 -82.89 24.69
N ILE M 24 16.21 -82.55 25.38
CA ILE M 24 16.44 -83.10 26.72
C ILE M 24 15.42 -82.55 27.72
N PHE M 25 15.21 -81.22 27.70
CA PHE M 25 14.50 -80.56 28.79
C PHE M 25 13.04 -80.26 28.47
N LEU M 26 12.75 -79.62 27.34
CA LEU M 26 11.37 -79.30 27.00
C LEU M 26 10.51 -80.55 26.81
N THR M 27 11.12 -81.72 26.62
CA THR M 27 10.39 -82.96 26.45
C THR M 27 10.25 -83.74 27.77
N ARG M 28 10.25 -83.04 28.89
CA ARG M 28 10.08 -83.65 30.20
C ARG M 28 8.70 -83.30 30.75
N LYS M 29 8.09 -84.25 31.45
CA LYS M 29 6.78 -84.01 32.04
C LYS M 29 6.85 -82.81 32.98
N GLY M 30 5.93 -81.88 32.80
CA GLY M 30 5.91 -80.69 33.62
C GLY M 30 5.20 -80.93 34.93
N PRO M 31 5.24 -79.92 35.81
CA PRO M 31 4.55 -80.03 37.10
C PRO M 31 3.05 -79.82 37.01
N HIS M 32 2.53 -79.40 35.86
CA HIS M 32 1.10 -79.18 35.72
C HIS M 32 0.38 -80.52 35.76
N PRO M 33 -0.66 -80.68 36.59
CA PRO M 33 -1.38 -81.96 36.62
C PRO M 33 -1.96 -82.30 35.26
N ASP M 34 -1.97 -83.59 34.94
CA ASP M 34 -2.54 -84.05 33.69
C ASP M 34 -4.03 -83.79 33.66
N THR M 35 -4.56 -83.61 32.45
CA THR M 35 -5.98 -83.32 32.30
C THR M 35 -6.82 -84.42 32.90
N TYR M 36 -7.91 -84.04 33.56
CA TYR M 36 -8.81 -85.00 34.20
C TYR M 36 -9.64 -85.71 33.13
N LYS M 37 -9.59 -87.04 33.14
CA LYS M 37 -10.41 -87.83 32.24
C LYS M 37 -11.80 -88.05 32.84
N MET M 38 -12.80 -88.07 31.97
CA MET M 38 -14.17 -88.28 32.43
C MET M 38 -14.34 -89.65 33.05
N SER M 39 -13.70 -90.68 32.47
CA SER M 39 -13.82 -92.03 33.00
C SER M 39 -13.28 -92.12 34.43
N ASP M 40 -12.15 -91.47 34.69
CA ASP M 40 -11.52 -91.56 36.00
C ASP M 40 -12.41 -90.88 37.05
N PRO M 41 -12.39 -91.37 38.29
CA PRO M 41 -13.15 -90.68 39.35
C PRO M 41 -12.61 -89.28 39.59
N TRP M 42 -13.50 -88.40 40.05
CA TRP M 42 -13.14 -87.03 40.41
C TRP M 42 -12.48 -87.05 41.78
N THR M 43 -11.14 -86.94 41.80
CA THR M 43 -10.40 -87.01 43.05
C THR M 43 -10.12 -85.64 43.65
N HIS M 44 -10.00 -84.61 42.82
CA HIS M 44 -9.66 -83.29 43.32
C HIS M 44 -10.79 -82.73 44.16
N ALA M 45 -10.43 -81.84 45.09
CA ALA M 45 -11.40 -81.24 45.99
C ALA M 45 -12.38 -80.36 45.21
N PRO M 46 -13.53 -80.04 45.79
CA PRO M 46 -14.52 -79.26 45.05
C PRO M 46 -13.93 -77.94 44.57
N ILE M 47 -14.31 -77.56 43.35
CA ILE M 47 -13.77 -76.38 42.68
C ILE M 47 -14.94 -75.49 42.33
N LEU M 48 -15.10 -74.39 43.07
CA LEU M 48 -16.08 -73.37 42.74
C LEU M 48 -15.38 -72.20 42.07
N TRP M 49 -15.85 -71.84 40.89
CA TRP M 49 -15.29 -70.75 40.11
C TRP M 49 -16.31 -69.65 39.95
N ALA M 50 -15.84 -68.40 40.03
CA ALA M 50 -16.71 -67.24 39.92
C ALA M 50 -16.07 -66.21 38.99
N ALA M 51 -16.91 -65.39 38.38
CA ALA M 51 -16.45 -64.52 37.31
C ALA M 51 -15.70 -63.30 37.84
N GLU M 52 -16.10 -62.76 38.99
CA GLU M 52 -15.65 -61.45 39.44
C GLU M 52 -16.01 -60.39 38.41
N GLU M 53 -17.10 -60.62 37.68
CA GLU M 53 -17.45 -59.85 36.51
C GLU M 53 -18.03 -58.48 36.87
N PRO M 54 -19.09 -58.41 37.69
CA PRO M 54 -19.75 -57.12 37.92
C PRO M 54 -19.14 -56.33 39.06
N ARG M 55 -19.64 -55.10 39.26
CA ARG M 55 -19.23 -54.28 40.40
C ARG M 55 -19.99 -54.74 41.64
N GLU M 56 -19.28 -54.83 42.76
CA GLU M 56 -19.84 -55.32 44.01
C GLU M 56 -19.81 -54.18 45.03
N HIS M 57 -20.84 -53.32 44.97
CA HIS M 57 -21.02 -52.25 45.94
C HIS M 57 -19.68 -51.60 46.29
N GLY M 58 -19.14 -51.90 47.47
CA GLY M 58 -17.80 -51.46 47.85
C GLY M 58 -16.94 -52.66 48.17
N HIS M 59 -15.62 -52.49 47.95
CA HIS M 59 -14.70 -53.59 48.19
C HIS M 59 -14.70 -54.02 49.65
N GLY M 60 -15.06 -53.13 50.57
CA GLY M 60 -15.08 -53.45 51.98
C GLY M 60 -16.01 -54.61 52.29
N GLY M 61 -15.51 -55.61 53.03
CA GLY M 61 -16.33 -56.75 53.36
C GLY M 61 -17.48 -56.41 54.29
N HIS M 62 -17.21 -55.60 55.31
CA HIS M 62 -18.25 -55.24 56.26
C HIS M 62 -19.34 -54.42 55.58
N GLY M 63 -20.58 -54.61 56.02
CA GLY M 63 -21.72 -53.99 55.40
C GLY M 63 -22.40 -54.82 54.34
N HIS M 64 -21.72 -55.84 53.81
CA HIS M 64 -22.34 -56.72 52.82
C HIS M 64 -23.50 -57.49 53.42
N ASP M 65 -23.33 -57.96 54.66
CA ASP M 65 -24.37 -58.75 55.34
C ASP M 65 -24.73 -59.97 54.52
N SER M 66 -25.76 -60.69 54.94
CA SER M 66 -26.25 -61.88 54.25
C SER M 66 -27.74 -61.68 53.98
N HIS M 67 -28.05 -61.05 52.85
CA HIS M 67 -29.46 -60.82 52.50
C HIS M 67 -30.20 -62.13 52.35
N GLY M 68 -29.59 -63.11 51.69
CA GLY M 68 -30.19 -64.41 51.52
C GLY M 68 -29.71 -65.07 50.25
N VAL M 69 -30.00 -66.37 50.13
CA VAL M 69 -29.64 -67.10 48.92
C VAL M 69 -30.47 -66.63 47.75
N VAL M 70 -31.74 -66.31 47.99
CA VAL M 70 -32.68 -65.83 46.98
C VAL M 70 -32.52 -66.63 45.69
N ILE M 71 -32.91 -67.90 45.72
CA ILE M 71 -32.83 -68.74 44.53
C ILE M 71 -33.76 -68.18 43.45
N GLY M 72 -33.41 -68.46 42.19
CA GLY M 72 -34.14 -67.93 41.06
C GLY M 72 -34.32 -68.92 39.93
N GLY M 73 -34.43 -70.19 40.26
CA GLY M 73 -34.72 -71.21 39.26
C GLY M 73 -33.89 -72.45 39.50
N GLY M 74 -33.76 -73.25 38.45
CA GLY M 74 -33.05 -74.51 38.55
C GLY M 74 -32.90 -75.14 37.17
N ALA M 75 -32.20 -76.27 37.15
CA ALA M 75 -32.07 -77.08 35.95
C ALA M 75 -31.44 -78.40 36.36
N SER M 76 -31.40 -79.34 35.42
CA SER M 76 -30.83 -80.65 35.69
C SER M 76 -30.43 -81.31 34.38
N GLY M 77 -29.53 -82.27 34.49
CA GLY M 77 -29.08 -83.02 33.32
C GLY M 77 -28.23 -84.20 33.75
N LYS M 78 -28.10 -85.17 32.86
CA LYS M 78 -27.40 -86.41 33.15
C LYS M 78 -26.51 -86.80 31.97
N TRP M 79 -25.78 -85.83 31.44
CA TRP M 79 -24.88 -86.08 30.30
C TRP M 79 -25.66 -86.65 29.13
N GLU N 1 -9.65 -77.26 64.38
CA GLU N 1 -8.95 -76.42 63.42
C GLU N 1 -7.55 -76.98 63.15
N LEU N 2 -7.15 -76.97 61.88
CA LEU N 2 -5.83 -77.44 61.49
C LEU N 2 -5.47 -76.80 60.15
N ASP N 3 -4.27 -76.25 60.07
CA ASP N 3 -3.80 -75.62 58.84
C ASP N 3 -3.40 -76.71 57.85
N LEU N 4 -2.77 -76.32 56.74
CA LEU N 4 -2.39 -77.30 55.74
C LEU N 4 -1.39 -78.28 56.35
N PRO N 5 -1.26 -79.49 55.79
CA PRO N 5 -0.46 -80.52 56.45
C PRO N 5 0.94 -80.07 56.85
N TYR N 6 1.52 -79.11 56.12
CA TYR N 6 2.88 -78.69 56.42
C TYR N 6 3.11 -77.27 55.92
N GLY N 7 3.75 -76.46 56.76
CA GLY N 7 4.30 -75.19 56.33
C GLY N 7 3.34 -74.03 56.28
N SER N 8 2.05 -74.24 56.55
CA SER N 8 1.06 -73.17 56.54
C SER N 8 0.71 -72.81 57.97
N ALA N 9 0.78 -71.52 58.28
CA ALA N 9 0.57 -71.02 59.63
C ALA N 9 -0.41 -69.86 59.63
N LEU N 10 -1.30 -69.84 60.62
CA LEU N 10 -2.14 -68.69 60.84
C LEU N 10 -1.29 -67.51 61.31
N THR N 11 -1.54 -66.35 60.73
CA THR N 11 -0.72 -65.17 60.97
C THR N 11 -1.38 -64.27 62.01
N SER N 12 -0.73 -63.14 62.30
CA SER N 12 -1.27 -62.22 63.30
C SER N 12 -2.70 -61.82 62.95
N SER N 13 -3.00 -61.62 61.68
CA SER N 13 -4.33 -61.35 61.21
C SER N 13 -4.96 -62.66 60.72
N GLY N 14 -6.12 -62.56 60.08
CA GLY N 14 -6.82 -63.75 59.63
C GLY N 14 -6.07 -64.53 58.57
N ARG N 15 -5.34 -63.84 57.71
CA ARG N 15 -4.72 -64.50 56.55
C ARG N 15 -3.83 -65.64 57.00
N ILE N 16 -3.89 -66.75 56.26
CA ILE N 16 -3.06 -67.92 56.51
C ILE N 16 -1.88 -67.86 55.55
N SER N 17 -0.67 -67.80 56.11
CA SER N 17 0.55 -67.77 55.29
C SER N 17 0.90 -69.22 54.99
N ALA N 18 0.73 -69.60 53.73
CA ALA N 18 0.94 -70.98 53.29
C ALA N 18 2.20 -71.07 52.43
N VAL N 19 2.71 -72.30 52.32
CA VAL N 19 3.90 -72.57 51.52
C VAL N 19 3.67 -73.83 50.70
N THR N 20 4.44 -73.94 49.63
CA THR N 20 4.44 -75.14 48.79
C THR N 20 5.89 -75.53 48.53
N GLU N 21 6.14 -76.83 48.40
CA GLU N 21 7.49 -77.29 48.18
C GLU N 21 8.02 -76.74 46.86
N PRO N 22 9.33 -76.51 46.75
CA PRO N 22 9.83 -75.74 45.59
C PRO N 22 9.43 -76.29 44.23
N GLY N 23 9.42 -77.60 44.07
CA GLY N 23 9.17 -78.19 42.76
C GLY N 23 7.72 -78.22 42.33
N GLU N 24 6.78 -78.10 43.27
CA GLU N 24 5.37 -78.33 42.98
C GLU N 24 4.62 -76.99 42.92
N LEU N 25 3.36 -77.08 42.52
CA LEU N 25 2.51 -75.93 42.28
C LEU N 25 1.55 -75.72 43.44
N SER N 26 0.60 -74.81 43.26
CA SER N 26 -0.39 -74.48 44.28
C SER N 26 -1.82 -74.74 43.84
N VAL N 27 -2.17 -74.41 42.60
CA VAL N 27 -3.54 -74.57 42.14
C VAL N 27 -3.91 -76.04 42.02
N HIS N 28 -3.03 -76.84 41.40
CA HIS N 28 -3.24 -78.27 41.24
C HIS N 28 -4.49 -78.60 40.45
N TYR N 29 -5.02 -77.66 39.69
CA TYR N 29 -6.21 -77.94 38.88
C TYR N 29 -5.86 -78.97 37.81
N PRO N 30 -6.71 -80.00 37.59
CA PRO N 30 -6.42 -81.02 36.57
C PRO N 30 -6.88 -80.65 35.18
N PHE N 31 -6.50 -79.45 34.72
CA PHE N 31 -6.87 -78.97 33.40
C PHE N 31 -5.69 -78.21 32.80
N PRO N 32 -5.56 -78.21 31.47
CA PRO N 32 -4.51 -77.40 30.85
C PRO N 32 -4.64 -75.92 31.18
N THR N 33 -3.50 -75.25 31.28
CA THR N 33 -3.52 -73.82 31.56
C THR N 33 -4.29 -73.07 30.49
N MET N 34 -4.15 -73.48 29.23
CA MET N 34 -4.85 -72.78 28.15
C MET N 34 -6.35 -72.95 28.26
N ASP N 35 -6.83 -74.16 28.58
CA ASP N 35 -8.27 -74.35 28.68
C ASP N 35 -8.83 -73.64 29.90
N LEU N 36 -8.07 -73.61 31.00
CA LEU N 36 -8.47 -72.81 32.15
C LEU N 36 -8.56 -71.35 31.78
N VAL N 37 -7.60 -70.86 30.99
CA VAL N 37 -7.63 -69.47 30.53
C VAL N 37 -8.86 -69.22 29.68
N VAL N 38 -9.21 -70.18 28.81
CA VAL N 38 -10.38 -70.00 27.94
C VAL N 38 -11.66 -69.94 28.78
N LEU N 39 -11.77 -70.82 29.77
CA LEU N 39 -12.95 -70.80 30.64
C LEU N 39 -13.01 -69.50 31.44
N ASP N 40 -11.86 -69.01 31.91
CA ASP N 40 -11.84 -67.75 32.62
C ASP N 40 -12.24 -66.59 31.70
N ASP N 41 -11.75 -66.61 30.46
CA ASP N 41 -12.17 -65.61 29.48
C ASP N 41 -13.67 -65.62 29.31
N ALA N 42 -14.25 -66.81 29.16
CA ALA N 42 -15.70 -66.92 29.08
C ALA N 42 -16.35 -66.27 30.30
N LEU N 43 -16.13 -66.85 31.47
CA LEU N 43 -16.76 -66.36 32.70
C LEU N 43 -16.56 -64.86 32.89
N LYS N 44 -15.45 -64.32 32.41
CA LYS N 44 -15.12 -62.92 32.68
C LYS N 44 -15.83 -61.97 31.72
N TYR N 45 -15.55 -62.08 30.41
CA TYR N 45 -16.11 -61.11 29.47
C TYR N 45 -17.17 -61.68 28.54
N GLY N 46 -17.21 -63.00 28.33
CA GLY N 46 -18.33 -63.53 27.60
C GLY N 46 -19.61 -63.49 28.41
N SER N 47 -19.49 -63.27 29.72
CA SER N 47 -20.63 -63.07 30.60
C SER N 47 -20.87 -61.61 30.95
N ARG N 48 -19.95 -60.70 30.64
CA ARG N 48 -20.16 -59.29 30.94
C ARG N 48 -21.48 -58.80 30.35
N ALA N 49 -21.87 -59.31 29.19
CA ALA N 49 -23.15 -58.93 28.61
C ALA N 49 -24.30 -59.31 29.54
N ALA N 50 -24.23 -60.49 30.15
CA ALA N 50 -25.29 -60.94 31.05
C ALA N 50 -25.39 -60.05 32.28
N LYS N 51 -24.29 -59.45 32.71
CA LYS N 51 -24.27 -58.66 33.94
C LYS N 51 -24.82 -59.46 35.11
N ALA N 52 -24.44 -60.73 35.16
CA ALA N 52 -24.82 -61.62 36.25
C ALA N 52 -23.66 -62.56 36.49
N ARG N 53 -23.23 -62.67 37.75
CA ARG N 53 -22.03 -63.44 38.05
C ARG N 53 -22.21 -64.89 37.65
N PHE N 54 -21.47 -65.33 36.64
CA PHE N 54 -21.51 -66.70 36.19
C PHE N 54 -20.46 -67.52 36.93
N ALA N 55 -20.86 -68.66 37.49
CA ALA N 55 -20.01 -69.47 38.32
C ALA N 55 -20.09 -70.92 37.87
N VAL N 56 -18.98 -71.63 38.04
CA VAL N 56 -18.86 -73.03 37.64
C VAL N 56 -18.37 -73.82 38.86
N TYR N 57 -18.98 -74.97 39.10
CA TYR N 57 -18.66 -75.81 40.26
C TYR N 57 -18.44 -77.24 39.77
N ILE N 58 -17.18 -77.63 39.61
CA ILE N 58 -16.89 -78.98 39.13
C ILE N 58 -16.95 -80.01 40.25
N GLY N 59 -16.91 -79.58 41.51
CA GLY N 59 -16.89 -80.51 42.62
C GLY N 59 -18.09 -81.45 42.61
N PRO N 60 -18.05 -82.47 43.48
CA PRO N 60 -19.18 -83.39 43.56
C PRO N 60 -20.29 -82.85 44.44
N LEU N 61 -21.50 -82.81 43.87
CA LEU N 61 -22.68 -82.29 44.56
C LEU N 61 -23.61 -83.49 44.76
N GLY N 62 -23.50 -84.13 45.93
CA GLY N 62 -24.17 -85.38 46.19
C GLY N 62 -25.50 -85.20 46.88
N ALA N 63 -26.07 -86.34 47.28
CA ALA N 63 -27.38 -86.37 47.96
C ALA N 63 -28.38 -85.69 47.05
N ASP N 64 -29.24 -84.81 47.56
CA ASP N 64 -30.17 -84.06 46.72
C ASP N 64 -29.39 -83.05 45.90
N THR N 65 -29.19 -83.38 44.61
CA THR N 65 -28.35 -82.56 43.75
C THR N 65 -28.88 -81.13 43.67
N ALA N 66 -30.19 -80.98 43.57
CA ALA N 66 -30.77 -79.64 43.48
C ALA N 66 -30.41 -78.80 44.70
N ALA N 67 -30.59 -79.35 45.90
CA ALA N 67 -30.37 -78.55 47.10
C ALA N 67 -28.89 -78.24 47.31
N THR N 68 -28.02 -79.22 47.04
CA THR N 68 -26.59 -78.92 47.13
C THR N 68 -26.22 -77.84 46.13
N ALA N 69 -26.84 -77.85 44.95
CA ALA N 69 -26.63 -76.77 44.00
C ALA N 69 -27.09 -75.44 44.58
N ARG N 70 -28.25 -75.44 45.27
CA ARG N 70 -28.75 -74.21 45.86
C ARG N 70 -27.75 -73.62 46.84
N GLU N 71 -27.22 -74.45 47.74
CA GLU N 71 -26.32 -73.88 48.75
C GLU N 71 -24.93 -73.58 48.21
N ILE N 72 -24.42 -74.31 47.23
CA ILE N 72 -23.16 -73.89 46.63
C ILE N 72 -23.36 -72.58 45.87
N LEU N 73 -24.54 -72.35 45.29
CA LEU N 73 -24.84 -71.03 44.75
C LEU N 73 -24.85 -69.98 45.85
N ALA N 74 -25.47 -70.31 46.99
CA ALA N 74 -25.44 -69.39 48.12
C ALA N 74 -24.02 -69.00 48.47
N ASN N 75 -23.09 -69.93 48.34
CA ASN N 75 -21.68 -69.65 48.62
C ASN N 75 -21.05 -68.72 47.58
N VAL N 76 -21.71 -68.47 46.46
CA VAL N 76 -21.17 -67.53 45.46
C VAL N 76 -21.16 -66.14 46.05
N PRO N 77 -20.21 -65.26 45.69
CA PRO N 77 -20.12 -63.96 46.40
C PRO N 77 -21.40 -63.14 46.35
N THR N 78 -22.10 -63.11 45.21
CA THR N 78 -23.31 -62.31 45.05
C THR N 78 -24.39 -63.21 44.44
N PRO N 79 -25.00 -64.08 45.25
CA PRO N 79 -26.03 -64.97 44.71
C PRO N 79 -27.25 -64.24 44.18
N GLU N 80 -27.43 -62.97 44.54
CA GLU N 80 -28.61 -62.23 44.11
C GLU N 80 -28.76 -62.27 42.59
N ASN N 81 -27.70 -61.90 41.86
CA ASN N 81 -27.67 -62.02 40.41
C ASN N 81 -26.48 -62.91 40.05
N ALA N 82 -26.72 -64.22 40.10
CA ALA N 82 -25.69 -65.20 39.83
C ALA N 82 -26.30 -66.40 39.15
N VAL N 83 -25.49 -67.09 38.35
CA VAL N 83 -25.89 -68.28 37.63
C VAL N 83 -24.79 -69.32 37.85
N LEU N 84 -25.08 -70.33 38.64
CA LEU N 84 -24.11 -71.36 38.98
C LEU N 84 -24.42 -72.64 38.21
N LEU N 85 -23.45 -73.10 37.43
CA LEU N 85 -23.51 -74.37 36.73
C LEU N 85 -22.61 -75.35 37.46
N ALA N 86 -23.20 -76.40 38.02
CA ALA N 86 -22.46 -77.40 38.78
C ALA N 86 -22.47 -78.73 38.03
N VAL N 87 -21.29 -79.32 37.88
CA VAL N 87 -21.13 -80.60 37.21
C VAL N 87 -20.43 -81.55 38.18
N SER N 88 -21.04 -82.71 38.39
CA SER N 88 -20.42 -83.79 39.17
C SER N 88 -20.23 -84.99 38.26
N PRO N 89 -19.01 -85.23 37.76
CA PRO N 89 -18.79 -86.45 36.96
C PRO N 89 -18.80 -87.72 37.78
N ASP N 90 -18.56 -87.63 39.09
CA ASP N 90 -18.73 -88.80 39.94
C ASP N 90 -20.18 -89.27 39.94
N GLN N 91 -21.11 -88.36 39.62
CA GLN N 91 -22.52 -88.69 39.50
C GLN N 91 -23.06 -88.43 38.11
N ARG N 92 -22.24 -87.94 37.19
CA ARG N 92 -22.69 -87.65 35.83
C ARG N 92 -23.92 -86.74 35.84
N ALA N 93 -23.86 -85.69 36.67
CA ALA N 93 -25.00 -84.82 36.89
C ALA N 93 -24.64 -83.37 36.62
N ILE N 94 -25.60 -82.64 36.04
CA ILE N 94 -25.51 -81.19 35.86
C ILE N 94 -26.67 -80.56 36.62
N GLU N 95 -26.39 -79.43 37.27
CA GLU N 95 -27.42 -78.67 37.96
C GLU N 95 -27.12 -77.19 37.81
N VAL N 96 -28.06 -76.43 37.27
CA VAL N 96 -27.92 -74.99 37.12
C VAL N 96 -28.87 -74.31 38.09
N VAL N 97 -28.39 -73.27 38.75
CA VAL N 97 -29.17 -72.51 39.71
C VAL N 97 -28.98 -71.03 39.42
N TYR N 98 -29.98 -70.23 39.79
CA TYR N 98 -30.03 -68.83 39.43
C TYR N 98 -30.44 -68.02 40.65
N GLY N 99 -30.05 -66.74 40.67
CA GLY N 99 -30.45 -65.82 41.71
C GLY N 99 -31.78 -65.18 41.37
N ALA N 100 -32.38 -64.56 42.39
CA ALA N 100 -33.68 -63.92 42.21
C ALA N 100 -33.58 -62.77 41.21
N ASP N 101 -32.50 -61.99 41.26
CA ASP N 101 -32.34 -60.91 40.30
C ASP N 101 -32.21 -61.43 38.88
N VAL N 102 -31.71 -62.66 38.73
CA VAL N 102 -31.60 -63.28 37.39
C VAL N 102 -32.92 -64.02 37.16
N LYS N 103 -33.91 -63.28 36.70
CA LYS N 103 -35.22 -63.82 36.39
C LYS N 103 -35.81 -63.07 35.21
N GLY N 104 -36.42 -63.81 34.29
CA GLY N 104 -37.07 -63.19 33.15
C GLY N 104 -36.12 -62.53 32.18
N ARG N 105 -34.81 -62.73 32.34
CA ARG N 105 -33.81 -62.18 31.44
C ARG N 105 -33.41 -63.17 30.35
N GLY N 106 -34.26 -64.15 30.06
CA GLY N 106 -33.91 -65.23 29.17
C GLY N 106 -33.13 -66.35 29.83
N ILE N 107 -32.85 -66.23 31.13
CA ILE N 107 -32.07 -67.25 31.81
C ILE N 107 -32.81 -68.59 31.82
N GLU N 108 -34.10 -68.56 32.16
CA GLU N 108 -34.87 -69.80 32.27
C GLU N 108 -34.93 -70.51 30.92
N SER N 109 -35.14 -69.76 29.84
CA SER N 109 -35.11 -70.35 28.51
C SER N 109 -33.73 -70.92 28.19
N ALA N 110 -32.67 -70.21 28.60
CA ALA N 110 -31.31 -70.64 28.31
C ALA N 110 -30.88 -71.83 29.16
N ALA N 111 -31.57 -72.09 30.26
CA ALA N 111 -31.21 -73.18 31.17
C ALA N 111 -31.13 -74.51 30.44
N PRO N 112 -32.20 -74.96 29.78
CA PRO N 112 -32.09 -76.23 29.03
C PRO N 112 -31.03 -76.18 27.95
N LEU N 113 -30.86 -75.04 27.28
CA LEU N 113 -29.85 -74.94 26.24
C LEU N 113 -28.45 -75.13 26.80
N GLY N 114 -28.13 -74.43 27.88
CA GLY N 114 -26.82 -74.56 28.49
C GLY N 114 -26.59 -75.97 29.02
N VAL N 115 -27.59 -76.55 29.68
CA VAL N 115 -27.44 -77.91 30.20
C VAL N 115 -27.24 -78.90 29.05
N SER N 116 -27.96 -78.71 27.95
CA SER N 116 -27.81 -79.60 26.80
C SER N 116 -26.42 -79.48 26.21
N ALA N 117 -25.90 -78.26 26.08
CA ALA N 117 -24.54 -78.09 25.57
C ALA N 117 -23.53 -78.79 26.47
N ALA N 118 -23.66 -78.57 27.79
CA ALA N 118 -22.75 -79.21 28.73
C ALA N 118 -22.83 -80.73 28.63
N ALA N 119 -24.04 -81.27 28.57
CA ALA N 119 -24.21 -82.72 28.50
C ALA N 119 -23.63 -83.28 27.21
N ALA N 120 -23.88 -82.60 26.08
CA ALA N 120 -23.34 -83.07 24.82
C ALA N 120 -21.82 -83.12 24.87
N SER N 121 -21.19 -82.04 25.36
CA SER N 121 -19.75 -82.01 25.44
C SER N 121 -19.22 -83.08 26.39
N PHE N 122 -19.90 -83.29 27.51
CA PHE N 122 -19.43 -84.29 28.47
C PHE N 122 -19.51 -85.69 27.88
N LYS N 123 -20.63 -86.02 27.23
CA LYS N 123 -20.73 -87.34 26.61
C LYS N 123 -19.71 -87.48 25.49
N GLU N 124 -19.31 -86.37 24.86
CA GLU N 124 -18.17 -86.40 23.95
C GLU N 124 -16.87 -86.63 24.70
N GLY N 125 -16.80 -86.22 25.97
CA GLY N 125 -15.65 -86.50 26.81
C GLY N 125 -14.76 -85.30 27.06
N ASN N 126 -15.35 -84.12 27.26
CA ASN N 126 -14.58 -82.89 27.49
C ASN N 126 -15.30 -82.06 28.54
N LEU N 127 -14.92 -82.25 29.80
CA LEU N 127 -15.52 -81.49 30.90
C LEU N 127 -15.35 -80.00 30.67
N ILE N 128 -14.12 -79.56 30.40
CA ILE N 128 -13.83 -78.14 30.33
C ILE N 128 -14.50 -77.52 29.11
N ASP N 129 -14.47 -78.21 27.97
CA ASP N 129 -15.11 -77.69 26.78
C ASP N 129 -16.61 -77.58 26.99
N GLY N 130 -17.21 -78.55 27.68
CA GLY N 130 -18.61 -78.45 27.99
C GLY N 130 -18.92 -77.28 28.91
N LEU N 131 -18.08 -77.05 29.90
CA LEU N 131 -18.28 -75.91 30.79
C LEU N 131 -18.22 -74.61 30.00
N ILE N 132 -17.24 -74.48 29.11
CA ILE N 132 -17.13 -73.27 28.30
C ILE N 132 -18.36 -73.11 27.41
N SER N 133 -18.79 -74.19 26.76
CA SER N 133 -19.94 -74.10 25.86
C SER N 133 -21.18 -73.69 26.62
N ALA N 134 -21.41 -74.28 27.80
CA ALA N 134 -22.55 -73.92 28.61
C ALA N 134 -22.48 -72.46 29.03
N VAL N 135 -21.30 -72.00 29.45
CA VAL N 135 -21.17 -70.60 29.87
C VAL N 135 -21.49 -69.68 28.70
N ARG N 136 -20.96 -69.98 27.52
CA ARG N 136 -21.23 -69.15 26.35
C ARG N 136 -22.73 -69.10 26.05
N VAL N 137 -23.38 -70.27 26.02
CA VAL N 137 -24.79 -70.33 25.67
C VAL N 137 -25.63 -69.56 26.68
N MET N 138 -25.35 -69.77 27.97
CA MET N 138 -26.12 -69.11 29.01
C MET N 138 -25.90 -67.61 28.99
N SER N 139 -24.67 -67.17 28.75
CA SER N 139 -24.39 -65.74 28.68
C SER N 139 -25.10 -65.11 27.49
N ALA N 140 -25.11 -65.79 26.35
CA ALA N 140 -25.85 -65.29 25.20
C ALA N 140 -27.34 -65.19 25.52
N GLY N 141 -27.87 -66.20 26.21
CA GLY N 141 -29.29 -66.17 26.54
C GLY N 141 -29.66 -65.07 27.51
N VAL N 142 -28.81 -64.84 28.51
CA VAL N 142 -29.13 -63.90 29.58
C VAL N 142 -28.92 -62.48 29.10
N SER N 143 -29.90 -61.61 29.37
CA SER N 143 -29.84 -60.20 29.03
C SER N 143 -29.46 -59.38 30.25
N PRO N 144 -28.71 -58.28 30.09
CA PRO N 144 -28.34 -57.48 31.26
C PRO N 144 -29.57 -56.89 31.94
N ALA N 145 -29.49 -56.75 33.26
CA ALA N 145 -30.59 -56.22 34.05
C ALA N 145 -30.95 -54.83 33.58
N MET O 1 -12.15 -32.24 52.55
CA MET O 1 -13.48 -31.83 53.09
C MET O 1 -13.97 -30.58 52.37
N SER O 2 -13.05 -29.72 51.96
CA SER O 2 -13.40 -28.51 51.23
C SER O 2 -13.56 -28.82 49.75
N SER O 3 -14.41 -29.80 49.43
CA SER O 3 -14.68 -30.18 48.06
C SER O 3 -16.11 -30.69 47.98
N THR O 4 -16.84 -30.27 46.94
CA THR O 4 -18.22 -30.65 46.74
C THR O 4 -18.31 -31.63 45.59
N GLN O 5 -19.12 -32.67 45.75
CA GLN O 5 -19.30 -33.67 44.72
C GLN O 5 -20.02 -33.05 43.52
N ASP O 6 -19.81 -33.64 42.35
CA ASP O 6 -20.27 -33.07 41.09
C ASP O 6 -21.41 -33.91 40.53
N ARG O 7 -22.49 -33.24 40.11
CA ARG O 7 -23.61 -33.87 39.42
C ARG O 7 -23.57 -33.40 37.98
N SER O 8 -23.54 -34.34 37.04
CA SER O 8 -23.41 -34.03 35.63
C SER O 8 -24.43 -34.83 34.83
N GLN O 9 -25.15 -34.14 33.95
CA GLN O 9 -26.08 -34.77 33.00
C GLN O 9 -25.72 -34.27 31.61
N LEU O 10 -24.83 -34.99 30.92
CA LEU O 10 -24.43 -34.65 29.57
C LEU O 10 -25.38 -35.30 28.59
N ASP O 11 -25.69 -34.60 27.51
CA ASP O 11 -26.65 -35.11 26.53
C ASP O 11 -26.01 -36.24 25.73
N PRO O 12 -26.55 -37.46 25.76
CA PRO O 12 -25.98 -38.54 24.97
C PRO O 12 -26.66 -38.71 23.62
N GLU O 13 -25.98 -39.43 22.73
CA GLU O 13 -26.53 -39.77 21.42
C GLU O 13 -25.58 -40.72 20.69
N VAL O 22 -24.13 -44.43 17.57
CA VAL O 22 -24.07 -45.62 18.39
C VAL O 22 -24.46 -45.27 19.83
N GLU O 23 -25.15 -46.19 20.50
CA GLU O 23 -25.59 -45.98 21.87
C GLU O 23 -24.66 -46.61 22.88
N ARG O 24 -23.49 -47.10 22.44
CA ARG O 24 -22.45 -47.71 23.27
C ARG O 24 -22.86 -49.11 23.73
N HIS O 25 -24.07 -49.57 23.43
CA HIS O 25 -24.47 -50.92 23.82
C HIS O 25 -23.62 -51.97 23.12
N THR O 26 -22.98 -51.60 22.01
CA THR O 26 -22.05 -52.46 21.29
C THR O 26 -20.72 -51.74 21.13
N GLY O 27 -19.63 -52.50 21.20
CA GLY O 27 -18.31 -51.92 21.08
C GLY O 27 -17.50 -52.09 22.36
N VAL O 28 -17.26 -50.98 23.06
CA VAL O 28 -16.48 -50.99 24.29
C VAL O 28 -17.46 -50.92 25.47
N ASP O 29 -16.98 -51.36 26.63
CA ASP O 29 -17.78 -51.39 27.85
C ASP O 29 -17.01 -50.71 28.96
N VAL O 30 -17.77 -50.28 29.98
CA VAL O 30 -17.19 -49.47 31.05
C VAL O 30 -16.08 -50.23 31.76
N GLU O 31 -16.21 -51.56 31.88
CA GLU O 31 -15.17 -52.34 32.53
C GLU O 31 -13.83 -52.20 31.83
N ASP O 32 -13.85 -51.99 30.51
CA ASP O 32 -12.64 -51.84 29.71
C ASP O 32 -12.21 -50.38 29.59
N VAL O 33 -13.15 -49.48 29.36
CA VAL O 33 -12.90 -48.05 29.32
C VAL O 33 -13.90 -47.38 30.27
N PRO O 34 -13.46 -46.97 31.47
CA PRO O 34 -14.45 -46.52 32.47
C PRO O 34 -15.34 -45.39 31.99
N SER O 35 -14.84 -44.51 31.14
CA SER O 35 -15.60 -43.35 30.67
C SER O 35 -16.13 -43.57 29.26
N ALA O 36 -16.59 -44.80 28.98
CA ALA O 36 -17.08 -45.13 27.65
C ALA O 36 -18.27 -44.24 27.27
N GLU O 37 -19.19 -44.02 28.22
CA GLU O 37 -20.36 -43.20 27.94
C GLU O 37 -20.04 -41.73 27.80
N TRP O 38 -18.89 -41.28 28.28
CA TRP O 38 -18.58 -39.85 28.31
C TRP O 38 -17.94 -39.35 27.02
N GLY O 39 -17.54 -40.24 26.12
CA GLY O 39 -16.94 -39.78 24.88
C GLY O 39 -16.53 -40.96 24.01
N TRP O 40 -16.11 -40.62 22.80
CA TRP O 40 -15.64 -41.60 21.83
C TRP O 40 -14.51 -42.43 22.45
N SER O 41 -14.74 -43.73 22.62
CA SER O 41 -13.79 -44.59 23.30
C SER O 41 -13.38 -45.83 22.52
N HIS O 42 -14.05 -46.15 21.41
CA HIS O 42 -13.80 -47.38 20.66
C HIS O 42 -13.38 -47.03 19.24
N MET O 43 -12.20 -47.50 18.84
CA MET O 43 -11.79 -47.47 17.45
C MET O 43 -11.87 -48.88 16.90
N PRO O 44 -12.60 -49.15 15.82
CA PRO O 44 -12.70 -50.53 15.34
C PRO O 44 -11.32 -51.11 15.07
N ILE O 45 -11.14 -52.36 15.47
CA ILE O 45 -9.83 -53.00 15.37
C ILE O 45 -9.41 -53.14 13.92
N GLY O 46 -10.39 -53.30 13.02
CA GLY O 46 -10.06 -53.35 11.60
C GLY O 46 -9.39 -52.09 11.13
N VAL O 47 -9.81 -50.93 11.66
CA VAL O 47 -9.19 -49.67 11.28
C VAL O 47 -7.71 -49.69 11.63
N MET O 48 -7.38 -50.11 12.86
CA MET O 48 -6.00 -50.09 13.29
C MET O 48 -5.17 -51.14 12.56
N HIS O 49 -5.76 -52.31 12.30
CA HIS O 49 -5.04 -53.34 11.55
C HIS O 49 -4.71 -52.86 10.14
N ILE O 50 -5.70 -52.28 9.46
CA ILE O 50 -5.47 -51.80 8.10
C ILE O 50 -4.50 -50.62 8.12
N GLY O 51 -4.59 -49.77 9.14
CA GLY O 51 -3.65 -48.67 9.23
C GLY O 51 -2.22 -49.15 9.42
N GLY O 52 -2.01 -50.15 10.27
CA GLY O 52 -0.69 -50.71 10.43
C GLY O 52 -0.19 -51.37 9.15
N LEU O 53 -1.06 -52.11 8.46
CA LEU O 53 -0.65 -52.75 7.21
C LEU O 53 -0.27 -51.71 6.17
N LEU O 54 -1.04 -50.63 6.06
CA LEU O 54 -0.74 -49.59 5.09
C LEU O 54 0.51 -48.81 5.49
N SER O 55 0.76 -48.62 6.78
CA SER O 55 2.00 -47.99 7.21
C SER O 55 3.20 -48.85 6.82
N ALA O 56 3.10 -50.16 7.04
CA ALA O 56 4.16 -51.06 6.62
C ALA O 56 4.35 -51.02 5.11
N ALA O 57 3.24 -51.00 4.36
CA ALA O 57 3.34 -50.92 2.91
C ALA O 57 4.02 -49.62 2.47
N PHE O 58 3.69 -48.51 3.12
CA PHE O 58 4.33 -47.23 2.80
C PHE O 58 5.81 -47.27 3.11
N LEU O 59 6.18 -47.85 4.25
CA LEU O 59 7.59 -47.97 4.59
C LEU O 59 8.33 -48.80 3.54
N LEU O 60 7.74 -49.91 3.12
CA LEU O 60 8.37 -50.74 2.09
C LEU O 60 8.47 -49.97 0.78
N VAL O 61 7.42 -49.23 0.42
CA VAL O 61 7.38 -48.54 -0.85
C VAL O 61 8.41 -47.41 -0.88
N MET O 62 8.71 -46.80 0.27
CA MET O 62 9.74 -45.77 0.29
C MET O 62 11.11 -46.31 -0.07
N MET O 63 11.29 -47.64 -0.08
CA MET O 63 12.54 -48.21 -0.56
C MET O 63 12.79 -47.79 -2.01
N ARG O 64 11.74 -47.73 -2.81
CA ARG O 64 11.85 -47.29 -4.19
C ARG O 64 12.01 -45.77 -4.19
N GLY O 65 13.21 -45.30 -4.50
CA GLY O 65 13.47 -43.88 -4.47
C GLY O 65 14.84 -43.59 -5.04
N ASN O 66 15.17 -42.31 -5.06
CA ASN O 66 16.42 -41.84 -5.65
C ASN O 66 17.52 -41.75 -4.60
N HIS O 67 17.74 -42.85 -3.88
CA HIS O 67 18.80 -42.91 -2.87
C HIS O 67 19.69 -44.10 -3.18
N VAL O 68 20.99 -43.81 -3.37
CA VAL O 68 21.96 -44.88 -3.58
C VAL O 68 22.20 -45.66 -2.30
N GLY O 69 21.67 -45.19 -1.17
CA GLY O 69 21.91 -45.86 0.09
C GLY O 69 21.16 -47.18 0.21
N HIS O 70 21.56 -47.94 1.23
CA HIS O 70 21.06 -49.28 1.47
C HIS O 70 20.65 -49.51 2.92
N VAL O 71 21.32 -48.87 3.88
CA VAL O 71 20.91 -48.97 5.27
C VAL O 71 19.55 -48.33 5.44
N GLU O 72 19.21 -47.37 4.58
CA GLU O 72 17.87 -46.78 4.60
C GLU O 72 16.83 -47.82 4.26
N ASP O 73 17.06 -48.58 3.18
CA ASP O 73 16.14 -49.63 2.80
C ASP O 73 16.05 -50.69 3.88
N TRP O 74 17.18 -51.02 4.52
CA TRP O 74 17.15 -52.04 5.57
C TRP O 74 16.39 -51.55 6.79
N PHE O 75 16.51 -50.27 7.14
CA PHE O 75 15.72 -49.73 8.25
C PHE O 75 14.24 -49.76 7.91
N LEU O 76 13.89 -49.40 6.66
CA LEU O 76 12.50 -49.50 6.23
C LEU O 76 12.00 -50.93 6.35
N ILE O 77 12.81 -51.90 5.91
CA ILE O 77 12.41 -53.29 5.97
C ILE O 77 12.18 -53.70 7.42
N GLY O 78 13.09 -53.32 8.31
CA GLY O 78 12.94 -53.71 9.71
C GLY O 78 11.69 -53.13 10.34
N PHE O 79 11.45 -51.83 10.10
CA PHE O 79 10.30 -51.18 10.72
C PHE O 79 8.99 -51.74 10.15
N ALA O 80 8.94 -51.95 8.84
CA ALA O 80 7.77 -52.56 8.24
C ALA O 80 7.56 -53.97 8.77
N ALA O 81 8.65 -54.71 8.97
CA ALA O 81 8.54 -56.08 9.47
C ALA O 81 7.97 -56.11 10.88
N VAL O 82 8.45 -55.22 11.75
CA VAL O 82 7.93 -55.21 13.11
C VAL O 82 6.49 -54.73 13.14
N ILE O 83 6.13 -53.78 12.27
CA ILE O 83 4.73 -53.34 12.21
C ILE O 83 3.84 -54.49 11.77
N VAL O 84 4.25 -55.20 10.72
CA VAL O 84 3.45 -56.32 10.23
C VAL O 84 3.40 -57.42 11.28
N ALA O 85 4.48 -57.64 12.01
CA ALA O 85 4.48 -58.64 13.06
C ALA O 85 3.50 -58.29 14.17
N LEU O 86 3.49 -57.03 14.58
CA LEU O 86 2.53 -56.60 15.60
C LEU O 86 1.10 -56.75 15.12
N VAL O 87 0.82 -56.34 13.87
CA VAL O 87 -0.53 -56.45 13.35
C VAL O 87 -0.94 -57.92 13.26
N GLY O 88 -0.04 -58.78 12.79
CA GLY O 88 -0.36 -60.19 12.69
C GLY O 88 -0.58 -60.82 14.04
N ARG O 89 0.25 -60.48 15.03
CA ARG O 89 0.06 -61.00 16.38
C ARG O 89 -1.30 -60.60 16.93
N ASN O 90 -1.64 -59.31 16.79
CA ASN O 90 -2.92 -58.84 17.29
C ASN O 90 -4.08 -59.56 16.61
N TRP O 91 -4.02 -59.65 15.28
CA TRP O 91 -5.10 -60.28 14.53
C TRP O 91 -5.24 -61.75 14.91
N TRP O 92 -4.11 -62.46 15.02
CA TRP O 92 -4.16 -63.86 15.37
C TRP O 92 -4.72 -64.07 16.77
N LEU O 93 -4.26 -63.26 17.73
CA LEU O 93 -4.74 -63.39 19.10
C LEU O 93 -6.24 -63.13 19.18
N ARG O 94 -6.72 -62.09 18.51
CA ARG O 94 -8.15 -61.81 18.53
C ARG O 94 -8.95 -62.87 17.79
N ARG O 95 -8.37 -63.46 16.73
CA ARG O 95 -9.05 -64.55 16.05
C ARG O 95 -9.23 -65.73 16.99
N ARG O 96 -8.20 -66.06 17.76
CA ARG O 96 -8.27 -67.20 18.68
C ARG O 96 -8.89 -66.83 20.02
N GLY O 97 -9.28 -65.57 20.22
CA GLY O 97 -9.87 -65.17 21.47
C GLY O 97 -8.85 -64.76 22.51
N TRP O 98 -7.80 -64.05 22.09
CA TRP O 98 -6.72 -63.62 22.98
C TRP O 98 -6.11 -64.81 23.72
N ILE O 99 -5.50 -65.70 22.94
CA ILE O 99 -4.82 -66.88 23.47
C ILE O 99 -3.37 -66.85 22.99
N ARG O 100 -2.46 -67.20 23.88
CA ARG O 100 -1.02 -67.21 23.59
C ARG O 100 -0.54 -65.83 23.16
N TRP P 1 -30.72 84.00 -44.42
CA TRP P 1 -31.85 83.25 -43.88
C TRP P 1 -31.82 81.80 -44.36
N SER P 2 -31.38 81.62 -45.60
CA SER P 2 -31.35 80.27 -46.18
C SER P 2 -30.42 79.36 -45.40
N ASP P 3 -29.26 79.86 -45.00
CA ASP P 3 -28.30 79.03 -44.27
C ASP P 3 -28.90 78.57 -42.94
N ALA P 4 -29.52 79.49 -42.20
CA ALA P 4 -30.13 79.12 -40.93
C ALA P 4 -31.30 78.17 -41.12
N LEU P 5 -32.11 78.41 -42.14
CA LEU P 5 -33.28 77.56 -42.38
C LEU P 5 -32.89 76.21 -42.96
N ALA P 6 -31.66 76.07 -43.44
CA ALA P 6 -31.21 74.78 -43.97
C ALA P 6 -30.88 73.79 -42.86
N LEU P 7 -30.95 74.24 -41.60
CA LEU P 7 -30.69 73.37 -40.47
C LEU P 7 -29.28 72.80 -40.52
N GLY P 8 -28.31 73.63 -40.90
CA GLY P 8 -26.92 73.22 -40.85
C GLY P 8 -26.50 72.36 -42.03
N TRP P 9 -27.18 72.49 -43.17
CA TRP P 9 -26.77 71.83 -44.39
C TRP P 9 -25.70 72.67 -45.06
N PRO P 10 -24.49 72.14 -45.32
CA PRO P 10 -23.47 72.96 -45.98
C PRO P 10 -23.91 73.37 -47.37
N THR P 11 -23.60 74.60 -47.77
CA THR P 11 -23.88 75.02 -49.13
C THR P 11 -23.10 74.14 -50.10
N GLY P 12 -23.83 73.45 -50.97
CA GLY P 12 -23.22 72.49 -51.87
C GLY P 12 -22.12 73.09 -52.71
N ILE P 13 -21.30 72.23 -53.31
CA ILE P 13 -20.24 72.65 -54.23
C ILE P 13 -20.37 72.01 -55.59
N THR P 14 -21.46 71.29 -55.84
CA THR P 14 -21.73 70.64 -57.12
C THR P 14 -23.14 70.99 -57.56
N PRO P 15 -23.45 70.91 -58.85
CA PRO P 15 -24.84 71.13 -59.26
C PRO P 15 -25.80 70.18 -58.57
N GLU P 16 -25.40 68.92 -58.42
CA GLU P 16 -26.23 67.96 -57.71
C GLU P 16 -26.44 68.36 -56.27
N ALA P 17 -25.37 68.81 -55.61
CA ALA P 17 -25.47 69.25 -54.22
C ALA P 17 -26.38 70.46 -54.09
N LYS P 18 -26.27 71.42 -55.01
CA LYS P 18 -27.13 72.59 -54.97
C LYS P 18 -28.60 72.18 -55.13
N LEU P 19 -28.87 71.29 -56.08
CA LEU P 19 -30.25 70.87 -56.32
C LEU P 19 -30.79 70.11 -55.11
N ASN P 20 -29.97 69.25 -54.50
CA ASN P 20 -30.38 68.54 -53.30
C ASN P 20 -30.64 69.52 -52.16
N ARG P 21 -29.81 70.56 -52.02
CA ARG P 21 -30.03 71.55 -50.97
C ARG P 21 -31.33 72.31 -51.20
N GLU P 22 -31.64 72.64 -52.46
CA GLU P 22 -32.90 73.31 -52.74
C GLU P 22 -34.08 72.41 -52.39
N LEU P 23 -34.00 71.13 -52.74
CA LEU P 23 -35.06 70.19 -52.37
C LEU P 23 -35.19 70.11 -50.85
N TRP P 24 -34.06 70.08 -50.15
CA TRP P 24 -34.09 70.01 -48.69
C TRP P 24 -34.73 71.26 -48.11
N ILE P 25 -34.42 72.43 -48.66
CA ILE P 25 -35.03 73.67 -48.18
C ILE P 25 -36.54 73.61 -48.37
N GLY P 26 -36.98 73.19 -49.56
CA GLY P 26 -38.41 73.10 -49.80
C GLY P 26 -39.10 72.12 -48.87
N SER P 27 -38.50 70.94 -48.68
CA SER P 27 -39.10 69.92 -47.83
C SER P 27 -39.13 70.37 -46.38
N VAL P 28 -38.08 71.07 -45.93
CA VAL P 28 -38.07 71.58 -44.56
C VAL P 28 -39.10 72.68 -44.39
N ILE P 29 -39.31 73.51 -45.41
CA ILE P 29 -40.36 74.53 -45.34
C ILE P 29 -41.71 73.85 -45.18
N ALA P 30 -41.96 72.82 -45.98
CA ALA P 30 -43.24 72.10 -45.89
C ALA P 30 -43.40 71.45 -44.52
N SER P 31 -42.34 70.80 -44.04
CA SER P 31 -42.40 70.14 -42.74
C SER P 31 -42.62 71.14 -41.62
N PHE P 32 -41.97 72.30 -41.67
CA PHE P 32 -42.17 73.32 -40.64
C PHE P 32 -43.56 73.92 -40.72
N ALA P 33 -44.12 74.09 -41.92
CA ALA P 33 -45.50 74.55 -42.01
C ALA P 33 -46.46 73.56 -41.37
N VAL P 34 -46.29 72.27 -41.68
CA VAL P 34 -47.15 71.24 -41.10
C VAL P 34 -46.98 71.21 -39.59
N GLY P 35 -45.73 71.26 -39.12
CA GLY P 35 -45.49 71.25 -37.69
C GLY P 35 -46.07 72.46 -37.00
N ALA P 36 -45.97 73.63 -37.63
CA ALA P 36 -46.52 74.84 -37.05
C ALA P 36 -48.03 74.73 -36.90
N ILE P 37 -48.71 74.24 -37.94
CA ILE P 37 -50.16 74.16 -37.84
C ILE P 37 -50.57 73.12 -36.81
N VAL P 38 -49.86 72.00 -36.74
CA VAL P 38 -50.25 70.95 -35.78
C VAL P 38 -49.96 71.40 -34.36
N TRP P 39 -48.81 72.03 -34.13
CA TRP P 39 -48.51 72.57 -32.80
C TRP P 39 -49.49 73.67 -32.42
N GLY P 40 -49.92 74.49 -33.39
CA GLY P 40 -50.97 75.46 -33.11
C GLY P 40 -52.26 74.77 -32.68
N LEU P 41 -52.62 73.69 -33.36
CA LEU P 41 -53.81 72.94 -32.97
C LEU P 41 -53.67 72.42 -31.54
N ILE P 42 -52.50 71.89 -31.20
CA ILE P 42 -52.31 71.33 -29.87
C ILE P 42 -52.37 72.42 -28.80
N PHE P 43 -51.67 73.53 -29.02
CA PHE P 43 -51.66 74.61 -28.06
C PHE P 43 -52.95 75.42 -28.05
N TRP P 44 -53.82 75.23 -29.03
CA TRP P 44 -55.13 75.86 -29.02
C TRP P 44 -56.19 74.96 -28.39
N THR P 45 -56.06 73.64 -28.52
CA THR P 45 -56.92 72.75 -27.76
C THR P 45 -56.48 72.65 -26.31
N SER P 46 -55.24 73.02 -26.00
CA SER P 46 -54.84 73.18 -24.61
C SER P 46 -55.54 74.36 -23.95
N ALA P 47 -56.22 75.20 -24.73
CA ALA P 47 -57.09 76.24 -24.17
C ALA P 47 -58.46 75.70 -23.76
N PHE P 48 -58.75 74.44 -24.05
CA PHE P 48 -59.99 73.81 -23.63
C PHE P 48 -59.84 73.15 -22.26
N HIS P 49 -59.38 73.93 -21.29
CA HIS P 49 -59.28 73.43 -19.93
C HIS P 49 -60.66 73.07 -19.39
N ARG P 50 -60.68 72.41 -18.23
CA ARG P 50 -61.91 72.11 -17.53
C ARG P 50 -62.32 73.38 -16.76
N LYS P 51 -62.97 74.29 -17.48
CA LYS P 51 -63.38 75.55 -16.87
C LYS P 51 -64.25 75.29 -15.65
N LYS P 52 -63.96 75.98 -14.55
CA LYS P 52 -64.74 75.82 -13.34
C LYS P 52 -66.22 76.10 -13.59
N ALA P 53 -66.52 76.95 -14.57
CA ALA P 53 -67.90 77.21 -14.95
C ALA P 53 -68.58 76.00 -15.56
N THR P 54 -67.82 74.97 -15.94
CA THR P 54 -68.40 73.75 -16.48
C THR P 54 -69.19 73.05 -15.38
N ASP P 55 -70.52 73.09 -15.48
CA ASP P 55 -71.39 72.48 -14.50
C ASP P 55 -71.44 70.98 -14.75
N THR P 56 -72.40 70.29 -14.13
CA THR P 56 -72.52 68.85 -14.31
C THR P 56 -73.03 68.56 -15.72
N GLU P 57 -72.20 68.86 -16.71
CA GLU P 57 -72.52 68.65 -18.12
C GLU P 57 -71.23 68.32 -18.84
N LEU P 58 -71.14 67.12 -19.39
CA LEU P 58 -69.94 66.66 -20.06
C LEU P 58 -69.82 67.30 -21.43
N PRO P 59 -68.65 67.19 -22.08
CA PRO P 59 -68.45 67.85 -23.36
C PRO P 59 -69.36 67.32 -24.47
N ARG P 60 -69.16 67.84 -25.68
CA ARG P 60 -70.03 67.50 -26.81
C ARG P 60 -70.01 66.02 -27.12
N GLN P 61 -68.94 65.30 -26.77
CA GLN P 61 -68.92 63.83 -26.82
C GLN P 61 -69.15 63.32 -28.25
N PHE P 62 -68.60 64.02 -29.24
CA PHE P 62 -68.98 63.69 -30.62
C PHE P 62 -68.15 62.53 -31.18
N GLY P 63 -66.85 62.71 -31.35
CA GLY P 63 -66.08 61.74 -32.11
C GLY P 63 -66.66 61.54 -33.51
N TYR P 64 -66.04 60.69 -34.32
CA TYR P 64 -66.67 60.14 -35.51
C TYR P 64 -67.13 61.24 -36.48
N ASN P 65 -66.15 61.94 -37.03
CA ASN P 65 -66.39 63.00 -38.01
C ASN P 65 -65.87 62.55 -39.37
N MET P 66 -66.74 61.92 -40.16
CA MET P 66 -66.34 61.31 -41.42
C MET P 66 -65.83 62.34 -42.44
N PRO P 67 -66.54 63.45 -42.68
CA PRO P 67 -66.03 64.41 -43.67
C PRO P 67 -64.69 65.01 -43.28
N LEU P 68 -64.51 65.34 -41.99
CA LEU P 68 -63.23 65.87 -41.54
C LEU P 68 -62.13 64.83 -41.68
N GLU P 69 -62.42 63.57 -41.36
CA GLU P 69 -61.45 62.51 -41.54
C GLU P 69 -61.06 62.37 -43.01
N LEU P 70 -62.04 62.45 -43.90
CA LEU P 70 -61.74 62.36 -45.33
C LEU P 70 -60.87 63.52 -45.79
N THR P 71 -61.17 64.74 -45.33
CA THR P 71 -60.36 65.89 -45.74
C THR P 71 -58.93 65.75 -45.25
N LEU P 72 -58.76 65.36 -43.98
CA LEU P 72 -57.43 65.28 -43.39
C LEU P 72 -56.70 64.00 -43.76
N THR P 73 -57.34 63.06 -44.43
CA THR P 73 -56.65 61.93 -45.04
C THR P 73 -56.48 62.10 -46.54
N VAL P 74 -57.10 63.11 -47.14
CA VAL P 74 -56.82 63.44 -48.52
C VAL P 74 -55.64 64.40 -48.62
N ILE P 75 -55.64 65.46 -47.81
CA ILE P 75 -54.58 66.47 -47.92
C ILE P 75 -53.19 65.89 -47.66
N PRO P 76 -52.98 65.01 -46.67
CA PRO P 76 -51.62 64.47 -46.49
C PRO P 76 -51.14 63.70 -47.70
N PHE P 77 -52.06 63.00 -48.38
CA PHE P 77 -51.68 62.29 -49.59
C PHE P 77 -51.24 63.27 -50.67
N LEU P 78 -51.93 64.39 -50.81
CA LEU P 78 -51.51 65.41 -51.76
C LEU P 78 -50.13 65.94 -51.42
N ILE P 79 -49.89 66.24 -50.14
CA ILE P 79 -48.62 66.82 -49.72
C ILE P 79 -47.49 65.83 -50.00
N ILE P 80 -47.66 64.59 -49.57
CA ILE P 80 -46.60 63.59 -49.77
C ILE P 80 -46.44 63.23 -51.23
N SER P 81 -47.50 63.32 -52.04
CA SER P 81 -47.34 63.06 -53.47
C SER P 81 -46.56 64.17 -54.16
N VAL P 82 -46.82 65.43 -53.80
CA VAL P 82 -46.00 66.52 -54.33
C VAL P 82 -44.55 66.34 -53.92
N LEU P 83 -44.33 66.01 -52.64
CA LEU P 83 -42.97 65.79 -52.17
C LEU P 83 -42.33 64.61 -52.89
N PHE P 84 -43.10 63.57 -53.19
CA PHE P 84 -42.58 62.41 -53.91
C PHE P 84 -42.20 62.77 -55.34
N TYR P 85 -43.01 63.59 -56.01
CA TYR P 85 -42.67 64.02 -57.36
C TYR P 85 -41.39 64.84 -57.37
N PHE P 86 -41.28 65.79 -56.43
CA PHE P 86 -40.04 66.56 -56.32
C PHE P 86 -38.87 65.64 -56.01
N THR P 87 -39.08 64.67 -55.14
CA THR P 87 -38.05 63.71 -54.79
C THR P 87 -37.59 62.93 -56.01
N VAL P 88 -38.53 62.49 -56.85
CA VAL P 88 -38.17 61.70 -58.03
C VAL P 88 -37.40 62.55 -59.02
N VAL P 89 -37.84 63.79 -59.26
CA VAL P 89 -37.13 64.62 -60.23
C VAL P 89 -35.73 64.95 -59.73
N VAL P 90 -35.57 65.14 -58.43
CA VAL P 90 -34.23 65.39 -57.89
C VAL P 90 -33.39 64.12 -57.95
N GLN P 91 -34.00 62.98 -57.61
CA GLN P 91 -33.31 61.69 -57.66
C GLN P 91 -32.77 61.43 -59.06
N GLU P 92 -33.52 61.81 -60.09
CA GLU P 92 -33.07 61.56 -61.45
C GLU P 92 -31.65 62.05 -61.65
N ARG P 93 -31.32 63.19 -61.06
CA ARG P 93 -29.95 63.71 -61.05
C ARG P 93 -29.20 63.28 -59.80
N MET P 94 -29.27 62.00 -59.46
CA MET P 94 -28.45 61.41 -58.40
C MET P 94 -27.26 60.67 -58.96
N MET P 95 -27.45 59.99 -60.09
CA MET P 95 -26.36 59.39 -60.87
C MET P 95 -26.83 59.44 -62.32
N HIS P 96 -26.44 60.50 -63.03
CA HIS P 96 -26.80 60.59 -64.44
C HIS P 96 -26.07 59.54 -65.26
N LYS P 97 -24.99 58.96 -64.73
CA LYS P 97 -24.25 57.90 -65.42
C LYS P 97 -23.81 58.37 -66.80
N ASP P 98 -23.25 59.57 -66.87
CA ASP P 98 -22.74 60.08 -68.13
C ASP P 98 -21.63 59.15 -68.62
N PRO P 99 -21.73 58.58 -69.83
CA PRO P 99 -20.70 57.64 -70.27
C PRO P 99 -19.37 58.28 -70.63
N ASN P 100 -19.19 59.59 -70.41
CA ASN P 100 -17.96 60.29 -70.76
C ASN P 100 -17.49 61.08 -69.55
N PRO P 101 -17.07 60.40 -68.49
CA PRO P 101 -16.54 61.11 -67.32
C PRO P 101 -15.24 61.84 -67.67
N GLU P 102 -15.06 62.98 -67.02
CA GLU P 102 -13.85 63.78 -67.26
C GLU P 102 -12.68 63.32 -66.40
N VAL P 103 -12.95 62.73 -65.24
CA VAL P 103 -11.90 62.09 -64.45
C VAL P 103 -12.55 61.03 -63.58
N VAL P 104 -11.99 59.82 -63.59
CA VAL P 104 -12.52 58.68 -62.86
C VAL P 104 -11.57 58.38 -61.71
N ILE P 105 -12.11 58.37 -60.50
CA ILE P 105 -11.35 58.10 -59.28
C ILE P 105 -11.79 56.76 -58.74
N ASP P 106 -10.85 55.84 -58.58
CA ASP P 106 -11.13 54.53 -58.00
C ASP P 106 -10.97 54.67 -56.49
N VAL P 107 -12.10 54.76 -55.79
CA VAL P 107 -12.11 54.92 -54.35
C VAL P 107 -12.24 53.56 -53.69
N THR P 108 -11.13 53.01 -53.21
CA THR P 108 -11.15 51.75 -52.48
C THR P 108 -10.90 52.06 -51.01
N ALA P 109 -11.84 51.65 -50.17
CA ALA P 109 -11.83 51.96 -48.75
C ALA P 109 -11.61 50.67 -47.97
N PHE P 110 -10.46 50.55 -47.34
CA PHE P 110 -10.13 49.38 -46.54
C PHE P 110 -10.38 49.71 -45.07
N GLN P 111 -10.00 48.78 -44.21
CA GLN P 111 -10.25 48.95 -42.79
C GLN P 111 -9.51 50.16 -42.26
N TRP P 112 -10.25 51.23 -42.02
CA TRP P 112 -9.79 52.39 -41.27
C TRP P 112 -8.89 53.33 -42.06
N ASN P 113 -8.98 53.35 -43.38
CA ASN P 113 -8.44 54.47 -44.17
C ASN P 113 -8.87 54.25 -45.62
N TRP P 114 -8.39 55.14 -46.49
CA TRP P 114 -8.84 55.21 -47.87
C TRP P 114 -7.68 55.06 -48.84
N LYS P 115 -8.02 54.83 -50.11
CA LYS P 115 -7.04 54.86 -51.19
C LYS P 115 -7.75 55.26 -52.46
N PHE P 116 -7.10 56.14 -53.24
CA PHE P 116 -7.68 56.71 -54.44
C PHE P 116 -6.75 56.44 -55.62
N GLY P 117 -7.32 55.93 -56.70
CA GLY P 117 -6.51 55.35 -57.76
C GLY P 117 -6.31 56.21 -59.00
N TYR P 118 -7.23 57.13 -59.29
CA TYR P 118 -7.19 57.88 -60.55
C TYR P 118 -7.20 56.91 -61.73
N GLN P 119 -8.32 56.18 -61.84
CA GLN P 119 -8.41 55.11 -62.83
C GLN P 119 -8.21 55.66 -64.24
N LYS P 120 -8.86 56.77 -64.56
CA LYS P 120 -8.80 57.32 -65.90
C LYS P 120 -9.07 58.81 -65.84
N ILE P 121 -8.46 59.54 -66.76
CA ILE P 121 -8.68 60.98 -66.90
C ILE P 121 -8.84 61.28 -68.38
N ALA P 122 -9.91 61.99 -68.73
CA ALA P 122 -10.16 62.35 -70.14
C ALA P 122 -10.91 63.68 -70.14
N PHE P 123 -10.15 64.78 -70.26
CA PHE P 123 -10.74 66.10 -70.25
C PHE P 123 -11.48 66.37 -71.56
N ALA P 124 -12.62 67.04 -71.45
CA ALA P 124 -13.41 67.35 -72.65
C ALA P 124 -12.67 68.32 -73.56
N ASP P 125 -12.00 69.32 -72.99
CA ASP P 125 -11.21 70.26 -73.78
C ASP P 125 -10.10 69.56 -74.54
N GLY P 126 -9.69 68.37 -74.09
CA GLY P 126 -8.66 67.60 -74.77
C GLY P 126 -7.35 67.61 -74.01
N SER P 127 -7.11 66.56 -73.24
CA SER P 127 -5.90 66.44 -72.44
C SER P 127 -5.91 65.10 -71.70
N PHE P 128 -4.85 64.84 -70.93
CA PHE P 128 -4.81 63.71 -70.00
C PHE P 128 -5.01 62.38 -70.73
N ASP P 129 -4.02 62.04 -71.54
CA ASP P 129 -3.92 60.69 -72.09
C ASP P 129 -3.44 59.73 -71.01
N TYR P 130 -4.31 59.53 -70.02
CA TYR P 130 -4.00 58.72 -68.84
C TYR P 130 -5.00 57.58 -68.71
N ASP P 131 -4.56 56.51 -68.04
CA ASP P 131 -5.38 55.31 -67.93
C ASP P 131 -4.97 54.53 -66.67
N GLY P 132 -5.86 53.62 -66.26
CA GLY P 132 -5.58 52.78 -65.10
C GLY P 132 -4.71 51.59 -65.46
N ALA P 133 -4.12 50.99 -64.43
CA ALA P 133 -3.09 49.96 -64.64
C ALA P 133 -3.71 48.59 -64.88
N ASP P 134 -4.36 48.04 -63.87
CA ASP P 134 -4.94 46.69 -63.83
C ASP P 134 -4.03 45.57 -64.33
N PRO P 135 -2.72 45.51 -63.95
CA PRO P 135 -2.01 44.24 -64.06
C PRO P 135 -2.10 43.43 -62.77
N GLU P 136 -2.42 44.13 -61.68
CA GLU P 136 -2.35 43.55 -60.34
C GLU P 136 -3.64 42.87 -59.92
N ARG P 137 -4.70 42.95 -60.72
CA ARG P 137 -5.96 42.27 -60.42
C ARG P 137 -5.76 40.78 -60.70
N LYS P 138 -5.24 40.08 -59.69
CA LYS P 138 -4.96 38.65 -59.77
C LYS P 138 -5.98 37.89 -58.93
N GLU P 139 -6.57 36.86 -59.53
CA GLU P 139 -7.62 36.10 -58.90
C GLU P 139 -7.05 35.07 -57.92
N ALA P 140 -7.96 34.47 -57.14
CA ALA P 140 -7.62 33.45 -56.16
C ALA P 140 -8.47 32.21 -56.37
N MET P 141 -8.58 31.77 -57.62
CA MET P 141 -9.31 30.56 -57.94
C MET P 141 -8.64 29.37 -57.27
N THR P 142 -9.33 28.74 -56.33
CA THR P 142 -8.79 27.57 -55.65
C THR P 142 -9.11 26.31 -56.45
N SER P 143 -8.76 26.31 -57.73
CA SER P 143 -9.07 25.20 -58.64
C SER P 143 -7.94 24.18 -58.67
N ARG P 144 -7.55 23.67 -57.50
CA ARG P 144 -6.55 22.62 -57.45
C ARG P 144 -7.10 21.34 -58.08
N PRO P 145 -6.24 20.54 -58.72
CA PRO P 145 -6.73 19.30 -59.33
C PRO P 145 -7.39 18.36 -58.35
N GLU P 146 -6.92 18.33 -57.10
CA GLU P 146 -7.49 17.45 -56.09
C GLU P 146 -7.26 18.06 -54.73
N GLY P 147 -8.19 17.79 -53.81
CA GLY P 147 -8.13 18.27 -52.45
C GLY P 147 -7.64 17.19 -51.49
N LYS P 148 -8.19 17.21 -50.28
CA LYS P 148 -7.77 16.23 -49.27
C LYS P 148 -8.06 14.81 -49.73
N ASP P 149 -9.23 14.57 -50.31
CA ASP P 149 -9.58 13.25 -50.78
C ASP P 149 -8.61 12.79 -51.87
N GLU P 150 -8.70 11.50 -52.21
CA GLU P 150 -7.82 10.94 -53.23
C GLU P 150 -8.22 11.39 -54.63
N HIS P 151 -9.52 11.43 -54.91
CA HIS P 151 -10.00 11.80 -56.23
C HIS P 151 -11.47 12.18 -56.12
N GLY P 152 -12.01 12.68 -57.23
CA GLY P 152 -13.43 12.97 -57.33
C GLY P 152 -13.85 14.39 -56.98
N ILE P 153 -13.39 14.89 -55.84
CA ILE P 153 -13.84 16.20 -55.37
C ILE P 153 -13.45 17.29 -56.37
N GLU P 154 -12.19 17.28 -56.81
CA GLU P 154 -11.65 18.28 -57.73
C GLU P 154 -12.26 19.65 -57.44
N LYS P 155 -12.26 20.03 -56.16
CA LYS P 155 -12.98 21.21 -55.71
C LYS P 155 -12.51 22.44 -56.49
N VAL P 156 -13.47 23.22 -56.97
CA VAL P 156 -13.19 24.43 -57.74
C VAL P 156 -13.06 25.60 -56.78
N GLY P 157 -14.12 25.89 -56.04
CA GLY P 157 -14.10 26.93 -55.04
C GLY P 157 -15.47 27.18 -54.46
N PRO P 158 -15.53 27.78 -53.27
CA PRO P 158 -16.86 27.95 -52.62
C PRO P 158 -17.82 28.82 -53.41
N ILE P 159 -17.42 30.03 -53.74
CA ILE P 159 -18.32 31.04 -54.30
C ILE P 159 -18.06 31.12 -55.80
N ARG P 160 -19.09 30.85 -56.61
CA ARG P 160 -18.96 30.93 -58.06
C ARG P 160 -17.68 30.25 -58.54
N GLY P 161 -17.24 29.23 -57.82
CA GLY P 161 -16.01 28.54 -58.14
C GLY P 161 -14.75 29.19 -57.61
N MET P 162 -14.85 30.32 -56.92
CA MET P 162 -13.69 31.00 -56.36
C MET P 162 -13.79 31.01 -54.84
N THR P 163 -12.77 31.60 -54.22
CA THR P 163 -12.67 31.65 -52.77
C THR P 163 -13.07 33.03 -52.25
N PRO P 164 -13.64 33.15 -51.05
CA PRO P 164 -13.93 34.50 -50.53
C PRO P 164 -12.72 35.41 -50.50
N GLU P 165 -11.52 34.86 -50.33
CA GLU P 165 -10.29 35.65 -50.36
C GLU P 165 -9.84 35.87 -51.80
N ASP P 166 -10.67 36.61 -52.54
CA ASP P 166 -10.46 36.82 -53.97
C ASP P 166 -9.86 38.19 -54.28
N ARG P 167 -10.51 39.26 -53.83
CA ARG P 167 -10.06 40.63 -54.03
C ARG P 167 -9.97 41.01 -55.51
N THR P 168 -10.51 40.19 -56.41
CA THR P 168 -10.48 40.56 -57.83
C THR P 168 -11.40 41.74 -58.10
N TYR P 169 -12.50 41.85 -57.35
CA TYR P 169 -13.41 42.98 -57.52
C TYR P 169 -12.69 44.31 -57.33
N LEU P 170 -11.67 44.34 -56.46
CA LEU P 170 -10.89 45.56 -56.28
C LEU P 170 -10.17 45.90 -57.56
N ASN P 171 -10.05 47.20 -57.84
CA ASN P 171 -9.29 47.69 -58.98
C ASN P 171 -8.14 48.54 -58.47
N PHE P 172 -7.01 48.47 -59.17
CA PHE P 172 -5.79 49.16 -58.78
C PHE P 172 -5.31 50.03 -59.93
N ASP P 173 -4.53 51.05 -59.60
CA ASP P 173 -4.13 52.06 -60.56
C ASP P 173 -2.67 52.46 -60.31
N LYS P 174 -2.10 53.16 -61.29
CA LYS P 174 -0.71 53.59 -61.19
C LYS P 174 -0.53 54.60 -60.06
N ILE P 175 -1.36 55.63 -60.02
CA ILE P 175 -1.27 56.67 -59.01
C ILE P 175 -2.22 56.31 -57.88
N GLU P 176 -1.66 55.84 -56.77
CA GLU P 176 -2.45 55.47 -55.59
C GLU P 176 -2.14 56.47 -54.48
N THR P 177 -3.16 57.20 -54.05
CA THR P 177 -3.05 58.13 -52.93
C THR P 177 -3.51 57.46 -51.64
N LEU P 178 -2.76 56.43 -51.24
CA LEU P 178 -3.09 55.68 -50.04
C LEU P 178 -3.00 56.59 -48.82
N GLY P 179 -3.94 56.43 -47.89
CA GLY P 179 -3.96 57.21 -46.68
C GLY P 179 -3.44 56.39 -45.51
N THR P 180 -2.36 56.88 -44.91
CA THR P 180 -1.79 56.24 -43.74
C THR P 180 -2.47 56.74 -42.47
N SER P 181 -2.36 55.95 -41.41
CA SER P 181 -2.99 56.31 -40.14
C SER P 181 -2.49 57.66 -39.63
N SER P 182 -1.26 58.05 -39.97
CA SER P 182 -0.68 59.31 -39.54
C SER P 182 -0.66 60.35 -40.65
N GLU P 183 -1.34 60.09 -41.78
CA GLU P 183 -1.34 61.03 -42.90
C GLU P 183 -2.71 60.94 -43.57
N ILE P 184 -3.53 61.96 -43.35
CA ILE P 184 -4.89 61.94 -43.90
C ILE P 184 -4.82 61.99 -45.41
N PRO P 185 -5.43 61.04 -46.14
CA PRO P 185 -5.37 61.10 -47.60
C PRO P 185 -6.08 62.33 -48.15
N VAL P 186 -5.55 62.87 -49.25
CA VAL P 186 -6.09 64.07 -49.88
C VAL P 186 -6.27 63.74 -51.37
N LEU P 187 -7.46 63.29 -51.73
CA LEU P 187 -7.78 63.11 -53.14
C LEU P 187 -7.93 64.47 -53.79
N VAL P 188 -7.09 64.77 -54.78
CA VAL P 188 -7.12 66.06 -55.46
C VAL P 188 -7.85 65.88 -56.78
N LEU P 189 -8.81 66.77 -57.04
CA LEU P 189 -9.65 66.70 -58.22
C LEU P 189 -9.63 68.02 -58.97
N PRO P 190 -9.74 68.00 -60.29
CA PRO P 190 -9.80 69.26 -61.04
C PRO P 190 -11.15 69.94 -60.86
N ALA P 191 -11.13 71.26 -60.76
CA ALA P 191 -12.37 72.02 -60.64
C ALA P 191 -13.05 72.14 -62.00
N GLY P 192 -14.38 72.12 -61.98
CA GLY P 192 -15.16 72.37 -63.18
C GLY P 192 -15.35 71.17 -64.08
N LYS P 193 -14.82 70.01 -63.73
CA LYS P 193 -14.91 68.82 -64.56
C LYS P 193 -15.87 67.82 -63.93
N ARG P 194 -16.24 66.81 -64.71
CA ARG P 194 -17.12 65.74 -64.26
C ARG P 194 -16.26 64.65 -63.63
N ILE P 195 -16.53 64.35 -62.36
CA ILE P 195 -15.72 63.41 -61.59
C ILE P 195 -16.58 62.20 -61.26
N GLU P 196 -16.18 61.04 -61.76
CA GLU P 196 -16.81 59.78 -61.43
C GLU P 196 -16.03 59.12 -60.30
N PHE P 197 -16.73 58.45 -59.40
CA PHE P 197 -16.11 57.71 -58.32
C PHE P 197 -16.56 56.26 -58.43
N VAL P 198 -15.59 55.36 -58.62
CA VAL P 198 -15.84 53.91 -58.65
C VAL P 198 -15.54 53.41 -57.25
N LEU P 199 -16.58 53.01 -56.52
CA LEU P 199 -16.49 52.78 -55.09
C LEU P 199 -16.34 51.31 -54.79
N ASN P 200 -15.41 50.98 -53.88
CA ASN P 200 -15.21 49.59 -53.47
C ASN P 200 -14.70 49.58 -52.04
N SER P 201 -14.87 48.44 -51.38
CA SER P 201 -14.37 48.22 -50.03
C SER P 201 -13.46 47.00 -50.03
N ALA P 202 -12.30 47.14 -49.40
CA ALA P 202 -11.35 46.02 -49.35
C ALA P 202 -11.85 44.93 -48.40
N ASP P 203 -12.31 45.32 -47.22
CA ASP P 203 -12.68 44.36 -46.19
C ASP P 203 -14.17 44.40 -45.85
N VAL P 204 -14.68 45.55 -45.41
CA VAL P 204 -16.01 45.64 -44.81
C VAL P 204 -16.75 46.82 -45.42
N ILE P 205 -18.07 46.82 -45.23
CA ILE P 205 -18.88 47.95 -45.66
C ILE P 205 -18.45 49.18 -44.89
N HIS P 206 -18.36 50.31 -45.59
CA HIS P 206 -18.36 51.60 -44.92
C HIS P 206 -18.87 52.63 -45.92
N GLY P 207 -18.80 53.91 -45.58
CA GLY P 207 -19.51 54.91 -46.35
C GLY P 207 -18.70 56.15 -46.68
N PHE P 208 -18.52 56.40 -47.98
CA PHE P 208 -17.86 57.58 -48.48
C PHE P 208 -18.85 58.74 -48.45
N TRP P 209 -18.58 59.76 -47.64
CA TRP P 209 -19.48 60.91 -47.53
C TRP P 209 -18.65 62.18 -47.48
N VAL P 210 -18.69 62.97 -48.55
CA VAL P 210 -18.17 64.33 -48.52
C VAL P 210 -19.32 65.24 -48.09
N PRO P 211 -19.32 65.75 -46.86
CA PRO P 211 -20.51 66.49 -46.40
C PRO P 211 -20.90 67.64 -47.30
N GLU P 212 -19.95 68.25 -47.99
CA GLU P 212 -20.25 69.37 -48.87
C GLU P 212 -20.65 68.94 -50.27
N PHE P 213 -20.50 67.65 -50.60
CA PHE P 213 -21.14 67.09 -51.78
C PHE P 213 -22.64 66.87 -51.56
N LEU P 214 -23.11 66.91 -50.32
CA LEU P 214 -24.51 66.64 -50.01
C LEU P 214 -24.94 65.30 -50.61
N PHE P 215 -24.07 64.30 -50.45
CA PHE P 215 -24.31 62.99 -51.02
C PHE P 215 -23.32 62.01 -50.39
N LYS P 216 -23.79 60.81 -50.09
CA LYS P 216 -22.93 59.74 -49.61
C LYS P 216 -23.28 58.46 -50.36
N ARG P 217 -22.31 57.56 -50.40
CA ARG P 217 -22.53 56.23 -50.94
C ARG P 217 -21.85 55.24 -50.03
N ASP P 218 -22.33 54.00 -50.06
CA ASP P 218 -21.80 52.94 -49.21
C ASP P 218 -20.85 52.09 -50.05
N VAL P 219 -19.55 52.23 -49.80
CA VAL P 219 -18.56 51.36 -50.40
C VAL P 219 -18.73 49.98 -49.75
N LEU P 220 -19.21 49.02 -50.54
CA LEU P 220 -19.41 47.65 -50.12
C LEU P 220 -18.26 46.78 -50.61
N PRO P 221 -18.06 45.62 -50.01
CA PRO P 221 -16.97 44.74 -50.48
C PRO P 221 -17.11 44.38 -51.96
N GLU P 222 -18.22 43.76 -52.35
CA GLU P 222 -18.41 43.28 -53.71
C GLU P 222 -19.72 43.85 -54.25
N PRO P 223 -19.75 45.14 -54.57
CA PRO P 223 -21.03 45.75 -54.99
C PRO P 223 -21.63 45.10 -56.22
N LYS P 224 -20.80 44.71 -57.20
CA LYS P 224 -21.34 44.10 -58.41
C LYS P 224 -22.05 42.79 -58.08
N ALA P 225 -21.47 41.98 -57.20
CA ALA P 225 -22.11 40.74 -56.80
C ALA P 225 -23.25 40.96 -55.82
N ASN P 226 -23.31 42.11 -55.16
CA ASN P 226 -24.39 42.45 -54.26
C ASN P 226 -25.43 43.34 -54.92
N ASN P 227 -25.36 43.50 -56.24
CA ASN P 227 -26.35 44.29 -56.99
C ASN P 227 -26.38 45.73 -56.48
N SER P 228 -25.20 46.24 -56.13
CA SER P 228 -25.05 47.61 -55.65
C SER P 228 -24.37 48.43 -56.74
N ASP P 229 -24.95 49.60 -57.04
CA ASP P 229 -24.38 50.51 -58.03
C ASP P 229 -23.39 51.42 -57.31
N ASN P 230 -22.21 50.86 -57.03
CA ASN P 230 -21.20 51.60 -56.28
C ASN P 230 -20.76 52.86 -57.01
N VAL P 231 -20.57 52.74 -58.33
CA VAL P 231 -20.02 53.85 -59.10
C VAL P 231 -21.06 54.96 -59.19
N PHE P 232 -20.65 56.19 -58.90
CA PHE P 232 -21.55 57.34 -58.98
C PHE P 232 -20.77 58.55 -59.44
N GLN P 233 -21.46 59.47 -60.10
CA GLN P 233 -20.83 60.59 -60.78
C GLN P 233 -21.24 61.91 -60.15
N VAL P 234 -20.39 62.92 -60.36
CA VAL P 234 -20.63 64.30 -59.97
C VAL P 234 -20.38 65.15 -61.20
N SER P 235 -21.40 65.92 -61.60
CA SER P 235 -21.31 66.66 -62.86
C SER P 235 -20.19 67.69 -62.82
N GLU P 236 -20.04 68.38 -61.70
CA GLU P 236 -19.07 69.47 -61.61
C GLU P 236 -18.78 69.75 -60.14
N ILE P 237 -17.66 70.41 -59.90
CA ILE P 237 -17.33 70.97 -58.59
C ILE P 237 -16.90 72.40 -58.83
N GLN P 238 -17.77 73.36 -58.49
CA GLN P 238 -17.49 74.76 -58.78
C GLN P 238 -16.39 75.30 -57.87
N GLN P 239 -16.63 75.32 -56.57
CA GLN P 239 -15.71 75.93 -55.63
C GLN P 239 -14.46 75.07 -55.47
N THR P 240 -13.31 75.74 -55.41
CA THR P 240 -12.04 75.05 -55.18
C THR P 240 -11.78 75.00 -53.68
N GLY P 241 -10.60 74.54 -53.29
CA GLY P 241 -10.23 74.45 -51.89
C GLY P 241 -10.38 73.05 -51.35
N ALA P 242 -10.09 72.91 -50.07
CA ALA P 242 -10.10 71.62 -49.40
C ALA P 242 -11.45 71.41 -48.72
N PHE P 243 -12.06 70.26 -48.99
CA PHE P 243 -13.33 69.87 -48.39
C PHE P 243 -13.15 68.57 -47.63
N VAL P 244 -13.53 68.57 -46.35
CA VAL P 244 -13.41 67.37 -45.55
C VAL P 244 -14.34 66.30 -46.12
N GLY P 245 -13.97 65.05 -45.90
CA GLY P 245 -14.83 63.92 -46.20
C GLY P 245 -14.70 62.92 -45.09
N ARG P 246 -15.74 62.14 -44.83
CA ARG P 246 -15.80 61.30 -43.66
C ARG P 246 -16.35 59.93 -44.01
N CYS P 247 -16.14 59.00 -43.07
CA CYS P 247 -16.69 57.67 -43.16
C CYS P 247 -17.99 57.62 -42.37
N THR P 248 -19.04 57.13 -43.02
CA THR P 248 -20.40 57.27 -42.50
C THR P 248 -21.09 55.92 -42.41
N GLU P 249 -20.34 54.86 -42.21
CA GLU P 249 -20.91 53.54 -41.93
C GLU P 249 -19.92 52.82 -41.02
N MET P 250 -20.41 51.81 -40.29
CA MET P 250 -19.60 51.11 -39.31
C MET P 250 -18.46 50.41 -40.01
N CYS P 251 -17.24 50.73 -39.58
CA CYS P 251 -16.03 50.14 -40.12
C CYS P 251 -15.34 49.19 -39.16
N GLY P 252 -15.60 49.35 -37.86
CA GLY P 252 -14.80 48.70 -36.84
C GLY P 252 -14.54 49.70 -35.73
N THR P 253 -13.45 49.53 -34.98
CA THR P 253 -13.19 50.42 -33.86
C THR P 253 -12.81 51.82 -34.35
N PHE P 254 -11.89 51.89 -35.30
CA PHE P 254 -11.42 53.18 -35.83
C PHE P 254 -12.29 53.64 -36.98
N HIS P 255 -13.60 53.63 -36.75
CA HIS P 255 -14.56 54.12 -37.74
C HIS P 255 -14.58 55.63 -37.79
N ALA P 256 -14.26 56.29 -36.68
CA ALA P 256 -14.24 57.74 -36.60
C ALA P 256 -12.90 58.34 -37.04
N MET P 257 -11.94 57.52 -37.45
CA MET P 257 -10.60 57.97 -37.80
C MET P 257 -10.32 57.82 -39.30
N MET P 258 -11.37 57.68 -40.10
CA MET P 258 -11.24 57.47 -41.54
C MET P 258 -11.41 58.76 -42.33
N ASN P 259 -11.32 59.92 -41.69
CA ASN P 259 -11.53 61.17 -42.40
C ASN P 259 -10.50 61.33 -43.51
N PHE P 260 -10.94 61.90 -44.62
CA PHE P 260 -10.07 62.19 -45.76
C PHE P 260 -10.38 63.59 -46.26
N GLU P 261 -9.74 63.99 -47.36
CA GLU P 261 -10.03 65.29 -47.98
C GLU P 261 -10.23 65.11 -49.46
N VAL P 262 -11.07 65.97 -50.02
CA VAL P 262 -11.23 66.09 -51.47
C VAL P 262 -10.86 67.52 -51.82
N ARG P 263 -9.58 67.73 -52.17
CA ARG P 263 -9.06 69.06 -52.48
C ARG P 263 -9.32 69.33 -53.95
N VAL P 264 -10.18 70.31 -54.23
CA VAL P 264 -10.48 70.67 -55.61
C VAL P 264 -9.56 71.80 -56.03
N VAL P 265 -8.75 71.53 -57.07
CA VAL P 265 -7.79 72.48 -57.59
C VAL P 265 -8.16 72.78 -59.03
N GLU P 266 -7.51 73.79 -59.59
CA GLU P 266 -7.78 74.19 -60.95
C GLU P 266 -7.32 73.11 -61.92
N PRO P 267 -7.84 73.08 -63.14
CA PRO P 267 -7.40 72.07 -64.10
C PRO P 267 -5.90 72.10 -64.37
N ASN P 268 -5.29 73.29 -64.42
CA ASN P 268 -3.84 73.36 -64.60
C ASN P 268 -3.10 72.79 -63.39
N ASP P 269 -3.62 73.07 -62.20
CA ASP P 269 -3.04 72.47 -61.00
C ASP P 269 -3.14 70.95 -61.05
N PHE P 270 -4.25 70.43 -61.57
CA PHE P 270 -4.40 68.98 -61.70
C PHE P 270 -3.44 68.42 -62.75
N LYS P 271 -3.24 69.14 -63.85
CA LYS P 271 -2.21 68.77 -64.82
C LYS P 271 -0.87 68.61 -64.13
N ALA P 272 -0.46 69.64 -63.38
CA ALA P 272 0.85 69.61 -62.74
C ALA P 272 0.92 68.49 -61.71
N TYR P 273 -0.14 68.31 -60.92
CA TYR P 273 -0.15 67.29 -59.88
C TYR P 273 -0.02 65.89 -60.49
N ILE P 274 -0.77 65.62 -61.55
CA ILE P 274 -0.73 64.29 -62.14
C ILE P 274 0.61 64.05 -62.81
N ASP P 275 1.17 65.07 -63.46
CA ASP P 275 2.50 64.92 -64.04
C ASP P 275 3.54 64.62 -62.97
N GLN P 276 3.47 65.35 -61.85
CA GLN P 276 4.45 65.19 -60.79
C GLN P 276 4.24 63.89 -60.02
N ARG P 277 3.04 63.32 -60.08
CA ARG P 277 2.80 62.02 -59.47
C ARG P 277 3.23 60.89 -60.41
N ASN P 278 3.04 61.05 -61.71
CA ASN P 278 3.64 60.14 -62.67
C ASN P 278 5.15 60.09 -62.48
N ALA P 279 5.77 61.26 -62.33
CA ALA P 279 7.11 61.32 -61.79
C ALA P 279 7.08 60.85 -60.34
N GLY P 280 8.14 60.14 -59.93
CA GLY P 280 8.15 59.57 -58.60
C GLY P 280 8.02 60.63 -57.52
N LYS P 281 6.84 60.73 -56.92
CA LYS P 281 6.58 61.70 -55.86
C LYS P 281 5.38 61.21 -55.06
N THR P 282 5.27 61.72 -53.83
CA THR P 282 4.13 61.42 -52.98
C THR P 282 3.06 62.49 -53.15
N ASN P 283 1.91 62.25 -52.52
CA ASN P 283 0.82 63.21 -52.60
C ASN P 283 1.21 64.54 -51.96
N ALA P 284 1.86 64.50 -50.80
CA ALA P 284 2.28 65.73 -50.15
C ALA P 284 3.30 66.48 -51.00
N GLU P 285 4.25 65.75 -51.59
CA GLU P 285 5.24 66.39 -52.44
C GLU P 285 4.59 67.04 -53.65
N ALA P 286 3.63 66.35 -54.27
CA ALA P 286 2.95 66.93 -55.42
C ALA P 286 2.15 68.16 -55.04
N LEU P 287 1.47 68.12 -53.89
CA LEU P 287 0.74 69.30 -53.42
C LEU P 287 1.68 70.47 -53.19
N ALA P 288 2.81 70.22 -52.52
CA ALA P 288 3.77 71.29 -52.29
C ALA P 288 4.30 71.85 -53.61
N ALA P 289 4.57 70.96 -54.57
CA ALA P 289 5.06 71.39 -55.87
C ALA P 289 4.04 72.25 -56.61
N ILE P 290 2.75 71.91 -56.56
CA ILE P 290 1.72 72.76 -57.13
C ILE P 290 1.34 73.90 -56.19
N ASN P 291 2.06 74.06 -55.08
CA ASN P 291 1.89 75.21 -54.20
C ASN P 291 0.50 75.19 -53.56
N GLN P 292 0.27 74.12 -52.80
CA GLN P 292 -0.97 73.95 -52.04
C GLN P 292 -0.61 73.14 -50.81
N PRO P 293 -1.16 73.44 -49.63
CA PRO P 293 -0.70 72.78 -48.41
C PRO P 293 -0.72 71.27 -48.56
N PRO P 294 0.37 70.57 -48.18
CA PRO P 294 0.41 69.12 -48.44
C PRO P 294 -0.52 68.32 -47.56
N LEU P 295 -0.60 68.69 -46.29
CA LEU P 295 -1.40 67.95 -45.32
C LEU P 295 -2.84 68.45 -45.33
N ALA P 296 -3.75 67.55 -45.01
CA ALA P 296 -5.17 67.89 -44.95
C ALA P 296 -5.39 69.08 -44.03
N ILE P 297 -5.87 70.19 -44.58
CA ILE P 297 -6.05 71.40 -43.80
C ILE P 297 -7.40 71.43 -43.07
N THR P 298 -8.38 70.64 -43.51
CA THR P 298 -9.67 70.59 -42.84
C THR P 298 -9.70 69.59 -41.69
N THR P 299 -8.76 68.66 -41.65
CA THR P 299 -8.72 67.65 -40.59
C THR P 299 -7.27 67.24 -40.37
N GLU P 300 -7.01 66.64 -39.22
CA GLU P 300 -5.69 66.14 -38.87
C GLU P 300 -5.73 64.63 -38.67
N PRO P 301 -4.60 63.94 -38.81
CA PRO P 301 -4.56 62.53 -38.42
C PRO P 301 -4.39 62.40 -36.91
N PHE P 302 -5.47 62.61 -36.17
CA PHE P 302 -5.35 62.80 -34.73
C PHE P 302 -4.80 61.55 -34.06
N GLU P 303 -4.56 61.68 -32.75
CA GLU P 303 -3.63 60.80 -32.06
C GLU P 303 -3.99 59.34 -32.24
N SER P 304 -2.97 58.53 -32.57
CA SER P 304 -3.14 57.08 -32.56
C SER P 304 -3.27 56.57 -31.13
N ARG P 305 -2.89 57.36 -30.14
CA ARG P 305 -3.04 56.99 -28.74
C ARG P 305 -4.50 56.69 -28.43
N ARG P 306 -4.73 55.64 -27.66
CA ARG P 306 -6.10 55.18 -27.41
C ARG P 306 -6.95 56.27 -26.77
N GLY P 307 -6.34 57.24 -26.09
CA GLY P 307 -7.09 58.30 -25.48
C GLY P 307 -6.18 59.24 -24.70
N GLU P 308 -6.82 60.17 -23.99
CA GLU P 308 -6.07 61.20 -23.27
C GLU P 308 -5.38 60.64 -22.03
N LEU P 309 -6.08 59.78 -21.28
CA LEU P 309 -5.56 59.30 -20.01
C LEU P 309 -4.60 58.12 -20.17
N VAL P 310 -4.39 57.64 -21.38
CA VAL P 310 -3.38 56.58 -21.59
C VAL P 310 -2.00 57.15 -21.25
N PRO P 311 -1.13 56.40 -20.56
CA PRO P 311 0.19 56.98 -20.21
C PRO P 311 1.17 56.96 -21.37
N GLN P 312 0.81 57.67 -22.44
CA GLN P 312 1.63 57.74 -23.64
C GLN P 312 2.04 56.35 -24.10
N MET Q 1 -64.45 18.21 0.48
CA MET Q 1 -64.07 17.08 -0.42
C MET Q 1 -65.24 16.12 -0.61
N THR Q 2 -66.47 16.64 -0.48
CA THR Q 2 -67.65 15.79 -0.57
C THR Q 2 -67.63 15.00 -1.87
N SER Q 3 -67.76 15.69 -2.99
CA SER Q 3 -67.38 15.13 -4.29
C SER Q 3 -66.27 15.95 -4.93
N ALA Q 4 -66.51 17.22 -5.18
CA ALA Q 4 -65.50 18.17 -5.63
C ALA Q 4 -66.15 19.54 -5.76
N VAL Q 5 -65.39 20.61 -5.48
CA VAL Q 5 -65.90 21.95 -5.73
C VAL Q 5 -65.99 22.19 -7.23
N GLY Q 6 -65.01 21.72 -7.99
CA GLY Q 6 -65.05 21.78 -9.43
C GLY Q 6 -65.54 20.47 -10.03
N THR Q 7 -66.77 20.47 -10.53
CA THR Q 7 -67.38 19.25 -11.03
C THR Q 7 -66.77 18.84 -12.36
N SER Q 8 -65.49 18.46 -12.35
CA SER Q 8 -64.78 18.06 -13.55
C SER Q 8 -64.12 16.72 -13.33
N GLY Q 9 -64.27 15.82 -14.31
CA GLY Q 9 -63.61 14.53 -14.23
C GLY Q 9 -62.11 14.64 -14.32
N THR Q 10 -61.61 15.54 -15.16
CA THR Q 10 -60.19 15.69 -15.40
C THR Q 10 -59.67 16.97 -14.77
N ALA Q 11 -58.58 16.86 -14.02
CA ALA Q 11 -57.93 18.05 -13.48
C ALA Q 11 -57.49 19.00 -14.57
N ILE Q 12 -57.32 18.49 -15.79
CA ILE Q 12 -56.93 19.28 -16.95
C ILE Q 12 -58.01 19.09 -18.01
N THR Q 13 -58.54 20.20 -18.51
CA THR Q 13 -59.61 20.17 -19.50
C THR Q 13 -59.28 21.17 -20.61
N SER Q 14 -60.07 21.13 -21.68
CA SER Q 14 -59.88 22.05 -22.78
C SER Q 14 -59.86 23.48 -22.26
N ARG Q 15 -59.15 24.36 -22.98
CA ARG Q 15 -59.08 25.76 -22.58
C ARG Q 15 -60.39 26.50 -22.83
N VAL Q 16 -61.18 26.04 -23.80
CA VAL Q 16 -62.54 26.53 -24.01
C VAL Q 16 -63.29 25.43 -24.75
N HIS Q 17 -64.59 25.32 -24.47
CA HIS Q 17 -65.40 24.30 -25.12
C HIS Q 17 -65.32 24.46 -26.63
N SER Q 18 -64.71 23.49 -27.31
CA SER Q 18 -64.39 23.64 -28.72
C SER Q 18 -65.59 23.47 -29.64
N LEU Q 19 -66.66 22.83 -29.17
CA LEU Q 19 -67.82 22.59 -30.02
C LEU Q 19 -68.46 23.90 -30.47
N ASN Q 20 -68.61 24.85 -29.55
CA ASN Q 20 -69.21 26.14 -29.85
C ASN Q 20 -68.19 27.24 -30.11
N ARG Q 21 -67.01 27.15 -29.52
CA ARG Q 21 -66.00 28.18 -29.55
C ARG Q 21 -64.71 27.65 -30.16
N PRO Q 22 -63.84 28.52 -30.64
CA PRO Q 22 -62.58 28.04 -31.23
C PRO Q 22 -61.74 27.27 -30.22
N ASN Q 23 -61.04 26.26 -30.70
CA ASN Q 23 -60.09 25.54 -29.87
C ASN Q 23 -58.87 26.45 -29.65
N MET Q 24 -58.70 26.91 -28.42
CA MET Q 24 -57.68 27.92 -28.14
C MET Q 24 -56.29 27.39 -28.44
N VAL Q 25 -56.02 26.13 -28.08
CA VAL Q 25 -54.70 25.56 -28.33
C VAL Q 25 -54.45 25.47 -29.84
N SER Q 26 -55.48 25.11 -30.61
CA SER Q 26 -55.34 25.06 -32.05
C SER Q 26 -55.04 26.44 -32.62
N VAL Q 27 -55.75 27.46 -32.13
CA VAL Q 27 -55.50 28.82 -32.60
C VAL Q 27 -54.05 29.21 -32.33
N GLY Q 28 -53.59 28.96 -31.09
CA GLY Q 28 -52.24 29.33 -30.74
C GLY Q 28 -51.20 28.61 -31.59
N THR Q 29 -51.36 27.30 -31.76
CA THR Q 29 -50.38 26.54 -32.52
C THR Q 29 -50.39 26.95 -33.98
N ILE Q 30 -51.57 27.25 -34.54
CA ILE Q 30 -51.63 27.70 -35.93
C ILE Q 30 -50.89 29.01 -36.10
N VAL Q 31 -51.08 29.94 -35.15
CA VAL Q 31 -50.36 31.21 -35.23
C VAL Q 31 -48.86 30.98 -35.15
N TRP Q 32 -48.43 30.13 -34.22
CA TRP Q 32 -46.99 29.89 -34.07
C TRP Q 32 -46.42 29.25 -35.33
N LEU Q 33 -47.16 28.35 -35.96
CA LEU Q 33 -46.71 27.75 -37.20
C LEU Q 33 -46.62 28.80 -38.30
N SER Q 34 -47.56 29.74 -38.32
CA SER Q 34 -47.49 30.84 -39.27
C SER Q 34 -46.21 31.65 -39.05
N SER Q 35 -45.73 31.72 -37.80
CA SER Q 35 -44.45 32.37 -37.53
C SER Q 35 -43.26 31.54 -38.02
N GLU Q 36 -43.29 30.24 -37.74
CA GLU Q 36 -42.21 29.37 -38.21
C GLU Q 36 -42.12 29.42 -39.73
N LEU Q 37 -43.24 29.71 -40.40
CA LEU Q 37 -43.19 29.92 -41.84
C LEU Q 37 -42.28 31.08 -42.20
N MET Q 38 -42.31 32.17 -41.40
CA MET Q 38 -41.41 33.28 -41.65
C MET Q 38 -39.96 32.94 -41.31
N PHE Q 39 -39.76 32.10 -40.29
CA PHE Q 39 -38.40 31.62 -40.04
C PHE Q 39 -37.85 30.91 -41.28
N PHE Q 40 -38.61 29.96 -41.81
CA PHE Q 40 -38.20 29.31 -43.04
C PHE Q 40 -38.17 30.28 -44.21
N ALA Q 41 -38.91 31.39 -44.13
CA ALA Q 41 -38.81 32.42 -45.16
C ALA Q 41 -37.43 33.05 -45.15
N GLY Q 42 -36.89 33.33 -43.96
CA GLY Q 42 -35.53 33.82 -43.88
C GLY Q 42 -34.54 32.83 -44.47
N LEU Q 43 -34.70 31.56 -44.13
CA LEU Q 43 -33.81 30.54 -44.70
C LEU Q 43 -33.93 30.49 -46.22
N PHE Q 44 -35.15 30.53 -46.74
CA PHE Q 44 -35.37 30.52 -48.18
C PHE Q 44 -34.75 31.74 -48.84
N ALA Q 45 -34.83 32.90 -48.19
CA ALA Q 45 -34.21 34.10 -48.72
C ALA Q 45 -32.72 33.92 -48.86
N MET Q 46 -32.08 33.37 -47.83
CA MET Q 46 -30.64 33.09 -47.91
C MET Q 46 -30.35 32.19 -49.11
N TYR Q 47 -31.10 31.08 -49.22
CA TYR Q 47 -30.83 30.13 -50.29
C TYR Q 47 -31.01 30.78 -51.66
N PHE Q 48 -32.07 31.56 -51.83
CA PHE Q 48 -32.36 32.15 -53.13
C PHE Q 48 -31.36 33.24 -53.49
N THR Q 49 -30.88 34.00 -52.50
CA THR Q 49 -29.83 34.96 -52.78
C THR Q 49 -28.56 34.26 -53.25
N ALA Q 50 -28.18 33.18 -52.57
CA ALA Q 50 -27.01 32.42 -53.02
C ALA Q 50 -27.22 31.88 -54.43
N ARG Q 51 -28.41 31.36 -54.70
CA ARG Q 51 -28.71 30.84 -56.04
C ARG Q 51 -28.58 31.93 -57.09
N ALA Q 52 -29.11 33.12 -56.79
CA ALA Q 52 -29.05 34.23 -57.75
C ALA Q 52 -27.60 34.63 -58.01
N GLN Q 53 -26.78 34.67 -56.97
CA GLN Q 53 -25.39 35.09 -57.15
C GLN Q 53 -24.51 33.97 -57.70
N ALA Q 54 -25.01 32.74 -57.77
CA ALA Q 54 -24.26 31.68 -58.43
C ALA Q 54 -24.08 31.98 -59.91
N GLY Q 55 -22.92 31.60 -60.44
CA GLY Q 55 -22.57 31.89 -61.81
C GLY Q 55 -23.04 30.84 -62.80
N GLY Q 56 -24.36 30.66 -62.90
CA GLY Q 56 -24.95 29.73 -63.83
C GLY Q 56 -25.11 28.32 -63.31
N ALA Q 57 -24.02 27.67 -62.92
CA ALA Q 57 -24.06 26.31 -62.39
C ALA Q 57 -24.35 26.42 -60.90
N TRP Q 58 -25.64 26.41 -60.56
CA TRP Q 58 -26.04 26.68 -59.18
C TRP Q 58 -25.44 25.66 -58.21
N PRO Q 59 -25.72 24.37 -58.30
CA PRO Q 59 -24.97 23.40 -57.50
C PRO Q 59 -23.56 23.24 -58.05
N PRO Q 60 -22.53 23.66 -57.30
CA PRO Q 60 -21.17 23.60 -57.85
C PRO Q 60 -20.82 22.21 -58.41
N GLU Q 61 -19.73 22.14 -59.16
CA GLU Q 61 -19.29 20.86 -59.71
C GLU Q 61 -19.14 19.77 -58.67
N PRO Q 62 -18.50 19.99 -57.53
CA PRO Q 62 -18.34 18.88 -56.57
C PRO Q 62 -19.65 18.33 -56.05
N THR Q 63 -20.67 19.15 -55.87
CA THR Q 63 -21.93 18.70 -55.29
C THR Q 63 -22.79 18.01 -56.35
N GLU Q 64 -23.46 16.94 -55.94
CA GLU Q 64 -24.38 16.21 -56.81
C GLU Q 64 -25.52 15.70 -55.95
N LEU Q 65 -26.69 16.30 -56.10
CA LEU Q 65 -27.83 15.93 -55.26
C LEU Q 65 -28.25 14.49 -55.55
N ASN Q 66 -28.43 13.71 -54.48
CA ASN Q 66 -28.83 12.30 -54.59
C ASN Q 66 -30.35 12.22 -54.56
N LEU Q 67 -30.95 12.62 -55.67
CA LEU Q 67 -32.41 12.61 -55.77
C LEU Q 67 -32.96 11.20 -55.56
N ALA Q 68 -32.18 10.18 -55.93
CA ALA Q 68 -32.63 8.80 -55.73
C ALA Q 68 -32.93 8.53 -54.26
N LEU Q 69 -32.20 9.17 -53.36
CA LEU Q 69 -32.47 9.05 -51.93
C LEU Q 69 -33.38 10.15 -51.40
N ALA Q 70 -33.39 11.32 -52.05
CA ALA Q 70 -34.22 12.42 -51.58
C ALA Q 70 -35.69 12.25 -51.92
N VAL Q 71 -36.02 11.41 -52.89
CA VAL Q 71 -37.41 11.18 -53.26
C VAL Q 71 -38.02 10.18 -52.28
N PRO Q 72 -37.37 9.06 -51.98
CA PRO Q 72 -37.94 8.14 -50.96
C PRO Q 72 -38.22 8.83 -49.63
N VAL Q 73 -37.33 9.68 -49.16
CA VAL Q 73 -37.54 10.33 -47.87
C VAL Q 73 -38.70 11.31 -47.94
N THR Q 74 -38.85 12.02 -49.06
CA THR Q 74 -39.98 12.91 -49.22
C THR Q 74 -41.29 12.14 -49.24
N LEU Q 75 -41.32 11.01 -49.95
CA LEU Q 75 -42.52 10.18 -49.95
C LEU Q 75 -42.82 9.65 -48.55
N VAL Q 76 -41.76 9.30 -47.81
CA VAL Q 76 -41.96 8.82 -46.44
C VAL Q 76 -42.53 9.93 -45.57
N LEU Q 77 -42.09 11.17 -45.76
CA LEU Q 77 -42.64 12.27 -44.98
C LEU Q 77 -44.09 12.53 -45.34
N ILE Q 78 -44.45 12.43 -46.63
CA ILE Q 78 -45.85 12.56 -47.01
C ILE Q 78 -46.69 11.47 -46.37
N ALA Q 79 -46.19 10.23 -46.39
CA ALA Q 79 -46.89 9.14 -45.72
C ALA Q 79 -47.00 9.40 -44.23
N SER Q 80 -45.97 10.00 -43.64
CA SER Q 80 -46.01 10.33 -42.22
C SER Q 80 -47.12 11.33 -41.94
N SER Q 81 -47.28 12.32 -42.82
CA SER Q 81 -48.38 13.27 -42.66
C SER Q 81 -49.74 12.57 -42.77
N PHE Q 82 -49.87 11.67 -43.73
CA PHE Q 82 -51.16 10.97 -43.91
C PHE Q 82 -51.50 10.14 -42.67
N THR Q 83 -50.52 9.37 -42.18
CA THR Q 83 -50.76 8.54 -41.00
C THR Q 83 -50.97 9.40 -39.76
N CYS Q 84 -50.32 10.57 -39.68
CA CYS Q 84 -50.60 11.49 -38.60
C CYS Q 84 -52.02 11.99 -38.64
N GLN Q 85 -52.54 12.27 -39.84
CA GLN Q 85 -53.92 12.70 -39.96
C GLN Q 85 -54.87 11.57 -39.54
N MET Q 86 -54.52 10.33 -39.87
CA MET Q 86 -55.31 9.20 -39.37
C MET Q 86 -55.28 9.15 -37.85
N GLY Q 87 -54.12 9.41 -37.26
CA GLY Q 87 -54.04 9.48 -35.81
C GLY Q 87 -54.90 10.59 -35.24
N VAL Q 88 -54.98 11.72 -35.94
CA VAL Q 88 -55.86 12.80 -35.52
C VAL Q 88 -57.31 12.36 -35.56
N PHE Q 89 -57.67 11.63 -36.61
CA PHE Q 89 -59.04 11.12 -36.72
C PHE Q 89 -59.35 10.20 -35.55
N ALA Q 90 -58.38 9.37 -35.16
CA ALA Q 90 -58.55 8.58 -33.95
C ALA Q 90 -58.67 9.46 -32.71
N ALA Q 91 -57.90 10.55 -32.65
CA ALA Q 91 -57.92 11.43 -31.49
C ALA Q 91 -59.28 12.09 -31.33
N GLU Q 92 -59.89 12.51 -32.43
CA GLU Q 92 -61.24 13.08 -32.34
C GLU Q 92 -62.19 12.10 -31.68
N ARG Q 93 -62.06 10.82 -32.01
CA ARG Q 93 -62.72 9.78 -31.24
C ARG Q 93 -61.96 9.54 -29.94
N GLY Q 94 -62.49 8.65 -29.10
CA GLY Q 94 -61.81 8.33 -27.87
C GLY Q 94 -60.77 7.25 -28.05
N ASP Q 95 -60.40 6.97 -29.30
CA ASP Q 95 -59.52 5.85 -29.61
C ASP Q 95 -58.11 6.19 -29.15
N VAL Q 96 -57.87 5.98 -27.85
CA VAL Q 96 -56.55 6.26 -27.30
C VAL Q 96 -55.50 5.41 -27.98
N PHE Q 97 -55.78 4.12 -28.11
CA PHE Q 97 -54.80 3.19 -28.64
C PHE Q 97 -54.66 3.32 -30.14
N GLY Q 98 -55.74 3.65 -30.85
CA GLY Q 98 -55.61 3.96 -32.26
C GLY Q 98 -54.75 5.18 -32.49
N LEU Q 99 -54.97 6.24 -31.71
CA LEU Q 99 -54.10 7.40 -31.77
C LEU Q 99 -52.66 7.02 -31.49
N ARG Q 100 -52.44 6.18 -30.47
CA ARG Q 100 -51.08 5.79 -30.13
C ARG Q 100 -50.42 5.03 -31.26
N ARG Q 101 -51.14 4.10 -31.88
CA ARG Q 101 -50.59 3.35 -33.01
C ARG Q 101 -50.23 4.29 -34.15
N TRP Q 102 -51.17 5.15 -34.54
CA TRP Q 102 -50.95 6.04 -35.68
C TRP Q 102 -49.77 6.96 -35.41
N TYR Q 103 -49.69 7.53 -34.20
CA TYR Q 103 -48.60 8.46 -33.90
C TYR Q 103 -47.28 7.74 -33.72
N VAL Q 104 -47.29 6.48 -33.26
CA VAL Q 104 -46.05 5.73 -33.14
C VAL Q 104 -45.47 5.45 -34.51
N ILE Q 105 -46.32 5.02 -35.46
CA ILE Q 105 -45.80 4.78 -36.80
C ILE Q 105 -45.43 6.10 -37.48
N THR Q 106 -46.14 7.18 -37.16
CA THR Q 106 -45.74 8.50 -37.63
C THR Q 106 -44.34 8.84 -37.13
N PHE Q 107 -44.08 8.62 -35.85
CA PHE Q 107 -42.77 8.89 -35.28
C PHE Q 107 -41.71 8.03 -35.92
N LEU Q 108 -42.01 6.75 -36.16
CA LEU Q 108 -41.04 5.86 -36.78
C LEU Q 108 -40.69 6.33 -38.18
N MET Q 109 -41.69 6.74 -38.97
CA MET Q 109 -41.41 7.17 -40.33
C MET Q 109 -40.71 8.53 -40.36
N GLY Q 110 -41.03 9.41 -39.42
CA GLY Q 110 -40.28 10.65 -39.31
C GLY Q 110 -38.84 10.42 -38.91
N LEU Q 111 -38.61 9.45 -38.03
CA LEU Q 111 -37.24 9.08 -37.67
C LEU Q 111 -36.51 8.50 -38.86
N PHE Q 112 -37.20 7.70 -39.68
CA PHE Q 112 -36.60 7.20 -40.90
C PHE Q 112 -36.24 8.34 -41.83
N PHE Q 113 -37.11 9.35 -41.93
CA PHE Q 113 -36.80 10.53 -42.73
C PHE Q 113 -35.54 11.22 -42.22
N VAL Q 114 -35.44 11.38 -40.90
CA VAL Q 114 -34.27 12.04 -40.32
C VAL Q 114 -33.02 11.24 -40.62
N LEU Q 115 -33.08 9.91 -40.48
CA LEU Q 115 -31.92 9.08 -40.75
C LEU Q 115 -31.53 9.11 -42.21
N GLY Q 116 -32.51 9.13 -43.12
CA GLY Q 116 -32.20 9.26 -44.53
C GLY Q 116 -31.56 10.61 -44.85
N GLN Q 117 -32.05 11.67 -44.22
CA GLN Q 117 -31.42 12.98 -44.39
C GLN Q 117 -29.99 12.96 -43.90
N GLY Q 118 -29.74 12.30 -42.76
CA GLY Q 118 -28.38 12.19 -42.27
C GLY Q 118 -27.49 11.38 -43.20
N TYR Q 119 -28.04 10.31 -43.78
CA TYR Q 119 -27.28 9.52 -44.74
C TYR Q 119 -26.89 10.36 -45.94
N GLU Q 120 -27.84 11.10 -46.50
CA GLU Q 120 -27.53 11.99 -47.61
C GLU Q 120 -26.53 13.05 -47.21
N TYR Q 121 -26.62 13.53 -45.96
CA TYR Q 121 -25.67 14.52 -45.47
C TYR Q 121 -24.26 13.97 -45.47
N ILE Q 122 -24.07 12.77 -44.92
CA ILE Q 122 -22.72 12.22 -44.85
C ILE Q 122 -22.21 11.91 -46.26
N HIS Q 123 -23.10 11.44 -47.14
CA HIS Q 123 -22.69 11.18 -48.51
C HIS Q 123 -22.22 12.45 -49.21
N LEU Q 124 -22.99 13.53 -49.08
CA LEU Q 124 -22.59 14.80 -49.65
C LEU Q 124 -21.29 15.30 -49.02
N VAL Q 125 -21.15 15.17 -47.72
CA VAL Q 125 -19.97 15.67 -47.03
C VAL Q 125 -18.72 14.97 -47.55
N GLU Q 126 -18.76 13.63 -47.60
CA GLU Q 126 -17.62 12.91 -48.13
C GLU Q 126 -17.41 13.19 -49.61
N HIS Q 127 -18.46 13.57 -50.33
CA HIS Q 127 -18.30 14.05 -51.71
C HIS Q 127 -18.15 15.57 -51.76
N GLY Q 128 -17.21 16.09 -50.98
CA GLY Q 128 -16.82 17.49 -51.09
C GLY Q 128 -17.73 18.46 -50.38
N THR Q 129 -18.96 18.62 -50.88
CA THR Q 129 -19.83 19.69 -50.42
C THR Q 129 -20.00 19.66 -48.91
N THR Q 130 -19.67 20.79 -48.26
CA THR Q 130 -19.81 20.94 -46.82
C THR Q 130 -20.20 22.39 -46.54
N ILE Q 131 -20.62 22.64 -45.30
CA ILE Q 131 -21.03 24.00 -44.94
C ILE Q 131 -19.90 25.00 -45.17
N PRO Q 132 -18.69 24.80 -44.66
CA PRO Q 132 -17.60 25.74 -44.97
C PRO Q 132 -17.02 25.56 -46.36
N GLY Q 133 -17.39 24.51 -47.08
CA GLY Q 133 -16.76 24.19 -48.34
C GLY Q 133 -17.36 24.91 -49.54
N SER Q 134 -18.60 25.36 -49.43
CA SER Q 134 -19.24 26.01 -50.58
C SER Q 134 -20.42 26.83 -50.10
N ALA Q 135 -20.72 27.90 -50.86
CA ALA Q 135 -21.92 28.69 -50.58
C ALA Q 135 -23.18 27.86 -50.79
N TYR Q 136 -23.22 27.10 -51.89
CA TYR Q 136 -24.34 26.20 -52.11
C TYR Q 136 -24.46 25.20 -50.96
N GLY Q 137 -23.35 24.54 -50.64
CA GLY Q 137 -23.39 23.55 -49.58
C GLY Q 137 -23.88 24.16 -48.29
N SER Q 138 -23.45 25.39 -48.00
CA SER Q 138 -23.78 26.01 -46.73
C SER Q 138 -25.25 26.39 -46.67
N VAL Q 139 -25.77 27.02 -47.72
CA VAL Q 139 -27.19 27.39 -47.71
C VAL Q 139 -28.07 26.13 -47.70
N PHE Q 140 -27.70 25.13 -48.50
CA PHE Q 140 -28.46 23.89 -48.53
C PHE Q 140 -28.47 23.22 -47.16
N TYR Q 141 -27.30 23.12 -46.53
CA TYR Q 141 -27.24 22.50 -45.20
C TYR Q 141 -27.99 23.33 -44.18
N LEU Q 142 -27.85 24.65 -44.23
CA LEU Q 142 -28.58 25.50 -43.28
C LEU Q 142 -30.07 25.25 -43.38
N ALA Q 143 -30.63 25.36 -44.59
CA ALA Q 143 -32.07 25.20 -44.74
C ALA Q 143 -32.52 23.79 -44.37
N THR Q 144 -31.89 22.78 -44.98
CA THR Q 144 -32.35 21.42 -44.80
C THR Q 144 -32.10 20.93 -43.38
N GLY Q 145 -31.03 21.41 -42.72
CA GLY Q 145 -30.75 20.99 -41.36
C GLY Q 145 -31.56 21.73 -40.33
N PHE Q 146 -31.98 22.97 -40.62
CA PHE Q 146 -32.95 23.59 -39.74
C PHE Q 146 -34.31 22.91 -39.87
N HIS Q 147 -34.67 22.50 -41.09
CA HIS Q 147 -35.86 21.67 -41.22
C HIS Q 147 -35.69 20.35 -40.49
N GLY Q 148 -34.49 19.77 -40.54
CA GLY Q 148 -34.25 18.53 -39.82
C GLY Q 148 -34.34 18.70 -38.31
N LEU Q 149 -33.87 19.83 -37.81
CA LEU Q 149 -34.05 20.14 -36.39
C LEU Q 149 -35.52 20.28 -36.05
N HIS Q 150 -36.30 20.89 -36.95
CA HIS Q 150 -37.74 20.98 -36.73
C HIS Q 150 -38.38 19.60 -36.75
N VAL Q 151 -37.92 18.71 -37.62
CA VAL Q 151 -38.45 17.35 -37.65
C VAL Q 151 -38.09 16.61 -36.37
N ILE Q 152 -36.87 16.81 -35.87
CA ILE Q 152 -36.47 16.20 -34.61
C ILE Q 152 -37.34 16.73 -33.47
N GLY Q 153 -37.60 18.03 -33.46
CA GLY Q 153 -38.50 18.59 -32.46
C GLY Q 153 -39.90 18.02 -32.59
N GLY Q 154 -40.35 17.78 -33.82
CA GLY Q 154 -41.64 17.14 -34.01
C GLY Q 154 -41.66 15.73 -33.46
N LEU Q 155 -40.58 14.97 -33.69
CA LEU Q 155 -40.49 13.63 -33.12
C LEU Q 155 -40.50 13.68 -31.60
N VAL Q 156 -39.80 14.65 -31.03
CA VAL Q 156 -39.82 14.82 -29.58
C VAL Q 156 -41.23 15.12 -29.10
N ALA Q 157 -41.94 15.99 -29.82
CA ALA Q 157 -43.32 16.29 -29.46
C ALA Q 157 -44.20 15.06 -29.55
N PHE Q 158 -43.97 14.23 -30.57
CA PHE Q 158 -44.77 13.01 -30.74
C PHE Q 158 -44.55 12.06 -29.55
N VAL Q 159 -43.29 11.79 -29.21
CA VAL Q 159 -43.02 10.86 -28.12
C VAL Q 159 -43.51 11.45 -26.80
N LEU Q 160 -43.38 12.77 -26.64
CA LEU Q 160 -43.84 13.41 -25.40
C LEU Q 160 -45.35 13.32 -25.28
N LEU Q 161 -46.08 13.53 -26.38
CA LEU Q 161 -47.53 13.40 -26.35
C LEU Q 161 -47.94 11.96 -26.07
N LEU Q 162 -47.22 11.00 -26.65
CA LEU Q 162 -47.54 9.60 -26.37
C LEU Q 162 -47.31 9.26 -24.90
N ALA Q 163 -46.21 9.76 -24.32
CA ALA Q 163 -46.00 9.57 -22.89
C ALA Q 163 -47.14 10.19 -22.09
N ARG Q 164 -47.61 11.37 -22.51
CA ARG Q 164 -48.71 12.02 -21.81
C ARG Q 164 -50.00 11.21 -21.92
N THR Q 165 -50.28 10.65 -23.09
CA THR Q 165 -51.43 9.76 -23.25
C THR Q 165 -51.32 8.53 -22.39
N LYS Q 166 -50.10 8.08 -22.11
CA LYS Q 166 -49.89 6.90 -21.27
C LYS Q 166 -50.16 7.16 -19.79
N MET Q 167 -50.16 8.43 -19.34
CA MET Q 167 -50.19 8.73 -17.91
C MET Q 167 -51.53 9.27 -17.41
N SER Q 168 -52.44 9.69 -18.28
CA SER Q 168 -53.72 10.22 -17.85
C SER Q 168 -54.79 9.78 -18.84
N LYS Q 169 -56.04 9.80 -18.37
CA LYS Q 169 -57.14 9.35 -19.20
C LYS Q 169 -57.32 10.29 -20.39
N PHE Q 170 -57.66 9.70 -21.53
CA PHE Q 170 -57.89 10.49 -22.73
C PHE Q 170 -59.07 11.41 -22.51
N THR Q 171 -58.91 12.66 -22.94
CA THR Q 171 -59.91 13.69 -22.75
C THR Q 171 -59.87 14.62 -23.95
N PRO Q 172 -60.86 15.51 -24.09
CA PRO Q 172 -60.78 16.49 -25.18
C PRO Q 172 -59.52 17.32 -25.16
N ALA Q 173 -59.00 17.62 -23.96
CA ALA Q 173 -57.75 18.37 -23.88
C ALA Q 173 -56.60 17.60 -24.53
N GLN Q 174 -56.53 16.31 -24.27
CA GLN Q 174 -55.42 15.52 -24.79
C GLN Q 174 -55.61 15.27 -26.29
N ALA Q 175 -56.86 15.10 -26.73
CA ALA Q 175 -57.13 15.04 -28.16
C ALA Q 175 -56.71 16.33 -28.85
N THR Q 176 -56.96 17.48 -28.22
CA THR Q 176 -56.52 18.75 -28.79
C THR Q 176 -55.00 18.84 -28.82
N ALA Q 177 -54.33 18.32 -27.80
CA ALA Q 177 -52.88 18.28 -27.82
C ALA Q 177 -52.38 17.47 -29.02
N ALA Q 178 -53.00 16.32 -29.25
CA ALA Q 178 -52.65 15.52 -30.43
C ALA Q 178 -52.93 16.29 -31.71
N ILE Q 179 -54.03 17.03 -31.75
CA ILE Q 179 -54.39 17.79 -32.94
C ILE Q 179 -53.34 18.85 -33.25
N VAL Q 180 -52.87 19.56 -32.22
CA VAL Q 180 -51.88 20.61 -32.46
C VAL Q 180 -50.53 20.00 -32.83
N VAL Q 181 -50.18 18.86 -32.23
CA VAL Q 181 -48.96 18.17 -32.65
C VAL Q 181 -49.05 17.79 -34.11
N SER Q 182 -50.22 17.32 -34.54
CA SER Q 182 -50.42 16.99 -35.94
C SER Q 182 -50.33 18.23 -36.83
N TYR Q 183 -50.83 19.35 -36.35
CA TYR Q 183 -50.68 20.60 -37.09
C TYR Q 183 -49.21 20.92 -37.31
N TYR Q 184 -48.40 20.75 -36.25
CA TYR Q 184 -46.96 20.98 -36.39
C TYR Q 184 -46.36 20.02 -37.42
N TRP Q 185 -46.73 18.75 -37.36
CA TRP Q 185 -46.17 17.77 -38.28
C TRP Q 185 -46.56 18.10 -39.73
N HIS Q 186 -47.81 18.50 -39.94
CA HIS Q 186 -48.25 18.88 -41.28
C HIS Q 186 -47.50 20.11 -41.78
N PHE Q 187 -47.29 21.09 -40.90
CA PHE Q 187 -46.49 22.25 -41.30
C PHE Q 187 -45.09 21.82 -41.68
N VAL Q 188 -44.51 20.90 -40.91
CA VAL Q 188 -43.15 20.44 -41.20
C VAL Q 188 -43.10 19.76 -42.57
N ASP Q 189 -44.08 18.91 -42.87
CA ASP Q 189 -44.07 18.24 -44.16
C ASP Q 189 -44.31 19.23 -45.30
N ILE Q 190 -45.15 20.25 -45.08
CA ILE Q 190 -45.40 21.24 -46.12
C ILE Q 190 -44.13 22.02 -46.42
N VAL Q 191 -43.42 22.46 -45.38
CA VAL Q 191 -42.17 23.18 -45.62
C VAL Q 191 -41.16 22.25 -46.26
N TRP Q 192 -41.22 20.94 -45.96
CA TRP Q 192 -40.33 20.01 -46.64
C TRP Q 192 -40.68 19.91 -48.12
N ILE Q 193 -41.96 19.91 -48.46
CA ILE Q 193 -42.35 19.88 -49.86
C ILE Q 193 -41.81 21.12 -50.56
N ALA Q 194 -41.94 22.27 -49.91
CA ALA Q 194 -41.40 23.50 -50.49
C ALA Q 194 -39.90 23.40 -50.69
N LEU Q 195 -39.18 22.93 -49.66
CA LEU Q 195 -37.73 22.80 -49.77
C LEU Q 195 -37.33 21.80 -50.83
N PHE Q 196 -38.05 20.69 -50.95
CA PHE Q 196 -37.74 19.69 -51.97
C PHE Q 196 -37.93 20.27 -53.36
N ALA Q 197 -39.06 20.93 -53.60
CA ALA Q 197 -39.30 21.53 -54.90
C ALA Q 197 -38.25 22.60 -55.21
N THR Q 198 -37.80 23.33 -54.20
CA THR Q 198 -36.83 24.39 -54.41
C THR Q 198 -35.43 23.85 -54.67
N ILE Q 199 -35.01 22.84 -53.90
CA ILE Q 199 -33.64 22.34 -54.00
C ILE Q 199 -33.51 21.42 -55.21
N TYR Q 200 -34.33 20.37 -55.26
CA TYR Q 200 -34.11 19.25 -56.16
C TYR Q 200 -34.74 19.44 -57.53
N PHE Q 201 -35.92 20.08 -57.60
CA PHE Q 201 -36.58 20.29 -58.88
C PHE Q 201 -36.25 21.66 -59.47
N VAL Q 202 -36.51 22.73 -58.73
CA VAL Q 202 -36.19 24.07 -59.23
C VAL Q 202 -34.69 24.21 -59.44
N ARG Q 203 -33.91 23.79 -58.44
CA ARG Q 203 -32.46 23.87 -58.52
C ARG Q 203 -32.01 25.25 -58.97
N MET R 1 -66.23 34.11 -35.64
CA MET R 1 -64.86 34.66 -35.85
C MET R 1 -64.74 35.31 -37.22
N HIS R 2 -65.83 35.91 -37.70
CA HIS R 2 -65.81 36.51 -39.02
C HIS R 2 -64.81 37.65 -39.10
N ILE R 3 -64.85 38.58 -38.15
CA ILE R 3 -63.93 39.72 -38.19
C ILE R 3 -62.50 39.25 -37.93
N GLU R 4 -62.33 38.28 -37.05
CA GLU R 4 -60.99 37.75 -36.78
C GLU R 4 -60.39 37.16 -38.04
N ALA R 5 -61.18 36.45 -38.83
CA ALA R 5 -60.68 35.91 -40.09
C ALA R 5 -60.47 37.01 -41.13
N ARG R 6 -61.37 38.00 -41.16
CA ARG R 6 -61.29 39.04 -42.16
C ARG R 6 -60.07 39.92 -41.96
N LEU R 7 -59.64 40.13 -40.72
CA LEU R 7 -58.41 40.87 -40.47
C LEU R 7 -57.25 40.23 -41.23
N PHE R 8 -57.07 38.92 -41.04
CA PHE R 8 -55.96 38.23 -41.70
C PHE R 8 -56.19 38.12 -43.20
N GLU R 9 -57.45 38.04 -43.65
CA GLU R 9 -57.71 38.03 -45.08
C GLU R 9 -57.27 39.35 -45.72
N ILE R 10 -57.57 40.47 -45.07
CA ILE R 10 -57.15 41.77 -45.57
C ILE R 10 -55.63 41.86 -45.57
N LEU R 11 -54.99 41.42 -44.48
CA LEU R 11 -53.53 41.45 -44.44
C LEU R 11 -52.94 40.59 -45.54
N THR R 12 -53.53 39.42 -45.79
CA THR R 12 -53.05 38.55 -46.86
C THR R 12 -53.19 39.21 -48.21
N ALA R 13 -54.32 39.87 -48.46
CA ALA R 13 -54.50 40.56 -49.73
C ALA R 13 -53.42 41.62 -49.92
N PHE R 14 -53.20 42.44 -48.89
CA PHE R 14 -52.20 43.49 -49.02
C PHE R 14 -50.81 42.92 -49.23
N PHE R 15 -50.46 41.87 -48.47
CA PHE R 15 -49.11 41.33 -48.57
C PHE R 15 -48.91 40.60 -49.90
N ALA R 16 -49.96 39.95 -50.42
CA ALA R 16 -49.85 39.35 -51.74
C ALA R 16 -49.64 40.41 -52.80
N LEU R 17 -50.38 41.51 -52.73
CA LEU R 17 -50.18 42.60 -53.68
C LEU R 17 -48.77 43.15 -53.57
N ALA R 18 -48.28 43.35 -52.34
CA ALA R 18 -46.94 43.88 -52.15
C ALA R 18 -45.89 42.93 -52.70
N ALA R 19 -46.03 41.63 -52.44
CA ALA R 19 -45.07 40.67 -52.96
C ALA R 19 -45.07 40.65 -54.48
N VAL R 20 -46.26 40.67 -55.10
CA VAL R 20 -46.34 40.62 -56.55
C VAL R 20 -45.70 41.86 -57.15
N VAL R 21 -46.06 43.04 -56.64
CA VAL R 21 -45.53 44.27 -57.22
C VAL R 21 -44.04 44.38 -56.99
N TYR R 22 -43.56 43.97 -55.81
CA TYR R 22 -42.13 43.97 -55.55
C TYR R 22 -41.41 43.04 -56.50
N ALA R 23 -41.93 41.83 -56.69
CA ALA R 23 -41.30 40.87 -57.58
C ALA R 23 -41.23 41.41 -59.00
N VAL R 24 -42.31 42.00 -59.48
CA VAL R 24 -42.32 42.51 -60.86
C VAL R 24 -41.36 43.68 -61.01
N LEU R 25 -41.48 44.68 -60.14
CA LEU R 25 -40.68 45.88 -60.24
C LEU R 25 -39.24 45.65 -59.83
N THR R 26 -38.90 44.48 -59.31
CA THR R 26 -37.52 44.11 -59.05
C THR R 26 -36.95 43.22 -60.13
N ALA R 27 -37.76 42.33 -60.71
CA ALA R 27 -37.34 41.60 -61.90
C ALA R 27 -37.01 42.57 -63.03
N MET R 28 -37.77 43.66 -63.14
CA MET R 28 -37.43 44.74 -64.05
C MET R 28 -37.33 46.03 -63.26
N PHE R 29 -36.38 46.88 -63.64
CA PHE R 29 -36.04 48.15 -62.97
C PHE R 29 -35.13 47.97 -61.76
N ALA R 30 -34.53 46.80 -61.56
CA ALA R 30 -33.54 46.61 -60.50
C ALA R 30 -32.18 46.34 -61.11
N THR R 31 -31.14 46.49 -60.28
CA THR R 31 -29.77 46.28 -60.75
C THR R 31 -29.55 44.85 -61.19
N GLY R 32 -30.03 43.88 -60.41
CA GLY R 32 -29.76 42.49 -60.67
C GLY R 32 -31.01 41.63 -60.73
N GLY R 33 -32.10 42.16 -61.29
CA GLY R 33 -33.31 41.40 -61.36
C GLY R 33 -33.94 41.21 -59.99
N VAL R 34 -34.73 40.14 -59.86
CA VAL R 34 -35.44 39.88 -58.61
C VAL R 34 -34.48 39.94 -57.45
N GLU R 35 -34.91 40.59 -56.37
CA GLU R 35 -34.06 40.72 -55.19
C GLU R 35 -33.85 39.38 -54.51
N TRP R 36 -34.89 38.55 -54.47
CA TRP R 36 -34.88 37.19 -53.95
C TRP R 36 -34.80 37.13 -52.44
N ALA R 37 -34.61 38.26 -51.75
CA ALA R 37 -34.71 38.29 -50.30
C ALA R 37 -36.00 38.98 -49.87
N GLY R 38 -36.21 40.23 -50.31
CA GLY R 38 -37.47 40.88 -50.07
C GLY R 38 -38.63 40.14 -50.73
N THR R 39 -38.41 39.62 -51.93
CA THR R 39 -39.46 38.89 -52.62
C THR R 39 -39.89 37.67 -51.81
N THR R 40 -38.93 36.85 -51.39
CA THR R 40 -39.26 35.66 -50.62
C THR R 40 -39.89 36.02 -49.28
N ALA R 41 -39.36 37.04 -48.61
CA ALA R 41 -39.93 37.43 -47.32
C ALA R 41 -41.37 37.91 -47.47
N LEU R 42 -41.64 38.70 -48.50
CA LEU R 42 -43.01 39.16 -48.74
C LEU R 42 -43.93 38.00 -49.10
N VAL R 43 -43.44 37.08 -49.92
CA VAL R 43 -44.26 35.93 -50.29
C VAL R 43 -44.61 35.09 -49.08
N LEU R 44 -43.64 34.86 -48.20
CA LEU R 44 -43.93 34.00 -47.06
C LEU R 44 -44.59 34.71 -45.89
N THR R 45 -44.56 36.05 -45.81
CA THR R 45 -45.47 36.71 -44.89
C THR R 45 -46.89 36.74 -45.44
N THR R 46 -47.05 36.84 -46.75
CA THR R 46 -48.35 36.56 -47.35
C THR R 46 -48.81 35.17 -46.98
N GLY R 47 -47.88 34.20 -46.97
CA GLY R 47 -48.23 32.85 -46.56
C GLY R 47 -48.60 32.76 -45.08
N LEU R 48 -47.85 33.46 -44.22
CA LEU R 48 -48.20 33.57 -42.81
C LEU R 48 -49.65 33.99 -42.65
N THR R 49 -49.98 35.16 -43.20
CA THR R 49 -51.33 35.69 -43.06
C THR R 49 -52.35 34.77 -43.72
N LEU R 50 -52.00 34.17 -44.86
CA LEU R 50 -52.92 33.27 -45.55
C LEU R 50 -53.25 32.07 -44.68
N ILE R 51 -52.24 31.46 -44.07
CA ILE R 51 -52.48 30.31 -43.21
C ILE R 51 -53.38 30.70 -42.05
N THR R 52 -53.02 31.78 -41.34
CA THR R 52 -53.79 32.16 -40.17
C THR R 52 -55.23 32.51 -40.55
N GLY R 53 -55.39 33.28 -41.63
CA GLY R 53 -56.73 33.67 -42.05
C GLY R 53 -57.55 32.51 -42.55
N THR R 54 -56.93 31.56 -43.25
CA THR R 54 -57.65 30.38 -43.71
C THR R 54 -58.14 29.56 -42.53
N PHE R 55 -57.29 29.36 -41.52
CA PHE R 55 -57.73 28.64 -40.35
C PHE R 55 -58.85 29.39 -39.64
N PHE R 56 -58.73 30.71 -39.51
CA PHE R 56 -59.77 31.49 -38.86
C PHE R 56 -61.08 31.43 -39.63
N ARG R 57 -61.00 31.43 -40.97
CA ARG R 57 -62.21 31.34 -41.77
C ARG R 57 -62.86 29.96 -41.65
N PHE R 58 -62.04 28.91 -41.67
CA PHE R 58 -62.57 27.57 -41.43
C PHE R 58 -63.31 27.52 -40.11
N VAL R 59 -62.70 28.10 -39.07
CA VAL R 59 -63.32 28.09 -37.74
C VAL R 59 -64.61 28.91 -37.75
N ALA R 60 -64.59 30.06 -38.43
CA ALA R 60 -65.77 30.91 -38.46
C ALA R 60 -66.93 30.20 -39.14
N ARG R 61 -66.66 29.48 -40.23
CA ARG R 61 -67.72 28.74 -40.90
C ARG R 61 -68.14 27.51 -40.10
N ARG R 62 -67.24 26.91 -39.33
CA ARG R 62 -67.56 25.77 -38.50
C ARG R 62 -68.29 26.14 -37.21
N LEU R 63 -68.23 27.41 -36.80
CA LEU R 63 -68.75 27.84 -35.52
C LEU R 63 -69.99 28.70 -35.70
N ASP R 64 -70.99 28.49 -34.85
CA ASP R 64 -72.09 29.44 -34.73
C ASP R 64 -71.61 30.68 -33.97
N THR R 65 -72.27 31.80 -34.24
CA THR R 65 -71.87 33.08 -33.65
C THR R 65 -71.77 32.94 -32.13
N ARG R 66 -70.60 33.27 -31.59
CA ARG R 66 -70.37 33.22 -30.16
C ARG R 66 -70.91 34.49 -29.52
N PRO R 67 -71.12 34.48 -28.20
CA PRO R 67 -71.41 35.75 -27.52
C PRO R 67 -70.31 36.77 -27.72
N GLU R 68 -69.05 36.32 -27.72
CA GLU R 68 -67.94 37.24 -27.95
C GLU R 68 -68.08 37.94 -29.29
N ASP R 69 -68.44 37.20 -30.33
CA ASP R 69 -68.53 37.73 -31.68
C ASP R 69 -69.91 38.30 -31.99
N TYR R 70 -70.86 38.23 -31.06
CA TYR R 70 -72.24 38.62 -31.30
C TYR R 70 -72.51 39.97 -30.67
N GLU R 71 -72.88 40.94 -31.49
CA GLU R 71 -73.36 42.22 -30.98
C GLU R 71 -74.66 41.99 -30.21
N ASP R 72 -74.89 42.80 -29.18
CA ASP R 72 -76.11 42.72 -28.38
C ASP R 72 -76.18 41.38 -27.64
N ALA R 73 -75.07 40.98 -27.02
CA ALA R 73 -74.98 39.75 -26.25
C ALA R 73 -74.91 40.08 -24.77
N GLU R 74 -75.72 39.42 -23.97
CA GLU R 74 -75.71 39.63 -22.53
C GLU R 74 -74.62 38.80 -21.88
N ILE R 75 -74.20 39.25 -20.70
CA ILE R 75 -73.11 38.56 -20.00
C ILE R 75 -73.54 37.15 -19.61
N SER R 76 -74.79 37.00 -19.19
CA SER R 76 -75.30 35.68 -18.84
C SER R 76 -75.20 34.70 -20.01
N ASP R 77 -75.28 35.19 -21.25
CA ASP R 77 -75.19 34.30 -22.39
C ASP R 77 -73.86 33.58 -22.43
N GLY R 78 -72.76 34.31 -22.22
CA GLY R 78 -71.45 33.71 -22.18
C GLY R 78 -71.08 33.11 -20.85
N ALA R 79 -71.83 33.41 -19.80
CA ALA R 79 -71.57 32.85 -18.48
C ALA R 79 -71.63 31.33 -18.55
N GLY R 80 -70.62 30.69 -17.96
CA GLY R 80 -70.55 29.25 -17.98
C GLY R 80 -69.15 28.77 -17.62
N GLU R 81 -68.92 27.50 -17.89
CA GLU R 81 -67.64 26.86 -17.60
C GLU R 81 -66.60 27.34 -18.59
N LEU R 82 -65.75 28.27 -18.16
CA LEU R 82 -64.52 28.53 -18.89
C LEU R 82 -63.57 27.35 -18.69
N GLY R 83 -62.65 27.19 -19.63
CA GLY R 83 -61.79 26.02 -19.64
C GLY R 83 -60.64 26.15 -18.66
N PHE R 84 -59.75 25.17 -18.74
CA PHE R 84 -58.61 25.10 -17.84
C PHE R 84 -57.59 26.17 -18.20
N PHE R 85 -57.23 26.99 -17.22
CA PHE R 85 -56.11 27.92 -17.33
C PHE R 85 -55.10 27.55 -16.26
N ALA R 86 -53.87 27.33 -16.67
CA ALA R 86 -52.87 26.79 -15.77
C ALA R 86 -52.66 27.72 -14.58
N PRO R 87 -52.83 27.24 -13.34
CA PRO R 87 -52.44 28.06 -12.19
C PRO R 87 -50.93 28.09 -12.03
N HIS R 88 -50.47 28.64 -10.91
CA HIS R 88 -49.04 28.78 -10.64
C HIS R 88 -48.24 27.61 -11.17
N SER R 89 -47.10 27.91 -11.77
CA SER R 89 -46.18 26.89 -12.26
C SER R 89 -44.78 27.46 -12.35
N TRP R 90 -43.78 26.67 -11.92
CA TRP R 90 -42.38 27.08 -11.95
C TRP R 90 -41.60 26.41 -13.06
N TRP R 91 -42.28 25.77 -14.00
CA TRP R 91 -41.63 25.13 -15.13
C TRP R 91 -41.19 26.14 -16.19
N PRO R 92 -41.94 27.23 -16.40
CA PRO R 92 -41.49 28.21 -17.41
C PRO R 92 -40.11 28.77 -17.15
N ILE R 93 -39.77 29.06 -15.90
CA ILE R 93 -38.45 29.62 -15.61
C ILE R 93 -37.38 28.58 -15.88
N LEU R 94 -37.66 27.31 -15.58
CA LEU R 94 -36.70 26.25 -15.87
C LEU R 94 -36.51 26.09 -17.38
N ILE R 95 -37.58 26.18 -18.15
CA ILE R 95 -37.45 26.12 -19.60
C ILE R 95 -36.59 27.27 -20.10
N SER R 96 -36.84 28.47 -19.58
CA SER R 96 -36.06 29.63 -19.99
C SER R 96 -34.59 29.45 -19.64
N LEU R 97 -34.30 28.93 -18.45
CA LEU R 97 -32.92 28.71 -18.05
C LEU R 97 -32.24 27.66 -18.91
N SER R 98 -32.95 26.58 -19.24
CA SER R 98 -32.37 25.55 -20.10
C SER R 98 -32.09 26.10 -21.50
N PHE R 99 -33.03 26.87 -22.04
CA PHE R 99 -32.80 27.45 -23.35
C PHE R 99 -31.67 28.48 -23.30
N SER R 100 -31.53 29.19 -22.19
CA SER R 100 -30.41 30.11 -22.04
C SER R 100 -29.09 29.36 -21.98
N THR R 101 -29.06 28.21 -21.32
CA THR R 101 -27.85 27.38 -21.31
C THR R 101 -27.50 26.93 -22.72
N ALA R 102 -28.49 26.47 -23.47
CA ALA R 102 -28.24 26.07 -24.86
C ALA R 102 -27.78 27.27 -25.68
N ALA R 103 -28.34 28.44 -25.43
CA ALA R 103 -27.99 29.63 -26.21
C ALA R 103 -26.56 30.07 -25.92
N VAL R 104 -26.15 30.06 -24.65
CA VAL R 104 -24.77 30.42 -24.34
C VAL R 104 -23.82 29.37 -24.88
N GLY R 105 -24.24 28.09 -24.87
CA GLY R 105 -23.43 27.06 -25.49
C GLY R 105 -23.25 27.29 -26.98
N ALA R 106 -24.29 27.79 -27.65
CA ALA R 106 -24.16 28.11 -29.06
C ALA R 106 -23.27 29.33 -29.27
N ALA R 107 -23.46 30.37 -28.46
CA ALA R 107 -22.66 31.58 -28.60
C ALA R 107 -21.19 31.30 -28.36
N LEU R 108 -20.85 30.90 -27.13
CA LEU R 108 -19.54 30.34 -26.84
C LEU R 108 -19.53 28.92 -27.34
N TRP R 109 -18.83 28.64 -28.44
CA TRP R 109 -19.07 27.41 -29.18
C TRP R 109 -18.58 26.25 -28.32
N LEU R 110 -19.48 25.80 -27.44
CA LEU R 110 -19.21 24.74 -26.48
C LEU R 110 -20.21 23.62 -26.76
N PRO R 111 -19.85 22.62 -27.58
CA PRO R 111 -20.81 21.56 -27.88
C PRO R 111 -21.30 20.81 -26.66
N TRP R 112 -20.44 20.62 -25.64
CA TRP R 112 -20.88 19.96 -24.42
C TRP R 112 -21.99 20.77 -23.74
N LEU R 113 -21.83 22.09 -23.68
CA LEU R 113 -22.86 22.92 -23.07
C LEU R 113 -24.11 22.98 -23.93
N ILE R 114 -23.97 22.93 -25.26
CA ILE R 114 -25.14 22.86 -26.12
C ILE R 114 -25.92 21.59 -25.85
N ALA R 115 -25.21 20.46 -25.74
CA ALA R 115 -25.88 19.20 -25.45
C ALA R 115 -26.57 19.24 -24.10
N ALA R 116 -25.89 19.76 -23.08
CA ALA R 116 -26.49 19.86 -21.76
C ALA R 116 -27.72 20.75 -21.78
N GLY R 117 -27.64 21.88 -22.48
CA GLY R 117 -28.78 22.78 -22.56
C GLY R 117 -29.96 22.16 -23.30
N VAL R 118 -29.68 21.40 -24.36
CA VAL R 118 -30.77 20.75 -25.09
C VAL R 118 -31.40 19.68 -24.22
N ALA R 119 -30.60 18.91 -23.48
CA ALA R 119 -31.15 17.91 -22.58
C ALA R 119 -32.01 18.58 -21.51
N PHE R 120 -31.54 19.69 -20.96
CA PHE R 120 -32.32 20.43 -19.97
C PHE R 120 -33.60 20.99 -20.57
N VAL R 121 -33.55 21.45 -21.82
CA VAL R 121 -34.75 21.97 -22.47
C VAL R 121 -35.77 20.85 -22.65
N ILE R 122 -35.30 19.67 -23.07
CA ILE R 122 -36.20 18.53 -23.20
C ILE R 122 -36.82 18.21 -21.85
N THR R 123 -36.00 18.18 -20.79
CA THR R 123 -36.52 17.85 -19.46
C THR R 123 -37.54 18.88 -19.00
N SER R 124 -37.24 20.17 -19.19
CA SER R 124 -38.12 21.21 -18.69
C SER R 124 -39.42 21.28 -19.48
N VAL R 125 -39.34 21.06 -20.79
CA VAL R 125 -40.56 21.02 -21.60
C VAL R 125 -41.40 19.82 -21.23
N CYS R 126 -40.75 18.67 -20.97
CA CYS R 126 -41.48 17.50 -20.50
C CYS R 126 -42.19 17.81 -19.19
N GLY R 127 -41.50 18.46 -18.26
CA GLY R 127 -42.12 18.82 -17.00
C GLY R 127 -43.32 19.74 -17.18
N LEU R 128 -43.15 20.77 -18.00
CA LEU R 128 -44.25 21.71 -18.24
C LEU R 128 -45.45 20.99 -18.86
N VAL R 129 -45.20 20.14 -19.85
CA VAL R 129 -46.29 19.50 -20.57
C VAL R 129 -46.99 18.48 -19.67
N PHE R 130 -46.23 17.72 -18.89
CA PHE R 130 -46.79 16.70 -18.01
C PHE R 130 -47.30 17.27 -16.70
N GLU R 131 -47.11 18.57 -16.45
CA GLU R 131 -47.39 19.12 -15.13
C GLU R 131 -48.79 18.74 -14.65
N TYR R 132 -49.78 18.85 -15.52
CA TYR R 132 -51.17 18.63 -15.16
C TYR R 132 -51.69 17.29 -15.66
N TYR R 133 -50.81 16.33 -15.91
CA TYR R 133 -51.20 14.98 -16.27
C TYR R 133 -50.52 13.90 -15.44
N TRP R 134 -49.38 14.19 -14.83
CA TRP R 134 -48.74 13.26 -13.92
C TRP R 134 -49.75 12.76 -12.89
N GLY R 135 -49.95 11.45 -12.85
CA GLY R 135 -50.87 10.87 -11.91
C GLY R 135 -50.24 10.73 -10.53
N PRO R 136 -51.07 10.38 -9.55
CA PRO R 136 -50.54 10.16 -8.19
C PRO R 136 -49.57 8.99 -8.16
N GLU R 137 -48.59 9.08 -7.25
CA GLU R 137 -47.63 8.00 -7.08
C GLU R 137 -48.35 6.71 -6.72
N LYS R 138 -47.99 5.62 -7.39
CA LYS R 138 -48.63 4.34 -7.18
C LYS R 138 -47.98 3.52 -6.07
N HIS R 139 -46.83 3.95 -5.56
CA HIS R 139 -46.12 3.18 -4.53
C HIS R 139 -45.87 1.75 -5.00
N MET S 1 -13.39 72.50 -25.63
CA MET S 1 -13.31 73.94 -25.25
C MET S 1 -13.50 74.10 -23.74
N SER S 2 -12.49 74.63 -23.08
CA SER S 2 -12.55 74.90 -21.65
C SER S 2 -13.06 73.68 -20.89
N THR S 3 -12.25 72.62 -20.95
CA THR S 3 -12.61 71.33 -20.34
C THR S 3 -13.33 71.52 -19.01
N ALA S 4 -12.77 72.36 -18.13
CA ALA S 4 -13.40 72.60 -16.85
C ALA S 4 -14.77 73.24 -17.02
N LEU S 5 -14.89 74.20 -17.95
CA LEU S 5 -16.17 74.85 -18.18
C LEU S 5 -17.22 73.84 -18.65
N THR S 6 -16.84 72.98 -19.59
CA THR S 6 -17.79 72.00 -20.10
C THR S 6 -18.21 71.01 -19.02
N HIS S 7 -17.24 70.53 -18.23
CA HIS S 7 -17.58 69.61 -17.14
C HIS S 7 -18.51 70.28 -16.14
N GLY S 8 -18.18 71.49 -15.72
CA GLY S 8 -19.04 72.20 -14.79
C GLY S 8 -20.43 72.44 -15.35
N LEU S 9 -20.51 72.77 -16.64
CA LEU S 9 -21.81 73.00 -17.26
C LEU S 9 -22.65 71.74 -17.25
N ILE S 10 -22.09 70.63 -17.74
CA ILE S 10 -22.86 69.39 -17.82
C ILE S 10 -23.23 68.90 -16.42
N GLY S 11 -22.42 69.23 -15.41
CA GLY S 11 -22.71 68.79 -14.06
C GLY S 11 -23.64 69.70 -13.29
N GLY S 12 -23.74 70.97 -13.71
CA GLY S 12 -24.48 71.96 -12.95
C GLY S 12 -25.80 72.36 -13.56
N VAL S 13 -25.85 72.53 -14.88
CA VAL S 13 -27.11 72.90 -15.52
C VAL S 13 -28.22 71.91 -15.16
N PRO S 14 -28.00 70.60 -15.23
CA PRO S 14 -29.04 69.68 -14.74
C PRO S 14 -29.42 69.93 -13.29
N LEU S 15 -28.44 70.20 -12.43
CA LEU S 15 -28.73 70.45 -11.02
C LEU S 15 -29.52 71.73 -10.84
N VAL S 16 -29.13 72.80 -11.53
CA VAL S 16 -29.85 74.07 -11.40
C VAL S 16 -31.28 73.92 -11.88
N LEU S 17 -31.46 73.27 -13.04
CA LEU S 17 -32.81 73.08 -13.57
C LEU S 17 -33.63 72.20 -12.64
N PHE S 18 -33.03 71.16 -12.08
CA PHE S 18 -33.75 70.31 -11.14
C PHE S 18 -34.18 71.11 -9.92
N ALA S 19 -33.29 71.94 -9.38
CA ALA S 19 -33.65 72.74 -8.21
C ALA S 19 -34.79 73.69 -8.55
N VAL S 20 -34.72 74.34 -9.71
CA VAL S 20 -35.77 75.29 -10.08
C VAL S 20 -37.11 74.56 -10.23
N LEU S 21 -37.12 73.43 -10.93
CA LEU S 21 -38.37 72.70 -11.15
C LEU S 21 -38.91 72.14 -9.84
N ALA S 22 -38.03 71.68 -8.95
CA ALA S 22 -38.47 71.20 -7.65
C ALA S 22 -39.11 72.33 -6.85
N LEU S 23 -38.50 73.51 -6.87
CA LEU S 23 -39.11 74.65 -6.18
C LEU S 23 -40.47 74.98 -6.78
N ILE S 24 -40.59 74.91 -8.11
CA ILE S 24 -41.86 75.24 -8.75
C ILE S 24 -42.94 74.23 -8.35
N PHE S 25 -42.61 72.94 -8.39
CA PHE S 25 -43.63 71.89 -8.32
C PHE S 25 -43.76 71.28 -6.93
N LEU S 26 -42.67 70.76 -6.36
CA LEU S 26 -42.76 70.10 -5.06
C LEU S 26 -43.27 71.04 -3.97
N THR S 27 -43.16 72.35 -4.16
CA THR S 27 -43.65 73.32 -3.20
C THR S 27 -45.11 73.69 -3.41
N ARG S 28 -45.87 72.85 -4.10
CA ARG S 28 -47.27 73.09 -4.37
C ARG S 28 -48.13 72.28 -3.40
N LYS S 29 -49.23 72.86 -2.96
CA LYS S 29 -50.13 72.16 -2.06
C LYS S 29 -50.60 70.88 -2.72
N GLY S 30 -50.48 69.77 -2.00
CA GLY S 30 -50.86 68.48 -2.52
C GLY S 30 -52.35 68.25 -2.40
N PRO S 31 -52.81 67.14 -3.00
CA PRO S 31 -54.23 66.79 -2.90
C PRO S 31 -54.61 66.18 -1.55
N HIS S 32 -53.64 65.86 -0.71
CA HIS S 32 -53.96 65.27 0.59
C HIS S 32 -54.66 66.30 1.46
N PRO S 33 -55.80 65.98 2.08
CA PRO S 33 -56.45 66.96 2.95
C PRO S 33 -55.54 67.37 4.10
N ASP S 34 -55.63 68.64 4.48
CA ASP S 34 -54.83 69.15 5.58
C ASP S 34 -55.24 68.47 6.89
N THR S 35 -54.29 68.38 7.82
CA THR S 35 -54.55 67.71 9.08
C THR S 35 -55.70 68.41 9.82
N TYR S 36 -56.53 67.60 10.46
CA TYR S 36 -57.69 68.12 11.18
C TYR S 36 -57.23 68.77 12.48
N LYS S 37 -57.45 70.08 12.58
CA LYS S 37 -57.14 70.79 13.81
C LYS S 37 -58.23 70.52 14.85
N MET S 38 -57.81 70.37 16.11
CA MET S 38 -58.76 70.02 17.17
C MET S 38 -59.78 71.12 17.38
N SER S 39 -59.36 72.38 17.30
CA SER S 39 -60.27 73.48 17.55
C SER S 39 -61.43 73.47 16.56
N ASP S 40 -61.15 73.19 15.29
CA ASP S 40 -62.20 73.16 14.29
C ASP S 40 -63.12 71.96 14.53
N PRO S 41 -64.41 72.08 14.18
CA PRO S 41 -65.32 70.96 14.38
C PRO S 41 -65.01 69.81 13.44
N TRP S 42 -65.43 68.61 13.84
CA TRP S 42 -65.22 67.41 13.03
C TRP S 42 -66.19 67.43 11.86
N THR S 43 -65.72 67.83 10.69
CA THR S 43 -66.56 67.89 9.50
C THR S 43 -66.57 66.59 8.71
N HIS S 44 -65.49 65.82 8.78
CA HIS S 44 -65.42 64.58 8.03
C HIS S 44 -66.47 63.59 8.53
N ALA S 45 -66.87 62.68 7.65
CA ALA S 45 -67.85 61.67 7.99
C ALA S 45 -67.29 60.72 9.04
N PRO S 46 -68.14 60.00 9.76
CA PRO S 46 -67.63 59.11 10.81
C PRO S 46 -66.63 58.12 10.25
N ILE S 47 -65.54 57.93 11.00
CA ILE S 47 -64.44 57.05 10.61
C ILE S 47 -64.36 55.93 11.63
N LEU S 48 -64.48 54.69 11.16
CA LEU S 48 -64.24 53.51 11.98
C LEU S 48 -63.06 52.75 11.40
N TRP S 49 -62.05 52.50 12.23
CA TRP S 49 -60.84 51.80 11.81
C TRP S 49 -60.72 50.50 12.59
N ALA S 50 -60.16 49.50 11.94
CA ALA S 50 -60.03 48.17 12.52
C ALA S 50 -58.69 47.56 12.13
N ALA S 51 -58.21 46.64 12.97
CA ALA S 51 -56.86 46.11 12.81
C ALA S 51 -56.75 45.08 11.69
N GLU S 52 -57.82 44.33 11.42
CA GLU S 52 -57.72 43.12 10.61
C GLU S 52 -56.70 42.14 11.18
N GLU S 53 -56.40 42.29 12.47
CA GLU S 53 -55.30 41.55 13.08
C GLU S 53 -55.52 40.05 13.08
N PRO S 54 -56.62 39.51 13.57
CA PRO S 54 -56.73 38.06 13.74
C PRO S 54 -57.34 37.36 12.53
N ARG S 55 -57.29 36.04 12.57
CA ARG S 55 -57.95 35.20 11.58
C ARG S 55 -59.42 35.04 11.95
N GLU S 56 -60.30 35.33 10.99
CA GLU S 56 -61.74 35.39 11.24
C GLU S 56 -62.39 34.11 10.75
N HIS S 57 -62.21 33.04 11.54
CA HIS S 57 -62.83 31.75 11.25
C HIS S 57 -62.65 31.41 9.77
N GLY S 58 -63.74 31.34 9.00
CA GLY S 58 -63.64 31.18 7.56
C GLY S 58 -63.69 32.52 6.84
N HIS S 59 -62.98 32.59 5.71
CA HIS S 59 -62.94 33.83 4.95
C HIS S 59 -64.31 34.20 4.40
N GLY S 60 -65.08 33.22 3.95
CA GLY S 60 -66.38 33.51 3.39
C GLY S 60 -67.30 34.17 4.41
N GLY S 61 -68.08 35.14 3.92
CA GLY S 61 -68.98 35.86 4.80
C GLY S 61 -70.10 34.99 5.33
N HIS S 62 -70.70 34.16 4.47
CA HIS S 62 -71.79 33.31 4.91
C HIS S 62 -71.31 32.32 5.97
N GLY S 63 -72.16 32.04 6.94
CA GLY S 63 -71.82 31.19 8.06
C GLY S 63 -71.36 31.95 9.29
N HIS S 64 -70.97 33.21 9.14
CA HIS S 64 -70.57 34.01 10.30
C HIS S 64 -71.75 34.25 11.23
N ASP S 65 -72.94 34.46 10.66
CA ASP S 65 -74.13 34.76 11.46
C ASP S 65 -73.91 36.01 12.31
N SER S 66 -74.83 36.29 13.22
CA SER S 66 -74.74 37.43 14.13
C SER S 66 -74.90 36.90 15.55
N HIS S 67 -73.78 36.49 16.16
CA HIS S 67 -73.83 35.98 17.52
C HIS S 67 -74.31 37.05 18.50
N GLY S 68 -73.84 38.27 18.33
CA GLY S 68 -74.25 39.39 19.14
C GLY S 68 -73.08 40.30 19.45
N VAL S 69 -73.40 41.51 19.92
CA VAL S 69 -72.37 42.47 20.28
C VAL S 69 -71.61 41.98 21.51
N VAL S 70 -72.32 41.33 22.45
CA VAL S 70 -71.76 40.83 23.69
C VAL S 70 -70.76 41.83 24.26
N ILE S 71 -71.23 43.05 24.53
CA ILE S 71 -70.37 44.07 25.10
C ILE S 71 -69.87 43.61 26.47
N GLY S 72 -68.55 43.70 26.67
CA GLY S 72 -67.93 43.21 27.88
C GLY S 72 -67.00 44.21 28.52
N GLY S 73 -67.36 45.49 28.48
CA GLY S 73 -66.55 46.51 29.11
C GLY S 73 -67.04 47.89 28.75
N GLY S 74 -66.28 48.88 29.20
CA GLY S 74 -66.64 50.27 28.99
C GLY S 74 -65.57 51.18 29.53
N ALA S 75 -65.73 52.47 29.23
CA ALA S 75 -64.84 53.51 29.74
C ALA S 75 -65.43 54.85 29.33
N SER S 76 -64.83 55.93 29.83
CA SER S 76 -65.28 57.26 29.48
C SER S 76 -64.17 58.25 29.79
N GLY S 77 -64.28 59.43 29.17
CA GLY S 77 -63.32 60.48 29.40
C GLY S 77 -63.76 61.74 28.68
N LYS S 78 -63.15 62.86 29.10
CA LYS S 78 -63.48 64.17 28.53
C LYS S 78 -62.21 64.97 28.28
N TRP S 79 -61.20 64.32 27.71
CA TRP S 79 -59.94 64.99 27.41
C TRP S 79 -59.34 65.60 28.67
N GLU T 1 -82.81 54.79 -1.57
CA GLU T 1 -81.48 54.35 -1.99
C GLU T 1 -80.93 55.27 -3.06
N LEU T 2 -79.68 55.69 -2.90
CA LEU T 2 -79.02 56.55 -3.86
C LEU T 2 -77.52 56.30 -3.81
N ASP T 3 -76.88 56.24 -4.97
CA ASP T 3 -75.45 56.01 -5.06
C ASP T 3 -74.73 57.34 -4.80
N LEU T 4 -73.40 57.34 -4.95
CA LEU T 4 -72.64 58.55 -4.69
C LEU T 4 -73.09 59.64 -5.66
N PRO T 5 -72.84 60.91 -5.31
CA PRO T 5 -73.44 62.01 -6.10
C PRO T 5 -73.16 61.91 -7.58
N TYR T 6 -72.03 61.33 -7.99
CA TYR T 6 -71.69 61.28 -9.41
C TYR T 6 -70.74 60.12 -9.67
N GLY T 7 -71.01 59.38 -10.74
CA GLY T 7 -70.05 58.45 -11.29
C GLY T 7 -69.99 57.09 -10.63
N SER T 8 -70.76 56.85 -9.56
CA SER T 8 -70.78 55.57 -8.88
C SER T 8 -72.03 54.82 -9.29
N ALA T 9 -71.87 53.55 -9.66
CA ALA T 9 -72.96 52.72 -10.15
C ALA T 9 -72.96 51.38 -9.46
N LEU T 10 -74.16 50.88 -9.18
CA LEU T 10 -74.31 49.51 -8.67
C LEU T 10 -74.11 48.52 -9.81
N THR T 11 -73.24 47.55 -9.58
CA THR T 11 -72.86 46.61 -10.61
C THR T 11 -73.84 45.44 -10.66
N SER T 12 -73.59 44.49 -11.57
CA SER T 12 -74.46 43.33 -11.70
C SER T 12 -74.59 42.60 -10.36
N SER T 13 -73.50 42.52 -9.62
CA SER T 13 -73.51 41.97 -8.27
C SER T 13 -73.63 43.12 -7.27
N GLY T 14 -73.46 42.81 -5.98
CA GLY T 14 -73.70 43.80 -4.95
C GLY T 14 -72.73 44.98 -5.00
N ARG T 15 -71.47 44.71 -5.34
CA ARG T 15 -70.44 45.73 -5.22
C ARG T 15 -70.80 46.96 -6.04
N ILE T 16 -70.57 48.13 -5.45
CA ILE T 16 -70.76 49.42 -6.12
C ILE T 16 -69.41 49.88 -6.63
N SER T 17 -69.33 50.20 -7.92
CA SER T 17 -68.10 50.69 -8.53
C SER T 17 -68.19 52.21 -8.59
N ALA T 18 -67.26 52.87 -7.92
CA ALA T 18 -67.26 54.32 -7.83
C ALA T 18 -66.11 54.91 -8.64
N VAL T 19 -66.15 56.24 -8.80
CA VAL T 19 -65.11 56.96 -9.52
C VAL T 19 -64.87 58.28 -8.82
N THR T 20 -63.70 58.85 -9.09
CA THR T 20 -63.32 60.18 -8.62
C THR T 20 -62.73 60.95 -9.77
N GLU T 21 -62.95 62.26 -9.79
CA GLU T 21 -62.35 63.09 -10.82
C GLU T 21 -60.83 63.00 -10.70
N PRO T 22 -60.11 63.12 -11.82
CA PRO T 22 -58.68 62.75 -11.81
C PRO T 22 -57.86 63.46 -10.74
N GLY T 23 -58.12 64.75 -10.48
CA GLY T 23 -57.26 65.50 -9.59
C GLY T 23 -57.30 65.03 -8.16
N GLU T 24 -58.49 64.66 -7.67
CA GLU T 24 -58.71 64.47 -6.25
C GLU T 24 -58.48 63.01 -5.86
N LEU T 25 -58.79 62.68 -4.61
CA LEU T 25 -58.47 61.41 -4.00
C LEU T 25 -59.76 60.68 -3.61
N SER T 26 -59.60 59.56 -2.90
CA SER T 26 -60.71 58.72 -2.48
C SER T 26 -60.87 58.69 -0.97
N VAL T 27 -59.80 58.46 -0.22
CA VAL T 27 -59.92 58.29 1.24
C VAL T 27 -60.34 59.60 1.89
N HIS T 28 -59.72 60.72 1.51
CA HIS T 28 -60.06 62.04 2.02
C HIS T 28 -59.91 62.14 3.54
N TYR T 29 -59.16 61.24 4.17
CA TYR T 29 -58.96 61.32 5.61
C TYR T 29 -58.19 62.59 5.94
N PRO T 30 -58.59 63.35 6.99
CA PRO T 30 -57.90 64.60 7.31
C PRO T 30 -56.72 64.43 8.26
N PHE T 31 -55.83 63.49 7.92
CA PHE T 31 -54.64 63.23 8.72
C PHE T 31 -53.46 62.99 7.79
N PRO T 32 -52.24 63.28 8.25
CA PRO T 32 -51.07 62.98 7.42
C PRO T 32 -50.98 61.49 7.09
N THR T 33 -50.49 61.21 5.88
CA THR T 33 -50.33 59.82 5.46
C THR T 33 -49.41 59.07 6.41
N MET T 34 -48.36 59.72 6.90
CA MET T 34 -47.36 59.00 7.68
C MET T 34 -47.89 58.64 9.06
N ASP T 35 -48.58 59.56 9.74
CA ASP T 35 -49.14 59.19 11.05
C ASP T 35 -50.39 58.32 10.90
N LEU T 36 -51.08 58.40 9.77
CA LEU T 36 -52.08 57.37 9.47
C LEU T 36 -51.42 55.99 9.38
N VAL T 37 -50.26 55.92 8.72
CA VAL T 37 -49.51 54.68 8.65
C VAL T 37 -49.07 54.24 10.04
N VAL T 38 -48.69 55.19 10.89
CA VAL T 38 -48.25 54.85 12.24
C VAL T 38 -49.41 54.25 13.03
N LEU T 39 -50.59 54.86 12.95
CA LEU T 39 -51.74 54.33 13.66
C LEU T 39 -52.14 52.97 13.10
N ASP T 40 -52.04 52.80 11.78
CA ASP T 40 -52.31 51.49 11.20
C ASP T 40 -51.33 50.45 11.70
N ASP T 41 -50.04 50.81 11.78
CA ASP T 41 -49.03 49.89 12.30
C ASP T 41 -49.35 49.51 13.74
N ALA T 42 -49.74 50.49 14.55
CA ALA T 42 -50.18 50.19 15.90
C ALA T 42 -51.31 49.18 15.88
N LEU T 43 -52.47 49.57 15.33
CA LEU T 43 -53.62 48.68 15.27
C LEU T 43 -53.24 47.30 14.77
N LYS T 44 -52.28 47.21 13.86
CA LYS T 44 -51.99 45.94 13.19
C LYS T 44 -51.10 45.04 14.05
N TYR T 45 -49.88 45.48 14.36
CA TYR T 45 -48.94 44.61 15.04
C TYR T 45 -48.68 44.96 16.49
N GLY T 46 -48.97 46.19 16.94
CA GLY T 46 -48.92 46.44 18.36
C GLY T 46 -50.07 45.82 19.10
N SER T 47 -51.07 45.34 18.36
CA SER T 47 -52.20 44.62 18.94
C SER T 47 -52.11 43.11 18.74
N ARG T 48 -51.22 42.61 17.88
CA ARG T 48 -51.07 41.18 17.70
C ARG T 48 -50.82 40.50 19.04
N ALA T 49 -50.12 41.15 19.96
CA ALA T 49 -49.93 40.60 21.29
C ALA T 49 -51.27 40.42 21.99
N ALA T 50 -52.17 41.38 21.83
CA ALA T 50 -53.47 41.30 22.49
C ALA T 50 -54.33 40.20 21.90
N LYS T 51 -54.18 39.91 20.61
CA LYS T 51 -55.02 38.93 19.92
C LYS T 51 -56.50 39.28 20.06
N ALA T 52 -56.80 40.57 20.16
CA ALA T 52 -58.16 41.08 20.14
C ALA T 52 -58.18 42.29 19.22
N ARG T 53 -59.14 42.33 18.30
CA ARG T 53 -59.12 43.36 17.27
C ARG T 53 -59.31 44.73 17.89
N PHE T 54 -58.31 45.60 17.72
CA PHE T 54 -58.36 46.97 18.20
C PHE T 54 -58.92 47.86 17.11
N ALA T 55 -59.88 48.71 17.47
CA ALA T 55 -60.55 49.58 16.52
C ALA T 55 -60.59 51.00 17.07
N VAL T 56 -60.57 51.97 16.17
CA VAL T 56 -60.58 53.38 16.51
C VAL T 56 -61.73 54.03 15.74
N TYR T 57 -62.50 54.85 16.44
CA TYR T 57 -63.69 55.51 15.87
C TYR T 57 -63.57 57.01 16.13
N ILE T 58 -63.10 57.76 15.14
CA ILE T 58 -62.95 59.19 15.31
C ILE T 58 -64.28 59.93 15.14
N GLY T 59 -65.24 59.33 14.44
CA GLY T 59 -66.50 59.99 14.18
C GLY T 59 -67.20 60.44 15.44
N PRO T 60 -68.25 61.25 15.28
CA PRO T 60 -69.04 61.66 16.44
C PRO T 60 -69.84 60.49 17.00
N LEU T 61 -70.08 60.53 18.31
CA LEU T 61 -70.89 59.53 18.99
C LEU T 61 -71.76 60.31 19.99
N GLY T 62 -72.97 60.63 19.56
CA GLY T 62 -73.83 61.56 20.29
C GLY T 62 -74.84 60.85 21.18
N ALA T 63 -75.76 61.64 21.71
CA ALA T 63 -76.80 61.16 22.61
C ALA T 63 -76.10 60.48 23.79
N ASP T 64 -76.48 59.27 24.17
CA ASP T 64 -75.76 58.55 25.22
C ASP T 64 -74.47 57.97 24.64
N THR T 65 -73.35 58.59 25.02
CA THR T 65 -72.06 58.25 24.42
C THR T 65 -71.73 56.77 24.61
N ALA T 66 -71.97 56.24 25.81
CA ALA T 66 -71.66 54.85 26.08
C ALA T 66 -72.45 53.93 25.15
N ALA T 67 -73.76 54.16 25.01
CA ALA T 67 -74.58 53.28 24.20
C ALA T 67 -74.20 53.36 22.73
N THR T 68 -73.97 54.56 22.22
CA THR T 68 -73.52 54.66 20.83
C THR T 68 -72.18 53.98 20.65
N ALA T 69 -71.31 54.04 21.66
CA ALA T 69 -70.06 53.29 21.58
C ALA T 69 -70.32 51.80 21.49
N ARG T 70 -71.30 51.29 22.25
CA ARG T 70 -71.65 49.88 22.15
C ARG T 70 -72.09 49.53 20.74
N GLU T 71 -73.02 50.29 20.18
CA GLU T 71 -73.59 49.91 18.89
C GLU T 71 -72.70 50.30 17.70
N ILE T 72 -71.58 50.99 17.93
CA ILE T 72 -70.59 51.13 16.87
C ILE T 72 -69.54 50.04 17.02
N LEU T 73 -69.28 49.60 18.26
CA LEU T 73 -68.47 48.40 18.46
C LEU T 73 -69.14 47.19 17.82
N ALA T 74 -70.47 47.19 17.78
CA ALA T 74 -71.18 46.11 17.11
C ALA T 74 -70.72 45.94 15.67
N ASN T 75 -70.26 47.02 15.03
CA ASN T 75 -69.85 46.98 13.64
C ASN T 75 -68.45 46.38 13.44
N VAL T 76 -67.66 46.24 14.49
CA VAL T 76 -66.36 45.61 14.34
C VAL T 76 -66.55 44.19 13.85
N PRO T 77 -65.69 43.64 12.98
CA PRO T 77 -66.00 42.33 12.38
C PRO T 77 -66.26 41.23 13.39
N THR T 78 -65.51 41.17 14.48
CA THR T 78 -65.71 40.17 15.54
C THR T 78 -65.74 40.91 16.88
N PRO T 79 -66.87 41.49 17.24
CA PRO T 79 -66.92 42.24 18.51
C PRO T 79 -66.66 41.37 19.73
N GLU T 80 -66.68 40.05 19.58
CA GLU T 80 -66.47 39.17 20.73
C GLU T 80 -65.16 39.47 21.43
N ASN T 81 -64.07 39.55 20.65
CA ASN T 81 -62.76 39.97 21.17
C ASN T 81 -62.37 41.22 20.39
N ALA T 82 -62.88 42.36 20.83
CA ALA T 82 -62.62 43.62 20.16
C ALA T 82 -62.55 44.72 21.20
N VAL T 83 -61.78 45.76 20.88
CA VAL T 83 -61.56 46.89 21.77
C VAL T 83 -61.71 48.15 20.93
N LEU T 84 -62.85 48.83 21.06
CA LEU T 84 -63.14 50.02 20.26
C LEU T 84 -62.95 51.26 21.11
N LEU T 85 -62.02 52.12 20.69
CA LEU T 85 -61.79 53.42 21.31
C LEU T 85 -62.41 54.47 20.40
N ALA T 86 -63.43 55.15 20.88
CA ALA T 86 -64.14 56.16 20.10
C ALA T 86 -63.91 57.53 20.71
N VAL T 87 -63.48 58.47 19.87
CA VAL T 87 -63.29 59.86 20.28
C VAL T 87 -64.17 60.73 19.41
N SER T 88 -64.96 61.59 20.04
CA SER T 88 -65.73 62.62 19.35
C SER T 88 -65.21 63.97 19.78
N PRO T 89 -64.41 64.66 18.94
CA PRO T 89 -64.02 66.03 19.27
C PRO T 89 -65.14 67.03 19.15
N ASP T 90 -66.23 66.69 18.44
CA ASP T 90 -67.41 67.53 18.44
C ASP T 90 -68.00 67.60 19.84
N GLN T 91 -67.69 66.63 20.70
CA GLN T 91 -68.13 66.62 22.08
C GLN T 91 -66.98 66.51 23.07
N ARG T 92 -65.73 66.42 22.58
CA ARG T 92 -64.58 66.26 23.46
C ARG T 92 -64.78 65.06 24.38
N ALA T 93 -65.28 63.96 23.81
CA ALA T 93 -65.64 62.77 24.57
C ALA T 93 -64.82 61.58 24.10
N ILE T 94 -64.48 60.70 25.04
CA ILE T 94 -63.78 59.46 24.77
C ILE T 94 -64.57 58.32 25.41
N GLU T 95 -64.73 57.22 24.68
CA GLU T 95 -65.44 56.05 25.19
C GLU T 95 -64.76 54.80 24.65
N VAL T 96 -64.33 53.91 25.55
CA VAL T 96 -63.70 52.65 25.16
C VAL T 96 -64.66 51.52 25.53
N VAL T 97 -64.87 50.60 24.59
CA VAL T 97 -65.77 49.46 24.79
C VAL T 97 -65.00 48.19 24.46
N TYR T 98 -65.39 47.11 25.14
CA TYR T 98 -64.70 45.83 25.04
C TYR T 98 -65.69 44.73 24.75
N GLY T 99 -65.22 43.69 24.08
CA GLY T 99 -66.00 42.50 23.84
C GLY T 99 -65.97 41.56 25.04
N ALA T 100 -66.89 40.60 25.02
CA ALA T 100 -66.99 39.64 26.12
C ALA T 100 -65.71 38.82 26.23
N ASP T 101 -65.20 38.32 25.09
CA ASP T 101 -64.00 37.49 25.14
C ASP T 101 -62.80 38.27 25.67
N VAL T 102 -62.67 39.55 25.28
CA VAL T 102 -61.60 40.40 25.81
C VAL T 102 -62.15 40.99 27.10
N LYS T 103 -61.99 40.22 28.18
CA LYS T 103 -62.41 40.63 29.51
C LYS T 103 -61.63 39.80 30.51
N GLY T 104 -61.05 40.48 31.51
CA GLY T 104 -60.19 39.82 32.46
C GLY T 104 -58.77 39.59 31.99
N ARG T 105 -58.45 39.99 30.75
CA ARG T 105 -57.10 39.89 30.22
C ARG T 105 -56.29 41.16 30.47
N GLY T 106 -56.63 41.92 31.51
CA GLY T 106 -56.05 43.22 31.72
C GLY T 106 -56.71 44.34 30.95
N ILE T 107 -57.72 44.03 30.14
CA ILE T 107 -58.40 45.05 29.37
C ILE T 107 -59.11 46.04 30.28
N GLU T 108 -59.82 45.54 31.30
CA GLU T 108 -60.55 46.42 32.19
C GLU T 108 -59.61 47.33 32.97
N SER T 109 -58.43 46.80 33.36
CA SER T 109 -57.46 47.61 34.07
C SER T 109 -56.78 48.61 33.15
N ALA T 110 -56.71 48.30 31.86
CA ALA T 110 -56.06 49.19 30.89
C ALA T 110 -57.00 50.28 30.38
N ALA T 111 -58.30 50.19 30.64
CA ALA T 111 -59.23 51.20 30.12
C ALA T 111 -58.91 52.58 30.64
N PRO T 112 -58.76 52.81 31.96
CA PRO T 112 -58.39 54.15 32.41
C PRO T 112 -57.06 54.60 31.84
N LEU T 113 -56.10 53.68 31.72
CA LEU T 113 -54.79 54.05 31.19
C LEU T 113 -54.90 54.49 29.73
N GLY T 114 -55.61 53.72 28.91
CA GLY T 114 -55.79 54.11 27.53
C GLY T 114 -56.54 55.43 27.39
N VAL T 115 -57.59 55.60 28.18
CA VAL T 115 -58.37 56.83 28.10
C VAL T 115 -57.52 58.02 28.51
N SER T 116 -56.72 57.88 29.57
CA SER T 116 -55.86 58.97 30.00
C SER T 116 -54.81 59.28 28.95
N ALA T 117 -54.23 58.24 28.32
CA ALA T 117 -53.26 58.48 27.27
C ALA T 117 -53.88 59.23 26.11
N ALA T 118 -55.10 58.86 25.71
CA ALA T 118 -55.79 59.59 24.65
C ALA T 118 -56.06 61.02 25.07
N ALA T 119 -56.55 61.21 26.30
CA ALA T 119 -56.97 62.53 26.75
C ALA T 119 -55.79 63.49 26.85
N ALA T 120 -54.66 63.03 27.36
CA ALA T 120 -53.50 63.92 27.49
C ALA T 120 -53.09 64.46 26.13
N SER T 121 -52.94 63.56 25.15
CA SER T 121 -52.53 63.99 23.82
C SER T 121 -53.59 64.86 23.16
N PHE T 122 -54.88 64.55 23.39
CA PHE T 122 -55.93 65.36 22.79
C PHE T 122 -55.91 66.77 23.33
N LYS T 123 -55.81 66.92 24.66
CA LYS T 123 -55.71 68.26 25.22
C LYS T 123 -54.43 68.95 24.79
N GLU T 124 -53.39 68.17 24.49
CA GLU T 124 -52.19 68.75 23.86
C GLU T 124 -52.47 69.22 22.44
N GLY T 125 -53.43 68.59 21.76
CA GLY T 125 -53.85 69.03 20.44
C GLY T 125 -53.40 68.11 19.32
N ASN T 126 -53.40 66.80 19.54
CA ASN T 126 -52.95 65.83 18.56
C ASN T 126 -53.85 64.61 18.59
N LEU T 127 -54.88 64.61 17.72
CA LEU T 127 -55.84 63.52 17.70
C LEU T 127 -55.19 62.20 17.32
N ILE T 128 -54.43 62.18 16.22
CA ILE T 128 -53.86 60.94 15.74
C ILE T 128 -52.81 60.42 16.71
N ASP T 129 -51.98 61.31 17.25
CA ASP T 129 -50.97 60.89 18.22
C ASP T 129 -51.63 60.33 19.47
N GLY T 130 -52.71 60.95 19.93
CA GLY T 130 -53.41 60.44 21.09
C GLY T 130 -54.03 59.08 20.83
N LEU T 131 -54.62 58.90 19.65
CA LEU T 131 -55.17 57.59 19.30
C LEU T 131 -54.08 56.53 19.27
N ILE T 132 -52.93 56.87 18.70
CA ILE T 132 -51.82 55.92 18.64
C ILE T 132 -51.36 55.56 20.05
N SER T 133 -51.20 56.57 20.92
CA SER T 133 -50.74 56.30 22.28
C SER T 133 -51.74 55.44 23.03
N ALA T 134 -53.03 55.75 22.89
CA ALA T 134 -54.05 54.94 23.56
C ALA T 134 -54.02 53.51 23.05
N VAL T 135 -53.90 53.32 21.74
CA VAL T 135 -53.83 51.96 21.21
C VAL T 135 -52.62 51.23 21.77
N ARG T 136 -51.46 51.89 21.79
CA ARG T 136 -50.26 51.25 22.32
C ARG T 136 -50.47 50.82 23.76
N VAL T 137 -50.98 51.74 24.59
CA VAL T 137 -51.13 51.44 26.02
C VAL T 137 -52.12 50.31 26.23
N MET T 138 -53.27 50.39 25.55
CA MET T 138 -54.29 49.36 25.71
C MET T 138 -53.78 48.01 25.23
N SER T 139 -53.09 47.98 24.09
CA SER T 139 -52.59 46.72 23.57
C SER T 139 -51.55 46.11 24.50
N ALA T 140 -50.68 46.96 25.09
CA ALA T 140 -49.76 46.47 26.09
C ALA T 140 -50.51 45.88 27.27
N GLY T 141 -51.60 46.52 27.69
CA GLY T 141 -52.38 46.01 28.80
C GLY T 141 -53.01 44.66 28.52
N VAL T 142 -53.62 44.51 27.35
CA VAL T 142 -54.32 43.27 27.03
C VAL T 142 -53.32 42.12 26.88
N SER T 143 -53.74 40.93 27.29
CA SER T 143 -52.96 39.71 27.15
C SER T 143 -53.63 38.78 26.13
N PRO T 144 -52.87 37.97 25.41
CA PRO T 144 -53.49 37.06 24.44
C PRO T 144 -54.48 36.12 25.12
N ALA T 145 -55.57 35.81 24.42
CA ALA T 145 -56.59 34.92 24.94
C ALA T 145 -56.00 33.56 25.29
N CYS U 1 -13.94 46.05 -19.25
CA CYS U 1 -13.05 47.08 -19.80
C CYS U 1 -11.60 46.61 -19.80
N SER U 2 -11.37 45.46 -20.43
CA SER U 2 -10.03 45.05 -20.82
C SER U 2 -9.69 45.50 -22.23
N ALA U 3 -10.61 46.18 -22.92
CA ALA U 3 -10.39 46.72 -24.25
C ALA U 3 -10.42 48.25 -24.21
N GLY U 4 -10.14 48.83 -23.06
CA GLY U 4 -10.19 50.26 -22.87
C GLY U 4 -9.00 50.96 -23.50
N GLN U 5 -8.60 52.07 -22.89
CA GLN U 5 -7.49 52.84 -23.43
C GLN U 5 -6.15 52.14 -23.18
N ILE U 6 -6.01 51.45 -22.06
CA ILE U 6 -4.80 50.69 -21.75
C ILE U 6 -5.12 49.24 -22.09
N SER U 7 -4.72 48.82 -23.28
CA SER U 7 -5.02 47.49 -23.79
C SER U 7 -3.72 46.74 -24.06
N GLN U 8 -3.68 45.48 -23.62
CA GLN U 8 -2.46 44.69 -23.77
C GLN U 8 -2.03 44.60 -25.23
N THR U 9 -2.95 44.22 -26.11
CA THR U 9 -2.60 44.00 -27.51
C THR U 9 -2.03 45.27 -28.14
N THR U 10 -2.68 46.41 -27.91
CA THR U 10 -2.21 47.65 -28.49
C THR U 10 -0.85 48.03 -27.94
N THR U 11 -0.65 47.87 -26.63
CA THR U 11 0.63 48.20 -26.00
C THR U 11 1.57 46.99 -26.02
N GLN U 12 2.07 46.67 -27.21
CA GLN U 12 2.99 45.56 -27.40
C GLN U 12 4.16 45.99 -28.26
N GLU U 13 5.36 45.59 -27.86
CA GLU U 13 6.54 45.74 -28.70
C GLU U 13 6.62 44.57 -29.68
N PRO U 14 7.28 44.76 -30.82
CA PRO U 14 7.45 43.61 -31.74
C PRO U 14 8.28 42.52 -31.08
N ALA U 15 7.94 41.27 -31.40
CA ALA U 15 8.68 40.12 -30.89
C ALA U 15 9.93 39.90 -31.75
N VAL U 16 10.81 40.89 -31.71
CA VAL U 16 12.06 40.87 -32.46
C VAL U 16 13.18 41.27 -31.51
N ASN U 17 14.39 40.80 -31.82
CA ASN U 17 15.54 41.08 -30.97
C ASN U 17 15.91 42.56 -31.00
N GLY U 18 15.82 43.18 -32.17
CA GLY U 18 16.23 44.58 -32.27
C GLY U 18 15.33 45.48 -31.45
N VAL U 19 15.94 46.53 -30.89
CA VAL U 19 15.17 47.51 -30.11
C VAL U 19 14.52 48.52 -31.05
N ASN U 20 13.57 49.27 -30.51
CA ASN U 20 12.89 50.32 -31.24
C ASN U 20 13.18 51.66 -30.58
N ALA U 21 13.58 52.64 -31.39
CA ALA U 21 13.87 53.99 -30.91
C ALA U 21 13.09 54.97 -31.78
N GLN U 22 11.93 55.40 -31.29
CA GLN U 22 11.07 56.34 -32.02
C GLN U 22 11.51 57.79 -31.85
N ALA U 23 12.45 58.07 -30.95
CA ALA U 23 12.90 59.43 -30.74
C ALA U 23 13.45 60.01 -32.04
N GLY U 24 13.11 61.26 -32.31
CA GLY U 24 13.46 61.91 -33.56
C GLY U 24 12.41 61.66 -34.62
N GLN U 25 12.47 62.47 -35.68
CA GLN U 25 11.50 62.34 -36.75
C GLN U 25 11.57 60.96 -37.40
N VAL U 26 12.78 60.47 -37.65
CA VAL U 26 12.98 59.15 -38.24
C VAL U 26 12.98 58.12 -37.12
N SER U 27 12.16 57.08 -37.27
CA SER U 27 12.02 56.04 -36.26
C SER U 27 12.90 54.85 -36.61
N LEU U 28 13.62 54.34 -35.62
CA LEU U 28 14.51 53.21 -35.80
C LEU U 28 13.79 51.93 -35.43
N ARG U 29 13.89 50.92 -36.30
CA ARG U 29 13.18 49.66 -36.13
C ARG U 29 14.16 48.50 -36.23
N ASN U 30 13.98 47.51 -35.36
CA ASN U 30 14.77 46.29 -35.39
C ASN U 30 16.26 46.62 -35.48
N VAL U 31 16.70 47.55 -34.63
CA VAL U 31 18.12 47.92 -34.58
C VAL U 31 18.83 46.94 -33.65
N HIS U 32 19.73 46.15 -34.22
CA HIS U 32 20.52 45.17 -33.48
C HIS U 32 21.91 45.15 -34.07
N LEU U 33 22.78 44.32 -33.48
CA LEU U 33 24.12 44.08 -33.99
C LEU U 33 24.25 42.63 -34.38
N ARG U 34 24.70 42.39 -35.62
CA ARG U 34 25.14 41.05 -36.02
C ARG U 34 26.61 40.98 -35.68
N ALA U 35 26.92 40.30 -34.58
CA ALA U 35 28.28 40.14 -34.08
C ALA U 35 28.49 38.70 -33.64
N PRO U 36 28.59 37.77 -34.59
CA PRO U 36 28.80 36.36 -34.22
C PRO U 36 30.01 36.19 -33.32
N GLN U 37 29.81 35.66 -32.13
CA GLN U 37 30.87 35.50 -31.14
C GLN U 37 31.11 34.03 -30.88
N GLN U 38 32.38 33.63 -30.91
CA GLN U 38 32.76 32.25 -30.66
C GLN U 38 33.16 32.00 -29.21
N THR U 39 33.22 33.04 -28.39
CA THR U 39 33.70 32.91 -27.02
C THR U 39 32.98 33.95 -26.16
N ASP U 40 33.53 34.23 -24.98
CA ASP U 40 32.89 35.15 -24.05
C ASP U 40 32.55 36.48 -24.73
N TYR U 41 33.52 37.06 -25.42
CA TYR U 41 33.39 38.39 -25.99
C TYR U 41 33.66 38.36 -27.48
N VAL U 42 33.24 39.42 -28.17
CA VAL U 42 33.71 39.70 -29.52
C VAL U 42 34.90 40.64 -29.36
N GLU U 43 36.09 40.11 -29.64
CA GLU U 43 37.30 40.84 -29.29
C GLU U 43 37.39 42.14 -30.08
N PRO U 44 37.99 43.19 -29.50
CA PRO U 44 38.18 44.43 -30.25
C PRO U 44 39.05 44.19 -31.49
N GLY U 45 38.79 44.99 -32.52
CA GLY U 45 39.47 44.86 -33.78
C GLY U 45 38.76 43.99 -34.80
N THR U 46 37.63 43.40 -34.43
CA THR U 46 36.83 42.60 -35.34
C THR U 46 35.60 43.40 -35.76
N THR U 47 35.31 43.43 -37.05
CA THR U 47 34.20 44.21 -37.57
C THR U 47 32.91 43.41 -37.47
N VAL U 48 31.88 44.03 -36.90
CA VAL U 48 30.56 43.44 -36.79
C VAL U 48 29.54 44.45 -37.31
N GLU U 49 28.42 43.95 -37.81
CA GLU U 49 27.50 44.80 -38.54
C GLU U 49 26.41 45.37 -37.62
N LEU U 50 25.95 46.57 -37.96
CA LEU U 50 24.89 47.25 -37.22
C LEU U 50 23.65 47.28 -38.11
N LEU U 51 22.73 46.35 -37.86
CA LEU U 51 21.51 46.26 -38.63
C LEU U 51 20.44 47.12 -38.02
N PHE U 52 19.61 47.72 -38.87
CA PHE U 52 18.41 48.43 -38.42
C PHE U 52 17.65 48.87 -39.67
N VAL U 53 16.49 49.50 -39.43
CA VAL U 53 15.70 50.10 -40.50
C VAL U 53 15.27 51.48 -40.02
N ALA U 54 15.62 52.51 -40.79
CA ALA U 54 15.25 53.88 -40.47
C ALA U 54 14.04 54.26 -41.32
N ALA U 55 12.88 54.42 -40.68
CA ALA U 55 11.64 54.73 -41.36
C ALA U 55 11.30 56.20 -41.13
N ASN U 56 11.08 56.94 -42.22
CA ASN U 56 10.75 58.36 -42.10
C ASN U 56 9.27 58.52 -41.79
N ASP U 57 8.97 59.36 -40.79
CA ASP U 57 7.58 59.58 -40.37
C ASP U 57 6.92 60.71 -41.15
N SER U 58 7.56 61.88 -41.18
CA SER U 58 7.00 63.05 -41.84
C SER U 58 7.52 63.12 -43.27
N THR U 59 6.59 63.23 -44.22
CA THR U 59 6.95 63.32 -45.63
C THR U 59 7.50 64.69 -46.02
N GLU U 60 7.45 65.67 -45.12
CA GLU U 60 7.98 67.00 -45.41
C GLU U 60 9.49 67.03 -45.20
N SER U 62 13.03 66.08 -46.56
CA SER U 62 12.81 65.09 -45.50
C SER U 62 14.07 64.93 -44.65
N ASN U 63 13.96 64.14 -43.59
CA ASN U 63 15.09 63.86 -42.71
C ASN U 63 15.87 62.66 -43.25
N LYS U 64 16.46 62.85 -44.42
CA LYS U 64 17.19 61.79 -45.12
C LYS U 64 18.70 61.89 -44.92
N LEU U 65 19.15 62.71 -43.97
CA LEU U 65 20.59 62.96 -43.84
C LEU U 65 21.30 61.74 -43.27
N LYS U 66 20.96 61.34 -42.04
CA LYS U 66 21.68 60.26 -41.36
C LYS U 66 23.17 60.60 -41.31
N SER U 67 23.46 61.66 -40.56
CA SER U 67 24.78 62.28 -40.61
C SER U 67 25.88 61.31 -40.22
N ILE U 68 25.91 60.91 -38.94
CA ILE U 68 27.05 60.20 -38.37
C ILE U 68 26.64 58.86 -37.78
N THR U 69 25.63 58.86 -36.91
CA THR U 69 25.19 57.67 -36.17
C THR U 69 26.39 56.82 -35.75
N SER U 70 27.29 57.43 -34.99
CA SER U 70 28.49 56.78 -34.50
C SER U 70 28.57 56.91 -32.98
N ASP U 71 29.16 55.89 -32.35
CA ASP U 71 29.32 55.87 -30.90
C ASP U 71 30.61 55.10 -30.60
N VAL U 72 30.76 54.67 -29.36
CA VAL U 72 31.92 53.87 -28.98
C VAL U 72 31.92 52.61 -29.84
N GLY U 73 32.87 52.51 -30.76
CA GLY U 73 32.88 51.43 -31.73
C GLY U 73 33.23 51.92 -33.13
N GLU U 74 33.17 53.23 -33.35
CA GLU U 74 33.54 53.83 -34.63
C GLU U 74 32.70 53.23 -35.77
N VAL U 75 31.40 53.48 -35.69
CA VAL U 75 30.47 52.96 -36.68
C VAL U 75 30.67 53.71 -38.00
N THR U 76 30.99 52.97 -39.05
CA THR U 76 31.16 53.53 -40.39
C THR U 76 30.05 53.02 -41.29
N LEU U 77 29.55 53.89 -42.15
CA LEU U 77 28.37 53.64 -42.97
C LEU U 77 28.82 53.52 -44.42
N THR U 78 29.22 52.32 -44.82
CA THR U 78 29.62 52.08 -46.19
C THR U 78 28.41 52.14 -47.11
N GLY U 79 28.60 52.72 -48.29
CA GLY U 79 27.51 52.87 -49.24
C GLY U 79 26.40 53.76 -48.72
N ASP U 80 26.75 54.79 -47.95
CA ASP U 80 25.74 55.67 -47.37
C ASP U 80 24.91 56.35 -48.46
N SER U 81 23.62 56.52 -48.17
CA SER U 81 22.73 57.18 -49.11
C SER U 81 21.62 57.86 -48.32
N THR U 82 21.00 58.85 -48.96
CA THR U 82 19.92 59.63 -48.34
C THR U 82 18.57 59.07 -48.78
N VAL U 83 18.27 57.88 -48.26
CA VAL U 83 17.08 57.12 -48.67
C VAL U 83 15.82 57.64 -47.98
N PRO U 84 15.81 57.87 -46.66
CA PRO U 84 14.53 58.04 -45.97
C PRO U 84 13.78 59.30 -46.38
N ALA U 85 12.70 59.12 -47.14
CA ALA U 85 11.79 60.20 -47.49
C ALA U 85 10.40 59.56 -47.62
N ASP U 86 9.65 59.59 -46.53
CA ASP U 86 8.39 58.84 -46.44
C ASP U 86 8.61 57.38 -46.77
N GLY U 87 9.79 56.86 -46.42
CA GLY U 87 10.16 55.50 -46.77
C GLY U 87 11.12 54.88 -45.79
N VAL U 88 11.78 53.80 -46.22
CA VAL U 88 12.65 53.01 -45.35
C VAL U 88 14.08 53.09 -45.85
N LEU U 89 15.01 53.01 -44.91
CA LEU U 89 16.43 52.82 -45.19
C LEU U 89 16.87 51.57 -44.45
N ILE U 90 17.15 50.51 -45.21
CA ILE U 90 17.60 49.24 -44.66
C ILE U 90 19.11 49.20 -44.80
N VAL U 91 19.82 49.37 -43.68
CA VAL U 91 21.27 49.52 -43.76
C VAL U 91 21.92 48.24 -44.27
N GLY U 92 21.51 47.10 -43.74
CA GLY U 92 22.17 45.85 -44.06
C GLY U 92 21.23 44.75 -44.51
N GLU U 93 21.60 43.51 -44.23
CA GLU U 93 20.86 42.33 -44.63
C GLU U 93 20.59 41.49 -43.39
N PRO U 94 19.54 41.79 -42.63
CA PRO U 94 19.24 40.97 -41.45
C PRO U 94 19.07 39.51 -41.85
N ASP U 95 19.55 38.62 -40.98
CA ASP U 95 19.50 37.20 -41.29
C ASP U 95 18.11 36.80 -41.76
N GLY U 96 18.05 36.16 -42.93
CA GLY U 96 16.79 35.86 -43.57
C GLY U 96 16.31 36.93 -44.53
N GLN U 97 17.00 38.05 -44.63
CA GLN U 97 16.59 39.12 -45.54
C GLN U 97 16.52 38.59 -46.96
N ILE U 98 15.46 38.94 -47.67
CA ILE U 98 15.30 38.54 -49.06
C ILE U 98 16.04 39.54 -49.94
N GLN U 99 16.85 39.02 -50.86
CA GLN U 99 17.53 39.87 -51.84
C GLN U 99 16.48 40.31 -52.85
N ALA U 100 15.76 41.37 -52.50
CA ALA U 100 14.65 41.82 -53.32
C ALA U 100 15.11 42.23 -54.72
N VAL U 101 16.39 42.58 -54.88
CA VAL U 101 16.92 43.03 -56.15
C VAL U 101 17.95 42.06 -56.70
N GLU U 102 18.84 41.55 -55.85
CA GLU U 102 19.95 40.68 -56.28
C GLU U 102 20.84 41.39 -57.30
N ASN U 103 20.98 42.71 -57.17
CA ASN U 103 21.79 43.49 -58.08
C ASN U 103 22.40 44.66 -57.32
N ALA U 104 23.45 45.23 -57.89
CA ALA U 104 24.21 46.31 -57.25
C ALA U 104 23.47 47.63 -57.43
N GLU U 105 22.50 47.88 -56.55
CA GLU U 105 21.82 49.17 -56.50
C GLU U 105 22.59 50.06 -55.52
N ALA U 106 23.38 50.99 -56.05
CA ALA U 106 24.25 51.82 -55.24
C ALA U 106 25.17 50.96 -54.37
N ALA U 107 25.65 49.87 -54.95
CA ALA U 107 26.50 48.91 -54.24
C ALA U 107 25.71 48.42 -53.02
N ASP U 108 26.31 48.37 -51.83
CA ASP U 108 25.57 47.93 -50.65
C ASP U 108 24.53 48.97 -50.27
N ALA U 109 23.51 48.51 -49.53
CA ALA U 109 22.38 49.38 -49.14
C ALA U 109 22.65 50.04 -47.80
N VAL U 110 23.75 50.79 -47.74
CA VAL U 110 24.08 51.60 -46.57
C VAL U 110 24.42 50.69 -45.39
N THR U 111 25.41 49.82 -45.55
CA THR U 111 25.75 48.87 -44.49
C THR U 111 26.57 49.56 -43.41
N ALA U 112 26.15 49.42 -42.16
CA ALA U 112 26.83 50.01 -41.02
C ALA U 112 27.64 48.94 -40.30
N GLU U 113 28.94 49.19 -40.16
CA GLU U 113 29.86 48.23 -39.56
C GLU U 113 30.70 48.94 -38.51
N VAL U 114 31.02 48.24 -37.42
CA VAL U 114 31.69 48.82 -36.28
C VAL U 114 32.94 48.00 -35.96
N GLU U 115 34.07 48.69 -35.82
CA GLU U 115 35.27 48.09 -35.25
C GLU U 115 35.23 48.33 -33.74
N LEU U 116 35.03 47.25 -32.98
CA LEU U 116 34.55 47.39 -31.61
C LEU U 116 35.42 48.33 -30.79
N THR U 117 36.72 48.09 -30.75
CA THR U 117 37.63 48.77 -29.84
C THR U 117 37.26 48.54 -28.38
N LYS U 118 36.40 47.56 -28.10
CA LYS U 118 35.96 47.25 -26.74
C LYS U 118 35.21 45.92 -26.76
N PRO U 119 35.45 45.01 -25.81
CA PRO U 119 34.73 43.73 -25.87
C PRO U 119 33.23 43.91 -25.76
N ILE U 120 32.49 43.08 -26.50
CA ILE U 120 31.05 42.99 -26.37
C ILE U 120 30.67 41.52 -26.35
N THR U 121 29.51 41.22 -25.78
CA THR U 121 29.01 39.86 -25.70
C THR U 121 27.50 39.88 -25.81
N ASN U 122 26.94 38.74 -26.21
CA ASN U 122 25.50 38.62 -26.37
C ASN U 122 24.80 38.69 -25.03
N GLY U 123 23.66 39.37 -25.01
CA GLY U 123 22.90 39.57 -23.79
C GLY U 123 23.07 40.94 -23.17
N LEU U 124 24.11 41.68 -23.55
CA LEU U 124 24.33 43.03 -23.05
C LEU U 124 23.66 44.05 -23.97
N LEU U 125 23.50 45.26 -23.44
CA LEU U 125 22.99 46.40 -24.19
C LEU U 125 24.09 47.43 -24.30
N TYR U 126 24.32 47.93 -25.53
CA TYR U 126 25.43 48.83 -25.80
C TYR U 126 24.91 50.08 -26.47
N ASP U 127 25.22 51.23 -25.89
CA ASP U 127 24.61 52.49 -26.32
C ASP U 127 25.17 52.94 -27.66
N PHE U 128 24.27 53.30 -28.58
CA PHE U 128 24.65 53.86 -29.86
C PHE U 128 23.86 55.14 -30.07
N THR U 129 24.54 56.21 -30.45
CA THR U 129 23.91 57.50 -30.65
C THR U 129 23.67 57.70 -32.15
N PHE U 130 22.43 57.47 -32.58
CA PHE U 130 22.03 57.73 -33.95
C PHE U 130 21.65 59.20 -34.06
N THR U 131 22.35 59.94 -34.93
CA THR U 131 22.16 61.38 -35.07
C THR U 131 21.81 61.71 -36.51
N PHE U 132 20.57 62.13 -36.72
CA PHE U 132 20.12 62.72 -37.97
C PHE U 132 20.20 64.24 -37.83
N GLU U 133 20.09 64.93 -38.96
CA GLU U 133 20.11 66.39 -38.92
C GLU U 133 19.03 66.93 -37.98
N ASP U 134 17.93 66.19 -37.81
CA ASP U 134 16.90 66.61 -36.88
C ASP U 134 17.40 66.56 -35.44
N GLY U 135 18.05 65.48 -35.04
CA GLY U 135 18.48 65.34 -33.67
C GLY U 135 19.18 64.02 -33.44
N GLU U 136 19.59 63.82 -32.18
CA GLU U 136 20.38 62.65 -31.79
C GLU U 136 19.63 61.87 -30.73
N THR U 137 19.79 60.54 -30.77
CA THR U 137 19.09 59.65 -29.85
C THR U 137 19.98 58.47 -29.52
N THR U 138 20.14 58.18 -28.23
CA THR U 138 20.78 56.95 -27.81
C THR U 138 19.76 55.81 -27.88
N VAL U 139 20.20 54.64 -28.36
CA VAL U 139 19.26 53.57 -28.69
C VAL U 139 19.46 52.35 -27.81
N ALA U 140 20.68 52.15 -27.29
CA ALA U 140 20.98 50.96 -26.47
C ALA U 140 20.71 49.69 -27.27
N VAL U 141 21.52 49.49 -28.31
CA VAL U 141 21.32 48.39 -29.24
C VAL U 141 21.69 47.08 -28.57
N PRO U 142 20.99 45.96 -28.86
CA PRO U 142 21.41 44.64 -28.36
C PRO U 142 22.29 43.90 -29.35
N ILE U 143 22.73 42.69 -28.97
CA ILE U 143 23.40 41.76 -29.88
C ILE U 143 22.39 40.68 -30.22
N SER U 144 22.21 40.41 -31.52
CA SER U 144 21.24 39.43 -31.99
C SER U 144 21.93 38.37 -32.84
N ALA U 145 21.63 37.11 -32.55
CA ALA U 145 22.07 35.98 -33.38
C ALA U 145 20.89 35.63 -34.29
N GLY U 146 20.78 36.34 -35.41
CA GLY U 146 19.58 36.31 -36.21
C GLY U 146 19.04 34.92 -36.52
N GLU U 147 19.76 34.16 -37.33
CA GLU U 147 19.31 32.85 -37.78
C GLU U 147 20.37 31.77 -37.61
N GLN U 148 21.37 31.99 -36.77
CA GLN U 148 22.42 31.01 -36.58
C GLN U 148 21.93 29.91 -35.63
N PRO U 149 22.08 28.62 -35.99
CA PRO U 149 21.66 27.57 -35.05
C PRO U 149 22.59 27.44 -33.84
N ARG U 150 22.30 26.50 -32.95
CA ARG U 150 23.15 26.29 -31.79
C ARG U 150 24.55 25.88 -32.21
N ARG U 151 25.54 26.43 -31.54
CA ARG U 151 26.92 25.95 -31.71
C ARG U 151 27.13 24.73 -30.82
N PRO U 152 27.61 23.60 -31.36
CA PRO U 152 27.64 22.37 -30.55
C PRO U 152 28.45 22.52 -29.28
N VAL U 153 27.78 22.45 -28.13
CA VAL U 153 28.51 22.45 -26.85
C VAL U 153 29.25 21.12 -26.71
N PRO U 154 30.49 21.11 -26.21
CA PRO U 154 31.21 19.84 -26.10
C PRO U 154 30.46 18.85 -25.23
N PRO U 155 30.49 17.56 -25.55
CA PRO U 155 29.90 16.56 -24.65
C PRO U 155 30.57 16.58 -23.28
N ALA U 156 29.80 16.28 -22.25
CA ALA U 156 30.26 16.35 -20.88
C ALA U 156 30.72 14.98 -20.40
N GLY U 157 31.93 14.94 -19.84
CA GLY U 157 32.45 13.73 -19.24
C GLY U 157 32.16 13.70 -17.75
N PRO U 158 31.28 12.79 -17.31
CA PRO U 158 30.90 12.80 -15.89
C PRO U 158 32.11 12.64 -14.98
N GLY U 159 32.09 13.36 -13.86
CA GLY U 159 33.17 13.30 -12.89
C GLY U 159 32.65 13.40 -11.47
N GLN V 1 10.67 37.17 -54.44
CA GLN V 1 10.27 37.27 -55.84
C GLN V 1 9.69 38.66 -56.10
N SER V 2 9.91 39.20 -57.29
CA SER V 2 9.47 40.56 -57.59
C SER V 2 7.95 40.67 -57.55
N ALA V 3 7.25 39.80 -58.27
CA ALA V 3 5.80 39.87 -58.32
C ALA V 3 5.20 39.47 -56.97
N LEU V 4 5.84 38.56 -56.25
CA LEU V 4 5.36 38.20 -54.92
C LEU V 4 5.47 39.38 -53.97
N LEU V 5 6.58 40.11 -54.01
CA LEU V 5 6.72 41.31 -53.21
C LEU V 5 5.69 42.35 -53.60
N ARG V 6 5.45 42.52 -54.90
CA ARG V 6 4.46 43.48 -55.36
C ARG V 6 3.07 43.14 -54.84
N THR V 7 2.70 41.86 -54.92
CA THR V 7 1.39 41.42 -54.42
C THR V 7 1.30 41.60 -52.91
N GLY V 8 2.37 41.28 -52.19
CA GLY V 8 2.36 41.47 -50.76
C GLY V 8 2.18 42.93 -50.39
N LYS V 9 2.88 43.83 -51.08
CA LYS V 9 2.71 45.25 -50.82
C LYS V 9 1.29 45.69 -51.15
N GLN V 10 0.73 45.18 -52.25
CA GLN V 10 -0.64 45.54 -52.62
C GLN V 10 -1.62 45.15 -51.53
N LEU V 11 -1.51 43.92 -51.03
CA LEU V 11 -2.41 43.47 -49.98
C LEU V 11 -2.18 44.23 -48.68
N PHE V 12 -0.91 44.51 -48.36
CA PHE V 12 -0.58 45.26 -47.16
C PHE V 12 -1.22 46.64 -47.19
N GLU V 13 -1.15 47.30 -48.36
CA GLU V 13 -1.64 48.67 -48.49
C GLU V 13 -3.12 48.76 -48.19
N THR V 14 -3.92 47.79 -48.66
CA THR V 14 -5.37 47.82 -48.47
C THR V 14 -5.80 46.91 -47.33
N SER V 15 -4.88 46.41 -46.53
CA SER V 15 -5.27 45.62 -45.37
C SER V 15 -4.86 46.23 -44.04
N CYS V 16 -3.59 46.65 -43.89
CA CYS V 16 -3.06 46.91 -42.55
C CYS V 16 -2.20 48.17 -42.42
N VAL V 17 -2.15 49.04 -43.42
CA VAL V 17 -1.40 50.29 -43.24
C VAL V 17 -2.05 51.17 -42.19
N SER V 18 -3.31 50.92 -41.85
CA SER V 18 -3.94 51.67 -40.76
C SER V 18 -3.37 51.29 -39.40
N CYS V 19 -2.54 50.25 -39.32
CA CYS V 19 -1.98 49.78 -38.07
C CYS V 19 -0.47 49.63 -38.09
N HIS V 20 0.15 49.51 -39.27
CA HIS V 20 1.59 49.61 -39.43
C HIS V 20 1.81 50.33 -40.76
N GLY V 21 2.33 51.55 -40.70
CA GLY V 21 2.41 52.39 -41.87
C GLY V 21 3.01 51.69 -43.08
N ALA V 22 2.83 52.26 -44.27
CA ALA V 22 3.34 51.66 -45.50
C ALA V 22 4.80 51.23 -45.35
N ASN V 23 5.55 51.86 -44.45
CA ASN V 23 6.93 51.49 -44.19
C ASN V 23 7.05 50.31 -43.22
N LEU V 24 5.93 49.75 -42.78
CA LEU V 24 5.83 48.65 -41.82
C LEU V 24 6.23 49.05 -40.41
N GLN V 25 6.69 50.27 -40.20
CA GLN V 25 6.91 50.76 -38.84
C GLN V 25 5.59 50.77 -38.08
N GLY V 26 5.62 50.31 -36.84
CA GLY V 26 4.40 50.19 -36.07
C GLY V 26 3.75 51.55 -35.88
N VAL V 27 2.44 51.59 -36.05
CA VAL V 27 1.67 52.79 -35.77
C VAL V 27 1.62 52.95 -34.26
N PRO V 28 2.11 54.06 -33.68
CA PRO V 28 2.16 54.15 -32.22
C PRO V 28 0.81 53.89 -31.56
N ASP V 29 0.74 52.82 -30.76
CA ASP V 29 -0.41 52.48 -29.94
C ASP V 29 -1.57 51.90 -30.74
N ARG V 30 -1.31 51.36 -31.95
CA ARG V 30 -2.32 50.61 -32.68
C ARG V 30 -1.79 49.25 -33.10
N GLY V 31 -0.50 49.19 -33.46
CA GLY V 31 0.11 47.94 -33.83
C GLY V 31 1.62 48.01 -33.75
N PRO V 32 2.28 46.88 -33.50
CA PRO V 32 3.74 46.87 -33.43
C PRO V 32 4.38 46.85 -34.81
N SER V 33 5.64 47.29 -34.84
CA SER V 33 6.38 47.31 -36.09
C SER V 33 6.59 45.89 -36.60
N LEU V 34 6.42 45.71 -37.91
CA LEU V 34 6.62 44.43 -38.55
C LEU V 34 8.06 44.22 -39.02
N ILE V 35 8.94 45.19 -38.79
CA ILE V 35 10.34 45.06 -39.18
C ILE V 35 10.98 43.98 -38.32
N GLY V 36 11.42 42.89 -38.95
CA GLY V 36 12.09 41.82 -38.27
C GLY V 36 11.18 40.73 -37.75
N THR V 37 9.86 40.91 -37.84
CA THR V 37 8.94 39.86 -37.40
C THR V 37 9.12 38.61 -38.25
N GLY V 38 9.13 38.76 -39.57
CA GLY V 38 9.55 37.70 -40.46
C GLY V 38 8.38 37.02 -41.17
N GLU V 39 8.73 36.33 -42.26
CA GLU V 39 7.74 35.57 -43.02
C GLU V 39 7.08 34.52 -42.15
N ALA V 40 7.82 33.92 -41.22
CA ALA V 40 7.22 32.92 -40.34
C ALA V 40 6.12 33.53 -39.49
N ALA V 41 6.39 34.69 -38.90
CA ALA V 41 5.38 35.36 -38.08
C ALA V 41 4.17 35.73 -38.94
N VAL V 42 4.41 36.28 -40.12
CA VAL V 42 3.30 36.68 -40.99
C VAL V 42 2.46 35.46 -41.35
N TYR V 43 3.12 34.36 -41.73
CA TYR V 43 2.37 33.16 -42.08
C TYR V 43 1.54 32.68 -40.92
N PHE V 44 2.16 32.48 -39.75
CA PHE V 44 1.39 32.00 -38.61
C PHE V 44 0.17 32.87 -38.39
N GLN V 45 0.39 34.19 -38.26
CA GLN V 45 -0.68 35.08 -37.88
C GLN V 45 -1.79 35.13 -38.91
N VAL V 46 -1.47 35.37 -40.18
CA VAL V 46 -2.51 35.52 -41.19
C VAL V 46 -3.16 34.18 -41.50
N SER V 47 -2.40 33.09 -41.58
CA SER V 47 -2.98 31.78 -41.84
C SER V 47 -3.94 31.37 -40.74
N THR V 48 -3.56 31.58 -39.47
CA THR V 48 -4.52 31.38 -38.39
C THR V 48 -5.64 32.40 -38.46
N GLY V 49 -5.47 33.45 -39.26
CA GLY V 49 -6.47 34.48 -39.41
C GLY V 49 -6.51 35.42 -38.23
N ARG V 50 -5.62 35.23 -37.28
CA ARG V 50 -5.65 35.99 -36.05
C ARG V 50 -5.42 37.47 -36.30
N MET V 51 -4.59 37.81 -37.27
CA MET V 51 -4.00 39.14 -37.23
C MET V 51 -4.84 40.27 -37.78
N PRO V 52 -5.53 40.11 -38.90
CA PRO V 52 -6.27 41.27 -39.42
C PRO V 52 -7.34 41.63 -38.40
N ALA V 53 -6.85 42.19 -37.29
CA ALA V 53 -7.61 42.31 -36.07
C ALA V 53 -8.43 43.59 -36.09
N MET V 54 -9.70 43.47 -35.71
CA MET V 54 -10.63 44.58 -35.79
C MET V 54 -11.01 45.11 -34.41
N ARG V 55 -10.08 45.01 -33.46
CA ARG V 55 -10.31 45.55 -32.12
C ARG V 55 -9.02 45.45 -31.32
N GLY V 56 -8.84 46.43 -30.43
CA GLY V 56 -7.75 46.39 -29.47
C GLY V 56 -8.24 45.93 -28.12
N GLU V 57 -7.84 44.74 -27.70
CA GLU V 57 -8.34 44.14 -26.48
C GLU V 57 -7.23 43.42 -25.74
N ALA V 58 -7.59 42.59 -24.76
CA ALA V 58 -6.58 41.87 -23.98
C ALA V 58 -5.77 40.94 -24.88
N GLN V 59 -6.44 40.25 -25.80
CA GLN V 59 -5.77 39.33 -26.72
C GLN V 59 -6.53 39.33 -28.04
N ALA V 60 -5.79 39.35 -29.14
CA ALA V 60 -6.42 39.29 -30.45
C ALA V 60 -6.92 37.87 -30.70
N PRO V 61 -8.22 37.65 -30.85
CA PRO V 61 -8.71 36.29 -31.06
C PRO V 61 -8.37 35.72 -32.43
N SER V 62 -8.34 34.39 -32.49
CA SER V 62 -8.25 33.70 -33.76
C SER V 62 -9.58 33.78 -34.50
N LYS V 63 -9.51 33.63 -35.81
CA LYS V 63 -10.69 33.78 -36.66
C LYS V 63 -10.40 33.23 -38.04
N PRO V 64 -11.39 33.06 -38.91
CA PRO V 64 -11.13 32.49 -40.23
C PRO V 64 -10.09 33.32 -40.98
N PRO V 65 -9.20 32.68 -41.73
CA PRO V 65 -8.16 33.45 -42.43
C PRO V 65 -8.77 34.42 -43.43
N HIS V 66 -8.19 35.61 -43.51
CA HIS V 66 -8.65 36.64 -44.43
C HIS V 66 -7.89 36.62 -45.75
N PHE V 67 -6.92 35.72 -45.92
CA PHE V 67 -6.15 35.60 -47.14
C PHE V 67 -5.87 34.13 -47.39
N ASP V 68 -5.85 33.75 -48.67
CA ASP V 68 -5.58 32.36 -49.03
C ASP V 68 -4.08 32.08 -48.90
N GLU V 69 -3.66 30.89 -49.33
CA GLU V 69 -2.27 30.50 -49.15
C GLU V 69 -1.34 31.39 -49.97
N SER V 70 -1.69 31.65 -51.24
CA SER V 70 -0.84 32.47 -52.08
C SER V 70 -0.74 33.89 -51.56
N GLN V 71 -1.86 34.46 -51.11
CA GLN V 71 -1.82 35.81 -50.57
C GLN V 71 -1.05 35.87 -49.26
N ILE V 72 -1.18 34.83 -48.43
CA ILE V 72 -0.39 34.76 -47.21
C ILE V 72 1.10 34.73 -47.55
N ASP V 73 1.47 33.95 -48.56
CA ASP V 73 2.86 33.91 -48.99
C ASP V 73 3.32 35.27 -49.49
N ALA V 74 2.45 35.98 -50.22
CA ALA V 74 2.79 37.32 -50.69
C ALA V 74 3.04 38.27 -49.52
N LEU V 75 2.15 38.26 -48.53
CA LEU V 75 2.34 39.09 -47.34
C LEU V 75 3.65 38.74 -46.64
N GLY V 76 3.90 37.45 -46.46
CA GLY V 76 5.10 37.04 -45.75
C GLY V 76 6.36 37.44 -46.50
N ALA V 77 6.37 37.26 -47.82
CA ALA V 77 7.53 37.66 -48.61
C ALA V 77 7.76 39.15 -48.55
N TYR V 78 6.68 39.94 -48.63
CA TYR V 78 6.81 41.39 -48.55
C TYR V 78 7.40 41.80 -47.20
N VAL V 79 6.89 41.22 -46.12
CA VAL V 79 7.37 41.60 -44.78
C VAL V 79 8.81 41.15 -44.59
N GLN V 80 9.16 39.97 -45.11
CA GLN V 80 10.54 39.50 -45.02
C GLN V 80 11.47 40.43 -45.79
N ALA V 81 11.06 40.86 -46.97
CA ALA V 81 11.88 41.78 -47.76
C ALA V 81 12.05 43.10 -47.03
N ASN V 82 10.98 43.62 -46.45
CA ASN V 82 11.07 44.92 -45.78
C ASN V 82 11.95 44.83 -44.53
N GLY V 83 11.69 43.85 -43.66
CA GLY V 83 12.42 43.73 -42.41
C GLY V 83 13.50 42.68 -42.41
N GLY V 84 13.17 41.47 -42.87
CA GLY V 84 14.09 40.36 -42.81
C GLY V 84 14.02 39.68 -41.46
N GLY V 85 13.79 38.37 -41.46
CA GLY V 85 13.60 37.65 -40.22
C GLY V 85 13.34 36.18 -40.44
N PRO V 86 12.74 35.52 -39.44
CA PRO V 86 12.48 34.08 -39.56
C PRO V 86 11.59 33.78 -40.75
N THR V 87 11.84 32.64 -41.38
CA THR V 87 11.09 32.19 -42.55
C THR V 87 10.35 30.90 -42.24
N VAL V 88 9.13 30.79 -42.74
CA VAL V 88 8.32 29.60 -42.48
C VAL V 88 8.98 28.39 -43.15
N PRO V 89 8.93 27.21 -42.54
CA PRO V 89 9.53 26.04 -43.20
C PRO V 89 8.81 25.69 -44.49
N ARG V 90 9.55 25.09 -45.43
CA ARG V 90 9.00 24.71 -46.71
C ARG V 90 9.60 23.38 -47.14
N ASP V 91 8.84 22.63 -47.94
CA ASP V 91 9.22 21.30 -48.35
C ASP V 91 9.98 21.36 -49.68
N ASP V 92 10.23 20.19 -50.28
CA ASP V 92 11.01 20.14 -51.50
C ASP V 92 10.32 20.90 -52.64
N HIS V 93 9.00 20.72 -52.78
CA HIS V 93 8.28 21.39 -53.86
C HIS V 93 8.35 22.90 -53.72
N GLY V 94 8.10 23.41 -52.51
CA GLY V 94 8.06 24.84 -52.28
C GLY V 94 6.91 25.24 -51.39
N ALA V 95 5.91 24.37 -51.27
CA ALA V 95 4.78 24.65 -50.40
C ALA V 95 5.19 24.57 -48.93
N VAL V 96 4.42 25.24 -48.08
CA VAL V 96 4.71 25.25 -46.66
C VAL V 96 4.68 23.81 -46.16
N ALA V 97 5.79 23.39 -45.55
CA ALA V 97 5.93 22.00 -45.12
C ALA V 97 5.12 21.76 -43.86
N GLN V 98 4.26 20.75 -43.90
CA GLN V 98 3.45 20.35 -42.75
C GLN V 98 3.75 18.95 -42.29
N GLU V 99 3.70 17.96 -43.20
CA GLU V 99 4.06 16.60 -42.82
C GLU V 99 5.51 16.51 -42.39
N SER V 100 6.40 17.24 -43.07
CA SER V 100 7.82 17.18 -42.74
C SER V 100 8.10 17.69 -41.33
N LEU V 101 7.19 18.47 -40.75
CA LEU V 101 7.40 19.03 -39.42
C LEU V 101 6.99 18.08 -38.30
N ILE V 102 6.53 16.87 -38.63
CA ILE V 102 6.16 15.90 -37.61
C ILE V 102 7.42 15.17 -37.19
N GLY V 103 7.98 15.56 -36.05
CA GLY V 103 9.19 14.91 -35.56
C GLY V 103 8.97 13.44 -35.30
N GLY V 104 10.05 12.67 -35.49
CA GLY V 104 9.95 11.23 -35.32
C GLY V 104 9.68 10.81 -33.89
N ASP V 105 10.38 11.41 -32.93
CA ASP V 105 10.26 11.06 -31.53
C ASP V 105 9.08 11.82 -30.92
N VAL V 106 8.24 11.10 -30.18
CA VAL V 106 7.07 11.70 -29.56
C VAL V 106 7.18 11.76 -28.03
N ALA V 107 7.91 10.83 -27.41
CA ALA V 107 8.15 10.96 -25.98
C ALA V 107 9.00 12.19 -25.68
N ARG V 108 10.02 12.44 -26.50
CA ARG V 108 10.82 13.64 -26.36
C ARG V 108 9.97 14.89 -26.60
N GLY V 109 9.12 14.85 -27.62
CA GLY V 109 8.23 15.98 -27.87
C GLY V 109 7.29 16.23 -26.71
N GLY V 110 6.76 15.17 -26.11
CA GLY V 110 5.87 15.33 -24.97
C GLY V 110 6.59 15.89 -23.75
N ASP V 111 7.80 15.42 -23.48
CA ASP V 111 8.57 15.96 -22.38
C ASP V 111 8.85 17.46 -22.60
N LEU V 112 9.27 17.81 -23.81
CA LEU V 112 9.54 19.21 -24.12
C LEU V 112 8.27 20.04 -24.00
N PHE V 113 7.14 19.51 -24.47
CA PHE V 113 5.87 20.20 -24.40
C PHE V 113 5.47 20.44 -22.96
N ARG V 114 5.60 19.43 -22.11
CA ARG V 114 5.24 19.58 -20.70
C ARG V 114 6.13 20.59 -20.01
N LEU V 115 7.44 20.54 -20.28
CA LEU V 115 8.35 21.49 -19.67
C LEU V 115 8.06 22.92 -20.12
N ASN V 116 7.77 23.09 -21.41
CA ASN V 116 7.65 24.42 -22.01
C ASN V 116 6.21 24.80 -22.34
N CYS V 117 5.47 23.94 -23.02
CA CYS V 117 4.15 24.29 -23.55
C CYS V 117 3.03 24.12 -22.53
N ALA V 118 2.98 22.96 -21.87
CA ALA V 118 1.88 22.68 -20.96
C ALA V 118 1.81 23.75 -19.88
N SER V 119 2.95 24.40 -19.62
CA SER V 119 3.00 25.48 -18.64
C SER V 119 1.73 26.32 -18.67
N CYS V 120 1.29 26.68 -19.88
CA CYS V 120 0.10 27.51 -20.04
C CYS V 120 -1.00 26.88 -20.86
N HIS V 121 -0.70 25.94 -21.75
CA HIS V 121 -1.75 25.42 -22.61
C HIS V 121 -2.55 24.33 -21.89
N ASN V 122 -1.95 23.16 -21.67
CA ASN V 122 -2.59 22.07 -20.95
C ASN V 122 -1.61 20.90 -20.97
N PHE V 123 -1.99 19.82 -20.29
CA PHE V 123 -1.24 18.58 -20.44
C PHE V 123 -1.26 18.09 -21.87
N THR V 124 -2.43 18.13 -22.50
CA THR V 124 -2.66 17.49 -23.79
C THR V 124 -3.08 18.51 -24.86
N GLY V 125 -2.59 19.74 -24.74
CA GLY V 125 -2.77 20.72 -25.79
C GLY V 125 -4.02 21.56 -25.70
N LYS V 126 -4.89 21.31 -24.72
CA LYS V 126 -6.05 22.18 -24.54
C LYS V 126 -5.59 23.57 -24.15
N GLY V 127 -6.54 24.49 -24.03
CA GLY V 127 -6.23 25.86 -23.74
C GLY V 127 -5.98 26.10 -22.27
N GLY V 128 -5.55 27.32 -21.96
CA GLY V 128 -5.37 27.74 -20.59
C GLY V 128 -5.59 29.24 -20.47
N ALA V 129 -5.99 29.65 -19.27
CA ALA V 129 -6.24 31.05 -18.99
C ALA V 129 -4.97 31.77 -18.59
N LEU V 130 -4.92 33.06 -18.88
CA LEU V 130 -3.76 33.90 -18.60
C LEU V 130 -4.18 35.10 -17.75
N SER V 131 -3.23 36.01 -17.51
CA SER V 131 -3.35 36.99 -16.45
C SER V 131 -4.69 37.72 -16.43
N SER V 132 -5.01 38.49 -17.48
CA SER V 132 -6.16 39.37 -17.48
C SER V 132 -6.72 39.49 -18.89
N GLY V 133 -7.74 38.68 -19.18
CA GLY V 133 -8.39 38.68 -20.46
C GLY V 133 -7.66 37.87 -21.52
N LYS V 134 -6.44 37.42 -21.25
CA LYS V 134 -5.69 36.62 -22.18
C LYS V 134 -6.00 35.14 -21.96
N TYR V 135 -5.50 34.31 -22.87
CA TYR V 135 -5.72 32.87 -22.80
C TYR V 135 -4.83 32.21 -23.83
N ALA V 136 -4.54 30.93 -23.59
CA ALA V 136 -3.79 30.11 -24.52
C ALA V 136 -4.76 29.27 -25.34
N PRO V 137 -4.87 29.46 -26.65
CA PRO V 137 -5.88 28.71 -27.40
C PRO V 137 -5.57 27.22 -27.46
N ASP V 138 -6.62 26.43 -27.64
CA ASP V 138 -6.45 25.00 -27.84
C ASP V 138 -5.73 24.74 -29.15
N LEU V 139 -4.79 23.79 -29.12
CA LEU V 139 -3.92 23.54 -30.27
C LEU V 139 -4.55 22.60 -31.30
N GLY V 140 -5.74 22.05 -31.02
CA GLY V 140 -6.31 21.06 -31.92
C GLY V 140 -6.48 21.55 -33.34
N ASP V 141 -6.65 22.86 -33.52
CA ASP V 141 -6.91 23.40 -34.85
C ASP V 141 -5.62 23.72 -35.60
N ALA V 142 -4.49 23.82 -34.91
CA ALA V 142 -3.27 24.26 -35.54
C ALA V 142 -2.63 23.12 -36.34
N ASN V 143 -2.28 23.40 -37.58
CA ASN V 143 -1.56 22.45 -38.41
C ASN V 143 -0.07 22.52 -38.12
N PRO V 144 0.72 21.52 -38.54
CA PRO V 144 2.13 21.48 -38.13
C PRO V 144 2.91 22.75 -38.46
N ALA V 145 2.69 23.33 -39.64
CA ALA V 145 3.39 24.56 -39.98
C ALA V 145 3.01 25.69 -39.04
N GLN V 146 1.73 25.81 -38.73
CA GLN V 146 1.28 26.82 -37.79
C GLN V 146 1.86 26.61 -36.40
N ILE V 147 1.96 25.37 -35.92
CA ILE V 147 2.57 25.10 -34.62
C ILE V 147 4.04 25.47 -34.62
N TYR V 148 4.76 25.07 -35.67
CA TYR V 148 6.19 25.39 -35.76
C TYR V 148 6.41 26.90 -35.78
N THR V 149 5.63 27.62 -36.58
CA THR V 149 5.77 29.07 -36.63
C THR V 149 5.31 29.75 -35.34
N ALA V 150 4.33 29.17 -34.64
CA ALA V 150 3.93 29.68 -33.34
C ALA V 150 5.04 29.55 -32.31
N MET V 151 5.80 28.46 -32.36
CA MET V 151 7.00 28.39 -31.53
C MET V 151 8.06 29.38 -31.99
N LEU V 152 8.29 29.45 -33.30
CA LEU V 152 9.38 30.26 -33.83
C LEU V 152 9.20 31.73 -33.49
N THR V 153 7.97 32.23 -33.59
CA THR V 153 7.64 33.60 -33.22
C THR V 153 6.76 33.58 -31.98
N GLY V 154 6.92 34.58 -31.12
CA GLY V 154 6.04 34.74 -29.98
C GLY V 154 4.92 35.70 -30.32
N PRO V 155 3.74 35.18 -30.69
CA PRO V 155 2.68 36.07 -31.18
C PRO V 155 2.30 37.15 -30.18
N GLN V 156 1.87 36.74 -28.99
CA GLN V 156 1.53 37.69 -27.94
C GLN V 156 1.50 36.92 -26.62
N ASN V 157 2.39 37.29 -25.70
CA ASN V 157 2.49 36.66 -24.39
C ASN V 157 2.95 35.22 -24.45
N MET V 158 3.22 34.67 -25.66
CA MET V 158 3.91 33.39 -25.75
C MET V 158 5.40 33.65 -25.87
N PRO V 159 6.24 33.04 -25.03
CA PRO V 159 7.69 33.24 -25.20
C PRO V 159 8.14 32.86 -26.60
N LYS V 160 9.03 33.67 -27.15
CA LYS V 160 9.56 33.42 -28.48
C LYS V 160 10.64 32.35 -28.41
N PHE V 161 10.35 31.18 -28.99
CA PHE V 161 11.26 30.04 -28.96
C PHE V 161 12.12 30.08 -30.21
N SER V 162 13.29 30.69 -30.11
CA SER V 162 14.22 30.74 -31.23
C SER V 162 14.67 29.34 -31.60
N ASP V 163 15.28 29.23 -32.79
CA ASP V 163 15.83 27.95 -33.22
C ASP V 163 16.96 27.49 -32.33
N ARG V 164 17.75 28.42 -31.80
CA ARG V 164 18.81 28.06 -30.86
C ARG V 164 18.22 27.49 -29.58
N GLN V 165 17.14 28.08 -29.07
CA GLN V 165 16.52 27.58 -27.85
C GLN V 165 15.85 26.23 -28.09
N LEU V 166 15.06 26.12 -29.15
CA LEU V 166 14.43 24.87 -29.56
C LEU V 166 14.82 24.63 -31.01
N THR V 167 15.87 23.85 -31.24
CA THR V 167 16.32 23.57 -32.58
C THR V 167 15.21 22.93 -33.40
N PRO V 168 15.23 23.11 -34.73
CA PRO V 168 14.14 22.57 -35.55
C PRO V 168 13.79 21.12 -35.25
N ASP V 169 14.74 20.33 -34.75
CA ASP V 169 14.42 18.96 -34.37
C ASP V 169 13.53 18.93 -33.14
N GLU V 170 13.87 19.70 -32.11
CA GLU V 170 13.03 19.76 -30.92
C GLU V 170 11.66 20.35 -31.25
N LYS V 171 11.63 21.38 -32.08
CA LYS V 171 10.36 21.97 -32.48
C LYS V 171 9.52 20.96 -33.27
N ARG V 172 10.16 20.17 -34.15
CA ARG V 172 9.43 19.15 -34.88
C ARG V 172 8.88 18.10 -33.93
N ASP V 173 9.64 17.72 -32.91
CA ASP V 173 9.15 16.76 -31.92
C ASP V 173 7.95 17.32 -31.18
N ILE V 174 8.01 18.60 -30.81
CA ILE V 174 6.88 19.22 -30.11
C ILE V 174 5.66 19.27 -31.02
N VAL V 175 5.87 19.57 -32.31
CA VAL V 175 4.77 19.56 -33.27
C VAL V 175 4.16 18.18 -33.36
N ALA V 176 5.01 17.15 -33.41
CA ALA V 176 4.51 15.78 -33.48
C ALA V 176 3.67 15.45 -32.26
N TYR V 177 4.15 15.82 -31.08
CA TYR V 177 3.38 15.55 -29.86
C TYR V 177 2.06 16.31 -29.88
N VAL V 178 2.08 17.56 -30.31
CA VAL V 178 0.84 18.35 -30.35
C VAL V 178 -0.18 17.68 -31.26
N ARG V 179 0.25 17.28 -32.46
CA ARG V 179 -0.67 16.63 -33.39
C ARG V 179 -1.16 15.30 -32.84
N GLU V 180 -0.27 14.52 -32.22
CA GLU V 180 -0.67 13.23 -31.68
C GLU V 180 -1.71 13.40 -30.57
N SER V 181 -1.47 14.36 -29.68
CA SER V 181 -2.40 14.59 -28.58
C SER V 181 -3.72 15.15 -29.08
N ALA V 182 -3.69 15.91 -30.17
CA ALA V 182 -4.92 16.47 -30.72
C ALA V 182 -5.74 15.40 -31.43
N GLU V 183 -5.09 14.51 -32.18
CA GLU V 183 -5.78 13.53 -33.01
C GLU V 183 -5.91 12.17 -32.34
N THR V 184 -5.43 12.01 -31.11
CA THR V 184 -5.50 10.73 -30.43
C THR V 184 -6.89 10.54 -29.83
N PRO V 185 -7.60 9.46 -30.14
CA PRO V 185 -8.88 9.23 -29.49
C PRO V 185 -8.70 9.00 -28.00
N SER V 186 -9.68 9.45 -27.23
CA SER V 186 -9.64 9.31 -25.77
C SER V 186 -9.88 7.84 -25.42
N TYR V 187 -8.87 7.20 -24.83
CA TYR V 187 -9.03 5.82 -24.38
C TYR V 187 -9.83 5.81 -23.09
N GLY V 188 -10.89 5.00 -23.06
CA GLY V 188 -11.69 4.88 -21.86
C GLY V 188 -12.89 5.81 -21.85
N GLY V 189 -13.52 5.99 -23.01
CA GLY V 189 -14.76 6.72 -23.10
C GLY V 189 -14.58 8.14 -23.58
N TYR V 190 -15.71 8.84 -23.64
CA TYR V 190 -15.72 10.23 -24.07
C TYR V 190 -14.75 11.04 -23.20
N GLY V 191 -13.82 11.71 -23.85
CA GLY V 191 -12.90 12.57 -23.15
C GLY V 191 -13.51 13.94 -22.92
N LEU V 192 -13.85 14.23 -21.66
CA LEU V 192 -14.57 15.45 -21.36
C LEU V 192 -13.63 16.63 -21.52
N GLY V 193 -13.65 17.25 -22.70
CA GLY V 193 -12.59 18.19 -23.02
C GLY V 193 -11.25 17.52 -22.88
N GLY V 194 -10.34 18.18 -22.17
CA GLY V 194 -9.12 17.54 -21.73
C GLY V 194 -8.87 17.78 -20.25
N PHE V 195 -9.63 18.70 -19.66
CA PHE V 195 -9.46 19.03 -18.26
C PHE V 195 -10.12 17.95 -17.41
N GLY V 196 -9.37 17.38 -16.48
CA GLY V 196 -9.87 16.25 -15.75
C GLY V 196 -10.84 16.62 -14.64
N PRO V 197 -10.33 17.28 -13.60
CA PRO V 197 -11.16 17.44 -12.39
C PRO V 197 -12.46 18.17 -12.62
N ALA V 198 -12.44 19.28 -13.35
CA ALA V 198 -13.63 20.13 -13.45
C ALA V 198 -14.69 19.50 -14.35
N PRO V 199 -14.39 19.18 -15.61
CA PRO V 199 -15.38 18.43 -16.40
C PRO V 199 -15.84 17.15 -15.75
N GLU V 200 -14.93 16.41 -15.10
CA GLU V 200 -15.32 15.14 -14.51
C GLU V 200 -16.27 15.35 -13.33
N GLY V 201 -16.01 16.35 -12.49
CA GLY V 201 -16.92 16.63 -11.40
C GLY V 201 -18.27 17.11 -11.88
N MET V 202 -18.28 17.95 -12.91
CA MET V 202 -19.56 18.38 -13.48
C MET V 202 -20.32 17.20 -14.04
N ALA V 203 -19.63 16.31 -14.76
CA ALA V 203 -20.31 15.15 -15.34
C ALA V 203 -20.83 14.24 -14.26
N MET V 204 -20.07 14.03 -13.19
CA MET V 204 -20.60 13.30 -12.06
C MET V 204 -21.90 13.94 -11.59
N TRP V 205 -21.81 15.19 -11.14
CA TRP V 205 -22.94 15.84 -10.50
C TRP V 205 -24.17 15.88 -11.41
N ILE V 206 -23.97 15.95 -12.72
CA ILE V 206 -25.12 15.97 -13.62
C ILE V 206 -25.54 14.54 -13.91
N ILE V 207 -24.73 13.80 -14.66
CA ILE V 207 -25.15 12.49 -15.15
C ILE V 207 -25.38 11.54 -13.98
N GLY V 208 -24.33 11.25 -13.22
CA GLY V 208 -24.41 10.20 -12.24
C GLY V 208 -25.37 10.54 -11.12
N MET V 209 -25.31 11.76 -10.62
CA MET V 209 -26.13 12.12 -9.48
C MET V 209 -27.58 12.36 -9.87
N VAL V 210 -27.86 12.92 -11.05
CA VAL V 210 -29.25 13.01 -11.50
C VAL V 210 -29.80 11.61 -11.72
N ALA V 211 -29.01 10.71 -12.30
CA ALA V 211 -29.48 9.35 -12.47
C ALA V 211 -29.80 8.71 -11.12
N ALA V 212 -28.89 8.85 -10.15
CA ALA V 212 -29.09 8.24 -8.84
C ALA V 212 -30.31 8.84 -8.15
N ILE V 213 -30.44 10.17 -8.19
CA ILE V 213 -31.53 10.82 -7.48
C ILE V 213 -32.87 10.52 -8.16
N GLY V 214 -32.90 10.49 -9.49
CA GLY V 214 -34.13 10.14 -10.18
C GLY V 214 -34.53 8.70 -9.93
N VAL V 215 -33.55 7.80 -9.88
CA VAL V 215 -33.85 6.41 -9.55
C VAL V 215 -34.34 6.29 -8.12
N ALA V 216 -33.79 7.09 -7.21
CA ALA V 216 -34.28 7.10 -5.83
C ALA V 216 -35.71 7.61 -5.76
N MET V 217 -36.02 8.66 -6.53
CA MET V 217 -37.39 9.17 -6.57
C MET V 217 -38.33 8.13 -7.15
N TRP V 218 -37.88 7.38 -8.15
CA TRP V 218 -38.69 6.31 -8.72
C TRP V 218 -38.95 5.21 -7.70
N ILE V 219 -37.90 4.73 -7.04
CA ILE V 219 -38.04 3.62 -6.11
C ILE V 219 -38.85 4.03 -4.89
N GLY V 220 -38.51 5.15 -4.28
CA GLY V 220 -39.15 5.59 -3.06
C GLY V 220 -40.45 6.31 -3.31
N SER V 221 -40.90 6.99 -2.27
CA SER V 221 -42.17 7.71 -2.29
C SER V 221 -41.94 9.17 -1.91
N ARG V 222 -42.92 10.00 -2.26
CA ARG V 222 -42.92 11.41 -1.92
C ARG V 222 -43.95 11.65 -0.83
N ALA V 223 -43.53 12.33 0.24
CA ALA V 223 -44.43 12.63 1.35
C ALA V 223 -43.79 13.63 2.30
N GLY W 1 -53.37 -12.08 25.44
CA GLY W 1 -52.22 -11.75 26.27
C GLY W 1 -51.50 -12.99 26.76
N GLN W 2 -51.44 -14.01 25.91
CA GLN W 2 -50.79 -15.27 26.22
C GLN W 2 -49.89 -15.68 25.07
N PRO W 3 -48.85 -16.46 25.35
CA PRO W 3 -47.84 -16.76 24.32
C PRO W 3 -48.26 -17.79 23.29
N THR W 4 -49.51 -18.23 23.28
CA THR W 4 -50.01 -19.17 22.29
C THR W 4 -49.19 -20.47 22.31
N ASP W 5 -49.31 -21.19 23.43
CA ASP W 5 -48.51 -22.40 23.62
C ASP W 5 -48.80 -23.44 22.55
N ALA W 6 -50.09 -23.67 22.26
CA ALA W 6 -50.49 -24.71 21.32
C ALA W 6 -51.35 -24.20 20.18
N GLU W 7 -51.79 -22.94 20.21
CA GLU W 7 -52.60 -22.41 19.13
C GLU W 7 -51.78 -22.15 17.87
N LEU W 8 -50.45 -22.06 18.00
CA LEU W 8 -49.62 -21.81 16.83
C LEU W 8 -49.79 -22.89 15.78
N ALA W 9 -50.11 -24.11 16.20
CA ALA W 9 -50.23 -25.21 15.24
C ALA W 9 -51.31 -24.91 14.20
N GLU W 10 -52.46 -24.42 14.64
CA GLU W 10 -53.55 -24.09 13.73
C GLU W 10 -53.53 -22.62 13.28
N MET W 11 -52.69 -21.79 13.88
CA MET W 11 -52.55 -20.42 13.39
C MET W 11 -52.05 -20.45 11.94
N SER W 12 -52.71 -19.69 11.08
CA SER W 12 -52.35 -19.65 9.67
C SER W 12 -51.16 -18.71 9.46
N ARG W 13 -50.66 -18.69 8.22
CA ARG W 13 -49.50 -17.86 7.91
C ARG W 13 -49.80 -16.38 8.17
N GLU W 14 -50.99 -15.92 7.77
CA GLU W 14 -51.35 -14.53 8.02
C GLU W 14 -51.44 -14.25 9.51
N GLU W 15 -52.06 -15.16 10.27
CA GLU W 15 -52.14 -14.97 11.72
C GLU W 15 -50.76 -14.97 12.36
N LEU W 16 -49.88 -15.86 11.90
CA LEU W 16 -48.54 -15.90 12.46
C LEU W 16 -47.76 -14.62 12.12
N VAL W 17 -47.92 -14.10 10.91
CA VAL W 17 -47.26 -12.85 10.54
C VAL W 17 -47.77 -11.71 11.41
N LYS W 18 -49.09 -11.66 11.63
CA LYS W 18 -49.65 -10.63 12.50
C LYS W 18 -49.12 -10.78 13.92
N LEU W 19 -48.98 -12.02 14.39
CA LEU W 19 -48.44 -12.25 15.73
C LEU W 19 -47.00 -11.76 15.82
N GLY W 20 -46.19 -12.03 14.80
CA GLY W 20 -44.82 -11.54 14.80
C GLY W 20 -44.75 -10.03 14.80
N GLY W 21 -45.57 -9.39 13.97
CA GLY W 21 -45.64 -7.94 14.00
C GLY W 21 -46.04 -7.43 15.36
N LYS W 22 -47.02 -8.07 15.99
CA LYS W 22 -47.45 -7.65 17.33
C LYS W 22 -46.32 -7.75 18.33
N ILE W 23 -45.58 -8.86 18.28
CA ILE W 23 -44.49 -9.07 19.22
C ILE W 23 -43.40 -8.03 19.01
N ASP W 24 -43.09 -7.73 17.75
CA ASP W 24 -42.05 -6.77 17.42
C ASP W 24 -42.52 -5.32 17.50
N GLY W 25 -43.80 -5.09 17.78
CA GLY W 25 -44.32 -3.73 17.78
C GLY W 25 -44.69 -3.23 16.41
N VAL W 26 -44.93 -4.12 15.46
CA VAL W 26 -45.19 -3.76 14.06
C VAL W 26 -46.60 -4.19 13.73
N GLU W 27 -47.41 -3.24 13.25
CA GLU W 27 -48.77 -3.50 12.80
C GLU W 27 -48.80 -3.29 11.30
N THR W 28 -49.04 -4.36 10.54
CA THR W 28 -49.08 -4.28 9.09
C THR W 28 -50.49 -3.87 8.69
N ILE W 29 -50.63 -2.68 8.12
CA ILE W 29 -51.91 -2.17 7.66
C ILE W 29 -51.89 -2.15 6.12
N PHE W 30 -52.97 -2.65 5.53
CA PHE W 30 -53.13 -2.71 4.09
C PHE W 30 -51.93 -3.39 3.42
N LYS W 31 -51.77 -4.67 3.72
CA LYS W 31 -50.89 -5.53 2.94
C LYS W 31 -51.75 -6.20 1.89
N GLU W 32 -51.73 -5.65 0.68
CA GLU W 32 -52.64 -6.06 -0.38
C GLU W 32 -51.86 -6.49 -1.62
N PRO W 33 -52.27 -7.58 -2.27
CA PRO W 33 -51.57 -7.99 -3.50
C PRO W 33 -51.81 -7.01 -4.64
N ARG W 34 -50.87 -7.01 -5.58
CA ARG W 34 -50.94 -6.07 -6.70
C ARG W 34 -51.95 -6.51 -7.75
N TRP W 35 -52.24 -7.80 -7.84
CA TRP W 35 -53.12 -8.35 -8.88
C TRP W 35 -54.21 -9.18 -8.22
N PRO W 36 -55.15 -8.54 -7.52
CA PRO W 36 -56.27 -9.30 -6.95
C PRO W 36 -57.12 -10.01 -7.99
N VAL W 37 -57.30 -9.40 -9.16
CA VAL W 37 -58.11 -10.00 -10.21
C VAL W 37 -57.26 -11.05 -10.93
N PRO W 38 -57.70 -12.30 -11.03
CA PRO W 38 -56.90 -13.32 -11.70
C PRO W 38 -57.21 -13.45 -13.17
N GLY W 39 -56.19 -13.86 -13.92
CA GLY W 39 -56.34 -14.19 -15.33
C GLY W 39 -56.27 -13.01 -16.27
N THR W 40 -56.18 -11.78 -15.76
CA THR W 40 -56.10 -10.62 -16.63
C THR W 40 -54.77 -10.63 -17.39
N LYS W 41 -54.80 -10.07 -18.61
CA LYS W 41 -53.61 -10.02 -19.44
C LYS W 41 -52.72 -8.82 -19.14
N ALA W 42 -53.20 -7.83 -18.39
CA ALA W 42 -52.30 -6.80 -17.90
C ALA W 42 -51.25 -7.40 -16.97
N GLU W 43 -51.67 -8.36 -16.15
CA GLU W 43 -50.72 -9.08 -15.30
C GLU W 43 -49.68 -9.80 -16.14
N LYS W 44 -50.12 -10.45 -17.22
CA LYS W 44 -49.17 -11.14 -18.09
C LYS W 44 -48.22 -10.15 -18.76
N ARG W 45 -48.74 -8.99 -19.18
CA ARG W 45 -47.88 -7.98 -19.80
C ARG W 45 -46.82 -7.49 -18.82
N THR W 46 -47.22 -7.21 -17.58
CA THR W 46 -46.24 -6.76 -16.60
C THR W 46 -45.22 -7.84 -16.30
N GLU W 47 -45.69 -9.09 -16.20
CA GLU W 47 -44.79 -10.23 -16.04
C GLU W 47 -43.75 -10.24 -17.16
N ARG W 48 -44.22 -10.14 -18.40
CA ARG W 48 -43.32 -10.14 -19.55
C ARG W 48 -42.39 -8.94 -19.53
N LEU W 49 -42.85 -7.79 -19.02
CA LEU W 49 -42.00 -6.61 -18.96
C LEU W 49 -40.82 -6.82 -18.03
N VAL W 50 -41.10 -7.27 -16.80
CA VAL W 50 -40.01 -7.50 -15.86
C VAL W 50 -39.12 -8.63 -16.36
N ALA W 51 -39.71 -9.63 -17.02
CA ALA W 51 -38.90 -10.70 -17.61
C ALA W 51 -37.98 -10.16 -18.69
N TYR W 52 -38.49 -9.23 -19.52
CA TYR W 52 -37.66 -8.63 -20.56
C TYR W 52 -36.52 -7.85 -19.96
N TRP W 53 -36.77 -7.11 -18.88
CA TRP W 53 -35.70 -6.37 -18.25
C TRP W 53 -34.63 -7.30 -17.68
N LEU W 54 -35.06 -8.37 -17.01
CA LEU W 54 -34.09 -9.31 -16.45
C LEU W 54 -33.32 -10.02 -17.56
N MET W 55 -33.99 -10.37 -18.66
CA MET W 55 -33.31 -11.02 -19.77
C MET W 55 -32.37 -10.06 -20.48
N LEU W 56 -32.72 -8.77 -20.55
CA LEU W 56 -31.78 -7.79 -21.09
C LEU W 56 -30.55 -7.70 -20.21
N GLY W 57 -30.75 -7.73 -18.89
CA GLY W 57 -29.61 -7.77 -17.99
C GLY W 57 -28.74 -8.99 -18.22
N GLY W 58 -29.36 -10.15 -18.40
CA GLY W 58 -28.58 -11.36 -18.66
C GLY W 58 -27.85 -11.33 -19.99
N LEU W 59 -28.52 -10.86 -21.04
CA LEU W 59 -27.88 -10.75 -22.34
C LEU W 59 -26.72 -9.76 -22.28
N SER W 60 -26.88 -8.67 -21.53
CA SER W 60 -25.80 -7.71 -21.41
C SER W 60 -24.65 -8.27 -20.58
N GLY W 61 -24.95 -9.10 -19.58
CA GLY W 61 -23.88 -9.76 -18.84
C GLY W 61 -23.11 -10.74 -19.71
N LEU W 62 -23.83 -11.50 -20.52
CA LEU W 62 -23.18 -12.38 -21.48
C LEU W 62 -22.36 -11.57 -22.48
N ALA W 63 -22.88 -10.42 -22.90
CA ALA W 63 -22.13 -9.55 -23.80
C ALA W 63 -20.86 -9.04 -23.12
N LEU W 64 -20.93 -8.69 -21.85
CA LEU W 64 -19.74 -8.32 -21.10
C LEU W 64 -18.72 -9.45 -21.13
N LEU W 65 -19.17 -10.66 -20.83
CA LEU W 65 -18.28 -11.81 -20.86
C LEU W 65 -17.62 -11.96 -22.23
N LEU W 66 -18.43 -11.90 -23.29
CA LEU W 66 -17.92 -12.18 -24.63
C LEU W 66 -16.98 -11.07 -25.11
N VAL W 67 -17.30 -9.81 -24.83
CA VAL W 67 -16.42 -8.73 -25.26
C VAL W 67 -15.13 -8.74 -24.47
N PHE W 68 -15.22 -9.01 -23.17
CA PHE W 68 -14.00 -9.07 -22.37
C PHE W 68 -13.09 -10.19 -22.84
N LEU W 69 -13.66 -11.36 -23.14
CA LEU W 69 -12.83 -12.48 -23.57
C LEU W 69 -12.30 -12.26 -24.98
N PHE W 70 -13.13 -11.75 -25.89
CA PHE W 70 -12.80 -11.63 -27.31
C PHE W 70 -13.10 -10.21 -27.77
N TRP W 71 -12.12 -9.33 -27.64
CA TRP W 71 -12.22 -8.00 -28.23
C TRP W 71 -10.82 -7.47 -28.46
N PRO W 72 -10.60 -6.64 -29.49
CA PRO W 72 -9.25 -6.08 -29.68
C PRO W 72 -8.89 -5.08 -28.60
N TRP W 73 -8.56 -5.58 -27.41
CA TRP W 73 -8.05 -4.75 -26.34
C TRP W 73 -6.58 -4.47 -26.63
N GLU W 74 -5.84 -3.98 -25.62
CA GLU W 74 -4.41 -3.70 -25.73
C GLU W 74 -4.17 -2.39 -26.49
N TYR W 75 -3.28 -1.58 -25.96
CA TYR W 75 -3.00 -0.28 -26.57
C TYR W 75 -2.51 -0.46 -28.00
N GLN W 76 -2.99 0.41 -28.89
CA GLN W 76 -2.58 0.44 -30.27
C GLN W 76 -1.91 1.78 -30.57
N PRO W 77 -0.69 1.81 -31.13
CA PRO W 77 -0.04 3.09 -31.37
C PRO W 77 -0.91 4.07 -32.16
N PHE W 78 -0.49 5.33 -32.19
CA PHE W 78 -1.27 6.35 -32.87
C PHE W 78 -1.41 6.03 -34.35
N GLY W 79 -2.61 6.30 -34.88
CA GLY W 79 -2.82 6.17 -36.32
C GLY W 79 -2.53 4.79 -36.86
N SER W 80 -2.97 3.75 -36.15
CA SER W 80 -2.77 2.38 -36.58
C SER W 80 -4.13 1.69 -36.66
N GLU W 81 -4.27 0.79 -37.63
CA GLU W 81 -5.47 -0.02 -37.73
C GLU W 81 -5.65 -0.78 -36.41
N GLY W 82 -6.85 -0.72 -35.87
CA GLY W 82 -7.12 -1.23 -34.54
C GLY W 82 -7.16 -0.18 -33.46
N GLU W 83 -6.76 1.06 -33.76
CA GLU W 83 -6.87 2.12 -32.77
C GLU W 83 -8.32 2.40 -32.40
N PHE W 84 -9.23 2.39 -33.37
CA PHE W 84 -10.63 2.64 -33.07
C PHE W 84 -11.19 1.54 -32.17
N LEU W 85 -10.88 0.28 -32.49
CA LEU W 85 -11.34 -0.83 -31.67
C LEU W 85 -10.78 -0.72 -30.26
N TYR W 86 -9.48 -0.40 -30.13
CA TYR W 86 -8.92 -0.22 -28.80
C TYR W 86 -9.61 0.91 -28.06
N SER W 87 -9.86 2.02 -28.74
CA SER W 87 -10.43 3.18 -28.09
C SER W 87 -11.82 2.88 -27.55
N LEU W 88 -12.63 2.12 -28.28
CA LEU W 88 -13.97 1.78 -27.82
C LEU W 88 -14.02 0.42 -27.15
N ALA W 89 -12.87 -0.17 -26.84
CA ALA W 89 -12.81 -1.40 -26.06
C ALA W 89 -13.29 -1.19 -24.63
N THR W 90 -12.59 -0.36 -23.87
CA THR W 90 -13.01 -0.10 -22.49
C THR W 90 -14.42 0.44 -22.41
N PRO W 91 -14.85 1.39 -23.26
CA PRO W 91 -16.25 1.78 -23.26
C PRO W 91 -17.19 0.61 -23.42
N LEU W 92 -16.84 -0.39 -24.23
CA LEU W 92 -17.73 -1.54 -24.39
C LEU W 92 -17.78 -2.38 -23.12
N TYR W 93 -16.64 -2.58 -22.46
CA TYR W 93 -16.66 -3.28 -21.17
C TYR W 93 -17.61 -2.58 -20.22
N GLY W 94 -17.43 -1.28 -20.04
CA GLY W 94 -18.26 -0.56 -19.10
C GLY W 94 -19.72 -0.55 -19.51
N LEU W 95 -19.99 -0.36 -20.80
CA LEU W 95 -21.36 -0.35 -21.27
C LEU W 95 -22.05 -1.67 -20.97
N THR W 96 -21.41 -2.78 -21.34
CA THR W 96 -22.03 -4.09 -21.11
C THR W 96 -22.25 -4.33 -19.63
N PHE W 97 -21.21 -4.11 -18.81
CA PHE W 97 -21.33 -4.37 -17.38
C PHE W 97 -22.43 -3.52 -16.76
N GLY W 98 -22.37 -2.21 -16.98
CA GLY W 98 -23.34 -1.32 -16.39
C GLY W 98 -24.75 -1.59 -16.86
N LEU W 99 -24.92 -1.83 -18.17
CA LEU W 99 -26.24 -2.13 -18.68
C LEU W 99 -26.78 -3.42 -18.08
N SER W 100 -25.93 -4.43 -17.93
CA SER W 100 -26.40 -5.68 -17.34
C SER W 100 -26.90 -5.48 -15.93
N ILE W 101 -26.08 -4.88 -15.07
CA ILE W 101 -26.48 -4.78 -13.68
C ILE W 101 -27.61 -3.77 -13.52
N LEU W 102 -27.61 -2.70 -14.33
CA LEU W 102 -28.69 -1.72 -14.28
C LEU W 102 -30.01 -2.36 -14.69
N SER W 103 -30.00 -3.20 -15.72
CA SER W 103 -31.22 -3.85 -16.15
C SER W 103 -31.71 -4.85 -15.11
N ILE W 104 -30.79 -5.56 -14.46
CA ILE W 104 -31.19 -6.44 -13.37
C ILE W 104 -31.84 -5.62 -12.26
N GLY W 105 -31.24 -4.48 -11.91
CA GLY W 105 -31.83 -3.63 -10.88
C GLY W 105 -33.19 -3.10 -11.27
N ILE W 106 -33.35 -2.71 -12.54
CA ILE W 106 -34.64 -2.22 -13.01
C ILE W 106 -35.68 -3.33 -12.95
N GLY W 107 -35.31 -4.55 -13.33
CA GLY W 107 -36.23 -5.66 -13.22
C GLY W 107 -36.63 -5.92 -11.78
N ALA W 108 -35.67 -5.86 -10.86
CA ALA W 108 -35.99 -6.06 -9.45
C ALA W 108 -36.93 -4.96 -8.94
N VAL W 109 -36.66 -3.71 -9.31
CA VAL W 109 -37.51 -2.61 -8.88
C VAL W 109 -38.91 -2.78 -9.45
N LEU W 110 -39.02 -3.18 -10.71
CA LEU W 110 -40.33 -3.37 -11.32
C LEU W 110 -41.07 -4.51 -10.65
N PHE W 111 -40.37 -5.58 -10.27
CA PHE W 111 -41.01 -6.65 -9.54
C PHE W 111 -41.54 -6.15 -8.20
N GLN W 112 -40.74 -5.35 -7.50
CA GLN W 112 -41.20 -4.80 -6.23
C GLN W 112 -42.41 -3.90 -6.41
N LYS W 113 -42.41 -3.09 -7.47
CA LYS W 113 -43.44 -2.09 -7.68
C LYS W 113 -44.68 -2.63 -8.37
N LYS W 114 -44.64 -3.87 -8.88
CA LYS W 114 -45.74 -4.39 -9.68
C LYS W 114 -46.27 -5.71 -9.13
N PHE W 115 -45.43 -6.49 -8.47
CA PHE W 115 -45.82 -7.82 -8.02
C PHE W 115 -45.75 -7.99 -6.51
N ILE W 116 -44.69 -7.53 -5.86
CA ILE W 116 -44.63 -7.65 -4.40
C ILE W 116 -45.77 -6.86 -3.79
N PRO W 117 -46.51 -7.39 -2.81
CA PRO W 117 -47.70 -6.68 -2.34
C PRO W 117 -47.35 -5.37 -1.66
N GLU W 118 -48.32 -4.46 -1.67
CA GLU W 118 -48.11 -3.14 -1.09
C GLU W 118 -48.57 -3.12 0.36
N GLU W 119 -47.73 -2.58 1.24
CA GLU W 119 -47.98 -2.54 2.68
C GLU W 119 -47.67 -1.15 3.21
N ILE W 120 -48.33 -0.79 4.31
CA ILE W 120 -48.04 0.48 4.99
C ILE W 120 -47.70 0.17 6.43
N SER W 121 -47.02 -0.95 6.65
CA SER W 121 -46.64 -1.39 7.99
C SER W 121 -46.15 -0.22 8.83
N VAL W 122 -46.65 -0.14 10.07
CA VAL W 122 -46.30 0.91 11.01
C VAL W 122 -45.70 0.26 12.24
N GLN W 123 -44.47 0.65 12.60
CA GLN W 123 -43.75 0.07 13.72
C GLN W 123 -43.80 1.02 14.90
N ASP W 124 -44.05 0.46 16.08
CA ASP W 124 -44.05 1.25 17.31
C ASP W 124 -42.61 1.59 17.66
N ARG W 125 -42.33 2.88 17.77
CA ARG W 125 -40.99 3.37 18.05
C ARG W 125 -40.85 3.56 19.56
N HIS W 126 -39.94 2.80 20.18
CA HIS W 126 -39.70 2.87 21.61
C HIS W 126 -38.48 3.72 21.94
N ASP W 127 -38.26 4.79 21.18
CA ASP W 127 -37.04 5.57 21.31
C ASP W 127 -37.00 6.32 22.64
N GLY W 128 -35.80 6.43 23.20
CA GLY W 128 -35.54 7.34 24.30
C GLY W 128 -35.95 6.82 25.67
N ARG W 129 -35.04 6.94 26.63
CA ARG W 129 -35.34 6.75 28.05
C ARG W 129 -35.93 5.35 28.30
N SER W 130 -35.06 4.35 28.16
CA SER W 130 -35.40 2.97 28.49
C SER W 130 -36.20 2.96 29.78
N PRO W 131 -37.11 2.01 29.97
CA PRO W 131 -37.97 2.04 31.16
C PRO W 131 -37.15 2.11 32.44
N GLU W 132 -37.74 2.72 33.46
CA GLU W 132 -37.01 2.99 34.69
C GLU W 132 -36.43 1.72 35.28
N VAL W 133 -37.09 0.58 35.10
CA VAL W 133 -36.53 -0.67 35.58
C VAL W 133 -35.17 -0.92 34.95
N HIS W 134 -35.09 -0.81 33.62
CA HIS W 134 -33.83 -1.06 32.93
C HIS W 134 -32.79 -0.02 33.31
N ARG W 135 -33.18 1.26 33.33
CA ARG W 135 -32.22 2.30 33.67
C ARG W 135 -31.64 2.09 35.07
N LYS W 136 -32.51 1.89 36.06
CA LYS W 136 -32.05 1.78 37.43
C LYS W 136 -31.26 0.49 37.64
N THR W 137 -31.63 -0.58 36.93
CA THR W 137 -30.89 -1.82 37.05
C THR W 137 -29.49 -1.69 36.45
N VAL W 138 -29.37 -1.04 35.30
CA VAL W 138 -28.04 -0.81 34.72
C VAL W 138 -27.21 0.05 35.66
N ALA W 139 -27.80 1.12 36.18
CA ALA W 139 -27.08 1.99 37.09
C ALA W 139 -26.62 1.22 38.33
N ALA W 140 -27.50 0.38 38.88
CA ALA W 140 -27.13 -0.42 40.04
C ALA W 140 -26.01 -1.39 39.71
N ASN W 141 -26.07 -2.03 38.54
CA ASN W 141 -25.02 -2.97 38.17
C ASN W 141 -23.68 -2.26 38.07
N LEU W 142 -23.64 -1.12 37.37
CA LEU W 142 -22.38 -0.41 37.20
C LEU W 142 -21.86 0.12 38.53
N THR W 143 -22.75 0.69 39.36
CA THR W 143 -22.32 1.22 40.64
C THR W 143 -21.85 0.12 41.58
N ASP W 144 -22.52 -1.03 41.56
CA ASP W 144 -22.07 -2.16 42.37
C ASP W 144 -20.72 -2.67 41.90
N ALA W 145 -20.52 -2.73 40.58
CA ALA W 145 -19.21 -3.13 40.06
C ALA W 145 -18.14 -2.16 40.53
N LEU W 146 -18.41 -0.86 40.49
CA LEU W 146 -17.40 0.13 40.87
C LEU W 146 -17.13 0.11 42.36
N GLU W 147 -18.17 0.11 43.19
CA GLU W 147 -17.99 0.22 44.64
C GLU W 147 -17.50 -1.10 45.22
N GLY W 148 -18.07 -2.22 44.79
CA GLY W 148 -17.62 -3.51 45.29
C GLY W 148 -16.16 -3.74 44.98
N SER W 149 -15.71 -3.35 43.79
CA SER W 149 -14.30 -3.44 43.45
C SER W 149 -13.42 -2.75 44.49
N THR W 150 -13.99 -1.87 45.30
CA THR W 150 -13.32 -1.17 46.39
C THR W 150 -12.45 -0.05 45.85
N LEU W 151 -12.48 0.21 44.55
CA LEU W 151 -11.90 1.44 44.05
C LEU W 151 -12.65 2.62 44.66
N LYS W 152 -12.11 3.82 44.44
CA LYS W 152 -12.52 5.04 45.16
C LYS W 152 -12.50 4.83 46.68
N ARG W 153 -11.75 3.82 47.13
CA ARG W 153 -11.44 3.64 48.54
C ARG W 153 -9.98 3.31 48.77
N ARG W 154 -9.28 2.78 47.78
CA ARG W 154 -7.83 2.56 47.84
C ARG W 154 -7.18 3.74 47.13
N LYS W 155 -7.02 4.84 47.87
CA LYS W 155 -6.45 6.05 47.29
C LYS W 155 -5.11 5.75 46.61
N VAL W 156 -4.30 4.90 47.24
CA VAL W 156 -2.98 4.60 46.69
C VAL W 156 -3.13 3.88 45.35
N ILE W 157 -4.05 2.93 45.27
CA ILE W 157 -4.28 2.24 43.99
C ILE W 157 -4.88 3.20 42.97
N GLY W 158 -5.83 4.02 43.39
CA GLY W 158 -6.44 4.94 42.45
C GLY W 158 -5.43 5.84 41.78
N LEU W 159 -4.51 6.40 42.56
CA LEU W 159 -3.48 7.28 42.01
C LEU W 159 -2.40 6.51 41.28
N SER W 160 -2.01 5.33 41.79
CA SER W 160 -0.95 4.56 41.16
C SER W 160 -1.38 4.03 39.80
N LEU W 161 -2.62 3.55 39.68
CA LEU W 161 -3.12 3.10 38.39
C LEU W 161 -3.16 4.25 37.40
N GLY W 162 -3.63 5.41 37.84
CA GLY W 162 -3.64 6.57 36.96
C GLY W 162 -2.25 6.93 36.49
N ILE W 163 -1.30 6.98 37.42
CA ILE W 163 0.08 7.30 37.06
C ILE W 163 0.63 6.27 36.08
N GLY W 164 0.39 5.00 36.37
CA GLY W 164 0.92 3.95 35.51
C GLY W 164 0.36 4.01 34.10
N LEU W 165 -0.96 4.14 34.00
CA LEU W 165 -1.58 4.22 32.68
C LEU W 165 -1.13 5.47 31.94
N GLY W 166 -1.05 6.60 32.63
CA GLY W 166 -0.60 7.82 31.98
C GLY W 166 0.83 7.73 31.50
N ALA W 167 1.73 7.20 32.33
CA ALA W 167 3.12 7.05 31.94
C ALA W 167 3.26 6.08 30.77
N PHE W 168 2.54 4.95 30.83
CA PHE W 168 2.63 3.97 29.75
C PHE W 168 2.09 4.56 28.45
N GLY W 169 0.97 5.27 28.51
CA GLY W 169 0.45 5.91 27.32
C GLY W 169 1.40 6.95 26.77
N ALA W 170 2.00 7.76 27.66
CA ALA W 170 2.98 8.73 27.21
C ALA W 170 4.14 8.07 26.48
N GLY W 171 4.73 7.05 27.10
CA GLY W 171 5.85 6.35 26.53
C GLY W 171 5.48 5.72 25.20
N THR W 172 4.31 5.09 25.14
CA THR W 172 3.90 4.39 23.92
C THR W 172 3.63 5.38 22.79
N LEU W 173 2.91 6.46 23.07
CA LEU W 173 2.64 7.45 22.03
C LEU W 173 3.92 8.09 21.54
N VAL W 174 4.82 8.44 22.47
CA VAL W 174 6.08 9.06 22.07
C VAL W 174 6.91 8.10 21.24
N ALA W 175 6.94 6.82 21.62
CA ALA W 175 7.70 5.84 20.85
C ALA W 175 7.04 5.54 19.51
N PHE W 176 5.73 5.72 19.41
CA PHE W 176 5.03 5.54 18.15
C PHE W 176 5.33 6.69 17.19
N ILE W 177 5.41 7.91 17.71
CA ILE W 177 5.50 9.09 16.85
C ILE W 177 6.93 9.59 16.63
N GLY W 178 7.88 9.17 17.48
CA GLY W 178 9.24 9.65 17.32
C GLY W 178 9.93 9.11 16.10
N GLY W 179 9.50 7.95 15.61
CA GLY W 179 9.99 7.46 14.34
C GLY W 179 9.67 8.42 13.21
N LEU W 180 8.46 8.99 13.23
CA LEU W 180 8.07 9.93 12.19
C LEU W 180 8.73 11.29 12.39
N ILE W 181 8.78 11.78 13.62
CA ILE W 181 9.29 13.13 13.86
C ILE W 181 10.74 13.21 13.39
N LYS W 182 11.03 14.22 12.56
CA LYS W 182 12.38 14.50 12.11
C LYS W 182 12.63 15.99 12.23
N ASN W 183 13.89 16.35 12.48
CA ASN W 183 14.26 17.77 12.59
C ASN W 183 14.37 18.37 11.20
N PRO W 184 13.55 19.37 10.84
CA PRO W 184 13.72 20.01 9.53
C PRO W 184 15.00 20.79 9.41
N TRP W 185 15.64 21.14 10.53
CA TRP W 185 16.78 22.04 10.55
C TRP W 185 18.08 21.33 10.91
N LYS W 186 18.13 20.02 10.76
CA LYS W 186 19.38 19.30 10.90
C LYS W 186 20.28 19.65 9.71
N PRO W 187 21.47 20.21 9.92
CA PRO W 187 22.34 20.48 8.77
C PRO W 187 22.77 19.19 8.08
N VAL W 188 22.28 18.98 6.85
CA VAL W 188 22.58 17.78 6.09
C VAL W 188 23.18 18.12 4.73
N VAL W 189 22.63 19.10 4.03
CA VAL W 189 23.11 19.44 2.69
C VAL W 189 24.47 20.11 2.80
N PRO W 190 25.53 19.57 2.20
CA PRO W 190 26.82 20.26 2.24
C PRO W 190 26.79 21.55 1.46
N THR W 191 27.66 22.49 1.87
CA THR W 191 27.72 23.79 1.24
C THR W 191 29.08 24.40 1.51
N ALA W 192 29.43 25.41 0.72
CA ALA W 192 30.69 26.11 0.93
C ALA W 192 30.80 26.65 2.35
N GLU W 193 29.67 27.00 2.96
CA GLU W 193 29.64 27.49 4.34
C GLU W 193 29.33 26.37 5.33
N GLY W 194 29.73 25.14 5.02
CA GLY W 194 29.44 24.01 5.88
C GLY W 194 28.04 23.47 5.64
N LYS W 195 27.78 22.31 6.23
CA LYS W 195 26.47 21.68 6.07
C LYS W 195 25.38 22.61 6.56
N LYS W 196 24.31 22.71 5.77
CA LYS W 196 23.18 23.57 6.09
C LYS W 196 21.89 22.78 5.96
N ALA W 197 20.81 23.35 6.47
CA ALA W 197 19.51 22.69 6.41
C ALA W 197 19.02 22.64 4.97
N VAL W 198 18.10 21.71 4.71
CA VAL W 198 17.62 21.49 3.35
C VAL W 198 16.90 22.72 2.82
N LEU W 199 16.06 23.35 3.65
CA LEU W 199 15.22 24.44 3.17
C LEU W 199 16.07 25.61 2.70
N TRP W 200 17.17 25.89 3.38
CA TRP W 200 18.05 26.97 2.94
C TRP W 200 18.70 26.67 1.60
N THR W 201 19.05 25.41 1.34
CA THR W 201 19.88 25.04 0.20
C THR W 201 19.02 24.48 -0.92
N SER W 202 19.37 24.84 -2.15
CA SER W 202 18.78 24.23 -3.34
C SER W 202 19.91 23.74 -4.23
N GLY W 203 19.58 23.31 -5.45
CA GLY W 203 20.61 22.91 -6.38
C GLY W 203 21.55 24.02 -6.79
N TRP W 204 21.18 25.26 -6.54
CA TRP W 204 22.00 26.42 -6.88
C TRP W 204 22.95 26.82 -5.76
N THR W 205 22.90 26.15 -4.62
CA THR W 205 23.81 26.48 -3.52
C THR W 205 25.20 25.95 -3.86
N PRO W 206 26.23 26.80 -3.91
CA PRO W 206 27.57 26.29 -4.25
C PRO W 206 28.06 25.29 -3.21
N ARG W 207 28.35 24.07 -3.67
CA ARG W 207 28.86 23.06 -2.76
C ARG W 207 30.22 23.46 -2.21
N PHE W 208 31.08 24.02 -3.06
CA PHE W 208 32.36 24.56 -2.64
C PHE W 208 32.50 25.97 -3.19
N LYS W 209 33.26 26.80 -2.47
CA LYS W 209 33.40 28.20 -2.86
C LYS W 209 33.92 28.30 -4.28
N GLY W 210 33.28 29.17 -5.08
CA GLY W 210 33.70 29.39 -6.44
C GLY W 210 33.25 28.34 -7.43
N GLU W 211 32.36 27.44 -7.04
CA GLU W 211 31.91 26.40 -7.96
C GLU W 211 31.13 27.02 -9.11
N THR W 212 31.30 26.44 -10.29
CA THR W 212 30.58 26.89 -11.48
C THR W 212 29.31 26.07 -11.63
N ILE W 213 28.17 26.74 -11.68
CA ILE W 213 26.87 26.11 -11.82
C ILE W 213 26.25 26.68 -13.09
N TYR W 214 26.30 25.91 -14.18
CA TYR W 214 25.75 26.35 -15.44
C TYR W 214 24.23 26.32 -15.40
N LEU W 215 23.62 27.28 -16.09
CA LEU W 215 22.17 27.32 -16.28
C LEU W 215 21.84 26.37 -17.42
N ALA W 216 21.96 25.07 -17.17
CA ALA W 216 21.83 24.09 -18.24
C ALA W 216 20.38 24.00 -18.67
N ARG W 217 20.15 24.03 -19.98
CA ARG W 217 18.82 23.80 -20.51
C ARG W 217 18.53 22.31 -20.49
N ALA W 218 17.28 21.98 -20.16
CA ALA W 218 16.85 20.59 -20.04
C ALA W 218 16.21 20.17 -21.35
N THR W 219 17.04 19.65 -22.25
CA THR W 219 16.50 19.04 -23.46
C THR W 219 15.71 17.81 -23.09
N GLY W 220 14.62 17.57 -23.81
CA GLY W 220 13.74 16.47 -23.49
C GLY W 220 14.26 15.12 -23.92
N ARG W 221 15.55 15.03 -24.24
CA ARG W 221 16.12 13.78 -24.71
C ARG W 221 15.89 12.70 -23.64
N PRO W 222 15.35 11.52 -24.01
CA PRO W 222 15.01 10.55 -22.96
C PRO W 222 16.23 9.90 -22.31
N GLY W 223 16.83 10.61 -21.35
CA GLY W 223 17.79 10.00 -20.45
C GLY W 223 19.24 10.41 -20.65
N GLU W 224 19.68 10.52 -21.90
CA GLU W 224 21.08 10.80 -22.20
C GLU W 224 21.24 12.29 -22.49
N SER W 225 22.23 12.91 -21.84
CA SER W 225 22.51 14.33 -21.97
C SER W 225 21.24 15.17 -21.75
N PRO W 226 20.48 14.88 -20.69
CA PRO W 226 19.25 15.66 -20.45
C PRO W 226 19.51 17.14 -20.23
N PHE W 227 20.64 17.50 -19.62
CA PHE W 227 20.97 18.90 -19.35
C PHE W 227 22.22 19.27 -20.13
N VAL W 228 22.13 20.36 -20.90
CA VAL W 228 23.24 20.81 -21.73
C VAL W 228 23.50 22.28 -21.46
N LYS W 229 24.78 22.65 -21.43
CA LYS W 229 25.19 24.01 -21.15
C LYS W 229 24.44 24.98 -22.06
N MET W 230 24.38 26.25 -21.66
CA MET W 230 23.53 27.23 -22.30
C MET W 230 24.32 28.52 -22.53
N ARG W 231 23.90 29.26 -23.54
CA ARG W 231 24.57 30.49 -23.93
C ARG W 231 23.56 31.62 -24.04
N PRO W 232 23.97 32.87 -23.74
CA PRO W 232 22.98 33.97 -23.82
C PRO W 232 22.37 34.13 -25.18
N GLU W 233 23.13 33.90 -26.25
CA GLU W 233 22.60 34.08 -27.61
C GLU W 233 21.45 33.12 -27.90
N ASP W 234 21.37 32.00 -27.19
CA ASP W 234 20.34 31.01 -27.48
C ASP W 234 18.95 31.59 -27.26
N ILE W 235 18.78 32.37 -26.19
CA ILE W 235 17.51 33.04 -25.94
C ILE W 235 17.46 34.33 -26.76
N ASP W 236 16.26 34.70 -27.18
CA ASP W 236 16.03 35.95 -27.89
C ASP W 236 14.97 36.75 -27.14
N ALA W 237 14.99 38.07 -27.37
CA ALA W 237 14.12 38.98 -26.65
C ALA W 237 12.70 38.43 -26.57
N GLY W 238 12.11 38.51 -25.39
CA GLY W 238 10.81 37.94 -25.16
C GLY W 238 10.80 36.43 -25.19
N GLY W 239 11.80 35.80 -24.62
CA GLY W 239 11.87 34.36 -24.56
C GLY W 239 12.18 33.89 -23.16
N MET W 240 11.59 32.75 -22.81
CA MET W 240 11.77 32.12 -21.51
C MET W 240 12.27 30.70 -21.69
N GLU W 241 13.19 30.29 -20.83
CA GLU W 241 13.75 28.94 -20.88
C GLU W 241 13.92 28.43 -19.46
N THR W 242 13.46 27.22 -19.21
CA THR W 242 13.66 26.60 -17.91
C THR W 242 15.06 26.00 -17.85
N VAL W 243 15.86 26.48 -16.90
CA VAL W 243 17.24 26.06 -16.72
C VAL W 243 17.37 25.40 -15.36
N PHE W 244 18.43 24.60 -15.23
CA PHE W 244 18.71 23.83 -14.04
C PHE W 244 20.17 24.00 -13.64
N PRO W 245 20.51 23.75 -12.37
CA PRO W 245 21.89 23.92 -11.90
C PRO W 245 22.79 22.76 -12.27
N TRP W 246 23.41 22.79 -13.44
CA TRP W 246 24.23 21.69 -13.91
C TRP W 246 25.70 21.96 -13.61
N ARG W 247 26.42 20.93 -13.17
CA ARG W 247 27.84 21.03 -12.92
C ARG W 247 28.61 20.17 -13.90
N GLU W 248 29.85 20.57 -14.17
CA GLU W 248 30.73 19.76 -15.03
C GLU W 248 30.83 18.35 -14.50
N SER W 249 30.90 18.20 -13.17
CA SER W 249 30.93 16.87 -12.58
C SER W 249 29.66 16.09 -12.89
N ASP W 250 28.52 16.79 -12.96
CA ASP W 250 27.25 16.16 -13.30
C ASP W 250 27.14 16.01 -14.82
N GLY W 251 28.07 15.26 -15.39
CA GLY W 251 28.13 15.09 -16.83
C GLY W 251 26.88 14.43 -17.38
N ASP W 252 26.89 14.06 -18.66
CA ASP W 252 25.73 13.45 -19.27
C ASP W 252 25.32 12.21 -18.49
N GLY W 253 24.13 11.69 -18.82
CA GLY W 253 23.56 10.57 -18.10
C GLY W 253 24.03 9.22 -18.56
N THR W 254 25.11 9.15 -19.34
CA THR W 254 25.57 7.87 -19.87
C THR W 254 25.97 6.92 -18.76
N THR W 255 26.69 7.42 -17.75
CA THR W 255 27.16 6.58 -16.68
C THR W 255 26.06 6.38 -15.62
N VAL W 256 26.33 5.46 -14.70
CA VAL W 256 25.40 5.22 -13.60
C VAL W 256 25.63 6.21 -12.45
N GLU W 257 26.89 6.60 -12.22
CA GLU W 257 27.14 7.69 -11.27
C GLU W 257 26.39 8.94 -11.69
N SER W 258 26.54 9.33 -12.95
CA SER W 258 25.62 10.27 -13.56
C SER W 258 24.28 9.55 -13.80
N GLU W 259 23.26 10.32 -14.16
CA GLU W 259 21.88 9.89 -14.30
C GLU W 259 21.24 9.68 -12.93
N HIS W 260 22.00 9.72 -11.84
CA HIS W 260 21.47 9.93 -10.51
C HIS W 260 21.66 11.36 -10.05
N LYS W 261 22.83 11.94 -10.30
CA LYS W 261 23.00 13.37 -10.12
C LYS W 261 22.04 14.14 -11.01
N LEU W 262 21.88 13.70 -12.26
CA LEU W 262 20.97 14.36 -13.18
C LEU W 262 19.52 14.20 -12.74
N THR W 263 19.16 13.01 -12.26
CA THR W 263 17.81 12.82 -11.73
C THR W 263 17.57 13.71 -10.52
N GLU W 264 18.57 13.85 -9.65
CA GLU W 264 18.45 14.75 -8.52
C GLU W 264 18.27 16.19 -8.98
N ILE W 265 19.01 16.60 -10.00
CA ILE W 265 18.87 17.95 -10.53
C ILE W 265 17.45 18.16 -11.04
N ALA W 266 16.94 17.20 -11.81
CA ALA W 266 15.60 17.33 -12.38
C ALA W 266 14.54 17.36 -11.30
N MET W 267 14.68 16.51 -10.27
CA MET W 267 13.66 16.38 -9.25
C MET W 267 13.83 17.37 -8.10
N GLY W 268 14.86 18.20 -8.12
CA GLY W 268 15.00 19.22 -7.11
C GLY W 268 13.84 20.19 -7.13
N VAL W 269 13.14 20.32 -6.00
CA VAL W 269 11.97 21.19 -5.94
C VAL W 269 12.36 22.63 -6.17
N ARG W 270 13.45 23.07 -5.55
CA ARG W 270 13.90 24.45 -5.64
C ARG W 270 14.91 24.67 -6.76
N ASN W 271 15.19 23.65 -7.56
CA ASN W 271 16.20 23.72 -8.61
C ASN W 271 15.73 24.52 -9.82
N PRO W 272 14.60 24.19 -10.44
CA PRO W 272 14.27 24.81 -11.72
C PRO W 272 14.18 26.32 -11.62
N VAL W 273 14.72 27.00 -12.64
CA VAL W 273 14.70 28.45 -12.73
C VAL W 273 14.20 28.78 -14.12
N MET W 274 13.61 29.97 -14.28
CA MET W 274 13.24 30.48 -15.59
C MET W 274 14.17 31.64 -15.92
N LEU W 275 14.85 31.52 -17.05
CA LEU W 275 15.67 32.59 -17.60
C LEU W 275 14.84 33.29 -18.67
N ILE W 276 14.59 34.59 -18.46
CA ILE W 276 13.76 35.39 -19.34
C ILE W 276 14.62 36.49 -19.94
N ARG W 277 14.43 36.74 -21.22
CA ARG W 277 15.13 37.82 -21.91
C ARG W 277 14.21 39.03 -21.99
N ILE W 278 14.50 40.06 -21.21
CA ILE W 278 13.74 41.30 -21.26
C ILE W 278 14.09 42.03 -22.54
N LYS W 279 13.07 42.53 -23.22
CA LYS W 279 13.31 43.24 -24.47
C LYS W 279 14.16 44.48 -24.20
N PRO W 280 15.08 44.84 -25.10
CA PRO W 280 15.87 46.05 -24.87
C PRO W 280 15.02 47.30 -24.73
N ALA W 281 13.92 47.40 -25.48
CA ALA W 281 13.04 48.55 -25.37
C ALA W 281 12.43 48.64 -23.98
N ASP W 282 12.05 47.50 -23.41
CA ASP W 282 11.41 47.45 -22.10
C ASP W 282 12.40 47.36 -20.96
N MET W 283 13.70 47.32 -21.25
CA MET W 283 14.70 47.29 -20.19
C MET W 283 14.65 48.54 -19.31
N HIS W 284 14.06 49.63 -19.79
CA HIS W 284 14.02 50.86 -19.01
C HIS W 284 12.91 50.84 -17.97
N ARG W 285 11.97 49.90 -18.05
CA ARG W 285 10.91 49.78 -17.05
C ARG W 285 11.30 48.89 -15.88
N VAL W 286 12.51 48.32 -15.90
CA VAL W 286 12.91 47.38 -14.86
C VAL W 286 13.18 48.13 -13.57
N ILE W 287 12.61 47.63 -12.47
CA ILE W 287 12.91 48.12 -11.12
C ILE W 287 13.54 46.97 -10.36
N LYS W 288 14.67 47.23 -9.70
CA LYS W 288 15.49 46.19 -9.12
C LYS W 288 15.37 46.18 -7.60
N ARG W 289 15.59 45.01 -7.02
CA ARG W 289 15.49 44.80 -5.59
C ARG W 289 16.81 45.14 -4.90
N LYS W 290 16.75 45.32 -3.58
CA LYS W 290 17.96 45.57 -2.82
C LYS W 290 18.84 44.33 -2.83
N GLY W 291 20.12 44.51 -3.17
CA GLY W 291 21.04 43.39 -3.25
C GLY W 291 20.84 42.52 -4.47
N GLN W 292 19.95 42.91 -5.38
CA GLN W 292 19.73 42.17 -6.62
C GLN W 292 19.83 43.07 -7.84
N GLU W 293 20.44 44.25 -7.69
CA GLU W 293 20.53 45.19 -8.81
C GLU W 293 21.46 44.67 -9.89
N SER W 294 22.56 44.03 -9.49
CA SER W 294 23.53 43.50 -10.44
C SER W 294 23.30 42.03 -10.77
N PHE W 295 22.22 41.44 -10.27
CA PHE W 295 21.97 40.02 -10.53
C PHE W 295 21.75 39.76 -12.02
N ASN W 296 20.99 40.63 -12.70
CA ASN W 296 20.72 40.43 -14.10
C ASN W 296 21.99 40.60 -14.92
N PHE W 297 22.17 39.73 -15.91
CA PHE W 297 23.27 39.82 -16.86
C PHE W 297 22.74 40.52 -18.11
N GLY W 298 22.96 41.83 -18.18
CA GLY W 298 22.42 42.61 -19.28
C GLY W 298 20.90 42.59 -19.28
N GLU W 299 20.32 41.90 -20.25
CA GLU W 299 18.86 41.78 -20.35
C GLU W 299 18.39 40.36 -20.04
N LEU W 300 19.19 39.58 -19.33
CA LEU W 300 18.81 38.23 -18.90
C LEU W 300 18.48 38.27 -17.42
N PHE W 301 17.27 37.82 -17.07
CA PHE W 301 16.84 37.75 -15.68
C PHE W 301 16.49 36.32 -15.34
N ALA W 302 17.05 35.80 -14.25
CA ALA W 302 16.81 34.44 -13.82
C ALA W 302 16.00 34.47 -12.53
N TYR W 303 14.75 34.01 -12.60
CA TYR W 303 13.87 33.96 -11.45
C TYR W 303 13.48 32.51 -11.18
N THR W 304 13.43 32.13 -9.91
CA THR W 304 12.99 30.79 -9.57
C THR W 304 11.60 30.53 -10.15
N LYS W 305 11.41 29.33 -10.69
CA LYS W 305 10.09 28.95 -11.19
C LYS W 305 9.13 28.66 -10.04
N VAL W 306 9.64 28.21 -8.90
CA VAL W 306 8.76 27.82 -7.80
C VAL W 306 8.01 29.06 -7.32
N CYS W 307 6.69 28.99 -7.36
CA CYS W 307 5.86 30.08 -6.89
C CYS W 307 6.16 30.35 -5.41
N SER W 308 6.23 31.63 -5.05
CA SER W 308 6.48 32.00 -3.67
C SER W 308 5.36 31.61 -2.73
N HIS W 309 4.20 31.22 -3.26
CA HIS W 309 3.03 30.83 -2.48
C HIS W 309 2.72 29.36 -2.76
N LEU W 310 3.11 28.49 -1.84
CA LEU W 310 2.86 27.06 -1.87
C LEU W 310 3.70 26.31 -2.89
N GLY W 311 4.55 26.99 -3.66
CA GLY W 311 5.65 26.34 -4.33
C GLY W 311 5.36 25.69 -5.66
N CYS W 312 4.19 25.90 -6.25
CA CYS W 312 3.98 25.41 -7.61
C CYS W 312 4.88 26.19 -8.57
N PRO W 313 5.35 25.56 -9.64
CA PRO W 313 6.07 26.32 -10.66
C PRO W 313 5.20 27.43 -11.23
N SER W 314 5.83 28.57 -11.50
CA SER W 314 5.14 29.76 -11.98
C SER W 314 5.35 29.94 -13.48
N SER W 315 5.33 28.85 -14.23
CA SER W 315 5.89 28.78 -15.56
C SER W 315 5.23 29.70 -16.59
N LEU W 316 4.02 30.21 -16.33
CA LEU W 316 3.26 30.87 -17.39
C LEU W 316 3.82 32.28 -17.59
N TYR W 317 4.87 32.39 -18.40
CA TYR W 317 5.50 33.68 -18.64
C TYR W 317 4.79 34.39 -19.78
N GLU W 318 4.33 35.62 -19.53
CA GLU W 318 3.67 36.44 -20.52
C GLU W 318 4.57 37.61 -20.88
N GLN W 319 5.04 37.61 -22.13
CA GLN W 319 5.81 38.71 -22.69
C GLN W 319 4.87 39.77 -23.23
N GLN W 320 5.41 40.98 -23.40
CA GLN W 320 4.65 42.20 -23.72
C GLN W 320 3.78 42.62 -22.53
N THR W 321 3.76 41.80 -21.48
CA THR W 321 3.29 42.20 -20.17
C THR W 321 4.31 41.89 -19.09
N TYR W 322 5.27 41.01 -19.35
CA TYR W 322 6.31 40.66 -18.39
C TYR W 322 5.68 40.22 -17.07
N ARG W 323 4.77 39.26 -17.15
CA ARG W 323 4.09 38.75 -15.96
C ARG W 323 4.27 37.24 -15.90
N ILE W 324 4.86 36.78 -14.80
CA ILE W 324 5.06 35.36 -14.55
C ILE W 324 3.87 34.87 -13.75
N LEU W 325 2.97 34.15 -14.41
CA LEU W 325 1.74 33.67 -13.79
C LEU W 325 1.92 32.23 -13.34
N CYS W 326 1.36 31.91 -12.18
CA CYS W 326 1.37 30.57 -11.63
C CYS W 326 0.03 29.90 -11.91
N PRO W 327 -0.02 28.68 -12.45
CA PRO W 327 -1.31 28.08 -12.76
C PRO W 327 -2.04 27.52 -11.55
N CYS W 328 -1.32 27.18 -10.48
CA CYS W 328 -1.95 26.52 -9.35
C CYS W 328 -3.01 27.41 -8.70
N HIS W 329 -2.68 28.70 -8.50
CA HIS W 329 -3.60 29.60 -7.82
C HIS W 329 -3.64 30.99 -8.45
N GLN W 330 -3.19 31.13 -9.69
CA GLN W 330 -3.40 32.34 -10.48
C GLN W 330 -2.81 33.56 -9.78
N SER W 331 -1.50 33.52 -9.57
CA SER W 331 -0.74 34.64 -9.02
C SER W 331 0.24 35.13 -10.06
N GLN W 332 0.22 36.43 -10.33
CA GLN W 332 1.12 37.06 -11.29
C GLN W 332 2.25 37.75 -10.56
N PHE W 333 3.46 37.59 -11.06
CA PHE W 333 4.63 38.29 -10.55
C PHE W 333 5.19 39.19 -11.66
N ASP W 334 5.40 40.46 -11.34
CA ASP W 334 5.88 41.43 -12.32
C ASP W 334 7.37 41.19 -12.57
N ALA W 335 7.70 40.58 -13.70
CA ALA W 335 9.09 40.30 -14.01
C ALA W 335 9.90 41.57 -14.25
N LEU W 336 9.29 42.59 -14.84
CA LEU W 336 10.01 43.84 -15.09
C LEU W 336 10.59 44.38 -13.79
N GLU W 337 9.73 44.75 -12.85
CA GLU W 337 10.19 44.94 -11.49
C GLU W 337 10.70 43.61 -10.96
N PHE W 338 11.46 43.67 -9.87
CA PHE W 338 11.78 42.44 -9.17
C PHE W 338 10.51 41.62 -9.06
N ALA W 339 10.64 40.31 -9.17
CA ALA W 339 9.46 39.50 -9.48
C ALA W 339 8.49 39.50 -8.32
N LYS W 340 7.92 40.68 -8.04
CA LYS W 340 7.01 40.83 -6.91
C LYS W 340 5.59 40.48 -7.34
N PRO W 341 4.81 39.87 -6.46
CA PRO W 341 3.45 39.52 -6.86
C PRO W 341 2.56 40.75 -6.98
N ILE W 342 1.96 40.92 -8.16
CA ILE W 342 1.00 42.00 -8.39
C ILE W 342 -0.40 41.46 -8.57
N PHE W 343 -0.66 40.21 -8.17
CA PHE W 343 -2.00 39.65 -8.15
C PHE W 343 -1.93 38.26 -7.54
N GLY W 344 -3.06 37.81 -7.01
CA GLY W 344 -3.19 36.45 -6.56
C GLY W 344 -2.68 36.24 -5.16
N PRO W 345 -2.75 34.99 -4.68
CA PRO W 345 -2.41 34.72 -3.28
C PRO W 345 -0.98 35.06 -2.90
N ALA W 346 -0.05 35.08 -3.84
CA ALA W 346 1.35 35.30 -3.49
C ALA W 346 1.55 36.68 -2.90
N ALA W 347 2.44 36.78 -1.91
CA ALA W 347 2.78 38.03 -1.26
C ALA W 347 4.27 38.32 -1.24
N ARG W 348 5.11 37.35 -1.60
CA ARG W 348 6.56 37.53 -1.64
C ARG W 348 7.04 37.38 -3.07
N ALA W 349 8.11 38.10 -3.40
CA ALA W 349 8.65 38.04 -4.75
C ALA W 349 9.39 36.73 -5.00
N LEU W 350 9.46 36.33 -6.25
CA LEU W 350 10.25 35.17 -6.63
C LEU W 350 11.73 35.47 -6.45
N ALA W 351 12.46 34.50 -5.93
CA ALA W 351 13.89 34.66 -5.73
C ALA W 351 14.60 34.79 -7.07
N GLN W 352 15.50 35.77 -7.17
CA GLN W 352 16.20 36.06 -8.41
C GLN W 352 17.61 35.46 -8.33
N LEU W 353 17.94 34.62 -9.30
CA LEU W 353 19.25 34.00 -9.34
C LEU W 353 20.27 34.98 -9.93
N PRO W 354 21.44 35.15 -9.31
CA PRO W 354 22.48 35.95 -9.97
C PRO W 354 23.12 35.16 -11.10
N ILE W 355 23.15 35.76 -12.29
CA ILE W 355 23.66 35.07 -13.47
C ILE W 355 24.75 35.93 -14.12
N THR W 356 25.60 35.25 -14.87
CA THR W 356 26.67 35.88 -15.64
C THR W 356 27.06 34.90 -16.74
N ILE W 357 28.20 35.14 -17.37
CA ILE W 357 28.77 34.21 -18.34
C ILE W 357 30.18 33.87 -17.90
N ASP W 358 30.52 32.59 -17.95
CA ASP W 358 31.86 32.14 -17.60
C ASP W 358 32.76 32.21 -18.84
N GLU W 359 33.93 31.60 -18.76
CA GLU W 359 34.75 31.43 -19.94
C GLU W 359 33.99 30.59 -20.96
N ASP W 360 34.18 30.91 -22.24
CA ASP W 360 33.49 30.30 -23.38
C ASP W 360 32.11 30.89 -23.57
N GLY W 361 31.66 31.80 -22.70
CA GLY W 361 30.41 32.49 -22.92
C GLY W 361 29.17 31.77 -22.41
N TYR W 362 29.32 30.59 -21.82
CA TYR W 362 28.16 29.88 -21.31
C TYR W 362 27.59 30.58 -20.09
N LEU W 363 26.26 30.54 -19.96
CA LEU W 363 25.61 31.16 -18.81
C LEU W 363 25.87 30.35 -17.55
N VAL W 364 26.28 31.02 -16.48
CA VAL W 364 26.50 30.39 -15.19
C VAL W 364 25.88 31.27 -14.12
N ALA W 365 25.56 30.68 -12.98
CA ALA W 365 25.06 31.44 -11.85
C ALA W 365 26.21 32.18 -11.18
N ASN W 366 26.03 33.48 -10.95
CA ASN W 366 27.03 34.32 -10.31
C ASN W 366 26.90 34.32 -8.79
N GLY W 367 26.33 33.27 -8.23
CA GLY W 367 26.15 33.17 -6.79
C GLY W 367 24.97 32.28 -6.48
N ASP W 368 24.39 32.51 -5.32
CA ASP W 368 23.21 31.79 -4.85
C ASP W 368 22.11 32.79 -4.52
N PHE W 369 20.88 32.28 -4.42
CA PHE W 369 19.77 33.12 -4.01
C PHE W 369 20.07 33.77 -2.68
N VAL W 370 19.76 35.06 -2.57
CA VAL W 370 20.02 35.81 -1.34
C VAL W 370 18.91 35.56 -0.33
N GLU W 371 17.90 34.79 -0.72
CA GLU W 371 16.79 34.44 0.15
C GLU W 371 16.41 32.99 -0.12
N PRO W 372 15.77 32.32 0.84
CA PRO W 372 15.23 30.99 0.54
C PRO W 372 14.21 31.09 -0.57
N VAL W 373 14.23 30.10 -1.46
CA VAL W 373 13.63 30.23 -2.78
C VAL W 373 12.24 29.58 -2.85
N GLY W 374 12.04 28.48 -2.14
CA GLY W 374 10.76 27.81 -2.16
C GLY W 374 9.66 28.66 -1.57
N PRO W 375 8.51 28.05 -1.30
CA PRO W 375 7.45 28.77 -0.58
C PRO W 375 7.86 29.08 0.85
N ALA W 376 7.25 30.14 1.40
CA ALA W 376 7.66 30.63 2.70
C ALA W 376 7.23 29.67 3.80
N PHE W 377 7.82 29.88 4.97
CA PHE W 377 7.55 29.06 6.15
C PHE W 377 7.91 29.88 7.38
N TRP W 378 7.68 29.29 8.55
CA TRP W 378 7.78 30.04 9.79
C TRP W 378 9.15 30.66 9.96
N GLU W 379 10.22 29.88 9.74
CA GLU W 379 11.59 30.35 9.98
C GLU W 379 12.11 31.00 8.70
N ARG W 380 11.61 32.20 8.42
CA ARG W 380 11.94 32.90 7.20
C ARG W 380 11.95 34.41 7.47
N LYS W 381 12.61 35.14 6.57
CA LYS W 381 12.69 36.60 6.63
C LYS W 381 13.45 37.04 7.88
N SER W 382 14.67 36.51 8.01
CA SER W 382 15.54 36.89 9.12
C SER W 382 16.96 36.41 8.87
FE HEC X . 61.91 -12.02 5.30
CHA HEC X . 62.18 -14.70 7.40
CHB HEC X . 63.03 -13.90 2.67
CHC HEC X . 60.54 -9.72 3.15
CHD HEC X . 61.43 -9.88 7.94
NA HEC X . 62.55 -14.01 5.08
C1A HEC X . 62.58 -14.97 6.01
C2A HEC X . 63.05 -16.30 5.53
C3A HEC X . 63.29 -16.05 4.10
C4A HEC X . 62.93 -14.62 3.94
CMA HEC X . 63.79 -17.03 3.07
CAA HEC X . 63.21 -17.57 6.32
CBA HEC X . 64.56 -17.59 7.02
CGA HEC X . 64.70 -18.90 7.73
O1A HEC X . 64.02 -19.08 8.78
O2A HEC X . 65.47 -19.77 7.25
NB HEC X . 61.82 -11.83 3.22
C1B HEC X . 62.32 -12.66 2.29
C2B HEC X . 62.10 -12.26 0.88
C3B HEC X . 61.34 -11.01 1.09
C4B HEC X . 61.25 -10.86 2.54
CMB HEC X . 62.55 -13.00 -0.36
CAB HEC X . 60.75 -9.99 0.20
CBB HEC X . 60.83 -10.07 -1.28
NC HEC X . 61.10 -10.08 5.53
C1C HEC X . 60.59 -9.31 4.54
C2C HEC X . 60.08 -7.99 4.94
C3C HEC X . 60.32 -8.01 6.38
C4C HEC X . 60.96 -9.35 6.65
CMC HEC X . 59.46 -6.92 4.08
CAC HEC X . 59.94 -6.84 7.21
CBC HEC X . 60.12 -6.68 8.70
ND HEC X . 61.82 -12.25 7.37
C1D HEC X . 61.61 -11.31 8.30
C2D HEC X . 61.60 -11.81 9.70
C3D HEC X . 61.82 -13.25 9.54
C4D HEC X . 61.95 -13.40 8.07
CMD HEC X . 61.40 -11.03 10.97
CAD HEC X . 61.91 -14.31 10.62
CBD HEC X . 60.65 -15.17 10.63
CGD HEC X . 61.03 -16.52 10.06
O1D HEC X . 62.13 -17.00 10.37
O2D HEC X . 60.22 -17.10 9.30
HHA HEC X . 62.05 -15.48 7.96
HHB HEC X . 63.64 -14.26 2.00
HHC HEC X . 59.98 -9.20 2.56
HHD HEC X . 61.64 -9.23 8.64
HMA1 HEC X . 63.85 -16.58 2.21
HMA2 HEC X . 63.18 -17.77 2.99
HMA3 HEC X . 64.67 -17.36 3.32
HAA1 HEC X . 63.13 -18.34 5.73
HAA2 HEC X . 62.50 -17.65 6.98
HBA1 HEC X . 64.64 -16.85 7.64
HBA2 HEC X . 65.28 -17.48 6.37
HMB1 HEC X . 62.28 -12.51 -1.15
HMB2 HEC X . 62.16 -13.89 -0.36
HMB3 HEC X . 63.52 -13.08 -0.34
HAB HEC X . 60.28 -9.25 0.60
HBB1 HEC X . 60.36 -9.31 -1.67
HBB2 HEC X . 60.40 -10.89 -1.59
HBB3 HEC X . 61.75 -10.06 -1.56
HMC1 HEC X . 59.21 -6.17 4.64
HMC2 HEC X . 58.66 -7.28 3.65
HMC3 HEC X . 60.10 -6.64 3.41
HAC HEC X . 59.53 -6.10 6.75
HBC1 HEC X . 59.78 -5.81 8.97
HBC2 HEC X . 61.06 -6.74 8.92
HBC3 HEC X . 59.64 -7.37 9.16
HMD1 HEC X . 61.45 -11.63 11.73
HMD2 HEC X . 60.53 -10.61 10.96
HMD3 HEC X . 62.10 -10.36 11.06
HAD1 HEC X . 62.02 -13.88 11.48
HAD2 HEC X . 62.69 -14.87 10.46
HBD1 HEC X . 59.95 -14.76 10.08
HBD2 HEC X . 60.30 -15.26 11.52
FE HEC Y . 54.34 -26.91 10.39
CHA HEC Y . 54.14 -23.67 9.58
CHB HEC Y . 52.66 -27.84 7.60
CHC HEC Y . 55.91 -29.85 10.60
CHD HEC Y . 54.84 -26.21 13.66
NA HEC Y . 53.50 -25.87 8.78
C1A HEC Y . 53.48 -24.56 8.59
C2A HEC Y . 52.80 -24.10 7.35
C3A HEC Y . 52.38 -25.39 6.74
C4A HEC Y . 52.87 -26.39 7.72
CMA HEC Y . 51.62 -25.71 5.47
CAA HEC Y . 52.64 -22.67 6.88
CBA HEC Y . 51.71 -22.52 5.69
CGA HEC Y . 50.28 -22.37 6.16
O1A HEC Y . 49.97 -21.31 6.74
O2A HEC Y . 49.47 -23.30 5.94
NB HEC Y . 54.28 -28.64 9.25
C1B HEC Y . 53.55 -28.86 8.14
C2B HEC Y . 53.70 -30.20 7.53
C3B HEC Y . 54.70 -30.80 8.43
C4B HEC Y . 54.96 -29.77 9.46
CMB HEC Y . 53.01 -30.73 6.30
CAB HEC Y . 55.30 -32.16 8.36
CBB HEC Y . 54.91 -33.16 7.30
NC HEC Y . 55.25 -27.92 11.96
C1C HEC Y . 55.85 -29.12 11.89
C2C HEC Y . 56.43 -29.60 13.17
C3C HEC Y . 56.11 -28.50 14.09
C4C HEC Y . 55.39 -27.51 13.24
CMC HEC Y . 57.17 -30.87 13.50
CAC HEC Y . 56.49 -28.54 15.53
CBC HEC Y . 56.26 -27.46 16.57
ND HEC Y . 54.46 -25.15 11.49
C1D HEC Y . 54.67 -25.02 12.80
C2D HEC Y . 54.70 -23.62 13.28
C3D HEC Y . 54.49 -22.86 12.04
C4D HEC Y . 54.35 -23.91 11.02
CMD HEC Y . 54.92 -23.11 14.68
CAD HEC Y . 54.43 -21.37 11.86
CBD HEC Y . 55.66 -20.92 11.10
CGD HEC Y . 55.23 -20.38 9.76
O1D HEC Y . 56.01 -19.62 9.14
O2D HEC Y . 54.11 -20.70 9.33
HHA HEC Y . 54.45 -22.82 9.23
HHB HEC Y . 51.86 -28.15 7.13
HHC HEC Y . 56.66 -30.46 10.49
HHD HEC Y . 54.55 -26.13 14.58
HMA1 HEC Y . 51.52 -26.66 5.38
HMA2 HEC Y . 52.12 -25.35 4.71
HMA3 HEC Y . 50.75 -25.29 5.51
HAA1 HEC Y . 53.51 -22.32 6.65
HAA2 HEC Y . 52.29 -22.14 7.62
HBA1 HEC Y . 51.78 -23.29 5.10
HBA2 HEC Y . 51.97 -21.74 5.16
HMB1 HEC Y . 53.30 -31.65 6.14
HMB2 HEC Y . 53.23 -30.17 5.54
HMB3 HEC Y . 52.05 -30.73 6.45
HAB HEC Y . 55.97 -32.42 9.01
HBB1 HEC Y . 55.41 -33.98 7.43
HBB2 HEC Y . 55.09 -32.79 6.42
HBB3 HEC Y . 53.96 -33.35 7.38
HMC1 HEC Y . 57.42 -30.87 14.43
HMC2 HEC Y . 57.97 -30.94 12.95
HMC3 HEC Y . 56.59 -31.63 13.31
HAC HEC Y . 56.95 -29.33 15.84
HBC1 HEC Y . 56.62 -27.76 17.42
HBC2 HEC Y . 55.31 -27.30 16.66
HBC3 HEC Y . 56.70 -26.65 16.30
HMD1 HEC Y . 54.89 -22.13 14.68
HMD2 HEC Y . 55.78 -23.40 15.01
HMD3 HEC Y . 54.22 -23.45 15.26
HAD1 HEC Y . 54.38 -20.92 12.72
HAD2 HEC Y . 53.62 -21.12 11.38
HBD1 HEC Y . 56.26 -21.67 10.97
HBD2 HEC Y . 56.14 -20.26 11.59
P 9YF Z . 29.18 -15.00 21.53
O1 9YF Z . 30.62 -14.63 21.36
O2 9YF Z . 28.47 -15.25 20.06
O3 9YF Z . 30.23 -14.61 18.08
O4 9YF Z . 30.33 -16.17 15.83
C 9YF Z . 26.16 -14.61 22.45
O 9YF Z . 28.42 -13.73 22.27
C1 9YF Z . 27.34 -13.91 23.14
C10 9YF Z . 23.86 -10.73 22.26
C11 9YF Z . 23.94 -10.84 23.80
C12 9YF Z . 22.81 -11.70 24.40
C13 9YF Z . 22.78 -11.54 25.95
C14 9YF Z . 22.48 -12.85 26.72
C15 9YF Z . 21.09 -13.52 26.45
C16 9YF Z . 19.85 -12.61 26.58
C17 9YF Z . 18.63 -13.47 27.01
C18 9YF Z . 17.31 -12.81 26.60
C19 9YF Z . 16.16 -13.07 27.60
C2 9YF Z . 28.96 -16.26 19.23
C20 9YF Z . 14.84 -13.25 26.86
C21 9YF Z . 13.58 -13.09 27.70
C22 9YF Z . 12.47 -12.38 26.91
C23 9YF Z . 11.20 -12.27 27.74
C24 9YF Z . 25.73 -15.88 23.17
C25 9YF Z . 25.33 -18.17 22.93
C26 9YF Z . 24.27 -18.50 23.99
C27 9YF Z . 24.75 -18.15 25.42
C28 9YF Z . 23.89 -18.81 26.51
C29 9YF Z . 23.01 -17.86 27.30
C3 9YF Z . 29.34 -15.65 17.89
C30 9YF Z . 21.81 -17.34 26.50
C31 9YF Z . 20.79 -18.44 26.18
C32 9YF Z . 19.40 -17.75 26.19
C33 9YF Z . 18.28 -18.65 25.65
C34 9YF Z . 18.14 -19.95 26.47
C35 9YF Z . 16.96 -17.81 25.64
C36 9YF Z . 16.05 -18.08 24.42
C37 9YF Z . 15.05 -19.24 24.68
C38 9YF Z . 15.51 -20.49 23.97
C39 9YF Z . 15.10 -21.80 24.62
C4 9YF Z . 30.01 -16.73 17.06
C40 9YF Z . 15.79 -22.90 23.80
C41 9YF Z . 15.78 -24.19 24.57
C42 9YF Z . 14.95 -25.27 24.00
C43 9YF Z . 14.79 -26.38 25.05
C5 9YF Z . 29.07 -17.89 16.82
C6 9YF Z . 28.43 -18.44 18.08
C7 9YF Z . 27.91 -17.34 19.02
C8 9YF Z . 24.78 -12.91 21.44
C9 9YF Z . 25.03 -11.41 21.51
O10 9YF Z . 24.31 -13.36 20.45
O11 9YF Z . 25.41 -16.93 22.30
O12 9YF Z . 26.12 -18.99 22.63
O5 9YF Z . 29.82 -18.92 16.22
O6 9YF Z . 29.38 -19.23 18.74
O7 9YF Z . 27.61 -17.91 20.25
O8 9YF Z . 29.05 -16.25 22.36
O9 9YF Z . 25.06 -13.74 22.53
H2 9YF Z . 30.71 -14.46 17.29
H3 9YF Z . 30.63 -16.84 15.25
H4 9YF Z . 26.34 -14.84 21.41
H5 9YF Z . 27.00 -12.92 23.46
H6 9YF Z . 27.69 -14.41 24.03
H7 9YF Z . 23.84 -9.69 22.00
H8 9YF Z . 22.94 -11.19 21.92
H9 9YF Z . 24.90 -11.27 24.10
H10 9YF Z . 23.88 -9.84 24.21
H11 9YF Z . 22.98 -12.74 24.14
H12 9YF Z . 21.86 -11.37 24.03
H13 9YF Z . 22.05 -10.78 26.21
H14 9YF Z . 23.75 -11.21 26.29
H15 9YF Z . 22.53 -12.63 27.77
H16 9YF Z . 23.25 -13.57 26.49
H17 9YF Z . 21.10 -13.97 25.47
H18 9YF Z . 21.00 -14.29 27.19
H19 9YF Z . 19.66 -12.16 25.62
H20 9YF Z . 20.02 -11.85 27.32
H21 9YF Z . 18.68 -13.59 28.08
H22 9YF Z . 18.68 -14.46 26.53
H23 9YF Z . 17.04 -13.19 25.62
H24 9YF Z . 17.46 -11.75 26.53
H25 9YF Z . 16.36 -13.97 28.17
H26 9YF Z . 16.11 -12.21 28.26
H27 9YF Z . 29.85 -16.70 19.69
H28 9YF Z . 14.81 -12.57 26.03
H29 9YF Z . 14.84 -14.27 26.50
H30 9YF Z . 13.78 -12.54 28.61
H31 9YF Z . 13.23 -14.09 27.96
H32 9YF Z . 12.77 -11.37 26.64
H33 9YF Z . 12.26 -12.93 25.99
H34 9YF Z . 10.97 -13.23 28.20
H35 9YF Z . 10.38 -11.96 27.11
H36 9YF Z . 11.35 -11.53 28.52
H37 9YF Z . 26.48 -16.27 23.85
H38 9YF Z . 24.84 -15.61 23.73
H39 9YF Z . 24.05 -19.57 23.91
H40 9YF Z . 23.37 -17.95 23.76
H41 9YF Z . 25.77 -18.47 25.53
H42 9YF Z . 24.71 -17.08 25.56
H43 9YF Z . 24.58 -19.26 27.23
H44 9YF Z . 23.28 -19.62 26.10
H45 9YF Z . 23.59 -17.00 27.63
H46 9YF Z . 22.65 -18.37 28.18
H47 9YF Z . 28.44 -15.29 17.40
H48 9YF Z . 21.35 -16.60 27.12
H49 9YF Z . 22.13 -16.86 25.58
H50 9YF Z . 20.83 -19.22 26.93
H51 9YF Z . 20.98 -18.86 25.20
H52 9YF Z . 19.50 -16.87 25.55
H53 9YF Z . 19.14 -17.43 27.19
H54 9YF Z . 18.54 -18.93 24.65
H55 9YF Z . 18.75 -20.71 26.00
H56 9YF Z . 18.48 -19.78 27.49
H57 9YF Z . 17.12 -20.28 26.51
H58 9YF Z . 16.44 -17.97 26.57
H59 9YF Z . 17.20 -16.74 25.60
H60 9YF Z . 15.49 -17.17 24.23
H61 9YF Z . 16.63 -18.25 23.52
H62 9YF Z . 14.91 -19.45 25.73
H63 9YF Z . 14.10 -19.00 24.24
H64 9YF Z . 15.05 -20.45 22.99
H65 9YF Z . 16.58 -20.46 23.94
H66 9YF Z . 15.43 -21.77 25.66
H67 9YF Z . 14.01 -21.91 24.58
H68 9YF Z . 30.91 -17.08 17.54
H69 9YF Z . 16.83 -22.67 23.63
H70 9YF Z . 15.28 -23.02 22.84
H71 9YF Z . 16.79 -24.54 24.75
H72 9YF Z . 15.22 -23.96 25.44
H73 9YF Z . 15.34 -25.62 23.05
H74 9YF Z . 14.02 -24.73 23.89
H75 9YF Z . 14.37 -25.99 25.96
H76 9YF Z . 15.76 -26.83 25.26
H77 9YF Z . 14.10 -27.14 24.72
H78 9YF Z . 28.28 -17.58 16.13
H79 9YF Z . 27.59 -19.06 17.80
H80 9YF Z . 27.02 -16.90 18.60
H81 9YF Z . 25.07 -11.01 20.51
H82 9YF Z . 25.97 -11.21 22.01
H83 9YF Z . 29.32 -19.30 15.52
H84 9YF Z . 29.16 -19.27 19.65
H85 9YF Z . 27.21 -17.26 20.80
C5 MQ9 AA . 6.01 -27.14 19.65
C5M MQ9 AA . 4.59 -27.57 20.12
C4 MQ9 AA . 6.17 -26.30 18.39
O4 MQ9 AA . 5.22 -25.99 17.76
C3 MQ9 AA . 7.59 -25.86 17.92
C2 MQ9 AA . 8.75 -26.23 18.68
C1 MQ9 AA . 8.58 -27.10 19.99
O1 MQ9 AA . 9.55 -27.41 20.62
C6 MQ9 AA . 7.21 -27.53 20.46
C3A MQ9 AA . 7.76 -25.09 16.75
C3B MQ9 AA . 9.05 -24.69 16.34
C3C MQ9 AA . 10.19 -25.07 17.10
C3D MQ9 AA . 10.03 -25.83 18.27
C7 MQ9 AA . 7.06 -28.39 21.75
C8 MQ9 AA . 6.41 -27.66 22.95
C9 MQ9 AA . 7.10 -26.84 23.74
C10 MQ9 AA . 8.59 -26.55 23.48
C11 MQ9 AA . 6.39 -26.13 24.97
C12 MQ9 AA . 5.46 -24.99 24.49
C13 MQ9 AA . 4.05 -25.59 24.15
C14 MQ9 AA . 3.12 -25.82 25.11
C15 MQ9 AA . 3.40 -25.49 26.58
C16 MQ9 AA . 1.72 -26.42 24.71
C17 MQ9 AA . 1.91 -27.69 23.83
C18 MQ9 AA . 1.61 -27.33 22.37
C19 MQ9 AA . 0.44 -27.65 21.74
C20 MQ9 AA . -0.72 -28.44 22.46
C21 MQ9 AA . 0.26 -27.20 20.26
C22 MQ9 AA . 0.50 -28.38 19.24
C23 MQ9 AA . 0.27 -27.76 17.78
C24 MQ9 AA . -0.94 -27.68 17.24
C25 MQ9 AA . -2.17 -28.13 17.95
C26 MQ9 AA . -1.07 -27.02 15.79
C27 MQ9 AA . -1.29 -27.98 14.60
C28 MQ9 AA . -1.71 -27.02 13.41
C29 MQ9 AA . -1.39 -27.22 12.08
C30 MQ9 AA . -1.89 -26.17 11.06
C31 MQ9 AA . -0.55 -28.43 11.50
C32 MQ9 AA . -1.55 -29.27 10.64
C33 MQ9 AA . -1.09 -30.74 10.46
C34 MQ9 AA . -1.16 -31.63 11.48
C35 MQ9 AA . -1.65 -31.24 12.86
C36 MQ9 AA . -0.70 -33.04 11.22
C37 MQ9 AA . -1.91 -34.05 11.20
C38 MQ9 AA . -3.29 -33.35 11.04
C39 MQ9 AA . -4.23 -33.40 10.05
C40 MQ9 AA . -4.09 -34.20 8.75
C41 MQ9 AA . -5.58 -32.61 10.09
C42 MQ9 AA . -6.71 -33.54 10.60
C43 MQ9 AA . -6.46 -33.91 12.11
C44 MQ9 AA . -7.37 -33.63 13.10
C45 MQ9 AA . -8.70 -32.95 12.84
C46 MQ9 AA . -7.03 -34.01 14.57
C47 MQ9 AA . -6.80 -32.71 15.43
C48 MQ9 AA . -5.38 -32.16 15.21
C49 MQ9 AA . -4.71 -31.49 16.19
C50 MQ9 AA . -3.32 -31.00 15.88
C51 MQ9 AA . -5.31 -31.22 17.59
H5M3 MQ9 AA . 4.03 -26.70 20.45
H5M2 MQ9 AA . 4.68 -28.28 20.95
H5M1 MQ9 AA . 4.06 -28.05 19.29
H3A MQ9 AA . 6.89 -24.78 16.19
H3B MQ9 AA . 9.17 -24.10 15.44
H3C MQ9 AA . 11.19 -24.79 16.76
H3D MQ9 AA . 10.91 -26.13 18.85
H72 MQ9 AA . 6.45 -29.26 21.51
H71 MQ9 AA . 8.04 -28.72 22.05
H8 MQ9 AA . 5.36 -27.83 23.17
H103 MQ9 AA . 9.03 -26.07 24.36
H102 MQ9 AA . 9.12 -27.48 23.28
H101 MQ9 AA . 8.70 -25.87 22.63
H112 MQ9 AA . 5.80 -26.87 25.51
H111 MQ9 AA . 7.14 -25.72 25.64
H121 MQ9 AA . 5.36 -24.25 25.28
H122 MQ9 AA . 5.88 -24.54 23.60
H13 MQ9 AA . 3.81 -25.84 23.12
H153 MQ9 AA . 3.80 -24.47 26.65
H152 MQ9 AA . 2.47 -25.56 27.16
H151 MQ9 AA . 4.13 -26.18 26.98
H162 MQ9 AA . 1.17 -26.68 25.62
H161 MQ9 AA . 1.16 -25.68 24.16
H172 MQ9 AA . 2.94 -28.05 23.92
H171 MQ9 AA . 1.22 -28.47 24.17
H18 MQ9 AA . 2.36 -26.78 21.81
H203 MQ9 AA . -0.36 -29.45 22.72
H202 MQ9 AA . -1.02 -27.92 23.36
H201 MQ9 AA . -1.57 -28.53 21.77
H212 MQ9 AA . -0.75 -26.82 20.12
H211 MQ9 AA . 0.98 -26.41 20.03
H222 MQ9 AA . -0.23 -29.17 19.43
H221 MQ9 AA . 1.51 -28.76 19.34
H23 MQ9 AA . 1.13 -27.41 17.23
H253 MQ9 AA . -2.04 -29.14 18.30
H252 MQ9 AA . -2.37 -27.46 18.81
H251 MQ9 AA . -3.02 -28.09 17.27
H262 MQ9 AA . -0.17 -26.45 15.60
H261 MQ9 AA . -1.91 -26.31 15.80
H272 MQ9 AA . -2.07 -28.68 14.83
H271 MQ9 AA . -0.35 -28.50 14.36
H28 MQ9 AA . -2.31 -26.13 13.65
H303 MQ9 AA . -2.97 -26.32 10.89
H302 MQ9 AA . -1.72 -25.17 11.47
H301 MQ9 AA . -1.35 -26.29 10.13
H312 MQ9 AA . 0.27 -28.07 10.88
H311 MQ9 AA . -0.17 -29.03 12.32
H321 MQ9 AA . -1.63 -28.82 9.66
H322 MQ9 AA . -2.52 -29.26 11.12
H33 MQ9 AA . -0.72 -31.06 9.49
H353 MQ9 AA . -0.90 -30.66 13.37
H352 MQ9 AA . -1.87 -32.16 13.43
H351 MQ9 AA . -2.57 -30.65 12.77
H362 MQ9 AA . -0.01 -33.35 12.00
H361 MQ9 AA . -0.20 -33.09 10.26
H372 MQ9 AA . -1.91 -34.61 12.13
H371 MQ9 AA . -1.77 -34.75 10.36
H38 MQ9 AA . -3.70 -33.63 12.02
H403 MQ9 AA . -3.21 -33.87 8.21
H402 MQ9 AA . -4.98 -34.05 8.14
H401 MQ9 AA . -4.00 -35.27 8.99
H412 MQ9 AA . -5.82 -32.25 9.09
H411 MQ9 AA . -5.47 -31.76 10.77
H422 MQ9 AA . -6.72 -34.47 10.00
H421 MQ9 AA . -7.67 -33.04 10.49
H43 MQ9 AA . -5.52 -34.39 12.38
H453 MQ9 AA . -8.53 -31.91 12.59
H452 MQ9 AA . -9.32 -33.02 13.72
H451 MQ9 AA . -9.20 -33.45 11.99
H462 MQ9 AA . -6.11 -34.62 14.59
H461 MQ9 AA . -7.85 -34.59 14.99
H472 MQ9 AA . -7.54 -31.95 15.12
H471 MQ9 AA . -6.94 -32.94 16.48
H48 MQ9 AA . -4.90 -32.31 14.26
H503 MQ9 AA . -2.83 -30.66 16.80
H502 MQ9 AA . -3.38 -30.16 15.17
H501 MQ9 AA . -2.74 -31.80 15.44
H513 MQ9 AA . -5.69 -32.15 18.01
H512 MQ9 AA . -6.14 -30.51 17.50
H511 MQ9 AA . -4.54 -30.80 18.25
CU CU BA . 39.99 -54.36 40.77
FE HEA CA . 38.79 -57.88 39.38
CHA HEA CA . 40.40 -56.27 36.84
CHB HEA CA . 41.78 -58.65 40.78
CHC HEA CA . 37.19 -59.48 41.91
CHD HEA CA . 35.82 -57.10 37.97
NA HEA CA . 40.67 -57.54 38.92
C1A HEA CA . 41.15 -56.85 37.83
C2A HEA CA . 42.63 -56.77 37.76
C3A HEA CA . 43.01 -57.49 38.96
C4A HEA CA . 41.77 -57.94 39.62
CMA HEA CA . 44.39 -57.76 39.47
OMA HEA CA . 45.33 -57.32 38.82
CAA HEA CA . 43.53 -56.11 36.75
CBA HEA CA . 43.89 -57.05 35.62
CGA HEA CA . 44.55 -56.24 34.53
O1A HEA CA . 45.75 -56.42 34.30
O2A HEA CA . 43.85 -55.40 33.93
NB HEA CA . 39.36 -58.86 41.01
C1B HEA CA . 40.64 -59.08 41.42
C2B HEA CA . 40.70 -59.86 42.69
C3B HEA CA . 39.32 -60.12 43.04
C4B HEA CA . 38.56 -59.46 41.95
CMB HEA CA . 41.99 -60.23 43.36
NC HEA CA . 36.90 -58.22 39.84
C1C HEA CA . 36.43 -58.90 40.93
C2C HEA CA . 34.93 -58.97 40.98
C3C HEA CA . 34.53 -58.25 39.79
C4C HEA CA . 35.80 -57.82 39.14
CMC HEA CA . 34.23 -59.69 42.11
CAC HEA CA . 33.17 -57.96 39.21
CBC HEA CA . 32.05 -58.43 39.72
ND HEA CA . 38.23 -56.89 37.76
C1D HEA CA . 36.96 -56.68 37.35
C2D HEA CA . 36.90 -55.91 36.09
C3D HEA CA . 38.26 -55.62 35.69
C4D HEA CA . 39.03 -56.28 36.80
CMD HEA CA . 35.58 -55.56 35.45
CAD HEA CA . 38.53 -54.83 34.42
CBD HEA CA . 39.96 -54.69 33.93
CGD HEA CA . 39.95 -53.87 32.66
O1D HEA CA . 40.66 -52.84 32.62
O2D HEA CA . 39.26 -54.25 31.67
C11 HEA CA . 38.78 -60.85 44.24
O11 HEA CA . 38.12 -59.88 45.08
C12 HEA CA . 37.82 -62.03 44.07
C13 HEA CA . 38.32 -63.08 43.10
C14 HEA CA . 39.57 -63.74 43.62
C15 HEA CA . 39.57 -64.69 44.59
C16 HEA CA . 38.33 -65.22 45.29
C17 HEA CA . 38.36 -66.74 45.44
C18 HEA CA . 38.88 -67.11 46.81
C19 HEA CA . 38.75 -68.35 47.31
C20 HEA CA . 39.31 -68.65 48.68
C21 HEA CA . 40.49 -69.61 48.55
C22 HEA CA . 41.37 -69.19 47.40
C23 HEA CA . 42.47 -68.42 47.55
C24 HEA CA . 42.89 -67.90 48.89
C25 HEA CA . 43.27 -68.07 46.33
C26 HEA CA . 40.93 -65.20 44.95
C27 HEA CA . 38.06 -69.44 46.54
HHA HEA CA . 40.87 -55.81 36.13
HHB HEA CA . 42.64 -58.87 41.19
HHC HEA CA . 36.73 -59.94 42.63
HHD HEA CA . 34.96 -56.87 37.57
HMA HEA CA . 44.53 -58.26 40.28
HAA1 HEA CA . 44.34 -55.79 37.18
HAA2 HEA CA . 43.08 -55.32 36.39
HBA1 HEA CA . 43.10 -57.50 35.28
HBA2 HEA CA . 44.50 -57.74 35.93
HMB1 HEA CA . 41.81 -60.73 44.18
HMB2 HEA CA . 42.48 -59.43 43.60
HMB3 HEA CA . 42.54 -60.77 42.77
HMC1 HEA CA . 33.27 -59.64 41.99
HMC2 HEA CA . 34.47 -59.27 42.96
HMC3 HEA CA . 34.50 -60.62 42.12
HAC HEA CA . 33.11 -57.39 38.43
HBC1 HEA CA . 32.08 -59.00 40.51
HBC2 HEA CA . 31.20 -58.22 39.31
HMD1 HEA CA . 35.74 -55.05 34.64
HMD2 HEA CA . 35.05 -55.02 36.07
HMD3 HEA CA . 35.10 -56.37 35.24
HAD1 HEA CA . 38.18 -53.92 34.56
HAD2 HEA CA . 38.01 -55.23 33.71
HBD1 HEA CA . 40.34 -55.58 33.76
HBD2 HEA CA . 40.51 -54.27 34.60
H11 HEA CA . 39.58 -61.28 44.60
HO1 HEA CA . 37.81 -60.28 45.76
H121 HEA CA . 36.96 -61.70 43.77
H122 HEA CA . 37.68 -62.45 44.93
H131 HEA CA . 38.50 -62.67 42.24
H132 HEA CA . 37.62 -63.75 42.95
H14 HEA CA . 40.42 -63.47 43.25
H161 HEA CA . 37.54 -64.95 44.79
H162 HEA CA . 38.25 -64.80 46.16
H171 HEA CA . 38.91 -67.13 44.74
H172 HEA CA . 37.46 -67.10 45.33
H18 HEA CA . 39.34 -66.44 47.34
H201 HEA CA . 38.62 -69.03 49.25
H202 HEA CA . 39.60 -67.83 49.11
H211 HEA CA . 40.16 -70.52 48.42
H212 HEA CA . 40.99 -69.62 49.38
H22 HEA CA . 41.14 -69.50 46.51
H241 HEA CA . 43.69 -67.37 48.79
H242 HEA CA . 43.08 -68.64 49.49
H243 HEA CA . 42.18 -67.35 49.27
H251 HEA CA . 44.02 -67.51 46.59
H252 HEA CA . 42.71 -67.59 45.71
H253 HEA CA . 43.59 -68.88 45.92
H261 HEA CA . 40.86 -65.87 45.65
H262 HEA CA . 41.48 -64.46 45.27
H263 HEA CA . 41.36 -65.59 44.17
H271 HEA CA . 38.06 -70.25 47.06
H272 HEA CA . 38.52 -69.59 45.71
H273 HEA CA . 37.14 -69.17 46.35
FE HEA DA . 32.24 -58.61 27.43
CHA HEA DA . 35.12 -56.97 26.75
CHB HEA DA . 32.69 -60.51 24.64
CHC HEA DA . 29.37 -60.24 28.13
CHD HEA DA . 31.86 -56.69 30.20
NA HEA DA . 33.60 -58.72 26.00
C1A HEA DA . 34.72 -57.96 25.90
C2A HEA DA . 35.56 -58.25 24.72
C3A HEA DA . 34.83 -59.31 24.10
C4A HEA DA . 33.62 -59.57 24.93
CMA HEA DA . 35.27 -59.98 22.86
OMA HEA DA . 34.63 -60.88 22.35
CAA HEA DA . 36.86 -57.66 24.25
CBA HEA DA . 36.59 -56.61 23.20
CGA HEA DA . 37.94 -56.12 22.77
O1A HEA DA . 38.27 -56.21 21.58
O2A HEA DA . 38.69 -55.66 23.67
NB HEA DA . 31.24 -60.08 26.56
C1B HEA DA . 31.57 -60.74 25.41
C2B HEA DA . 30.58 -61.79 25.07
C3B HEA DA . 29.58 -61.71 26.10
C4B HEA DA . 30.06 -60.62 27.00
CMB HEA DA . 30.70 -62.66 23.85
NC HEA DA . 30.89 -58.49 28.87
C1C HEA DA . 29.76 -59.25 28.99
C2C HEA DA . 28.96 -58.90 30.21
C3C HEA DA . 29.72 -57.83 30.83
C4C HEA DA . 30.90 -57.63 29.93
CMC HEA DA . 27.67 -59.64 30.49
CAC HEA DA . 29.49 -57.01 32.05
CBC HEA DA . 28.43 -57.12 32.83
ND HEA DA . 33.26 -57.16 28.28
C1D HEA DA . 32.95 -56.49 29.42
C2D HEA DA . 33.96 -55.45 29.75
C3D HEA DA . 34.96 -55.53 28.72
C4D HEA DA . 34.43 -56.61 27.85
CMD HEA DA . 33.82 -54.58 30.96
CAD HEA DA . 36.21 -54.68 28.58
CBD HEA DA . 35.81 -53.43 27.80
CGD HEA DA . 37.00 -52.53 27.60
O1D HEA DA . 38.14 -52.99 27.82
O2D HEA DA . 36.80 -51.36 27.21
C11 HEA DA . 28.32 -62.49 26.31
O11 HEA DA . 28.16 -62.98 27.64
C12 HEA DA . 27.19 -61.55 25.92
C13 HEA DA . 25.84 -62.25 25.81
C14 HEA DA . 25.13 -61.75 24.56
C15 HEA DA . 23.84 -61.37 24.54
C16 HEA DA . 23.21 -60.89 23.26
C17 HEA DA . 22.20 -61.91 22.77
C18 HEA DA . 20.86 -61.25 22.53
C19 HEA DA . 20.42 -60.86 21.32
C20 HEA DA . 19.07 -60.21 21.19
C21 HEA DA . 19.21 -58.75 20.77
C22 HEA DA . 17.90 -58.03 21.01
C23 HEA DA . 17.83 -56.70 21.10
C24 HEA DA . 19.05 -55.83 20.95
C25 HEA DA . 16.50 -56.04 21.34
C26 HEA DA . 22.98 -61.37 25.77
C27 HEA DA . 21.24 -61.05 20.07
HHA HEA DA . 35.95 -56.50 26.55
HHB HEA DA . 32.82 -61.06 23.84
HHC HEA DA . 28.55 -60.72 28.32
HHD HEA DA . 31.75 -56.14 30.99
HMA HEA DA . 36.09 -59.69 22.43
HAA1 HEA DA . 37.43 -58.36 23.88
HAA2 HEA DA . 37.34 -57.27 24.99
HBA1 HEA DA . 36.06 -55.89 23.56
HBA2 HEA DA . 36.10 -56.98 22.45
HMB1 HEA DA . 29.94 -63.28 23.81
HMB2 HEA DA . 31.53 -63.17 23.90
HMB3 HEA DA . 30.70 -62.12 23.05
HMC1 HEA DA . 27.28 -59.30 31.32
HMC2 HEA DA . 27.86 -60.59 30.61
HMC3 HEA DA . 27.06 -59.53 29.76
HAC HEA DA . 30.16 -56.35 32.30
HBC1 HEA DA . 27.74 -57.77 32.61
HBC2 HEA DA . 28.34 -56.56 33.61
HMD1 HEA DA . 34.57 -53.97 31.01
HMD2 HEA DA . 33.80 -55.14 31.76
HMD3 HEA DA . 32.99 -54.08 30.90
HAD1 HEA DA . 36.90 -55.17 28.12
HAD2 HEA DA . 36.54 -54.44 29.45
HBD1 HEA DA . 35.11 -52.95 28.27
HBD2 HEA DA . 35.44 -53.68 26.94
H11 HEA DA . 28.36 -63.29 25.77
HO1 HEA DA . 27.45 -62.66 27.98
H121 HEA DA . 27.39 -61.15 25.06
H122 HEA DA . 27.12 -60.83 26.56
H131 HEA DA . 25.30 -62.07 26.59
H132 HEA DA . 25.96 -63.21 25.77
H14 HEA DA . 25.63 -61.71 23.73
H161 HEA DA . 23.90 -60.74 22.59
H162 HEA DA . 22.78 -60.03 23.40
H171 HEA DA . 22.11 -62.62 23.42
H172 HEA DA . 22.51 -62.32 21.94
H18 HEA DA . 20.27 -61.09 23.30
H201 HEA DA . 18.59 -60.27 22.03
H202 HEA DA . 18.54 -60.69 20.53
H211 HEA DA . 19.45 -58.70 19.83
H212 HEA DA . 19.93 -58.33 21.27
H22 HEA DA . 17.08 -58.55 21.11
H241 HEA DA . 18.81 -54.90 21.04
H242 HEA DA . 19.45 -55.98 20.07
H243 HEA DA . 19.70 -56.06 21.63
H251 HEA DA . 16.60 -55.08 21.38
H252 HEA DA . 16.13 -56.36 22.19
H253 HEA DA . 15.89 -56.27 20.62
H261 HEA DA . 22.09 -61.06 25.55
H262 HEA DA . 23.37 -60.79 26.44
H263 HEA DA . 22.92 -62.27 26.12
H271 HEA DA . 20.75 -60.70 19.31
H272 HEA DA . 21.42 -61.99 19.95
H273 HEA DA . 22.08 -60.56 20.16
C1 CDL EA . -1.73 -53.76 30.44
O1 CDL EA . -2.66 -54.29 29.51
CA2 CDL EA . -1.90 -54.44 31.78
OA2 CDL EA . -0.85 -54.05 32.70
PA1 CDL EA . 0.36 -55.05 33.03
OA3 CDL EA . 0.04 -56.52 32.97
OA4 CDL EA . 0.98 -54.49 34.27
OA5 CDL EA . 1.35 -54.91 31.78
CA3 CDL EA . 1.71 -56.11 31.05
CA4 CDL EA . 3.21 -56.24 30.88
OA6 CDL EA . 3.59 -57.60 31.22
CA5 CDL EA . 4.20 -58.36 30.30
OA7 CDL EA . 3.58 -59.09 29.56
C11 CDL EA . 5.70 -58.24 30.32
C12 CDL EA . 6.40 -59.29 29.54
C13 CDL EA . 7.91 -59.28 29.76
C14 CDL EA . 8.72 -59.49 28.51
C15 CDL EA . 10.00 -60.26 28.72
C16 CDL EA . 11.10 -59.49 29.43
C17 CDL EA . 12.39 -60.26 29.62
CA6 CDL EA . 4.02 -55.25 31.69
OA8 CDL EA . 4.01 -55.65 33.07
CA7 CDL EA . 4.57 -54.80 33.93
OA9 CDL EA . 4.07 -54.49 34.98
C31 CDL EA . 5.86 -54.25 33.43
C32 CDL EA . 6.27 -53.00 34.12
C33 CDL EA . 7.67 -52.55 33.75
C34 CDL EA . 8.06 -52.88 32.34
C35 CDL EA . 8.44 -51.69 31.52
C36 CDL EA . 9.46 -50.78 32.16
C37 CDL EA . 9.87 -49.63 31.29
C38 CDL EA . 9.44 -48.28 31.79
C39 CDL EA . 10.20 -47.12 31.19
C40 CDL EA . 9.46 -46.41 30.09
C41 CDL EA . 8.01 -46.80 29.96
C42 CDL EA . 7.03 -45.65 30.11
CB2 CDL EA . -1.97 -52.27 30.50
OB2 CDL EA . -1.75 -51.74 29.18
PB2 CDL EA . -0.70 -50.56 29.01
OB3 CDL EA . -1.39 -49.32 29.49
OB4 CDL EA . 0.60 -51.00 29.59
OB5 CDL EA . -0.26 -50.52 27.47
CB3 CDL EA . 0.67 -51.54 26.99
CB4 CDL EA . 1.99 -50.93 26.57
OB6 CDL EA . 2.84 -51.92 25.94
CB5 CDL EA . 2.73 -52.17 24.62
OB7 CDL EA . 1.76 -52.69 24.13
C51 CDL EA . 3.94 -51.79 23.84
C52 CDL EA . 5.22 -52.30 24.43
C53 CDL EA . 5.86 -51.30 25.37
C54 CDL EA . 7.36 -51.27 25.34
C55 CDL EA . 7.96 -51.97 24.14
C56 CDL EA . 8.49 -51.05 23.08
C57 CDL EA . 9.94 -50.68 23.25
C58 CDL EA . 10.85 -51.25 22.21
C59 CDL EA . 10.84 -52.75 22.12
C60 CDL EA . 11.68 -53.44 23.18
C61 CDL EA . 12.90 -52.67 23.57
C62 CDL EA . 14.14 -53.52 23.73
C63 CDL EA . 15.40 -52.87 23.21
C64 CDL EA . 15.31 -52.40 21.79
CB6 CDL EA . 2.77 -50.33 27.72
OB8 CDL EA . 3.05 -48.95 27.41
CB7 CDL EA . 4.33 -48.59 27.49
OB9 CDL EA . 4.99 -48.72 28.48
C71 CDL EA . 4.81 -48.02 26.18
C72 CDL EA . 3.77 -48.03 25.11
C73 CDL EA . 4.29 -48.56 23.79
C74 CDL EA . 5.00 -47.53 22.93
C75 CDL EA . 6.30 -47.99 22.35
C76 CDL EA . 7.37 -46.93 22.29
C77 CDL EA . 7.69 -46.30 23.62
C78 CDL EA . 7.20 -44.87 23.77
C79 CDL EA . 7.88 -43.87 22.86
C80 CDL EA . 9.39 -44.01 22.81
C81 CDL EA . 9.95 -44.24 21.43
FE1 FES FA . 13.97 -28.79 -2.83
FE2 FES FA . 16.29 -28.08 -4.00
S1 FES FA . 15.77 -30.02 -3.11
S2 FES FA . 14.59 -26.78 -3.48
N 9Y0 GA . 41.44 -13.31 28.02
C 9Y0 GA . 37.46 -17.44 30.88
O 9Y0 GA . 38.81 -18.26 25.88
C1 9Y0 GA . 37.13 -18.60 29.94
C10 9Y0 GA . 33.54 -20.32 36.56
C11 9Y0 GA . 32.58 -21.53 36.67
C12 9Y0 GA . 33.31 -22.90 36.37
C13 9Y0 GA . 32.59 -24.04 37.14
C14 9Y0 GA . 32.57 -25.33 36.68
C15 9Y0 GA . 33.26 -25.71 35.34
C16 9Y0 GA . 33.05 -27.23 35.06
C17 9Y0 GA . 32.84 -27.53 33.54
C18 9Y0 GA . 32.49 -29.02 33.28
C19 9Y0 GA . 31.99 -29.28 31.82
C2 9Y0 GA . 37.55 -18.24 28.52
C20 9Y0 GA . 30.71 -28.52 31.43
C21 9Y0 GA . 35.41 -20.21 29.99
C22 9Y0 GA . 34.61 -20.76 31.19
C23 9Y0 GA . 33.16 -21.15 30.81
C24 9Y0 GA . 32.67 -22.38 31.57
C25 9Y0 GA . 31.14 -22.36 31.85
C26 9Y0 GA . 30.68 -23.63 32.58
C27 9Y0 GA . 29.16 -23.64 32.86
C28 9Y0 GA . 28.71 -24.95 33.53
C29 9Y0 GA . 27.18 -25.08 33.61
C3 9Y0 GA . 40.36 -15.50 28.09
C30 9Y0 GA . 26.70 -26.53 33.42
C31 9Y0 GA . 25.28 -26.77 33.98
C32 9Y0 GA . 25.13 -28.18 34.58
C33 9Y0 GA . 25.38 -29.28 33.54
C34 9Y0 GA . 24.96 -30.65 34.05
C35 9Y0 GA . 25.63 -31.77 33.26
C36 9Y0 GA . 25.01 -33.14 33.55
C37 9Y0 GA . 29.60 -28.49 32.52
C38 9Y0 GA . 29.13 -29.89 32.94
C4 9Y0 GA . 40.18 -14.00 27.86
C5 9Y0 GA . 37.33 -18.58 32.95
C6 9Y0 GA . 37.00 -17.84 34.29
C7 9Y0 GA . 36.16 -18.73 35.25
C8 9Y0 GA . 34.64 -18.61 34.96
C9 9Y0 GA . 33.89 -19.97 35.07
O1 9Y0 GA . 39.92 -16.18 26.93
O2 9Y0 GA . 41.02 -18.52 26.93
O3 9Y0 GA . 38.96 -18.21 28.46
O4 9Y0 GA . 36.89 -19.65 32.74
O5 9Y0 GA . 38.17 -17.96 32.00
O6 9Y0 GA . 35.71 -20.92 29.10
O7 9Y0 GA . 35.77 -18.85 29.97
P 9Y0 GA . 39.68 -17.81 27.02
H1 9Y0 GA . 41.64 -12.79 27.19
H2 9Y0 GA . 41.38 -12.68 28.81
H4 9Y0 GA . 38.08 -16.70 30.37
H5 9Y0 GA . 36.54 -16.96 31.22
H6 9Y0 GA . 37.66 -19.50 30.26
H7 9Y0 GA . 34.47 -20.56 37.10
H8 9Y0 GA . 33.07 -19.45 37.02
H9 9Y0 GA . 32.17 -21.57 37.68
H10 9Y0 GA . 31.77 -21.40 35.95
H11 9Y0 GA . 33.27 -23.11 35.30
H12 9Y0 GA . 34.36 -22.83 36.69
H13 9Y0 GA . 32.10 -23.82 38.08
H14 9Y0 GA . 32.05 -26.09 37.26
H15 9Y0 GA . 34.33 -25.51 35.41
H16 9Y0 GA . 32.84 -25.13 34.53
H17 9Y0 GA . 32.15 -27.57 35.61
H18 9Y0 GA . 33.92 -27.79 35.42
H19 9Y0 GA . 32.02 -26.90 33.16
H20 9Y0 GA . 33.76 -27.28 33.00
H21 9Y0 GA . 33.37 -29.62 33.45
H22 9Y0 GA . 31.70 -29.32 33.97
H23 9Y0 GA . 31.81 -30.34 31.72
H24 9Y0 GA . 32.79 -28.99 31.14
H25 9Y0 GA . 37.17 -19.00 27.82
H26 9Y0 GA . 37.14 -17.27 28.25
H27 9Y0 GA . 30.30 -28.98 30.54
H28 9Y0 GA . 30.98 -27.48 31.20
H29 9Y0 GA . 34.59 -20.01 31.97
H30 9Y0 GA . 35.12 -21.66 31.55
H31 9Y0 GA . 32.51 -20.31 31.05
H32 9Y0 GA . 33.11 -21.34 29.74
H33 9Y0 GA . 32.90 -23.27 30.98
H34 9Y0 GA . 33.20 -22.43 32.52
H35 9Y0 GA . 30.91 -21.49 32.46
H36 9Y0 GA . 30.61 -22.29 30.90
H37 9Y0 GA . 30.92 -24.49 31.96
H38 9Y0 GA . 31.21 -23.69 33.52
H39 9Y0 GA . 28.93 -22.80 33.53
H40 9Y0 GA . 28.63 -23.51 31.92
H41 9Y0 GA . 29.13 -24.99 34.54
H42 9Y0 GA . 29.09 -25.78 32.94
H43 9Y0 GA . 26.86 -24.72 34.59
H44 9Y0 GA . 26.73 -24.44 32.84
H45 9Y0 GA . 39.77 -15.81 28.94
H46 9Y0 GA . 41.42 -15.71 28.26
H47 9Y0 GA . 27.39 -27.20 33.91
H48 9Y0 GA . 26.69 -26.76 32.34
H49 9Y0 GA . 24.56 -26.66 33.17
H50 9Y0 GA . 25.08 -26.03 34.75
H51 9Y0 GA . 25.87 -28.30 35.39
H52 9Y0 GA . 24.13 -28.28 34.98
H53 9Y0 GA . 26.43 -29.30 33.29
H54 9Y0 GA . 24.79 -29.05 32.64
H55 9Y0 GA . 23.88 -30.75 33.96
H56 9Y0 GA . 25.25 -30.74 35.09
H57 9Y0 GA . 26.69 -31.81 33.52
H58 9Y0 GA . 25.52 -31.56 32.19
H59 9Y0 GA . 25.56 -33.91 33.01
H60 9Y0 GA . 23.96 -33.14 33.22
H61 9Y0 GA . 25.06 -33.34 34.62
H62 9Y0 GA . 28.75 -27.94 32.14
H63 9Y0 GA . 29.98 -27.98 33.40
H64 9Y0 GA . 29.98 -30.59 32.93
H65 9Y0 GA . 28.71 -29.84 33.94
H66 9Y0 GA . 28.37 -30.24 32.24
H67 9Y0 GA . 39.46 -13.61 28.57
H68 9Y0 GA . 39.80 -13.83 26.84
H69 9Y0 GA . 36.43 -16.94 34.06
H70 9Y0 GA . 37.94 -17.58 34.77
H71 9Y0 GA . 36.46 -19.78 35.12
H72 9Y0 GA . 36.36 -18.43 36.28
H73 9Y0 GA . 34.20 -17.91 35.68
H74 9Y0 GA . 34.50 -18.22 33.96
H75 9Y0 GA . 34.53 -20.76 34.66
H76 9Y0 GA . 32.97 -19.91 34.50
C1 CDL HA . 12.29 -35.45 50.69
O1 CDL HA . 13.08 -36.38 51.41
CA2 CDL HA . 11.07 -36.19 50.10
OA2 CDL HA . 11.53 -37.36 49.44
PA1 CDL HA . 11.83 -37.26 47.81
OA3 CDL HA . 12.50 -38.46 47.31
OA4 CDL HA . 10.58 -37.28 47.06
OA5 CDL HA . 12.69 -35.88 47.47
CA3 CDL HA . 14.06 -35.99 47.13
CA4 CDL HA . 14.75 -34.68 47.49
OA6 CDL HA . 15.73 -34.40 46.54
CA5 CDL HA . 15.76 -33.09 46.00
OA7 CDL HA . 14.91 -32.31 46.25
C11 CDL HA . 16.94 -32.66 45.08
C12 CDL HA . 16.49 -32.81 43.60
C13 CDL HA . 17.57 -33.53 42.74
C14 CDL HA . 18.39 -32.48 41.94
C15 CDL HA . 19.25 -33.19 40.87
C16 CDL HA . 19.82 -32.16 39.87
C17 CDL HA . 20.15 -32.86 38.54
CA6 CDL HA . 15.39 -34.78 48.88
OA8 CDL HA . 16.79 -35.01 48.74
CA7 CDL HA . 17.31 -35.91 49.69
OA9 CDL HA . 16.83 -36.98 49.81
C31 CDL HA . 18.52 -35.49 50.55
C32 CDL HA . 19.61 -34.89 49.64
C33 CDL HA . 20.24 -36.01 48.76
C34 CDL HA . 20.05 -35.71 47.25
C35 CDL HA . 20.66 -34.32 46.89
C36 CDL HA . 21.22 -34.37 45.44
C37 CDL HA . 20.83 -33.10 44.62
C38 CDL HA . 22.09 -32.31 44.22
C39 CDL HA . 22.86 -33.07 43.09
C40 CDL HA . 23.77 -32.06 42.36
C41 CDL HA . 24.57 -32.79 41.25
C42 CDL HA . 26.08 -32.59 41.46
CB2 CDL HA . 11.82 -34.33 51.63
OB2 CDL HA . 12.89 -33.41 51.82
PB2 CDL HA . 12.94 -32.06 50.86
OB3 CDL HA . 12.07 -32.22 49.68
OB4 CDL HA . 12.28 -30.94 51.52
OB5 CDL HA . 14.50 -31.70 50.42
CB3 CDL HA . 15.12 -30.57 51.01
CB4 CDL HA . 16.33 -30.00 50.15
OB6 CDL HA . 15.21 -29.51 49.39
CB5 CDL HA . 15.27 -28.10 49.15
OB7 CDL HA . 14.39 -27.40 49.55
C51 CDL HA . 16.47 -27.49 48.39
C52 CDL HA . 16.66 -28.20 47.03
C53 CDL HA . 17.60 -27.34 46.14
C54 CDL HA . 18.20 -28.20 44.99
C55 CDL HA . 18.93 -27.25 43.98
C56 CDL HA . 19.50 -28.08 42.79
C57 CDL HA . 19.69 -27.14 41.56
C58 CDL HA . 20.82 -27.68 40.65
C59 CDL HA . 21.16 -26.64 39.55
C60 CDL HA . 22.14 -25.57 40.12
C61 CDL HA . 22.55 -24.58 38.99
C62 CDL HA . 24.05 -24.20 39.15
C63 CDL HA . 24.91 -25.05 38.18
C64 CDL HA . 25.12 -24.28 36.87
CB6 CDL HA . 17.05 -31.42 50.26
OB8 CDL HA . 18.42 -31.18 50.58
CB7 CDL HA . 19.29 -31.05 49.48
OB9 CDL HA . 19.19 -31.77 48.54
C71 CDL HA . 20.40 -29.95 49.49
C72 CDL HA . 20.48 -29.27 48.09
C73 CDL HA . 21.96 -29.13 47.62
C74 CDL HA . 22.07 -29.29 46.08
C75 CDL HA . 22.68 -28.02 45.43
C76 CDL HA . 23.23 -28.35 44.02
C77 CDL HA . 24.77 -28.40 44.06
C78 CDL HA . 25.33 -28.83 42.68
C79 CDL HA . 25.69 -27.59 41.81
C80 CDL HA . 27.04 -27.84 41.10
C81 CDL HA . 26.90 -28.96 40.07
CHA HEM IA . -28.53 8.35 7.94
CHB HEM IA . -25.15 6.25 5.19
CHC HEM IA . -22.59 10.34 5.39
CHD HEM IA . -25.43 11.93 8.95
C1A HEM IA . -27.92 7.49 7.04
C2A HEM IA . -28.54 6.41 6.32
C3A HEM IA . -27.61 5.82 5.57
C4A HEM IA . -26.36 6.53 5.77
CMA HEM IA . -27.80 4.61 4.62
CAA HEM IA . -30.01 5.98 6.41
CBA HEM IA . -30.74 6.36 5.12
CGA HEM IA . -30.95 7.84 5.07
O1A HEM IA . -30.80 8.43 3.97
O2A HEM IA . -31.25 8.45 6.12
C1B HEM IA . -24.11 7.14 5.08
C2B HEM IA . -22.79 6.86 4.58
C3B HEM IA . -22.08 8.00 4.63
C4B HEM IA . -22.94 9.03 5.18
CMB HEM IA . -22.35 5.46 4.09
CAB HEM IA . -20.60 8.26 4.24
CBB HEM IA . -19.71 7.28 4.12
C1C HEM IA . -23.17 11.16 6.33
C2C HEM IA . -22.83 12.54 6.57
C3C HEM IA . -23.61 12.99 7.56
C4C HEM IA . -24.48 11.90 7.97
CMC HEM IA . -21.76 13.36 5.83
CAC HEM IA . -23.59 14.42 8.14
C1D HEM IA . -26.53 11.10 9.00
C2D HEM IA . -27.64 11.18 9.93
C3D HEM IA . -28.47 10.19 9.65
C4D HEM IA . -27.94 9.44 8.53
CMD HEM IA . -27.78 12.24 11.05
CAD HEM IA . -29.80 9.86 10.34
CBD HEM IA . -30.93 10.18 9.38
CGD HEM IA . -32.18 9.49 9.83
O1D HEM IA . -33.07 9.30 8.98
O2D HEM IA . -32.25 9.10 11.03
NA HEM IA . -26.59 7.54 6.68
NB HEM IA . -24.18 8.47 5.43
NC HEM IA . -24.17 10.80 7.19
ND HEM IA . -26.75 10.03 8.16
FE HEM IA . -25.34 9.15 6.97
HHB HEM IA . -25.03 5.40 4.83
HHC HEM IA . -21.90 10.69 4.87
HHD HEM IA . -25.34 12.56 9.63
HMA HEM IA . -28.51 4.05 4.96
HMAA HEM IA . -26.98 4.11 4.57
HMAB HEM IA . -28.05 4.94 3.74
HAA HEM IA . -30.44 6.40 7.17
HAAA HEM IA . -30.08 5.01 6.55
HBA HEM IA . -31.60 5.90 5.07
HBAA HEM IA . -30.23 6.06 4.35
HMB HEM IA . -21.67 5.56 3.40
HMBA HEM IA . -23.12 4.99 3.72
HMBB HEM IA . -21.99 4.95 4.82
HAB HEM IA . -20.32 9.18 4.09
HBB HEM IA . -18.80 7.49 3.87
HBBA HEM IA . -19.98 6.36 4.26
HMC HEM IA . -21.05 12.77 5.54
HMCA HEM IA . -21.39 14.03 6.43
HMCB HEM IA . -22.16 13.80 5.06
HMD HEM IA . -26.90 12.52 11.34
HMDA HEM IA . -28.27 11.86 11.79
HMDB HEM IA . -28.26 13.02 10.70
HAD HEM IA . -29.90 10.38 11.16
HADA HEM IA . -29.83 8.93 10.60
HBD HEM IA . -30.70 9.90 8.48
HBDA HEM IA . -31.08 11.14 9.34
HHA HEM IA . -29.41 8.16 8.15
CHA HEM JA . -6.97 5.32 -6.47
CHB HEM JA . -10.70 7.33 -4.13
CHC HEM JA . -11.11 3.39 -1.35
CHD HEM JA . -7.30 1.43 -3.64
C1A HEM JA . -8.02 6.14 -6.15
C2A HEM JA . -8.50 7.25 -6.94
C3A HEM JA . -9.52 7.81 -6.29
C4A HEM JA . -9.74 7.07 -5.08
CMA HEM JA . -10.33 9.03 -6.76
CAA HEM JA . -7.90 7.69 -8.30
CBA HEM JA . -8.08 6.59 -9.33
CGA HEM JA . -7.46 7.04 -10.63
O1A HEM JA . -6.84 8.13 -10.64
O2A HEM JA . -7.56 6.30 -11.64
C1B HEM JA . -11.13 6.45 -3.15
C2B HEM JA . -12.17 6.71 -2.20
C3B HEM JA . -12.30 5.63 -1.41
C4B HEM JA . -11.33 4.65 -1.86
CMB HEM JA . -12.99 8.02 -2.11
CAB HEM JA . -13.33 5.53 -0.27
CBB HEM JA . -13.30 4.56 0.66
C1C HEM JA . -10.10 2.53 -1.74
C2C HEM JA . -9.87 1.21 -1.18
C3C HEM JA . -8.81 0.68 -1.80
C4C HEM JA . -8.36 1.63 -2.80
CMC HEM JA . -10.68 0.57 -0.04
CAC HEM JA . -8.17 -0.70 -1.61
CBC HEM JA . -8.92 -1.77 -1.37
C1D HEM JA . -6.84 2.32 -4.57
C2D HEM JA . -5.64 2.20 -5.36
C3D HEM JA . -5.54 3.28 -6.13
C4D HEM JA . -6.70 4.11 -5.88
CMD HEM JA . -4.63 1.03 -5.29
CAD HEM JA . -4.43 3.61 -7.15
CBD HEM JA . -4.84 3.01 -8.49
CGD HEM JA . -4.50 3.95 -9.61
O1D HEM JA . -3.59 4.80 -9.44
O2D HEM JA . -5.14 3.86 -10.68
NA HEM JA . -8.80 6.06 -5.02
NB HEM JA . -10.63 5.18 -2.92
NC HEM JA . -9.17 2.75 -2.72
ND HEM JA . -7.46 3.50 -4.91
FE HEM JA . -8.92 4.45 -3.79
HHB HEM JA . -11.10 8.16 -4.15
HHC HEM JA . -11.68 3.09 -0.67
HHD HEM JA . -6.86 0.61 -3.58
HMA HEM JA . -9.77 9.61 -7.29
HMAA HEM JA . -10.67 9.51 -6.00
HMAB HEM JA . -11.08 8.72 -7.30
HAA HEM JA . -6.95 7.89 -8.19
HAAA HEM JA . -8.32 8.50 -8.59
HBA HEM JA . -9.02 6.42 -9.46
HBAA HEM JA . -7.68 5.77 -9.03
HMB HEM JA . -12.45 8.75 -2.41
HMBA HEM JA . -13.26 8.17 -1.19
HMBB HEM JA . -13.78 7.95 -2.68
HAB HEM JA . -14.04 6.20 -0.21
HBB HEM JA . -13.97 4.54 1.36
HBBA HEM JA . -12.60 3.90 0.63
HMC HEM JA . -11.02 1.26 0.54
HMCA HEM JA . -10.11 -0.03 0.47
HMCB HEM JA . -11.42 0.07 -0.43
HAC HEM JA . -7.20 -0.80 -1.66
HBC HEM JA . -8.51 -2.64 -1.25
HBCA HEM JA . -9.89 -1.68 -1.32
HMD HEM JA . -4.21 0.91 -6.16
HMDA HEM JA . -5.10 0.22 -5.05
HMDB HEM JA . -3.95 1.22 -4.63
HAD HEM JA . -3.59 3.24 -6.86
HADA HEM JA . -4.32 4.56 -7.22
HBD HEM JA . -5.79 2.82 -8.50
HBDA HEM JA . -4.37 2.16 -8.63
HHA HEM JA . -6.40 5.59 -7.16
C5 MQ9 KA . -2.93 18.62 5.30
C5M MQ9 KA . -2.20 17.45 6.02
C4 MQ9 KA . -3.72 18.37 4.02
O4 MQ9 KA . -3.77 17.27 3.58
C3 MQ9 KA . -4.46 19.53 3.30
C2 MQ9 KA . -4.40 20.86 3.84
C1 MQ9 KA . -3.59 21.14 5.16
O1 MQ9 KA . -3.56 22.25 5.60
C6 MQ9 KA . -2.88 20.01 5.86
C3A MQ9 KA . -5.19 19.29 2.11
C3B MQ9 KA . -5.86 20.34 1.47
C3C MQ9 KA . -5.80 21.66 2.00
C3D MQ9 KA . -5.07 21.91 3.18
C7 MQ9 KA . -2.07 20.30 7.17
C8 MQ9 KA . -2.84 19.83 8.43
C9 MQ9 KA . -3.51 20.67 9.23
C10 MQ9 KA . -3.60 22.20 8.97
C11 MQ9 KA . -4.26 20.09 10.50
C12 MQ9 KA . -5.78 20.41 10.42
C13 MQ9 KA . -6.56 19.05 10.32
C14 MQ9 KA . -7.31 18.71 9.25
C15 MQ9 KA . -7.46 19.61 8.01
C16 MQ9 KA . -8.05 17.34 9.27
C17 MQ9 KA . -9.35 17.47 10.12
C18 MQ9 KA . -9.96 16.07 10.33
C19 MQ9 KA . -11.02 15.91 11.19
C20 MQ9 KA . -11.63 17.12 11.97
C21 MQ9 KA . -11.62 14.47 11.40
C22 MQ9 KA . -11.08 13.90 12.75
C23 MQ9 KA . -11.51 12.36 12.90
C24 MQ9 KA . -10.80 11.37 12.36
C25 MQ9 KA . -9.55 11.62 11.58
C26 MQ9 KA . -11.30 9.86 12.57
C27 MQ9 KA . -10.78 9.34 13.93
C28 MQ9 KA . -11.51 7.98 14.31
C29 MQ9 KA . -12.74 7.96 14.94
C30 MQ9 KA . -13.37 6.61 15.27
C31 MQ9 KA . -13.53 9.29 15.33
C32 MQ9 KA . -13.27 9.64 16.83
C33 MQ9 KA . -14.34 10.60 17.35
C34 MQ9 KA . -14.22 11.95 17.24
C35 MQ9 KA . -13.01 12.59 16.58
C36 MQ9 KA . -15.32 12.85 17.78
C37 MQ9 KA . -14.68 13.89 18.74
C38 MQ9 KA . -15.76 14.72 19.49
C39 MQ9 KA . -16.49 15.83 19.12
C40 MQ9 KA . -16.34 16.50 17.75
C41 MQ9 KA . -17.53 16.52 20.07
C42 MQ9 KA . -18.80 17.16 19.37
C43 MQ9 KA . -19.31 18.32 20.31
C44 MQ9 KA . -18.77 19.58 20.25
C45 MQ9 KA . -17.65 19.92 19.28
C46 MQ9 KA . -19.28 20.71 21.19
C47 MQ9 KA . -20.38 21.59 20.45
C48 MQ9 KA . -19.88 23.03 20.18
C49 MQ9 KA . -20.58 24.15 20.55
C50 MQ9 KA . -19.99 25.51 20.22
C51 MQ9 KA . -21.94 24.09 21.27
H5M3 MQ9 KA . -2.06 16.63 5.30
H5M2 MQ9 KA . -1.22 17.79 6.37
H5M1 MQ9 KA . -2.80 17.10 6.86
H3A MQ9 KA . -5.17 18.30 1.67
H3B MQ9 KA . -6.41 20.15 0.56
H3C MQ9 KA . -6.31 22.48 1.50
H3D MQ9 KA . -5.04 22.92 3.61
H72 MQ9 KA . -1.11 19.79 7.12
H71 MQ9 KA . -1.90 21.37 7.25
H8 MQ9 KA . -2.83 18.78 8.68
H103 MQ9 KA . -3.96 22.69 9.86
H102 MQ9 KA . -2.61 22.57 8.73
H101 MQ9 KA . -4.28 22.39 8.14
H112 MQ9 KA . -3.85 20.53 11.40
H111 MQ9 KA . -4.12 19.01 10.54
H121 MQ9 KA . -6.08 20.95 11.31
H122 MQ9 KA . -5.97 21.01 9.53
H13 MQ9 KA . -6.51 18.35 11.17
H153 MQ9 KA . -7.79 20.61 8.34
H152 MQ9 KA . -6.50 19.69 7.50
H151 MQ9 KA . -8.20 19.18 7.34
H162 MQ9 KA . -7.40 16.57 9.73
H161 MQ9 KA . -8.30 17.03 8.25
H172 MQ9 KA . -9.13 17.93 11.09
H171 MQ9 KA . -10.07 18.09 9.58
H18 MQ9 KA . -9.56 15.22 9.79
H203 MQ9 KA . -12.56 16.81 12.46
H202 MQ9 KA . -10.91 17.48 12.71
H201 MQ9 KA . -11.85 17.93 11.25
H212 MQ9 KA . -12.71 14.52 11.43
H211 MQ9 KA . -11.31 13.81 10.58
H222 MQ9 KA . -11.50 14.47 13.58
H221 MQ9 KA . -10.00 13.96 12.77
H23 MQ9 KA . -12.41 12.12 13.45
H253 MQ9 KA . -9.79 12.09 10.64
H252 MQ9 KA . -9.04 10.66 11.40
H251 MQ9 KA . -8.89 12.27 12.15
H262 MQ9 KA . -12.38 9.85 12.57
H261 MQ9 KA . -10.93 9.24 11.77
H272 MQ9 KA . -9.71 9.17 13.86
H271 MQ9 KA . -10.97 10.10 14.71
H28 MQ9 KA . -11.02 7.03 14.07
H303 MQ9 KA . -12.81 6.14 16.09
H302 MQ9 KA . -13.33 5.97 14.39
H301 MQ9 KA . -14.40 6.75 15.57
H312 MQ9 KA . -14.60 9.14 15.18
H311 MQ9 KA . -13.18 10.12 14.71
H321 MQ9 KA . -13.29 8.72 17.42
H322 MQ9 KA . -12.29 10.10 16.93
H33 MQ9 KA . -15.24 10.19 17.84
H353 MQ9 KA . -12.16 12.50 17.25
H352 MQ9 KA . -12.79 12.08 15.65
H351 MQ9 KA . -13.22 13.65 16.39
H362 MQ9 KA . -15.80 13.37 16.95
H361 MQ9 KA . -16.05 12.26 18.32
H372 MQ9 KA . -14.08 13.38 19.47
H371 MQ9 KA . -14.04 14.58 18.17
H38 MQ9 KA . -15.20 14.88 20.42
H403 MQ9 KA . -15.46 16.11 17.24
H402 MQ9 KA . -16.23 17.58 17.89
H401 MQ9 KA . -17.23 16.30 17.15
H412 MQ9 KA . -17.02 17.31 20.63
H411 MQ9 KA . -17.89 15.77 20.78
H422 MQ9 KA . -18.51 17.56 18.40
H421 MQ9 KA . -19.58 16.40 19.26
H43 MQ9 KA . -20.11 18.12 21.02
H453 MQ9 KA . -17.44 20.97 19.32
H452 MQ9 KA . -16.75 19.36 19.55
H451 MQ9 KA . -17.95 19.63 18.26
H462 MQ9 KA . -18.45 21.36 21.49
H461 MQ9 KA . -19.73 20.26 22.08
H472 MQ9 KA . -21.28 21.64 21.08
H471 MQ9 KA . -20.62 21.12 19.51
H48 MQ9 KA . -18.93 23.15 19.67
H503 MQ9 KA . -20.19 25.76 19.17
H502 MQ9 KA . -18.91 25.49 20.39
H501 MQ9 KA . -20.44 26.25 20.87
H513 MQ9 KA . -22.64 23.48 20.71
H512 MQ9 KA . -21.81 23.67 22.26
H511 MQ9 KA . -22.35 25.12 21.36
C5 MQ9 LA . -28.52 -1.16 3.86
C5M MQ9 LA . -28.42 -1.63 2.36
C4 MQ9 LA . -29.27 0.12 4.17
O4 MQ9 LA . -29.77 0.74 3.30
C3 MQ9 LA . -29.39 0.62 5.65
C2 MQ9 LA . -28.79 -0.14 6.71
C1 MQ9 LA . -28.00 -1.46 6.39
O1 MQ9 LA . -27.50 -2.09 7.28
C6 MQ9 LA . -27.88 -1.95 4.96
C3A MQ9 LA . -30.10 1.79 5.93
C3B MQ9 LA . -30.21 2.24 7.27
C3C MQ9 LA . -29.60 1.50 8.32
C3D MQ9 LA . -28.90 0.31 8.04
C7 MQ9 LA . -27.09 -3.27 4.68
C8 MQ9 LA . -25.59 -2.95 4.50
C9 MQ9 LA . -24.79 -3.71 3.75
C10 MQ9 LA . -23.30 -3.34 3.62
C11 MQ9 LA . -25.31 -5.00 2.97
C12 MQ9 LA . -26.00 -4.55 1.67
C13 MQ9 LA . -27.28 -5.42 1.40
C14 MQ9 LA . -28.05 -5.16 0.32
C15 MQ9 LA . -27.65 -4.03 -0.64
C16 MQ9 LA . -29.33 -6.01 0.04
C17 MQ9 LA . -29.10 -6.92 -1.22
C18 MQ9 LA . -30.40 -7.67 -1.57
C19 MQ9 LA . -30.45 -8.43 -2.71
C20 MQ9 LA . -29.20 -8.56 -3.65
C21 MQ9 LA . -31.79 -9.20 -3.07
C22 MQ9 LA . -32.80 -8.20 -3.71
C23 MQ9 LA . -32.23 -7.63 -5.09
C24 MQ9 LA . -32.34 -8.29 -6.23
C25 MQ9 LA . -33.02 -9.61 -6.34
C26 MQ9 LA . -31.72 -7.65 -7.57
C27 MQ9 LA . -30.24 -8.04 -7.70
C28 MQ9 LA . -29.34 -7.00 -6.90
C29 MQ9 LA . -27.98 -6.92 -7.12
C30 MQ9 LA . -27.30 -7.83 -8.16
C31 MQ9 LA . -27.14 -5.86 -6.30
C32 MQ9 LA . -25.83 -6.52 -5.76
C33 MQ9 LA . -24.62 -5.93 -6.49
C34 MQ9 LA . -23.36 -6.31 -6.15
C35 MQ9 LA . -23.13 -7.32 -5.04
C36 MQ9 LA . -22.20 -5.70 -6.88
C37 MQ9 LA . -22.15 -6.33 -8.31
C38 MQ9 LA . -20.84 -5.91 -9.01
C39 MQ9 LA . -19.56 -6.38 -8.90
C40 MQ9 LA . -19.12 -7.51 -7.97
C41 MQ9 LA . -18.35 -5.83 -9.72
C42 MQ9 LA . -17.90 -4.47 -9.11
C43 MQ9 LA . -16.34 -4.50 -8.95
C44 MQ9 LA . -15.48 -4.33 -10.01
C45 MQ9 LA . -14.00 -4.40 -9.73
C46 MQ9 LA . -15.94 -4.08 -11.49
C47 MQ9 LA . -16.00 -5.44 -12.30
C48 MQ9 LA . -15.37 -5.24 -13.70
C49 MQ9 LA . -14.05 -5.47 -13.94
C50 MQ9 LA . -13.50 -5.26 -15.34
C51 MQ9 LA . -13.08 -5.96 -12.84
H5M3 MQ9 LA . -28.73 -2.67 2.28
H5M2 MQ9 LA . -27.38 -1.54 2.02
H5M1 MQ9 LA . -29.05 -1.00 1.74
H3A MQ9 LA . -30.56 2.36 5.13
H3B MQ9 LA . -30.74 3.16 7.49
H3C MQ9 LA . -29.69 1.85 9.35
H3D MQ9 LA . -28.46 -0.26 8.84
H72 MQ9 LA . -27.47 -3.73 3.76
H71 MQ9 LA . -27.22 -3.95 5.51
H8 MQ9 LA . -25.17 -2.09 5.01
H103 MQ9 LA . -23.21 -2.43 3.04
H102 MQ9 LA . -22.75 -4.14 3.15
H101 MQ9 LA . -22.88 -3.16 4.63
H112 MQ9 LA . -24.47 -5.65 2.74
H111 MQ9 LA . -26.03 -5.53 3.59
H121 MQ9 LA . -25.30 -4.68 0.84
H122 MQ9 LA . -26.27 -3.51 1.74
H13 MQ9 LA . -27.49 -6.29 2.03
H153 MQ9 LA . -26.76 -4.33 -1.20
H152 MQ9 LA . -27.42 -3.13 -0.06
H151 MQ9 LA . -28.46 -3.84 -1.32
H162 MQ9 LA . -30.17 -5.35 -0.14
H161 MQ9 LA . -29.55 -6.65 0.90
H172 MQ9 LA . -28.80 -6.29 -2.06
H171 MQ9 LA . -28.31 -7.64 -1.01
H18 MQ9 LA . -31.25 -7.61 -0.92
H203 MQ9 LA . -29.43 -9.25 -4.47
H202 MQ9 LA . -28.96 -7.58 -4.06
H201 MQ9 LA . -28.34 -8.93 -3.07
H212 MQ9 LA . -31.56 -9.99 -3.79
H211 MQ9 LA . -32.21 -9.62 -2.16
H222 MQ9 LA . -32.99 -7.37 -3.03
H221 MQ9 LA . -33.74 -8.72 -3.90
H23 MQ9 LA . -31.74 -6.66 -5.09
H253 MQ9 LA . -32.43 -10.37 -5.84
H252 MQ9 LA . -33.16 -9.88 -7.39
H251 MQ9 LA . -34.00 -9.56 -5.85
H262 MQ9 LA . -31.80 -6.57 -7.52
H261 MQ9 LA . -32.28 -8.01 -8.43
H272 MQ9 LA . -29.96 -8.04 -8.75
H271 MQ9 LA . -30.09 -9.06 -7.28
H28 MQ9 LA . -29.81 -6.33 -6.18
H303 MQ9 LA . -27.90 -7.87 -9.08
H302 MQ9 LA . -26.31 -7.43 -8.39
H301 MQ9 LA . -27.20 -8.83 -7.76
H312 MQ9 LA . -27.74 -5.51 -5.45
H311 MQ9 LA . -26.89 -5.01 -6.94
H321 MQ9 LA . -25.87 -7.59 -5.94
H322 MQ9 LA . -25.74 -6.32 -4.69
H33 MQ9 LA . -24.76 -5.17 -7.28
H353 MQ9 LA . -22.07 -7.38 -4.83
H352 MQ9 LA . -23.49 -8.31 -5.37
H351 MQ9 LA . -23.67 -7.02 -4.14
H362 MQ9 LA . -21.27 -5.92 -6.35
H361 MQ9 LA . -22.34 -4.62 -6.97
H372 MQ9 LA . -22.18 -7.41 -8.22
H371 MQ9 LA . -23.00 -5.99 -8.89
H38 MQ9 LA . -21.21 -5.96 -10.04
H403 MQ9 LA . -18.90 -7.10 -6.98
H402 MQ9 LA . -18.22 -7.98 -8.38
H401 MQ9 LA . -19.92 -8.25 -7.89
H412 MQ9 LA . -18.65 -5.68 -10.76
H411 MQ9 LA . -17.53 -6.53 -9.67
H422 MQ9 LA . -18.18 -3.64 -9.79
H421 MQ9 LA . -18.36 -4.32 -8.14
H43 MQ9 LA . -15.92 -4.67 -7.96
H453 MQ9 LA . -13.46 -3.83 -10.47
H452 MQ9 LA . -13.67 -5.44 -9.75
H451 MQ9 LA . -13.80 -3.98 -8.74
H462 MQ9 LA . -15.23 -3.40 -11.97
H461 MQ9 LA . -16.93 -3.62 -11.48
H472 MQ9 LA . -17.04 -5.74 -12.41
H471 MQ9 LA . -15.44 -6.19 -11.76
H48 MQ9 LA . -16.01 -4.91 -14.52
H503 MQ9 LA . -12.43 -5.04 -15.29
H502 MQ9 LA . -14.02 -4.43 -15.81
H501 MQ9 LA . -13.66 -6.16 -15.94
H513 MQ9 LA . -13.59 -6.68 -12.21
H512 MQ9 LA . -12.22 -6.43 -13.30
H511 MQ9 LA . -12.76 -5.11 -12.23
P 9YF MA . -8.89 43.29 -15.38
O1 9YF MA . -7.57 43.01 -14.72
O2 9YF MA . -8.94 44.84 -15.92
O3 9YF MA . -8.16 47.05 -14.51
O4 9YF MA . -7.40 49.18 -15.99
C 9YF MA . -12.16 43.58 -13.20
O 9YF MA . -10.10 43.06 -14.27
C1 9YF MA . -10.84 44.13 -13.73
C10 9YF MA . -15.03 42.95 -10.37
C11 9YF MA . -16.41 42.31 -10.42
C12 9YF MA . -17.05 42.04 -9.08
C13 9YF MA . -18.47 41.49 -9.27
C14 9YF MA . -18.91 40.69 -8.05
C15 9YF MA . -20.10 39.81 -8.45
C16 9YF MA . -20.76 39.33 -7.16
C17 9YF MA . -21.58 38.06 -7.43
C18 9YF MA . -20.86 36.81 -6.99
C19 9YF MA . -21.48 35.52 -7.48
C2 9YF MA . -7.84 45.59 -16.33
C20 9YF MA . -20.76 34.94 -8.68
C21 9YF MA . -21.60 33.82 -9.29
C22 9YF MA . -21.57 32.48 -8.51
C23 9YF MA . -22.96 31.91 -8.23
C24 9YF MA . -13.03 43.02 -14.32
C25 9YF MA . -15.29 42.92 -14.90
C26 9YF MA . -16.20 42.36 -13.81
C27 9YF MA . -17.59 41.88 -14.22
C28 9YF MA . -18.37 41.31 -13.03
C29 9YF MA . -19.57 40.50 -13.51
C3 9YF MA . -8.13 47.00 -15.90
C30 9YF MA . -20.39 39.77 -12.45
C31 9YF MA . -20.72 38.40 -13.06
C32 9YF MA . -21.93 37.76 -12.34
C33 9YF MA . -22.18 36.34 -12.90
C34 9YF MA . -20.94 35.46 -12.65
C35 9YF MA . -23.44 35.73 -12.26
C36 9YF MA . -23.94 34.44 -12.96
C37 9YF MA . -23.89 33.19 -12.08
C38 9YF MA . -24.42 31.99 -12.87
C39 9YF MA . -24.40 30.75 -11.96
C4 9YF MA . -7.01 47.90 -16.37
C40 9YF MA . -24.58 29.48 -12.81
C41 9YF MA . -25.10 28.29 -11.99
C42 9YF MA . -23.98 27.57 -11.24
C43 9YF MA . -24.43 26.17 -10.80
C5 9YF MA . -6.82 47.90 -17.88
C6 9YF MA . -7.01 46.55 -18.57
C7 9YF MA . -7.85 45.51 -17.82
C8 9YF MA . -12.65 42.70 -11.06
C9 9YF MA . -13.98 41.96 -10.90
O10 9YF MA . -12.27 43.35 -10.17
O11 9YF MA . -14.21 43.74 -14.52
O12 9YF MA . -15.46 42.65 -16.02
O5 9YF MA . -5.50 48.27 -18.15
O6 9YF MA . -5.75 46.01 -18.79
O7 9YF MA . -7.44 44.25 -18.24
O8 9YF MA . -9.09 42.34 -16.52
O9 9YF MA . -11.89 42.59 -12.24
H2 9YF MA . -8.90 46.54 -14.20
H3 9YF MA . -6.65 49.65 -15.64
H4 9YF MA . -12.71 44.38 -12.72
H5 9YF MA . -11.08 44.88 -14.49
H6 9YF MA . -10.29 44.60 -12.92
H7 9YF MA . -14.80 43.25 -9.34
H8 9YF MA . -15.01 43.81 -11.01
H9 9YF MA . -17.08 42.99 -10.93
H10 9YF MA . -16.33 41.38 -10.94
H11 9YF MA . -17.12 42.97 -8.54
H12 9YF MA . -16.43 41.30 -8.60
H13 9YF MA . -19.14 42.32 -9.42
H14 9YF MA . -18.48 40.84 -10.13
H15 9YF MA . -19.21 41.38 -7.28
H16 9YF MA . -18.12 40.04 -7.67
H17 9YF MA . -20.81 40.38 -9.03
H18 9YF MA . -19.75 38.97 -9.02
H19 9YF MA . -21.42 40.10 -6.80
H20 9YF MA . -20.01 39.13 -6.40
H21 9YF MA . -21.90 37.99 -8.47
H22 9YF MA . -22.43 38.11 -6.77
H23 9YF MA . -21.08 36.78 -5.94
H24 9YF MA . -19.80 36.84 -7.18
H25 9YF MA . -21.41 34.81 -6.67
H26 9YF MA . -22.52 35.72 -7.73
H27 9YF MA . -6.89 45.25 -15.93
H28 9YF MA . -20.62 35.72 -9.40
H29 9YF MA . -19.79 34.56 -8.38
H30 9YF MA . -21.21 33.63 -10.28
H31 9YF MA . -22.62 34.14 -9.41
H32 9YF MA . -21.02 32.57 -7.58
H33 9YF MA . -21.08 31.74 -9.13
H34 9YF MA . -23.31 31.38 -9.11
H35 9YF MA . -23.67 32.69 -7.97
H36 9YF MA . -22.88 31.22 -7.40
H37 9YF MA . -12.50 42.95 -15.27
H38 9YF MA . -13.33 42.04 -14.01
H39 9YF MA . -16.31 43.16 -13.09
H40 9YF MA . -15.74 41.49 -13.41
H41 9YF MA . -18.13 42.72 -14.61
H42 9YF MA . -17.45 41.13 -14.98
H43 9YF MA . -18.73 42.12 -12.40
H44 9YF MA . -17.76 40.62 -12.49
H45 9YF MA . -19.16 39.79 -14.21
H46 9YF MA . -20.25 41.18 -14.00
H47 9YF MA . -9.07 47.33 -16.31
H48 9YF MA . -19.82 39.61 -11.55
H49 9YF MA . -21.30 40.30 -12.23
H50 9YF MA . -19.80 37.84 -12.93
H51 9YF MA . -20.97 38.46 -14.10
H52 9YF MA . -22.80 38.38 -12.54
H53 9YF MA . -21.76 37.72 -11.26
H54 9YF MA . -22.33 36.42 -13.98
H55 9YF MA . -20.25 35.58 -13.47
H56 9YF MA . -20.45 35.77 -11.73
H57 9YF MA . -21.17 34.41 -12.56
H58 9YF MA . -24.24 36.45 -12.33
H59 9YF MA . -23.24 35.53 -11.22
H60 9YF MA . -23.36 34.25 -13.85
H61 9YF MA . -24.97 34.59 -13.25
H62 9YF MA . -22.86 32.98 -11.81
H63 9YF MA . -24.48 33.34 -11.19
H64 9YF MA . -23.78 31.79 -13.73
H65 9YF MA . -25.42 32.17 -13.22
H66 9YF MA . -23.44 30.69 -11.45
H67 9YF MA . -25.19 30.86 -11.22
H68 9YF MA . -6.09 47.64 -15.89
H69 9YF MA . -23.62 29.26 -13.24
H70 9YF MA . -25.28 29.69 -13.61
H71 9YF MA . -25.85 28.61 -11.27
H72 9YF MA . -25.58 27.60 -12.67
H73 9YF MA . -23.71 28.15 -10.35
H74 9YF MA . -23.10 27.44 -11.86
H75 9YF MA . -25.52 26.11 -10.76
H76 9YF MA . -24.01 25.93 -9.82
H77 9YF MA . -24.06 25.44 -11.51
H78 9YF MA . -7.50 48.60 -18.33
H79 9YF MA . -7.47 46.75 -19.52
H80 9YF MA . -8.89 45.64 -18.07
H81 9YF MA . -14.22 41.58 -11.86
H82 9YF MA . -13.97 41.10 -10.25
H83 9YF MA . -5.31 49.10 -17.75
H84 9YF MA . -5.27 46.58 -19.38
H85 9YF MA . -6.52 44.25 -18.39
C1 CDL NA . -31.34 -4.93 20.30
O1 CDL NA . -30.03 -5.06 19.76
CA2 CDL NA . -31.29 -4.12 21.56
OA2 CDL NA . -30.97 -2.77 21.17
PA1 CDL NA . -32.05 -1.60 21.40
OA3 CDL NA . -32.97 -1.54 20.22
OA4 CDL NA . -32.59 -1.74 22.80
OA5 CDL NA . -31.08 -0.32 21.40
CA3 CDL NA . -29.77 -0.47 22.00
CA4 CDL NA . -28.72 -0.02 21.01
OA6 CDL NA . -27.57 -0.89 21.17
CA5 CDL NA . -27.40 -1.91 20.32
OA7 CDL NA . -28.30 -2.65 20.03
C11 CDL NA . -26.02 -2.04 19.76
C12 CDL NA . -25.85 -3.25 18.90
C13 CDL NA . -24.55 -3.22 18.13
C14 CDL NA . -24.58 -4.00 16.83
C15 CDL NA . -24.08 -3.21 15.64
C16 CDL NA . -23.85 -4.04 14.41
C17 CDL NA . -22.90 -3.41 13.42
CA6 CDL NA . -28.30 1.41 21.21
OA8 CDL NA . -28.08 2.01 19.92
CA7 CDL NA . -26.82 2.12 19.55
OA9 CDL NA . -26.02 2.81 20.12
C31 CDL NA . -26.52 1.27 18.36
C32 CDL NA . -25.35 1.74 17.57
C33 CDL NA . -24.07 1.01 17.90
C34 CDL NA . -22.86 1.88 17.87
C35 CDL NA . -21.69 1.30 17.11
C36 CDL NA . -21.68 -0.20 17.04
C37 CDL NA . -21.49 -0.75 15.65
C38 CDL NA . -20.09 -0.66 15.11
C39 CDL NA . -19.88 -1.40 13.81
C40 CDL NA . -18.47 -1.40 13.29
C41 CDL NA . -18.29 -2.28 12.06
C42 CDL NA . -16.89 -2.30 11.50
CB2 CDL NA . -31.91 -6.32 20.48
OB2 CDL NA . -31.12 -7.24 19.69
PB2 CDL NA . -31.26 -7.24 18.10
OB3 CDL NA . -31.38 -8.65 17.62
OB4 CDL NA . -32.34 -6.25 17.76
OB5 CDL NA . -29.84 -6.69 17.61
CB3 CDL NA . -28.97 -7.55 16.85
CB4 CDL NA . -29.56 -7.76 15.47
OB6 CDL NA . -30.19 -9.07 15.42
CB5 CDL NA . -29.49 -10.11 14.94
OB7 CDL NA . -28.50 -10.51 15.48
C51 CDL NA . -30.08 -10.73 13.71
C52 CDL NA . -29.09 -11.50 12.89
C53 CDL NA . -28.94 -12.92 13.36
C54 CDL NA . -27.65 -13.57 12.92
C55 CDL NA . -27.67 -15.08 12.95
C56 CDL NA . -28.14 -15.72 11.67
C57 CDL NA . -27.95 -17.21 11.62
C58 CDL NA . -26.65 -17.68 12.23
C59 CDL NA . -25.71 -18.33 11.25
C60 CDL NA . -24.26 -18.30 11.65
C61 CDL NA . -23.39 -19.23 10.84
C62 CDL NA . -24.18 -20.18 9.98
C63 CDL NA . -23.50 -21.52 9.74
C64 CDL NA . -24.40 -22.71 9.96
CB6 CDL NA . -28.55 -7.63 14.36
OB8 CDL NA . -28.88 -6.48 13.55
CB7 CDL NA . -27.93 -5.55 13.46
OB9 CDL NA . -27.00 -5.50 14.21
C71 CDL NA . -28.18 -4.61 12.32
C72 CDL NA . -27.43 -3.32 12.48
C73 CDL NA . -27.02 -2.73 11.14
C74 CDL NA . -25.59 -2.26 11.09
C75 CDL NA . -24.85 -2.67 9.84
C76 CDL NA . -23.50 -2.03 9.69
C77 CDL NA . -22.57 -2.74 8.73
C78 CDL NA . -22.39 -2.05 7.40
C79 CDL NA . -20.99 -2.11 6.84
C80 CDL NA . -19.98 -1.27 7.59
C81 CDL NA . -19.11 -2.03 8.53
C1 CDL OA . -40.92 17.43 1.52
O1 CDL OA . -41.80 18.15 0.67
CA2 CDL OA . -39.91 18.36 2.12
OA2 CDL OA . -39.22 19.14 1.10
PA1 CDL OA . -39.77 20.60 0.73
OA3 CDL OA . -40.44 20.45 -0.61
OA4 CDL OA . -40.53 21.10 1.91
OA5 CDL OA . -38.47 21.52 0.54
CA3 CDL OA . -38.52 22.61 -0.42
CA4 CDL OA . -37.31 23.50 -0.31
OA6 CDL OA . -36.22 22.73 0.28
CA5 CDL OA . -35.01 22.78 -0.31
OA7 CDL OA . -34.86 22.52 -1.46
C11 CDL OA . -33.90 23.19 0.60
C12 CDL OA . -32.56 23.18 -0.06
C13 CDL OA . -32.19 24.52 -0.67
C14 CDL OA . -30.73 24.68 -0.98
C15 CDL OA . -30.40 25.86 -1.86
C16 CDL OA . -28.95 25.95 -2.28
C17 CDL OA . -28.56 27.24 -2.94
CA6 CDL OA . -37.56 24.76 0.48
OA8 CDL OA . -36.32 25.48 0.65
CA7 CDL OA . -36.26 26.68 0.10
OA9 CDL OA . -37.22 27.35 -0.12
C31 CDL OA . -34.86 27.11 -0.18
C32 CDL OA . -34.76 28.03 -1.35
C33 CDL OA . -33.33 28.29 -1.76
C34 CDL OA . -33.14 29.52 -2.61
C35 CDL OA . -31.72 29.76 -3.02
C36 CDL OA . -31.58 30.66 -4.22
C37 CDL OA . -30.79 31.90 -3.96
C38 CDL OA . -30.58 32.78 -5.16
C39 CDL OA . -29.98 32.07 -6.35
C40 CDL OA . -28.51 32.31 -6.52
C41 CDL OA . -28.14 33.70 -6.96
C42 CDL OA . -27.65 34.58 -5.84
CB2 CDL OA . -40.34 16.27 0.75
OB2 CDL OA . -40.14 16.66 -0.64
PB2 CDL OA . -41.14 16.12 -1.78
OB3 CDL OA . -41.50 14.70 -1.48
OB4 CDL OA . -42.25 17.12 -1.94
OB5 CDL OA . -40.21 16.19 -3.08
CB3 CDL OA . -40.27 17.39 -3.92
CB4 CDL OA . -38.90 18.00 -4.09
OB6 CDL OA . -37.93 17.01 -4.52
CB5 CDL OA . -37.89 16.62 -5.81
OB7 CDL OA . -38.81 16.06 -6.33
C51 CDL OA . -36.60 16.92 -6.48
C52 CDL OA . -35.42 16.81 -5.57
C53 CDL OA . -34.17 16.33 -6.29
C54 CDL OA . -32.89 16.90 -5.75
C55 CDL OA . -32.81 16.98 -4.25
C56 CDL OA . -31.64 16.26 -3.64
C57 CDL OA . -30.94 17.03 -2.53
C58 CDL OA . -31.71 17.10 -1.24
C59 CDL OA . -31.32 18.25 -0.36
C60 CDL OA . -32.48 18.85 0.42
C61 CDL OA . -33.71 17.99 0.46
C62 CDL OA . -34.51 18.12 1.73
C63 CDL OA . -35.92 17.61 1.62
C64 CDL OA . -36.04 16.24 0.99
CB6 CDL OA . -38.36 18.63 -2.84
OB8 CDL OA . -36.91 18.67 -2.93
CB7 CDL OA . -36.39 19.80 -3.38
OB9 CDL OA . -37.05 20.72 -3.76
C71 CDL OA . -34.89 19.76 -3.37
C72 CDL OA . -34.28 20.82 -4.24
C73 CDL OA . -32.83 21.13 -3.87
C74 CDL OA . -32.07 21.87 -4.94
C75 CDL OA . -30.91 22.70 -4.42
C76 CDL OA . -29.97 23.20 -5.49
C77 CDL OA . -28.58 23.53 -5.02
C78 CDL OA . -27.62 23.84 -6.14
C79 CDL OA . -28.16 23.53 -7.51
C80 CDL OA . -27.67 24.42 -8.62
C81 CDL OA . -26.80 25.57 -8.17
C5 MQ9 PA . 0.49 -21.44 -2.62
C5M MQ9 PA . -0.24 -20.27 -3.35
C4 MQ9 PA . 1.28 -21.15 -1.36
O4 MQ9 PA . 1.36 -20.05 -0.94
C3 MQ9 PA . 2.03 -22.31 -0.61
C2 MQ9 PA . 1.94 -23.65 -1.12
C1 MQ9 PA . 1.12 -23.95 -2.41
O1 MQ9 PA . 1.05 -25.07 -2.82
C6 MQ9 PA . 0.39 -22.84 -3.15
C3A MQ9 PA . 2.77 -22.04 0.55
C3B MQ9 PA . 3.44 -23.09 1.23
C3C MQ9 PA . 3.36 -24.42 0.73
C3D MQ9 PA . 2.61 -24.70 -0.44
C7 MQ9 PA . -0.42 -23.16 -4.44
C8 MQ9 PA . -1.94 -23.16 -4.18
C9 MQ9 PA . -2.66 -24.28 -4.06
C10 MQ9 PA . -2.03 -25.69 -4.17
C11 MQ9 PA . -4.22 -24.16 -3.79
C12 MQ9 PA . -4.62 -24.93 -2.52
C13 MQ9 PA . -5.16 -23.90 -1.46
C14 MQ9 PA . -4.49 -23.58 -0.33
C15 MQ9 PA . -3.14 -24.20 0.03
C16 MQ9 PA . -5.15 -22.54 0.65
C17 MQ9 PA . -6.28 -23.24 1.45
C18 MQ9 PA . -7.11 -22.17 2.18
C19 MQ9 PA . -8.29 -22.50 2.78
C20 MQ9 PA . -8.82 -23.97 2.77
C21 MQ9 PA . -9.12 -21.38 3.51
C22 MQ9 PA . -10.32 -20.96 2.61
C23 MQ9 PA . -11.05 -19.67 3.22
C24 MQ9 PA . -10.63 -18.45 2.95
C25 MQ9 PA . -9.45 -18.18 2.06
C26 MQ9 PA . -11.42 -17.21 3.60
C27 MQ9 PA . -12.60 -16.84 2.69
C28 MQ9 PA . -13.58 -15.83 3.45
C29 MQ9 PA . -14.56 -16.28 4.30
C30 MQ9 PA . -15.46 -15.23 4.98
C31 MQ9 PA . -14.81 -17.81 4.61
C32 MQ9 PA . -15.96 -18.35 3.69
C33 MQ9 PA . -16.50 -19.70 4.24
C34 MQ9 PA . -15.94 -20.88 3.89
C35 MQ9 PA . -14.75 -20.98 2.95
C36 MQ9 PA . -16.52 -22.16 4.46
C37 MQ9 PA . -16.82 -23.15 3.29
C38 MQ9 PA . -17.62 -24.38 3.79
C39 MQ9 PA . -17.24 -25.56 4.35
C40 MQ9 PA . -15.77 -25.92 4.64
C41 MQ9 PA . -18.25 -26.70 4.77
C42 MQ9 PA . -17.89 -27.51 6.07
C43 MQ9 PA . -18.58 -28.93 5.94
C44 MQ9 PA . -17.98 -29.96 5.25
C45 MQ9 PA . -16.63 -29.77 4.59
C46 MQ9 PA . -18.68 -31.34 5.14
C47 MQ9 PA . -18.10 -32.35 6.20
C48 MQ9 PA . -17.31 -33.50 5.54
C49 MQ9 PA . -17.53 -34.82 5.80
C50 MQ9 PA . -16.69 -35.87 5.10
C51 MQ9 PA . -18.62 -35.31 6.80
H5M3 MQ9 PA . -0.19 -20.43 -4.43
H5M2 MQ9 PA . 0.25 -19.31 -3.10
H5M1 MQ9 PA . -1.29 -20.23 -3.03
H3A MQ9 PA . 2.84 -21.03 0.93
H3B MQ9 PA . 3.99 -22.88 2.14
H3C MQ9 PA . 3.87 -25.23 1.25
H3D MQ9 PA . 2.58 -25.70 -0.83
H72 MQ9 PA . -0.19 -22.40 -5.20
H71 MQ9 PA . -0.12 -24.12 -4.81
H8 MQ9 PA . -2.46 -22.20 -4.08
H103 MQ9 PA . -2.82 -26.43 -4.27
H102 MQ9 PA . -1.44 -25.89 -3.28
H101 MQ9 PA . -1.39 -25.73 -5.07
H112 MQ9 PA . -4.76 -24.58 -4.64
H111 MQ9 PA . -4.48 -23.11 -3.68
H121 MQ9 PA . -3.74 -25.44 -2.11
H122 MQ9 PA . -5.39 -25.66 -2.75
H13 MQ9 PA . -6.13 -23.42 -1.65
H153 MQ9 PA . -3.24 -25.28 0.12
H152 MQ9 PA . -2.78 -23.78 0.98
H151 MQ9 PA . -2.42 -23.97 -0.75
H162 MQ9 PA . -4.38 -22.16 1.34
H161 MQ9 PA . -5.56 -21.71 0.07
H172 MQ9 PA . -6.92 -23.80 0.77
H171 MQ9 PA . -5.84 -23.92 2.18
H18 MQ9 PA . -6.75 -21.15 2.20
H203 MQ9 PA . -9.66 -24.07 3.47
H202 MQ9 PA . -8.02 -24.65 3.05
H201 MQ9 PA . -9.15 -24.22 1.75
H212 MQ9 PA . -8.48 -20.50 3.70
H211 MQ9 PA . -9.49 -21.76 4.47
H222 MQ9 PA . -11.03 -21.80 2.56
H221 MQ9 PA . -9.96 -20.75 1.61
H23 MQ9 PA . -11.90 -19.81 3.87
H253 MQ9 PA . -9.39 -17.11 1.87
H252 MQ9 PA . -9.59 -18.71 1.11
H251 MQ9 PA . -8.54 -18.52 2.55
H262 MQ9 PA . -10.76 -16.37 3.69
H261 MQ9 PA . -11.79 -17.50 4.58
H272 MQ9 PA . -13.15 -17.74 2.43
H271 MQ9 PA . -12.22 -16.36 1.78
H28 MQ9 PA . -13.47 -14.75 3.28
H303 MQ9 PA . -16.13 -14.78 4.24
H302 MQ9 PA . -14.85 -14.46 5.44
H301 MQ9 PA . -16.05 -15.71 5.75
H312 MQ9 PA . -13.90 -18.38 4.41
H311 MQ9 PA . -15.10 -17.94 5.65
H321 MQ9 PA . -15.57 -18.50 2.69
H322 MQ9 PA . -16.77 -17.63 3.67
H33 MQ9 PA . -17.35 -19.69 4.92
H353 MQ9 PA . -14.04 -20.20 3.18
H352 MQ9 PA . -15.11 -20.84 1.91
H351 MQ9 PA . -14.28 -21.96 3.04
H362 MQ9 PA . -17.44 -21.94 4.99
H361 MQ9 PA . -15.80 -22.61 5.14
H372 MQ9 PA . -17.39 -22.64 2.54
H371 MQ9 PA . -15.88 -23.49 2.87
H38 MQ9 PA . -18.23 -24.52 2.89
H403 MQ9 PA . -15.57 -25.82 5.71
H402 MQ9 PA . -15.58 -26.94 4.32
H401 MQ9 PA . -15.13 -25.24 4.09
H412 MQ9 PA . -18.33 -27.40 3.94
H411 MQ9 PA . -19.22 -26.23 4.93
H422 MQ9 PA . -16.81 -27.63 6.14
H421 MQ9 PA . -18.28 -26.99 6.95
H43 MQ9 PA . -19.55 -29.10 6.41
H453 MQ9 PA . -16.72 -29.06 3.79
H452 MQ9 PA . -15.91 -29.40 5.31
H451 MQ9 PA . -16.29 -30.73 4.19
H462 MQ9 PA . -19.76 -31.21 5.31
H461 MQ9 PA . -18.53 -31.75 4.14
H472 MQ9 PA . -17.42 -31.80 6.88
H471 MQ9 PA . -18.91 -32.77 6.78
H48 MQ9 PA . -16.51 -33.25 4.84
H503 MQ9 PA . -15.67 -35.85 5.51
H502 MQ9 PA . -16.66 -35.65 4.03
H501 MQ9 PA . -17.13 -36.85 5.25
H513 MQ9 PA . -18.55 -36.38 6.91
H512 MQ9 PA . -18.47 -34.83 7.77
H511 MQ9 PA . -19.61 -35.04 6.41
CHA HEM QA . -13.54 -19.92 21.16
CHB HEM QA . -10.54 -16.44 19.64
CHC HEM QA . -8.69 -19.59 16.48
CHD HEM QA . -12.37 -22.59 17.27
C1A HEM QA . -12.78 -18.77 21.13
C2A HEM QA . -12.67 -17.79 22.18
C3A HEM QA . -11.84 -16.82 21.76
C4A HEM QA . -11.40 -17.17 20.43
CMA HEM QA . -11.43 -15.56 22.55
CAA HEM QA . -13.37 -17.83 23.55
CBA HEM QA . -12.36 -18.13 24.66
CGA HEM QA . -11.90 -19.55 24.55
O1A HEM QA . -10.70 -19.82 24.78
O2A HEM QA . -12.74 -20.44 24.21
C1B HEM QA . -9.85 -16.97 18.58
C2B HEM QA . -9.03 -16.21 17.64
C3B HEM QA . -8.52 -17.09 16.77
C4B HEM QA . -8.99 -18.41 17.13
CMB HEM QA . -8.85 -14.69 17.72
CAB HEM QA . -7.60 -16.84 15.55
CBB HEM QA . -7.45 -15.64 15.00
C1C HEM QA . -9.48 -20.70 16.44
C2C HEM QA . -9.23 -21.92 15.71
C3C HEM QA . -10.24 -22.76 15.93
C4C HEM QA . -11.19 -22.10 16.80
CMC HEM QA . -7.98 -22.20 14.84
CAC HEM QA . -10.38 -24.17 15.33
C1D HEM QA . -13.02 -22.13 18.40
C2D HEM QA . -14.20 -22.70 19.01
C3D HEM QA . -14.51 -21.96 20.07
C4D HEM QA . -13.54 -20.90 20.18
CMD HEM QA . -14.94 -23.96 18.49
CAD HEM QA . -15.67 -22.17 21.05
CBD HEM QA . -15.10 -22.60 22.40
CGD HEM QA . -16.16 -22.50 23.45
O1D HEM QA . -15.85 -22.79 24.62
O2D HEM QA . -17.32 -22.14 23.11
NA HEM QA . -11.99 -18.36 20.08
NB HEM QA . -9.80 -18.29 18.24
NC HEM QA . -10.69 -20.84 17.10
ND HEM QA . -12.65 -21.02 19.14
FE HEM QA . -11.37 -19.56 18.54
HHB HEM QA . -10.42 -15.54 19.83
HHC HEM QA . -7.88 -19.63 16.03
HHD HEM QA . -12.77 -23.30 16.81
HMA HEM QA . -12.15 -15.30 23.15
HMAA HEM QA . -11.25 -14.84 21.93
HMAB HEM QA . -10.63 -15.75 23.07
HAA HEM QA . -14.07 -18.51 23.55
HAAA HEM QA . -13.82 -16.98 23.73
HBA HEM QA . -12.76 -17.98 25.52
HBAA HEM QA . -11.60 -17.53 24.58
HMB HEM QA . -7.98 -14.45 17.37
HMBA HEM QA . -8.92 -14.40 18.64
HMBB HEM QA . -9.55 -14.25 17.20
HAB HEM QA . -7.11 -17.60 15.17
HBB HEM QA . -6.86 -15.52 14.23
HBBA HEM QA . -7.94 -14.88 15.36
HMC HEM QA . -7.65 -21.37 14.48
HMCA HEM QA . -8.22 -22.80 14.12
HMCB HEM QA . -7.30 -22.61 15.39
HMD HEM QA . -14.84 -24.02 17.53
HMDA HEM QA . -15.89 -23.89 18.72
HMDB HEM QA . -14.57 -24.76 18.91
HAD HEM QA . -16.29 -22.84 20.72
HADA HEM QA . -16.18 -21.35 21.15
HBD HEM QA . -14.35 -22.03 22.63
HBDA HEM QA . -14.77 -23.50 22.33
HHA HEM QA . -14.08 -20.05 21.90
CHA HEM RA . 5.57 -7.84 8.24
CHB HEM RA . 2.89 -11.30 10.31
CHC HEM RA . -0.99 -8.40 10.17
CHD HEM RA . 1.74 -4.92 8.16
C1A HEM RA . 5.20 -8.98 8.89
C2A HEM RA . 6.10 -10.00 9.39
C3A HEM RA . 5.36 -10.96 9.95
C4A HEM RA . 3.97 -10.58 9.84
CMA HEM RA . 5.88 -12.25 10.62
CAA HEM RA . 7.64 -9.97 9.27
CBA HEM RA . 8.20 -8.82 10.10
CGA HEM RA . 9.70 -8.82 9.98
O1A HEM RA . 10.24 -9.70 9.28
O2A HEM RA . 10.35 -7.92 10.58
C1B HEM RA . 1.60 -10.83 10.42
C2B HEM RA . 0.47 -11.60 10.89
C3B HEM RA . -0.60 -10.82 10.85
C4B HEM RA . -0.20 -9.52 10.37
CMB HEM RA . 0.53 -13.08 11.34
CAB HEM RA . -2.02 -11.29 11.29
CBB HEM RA . -3.13 -10.68 10.87
C1C HEM RA . -0.57 -7.19 9.65
C2C HEM RA . -1.36 -6.00 9.56
C3C HEM RA . -0.62 -5.04 8.99
C4C HEM RA . 0.69 -5.60 8.73
CMC HEM RA . -2.83 -5.88 10.02
CAC HEM RA . -0.99 -3.57 8.70
CBC HEM RA . -1.82 -2.90 9.50
C1D HEM RA . 3.00 -5.41 7.96
C2D HEM RA . 4.09 -4.75 7.28
C3D HEM RA . 5.14 -5.56 7.30
C4D HEM RA . 4.76 -6.76 8.00
CMD HEM RA . 4.02 -3.34 6.64
CAD HEM RA . 6.54 -5.32 6.71
CBD HEM RA . 7.50 -5.03 7.86
CGD HEM RA . 8.90 -5.38 7.47
O1D HEM RA . 9.15 -5.63 6.26
O2D HEM RA . 9.78 -5.41 8.38
NA HEM RA . 3.91 -9.37 9.18
NB HEM RA . 1.16 -9.57 10.10
NC HEM RA . 0.69 -6.91 9.14
ND HEM RA . 3.44 -6.65 8.40
FE HEM RA . 2.26 -8.18 9.09
HHB HEM RA . 3.04 -12.18 10.55
HHC HEM RA . -1.88 -8.47 10.41
HHD HEM RA . 1.58 -4.04 7.89
HMA HEM RA . 6.71 -12.52 10.19
HMAA HEM RA . 5.23 -12.95 10.53
HMAB HEM RA . 6.05 -12.08 11.56
HAA HEM RA . 7.89 -9.88 8.35
HAAA HEM RA . 8.01 -10.81 9.58
HBA HEM RA . 7.93 -8.91 11.03
HBAA HEM RA . 7.84 -7.97 9.79
HMB HEM RA . 1.23 -13.53 10.85
HMBA HEM RA . -0.32 -13.51 11.16
HMBB HEM RA . 0.72 -13.12 12.29
HAB HEM RA . -2.10 -12.05 11.89
HBB HEM RA . -4.00 -10.99 11.16
HBBA HEM RA . -3.07 -9.91 10.27
HMC HEM RA . -3.26 -6.75 9.93
HMCA HEM RA . -3.30 -5.24 9.47
HMCB HEM RA . -2.86 -5.62 10.95
HAC HEM RA . -0.62 -3.13 7.90
HBC HEM RA . -2.04 -1.98 9.30
HBCA HEM RA . -2.19 -3.33 10.28
HMD HEM RA . 4.89 -2.93 6.67
HMDA HEM RA . 3.38 -2.80 7.12
HMDB HEM RA . 3.73 -3.42 5.72
HAD HEM RA . 6.52 -4.57 6.09
HADA HEM RA . 6.84 -6.09 6.21
HBD HEM RA . 7.24 -5.53 8.64
HBDA HEM RA . 7.45 -4.08 8.09
HHA HEM RA . 6.45 -7.79 7.93
N 9Y0 SA . -17.12 -51.50 15.92
C 9Y0 SA . -17.53 -47.82 12.73
O 9Y0 SA . -22.30 -48.09 15.74
C1 9Y0 SA . -18.43 -46.60 13.02
C10 9Y0 SA . -12.46 -43.00 12.36
C11 9Y0 SA . -11.65 -42.54 11.11
C12 9Y0 SA . -11.54 -40.97 11.06
C13 9Y0 SA . -10.50 -40.51 12.12
C14 9Y0 SA . -10.10 -39.20 12.22
C15 9Y0 SA . -10.62 -38.08 11.29
C16 9Y0 SA . -9.41 -37.44 10.54
C17 9Y0 SA . -8.36 -36.84 11.53
C18 9Y0 SA . -7.08 -37.71 11.66
C19 9Y0 SA . -5.91 -37.17 10.79
C2 9Y0 SA . -18.99 -46.70 14.44
C20 9Y0 SA . -4.86 -38.27 10.47
C21 9Y0 SA . -19.90 -45.33 11.66
C22 9Y0 SA . -19.01 -44.53 10.70
C23 9Y0 SA . -18.69 -45.30 9.38
C24 9Y0 SA . -17.99 -44.41 8.33
C25 9Y0 SA . -16.95 -43.43 8.95
C26 9Y0 SA . -16.17 -42.64 7.89
C27 9Y0 SA . -15.17 -41.67 8.56
C28 9Y0 SA . -14.15 -41.07 7.56
C29 9Y0 SA . -14.79 -40.16 6.50
C3 9Y0 SA . -19.06 -50.06 16.21
C30 9Y0 SA . -13.77 -39.74 5.42
C31 9Y0 SA . -12.79 -38.69 5.95
C32 9Y0 SA . -11.32 -39.10 5.74
C33 9Y0 SA . -10.79 -39.98 6.88
C34 9Y0 SA . -9.27 -39.88 7.01
C35 9Y0 SA . -8.69 -40.98 7.91
C36 9Y0 SA . -7.33 -40.61 8.47
C37 9Y0 SA . -4.00 -38.65 11.70
C38 9Y0 SA . -2.80 -37.72 11.90
C4 9Y0 SA . -18.34 -51.04 15.30
C5 9Y0 SA . -15.95 -48.28 11.02
C6 9Y0 SA . -14.82 -47.25 10.71
C7 9Y0 SA . -14.62 -46.23 11.87
C8 9Y0 SA . -13.90 -44.93 11.41
C9 9Y0 SA . -12.74 -44.54 12.36
O1 9Y0 SA . -20.30 -49.72 15.63
O2 9Y0 SA . -20.25 -47.50 16.96
O3 9Y0 SA . -20.25 -47.33 14.37
O4 9Y0 SA . -15.71 -49.44 10.97
O5 9Y0 SA . -17.25 -47.84 11.34
O6 9Y0 SA . -20.94 -44.88 12.01
O7 9Y0 SA . -19.49 -46.60 12.11
P 9Y0 SA . -20.80 -48.14 15.71
H1 9Y0 SA . -17.33 -52.29 16.52
H2 9Y0 SA . -16.47 -51.79 15.20
H4 9Y0 SA . -16.60 -47.73 13.29
H5 9Y0 SA . -18.05 -48.74 13.02
H6 9Y0 SA . -17.86 -45.69 12.90
H7 9Y0 SA . -11.90 -42.75 13.27
H8 9Y0 SA . -13.42 -42.47 12.38
H9 9Y0 SA . -12.16 -42.90 10.21
H10 9Y0 SA . -10.65 -42.97 11.17
H11 9Y0 SA . -11.21 -40.67 10.08
H12 9Y0 SA . -12.51 -40.52 11.27
H13 9Y0 SA . -10.10 -41.24 12.82
H14 9Y0 SA . -9.37 -38.95 12.99
H15 9Y0 SA . -11.13 -37.32 11.89
H16 9Y0 SA . -11.32 -38.50 10.57
H17 9Y0 SA . -8.92 -38.21 9.95
H18 9Y0 SA . -9.77 -36.65 9.88
H19 9Y0 SA . -8.82 -36.74 12.52
H20 9Y0 SA . -8.07 -35.84 11.18
H21 9Y0 SA . -6.76 -37.72 12.70
H22 9Y0 SA . -7.31 -38.71 11.35
H23 9Y0 SA . -5.42 -36.36 11.33
H24 9Y0 SA . -6.32 -36.80 9.85
H25 9Y0 SA . -19.10 -45.69 14.87
H26 9Y0 SA . -18.31 -47.28 15.06
H27 9Y0 SA . -5.37 -39.15 10.12
H28 9Y0 SA . -4.20 -37.89 9.69
H29 9Y0 SA . -18.07 -44.31 11.21
H30 9Y0 SA . -19.51 -43.61 10.45
H31 9Y0 SA . -19.62 -45.67 8.97
H32 9Y0 SA . -18.03 -46.14 9.61
H33 9Y0 SA . -18.75 -43.83 7.81
H34 9Y0 SA . -17.47 -45.06 7.62
H35 9Y0 SA . -16.24 -44.00 9.55
H36 9Y0 SA . -17.49 -42.72 9.59
H38 9Y0 SA . -15.64 -43.32 7.25
H39 9Y0 SA . -14.62 -42.22 9.33
H40 9Y0 SA . -15.73 -40.86 9.02
H41 9Y0 SA . -13.42 -40.48 8.13
H42 9Y0 SA . -13.63 -41.88 7.06
H43 9Y0 SA . -15.18 -39.27 6.99
H44 9Y0 SA . -15.60 -40.70 6.02
H45 9Y0 SA . -18.46 -49.16 16.34
H46 9Y0 SA . -19.23 -50.52 17.19
H47 9Y0 SA . -13.21 -40.62 5.11
H48 9Y0 SA . -14.31 -39.33 4.57
H49 9Y0 SA . -12.96 -38.53 7.01
H50 9Y0 SA . -12.97 -37.74 5.41
H51 9Y0 SA . -11.24 -39.64 4.80
H52 9Y0 SA . -10.71 -38.18 5.70
H53 9Y0 SA . -11.24 -39.68 7.82
H54 9Y0 SA . -11.05 -41.02 6.67
H55 9Y0 SA . -8.82 -39.97 6.03
H56 9Y0 SA . -9.02 -38.92 7.44
H57 9Y0 SA . -8.60 -41.90 7.32
H58 9Y0 SA . -9.38 -41.15 8.74
H59 9Y0 SA . -7.32 -40.74 9.56
H60 9Y0 SA . -7.10 -39.57 8.23
H61 9Y0 SA . -6.57 -41.25 8.02
H62 9Y0 SA . -4.63 -38.59 12.60
H63 9Y0 SA . -3.64 -39.67 11.59
H64 9Y0 SA . -3.14 -36.73 12.21
H65 9Y0 SA . -2.26 -37.64 10.95
H66 9Y0 SA . -2.13 -38.13 12.66
H67 9Y0 SA . -18.09 -50.55 14.36
H68 9Y0 SA . -18.99 -51.89 15.10
H69 9Y0 SA . -13.88 -47.79 10.55
H70 9Y0 SA . -15.09 -46.70 9.81
H71 9Y0 SA . -14.02 -46.71 12.66
H72 9Y0 SA . -15.58 -45.97 12.28
H73 9Y0 SA . -13.49 -45.09 10.40
H74 9Y0 SA . -14.62 -44.11 11.39
H75 9Y0 SA . -12.98 -44.86 13.37
H76 9Y0 SA . -11.83 -45.05 12.03
C1 CDL TA . -29.44 -10.70 21.30
O1 CDL TA . -28.55 -10.10 20.37
CA2 CDL TA . -30.32 -11.70 20.59
OA2 CDL TA . -29.46 -12.79 20.20
PA1 CDL TA . -29.69 -14.24 20.83
OA3 CDL TA . -28.92 -14.34 22.12
OA4 CDL TA . -31.16 -14.54 20.78
OA5 CDL TA . -28.99 -15.15 19.72
CA3 CDL TA . -29.12 -14.75 18.34
CA4 CDL TA . -27.75 -14.66 17.71
OA6 CDL TA . -27.76 -13.55 16.77
CA5 CDL TA . -27.24 -12.38 17.18
OA7 CDL TA . -27.50 -11.89 18.24
C11 CDL TA . -26.31 -11.75 16.19
C12 CDL TA . -25.85 -10.40 16.62
C13 CDL TA . -24.71 -9.89 15.77
C14 CDL TA . -23.77 -8.92 16.46
C15 CDL TA . -22.32 -9.28 16.34
C16 CDL TA . -21.37 -8.20 16.79
C17 CDL TA . -19.98 -8.30 16.21
CA6 CDL TA . -27.38 -15.92 16.97
OA8 CDL TA . -25.97 -16.17 17.18
CA7 CDL TA . -25.18 -15.83 16.17
OA9 CDL TA . -25.22 -16.36 15.10
C31 CDL TA . -24.26 -14.72 16.55
C32 CDL TA . -23.02 -14.66 15.75
C33 CDL TA . -23.10 -13.67 14.60
C34 CDL TA . -22.40 -14.13 13.36
C35 CDL TA . -21.50 -13.09 12.73
C36 CDL TA . -21.87 -11.66 13.04
C37 CDL TA . -20.72 -10.83 13.55
C38 CDL TA . -19.74 -10.39 12.48
C39 CDL TA . -18.73 -9.39 12.98
C40 CDL TA . -17.78 -8.87 11.92
C41 CDL TA . -16.88 -7.76 12.42
C42 CDL TA . -15.91 -7.21 11.39
CB2 CDL TA . -30.20 -9.61 22.01
OB2 CDL TA . -29.50 -8.36 21.79
PB2 CDL TA . -28.13 -8.10 22.57
OB3 CDL TA . -28.15 -6.70 23.14
OB4 CDL TA . -27.89 -9.28 23.46
OB5 CDL TA . -27.04 -8.09 21.38
CB3 CDL TA . -26.32 -6.87 21.07
CB4 CDL TA . -25.34 -6.59 22.20
OB6 CDL TA . -25.90 -5.54 23.05
CB5 CDL TA . -25.54 -4.26 22.81
OB7 CDL TA . -25.80 -3.70 21.79
C51 CDL TA . -24.81 -3.62 23.96
C52 CDL TA . -23.98 -2.46 23.54
C53 CDL TA . -24.76 -1.16 23.50
C54 CDL TA . -24.13 -0.08 22.65
C55 CDL TA . -24.60 1.31 22.95
C56 CDL TA . -23.79 2.02 24.01
C57 CDL TA . -24.12 3.48 24.15
C58 CDL TA . -24.37 4.19 22.84
C59 CDL TA . -23.36 5.25 22.53
C60 CDL TA . -23.23 5.57 21.06
C61 CDL TA . -22.48 6.86 20.79
C62 CDL TA . -22.25 7.68 22.02
C63 CDL TA . -22.20 9.18 21.78
C64 CDL TA . -23.05 9.99 22.72
CB6 CDL TA . -23.97 -6.20 21.72
OB8 CDL TA . -23.03 -7.22 22.12
CB7 CDL TA . -22.36 -7.78 21.12
OB9 CDL TA . -22.70 -7.71 19.98
C71 CDL TA . -21.15 -8.52 21.61
C72 CDL TA . -20.65 -9.54 20.63
C73 CDL TA . -19.14 -9.70 20.69
C74 CDL TA . -18.48 -9.71 19.33
C75 CDL TA . -17.23 -8.87 19.26
C76 CDL TA . -16.44 -9.05 17.99
C77 CDL TA . -15.49 -7.92 17.69
C78 CDL TA . -14.04 -8.26 17.91
C79 CDL TA . -13.09 -7.68 16.90
C80 CDL TA . -13.15 -8.32 15.54
C81 CDL TA . -13.94 -7.53 14.52
C1 CDL UA . -9.26 -30.90 32.96
O1 CDL UA . -8.51 -31.62 33.92
CA2 CDL UA . -9.04 -31.50 31.59
OA2 CDL UA . -7.64 -31.79 31.31
PA1 CDL UA . -7.05 -33.26 31.60
OA3 CDL UA . -6.03 -33.10 32.68
OA4 CDL UA . -8.22 -34.16 31.78
OA5 CDL UA . -6.27 -33.71 30.27
CA3 CDL UA . -5.04 -34.47 30.41
CA4 CDL UA . -4.62 -35.13 29.12
OA6 CDL UA . -4.99 -34.30 27.99
CA5 CDL UA . -4.03 -33.67 27.32
OA7 CDL UA . -3.34 -32.86 27.85
C11 CDL UA . -3.88 -34.05 25.87
C12 CDL UA . -2.51 -33.82 25.35
C13 CDL UA . -2.22 -34.62 24.09
C14 CDL UA . -1.07 -34.10 23.27
C15 CDL UA . 0.04 -35.10 23.05
C16 CDL UA . 1.15 -34.62 22.14
C17 CDL UA . 2.15 -35.68 21.73
CA6 CDL UA . -5.17 -36.51 28.93
OA8 CDL UA . -4.80 -37.00 27.63
CA7 CDL UA . -3.81 -37.88 27.59
OA9 CDL UA . -3.66 -38.74 28.40
C31 CDL UA . -2.90 -37.66 26.42
C32 CDL UA . -1.58 -38.35 26.57
C33 CDL UA . -0.68 -38.14 25.37
C34 CDL UA . 0.65 -38.85 25.45
C35 CDL UA . 1.40 -38.93 24.14
C36 CDL UA . 2.89 -39.04 24.29
C37 CDL UA . 3.48 -40.29 23.72
C38 CDL UA . 4.94 -40.18 23.36
C39 CDL UA . 5.55 -41.45 22.83
C40 CDL UA . 6.12 -41.34 21.44
C41 CDL UA . 7.52 -40.79 21.37
C42 CDL UA . 8.41 -41.55 20.41
CB2 CDL UA . -8.90 -29.43 33.06
OB2 CDL UA . -7.48 -29.28 33.24
PB2 CDL UA . -6.88 -28.94 34.69
OB3 CDL UA . -7.64 -27.81 35.29
OB4 CDL UA . -6.73 -30.21 35.48
OB5 CDL UA . -5.39 -28.43 34.34
CB3 CDL UA . -4.26 -29.28 34.66
CB4 CDL UA . -3.42 -29.51 33.41
OB6 CDL UA . -2.95 -28.26 32.83
CB5 CDL UA . -2.02 -27.53 33.45
OB7 CDL UA . -2.03 -27.29 34.62
C51 CDL UA . -0.99 -26.99 32.50
C52 CDL UA . -1.29 -27.30 31.07
C53 CDL UA . -0.61 -26.35 30.10
C54 CDL UA . -0.80 -26.70 28.65
C55 CDL UA . -1.48 -25.64 27.83
C56 CDL UA . -2.00 -26.12 26.48
C57 CDL UA . -3.34 -26.79 26.54
C58 CDL UA . -3.95 -27.06 25.18
C59 CDL UA . -4.45 -28.47 24.99
C60 CDL UA . -4.74 -29.21 26.28
C61 CDL UA . -5.96 -30.06 26.25
C62 CDL UA . -7.19 -29.42 26.85
C63 CDL UA . -7.26 -29.48 28.35
C64 CDL UA . -7.59 -28.18 29.02
CB6 CDL UA . -4.18 -30.24 32.33
OB8 CDL UA . -3.66 -29.84 31.05
CB7 CDL UA . -2.72 -30.63 30.54
OB9 CDL UA . -2.30 -31.60 31.10
C71 CDL UA . -2.25 -30.18 29.19
C72 CDL UA . -0.90 -30.71 28.83
C73 CDL UA . -0.66 -30.76 27.34
C74 CDL UA . 0.73 -31.20 26.97
C75 CDL UA . 0.93 -31.57 25.52
C76 CDL UA . 2.32 -31.28 24.99
C77 CDL UA . 2.50 -31.48 23.50
C78 CDL UA . 3.93 -31.36 23.04
C79 CDL UA . 4.89 -30.93 24.11
C80 CDL UA . 6.32 -31.41 23.93
C81 CDL UA . 6.55 -32.32 22.76
C5 MQ9 VA . -12.68 -10.19 24.62
C5M MQ9 VA . -11.46 -9.43 25.22
C4 MQ9 VA . -12.85 -11.67 24.92
O4 MQ9 VA . -12.05 -12.23 25.59
C3 MQ9 VA . -14.07 -12.47 24.32
C2 MQ9 VA . -15.03 -11.80 23.51
C1 MQ9 VA . -14.87 -10.26 23.19
O1 MQ9 VA . -15.68 -9.70 22.50
C6 MQ9 VA . -13.69 -9.49 23.76
C3A MQ9 VA . -14.21 -13.83 24.60
C3B MQ9 VA . -15.31 -14.55 24.08
C3C MQ9 VA . -16.26 -13.88 23.26
C3D MQ9 VA . -16.12 -12.51 22.98
C7 MQ9 VA . -13.56 -7.96 23.43
C8 MQ9 VA . -12.79 -7.78 22.10
C9 MQ9 VA . -12.07 -6.69 21.84
C10 MQ9 VA . -11.34 -6.59 20.48
C11 MQ9 VA . -11.94 -5.48 22.87
C12 MQ9 VA . -10.87 -5.85 23.92
C13 MQ9 VA . -11.31 -5.33 25.34
C14 MQ9 VA . -10.54 -5.58 26.42
C15 MQ9 VA . -9.24 -6.37 26.24
C16 MQ9 VA . -10.97 -5.07 27.83
C17 MQ9 VA . -10.00 -3.92 28.29
C18 MQ9 VA . -10.32 -3.53 29.74
C19 MQ9 VA . -9.53 -2.62 30.40
C20 MQ9 VA . -8.29 -1.98 29.67
C21 MQ9 VA . -9.85 -2.21 31.88
C22 MQ9 VA . -9.34 -3.33 32.85
C23 MQ9 VA . -7.74 -3.41 32.77
C24 MQ9 VA . -6.96 -2.60 33.47
C25 MQ9 VA . -7.50 -1.55 34.38
C26 MQ9 VA . -5.36 -2.75 33.33
C27 MQ9 VA . -4.88 -1.96 32.09
C28 MQ9 VA . -4.97 -2.89 30.80
C29 MQ9 VA . -4.36 -2.53 29.63
C30 MQ9 VA . -3.56 -1.21 29.51
C31 MQ9 VA . -4.49 -3.52 28.39
C32 MQ9 VA . -4.75 -2.71 27.07
C33 MQ9 VA . -3.51 -2.78 26.16
C34 MQ9 VA . -3.52 -2.21 24.94
C35 MQ9 VA . -4.75 -1.48 24.44
C36 MQ9 VA . -2.28 -2.29 24.09
C37 MQ9 VA . -1.12 -1.57 24.84
C38 MQ9 VA . 0.05 -1.31 23.87
C39 MQ9 VA . 0.22 -0.36 22.90
C40 MQ9 VA . -0.80 0.73 22.57
C41 MQ9 VA . 1.49 -0.25 22.01
C42 MQ9 VA . 1.64 -1.53 21.14
C43 MQ9 VA . 1.90 -1.08 19.66
C44 MQ9 VA . 3.15 -0.76 19.18
C45 MQ9 VA . 3.25 -0.34 17.73
C46 MQ9 VA . 4.46 -0.82 20.02
C47 MQ9 VA . 4.70 0.54 20.78
C48 MQ9 VA . 6.21 0.90 20.75
C49 MQ9 VA . 6.77 1.54 19.70
C50 MQ9 VA . 8.26 1.86 19.72
C51 MQ9 VA . 5.94 1.96 18.47
H5M3 MQ9 VA . -10.78 -9.14 24.41
H5M2 MQ9 VA . -11.81 -8.54 25.75
H5M1 MQ9 VA . -10.94 -10.09 25.93
H3A MQ9 VA . -13.50 -14.34 25.25
H3B MQ9 VA . -15.42 -15.62 24.29
H3C MQ9 VA . -17.11 -14.43 22.84
H3D MQ9 VA . -16.87 -11.99 22.37
H72 MQ9 VA . -13.01 -7.46 24.23
H71 MQ9 VA . -14.54 -7.52 23.35
H8 MQ9 VA . -12.85 -8.57 21.36
H103 MQ9 VA . -10.84 -5.63 20.41
H102 MQ9 VA . -10.60 -7.39 20.41
H101 MQ9 VA . -12.06 -6.69 19.66
H112 MQ9 VA . -12.90 -5.32 23.36
H111 MQ9 VA . -11.64 -4.58 22.34
H121 MQ9 VA . -9.92 -5.38 23.65
H122 MQ9 VA . -10.74 -6.93 23.95
H13 MQ9 VA . -12.19 -4.69 25.44
H153 MQ9 VA . -8.48 -5.73 25.75
H152 MQ9 VA . -8.86 -6.68 27.22
H151 MQ9 VA . -9.42 -7.24 25.63
H162 MQ9 VA . -11.99 -4.68 27.79
H161 MQ9 VA . -10.92 -5.89 28.54
H172 MQ9 VA . -8.97 -4.28 28.23
H171 MQ9 VA . -10.14 -3.06 27.64
H18 MQ9 VA . -11.21 -3.92 30.23
H203 MQ9 VA . -7.56 -2.76 29.42
H202 MQ9 VA . -7.82 -1.26 30.33
H201 MQ9 VA . -8.62 -1.49 28.75
H212 MQ9 VA . -9.36 -1.27 32.12
H211 MQ9 VA . -10.93 -2.10 32.00
H222 MQ9 VA . -9.76 -4.29 32.56
H221 MQ9 VA . -9.64 -3.09 33.87
H23 MQ9 VA . -7.29 -4.18 32.15
H253 MQ9 VA . -6.69 -1.13 34.97
H252 MQ9 VA . -8.25 -1.99 35.04
H251 MQ9 VA . -7.95 -0.75 33.79
H262 MQ9 VA . -4.88 -2.37 34.21
H261 MQ9 VA . -5.11 -3.81 33.21
H272 MQ9 VA . -5.50 -1.09 31.95
H271 MQ9 VA . -3.84 -1.65 32.25
H28 MQ9 VA . -5.48 -3.85 30.87
H303 MQ9 VA . -2.91 -1.11 30.39
H302 MQ9 VA . -2.96 -1.23 28.61
H301 MQ9 VA . -4.26 -0.39 29.47
H312 MQ9 VA . -3.55 -4.09 28.28
H311 MQ9 VA . -5.32 -4.20 28.56
H321 MQ9 VA . -4.96 -1.68 27.31
H322 MQ9 VA . -5.59 -3.15 26.55
H33 MQ9 VA . -2.62 -3.33 26.50
H353 MQ9 VA . -4.97 -0.64 25.08
H352 MQ9 VA . -4.58 -1.13 23.41
H351 MQ9 VA . -5.61 -2.17 24.43
H362 MQ9 VA . -2.46 -1.80 23.14
H361 MQ9 VA . -2.02 -3.34 23.93
H372 MQ9 VA . -0.79 -2.19 25.66
H371 MQ9 VA . -1.48 -0.61 25.24
H38 MQ9 VA . 0.85 -1.31 24.61
H403 MQ9 VA . -1.37 1.00 23.46
H402 MQ9 VA . -1.48 0.36 21.80
H401 MQ9 VA . -0.28 1.61 22.18
H412 MQ9 VA . 2.38 -0.13 22.65
H411 MQ9 VA . 1.40 0.63 21.36
H422 MQ9 VA . 2.49 -2.12 21.51
H421 MQ9 VA . 0.74 -2.11 21.20
H43 MQ9 VA . 1.05 -1.01 18.98
H453 MQ9 VA . 4.24 -0.58 17.35
H452 MQ9 VA . 2.51 -0.87 17.13
H451 MQ9 VA . 3.08 0.73 17.64
H462 MQ9 VA . 5.31 -1.02 19.36
H461 MQ9 VA . 4.38 -1.64 20.75
H472 MQ9 VA . 4.14 1.34 20.28
H471 MQ9 VA . 4.37 0.45 21.80
H48 MQ9 VA . 6.83 0.64 21.61
H503 MQ9 VA . 8.40 2.92 19.97
H502 MQ9 VA . 8.75 1.25 20.48
H501 MQ9 VA . 8.69 1.65 18.75
H513 MQ9 VA . 4.98 2.34 18.80
H512 MQ9 VA . 5.79 1.10 17.82
H511 MQ9 VA . 6.48 2.76 17.91
CU CU WA . -38.31 52.26 -41.13
FE HEA XA . -38.19 55.70 -38.91
CHA HEA XA . -34.91 55.03 -39.56
CHB HEA XA . -38.52 57.01 -42.03
CHC HEA XA . -41.46 56.36 -38.29
CHD HEA XA . -37.84 54.38 -35.82
NA HEA XA . -36.99 55.96 -40.45
C1A HEA XA . -35.67 55.62 -40.54
C2A HEA XA . -35.02 55.96 -41.84
C3A HEA XA . -36.13 56.54 -42.55
C4A HEA XA . -37.30 56.52 -41.65
CMA HEA XA . -36.13 57.08 -43.94
OMA HEA XA . -35.09 57.03 -44.57
CAA HEA XA . -33.60 55.74 -42.31
CBA HEA XA . -32.71 56.90 -41.94
CGA HEA XA . -31.32 56.60 -42.44
O1A HEA XA . -30.76 57.45 -43.17
O2A HEA XA . -30.80 55.52 -42.13
NB HEA XA . -39.68 56.51 -39.95
C1B HEA XA . -39.62 57.00 -41.22
C2B HEA XA . -40.94 57.54 -41.67
C3B HEA XA . -41.83 57.36 -40.56
C4B HEA XA . -40.98 56.70 -39.52
CMB HEA XA . -41.21 58.15 -43.03
NC HEA XA . -39.40 55.42 -37.38
C1C HEA XA . -40.73 55.76 -37.30
C2C HEA XA . -41.33 55.41 -35.99
C3C HEA XA . -40.23 54.81 -35.24
C4C HEA XA . -39.07 54.86 -36.17
CMC HEA XA . -42.80 55.71 -35.74
CAC HEA XA . -40.15 54.26 -33.85
CBC HEA XA . -41.14 54.30 -32.99
ND HEA XA . -36.69 54.88 -37.91
C1D HEA XA . -36.74 54.40 -36.64
C2D HEA XA . -35.43 53.86 -36.21
C3D HEA XA . -34.51 54.04 -37.31
C4D HEA XA . -35.39 54.68 -38.33
CMD HEA XA . -35.25 53.27 -34.83
CAD HEA XA . -33.06 53.61 -37.27
CBD HEA XA . -32.01 54.54 -37.85
CGD HEA XA . -31.18 53.73 -38.82
O1D HEA XA . -31.08 54.11 -40.00
O2D HEA XA . -30.64 52.68 -38.39
C11 HEA XA . -43.29 57.73 -40.53
O11 HEA XA . -43.93 56.49 -40.83
C12 HEA XA . -44.03 58.31 -39.31
C13 HEA XA . -43.34 59.52 -38.72
C14 HEA XA . -43.49 60.67 -39.69
C15 HEA XA . -44.54 61.52 -39.70
C16 HEA XA . -45.71 61.44 -38.72
C17 HEA XA . -46.50 62.74 -38.61
C18 HEA XA . -47.53 62.85 -39.71
C19 HEA XA . -48.41 63.86 -39.74
C20 HEA XA . -49.42 63.94 -40.86
C21 HEA XA . -49.19 65.21 -41.67
C22 HEA XA . -47.71 65.32 -42.03
C23 HEA XA . -47.21 64.95 -43.22
C24 HEA XA . -48.07 64.38 -44.32
C25 HEA XA . -45.73 65.11 -43.44
C26 HEA XA . -44.49 62.61 -40.74
C27 HEA XA . -48.41 64.91 -38.67
HHA HEA XA . -33.98 54.85 -39.75
HHB HEA XA . -38.61 57.38 -42.93
HHC HEA XA . -42.39 56.55 -38.11
HHD HEA XA . -37.73 54.00 -34.93
HMA HEA XA . -36.93 57.47 -44.33
HAA1 HEA XA . -33.60 55.61 -43.27
HAA2 HEA XA . -33.25 54.93 -41.91
HBA1 HEA XA . -32.70 57.04 -40.98
HBA2 HEA XA . -33.03 57.73 -42.34
HMB1 HEA XA . -42.14 58.42 -43.08
HMB2 HEA XA . -41.03 57.49 -43.72
HMB3 HEA XA . -40.63 58.91 -43.16
HMC1 HEA XA . -43.05 55.43 -34.84
HMC2 HEA XA . -43.34 55.25 -36.38
HMC3 HEA XA . -42.95 56.67 -35.81
HAC HEA XA . -39.31 53.85 -33.57
HBC1 HEA XA . -41.99 54.70 -33.24
HBC2 HEA XA . -41.03 53.93 -32.09
HMD1 HEA XA . -34.33 52.97 -34.72
HMD2 HEA XA . -35.85 52.52 -34.72
HMD3 HEA XA . -35.45 53.94 -34.15
HAD1 HEA XA . -32.99 52.76 -37.73
HAD2 HEA XA . -32.83 53.44 -36.34
HBD1 HEA XA . -31.45 54.90 -37.14
HBD2 HEA XA . -32.43 55.29 -38.29
H11 HEA XA . -43.34 58.50 -41.12
HO1 HEA XA . -43.98 56.02 -40.14
H121 HEA XA . -44.10 57.61 -38.63
H122 HEA XA . -44.93 58.54 -39.58
H131 HEA XA . -42.40 59.33 -38.56
H132 HEA XA . -43.74 59.74 -37.86
H14 HEA XA . -42.80 60.80 -40.35
H161 HEA XA . -45.36 61.20 -37.84
H162 HEA XA . -46.30 60.73 -38.99
H171 HEA XA . -45.90 63.50 -38.65
H172 HEA XA . -46.95 62.78 -37.75
H18 HEA XA . -47.55 62.19 -40.42
H201 HEA XA . -50.32 63.94 -40.50
H202 HEA XA . -49.35 63.16 -41.44
H211 HEA XA . -49.47 65.99 -41.17
H212 HEA XA . -49.72 65.18 -42.49
H22 HEA XA . -47.11 65.68 -41.36
H241 HEA XA . -47.51 64.18 -45.08
H242 HEA XA . -48.75 65.03 -44.56
H243 HEA XA . -48.50 63.57 -44.00
H251 HEA XA . -45.50 64.81 -44.34
H252 HEA XA . -45.24 64.59 -42.79
H253 HEA XA . -45.49 66.06 -43.35
H261 HEA XA . -45.26 63.17 -40.67
H262 HEA XA . -44.45 62.20 -41.63
H263 HEA XA . -43.68 63.15 -40.62
H271 HEA XA . -49.11 65.55 -38.84
H272 HEA XA . -47.55 65.36 -38.66
H273 HEA XA . -48.56 64.49 -37.80
FE HEA YA . -30.17 56.62 -28.04
CHA HEA YA . -28.08 56.07 -30.66
CHB HEA YA . -28.14 59.14 -26.99
CHC HEA YA . -32.25 57.14 -25.44
CHD HEA YA . -32.15 54.09 -29.15
NA HEA YA . -28.48 57.43 -28.68
C1A HEA YA . -27.77 57.06 -29.78
C2A HEA YA . -26.55 57.85 -30.01
C3A HEA YA . -26.58 58.76 -28.90
C4A HEA YA . -27.79 58.47 -28.12
CMA HEA YA . -25.55 59.82 -28.66
OMA HEA YA . -25.68 60.60 -27.75
CAA HEA YA . -25.51 57.78 -31.09
CBA HEA YA . -24.38 56.89 -30.64
CGA HEA YA . -23.32 56.98 -31.70
O1A HEA YA . -22.17 57.33 -31.37
O2A HEA YA . -23.66 56.72 -32.87
NB HEA YA . -30.19 57.88 -26.53
C1B HEA YA . -29.27 58.85 -26.25
C2B HEA YA . -29.62 59.62 -25.02
C3B HEA YA . -30.85 59.03 -24.56
C4B HEA YA . -31.14 57.95 -25.54
CMB HEA YA . -28.76 60.74 -24.50
NC HEA YA . -31.86 55.80 -27.42
C1C HEA YA . -32.59 56.14 -26.31
C2C HEA YA . -33.82 55.31 -26.14
C3C HEA YA . -33.77 54.40 -27.27
C4C HEA YA . -32.53 54.76 -28.01
CMC HEA YA . -34.78 55.51 -24.99
CAC HEA YA . -34.68 53.28 -27.69
CBC HEA YA . -35.73 52.90 -26.98
ND HEA YA . -30.13 55.36 -29.56
C1D HEA YA . -31.03 54.40 -29.86
C2D HEA YA . -30.66 53.65 -31.08
C3D HEA YA . -29.44 54.23 -31.56
C4D HEA YA . -29.19 55.29 -30.54
CMD HEA YA . -31.53 52.53 -31.59
CAD HEA YA . -28.63 53.85 -32.77
CBD HEA YA . -27.58 52.84 -32.32
CGD HEA YA . -26.74 52.40 -33.50
O1D HEA YA . -26.83 53.04 -34.57
O2D HEA YA . -25.99 51.42 -33.34
C11 HEA YA . -31.67 59.36 -23.35
O11 HEA YA . -33.03 59.72 -23.68
C12 HEA YA . -31.58 58.20 -22.36
C13 HEA YA . -31.99 58.60 -20.95
C14 HEA YA . -30.91 58.17 -19.97
C15 HEA YA . -31.16 57.49 -18.83
C16 HEA YA . -30.03 57.10 -17.91
C17 HEA YA . -30.14 57.86 -16.60
C18 HEA YA . -30.16 56.90 -15.42
C19 HEA YA . -29.10 56.67 -14.64
C20 HEA YA . -29.22 55.70 -13.48
C21 HEA YA . -28.44 54.42 -13.75
C22 HEA YA . -28.91 53.35 -12.79
C23 HEA YA . -28.61 52.05 -12.98
C24 HEA YA . -27.81 51.61 -14.17
C25 HEA YA . -29.10 51.03 -11.99
C26 HEA YA . -32.54 57.10 -18.43
C27 HEA YA . -27.76 57.33 -14.85
HHA HEA YA . -27.49 55.92 -31.41
HHB HEA YA . -27.57 59.86 -26.68
HHC HEA YA . -32.85 57.30 -24.69
HHD HEA YA . -32.72 53.37 -29.47
HMA HEA YA . -24.78 59.86 -29.23
HAA1 HEA YA . -25.17 58.67 -31.29
HAA2 HEA YA . -25.90 57.44 -31.91
HBA1 HEA YA . -24.68 55.97 -30.54
HBA2 HEA YA . -24.03 57.16 -29.78
HMB1 HEA YA . -29.17 61.10 -23.68
HMB2 HEA YA . -28.71 61.44 -25.17
HMB3 HEA YA . -27.87 60.41 -24.30
HMC1 HEA YA . -35.51 54.87 -25.07
HMC2 HEA YA . -35.14 56.41 -25.03
HMC3 HEA YA . -34.32 55.38 -24.16
HAC HEA YA . -34.49 52.82 -28.52
HBC1 HEA YA . -35.93 53.36 -26.14
HBC2 HEA YA . -36.29 52.18 -27.29
HMD1 HEA YA . -31.14 52.15 -32.40
HMD2 HEA YA . -32.41 52.87 -31.78
HMD3 HEA YA . -31.59 51.83 -30.91
HAD1 HEA YA . -28.21 54.63 -33.16
HAD2 HEA YA . -29.21 53.46 -33.45
HBD1 HEA YA . -28.01 52.08 -31.91
HBD2 HEA YA . -27.01 53.25 -31.64
H11 HEA YA . -31.31 60.16 -22.95
HO1 HEA YA . -33.03 60.30 -24.28
H121 HEA YA . -30.67 57.86 -22.35
H122 HEA YA . -32.14 57.48 -22.66
H131 HEA YA . -32.83 58.19 -20.71
H132 HEA YA . -32.11 59.56 -20.89
H14 HEA YA . -29.98 58.39 -20.17
H161 HEA YA . -29.18 57.29 -18.32
H162 HEA YA . -30.06 56.15 -17.74
H171 HEA YA . -30.95 58.40 -16.59
H172 HEA YA . -29.39 58.47 -16.50
H18 HEA YA . -30.99 56.44 -15.23
H201 HEA YA . -30.16 55.48 -13.34
H202 HEA YA . -28.90 56.11 -12.67
H211 HEA YA . -27.49 54.58 -13.64
H212 HEA YA . -28.58 54.13 -14.66
H22 HEA YA . -29.42 53.60 -12.01
H241 HEA YA . -27.70 50.64 -14.15
H242 HEA YA . -26.94 52.02 -14.15
H243 HEA YA . -28.27 51.86 -14.98
H251 HEA YA . -28.82 50.15 -12.27
H252 HEA YA . -30.08 51.07 -11.95
H253 HEA YA . -28.73 51.23 -11.11
H261 HEA YA . -32.52 56.62 -17.58
H262 HEA YA . -32.93 56.52 -19.11
H263 HEA YA . -33.10 57.89 -18.34
H271 HEA YA . -27.13 57.03 -14.18
H272 HEA YA . -27.87 58.30 -14.78
H273 HEA YA . -27.43 57.11 -15.74
C1 CDL ZA . -42.74 41.68 0.26
O1 CDL ZA . -42.36 42.11 1.57
CA2 CDL ZA . -44.20 42.03 0.01
OA2 CDL ZA . -44.56 41.79 -1.37
PA1 CDL ZA . -44.73 43.02 -2.39
OA3 CDL ZA . -45.21 44.30 -1.80
OA4 CDL ZA . -45.46 42.42 -3.56
OA5 CDL ZA . -43.23 43.41 -2.81
CA3 CDL ZA . -42.80 44.79 -2.60
CA4 CDL ZA . -42.18 45.38 -3.85
OA6 CDL ZA . -42.76 46.69 -4.07
CA5 CDL ZA . -41.95 47.76 -4.09
OA7 CDL ZA . -41.71 48.40 -3.10
C11 CDL ZA . -41.43 48.08 -5.46
C12 CDL ZA . -40.81 49.44 -5.57
C13 CDL ZA . -40.49 49.81 -7.01
C14 CDL ZA . -39.15 50.49 -7.19
C15 CDL ZA . -39.14 51.55 -8.27
C16 CDL ZA . -39.18 51.02 -9.68
C17 CDL ZA . -39.13 52.07 -10.76
CA6 CDL ZA . -42.34 44.54 -5.09
OA8 CDL ZA . -43.70 44.63 -5.57
CA7 CDL ZA . -44.04 43.82 -6.58
OA9 CDL ZA . -45.05 43.19 -6.61
C31 CDL ZA . -42.98 43.79 -7.64
C32 CDL ZA . -43.10 42.60 -8.52
C33 CDL ZA . -42.17 42.67 -9.72
C34 CDL ZA . -40.88 43.38 -9.43
C35 CDL ZA . -39.65 42.52 -9.67
C36 CDL ZA . -39.62 41.85 -11.02
C37 CDL ZA . -38.36 41.06 -11.26
C38 CDL ZA . -38.57 39.57 -11.35
C39 CDL ZA . -37.44 38.83 -12.01
C40 CDL ZA . -36.49 38.16 -11.05
C41 CDL ZA . -36.98 38.13 -9.61
C42 CDL ZA . -37.11 36.74 -9.03
CB2 CDL ZA . -42.44 40.21 0.17
OB2 CDL ZA . -41.03 40.06 0.39
PB2 CDL ZA . -40.17 39.28 -0.71
OB3 CDL ZA . -40.47 37.82 -0.53
OB4 CDL ZA . -40.38 39.96 -2.02
OB5 CDL ZA . -38.63 39.68 -0.50
CB3 CDL ZA . -38.19 40.99 -0.93
CB4 CDL ZA . -37.19 40.88 -2.06
OB6 CDL ZA . -36.63 42.20 -2.38
CB5 CDL ZA . -35.56 42.65 -1.69
OB7 CDL ZA . -35.60 42.94 -0.53
C51 CDL ZA . -34.33 42.80 -2.54
C52 CDL ZA . -34.58 43.54 -3.83
C53 CDL ZA . -34.92 42.60 -4.97
C54 CDL ZA . -34.36 43.02 -6.30
C55 CDL ZA . -33.30 44.09 -6.22
C56 CDL ZA . -31.90 43.58 -6.45
C57 CDL ZA . -31.46 43.63 -7.88
C58 CDL ZA . -30.38 44.64 -8.17
C59 CDL ZA . -30.75 46.06 -7.82
C60 CDL ZA . -31.61 46.73 -8.87
C61 CDL ZA . -31.32 46.30 -10.28
C62 CDL ZA . -31.29 47.42 -11.28
C63 CDL ZA . -30.21 47.29 -12.32
C64 CDL ZA . -28.83 47.10 -11.77
CB6 CDL ZA . -37.77 40.34 -3.34
OB8 CDL ZA . -37.00 39.18 -3.74
CB7 CDL ZA . -36.54 39.21 -4.98
OB9 CDL ZA . -37.23 39.33 -5.94
C71 CDL ZA . -35.04 39.06 -5.00
C72 CDL ZA . -34.43 38.98 -3.63
C73 CDL ZA . -33.23 39.89 -3.47
C74 CDL ZA . -31.93 39.30 -3.95
C75 CDL ZA . -31.10 40.24 -4.80
C76 CDL ZA . -30.37 39.57 -5.93
C77 CDL ZA . -31.26 38.80 -6.87
C78 CDL ZA . -31.15 37.29 -6.77
C79 CDL ZA . -29.81 36.74 -7.22
C80 CDL ZA . -29.31 37.32 -8.52
C81 CDL ZA . -27.94 37.96 -8.43
N 9Y0 AB . -34.14 37.90 19.47
C 9Y0 AB . -30.50 34.91 20.34
O 9Y0 AB . -34.93 33.22 23.38
C1 9Y0 AB . -30.79 33.47 20.77
C10 9Y0 AB . -27.06 32.07 14.90
C11 9Y0 AB . -25.52 32.04 14.68
C12 9Y0 AB . -25.03 30.59 14.32
C13 9Y0 AB . -25.47 30.27 12.85
C14 9Y0 AB . -25.03 29.15 12.18
C15 9Y0 AB . -24.04 28.12 12.80
C16 9Y0 AB . -22.77 28.05 11.90
C17 9Y0 AB . -23.11 27.62 10.42
C18 9Y0 AB . -23.05 28.80 9.42
C19 9Y0 AB . -21.80 28.76 8.51
C2 9Y0 AB . -32.29 33.20 20.71
C20 9Y0 AB . -21.44 30.14 7.91
C21 9Y0 AB . -29.67 32.06 22.33
C22 9Y0 AB . -28.29 31.78 21.74
C23 9Y0 AB . -27.19 32.73 22.28
C24 9Y0 AB . -25.76 32.45 21.74
C25 9Y0 AB . -25.69 31.33 20.65
C26 9Y0 AB . -24.27 31.13 20.11
C27 9Y0 AB . -24.28 30.57 18.67
C28 9Y0 AB . -22.88 30.56 18.00
C29 9Y0 AB . -21.85 29.70 18.76
C3 9Y0 AB . -34.96 35.86 20.52
C30 9Y0 AB . -20.47 29.73 18.07
C31 9Y0 AB . -20.42 28.84 16.82
C32 9Y0 AB . -19.78 29.56 15.62
C33 9Y0 AB . -20.73 30.59 14.99
C34 9Y0 AB . -20.32 30.95 13.57
C35 9Y0 AB . -21.24 32.00 12.95
C36 9Y0 AB . -21.18 32.01 11.42
C37 9Y0 AB . -22.35 30.53 6.73
C38 9Y0 AB . -21.80 30.04 5.39
C4 9Y0 AB . -34.08 37.09 20.67
C5 9Y0 AB . -28.54 36.12 19.72
C6 9Y0 AB . -27.63 35.65 18.54
C7 9Y0 AB . -28.30 34.54 17.68
C8 9Y0 AB . -27.27 33.60 16.98
C9 9Y0 AB . -27.54 33.46 15.46
O1 9Y0 AB . -35.11 35.26 21.79
O2 9Y0 AB . -35.12 32.80 20.96
O3 9Y0 AB . -32.88 33.73 21.88
O4 9Y0 AB . -28.74 37.28 19.88
O5 9Y0 AB . -29.13 35.18 20.59
O6 9Y0 AB . -30.19 31.25 23.02
O7 9Y0 AB . -30.33 33.29 22.07
P 9Y0 AB . -34.54 33.72 22.01
H1 9Y0 AB . -33.52 38.69 19.57
H2 9Y0 AB . -35.09 38.22 19.32
H4 9Y0 AB . -30.70 35.03 19.28
H5 9Y0 AB . -31.12 35.60 20.92
H6 9Y0 AB . -30.27 32.77 20.11
H7 9Y0 AB . -27.57 31.88 13.95
H8 9Y0 AB . -27.33 31.30 15.62
H9 9Y0 AB . -25.03 32.37 15.59
H10 9Y0 AB . -25.27 32.71 13.86
H11 9Y0 AB . -25.46 29.87 15.01
H12 9Y0 AB . -23.93 30.55 14.38
H13 9Y0 AB . -26.17 30.93 12.36
H14 9Y0 AB . -25.39 28.98 11.18
H15 9Y0 AB . -24.52 27.15 12.84
H16 9Y0 AB . -23.76 28.44 13.81
H17 9Y0 AB . -22.29 29.03 11.88
H18 9Y0 AB . -22.08 27.33 12.33
H19 9Y0 AB . -22.39 26.86 10.11
H20 9Y0 AB . -24.12 27.20 10.40
H21 9Y0 AB . -23.05 29.74 9.98
H22 9Y0 AB . -23.94 28.77 8.79
H23 9Y0 AB . -21.99 28.07 7.69
H24 9Y0 AB . -20.96 28.40 9.10
H25 9Y0 AB . -32.48 32.13 20.66
H26 9Y0 AB . -32.72 33.70 19.84
H27 9Y0 AB . -21.54 30.89 8.70
H28 9Y0 AB . -20.41 30.11 7.57
H29 9Y0 AB . -28.00 30.76 21.99
H30 9Y0 AB . -28.34 31.90 20.66
H31 9Y0 AB . -27.16 32.65 23.36
H32 9Y0 AB . -27.45 33.76 22.01
H33 9Y0 AB . -25.14 32.15 22.58
H34 9Y0 AB . -25.37 33.37 21.32
H35 9Y0 AB . -26.34 31.62 19.82
H36 9Y0 AB . -26.04 30.40 21.08
H37 9Y0 AB . -23.75 30.43 20.76
H38 9Y0 AB . -23.75 32.09 20.11
H39 9Y0 AB . -24.95 31.18 18.06
H40 9Y0 AB . -24.66 29.54 18.70
H41 9Y0 AB . -22.51 31.59 17.96
H42 9Y0 AB . -22.98 30.18 16.99
H43 9Y0 AB . -22.22 28.67 18.78
H44 9Y0 AB . -21.76 30.08 19.77
H45 9Y0 AB . -35.94 36.14 20.14
H46 9Y0 AB . -34.50 35.15 19.84
H47 9Y0 AB . -20.24 30.76 17.79
H48 9Y0 AB . -19.72 29.39 18.78
H49 9Y0 AB . -19.83 27.96 17.05
H50 9Y0 AB . -21.43 28.55 16.56
H51 9Y0 AB . -18.88 30.08 15.97
H52 9Y0 AB . -19.51 28.82 14.87
H53 9Y0 AB . -21.73 30.17 14.97
H54 9Y0 AB . -20.72 31.50 15.60
H55 9Y0 AB . -20.36 30.05 12.95
H56 9Y0 AB . -19.30 31.33 13.58
H57 9Y0 AB . -20.93 32.99 13.32
H58 9Y0 AB . -22.26 31.80 13.26
H59 9Y0 AB . -22.19 32.05 11.02
H60 9Y0 AB . -20.68 31.10 11.08
H61 9Y0 AB . -20.62 32.88 11.09
H62 9Y0 AB . -23.34 30.09 6.89
H63 9Y0 AB . -22.44 31.62 6.70
H64 9Y0 AB . -22.44 30.40 4.58
H65 9Y0 AB . -21.78 28.95 5.37
H66 9Y0 AB . -20.78 30.42 5.25
H67 9Y0 AB . -33.06 36.79 20.85
H68 9Y0 AB . -34.43 37.69 21.51
H69 9Y0 AB . -26.70 35.24 18.96
H70 9Y0 AB . -27.40 36.51 17.91
H71 9Y0 AB . -28.91 35.03 16.91
H72 9Y0 AB . -28.95 33.94 18.32
H73 9Y0 AB . -26.27 34.01 17.13
H74 9Y0 AB . -27.33 32.62 17.44
H75 9Y0 AB . -28.61 33.55 15.28
H76 9Y0 AB . -27.01 34.25 14.94
N 9Y0 BB . -0.74 53.35 -9.89
C 9Y0 BB . -4.92 53.40 -14.31
O 9Y0 BB . -1.73 49.31 -14.35
C1 9Y0 BB . -5.21 52.12 -13.50
C10 9Y0 BB . -9.74 53.46 -19.27
C11 9Y0 BB . -11.12 53.24 -19.95
C12 9Y0 BB . -12.33 53.79 -19.09
C13 9Y0 BB . -12.61 52.78 -17.94
C14 9Y0 BB . -13.58 53.02 -17.01
C15 9Y0 BB . -14.45 54.32 -17.05
C16 9Y0 BB . -15.76 54.06 -16.24
C17 9Y0 BB . -16.35 55.35 -15.58
C18 9Y0 BB . -17.76 55.10 -14.96
C19 9Y0 BB . -17.67 54.73 -13.46
C2 9Y0 BB . -4.44 50.94 -14.11
C20 9Y0 BB . -18.92 53.96 -12.96
C21 9Y0 BB . -7.40 52.39 -12.56
C22 9Y0 BB . -8.89 52.07 -12.59
C23 9Y0 BB . -9.78 53.34 -12.62
C24 9Y0 BB . -10.94 53.26 -13.63
C25 9Y0 BB . -12.32 53.54 -12.97
C26 9Y0 BB . -12.85 52.29 -12.25
C27 9Y0 BB . -13.89 51.52 -13.09
C28 9Y0 BB . -14.64 50.46 -12.23
C29 9Y0 BB . -15.90 51.03 -11.58
C3 9Y0 BB . -1.77 52.25 -11.81
C30 9Y0 BB . -16.77 49.92 -10.95
C31 9Y0 BB . -18.05 50.46 -10.30
C32 9Y0 BB . -18.98 49.33 -9.84
C33 9Y0 BB . -19.80 49.66 -8.59
C34 9Y0 BB . -20.44 48.41 -8.01
C35 9Y0 BB . -21.88 48.64 -7.55
C36 9Y0 BB . -22.53 47.37 -7.04
C37 9Y0 BB . -20.12 54.90 -12.67
C38 9Y0 BB . -21.44 54.13 -12.54
C4 9Y0 BB . -0.58 52.29 -10.86
C5 9Y0 BB . -6.55 54.49 -15.63
C6 9Y0 BB . -8.02 54.15 -16.02
C7 9Y0 BB . -8.21 52.66 -16.41
C8 9Y0 BB . -7.84 52.38 -17.91
C9 9Y0 BB . -9.07 52.13 -18.81
O1 9Y0 BB . -1.87 50.95 -12.34
O2 9Y0 BB . -0.63 51.51 -14.54
O3 9Y0 BB . -3.22 51.40 -14.63
O4 9Y0 BB . -5.83 54.99 -16.42
O5 9Y0 BB . -6.09 54.20 -14.33
O6 9Y0 BB . -6.96 53.12 -11.72
O7 9Y0 BB . -6.56 51.82 -13.55
P 9Y0 BB . -1.82 50.78 -13.99
H1 9Y0 BB . -0.01 54.04 -10.02
H2 9Y0 BB . -0.69 52.97 -8.96
H4 9Y0 BB . -4.11 53.95 -13.84
H5 9Y0 BB . -4.64 53.15 -15.33
H6 9Y0 BB . -4.90 52.26 -12.47
H7 9Y0 BB . -9.07 53.97 -19.98
H8 9Y0 BB . -9.89 54.10 -18.40
H9 9Y0 BB . -11.12 53.75 -20.91
H10 9Y0 BB . -11.25 52.17 -20.12
H11 9Y0 BB . -12.07 54.76 -18.68
H12 9Y0 BB . -13.22 53.88 -19.73
H13 9Y0 BB . -12.04 51.86 -17.89
H14 9Y0 BB . -13.77 52.29 -16.23
H15 9Y0 BB . -13.90 55.14 -16.62
H16 9Y0 BB . -14.69 54.55 -18.08
H17 9Y0 BB . -16.51 53.65 -16.92
H18 9Y0 BB . -15.55 53.33 -15.46
H19 9Y0 BB . -16.44 56.14 -16.34
H20 9Y0 BB . -15.67 55.69 -14.78
H21 9Y0 BB . -18.36 55.99 -15.07
H22 9Y0 BB . -18.23 54.27 -15.50
H23 9Y0 BB . -17.58 55.65 -12.88
H24 9Y0 BB . -16.80 54.11 -13.29
H25 9Y0 BB . -4.26 50.19 -13.34
H26 9Y0 BB . -5.04 50.50 -14.91
H27 9Y0 BB . -19.22 53.25 -13.73
H28 9Y0 BB . -18.66 53.43 -12.04
H29 9Y0 BB . -9.14 51.48 -11.71
H30 9Y0 BB . -9.10 51.47 -13.48
H31 9Y0 BB . -10.21 53.48 -11.62
H32 9Y0 BB . -9.16 54.20 -12.87
H33 9Y0 BB . -10.77 54.00 -14.41
H34 9Y0 BB . -10.95 52.26 -14.07
H35 9Y0 BB . -13.03 53.84 -13.75
H36 9Y0 BB . -12.21 54.35 -12.25
H37 9Y0 BB . -13.32 52.60 -11.32
H38 9Y0 BB . -12.02 51.63 -12.04
H39 9Y0 BB . -13.38 51.01 -13.91
H40 9Y0 BB . -14.62 52.23 -13.49
H41 9Y0 BB . -13.96 50.11 -11.44
H42 9Y0 BB . -14.91 49.62 -12.87
H43 9Y0 BB . -16.49 51.54 -12.34
H44 9Y0 BB . -15.62 51.74 -10.81
H45 9Y0 BB . -2.68 52.50 -11.27
H46 9Y0 BB . -1.61 52.96 -12.62
H47 9Y0 BB . -17.06 49.21 -11.73
H48 9Y0 BB . -16.18 49.40 -10.18
H49 9Y0 BB . -17.78 51.07 -9.43
H50 9Y0 BB . -18.58 51.09 -11.03
H51 9Y0 BB . -18.37 48.44 -9.63
H52 9Y0 BB . -19.67 49.10 -10.67
H53 9Y0 BB . -19.14 50.11 -7.85
H54 9Y0 BB . -20.59 50.37 -8.87
H55 9Y0 BB . -20.44 47.63 -8.78
H56 9Y0 BB . -19.85 48.08 -7.16
H57 9Y0 BB . -22.45 49.02 -8.39
H58 9Y0 BB . -21.87 49.38 -6.75
H59 9Y0 BB . -22.66 46.67 -7.87
H60 9Y0 BB . -21.90 46.91 -6.28
H61 9Y0 BB . -23.50 47.60 -6.61
H62 9Y0 BB . -19.94 55.44 -11.74
H63 9Y0 BB . -20.21 55.61 -13.49
H64 9Y0 BB . -22.28 54.82 -12.63
H65 9Y0 BB . -21.47 53.63 -11.57
H66 9Y0 BB . -21.50 53.37 -13.33
H67 9Y0 BB . 0.33 52.46 -11.43
H68 9Y0 BB . -0.51 51.34 -10.34
H69 9Y0 BB . -8.68 54.38 -15.18
H70 9Y0 BB . -8.31 54.78 -16.88
H71 9Y0 BB . -7.58 52.05 -15.77
H72 9Y0 BB . -9.25 52.39 -16.26
H73 9Y0 BB . -7.19 51.50 -17.94
H74 9Y0 BB . -7.30 53.23 -18.29
H75 9Y0 BB . -9.79 51.54 -18.24
H76 9Y0 BB . -8.76 51.57 -19.69
C1 CDL CB . -37.73 44.55 5.78
O1 CDL CB . -38.66 44.11 4.79
CA2 CDL CB . -36.57 45.30 5.16
OA2 CDL CB . -36.51 45.31 3.71
PA1 CDL CB . -37.53 46.22 2.87
OA3 CDL CB . -38.32 45.19 2.12
OA4 CDL CB . -38.21 47.18 3.79
OA5 CDL CB . -36.63 47.02 1.80
CA3 CDL CB . -36.15 46.33 0.62
CA4 CDL CB . -36.81 46.83 -0.64
OA6 CDL CB . -36.41 48.18 -0.95
CA5 CDL CB . -35.95 48.41 -2.20
OA7 CDL CB . -36.49 47.99 -3.17
C11 CDL CB . -34.73 49.28 -2.18
C12 CDL CB . -34.52 49.99 -0.89
C13 CDL CB . -33.43 51.03 -0.97
C14 CDL CB . -32.04 50.48 -0.83
C15 CDL CB . -31.08 51.38 -0.11
C16 CDL CB . -29.68 50.85 -0.01
C17 CDL CB . -29.09 50.39 -1.31
CA6 CDL CB . -38.32 46.77 -0.61
OA8 CDL CB . -38.79 46.22 -1.86
CA7 CDL CB . -38.62 44.91 -2.01
OA9 CDL CB . -38.25 44.19 -1.13
C31 CDL CB . -39.03 44.45 -3.40
C32 CDL CB . -37.88 44.26 -4.33
C33 CDL CB . -37.67 45.45 -5.25
C34 CDL CB . -38.13 45.23 -6.67
C35 CDL CB . -37.02 45.01 -7.67
C36 CDL CB . -36.27 46.26 -8.06
C37 CDL CB . -35.97 46.38 -9.54
C38 CDL CB . -34.89 45.45 -10.03
C39 CDL CB . -35.11 44.92 -11.43
C40 CDL CB . -33.84 44.59 -12.17
C41 CDL CB . -33.97 43.50 -13.19
C42 CDL CB . -32.83 43.44 -14.19
CB2 CDL CB . -37.31 43.36 6.62
OB2 CDL CB . -35.98 42.94 6.24
PB2 CDL CB . -35.14 42.01 7.23
OB3 CDL CB . -34.69 40.76 6.52
OB4 CDL CB . -35.89 41.88 8.52
OB5 CDL CB . -33.81 42.86 7.48
CB3 CDL CB . -32.96 43.15 6.34
CB4 CDL CB . -31.61 42.54 6.58
OB6 CDL CB . -30.67 43.11 5.63
CB5 CDL CB . -29.71 43.90 6.11
OB7 CDL CB . -29.96 44.85 6.78
C51 CDL CB . -28.34 43.45 5.69
C52 CDL CB . -27.97 43.90 4.31
C53 CDL CB . -26.74 43.17 3.78
C54 CDL CB . -26.59 43.24 2.29
C55 CDL CB . -26.39 41.90 1.62
C56 CDL CB . -25.69 41.95 0.29
C57 CDL CB . -26.61 41.85 -0.91
C58 CDL CB . -28.04 42.23 -0.65
C59 CDL CB . -28.98 41.06 -0.45
C60 CDL CB . -29.85 41.16 0.78
C61 CDL CB . -30.95 42.17 0.68
C62 CDL CB . -31.13 43.00 1.93
C63 CDL CB . -32.41 42.73 2.67
C64 CDL CB . -33.35 43.91 2.75
CB6 CDL CB . -31.59 41.04 6.42
OB8 CDL CB . -30.42 40.66 5.66
CB7 CDL CB . -30.41 39.41 5.24
OB9 CDL CB . -31.28 38.63 5.45
C71 CDL CB . -29.14 39.12 4.48
C72 CDL CB . -27.91 39.38 5.28
C73 CDL CB . -27.31 38.11 5.85
C74 CDL CB . -26.12 38.35 6.74
C75 CDL CB . -24.91 38.91 6.02
C76 CDL CB . -23.62 38.20 6.36
C77 CDL CB . -22.81 37.80 5.15
C78 CDL CB . -22.62 36.32 5.00
C79 CDL CB . -21.21 35.90 4.67
C80 CDL CB . -20.93 34.44 4.92
C81 CDL CB . -19.47 34.07 4.74
C1 PLM DB . -0.75 43.13 5.66
O2 PLM DB . -0.16 42.38 4.85
C2 PLM DB . -2.02 42.53 6.37
C3 PLM DB . -3.34 43.23 6.06
C4 PLM DB . -4.50 42.86 6.99
C5 PLM DB . -5.19 41.55 6.60
C6 PLM DB . -6.19 41.03 7.65
C7 PLM DB . -7.60 41.60 7.49
C8 PLM DB . -8.65 40.94 8.39
C9 PLM DB . -8.88 39.45 8.13
CA PLM DB . -10.33 38.99 8.30
H21 PLM DB . -1.88 42.55 7.32
H22 PLM DB . -2.10 41.59 6.11
H31 PLM DB . -3.59 43.03 5.15
H32 PLM DB . -3.20 44.19 6.10
H41 PLM DB . -5.15 43.57 6.99
H42 PLM DB . -4.16 42.78 7.90
H51 PLM DB . -4.52 40.87 6.45
H52 PLM DB . -5.65 41.68 5.76
H61 PLM DB . -5.85 41.24 8.53
H62 PLM DB . -6.22 40.06 7.58
H71 PLM DB . -7.88 41.49 6.57
H72 PLM DB . -7.58 42.55 7.67
H81 PLM DB . -9.49 41.41 8.30
H82 PLM DB . -8.38 41.06 9.33
H91 PLM DB . -8.31 38.94 8.73
H92 PLM DB . -8.58 39.25 7.22
C21 9XX EB . -1.83 45.84 10.58
C23 9XX EB . -3.17 43.92 11.44
C6 9XX EB . -4.39 33.54 11.49
C7 9XX EB . -3.50 34.76 11.25
C8 9XX EB . -2.91 35.23 12.57
C11 9XX EB . -0.31 37.99 13.21
C13 9XX EB . 1.94 39.05 13.53
C14 9XX EB . 1.27 40.41 13.32
C15 9XX EB . 2.31 41.52 13.27
C16 9XX EB . 3.53 42.86 11.76
C17 9XX EB . 2.31 43.41 11.01
O 9XX EB . 3.27 41.57 12.25
C10 9XX EB . -1.13 36.74 13.50
C12 9XX EB . 0.93 38.05 14.11
C18 9XX EB . 1.90 45.69 11.47
C19 9XX EB . 0.57 46.34 11.10
C20 9XX EB . -0.41 45.29 10.57
C22 9XX EB . -2.79 44.73 10.20
C24 9XX EB . -4.23 42.88 11.10
C25 9XX EB . -4.31 41.85 12.22
C26 9XX EB . -5.40 40.83 11.88
C27 9XX EB . -5.27 39.58 12.75
C28 9XX EB . -6.54 38.74 12.61
C29 9XX EB . -6.16 37.26 12.59
C30 9XX EB . -7.44 36.41 12.49
C36 9XX EB . -5.07 39.94 14.22
C37 9XX EB . 2.08 42.57 9.77
C5 9XX EB . -4.48 32.70 10.22
C9 9XX EB . -2.06 36.48 12.32
O1 9XX EB . 2.51 44.74 10.63
O2 9XX EB . 2.43 45.98 12.49
O6 9XX EB . 2.28 42.37 14.09
H1 9XX EB . -2.08 46.21 11.58
H2 9XX EB . -1.91 46.66 9.87
H3 9XX EB . -3.55 44.59 12.20
H4 9XX EB . -2.28 43.42 11.82
H5 9XX EB . -5.39 33.87 11.77
H6 9XX EB . -3.96 32.94 12.29
H7 9XX EB . -2.70 34.50 10.56
H8 9XX EB . -4.10 35.56 10.81
H9 9XX EB . -3.70 35.46 13.28
H10 9XX EB . -2.27 34.44 12.98
H11 9XX EB . -0.93 38.87 13.40
H12 9XX EB . 0.00 37.98 12.16
H13 9XX EB . 2.30 38.68 12.57
H14 9XX EB . 2.78 39.16 14.22
H15 9XX EB . 0.71 40.40 12.38
H16 9XX EB . 0.57 40.59 14.14
H17 9XX EB . 3.77 43.52 12.59
H18 9XX EB . 4.38 42.82 11.07
H19 9XX EB . 1.44 43.35 11.66
H20 9XX EB . -0.47 35.89 13.64
H21 9XX EB . -1.72 36.89 14.41
H22 9XX EB . 0.64 38.37 15.10
H23 9XX EB . 1.39 37.06 14.15
H24 9XX EB . 0.74 47.10 10.32
H25 9XX EB . 0.14 46.83 11.99
H26 9XX EB . -0.36 44.41 11.20
H27 9XX EB . -0.14 45.02 9.55
H28 9XX EB . -3.70 45.16 9.76
H29 9XX EB . -2.32 44.07 9.47
H30 9XX EB . -3.97 42.38 10.16
H31 9XX EB . -5.20 43.37 11.00
H32 9XX EB . -4.54 42.34 13.16
H33 9XX EB . -3.36 41.33 12.30
H34 9XX EB . -6.37 41.28 12.06
H35 9XX EB . -5.32 40.54 10.82
H36 9XX EB . -4.42 39.00 12.41
H37 9XX EB . -7.05 39.00 11.68
H38 9XX EB . -7.20 38.94 13.45
H39 9XX EB . -5.53 37.05 11.73
H40 9XX EB . -5.64 37.00 13.51
H41 9XX EB . -8.10 36.84 11.74
H42 9XX EB . -7.18 35.40 12.21
H44 9XX EB . -5.81 40.70 14.51
H45 9XX EB . -5.21 39.05 14.84
H46 9XX EB . -4.07 40.34 14.37
H47 9XX EB . 2.85 41.81 9.69
H48 9XX EB . 1.11 42.08 9.83
H50 9XX EB . -5.30 33.08 9.59
H51 9XX EB . -3.54 32.76 9.67
H53 9XX EB . -2.73 37.34 12.20
H54 9XX EB . -1.47 36.35 11.42
C1 PLM FB . 7.94 -43.17 -9.74
O2 PLM FB . 9.11 -43.38 -9.31
C2 PLM FB . 6.78 -43.47 -8.74
C3 PLM FB . 7.06 -44.56 -7.70
C4 PLM FB . 5.83 -44.96 -6.87
C5 PLM FB . 5.40 -43.90 -5.85
C6 PLM FB . 3.96 -44.04 -5.35
C7 PLM FB . 3.82 -44.89 -4.09
C8 PLM FB . 2.46 -44.76 -3.37
C9 PLM FB . 2.17 -43.36 -2.83
CA PLM FB . 1.48 -43.35 -1.45
H21 PLM FB . 6.00 -43.74 -9.25
H22 PLM FB . 6.55 -42.66 -8.28
H31 PLM FB . 7.76 -44.24 -7.11
H32 PLM FB . 7.41 -45.35 -8.16
H41 PLM FB . 6.03 -45.78 -6.39
H42 PLM FB . 5.09 -45.15 -7.47
H51 PLM FB . 5.50 -43.02 -6.25
H52 PLM FB . 6.00 -43.93 -5.09
H61 PLM FB . 3.41 -44.43 -6.06
H62 PLM FB . 3.60 -43.16 -5.18
H71 PLM FB . 4.52 -44.63 -3.47
H72 PLM FB . 3.97 -45.82 -4.32
H81 PLM FB . 2.43 -45.40 -2.64
H82 PLM FB . 1.76 -45.00 -3.99
H91 PLM FB . 1.62 -42.88 -3.46
H92 PLM FB . 3.01 -42.87 -2.76
C21 9XX GB . 4.60 -47.38 -11.31
C23 9XX GB . 2.72 -46.39 -9.99
C6 9XX GB . -0.69 -37.06 -6.21
C7 9XX GB . 0.04 -37.69 -7.41
C8 9XX GB . -0.94 -38.26 -8.44
C11 9XX GB . -0.11 -40.23 -11.64
C13 9XX GB . 0.34 -40.75 -14.05
C14 9XX GB . 0.87 -42.12 -13.61
C15 9XX GB . 1.46 -42.89 -14.80
C16 9XX GB . 3.45 -43.43 -15.93
C17 9XX GB . 3.96 -44.28 -14.76
O 9XX GB . 2.60 -42.42 -15.46
C10 9XX GB . -0.98 -39.41 -10.69
C12 9XX GB . -0.71 -40.27 -13.05
C18 9XX GB . 4.62 -46.52 -15.06
C19 9XX GB . 4.92 -47.33 -13.79
C20 9XX GB . 4.64 -46.48 -12.54
C22 9XX GB . 4.24 -46.53 -10.09
C24 9XX GB . 2.34 -45.72 -8.67
C25 9XX GB . 0.90 -45.20 -8.76
C26 9XX GB . 0.53 -44.50 -7.46
C27 9XX GB . -0.78 -43.73 -7.61
C28 9XX GB . -1.14 -43.09 -6.27
C29 9XX GB . -1.66 -41.68 -6.49
C30 9XX GB . -2.07 -41.07 -5.14
C36 9XX GB . -1.91 -44.65 -8.06
C37 9XX GB . 4.56 -43.41 -13.65
C5 9XX GB . -1.83 -36.15 -6.66
C9 9XX GB . -0.14 -39.06 -9.47
O1 9XX GB . 4.96 -45.17 -15.18
O2 9XX GB . 4.08 -47.06 -15.97
O6 9XX GB . 0.97 -43.90 -15.13
H1 9XX GB . 3.86 -48.17 -11.45
H2 9XX GB . 5.59 -47.83 -11.16
H3 9XX GB . 2.26 -47.38 -10.03
H4 9XX GB . 2.36 -45.78 -10.82
H5 9XX GB . 0.03 -36.48 -5.64
H6 9XX GB . -1.08 -37.86 -5.58
H7 9XX GB . 0.65 -36.92 -7.89
H8 9XX GB . 0.68 -38.49 -7.05
H9 9XX GB . -1.66 -38.93 -7.95
H10 9XX GB . -1.48 -37.45 -8.94
H11 9XX GB . -0.02 -41.24 -11.26
H12 9XX GB . 0.88 -39.78 -11.70
H13 9XX GB . -0.10 -40.83 -15.04
H14 9XX GB . 1.17 -40.04 -14.08
H15 9XX GB . 1.64 -41.99 -12.85
H16 9XX GB . 0.05 -42.70 -13.19
H17 9XX GB . 2.91 -44.07 -16.63
H18 9XX GB . 4.30 -42.98 -16.44
H19 9XX GB . 3.14 -44.85 -14.36
H20 9XX GB . -1.84 -40.00 -10.39
H21 9XX GB . -1.31 -38.50 -11.19
H22 9XX GB . -1.56 -40.94 -13.06
H23 9XX GB . -1.04 -39.26 -13.33
H24 9XX GB . 5.96 -47.63 -13.80
H25 9XX GB . 4.28 -48.22 -13.78
H26 9XX GB . 3.67 -45.99 -12.65
H27 9XX GB . 5.42 -45.74 -12.44
H28 9XX GB . 4.69 -45.54 -10.19
H29 9XX GB . 4.62 -47.02 -9.18
H30 9XX GB . 3.01 -44.88 -8.48
H31 9XX GB . 2.41 -46.44 -7.85
H32 9XX GB . 0.22 -46.03 -8.94
H33 9XX GB . 0.82 -44.49 -9.59
H34 9XX GB . 0.41 -45.25 -6.67
H35 9XX GB . 1.33 -43.82 -7.17
H36 9XX GB . -0.65 -42.94 -8.35
H37 9XX GB . -0.26 -43.07 -5.62
H38 9XX GB . -1.93 -43.69 -5.79
H39 9XX GB . -2.52 -41.70 -7.16
H40 9XX GB . -0.87 -41.07 -6.93
H41 9XX GB . -1.31 -41.30 -4.40
H42 9XX GB . -2.16 -39.99 -5.25
H44 9XX GB . -1.86 -45.58 -7.49
H45 9XX GB . -2.87 -44.17 -7.88
H46 9XX GB . -1.80 -44.87 -9.12
H47 9XX GB . 3.95 -43.48 -12.76
H48 9XX GB . 4.59 -42.37 -13.98
H50 9XX GB . -1.65 -35.81 -7.68
H51 9XX GB . -2.77 -36.71 -6.63
H53 9XX GB . 0.72 -38.45 -9.79
H54 9XX GB . 0.23 -39.97 -9.01
CU CU HB . 48.29 -50.20 21.25
CU CU IB . 49.90 -45.25 20.85
C1 CDL JB . -5.48 -33.30 37.52
O1 CDL JB . -5.24 -32.48 36.40
CA2 CDL JB . -4.83 -34.68 37.25
OA2 CDL JB . -3.63 -34.52 36.53
PA1 CDL JB . -2.51 -35.72 36.47
OA3 CDL JB . -1.87 -35.91 37.75
OA4 CDL JB . -3.03 -37.05 36.24
OA5 CDL JB . -1.37 -35.24 35.39
CA3 CDL JB . -1.32 -35.81 34.13
CA4 CDL JB . -0.22 -35.18 33.30
OA6 CDL JB . -0.19 -35.80 32.06
CA5 CDL JB . -0.71 -34.95 31.08
OA7 CDL JB . -1.84 -34.68 31.14
C11 CDL JB . 0.21 -34.35 29.99
C12 CDL JB . 0.50 -35.42 28.91
C13 CDL JB . 1.99 -35.81 28.85
C14 CDL JB . 2.89 -34.69 28.26
C15 CDL JB . 3.46 -35.12 26.88
C16 CDL JB . 4.66 -34.20 26.56
C17 CDL JB . 4.95 -34.23 25.05
CA6 CDL JB . 1.17 -35.37 33.86
OA8 CDL JB . 1.84 -36.01 32.80
CA7 CDL JB . 3.23 -35.99 32.93
OA9 CDL JB . 3.74 -36.95 33.38
C31 CDL JB . 4.04 -34.78 32.47
C32 CDL JB . 5.52 -35.12 32.18
C33 CDL JB . 5.58 -36.17 31.04
C34 CDL JB . 6.50 -35.75 29.87
C35 CDL JB . 7.96 -36.06 30.26
C36 CDL JB . 8.47 -37.45 29.88
C37 CDL JB . 8.76 -37.58 28.37
C38 CDL JB . 9.26 -39.00 28.07
C39 CDL JB . 8.02 -39.85 27.76
C40 CDL JB . 8.37 -41.36 27.74
C41 CDL JB . 7.06 -42.10 27.34
C42 CDL JB . 6.84 -42.03 25.84
CB2 CDL JB . -4.89 -32.65 38.79
OB2 CDL JB . -3.60 -33.16 39.08
PB2 CDL JB . -2.43 -32.17 39.65
OB3 CDL JB . -2.83 -31.73 40.98
OB4 CDL JB . -1.20 -32.91 39.95
OB5 CDL JB . -2.14 -30.91 38.60
CB3 CDL JB . -1.99 -31.12 37.21
CB4 CDL JB . -0.48 -31.48 36.94
OB6 CDL JB . -0.03 -30.53 37.94
CB5 CDL JB . 0.82 -29.52 37.46
OB7 CDL JB . 1.98 -29.65 37.62
C51 CDL JB . 0.25 -28.27 36.72
C52 CDL JB . 1.35 -27.17 36.59
C53 CDL JB . 2.11 -27.22 35.24
C54 CDL JB . 3.60 -27.46 35.46
C55 CDL JB . 4.32 -27.31 34.09
C56 CDL JB . 5.78 -27.63 34.39
C57 CDL JB . 6.74 -27.58 33.18
C58 CDL JB . 8.06 -28.19 33.71
C59 CDL JB . 9.20 -28.04 32.69
C60 CDL JB . 10.49 -28.61 33.35
C61 CDL JB . 11.57 -28.72 32.24
C62 CDL JB . 11.54 -30.17 31.68
C63 CDL JB . 12.15 -30.18 30.26
C64 CDL JB . 12.59 -31.62 29.94
CB6 CDL JB . -0.41 -31.76 35.38
OB8 CDL JB . 0.62 -30.95 34.84
CB7 CDL JB . 1.07 -31.18 33.53
OB9 CDL JB . 0.42 -31.81 32.81
C71 CDL JB . 2.39 -30.56 33.03
C72 CDL JB . 2.91 -31.20 31.72
C73 CDL JB . 4.46 -31.09 31.68
C74 CDL JB . 4.99 -31.61 30.32
C75 CDL JB . 6.52 -31.40 30.23
C76 CDL JB . 6.97 -31.71 28.77
C77 CDL JB . 8.46 -32.14 28.68
C78 CDL JB . 8.81 -32.55 27.23
C79 CDL JB . 8.79 -34.09 27.06
C80 CDL JB . 8.88 -34.52 25.58
C81 CDL JB . 8.13 -35.84 25.25
C1 CDL KB . 0.33 -16.26 44.87
O1 CDL KB . -0.87 -15.54 44.64
CA2 CDL KB . 0.10 -17.35 45.89
OA2 CDL KB . 1.31 -18.13 46.03
PA1 CDL KB . 1.69 -18.75 47.46
OA3 CDL KB . 1.48 -17.71 48.52
OA4 CDL KB . 0.99 -20.07 47.56
OA5 CDL KB . 3.27 -19.01 47.28
CA3 CDL KB . 3.73 -19.66 46.08
CA4 CDL KB . 5.16 -19.33 45.75
OA6 CDL KB . 5.15 -18.13 44.95
CA5 CDL KB . 5.77 -17.05 45.44
OA7 CDL KB . 6.96 -17.05 45.68
C11 CDL KB . 4.84 -15.89 45.62
C12 CDL KB . 5.29 -14.67 44.90
C13 CDL KB . 4.64 -14.53 43.54
C14 CDL KB . 5.62 -14.42 42.40
C15 CDL KB . 6.51 -15.62 42.22
C16 CDL KB . 7.85 -15.31 41.62
C17 CDL KB . 8.02 -15.77 40.19
CA6 CDL KB . 5.87 -20.40 44.95
OA8 CDL KB . 6.22 -19.84 43.66
CA7 CDL KB . 7.39 -20.23 43.16
OA9 CDL KB . 7.50 -20.83 42.13
C31 CDL KB . 8.54 -19.85 44.06
C32 CDL KB . 9.82 -20.52 43.70
C33 CDL KB . 10.66 -19.70 42.74
C34 CDL KB . 11.75 -20.47 42.04
C35 CDL KB . 12.95 -20.75 42.93
C36 CDL KB . 14.25 -20.81 42.17
C37 CDL KB . 14.62 -19.55 41.45
C38 CDL KB . 16.10 -19.30 41.34
C39 CDL KB . 16.68 -18.48 42.46
C40 CDL KB . 18.08 -17.96 42.19
C41 CDL KB . 19.05 -18.17 43.32
C42 CDL KB . 20.42 -17.58 43.07
CB2 CDL KB . 1.44 -15.31 45.26
OB2 CDL KB . 1.39 -15.05 46.70
PB2 CDL KB . 0.48 -13.86 47.24
OB3 CDL KB . -0.85 -14.44 47.65
OB4 CDL KB . 1.26 -13.02 48.22
OB5 CDL KB . 0.25 -12.99 45.91
CB3 CDL KB . 1.02 -11.79 45.73
CB4 CDL KB . 2.25 -12.03 44.87
OB6 CDL KB . 3.43 -12.24 45.69
CB5 CDL KB . 3.90 -11.26 46.48
OB7 CDL KB . 3.49 -11.08 47.59
C51 CDL KB . 4.99 -10.44 45.86
C52 CDL KB . 6.02 -11.26 45.15
C53 CDL KB . 6.81 -10.45 44.14
C54 CDL KB . 7.80 -11.27 43.35
C55 CDL KB . 7.64 -11.13 41.85
C56 CDL KB . 8.92 -11.31 41.08
C57 CDL KB . 8.78 -12.12 39.82
C58 CDL KB . 9.38 -11.46 38.59
C59 CDL KB . 8.92 -10.04 38.37
C60 CDL KB . 9.13 -9.54 36.96
C61 CDL KB . 8.19 -10.17 35.95
C62 CDL KB . 8.89 -10.98 34.89
C63 CDL KB . 9.71 -10.17 33.92
C64 CDL KB . 10.55 -10.98 32.97
CB6 CDL KB . 2.49 -10.93 43.85
OB8 CDL KB . 3.47 -11.38 42.90
CB7 CDL KB . 3.05 -11.48 41.64
OB9 CDL KB . 1.90 -11.39 41.33
C71 CDL KB . 4.18 -11.72 40.70
C72 CDL KB . 3.73 -12.30 39.40
C73 CDL KB . 4.29 -11.54 38.21
C74 CDL KB . 5.77 -11.68 38.02
C75 CDL KB . 6.16 -12.81 37.11
C76 CDL KB . 5.39 -12.85 35.81
C77 CDL KB . 6.02 -13.70 34.74
C78 CDL KB . 6.11 -13.03 33.39
C79 CDL KB . 7.40 -13.29 32.65
C80 CDL KB . 7.55 -12.52 31.37
C81 CDL KB . 8.44 -13.18 30.34
C1 CDL LB . -0.64 -23.35 41.84
O1 CDL LB . -1.08 -23.01 43.13
CA2 CDL LB . -1.13 -24.79 41.50
OA2 CDL LB . -0.55 -25.20 40.26
PA1 CDL LB . 0.80 -26.15 40.29
OA3 CDL LB . 1.20 -26.50 41.65
OA4 CDL LB . 0.53 -27.47 39.74
OA5 CDL LB . 2.04 -25.40 39.49
CA3 CDL LB . 1.91 -24.00 39.25
CA4 CDL LB . 3.05 -23.46 38.37
OA6 CDL LB . 2.92 -23.98 37.06
CA5 CDL LB . 3.84 -23.43 36.11
OA7 CDL LB . 4.32 -24.15 35.30
C11 CDL LB . 4.22 -21.94 36.13
C12 CDL LB . 4.91 -21.58 34.78
C13 CDL LB . 6.37 -22.14 34.76
C14 CDL LB . 7.38 -20.97 34.55
C15 CDL LB . 8.76 -21.55 34.14
C16 CDL LB . 8.75 -21.85 32.62
C17 CDL LB . 9.65 -23.07 32.33
CA6 CDL LB . 4.40 -23.87 38.97
OA8 CDL LB . 4.48 -25.27 39.17
CA7 CDL LB . 5.78 -25.79 39.02
OA9 CDL LB . 5.99 -26.68 38.26
C31 CDL LB . 6.95 -25.19 39.84
C32 CDL LB . 8.12 -24.82 38.89
C33 CDL LB . 8.03 -23.32 38.48
C34 CDL LB . 9.26 -22.52 38.99
C35 CDL LB . 10.21 -22.25 37.79
C36 CDL LB . 11.42 -21.40 38.27
C37 CDL LB . 12.43 -21.23 37.10
C38 CDL LB . 12.31 -19.80 36.51
C39 CDL LB . 13.44 -19.56 35.48
C40 CDL LB . 12.88 -19.50 34.04
C41 CDL LB . 12.89 -20.92 33.42
C42 CDL LB . 12.41 -20.85 31.96
CB2 CDL LB . -1.23 -22.36 40.82
OB2 CDL LB . -1.54 -21.15 41.48
PB2 CDL LB . -1.02 -19.72 40.78
OB3 CDL LB . -1.44 -19.65 39.38
OB4 CDL LB . -1.72 -18.57 41.35
OB5 CDL LB . 0.62 -19.59 40.93
CB3 CDL LB . 1.22 -18.39 40.46
CB4 CDL LB . 2.48 -17.93 41.30
OB6 CDL LB . 2.48 -16.96 40.25
CB5 CDL LB . 3.29 -15.82 40.47
OB7 CDL LB . 3.61 -15.53 41.58
C51 CDL LB . 3.76 -14.95 39.28
C52 CDL LB . 4.35 -15.88 38.17
C53 CDL LB . 3.97 -15.37 36.76
C54 CDL LB . 4.17 -16.51 35.72
C55 CDL LB . 5.42 -16.22 34.84
C56 CDL LB . 5.91 -17.55 34.21
C57 CDL LB . 6.48 -17.29 32.78
C58 CDL LB . 7.88 -16.63 32.86
C59 CDL LB . 8.98 -17.72 32.74
C60 CDL LB . 9.25 -18.04 31.25
C61 CDL LB . 10.19 -16.97 30.62
C62 CDL LB . 11.63 -17.52 30.55
C63 CDL LB . 12.61 -16.37 30.19
C64 CDL LB . 14.03 -16.73 30.67
CB6 CDL LB . 2.95 -19.45 41.38
OB8 CDL LB . 2.89 -20.12 40.13
CB7 CDL LB . 3.89 -19.73 39.20
OB9 CDL LB . 3.56 -19.26 38.16
C71 CDL LB . 5.39 -19.96 39.52
C72 CDL LB . 6.31 -19.48 38.35
C73 CDL LB . 7.37 -18.48 38.92
C74 CDL LB . 8.63 -18.46 38.02
C75 CDL LB . 8.51 -17.34 36.96
C76 CDL LB . 9.29 -16.07 37.43
C77 CDL LB . 10.82 -16.23 37.25
C78 CDL LB . 11.24 -16.26 35.75
C79 CDL LB . 10.81 -14.97 35.03
C80 CDL LB . 11.59 -14.83 33.70
C81 CDL LB . 12.92 -14.07 33.94
C5 MQ9 MB . 18.54 -24.37 17.86
C5M MQ9 MB . 18.77 -25.46 16.77
C4 MQ9 MB . 19.68 -23.45 18.23
O4 MQ9 MB . 20.74 -23.57 17.72
C3 MQ9 MB . 19.47 -22.34 19.33
C2 MQ9 MB . 18.20 -22.19 19.95
C1 MQ9 MB . 17.01 -23.14 19.56
O1 MQ9 MB . 15.95 -23.01 20.09
C6 MQ9 MB . 17.20 -24.23 18.51
C3A MQ9 MB . 20.53 -21.49 19.68
C3B MQ9 MB . 20.33 -20.50 20.66
C3C MQ9 MB . 19.06 -20.35 21.29
C3D MQ9 MB . 18.00 -21.20 20.94
C7 MQ9 MB . 16.02 -25.16 18.11
C8 MQ9 MB . 16.11 -26.63 18.60
C9 MQ9 MB . 15.42 -27.60 17.97
C10 MQ9 MB . 14.54 -27.24 16.76
C11 MQ9 MB . 15.39 -29.15 18.34
C12 MQ9 MB . 16.59 -29.71 19.13
C13 MQ9 MB . 15.97 -30.68 20.20
C14 MQ9 MB . 15.44 -30.22 21.35
C15 MQ9 MB . 15.43 -28.72 21.65
C16 MQ9 MB . 14.83 -31.21 22.38
C17 MQ9 MB . 15.26 -30.81 23.82
C18 MQ9 MB . 15.69 -32.05 24.61
C19 MQ9 MB . 16.90 -32.65 24.36
C20 MQ9 MB . 17.87 -32.08 23.27
C21 MQ9 MB . 17.33 -33.93 25.17
C22 MQ9 MB . 16.20 -35.02 25.18
C23 MQ9 MB . 16.66 -36.17 26.17
C24 MQ9 MB . 15.80 -37.09 26.60
C25 MQ9 MB . 14.37 -37.07 26.16
C26 MQ9 MB . 16.30 -38.24 27.59
C27 MQ9 MB . 16.62 -39.49 26.77
C28 MQ9 MB . 17.36 -39.02 25.42
C29 MQ9 MB . 17.01 -39.48 24.17
C30 MQ9 MB . 15.88 -40.50 23.94
C31 MQ9 MB . 17.83 -38.91 22.95
C32 MQ9 MB . 19.27 -39.49 22.98
C33 MQ9 MB . 20.33 -38.38 22.73
C34 MQ9 MB . 20.47 -37.82 21.51
C35 MQ9 MB . 19.60 -38.23 20.34
C36 MQ9 MB . 21.52 -36.75 21.32
C37 MQ9 MB . 20.89 -35.34 21.49
C38 MQ9 MB . 19.95 -35.05 20.29
C39 MQ9 MB . 18.60 -34.93 20.22
C40 MQ9 MB . 17.64 -35.05 21.41
C41 MQ9 MB . 17.79 -34.63 18.93
C42 MQ9 MB . 16.94 -35.90 18.55
C43 MQ9 MB . 17.17 -36.23 17.03
C44 MQ9 MB . 16.60 -35.46 16.05
C45 MQ9 MB . 15.72 -34.27 16.40
C46 MQ9 MB . 16.84 -35.80 14.55
C47 MQ9 MB . 15.71 -36.79 14.05
C48 MQ9 MB . 14.89 -36.20 12.88
C49 MQ9 MB . 13.65 -35.65 13.06
C50 MQ9 MB . 12.94 -35.10 11.83
C51 MQ9 MB . 12.94 -35.55 14.42
H5M3 MQ9 MB . 17.94 -25.44 16.06
H5M2 MQ9 MB . 19.71 -25.27 16.25
H5M1 MQ9 MB . 18.81 -26.44 17.25
H3A MQ9 MB . 21.48 -21.57 19.19
H3B MQ9 MB . 21.15 -19.83 20.94
H3C MQ9 MB . 18.90 -19.57 22.03
H3D MQ9 MB . 17.02 -21.07 21.39
H72 MQ9 MB . 15.10 -24.73 18.50
H71 MQ9 MB . 15.95 -25.18 17.03
H8 MQ9 MB . 16.82 -26.89 19.39
H103 MQ9 MB . 13.94 -26.36 16.99
H102 MQ9 MB . 13.88 -28.08 16.52
H101 MQ9 MB . 15.18 -27.02 15.89
H112 MQ9 MB . 15.31 -29.71 17.40
H111 MQ9 MB . 14.49 -29.33 18.92
H121 MQ9 MB . 17.25 -30.25 18.47
H122 MQ9 MB . 17.11 -28.89 19.63
H13 MQ9 MB . 15.95 -31.76 20.00
H153 MQ9 MB . 14.98 -28.55 22.64
H152 MQ9 MB . 16.45 -28.33 21.65
H151 MQ9 MB . 14.84 -28.20 20.89
H162 MQ9 MB . 13.74 -31.20 22.31
H161 MQ9 MB . 15.18 -32.22 22.17
H172 MQ9 MB . 14.42 -30.33 24.34
H171 MQ9 MB . 16.10 -30.12 23.78
H18 MQ9 MB . 15.04 -32.45 25.39
H203 MQ9 MB . 18.85 -32.59 23.34
H202 MQ9 MB . 17.45 -32.26 22.28
H201 MQ9 MB . 18.00 -31.00 23.43
H212 MQ9 MB . 17.56 -33.64 26.21
H211 MQ9 MB . 18.24 -34.35 24.72
H222 MQ9 MB . 16.07 -35.42 24.17
H221 MQ9 MB . 15.28 -34.57 25.53
H23 MQ9 MB . 17.69 -36.20 26.53
H253 MQ9 MB . 13.87 -37.95 26.51
H252 MQ9 MB . 14.32 -37.03 25.06
H251 MQ9 MB . 13.88 -36.19 26.57
H262 MQ9 MB . 15.53 -38.46 28.32
H261 MQ9 MB . 17.21 -37.91 28.11
H272 MQ9 MB . 17.28 -40.16 27.33
H271 MQ9 MB . 15.69 -40.02 26.51
H28 MQ9 MB . 18.18 -38.31 25.51
H303 MQ9 MB . 15.91 -40.85 22.89
H302 MQ9 MB . 16.01 -41.35 24.62
H301 MQ9 MB . 14.92 -40.03 24.13
H312 MQ9 MB . 17.34 -39.22 22.01
H311 MQ9 MB . 17.87 -37.83 23.00
H321 MQ9 MB . 19.36 -40.25 22.21
H322 MQ9 MB . 19.45 -39.94 23.95
H33 MQ9 MB . 20.97 -38.07 23.56
H353 MQ9 MB . 18.57 -37.97 20.54
H352 MQ9 MB . 19.68 -39.31 20.17
H351 MQ9 MB . 19.93 -37.70 19.44
H362 MQ9 MB . 22.31 -36.89 22.07
H361 MQ9 MB . 21.96 -36.84 20.32
H372 MQ9 MB . 20.34 -35.30 22.40
H371 MQ9 MB . 21.69 -34.58 21.51
H38 MQ9 MB . 20.48 -34.17 19.91
H403 MQ9 MB . 17.16 -36.04 21.39
H402 MQ9 MB . 18.19 -34.94 22.34
H401 MQ9 MB . 16.88 -34.29 21.35
H412 MQ9 MB . 18.47 -34.41 18.11
H411 MQ9 MB . 17.12 -33.80 19.09
H422 MQ9 MB . 17.25 -36.75 19.16
H421 MQ9 MB . 15.89 -35.69 18.72
H43 MQ9 MB . 17.80 -37.08 16.75
H453 MQ9 MB . 16.31 -33.54 16.94
H452 MQ9 MB . 14.89 -34.61 17.03
H451 MQ9 MB . 15.33 -33.82 15.49
H462 MQ9 MB . 16.82 -34.89 13.96
H461 MQ9 MB . 17.82 -36.28 14.45
H472 MQ9 MB . 15.04 -37.01 14.88
H471 MQ9 MB . 16.18 -37.71 13.72
H48 MQ9 MB . 15.32 -36.22 11.89
H503 MQ9 MB . 12.16 -34.39 12.16
H502 MQ9 MB . 12.47 -35.92 11.29
H501 MQ9 MB . 13.65 -34.58 11.20
H513 MQ9 MB . 13.27 -36.36 15.06
H512 MQ9 MB . 13.18 -34.60 14.89
H511 MQ9 MB . 11.85 -35.62 14.28
C1 CDL NB . -4.14 -56.04 23.18
O1 CDL NB . -3.69 -55.72 24.50
CA2 CDL NB . -2.98 -56.29 22.25
OA2 CDL NB . -1.65 -56.00 22.78
PA1 CDL NB . -0.97 -56.98 23.84
OA3 CDL NB . -0.88 -56.10 25.05
OA4 CDL NB . -1.74 -58.27 23.90
OA5 CDL NB . 0.51 -57.26 23.32
CA3 CDL NB . 1.53 -56.24 23.49
CA4 CDL NB . 2.58 -56.66 24.51
OA6 CDL NB . 3.40 -57.73 23.99
CA5 CDL NB . 4.74 -57.58 24.04
OA7 CDL NB . 5.30 -57.14 25.01
C11 CDL NB . 5.40 -58.03 22.78
C12 CDL NB . 4.51 -58.89 21.94
C13 CDL NB . 5.26 -59.54 20.79
C14 CDL NB . 5.43 -58.63 19.59
C15 CDL NB . 5.38 -59.35 18.26
C16 CDL NB . 5.60 -58.45 17.08
C17 CDL NB . 6.84 -57.59 17.17
CA6 CDL NB . 2.02 -57.05 25.85
OA8 CDL NB . 2.82 -56.42 26.88
CA7 CDL NB . 2.64 -55.12 27.05
OA9 CDL NB . 1.76 -54.50 26.50
C31 CDL NB . 3.60 -54.54 28.05
C32 CDL NB . 4.78 -53.84 27.44
C33 CDL NB . 6.02 -54.71 27.39
C34 CDL NB . 7.07 -54.36 28.42
C35 CDL NB . 8.26 -53.64 27.86
C36 CDL NB . 9.24 -54.52 27.11
C37 CDL NB . 10.70 -54.25 27.41
C38 CDL NB . 11.23 -52.96 26.84
C39 CDL NB . 12.24 -52.26 27.70
C40 CDL NB . 13.25 -51.44 26.92
C41 CDL NB . 13.80 -50.25 27.66
C42 CDL NB . 15.06 -49.67 27.06
CB2 CDL NB . -5.09 -54.98 22.70
OB2 CDL NB . -4.42 -54.11 21.75
PB2 CDL NB . -5.30 -53.19 20.79
OB3 CDL NB . -4.88 -51.76 20.90
OB4 CDL NB . -6.75 -53.54 20.96
OB5 CDL NB . -4.83 -53.64 19.32
CB3 CDL NB . -3.44 -53.45 18.97
CB4 CDL NB . -3.38 -52.53 17.77
OB6 CDL NB . -2.05 -52.61 17.21
CB5 CDL NB . -1.90 -53.15 16.00
OB7 CDL NB . -2.32 -54.24 15.77
C51 CDL NB . -1.20 -52.25 15.04
C52 CDL NB . 0.29 -52.29 15.16
C53 CDL NB . 0.96 -51.15 14.42
C54 CDL NB . 2.37 -50.88 14.88
C55 CDL NB . 2.64 -49.43 15.23
C56 CDL NB . 4.10 -49.02 15.13
C57 CDL NB . 4.82 -48.96 16.45
C58 CDL NB . 4.21 -49.78 17.55
C59 CDL NB . 3.38 -48.99 18.55
C60 CDL NB . 2.01 -49.58 18.81
C61 CDL NB . 2.01 -50.85 19.63
C62 CDL NB . 1.08 -51.91 19.14
C63 CDL NB . -0.09 -52.18 20.03
C64 CDL NB . -0.13 -53.57 20.62
CB6 CDL NB . -3.66 -51.09 18.11
OB8 CDL NB . -2.71 -50.25 17.46
CB7 CDL NB . -2.67 -48.98 17.85
OB9 CDL NB . -3.39 -48.55 18.71
C71 CDL NB . -1.66 -48.19 17.09
C72 CDL NB . -1.87 -48.23 15.61
C73 CDL NB . -2.56 -46.98 15.10
C74 CDL NB . -2.88 -47.03 13.63
C75 CDL NB . -1.68 -47.06 12.72
C76 CDL NB . -1.75 -46.09 11.57
C77 CDL NB . -0.50 -45.23 11.40
C78 CDL NB . -0.73 -43.76 11.59
C79 CDL NB . -0.08 -42.89 10.54
C80 CDL NB . -0.64 -41.50 10.47
C81 CDL NB . -0.11 -40.68 9.32
CU CU OB . -16.70 54.77 -41.23
CU CU PB . -14.07 51.63 -43.65
N 9Y0 QB . -14.17 16.83 -45.24
C 9Y0 QB . -19.21 19.23 -42.25
O 9Y0 QB . -14.47 21.26 -41.17
C1 9Y0 QB . -18.81 20.37 -41.29
C10 9Y0 QB . -26.45 19.67 -40.51
C11 9Y0 QB . -27.28 20.40 -39.40
C12 9Y0 QB . -27.20 21.96 -39.53
C13 9Y0 QB . -28.45 22.59 -38.85
C14 9Y0 QB . -28.44 23.86 -38.36
C15 9Y0 QB . -27.17 24.75 -38.47
C16 9Y0 QB . -27.45 26.14 -37.79
C17 9Y0 QB . -26.23 26.62 -36.92
C18 9Y0 QB . -26.51 28.00 -36.26
C19 9Y0 QB . -25.45 28.40 -35.21
C2 9Y0 QB . -17.29 20.40 -41.13
C20 9Y0 QB . -25.34 27.44 -34.01
C21 9Y0 QB . -19.92 21.32 -39.43
C22 9Y0 QB . -21.40 21.39 -39.05
C23 9Y0 QB . -21.64 21.41 -37.52
C24 9Y0 QB . -22.80 22.32 -37.13
C25 9Y0 QB . -23.53 21.85 -35.85
C26 9Y0 QB . -24.70 22.78 -35.47
C27 9Y0 QB . -25.50 22.27 -34.26
C28 9Y0 QB . -26.68 23.20 -33.90
C29 9Y0 QB . -27.36 22.82 -32.59
C3 9Y0 QB . -15.17 18.60 -43.89
C30 9Y0 QB . -27.75 24.06 -31.75
C31 9Y0 QB . -28.79 23.74 -30.65
C32 9Y0 QB . -29.80 24.88 -30.47
C33 9Y0 QB . -29.13 26.18 -30.03
C34 9Y0 QB . -30.14 27.23 -29.61
C35 9Y0 QB . -29.59 28.66 -29.73
C36 9Y0 QB . -30.45 29.69 -29.02
C37 9Y0 QB . -26.70 27.02 -33.38
C38 9Y0 QB . -27.58 28.21 -32.96
C4 9Y0 QB . -14.62 17.17 -43.90
C5 9Y0 QB . -21.46 19.80 -42.65
C6 9Y0 QB . -22.51 18.71 -43.03
C7 9Y0 QB . -23.93 19.07 -42.51
C8 9Y0 QB . -24.13 18.64 -41.03
C9 9Y0 QB . -24.91 19.71 -40.21
O1 9Y0 QB . -14.49 19.32 -42.89
O2 9Y0 QB . -14.67 21.82 -43.56
O3 9Y0 QB . -16.72 20.79 -42.36
O4 9Y0 QB . -21.76 20.68 -41.92
O5 9Y0 QB . -20.15 19.74 -43.18
O6 9Y0 QB . -19.19 22.22 -39.19
O7 9Y0 QB . -19.40 20.15 -40.05
P 9Y0 QB . -15.07 20.82 -42.49
H1 9Y0 QB . -13.19 16.62 -45.21
H2 9Y0 QB . -14.69 16.03 -45.56
H4 9Y0 QB . -19.66 18.41 -41.68
H5 9Y0 QB . -18.33 18.87 -42.78
H6 9Y0 QB . -19.15 21.32 -41.69
H7 9Y0 QB . -26.77 18.63 -40.56
H8 9Y0 QB . -26.63 20.16 -41.46
H9 9Y0 QB . -28.31 20.09 -39.50
H10 9Y0 QB . -26.89 20.10 -38.43
H11 9Y0 QB . -26.29 22.32 -39.04
H12 9Y0 QB . -27.17 22.25 -40.59
H13 9Y0 QB . -29.36 21.99 -38.75
H14 9Y0 QB . -29.35 24.27 -37.89
H15 9Y0 QB . -26.93 24.91 -39.52
H16 9Y0 QB . -26.34 24.26 -37.97
H17 9Y0 QB . -27.64 26.88 -38.57
H18 9Y0 QB . -28.32 26.05 -37.15
H19 9Y0 QB . -25.35 26.71 -37.57
H20 9Y0 QB . -26.03 25.89 -36.14
H21 9Y0 QB . -26.55 28.76 -37.04
H22 9Y0 QB . -27.48 27.95 -35.76
H23 9Y0 QB . -25.69 29.39 -34.85
H24 9Y0 QB . -24.48 28.43 -35.71
H25 9Y0 QB . -16.93 19.40 -40.86
H26 9Y0 QB . -17.01 21.11 -40.35
H27 9Y0 QB . -24.82 26.54 -34.32
H28 9Y0 QB . -24.75 27.93 -33.23
H29 9Y0 QB . -21.91 20.52 -39.47
H30 9Y0 QB . -21.82 22.30 -39.48
H31 9Y0 QB . -20.74 21.76 -37.03
H32 9Y0 QB . -21.86 20.38 -37.20
H33 9Y0 QB . -22.43 23.32 -36.98
H34 9Y0 QB . -23.53 22.33 -37.95
H35 9Y0 QB . -23.92 20.84 -36.00
H36 9Y0 QB . -22.81 21.84 -35.02
H37 9Y0 QB . -25.36 22.86 -36.32
H38 9Y0 QB . -24.30 23.76 -35.23
H39 9Y0 QB . -25.90 21.27 -34.49
H40 9Y0 QB . -24.83 22.20 -33.40
H41 9Y0 QB . -26.31 24.23 -33.82
H42 9Y0 QB . -27.42 23.16 -34.70
H43 9Y0 QB . -26.67 22.21 -32.01
H44 9Y0 QB . -28.26 22.25 -32.80
H45 9Y0 QB . -16.24 18.57 -43.66
H46 9Y0 QB . -15.01 19.06 -44.86
H47 9Y0 QB . -26.86 24.46 -31.27
H48 9Y0 QB . -28.17 24.82 -32.41
H49 9Y0 QB . -29.33 22.83 -30.94
H50 9Y0 QB . -28.27 23.57 -29.71
H51 9Y0 QB . -30.53 24.59 -29.71
H52 9Y0 QB . -30.32 25.05 -31.42
H53 9Y0 QB . -28.48 25.97 -29.19
H54 9Y0 QB . -28.54 26.58 -30.86
H55 9Y0 QB . -30.41 27.06 -28.56
H56 9Y0 QB . -31.03 27.15 -30.23
H57 9Y0 QB . -29.53 28.91 -30.80
H58 9Y0 QB . -28.58 28.67 -29.31
H59 9Y0 QB . -31.47 29.63 -29.40
H60 9Y0 QB . -30.05 30.68 -29.19
H61 9Y0 QB . -30.46 29.48 -27.95
H62 9Y0 QB . -26.50 26.40 -32.51
H63 9Y0 QB . -27.24 26.43 -34.12
H64 9Y0 QB . -27.31 28.51 -31.94
H65 9Y0 QB . -27.43 29.04 -33.65
H66 9Y0 QB . -28.63 27.90 -32.97
H67 9Y0 QB . -15.40 16.48 -43.60
H68 9Y0 QB . -13.79 17.10 -43.21
H69 9Y0 QB . -22.20 17.77 -42.60
H70 9Y0 QB . -22.54 18.62 -44.12
H71 9Y0 QB . -24.67 18.55 -43.13
H72 9Y0 QB . -24.07 20.14 -42.60
H73 9Y0 QB . -23.15 18.49 -40.56
H74 9Y0 QB . -24.68 17.71 -41.00
H75 9Y0 QB . -24.75 19.52 -39.14
H76 9Y0 QB . -24.52 20.70 -40.46
C1 CDL RB . -43.98 4.38 -14.73
O1 CDL RB . -43.96 3.39 -13.69
CA2 CDL RB . -45.28 5.13 -14.71
OA2 CDL RB . -45.23 6.19 -15.70
PA1 CDL RB . -46.56 6.60 -16.50
OA3 CDL RB . -47.27 5.36 -16.94
OA4 CDL RB . -47.27 7.61 -15.65
OA5 CDL RB . -45.95 7.33 -17.79
CA3 CDL RB . -44.89 8.32 -17.58
CA4 CDL RB . -44.03 8.49 -18.80
OA6 CDL RB . -42.96 7.52 -18.71
CA5 CDL RB . -42.86 6.60 -19.67
OA7 CDL RB . -42.68 6.89 -20.83
C11 CDL RB . -43.01 5.21 -19.13
C12 CDL RB . -41.85 4.33 -19.49
C13 CDL RB . -40.81 4.27 -18.39
C14 CDL RB . -39.43 4.68 -18.82
C15 CDL RB . -39.33 6.10 -19.32
C16 CDL RB . -38.24 6.32 -20.33
C17 CDL RB . -37.05 7.08 -19.82
CA6 CDL RB . -43.38 9.85 -18.90
OA8 CDL RB . -41.94 9.70 -18.81
CA7 CDL RB . -41.22 10.50 -19.58
OA9 CDL RB . -40.42 11.28 -19.14
C31 CDL RB . -41.52 10.29 -21.04
C32 CDL RB . -40.97 11.37 -21.91
C33 CDL RB . -39.58 11.03 -22.43
C34 CDL RB . -38.82 12.21 -22.98
C35 CDL RB . -39.28 12.66 -24.36
C36 CDL RB . -38.18 13.25 -25.20
C37 CDL RB . -37.05 12.30 -25.48
C38 CDL RB . -36.36 12.53 -26.80
C39 CDL RB . -36.94 11.72 -27.95
C40 CDL RB . -36.07 11.69 -29.18
C41 CDL RB . -36.81 11.95 -30.48
C42 CDL RB . -35.95 11.84 -31.71
CB2 CDL RB . -43.67 3.74 -16.05
OB2 CDL RB . -44.90 3.21 -16.65
PB2 CDL RB . -45.34 1.70 -16.29
OB3 CDL RB . -46.33 1.79 -15.15
OB4 CDL RB . -45.72 0.96 -17.54
OB5 CDL RB . -43.97 1.10 -15.72
CB3 CDL RB . -43.20 0.23 -16.57
CB4 CDL RB . -42.08 0.98 -17.27
OB6 CDL RB . -42.48 1.37 -18.61
CB5 CDL RB . -42.74 0.43 -19.54
OB7 CDL RB . -43.83 -0.07 -19.66
C51 CDL RB . -41.58 0.10 -20.43
C52 CDL RB . -40.84 1.31 -20.90
C53 CDL RB . -39.43 0.99 -21.36
C54 CDL RB . -38.62 2.19 -21.76
C55 CDL RB . -37.30 2.31 -21.05
C56 CDL RB . -36.23 3.00 -21.86
C57 CDL RB . -35.38 3.96 -21.07
C58 CDL RB . -33.89 3.76 -21.24
C59 CDL RB . -33.43 2.34 -21.01
C60 CDL RB . -31.95 2.22 -20.73
C61 CDL RB . -31.55 2.73 -19.36
C62 CDL RB . -30.61 3.90 -19.41
C63 CDL RB . -29.23 3.56 -19.90
C64 CDL RB . -28.33 4.76 -20.11
CB6 CDL RB . -40.78 0.22 -17.28
OB8 CDL RB . -39.72 1.12 -17.70
CB7 CDL RB . -38.77 1.32 -16.79
OB9 CDL RB . -38.85 0.96 -15.66
C71 CDL RB . -37.61 2.07 -17.37
C72 CDL RB . -36.77 2.74 -16.34
C73 CDL RB . -35.30 2.41 -16.50
C74 CDL RB . -34.66 3.03 -17.73
C75 CDL RB . -34.05 4.37 -17.49
C76 CDL RB . -33.16 4.44 -16.27
C77 CDL RB . -32.23 5.63 -16.24
C78 CDL RB . -30.80 5.29 -15.90
C79 CDL RB . -29.78 6.06 -16.70
C80 CDL RB . -28.36 5.63 -16.48
C81 CDL RB . -27.33 6.72 -16.73
C1 CDL SB . -50.75 24.70 -24.01
O1 CDL SB . -51.40 25.66 -24.83
CA2 CDL SB . -50.84 25.16 -22.53
OA2 CDL SB . -50.44 26.51 -22.46
PA1 CDL SB . -48.85 26.83 -22.09
OA3 CDL SB . -48.53 28.24 -22.25
OA4 CDL SB . -48.61 26.63 -20.66
OA5 CDL SB . -47.85 25.86 -22.98
CA3 CDL SB . -47.12 26.43 -24.05
CA4 CDL SB . -46.83 25.32 -25.07
OA6 CDL SB . -45.56 25.54 -25.63
CA5 CDL SB . -44.68 24.42 -25.69
OA7 CDL SB . -44.97 23.40 -25.18
C11 CDL SB . -43.34 24.55 -26.46
C12 CDL SB . -42.22 24.85 -25.43
C13 CDL SB . -41.29 26.01 -25.91
C14 CDL SB . -39.99 25.41 -26.53
C15 CDL SB . -38.95 26.55 -26.72
C16 CDL SB . -37.56 25.94 -27.03
C17 CDL SB . -36.45 26.95 -26.66
CA6 CDL SB . -47.88 25.35 -26.18
OA8 CDL SB . -47.35 25.98 -27.33
CA7 CDL SB . -48.29 26.80 -28.01
OA9 CDL SB . -48.88 27.64 -27.42
C31 CDL SB . -48.52 26.60 -29.52
C32 CDL SB . -47.17 26.53 -30.24
C33 CDL SB . -46.50 27.92 -30.24
C34 CDL SB . -45.12 27.89 -29.51
C35 CDL SB . -44.18 26.84 -30.18
C36 CDL SB . -42.71 27.33 -30.10
C37 CDL SB . -41.74 26.19 -29.66
C38 CDL SB . -40.72 25.90 -30.79
C39 CDL SB . -39.68 27.04 -30.87
C40 CDL SB . -38.41 26.52 -31.59
C41 CDL SB . -37.37 27.66 -31.72
C42 CDL SB . -36.99 27.88 -33.19
CB2 CDL SB . -51.42 23.33 -24.20
OB2 CDL SB . -50.96 22.75 -25.40
PB2 CDL SB . -49.68 21.69 -25.32
OB3 CDL SB . -48.98 21.82 -24.05
OB4 CDL SB . -50.17 20.32 -25.22
OB5 CDL SB . -48.66 21.89 -26.62
CB3 CDL SB . -48.65 20.90 -27.63
CB4 CDL SB . -47.30 20.90 -28.47
OB6 CDL SB . -46.86 20.25 -27.26
CB5 CDL SB . -46.21 19.00 -27.49
OB7 CDL SB . -46.66 18.01 -27.01
C51 CDL SB . -44.95 18.92 -28.38
C52 CDL SB . -43.87 19.92 -27.86
C53 CDL SB . -42.51 19.55 -28.51
C54 CDL SB . -41.53 20.76 -28.42
C55 CDL SB . -40.11 20.29 -28.85
C56 CDL SB . -39.08 21.46 -28.72
C57 CDL SB . -37.65 20.87 -28.57
C58 CDL SB . -36.61 21.89 -29.12
C59 CDL SB . -35.20 21.23 -29.18
C60 CDL SB . -35.06 20.41 -30.50
C61 CDL SB . -33.63 19.82 -30.61
C62 CDL SB . -33.15 19.87 -32.08
C63 CDL SB . -32.24 21.10 -32.30
C64 CDL SB . -30.76 20.70 -32.10
CB6 CDL SB . -47.58 22.41 -28.88
OB8 CDL SB . -47.33 22.53 -30.28
CB7 CDL SB . -46.00 22.87 -30.65
OB9 CDL SB . -45.42 23.70 -30.03
C71 CDL SB . -45.32 22.17 -31.85
C72 CDL SB . -43.84 21.82 -31.50
C73 CDL SB . -42.88 22.21 -32.66
C74 CDL SB . -41.50 22.70 -32.11
C75 CDL SB . -40.35 21.82 -32.64
C76 CDL SB . -39.00 22.56 -32.49
C77 CDL SB . -38.53 23.05 -33.88
C78 CDL SB . -37.23 23.89 -33.75
C79 CDL SB . -35.98 23.02 -33.95
C80 CDL SB . -34.95 23.77 -34.83
C81 CDL SB . -34.40 24.98 -34.07
C5 MQ9 TB . -16.02 22.73 -18.61
C5M MQ9 TB . -15.34 24.06 -18.20
C4 MQ9 TB . -15.73 22.09 -19.95
O4 MQ9 TB . -14.98 22.62 -20.70
C3 MQ9 TB . -16.42 20.75 -20.36
C2 MQ9 TB . -17.33 20.11 -19.46
C1 MQ9 TB . -17.64 20.77 -18.05
O1 MQ9 TB . -18.40 20.22 -17.31
C6 MQ9 TB . -16.98 22.07 -17.66
C3A MQ9 TB . -16.15 20.16 -21.60
C3B MQ9 TB . -16.78 18.95 -21.97
C3C MQ9 TB . -17.69 18.32 -21.07
C3D MQ9 TB . -17.96 18.91 -19.81
C7 MQ9 TB . -17.27 22.71 -16.27
C8 MQ9 TB . -18.24 23.91 -16.28
C9 MQ9 TB . -18.31 24.71 -15.20
C10 MQ9 TB . -17.41 24.41 -13.99
C11 MQ9 TB . -19.25 25.98 -15.01
C12 MQ9 TB . -19.71 26.70 -16.28
C13 MQ9 TB . -21.17 27.19 -15.98
C14 MQ9 TB . -22.23 26.34 -16.11
C15 MQ9 TB . -22.03 24.89 -16.56
C16 MQ9 TB . -23.68 26.86 -15.77
C17 MQ9 TB . -24.67 26.39 -16.88
C18 MQ9 TB . -25.49 27.60 -17.35
C19 MQ9 TB . -24.93 28.56 -18.15
C20 MQ9 TB . -23.43 28.47 -18.59
C21 MQ9 TB . -25.79 29.79 -18.62
C22 MQ9 TB . -26.45 30.51 -17.41
C23 MQ9 TB . -27.49 31.56 -17.98
C24 MQ9 TB . -28.47 32.06 -17.23
C25 MQ9 TB . -28.63 31.64 -15.80
C26 MQ9 TB . -29.48 33.12 -17.87
C27 MQ9 TB . -29.03 34.53 -17.46
C28 MQ9 TB . -27.45 34.59 -17.62
C29 MQ9 TB . -26.61 35.16 -16.69
C30 MQ9 TB . -27.13 35.79 -15.39
C31 MQ9 TB . -25.06 35.13 -16.98
C32 MQ9 TB . -24.75 36.12 -18.14
C33 MQ9 TB . -23.91 35.45 -19.25
C34 MQ9 TB . -22.60 35.16 -19.06
C35 MQ9 TB . -21.91 35.47 -17.74
C36 MQ9 TB . -21.82 34.50 -20.18
C37 MQ9 TB . -21.78 32.96 -19.99
C38 MQ9 TB . -20.90 32.62 -18.76
C39 MQ9 TB . -21.21 32.08 -17.55
C40 MQ9 TB . -22.62 31.69 -17.10
C41 MQ9 TB . -20.20 31.80 -16.40
C42 MQ9 TB . -20.47 32.79 -15.23
C43 MQ9 TB . -19.11 33.35 -14.70
C44 MQ9 TB . -18.31 32.58 -13.86
C45 MQ9 TB . -18.73 31.19 -13.45
C46 MQ9 TB . -16.96 33.16 -13.36
C47 MQ9 TB . -17.21 34.03 -12.06
C48 MQ9 TB . -16.28 33.64 -10.89
C49 MQ9 TB . -16.61 32.69 -9.96
C50 MQ9 TB . -15.63 32.38 -8.85
C51 MQ9 TB . -17.94 31.88 -10.00
H5M3 MQ9 TB . -14.87 23.95 -17.23
H5M2 MQ9 TB . -16.09 24.86 -18.17
H5M1 MQ9 TB . -14.57 24.32 -18.95
H3A MQ9 TB . -15.44 20.62 -22.28
H3B MQ9 TB . -16.56 18.49 -22.93
H3C MQ9 TB . -18.14 17.37 -21.34
H3D MQ9 TB . -18.59 18.38 -19.10
H72 MQ9 TB . -17.68 21.93 -15.61
H71 MQ9 TB . -16.33 23.04 -15.85
H8 MQ9 TB . -19.01 23.98 -17.06
H103 MQ9 TB . -17.74 25.02 -13.14
H102 MQ9 TB . -16.38 24.66 -14.23
H101 MQ9 TB . -17.49 23.35 -13.72
H112 MQ9 TB . -18.73 26.70 -14.38
H111 MQ9 TB . -20.14 25.66 -14.46
H121 MQ9 TB . -19.07 27.56 -16.48
H122 MQ9 TB . -19.71 26.02 -17.12
H13 MQ9 TB . -21.34 28.21 -15.63
H153 MQ9 TB . -21.43 24.35 -15.83
H152 MQ9 TB . -23.00 24.40 -16.65
H151 MQ9 TB . -21.53 24.88 -17.52
H162 MQ9 TB . -23.98 26.46 -14.81
H161 MQ9 TB . -23.66 27.95 -15.74
H172 MQ9 TB . -25.34 25.63 -16.48
H171 MQ9 TB . -24.11 25.98 -17.72
H18 MQ9 TB . -26.53 27.67 -17.08
H203 MQ9 TB . -22.78 28.69 -17.75
H202 MQ9 TB . -23.24 29.18 -19.40
H201 MQ9 TB . -23.22 27.45 -18.95
H212 MQ9 TB . -25.15 30.49 -19.16
H211 MQ9 TB . -26.58 29.44 -19.29
H222 MQ9 TB . -26.97 29.78 -16.78
H221 MQ9 TB . -25.69 31.02 -16.82
H23 MQ9 TB . -27.42 31.87 -19.02
H253 MQ9 TB . -29.39 32.26 -15.33
H252 MQ9 TB . -28.92 30.60 -15.75
H251 MQ9 TB . -27.68 31.78 -15.28
H262 MQ9 TB . -30.48 32.93 -17.50
H261 MQ9 TB . -29.47 33.03 -18.95
H272 MQ9 TB . -29.49 35.27 -18.12
H271 MQ9 TB . -29.31 34.72 -16.42
H28 MQ9 TB . -26.99 34.17 -18.53
H303 MQ9 TB . -26.33 36.38 -14.92
H302 MQ9 TB . -27.97 36.45 -15.62
H301 MQ9 TB . -27.46 35.02 -14.71
H312 MQ9 TB . -24.76 34.13 -17.28
H311 MQ9 TB . -24.51 35.43 -16.09
H321 MQ9 TB . -25.68 36.48 -18.57
H322 MQ9 TB . -24.20 36.98 -17.74
H33 MQ9 TB . -24.38 35.23 -20.21
H353 MQ9 TB . -20.87 35.18 -17.80
H352 MQ9 TB . -21.98 36.55 -17.54
H351 MQ9 TB . -22.40 34.92 -16.93
H362 MQ9 TB . -22.31 34.74 -21.13
H361 MQ9 TB . -20.81 34.89 -20.18
H372 MQ9 TB . -22.79 32.59 -19.82
H371 MQ9 TB . -21.37 32.49 -20.89
H38 MQ9 TB . -20.15 32.03 -19.30
H403 MQ9 TB . -23.02 32.46 -16.44
H402 MQ9 TB . -23.27 31.58 -17.96
H401 MQ9 TB . -22.57 30.74 -16.57
H412 MQ9 TB . -19.18 31.94 -16.77
H411 MQ9 TB . -20.33 30.78 -16.05
H422 MQ9 TB . -20.99 32.27 -14.41
H421 MQ9 TB . -21.08 33.62 -15.58
H43 MQ9 TB . -18.78 34.35 -14.97
H453 MQ9 TB . -19.64 31.25 -12.85
H452 MQ9 TB . -18.93 30.59 -14.33
H451 MQ9 TB . -17.94 30.73 -12.87
H462 MQ9 TB . -16.50 33.78 -14.13
H461 MQ9 TB . -16.28 32.33 -13.11
H472 MQ9 TB . -18.25 33.88 -11.75
H471 MQ9 TB . -17.05 35.07 -12.31
H48 MQ9 TB . -15.33 34.14 -10.80
H503 MQ9 TB . -14.66 32.11 -9.28
H502 MQ9 TB . -16.02 31.55 -8.25
H501 MQ9 TB . -15.52 33.26 -8.22
H513 MQ9 TB . -17.79 30.97 -10.57
H512 MQ9 TB . -18.72 32.48 -10.45
H511 MQ9 TB . -18.24 31.61 -8.97
C1 CDL UB . -44.36 20.07 -3.24
O1 CDL UB . -43.03 19.59 -3.15
CA2 CDL UB . -44.29 21.59 -3.44
OA2 CDL UB . -43.20 21.94 -4.25
PA1 CDL UB . -43.12 23.41 -5.00
OA3 CDL UB . -44.10 23.52 -6.06
OA4 CDL UB . -43.47 24.54 -4.18
OA5 CDL UB . -41.62 23.50 -5.68
CA3 CDL UB . -40.65 24.29 -5.11
CA4 CDL UB . -39.34 24.18 -5.87
OA6 CDL UB . -38.41 25.02 -5.27
CA5 CDL UB . -37.46 24.26 -4.60
OA7 CDL UB . -37.82 23.67 -3.65
C11 CDL UB . -35.99 24.19 -5.09
C12 CDL UB . -35.25 25.48 -4.71
C13 CDL UB . -34.81 26.29 -5.94
C14 CDL UB . -33.65 25.63 -6.73
C15 CDL UB . -32.35 26.47 -6.60
C16 CDL UB . -31.38 26.01 -7.71
C17 CDL UB . -29.94 26.43 -7.36
CA6 CDL UB . -39.43 24.66 -7.31
OA8 CDL UB . -38.44 25.66 -7.36
CA7 CDL UB . -38.09 26.03 -8.65
OA9 CDL UB . -38.60 27.00 -9.10
C31 CDL UB . -37.05 25.22 -9.42
C32 CDL UB . -36.39 26.03 -10.56
C33 CDL UB . -35.65 27.26 -9.97
C34 CDL UB . -34.17 27.36 -10.40
C35 CDL UB . -34.12 28.00 -11.81
C36 CDL UB . -34.01 29.53 -11.83
C37 CDL UB . -32.60 30.03 -11.45
C38 CDL UB . -32.58 31.57 -11.51
C39 CDL UB . -32.98 32.06 -10.10
C40 CDL UB . -33.27 33.57 -10.10
C41 CDL UB . -33.59 33.96 -8.64
C42 CDL UB . -32.29 34.13 -7.85
CB2 CDL UB . -45.09 19.38 -4.40
OB2 CDL UB . -45.07 20.17 -5.57
PB2 CDL UB . -44.89 19.48 -7.06
OB3 CDL UB . -46.09 18.70 -7.30
OB4 CDL UB . -44.96 20.48 -8.12
OB5 CDL UB . -43.49 18.59 -7.13
CB3 CDL UB . -42.24 19.11 -6.66
CB4 CDL UB . -41.61 19.94 -7.84
OB6 CDL UB . -42.07 18.99 -8.82
CB5 CDL UB . -41.06 18.38 -9.58
OB7 CDL UB . -40.85 18.82 -10.66
C51 CDL UB . -40.23 17.19 -9.03
C52 CDL UB . -39.43 16.49 -10.17
C53 CDL UB . -37.98 17.03 -10.30
C54 CDL UB . -37.73 17.65 -11.68
C55 CDL UB . -36.22 18.00 -11.79
C56 CDL UB . -36.08 18.67 -13.16
C57 CDL UB . -34.66 19.14 -13.53
C58 CDL UB . -34.87 20.00 -14.82
C59 CDL UB . -33.53 20.38 -15.46
C60 CDL UB . -33.84 21.16 -16.76
C61 CDL UB . -32.52 21.81 -17.26
C62 CDL UB . -32.45 23.26 -16.72
C63 CDL UB . -30.98 23.73 -16.69
C64 CDL UB . -30.97 25.27 -16.68
CB6 CDL UB . -40.27 20.53 -7.21
OB8 CDL UB . -39.21 20.17 -8.08
CB7 CDL UB . -37.94 20.77 -7.90
OB9 CDL UB . -37.70 21.32 -6.91
C71 CDL UB . -36.87 20.68 -9.00
C72 CDL UB . -35.71 21.70 -8.82
C73 CDL UB . -35.12 22.04 -10.21
C74 CDL UB . -33.87 22.95 -10.03
C75 CDL UB . -33.21 23.22 -11.41
C76 CDL UB . -31.85 23.92 -11.17
C77 CDL UB . -31.40 24.79 -12.38
C78 CDL UB . -30.10 25.55 -12.02
C79 CDL UB . -30.41 27.03 -11.65
C80 CDL UB . -29.17 27.74 -11.03
C81 CDL UB . -29.51 28.82 -9.98
C1 CDL VB . -43.67 11.33 -11.25
O1 CDL VB . -44.88 10.63 -11.45
CA2 CDL VB . -43.94 12.59 -10.39
OA2 CDL VB . -42.77 13.39 -10.33
PA1 CDL VB . -42.61 14.67 -11.37
OA3 CDL VB . -43.79 14.85 -12.20
OA4 CDL VB . -42.60 15.94 -10.65
OA5 CDL VB . -41.25 14.48 -12.30
CA3 CDL VB . -40.68 13.18 -12.37
CA4 CDL VB . -39.34 13.19 -13.13
OA6 CDL VB . -38.37 13.88 -12.39
CA5 CDL VB . -37.06 13.84 -12.93
OA7 CDL VB . -36.38 14.80 -12.90
C11 CDL VB . -36.49 12.54 -13.59
C12 CDL VB . -34.95 12.67 -13.72
C13 CDL VB . -34.61 13.62 -14.91
C14 CDL VB . -33.74 12.86 -15.95
C15 CDL VB . -33.07 13.88 -16.91
C16 CDL VB . -31.81 14.47 -16.23
C17 CDL VB . -31.59 15.94 -16.68
CA6 CDL VB . -39.54 13.85 -14.50
OA8 CDL VB . -40.10 15.14 -14.38
CA7 CDL VB . -39.68 16.03 -15.38
OA9 CDL VB . -39.20 17.08 -15.09
C31 CDL VB . -39.85 15.66 -16.88
C32 CDL VB . -38.50 15.83 -17.61
C33 CDL VB . -37.72 14.48 -17.66
C34 CDL VB . -37.52 14.00 -19.13
C35 CDL VB . -36.05 14.26 -19.54
C36 CDL VB . -35.83 13.73 -20.98
C37 CDL VB . -34.39 14.09 -21.45
C38 CDL VB . -33.48 12.84 -21.37
C39 CDL VB . -32.11 13.14 -22.03
C40 CDL VB . -30.99 13.20 -20.96
C41 CDL VB . -30.85 14.65 -20.44
C42 CDL VB . -29.68 14.74 -19.44
CB2 CDL VB . -42.67 10.41 -10.51
OB2 CDL VB . -43.00 9.06 -10.74
PB2 CDL VB . -41.80 8.03 -11.19
OB3 CDL VB . -40.65 8.11 -10.27
OB4 CDL VB . -42.19 6.63 -11.02
OB5 CDL VB . -41.32 8.34 -12.75
CB3 CDL VB . -40.36 7.50 -13.34
CB4 CDL VB . -40.55 7.26 -14.89
OB6 CDL VB . -39.31 6.56 -14.65
CB5 CDL VB . -38.91 5.69 -15.69
OB7 CDL VB . -39.71 5.30 -16.48
C51 CDL VB . -37.43 5.25 -15.80
C52 CDL VB . -36.52 6.52 -15.70
C53 CDL VB . -35.22 6.19 -14.89
C54 CDL VB . -34.56 7.52 -14.43
C55 CDL VB . -33.26 7.79 -15.25
C56 CDL VB . -32.93 9.31 -15.17
C57 CDL VB . -31.38 9.51 -15.15
C58 CDL VB . -30.79 9.28 -16.57
C59 CDL VB . -30.63 10.64 -17.30
C60 CDL VB . -29.29 11.32 -16.87
C61 CDL VB . -28.11 10.71 -17.67
C62 CDL VB . -27.71 11.66 -18.82
C63 CDL VB . -26.72 10.94 -19.78
C64 CDL VB . -26.77 11.60 -21.18
CB6 CDL VB . -40.91 8.81 -15.04
OB8 CDL VB . -39.99 9.66 -14.36
CB7 CDL VB . -38.72 9.79 -14.94
OB9 CDL VB . -37.76 9.44 -14.32
C71 CDL VB . -38.55 10.36 -16.38
C72 CDL VB . -37.06 10.41 -16.83
C73 CDL VB . -36.92 9.68 -18.19
C74 CDL VB . -35.69 10.21 -18.97
C75 CDL VB . -34.45 9.33 -18.65
C76 CDL VB . -34.24 8.28 -19.77
C77 CDL VB . -33.60 8.91 -21.04
C78 CDL VB . -32.13 9.35 -20.82
C79 CDL VB . -31.25 8.16 -20.40
C80 CDL VB . -29.76 8.53 -20.58
C81 CDL VB . -29.30 8.15 -22.00
C1 PLM WB . -14.50 45.50 -20.58
O2 PLM WB . -13.69 44.96 -21.38
C2 PLM WB . -15.80 46.08 -21.23
C3 PLM WB . -16.00 47.59 -21.04
C4 PLM WB . -17.37 48.12 -21.46
C5 PLM WB . -17.45 49.65 -21.48
C6 PLM WB . -18.86 50.22 -21.36
C7 PLM WB . -19.47 50.05 -19.95
C8 PLM WB . -20.85 49.40 -19.94
C9 PLM WB . -21.52 49.38 -18.57
CA PLM WB . -23.05 49.36 -18.63
CB PLM WB . -23.72 48.71 -17.42
CC PLM WB . -23.55 47.18 -17.38
CD PLM WB . -24.78 46.43 -16.84
CE PLM WB . -25.23 46.90 -15.45
CF PLM WB . -25.88 45.78 -14.62
CG PLM WB . -26.21 46.22 -13.19
H21 PLM WB . -16.57 45.63 -20.84
H22 PLM WB . -15.80 45.90 -22.18
H31 PLM WB . -15.32 48.07 -21.55
H32 PLM WB . -15.86 47.81 -20.11
H41 PLM WB . -18.05 47.77 -20.87
H42 PLM WB . -17.58 47.78 -22.35
H51 PLM WB . -17.05 49.98 -22.31
H52 PLM WB . -16.90 49.99 -20.75
H61 PLM WB . -19.43 49.78 -22.00
H62 PLM WB . -18.84 51.16 -21.57
H71 PLM WB . -19.53 50.93 -19.53
H72 PLM WB . -18.86 49.52 -19.41
H81 PLM WB . -20.77 48.49 -20.28
H82 PLM WB . -21.43 49.88 -20.57
H91 PLM WB . -21.24 50.15 -18.06
H92 PLM WB . -21.22 48.59 -18.09
HA1 PLM WB . -23.33 48.90 -19.44
HA2 PLM WB . -23.37 50.28 -18.71
HB1 PLM WB . -24.66 48.91 -17.42
HB2 PLM WB . -23.34 49.09 -16.61
HC1 PLM WB . -22.78 46.97 -16.82
HC2 PLM WB . -23.34 46.85 -18.27
HD1 PLM WB . -24.58 45.48 -16.82
HD2 PLM WB . -25.51 46.56 -17.47
HE1 PLM WB . -25.84 47.63 -15.55
HE2 PLM WB . -24.45 47.24 -14.97
HF1 PLM WB . -25.28 45.02 -14.58
HF2 PLM WB . -26.69 45.49 -15.06
HG1 PLM WB . -26.62 45.48 -12.71
HG2 PLM WB . -26.83 46.96 -13.21
HG3 PLM WB . -25.40 46.49 -12.73
C21 9XX XB . -19.21 46.00 -17.53
C23 9XX XB . -21.10 44.45 -17.17
C6 9XX XB . -23.90 42.65 -10.71
C7 9XX XB . -23.36 43.11 -12.06
C8 9XX XB . -21.92 43.56 -11.89
C11 9XX XB . -21.89 47.40 -12.23
C13 9XX XB . -20.24 48.50 -13.77
C14 9XX XB . -20.05 49.63 -14.78
C15 9XX XB . -18.57 50.01 -14.87
C16 9XX XB . -16.60 50.50 -16.12
C17 9XX XB . -15.65 49.33 -15.84
O 9XX XB . -17.93 50.08 -16.11
C10 9XX XB . -21.78 45.94 -12.68
C12 9XX XB . -21.73 48.34 -13.43
C18 9XX XB . -16.02 46.98 -15.70
C19 9XX XB . -16.92 46.13 -16.59
C20 9XX XB . -18.18 46.93 -16.91
C22 9XX XB . -20.04 45.29 -16.46
C24 9XX XB . -22.08 43.82 -16.18
C25 9XX XB . -23.08 42.97 -16.97
C26 9XX XB . -24.12 42.35 -16.06
C27 9XX XB . -24.42 40.91 -16.52
C28 9XX XB . -25.80 40.46 -16.04
C29 9XX XB . -26.05 40.85 -14.58
C30 9XX XB . -27.13 39.94 -13.98
C36 9XX XB . -23.34 39.96 -16.01
C37 9XX XB . -14.90 48.98 -17.13
C5 9XX XB . -25.30 42.05 -10.89
C9 9XX XB . -21.88 45.03 -11.46
O1 9XX XB . -16.42 48.26 -15.35
O2 9XX XB . -14.99 46.54 -15.31
O6 9XX XB . -17.98 50.24 -13.87
H1 9XX XB . -19.88 46.58 -18.17
H2 9XX XB . -18.69 45.25 -18.13
H3 9XX XB . -21.65 45.08 -17.87
H4 9XX XB . -20.61 43.66 -17.73
H5 9XX XB . -23.23 41.89 -10.29
H6 9XX XB . -23.95 43.50 -10.03
H7 9XX XB . -23.41 42.29 -12.78
H8 9XX XB . -23.97 43.95 -12.43
H9 9XX XB . -21.43 42.95 -11.14
H10 9XX XB . -21.38 43.45 -12.84
H11 9XX XB . -21.11 47.62 -11.50
H12 9XX XB . -22.86 47.56 -11.78
H13 9XX XB . -19.87 47.56 -14.19
H14 9XX XB . -19.69 48.73 -12.86
H15 9XX XB . -20.39 49.30 -15.76
H16 9XX XB . -20.63 50.49 -14.47
H17 9XX XB . -16.36 50.92 -17.10
H18 9XX XB . -16.45 51.26 -15.36
H19 9XX XB . -14.93 49.62 -15.07
H20 9XX XB . -20.81 45.78 -13.17
H21 9XX XB . -22.58 45.71 -13.37
H22 9XX XB . -22.25 47.92 -14.29
H23 9XX XB . -22.15 49.31 -13.18
H24 9XX XB . -16.40 45.90 -17.52
H25 9XX XB . -17.19 45.21 -16.08
H26 9XX XB . -17.95 47.73 -17.60
H27 9XX XB . -18.58 47.35 -15.99
H28 9XX XB . -19.40 44.65 -15.86
H29 9XX XB . -20.53 46.03 -15.83
H30 9XX XB . -21.54 43.19 -15.47
H31 9XX XB . -22.62 44.60 -15.64
H32 9XX XB . -22.53 42.17 -17.49
H33 9XX XB . -23.57 43.60 -17.71
H34 9XX XB . -25.03 42.94 -16.08
H35 9XX XB . -23.75 42.32 -15.03
H36 9XX XB . -24.41 40.90 -17.61
H37 9XX XB . -25.87 39.38 -16.13
H38 9XX XB . -26.57 40.93 -16.66
H39 9XX XB . -26.39 41.89 -14.53
H40 9XX XB . -25.13 40.74 -14.01
H41 9XX XB . -27.66 39.43 -14.79
H42 9XX XB . -26.65 39.21 -13.33
H44 9XX XB . -23.82 39.05 -15.63
H45 9XX XB . -22.66 39.71 -16.82
H46 9XX XB . -22.79 40.44 -15.20
H48 9XX XB . -15.61 48.69 -17.91
H49 9XX XB . -14.33 49.84 -17.47
H50 9XX XB . -25.27 41.31 -11.69
C4 9XX XB . -25.79 41.38 -9.61
H51 9XX XB . -25.99 42.84 -11.16
C3 9XX XB . -25.05 40.07 -9.34
H53 9XX XB . -21.00 45.19 -10.82
C2 9XX XB . -25.59 39.39 -8.08
H54 9XX XB . -22.78 45.27 -10.90
C1 9XX XB . -26.67 38.36 -8.41
C31 9XX XB . -28.12 40.77 -13.16
C32 9XX XB . -29.11 39.83 -12.47
C33 9XX XB . -30.21 40.63 -11.79
C34 9XX XB . -31.56 40.45 -12.50
C35 9XX XB . -32.13 39.05 -12.23
H43 9XX XB . -25.63 42.06 -8.76
H52 9XX XB . -26.86 41.17 -9.70
H55 9XX XB . -25.18 39.41 -10.20
H56 9XX XB . -23.98 40.27 -9.21
H57 9XX XB . -24.77 38.90 -7.56
H58 9XX XB . -26.01 40.16 -7.43
H59 9XX XB . -27.38 38.79 -9.12
H60 9XX XB . -27.19 38.08 -7.49
H62 9XX XB . -27.59 41.35 -12.41
H63 9XX XB . -28.67 41.44 -13.83
H64 9XX XB . -28.58 39.23 -11.72
H65 9XX XB . -29.55 39.17 -13.22
H66 9XX XB . -30.30 40.30 -10.75
H67 9XX XB . -29.94 41.70 -11.81
H68 9XX XB . -32.26 41.20 -12.14
H69 9XX XB . -31.41 40.58 -13.57
C 9XX XB . -26.04 37.10 -9.02
H70 9XX XB . -31.89 38.76 -11.21
H71 9XX XB . -31.68 38.34 -12.92
H72 9XX XB . -33.21 39.07 -12.35
H61 9XX XB . -25.95 37.24 -10.10
H73 9XX XB . -26.67 36.24 -8.80
H74 9XX XB . -25.05 36.95 -8.59
FE HEC YB . -0.68 43.00 -37.10
CHA HEC YB . 1.26 41.83 -34.52
CHB HEC YB . 1.30 41.32 -39.34
CHC HEC YB . -2.99 43.58 -39.58
CHD HEC YB . -2.44 44.99 -34.98
NA HEC YB . 1.01 41.85 -36.97
C1A HEC YB . 1.55 41.38 -35.79
C2A HEC YB . 2.49 40.33 -36.12
C3A HEC YB . 2.50 40.19 -37.44
C4A HEC YB . 1.59 41.14 -38.01
CMA HEC YB . 3.36 39.19 -38.25
CAA HEC YB . 3.31 39.55 -35.08
CBA HEC YB . 4.41 40.45 -34.56
CGA HEC YB . 5.36 39.66 -33.70
O1A HEC YB . 5.06 38.47 -33.40
O2A HEC YB . 6.41 40.22 -33.28
NB HEC YB . -0.81 42.54 -39.11
C1B HEC YB . 0.11 41.81 -39.84
C2B HEC YB . -0.41 41.67 -41.19
C3B HEC YB . -1.59 42.29 -41.24
C4B HEC YB . -1.87 42.86 -39.94
CMB HEC YB . 0.28 40.92 -42.35
CAB HEC YB . -2.50 42.40 -42.48
CBB HEC YB . -2.97 40.99 -42.91
NC HEC YB . -2.39 44.13 -37.26
C1C HEC YB . -3.23 44.16 -38.35
C2C HEC YB . -4.33 45.04 -38.02
C3C HEC YB . -4.27 45.30 -36.71
C4C HEC YB . -2.99 44.82 -36.22
CMC HEC YB . -5.61 45.18 -38.87
CAC HEC YB . -5.33 46.11 -35.91
CBC HEC YB . -4.73 47.22 -35.01
ND HEC YB . -0.56 43.40 -35.06
C1D HEC YB . -1.50 44.19 -34.40
C2D HEC YB . -1.34 43.99 -32.97
C3D HEC YB . -0.19 43.00 -32.83
C4D HEC YB . 0.23 42.69 -34.18
CMD HEC YB . -2.16 44.66 -31.85
CAD HEC YB . 0.41 42.45 -31.51
CBD HEC YB . -0.66 41.65 -30.77
CGD HEC YB . -1.14 40.52 -31.62
O1D HEC YB . -0.43 40.14 -32.59
O2D HEC YB . -2.24 39.97 -31.33
HHA HEC YB . 1.81 41.51 -33.80
HHB HEC YB . 1.98 41.08 -39.99
HHC HEC YB . -3.67 43.69 -40.25
HHD HEC YB . -2.74 45.76 -34.47
HMA1 HEC YB . 3.18 39.30 -39.20
HMA2 HEC YB . 3.15 38.28 -37.98
HMA3 HEC YB . 4.30 39.35 -38.08
HAA1 HEC YB . 3.70 38.75 -35.49
HAA2 HEC YB . 2.75 39.25 -34.35
HBA1 HEC YB . 4.03 41.18 -34.04
HBA2 HEC YB . 4.90 40.85 -35.30
HMB1 HEC YB . -0.28 40.98 -43.14
HMB2 HEC YB . 0.41 40.00 -42.10
HMB3 HEC YB . 1.13 41.33 -42.53
HAB HEC YB . -2.76 43.22 -42.92
HBB1 HEC YB . -3.54 41.05 -43.69
HBB2 HEC YB . -3.45 40.57 -42.18
HBB3 HEC YB . -2.19 40.44 -43.13
HMC1 HEC YB . -6.21 45.83 -38.46
HMC2 HEC YB . -6.05 44.32 -38.92
HMC3 HEC YB . -5.38 45.48 -39.76
HAC HEC YB . -6.28 45.93 -35.96
HBC1 HEC YB . -5.45 47.68 -34.55
HBC2 HEC YB . -4.24 47.85 -35.56
HBC3 HEC YB . -4.13 46.82 -34.36
HMD1 HEC YB . -1.84 44.34 -30.99
HMD2 HEC YB . -3.10 44.43 -31.95
HMD3 HEC YB . -2.06 45.62 -31.90
HAD1 HEC YB . 0.73 43.17 -30.96
HAD2 HEC YB . 1.17 41.87 -31.71
HBD1 HEC YB . -1.40 42.24 -30.54
HBD2 HEC YB . -0.30 41.32 -29.93
FE HEC ZB . 1.49 28.51 -27.08
CHA HEC ZB . -0.75 30.23 -29.07
CHB HEC ZB . 1.66 26.07 -29.38
CHC HEC ZB . 4.40 27.33 -25.61
CHD HEC ZB . 1.04 30.65 -24.54
NA HEC ZB . 0.62 28.22 -28.91
C1A HEC ZB . -0.31 29.02 -29.55
C2A HEC ZB . -0.71 28.35 -30.77
C3A HEC ZB . -0.04 27.19 -30.84
C4A HEC ZB . 0.81 27.10 -29.67
CMA HEC ZB . -0.11 26.14 -31.96
CAA HEC ZB . -1.73 28.86 -31.80
CBA HEC ZB . -2.91 27.90 -31.84
CGA HEC ZB . -3.99 28.44 -32.75
O1A HEC ZB . -3.97 29.65 -33.04
O2A HEC ZB . -4.87 27.64 -33.16
NB HEC ZB . 2.80 26.95 -27.39
C1B HEC ZB . 2.69 26.11 -28.48
C2B HEC ZB . 3.85 25.27 -28.50
C3B HEC ZB . 4.65 25.59 -27.49
C4B HEC ZB . 3.98 26.67 -26.75
CMB HEC ZB . 4.13 24.18 -29.56
CAB HEC ZB . 5.98 24.86 -27.25
CBB HEC ZB . 6.69 25.20 -25.93
NC HEC ZB . 2.51 28.90 -25.35
C1C HEC ZB . 3.71 28.35 -24.97
C2C HEC ZB . 4.04 28.89 -23.66
C3C HEC ZB . 3.26 29.95 -23.46
C4C HEC ZB . 2.19 29.90 -24.46
CMC HEC ZB . 5.43 28.73 -23.01
CAC HEC ZB . 3.41 30.88 -22.24
CBC HEC ZB . 2.13 31.61 -21.82
ND HEC ZB . 0.29 30.17 -26.84
C1D HEC ZB . 0.35 30.96 -25.69
C2D HEC ZB . -0.43 32.15 -25.92
C3D HEC ZB . -0.98 32.02 -27.34
C4D HEC ZB . -0.49 30.76 -27.83
CMD HEC ZB . -0.65 33.33 -24.95
CAD HEC ZB . -1.88 33.00 -28.09
CBD HEC ZB . -1.08 33.59 -29.25
CGD HEC ZB . -1.98 34.38 -30.14
O1D HEC ZB . -3.23 34.27 -30.02
O2D HEC ZB . -1.45 35.15 -30.98
HHA HEC ZB . -1.30 30.76 -29.67
HHB HEC ZB . 1.52 25.23 -29.86
HHC HEC ZB . 5.24 27.05 -25.22
HHD HEC ZB . 0.68 31.01 -23.71
HMA1 HEC ZB . 0.49 25.40 -31.75
HMA2 HEC ZB . 0.15 26.53 -32.80
HMA3 HEC ZB . -1.02 25.80 -32.02
HAA1 HEC ZB . -1.32 28.92 -32.68
HAA2 HEC ZB . -2.03 29.74 -31.56
HBA1 HEC ZB . -3.27 27.77 -30.95
HBA2 HEC ZB . -2.63 27.03 -32.15
HMB1 HEC ZB . 4.98 23.75 -29.37
HMB2 HEC ZB . 4.18 24.59 -30.44
HMB3 HEC ZB . 3.42 23.52 -29.54
HAB HEC ZB . 6.35 24.23 -27.89
HBB1 HEC ZB . 7.51 24.70 -25.86
HBB2 HEC ZB . 6.11 24.97 -25.18
HBB3 HEC ZB . 6.89 26.15 -25.90
HMC1 HEC ZB . 5.44 29.17 -22.15
HMC2 HEC ZB . 6.11 29.14 -23.58
HMC3 HEC ZB . 5.63 27.79 -22.90
HAC HEC ZB . 4.26 30.99 -21.77
HBC1 HEC ZB . 2.31 32.17 -21.03
HBC2 HEC ZB . 1.45 30.96 -21.58
HBC3 HEC ZB . 1.81 32.17 -22.55
HMD1 HEC ZB . -1.21 34.00 -25.36
HMD2 HEC ZB . 0.21 33.73 -24.73
HMD3 HEC ZB . -1.08 33.01 -24.14
HAD1 HEC ZB . -2.17 33.71 -27.49
HAD2 HEC ZB . -2.68 32.56 -28.42
HBD1 HEC ZB . -0.66 32.87 -29.75
HBD2 HEC ZB . -0.36 34.15 -28.91
C5 MQ9 AC . -22.74 21.12 -7.56
C5M MQ9 AC . -23.79 21.03 -6.41
C4 MQ9 AC . -21.32 20.63 -7.34
O4 MQ9 AC . -21.00 20.18 -6.31
C3 MQ9 AC . -20.27 20.72 -8.51
C2 MQ9 AC . -20.65 21.27 -9.77
C1 MQ9 AC . -22.12 21.77 -10.00
O1 MQ9 AC . -22.43 22.23 -11.07
C6 MQ9 AC . -23.14 21.68 -8.89
C3A MQ9 AC . -18.95 20.28 -8.31
C3B MQ9 AC . -18.02 20.37 -9.36
C3C MQ9 AC . -18.40 20.90 -10.62
C3D MQ9 AC . -19.72 21.36 -10.82
C7 MQ9 AC . -24.60 22.20 -9.14
C8 MQ9 AC . -25.69 21.11 -9.13
C9 MQ9 AC . -25.89 20.30 -10.17
C10 MQ9 AC . -25.02 20.41 -11.44
C11 MQ9 AC . -27.04 19.20 -10.11
C12 MQ9 AC . -26.59 17.98 -9.30
C13 MQ9 AC . -26.94 18.22 -7.79
C14 MQ9 AC . -28.17 17.97 -7.29
C15 MQ9 AC . -29.29 17.45 -8.20
C16 MQ9 AC . -28.47 18.22 -5.77
C17 MQ9 AC . -27.99 19.64 -5.35
C18 MQ9 AC . -26.67 19.49 -4.57
C19 MQ9 AC . -26.61 19.57 -3.20
C20 MQ9 AC . -27.86 19.84 -2.29
C21 MQ9 AC . -25.20 19.38 -2.52
C22 MQ9 AC . -24.55 20.75 -2.11
C23 MQ9 AC . -23.14 20.40 -1.46
C24 MQ9 AC . -23.02 20.06 -0.19
C25 MQ9 AC . -24.19 19.97 0.73
C26 MQ9 AC . -21.57 19.70 0.39
C27 MQ9 AC . -20.87 20.77 1.25
C28 MQ9 AC . -19.67 19.99 1.94
C29 MQ9 AC . -18.43 20.53 2.21
C30 MQ9 AC . -17.40 19.62 2.87
C31 MQ9 AC . -17.99 22.03 1.90
C32 MQ9 AC . -17.80 22.72 3.29
C33 MQ9 AC . -17.93 24.24 3.23
C34 MQ9 AC . -19.13 24.85 3.01
C35 MQ9 AC . -20.42 24.06 2.83
C36 MQ9 AC . -19.16 26.36 2.98
C37 MQ9 AC . -19.83 26.96 4.27
C38 MQ9 AC . -19.96 25.92 5.43
C39 MQ9 AC . -19.37 25.85 6.66
C40 MQ9 AC . -18.38 26.87 7.22
C41 MQ9 AC . -19.65 24.70 7.68
C42 MQ9 AC . -20.75 25.15 8.69
C43 MQ9 AC . -22.14 25.25 7.94
C44 MQ9 AC . -23.25 24.54 8.32
C45 MQ9 AC . -23.25 23.57 9.50
C46 MQ9 AC . -24.58 24.71 7.53
C47 MQ9 AC . -24.87 23.39 6.73
C48 MQ9 AC . -24.06 23.37 5.41
C49 MQ9 AC . -24.51 22.76 4.29
C50 MQ9 AC . -23.64 22.80 3.07
C51 MQ9 AC . -25.87 22.01 4.24
H5M3 MQ9 AC . -24.65 21.65 -6.65
H5M2 MQ9 AC . -24.11 19.98 -6.30
H5M1 MQ9 AC . -23.33 21.36 -5.48
H3A MQ9 AC . -18.68 19.82 -7.37
H3B MQ9 AC . -16.99 20.01 -9.21
H3C MQ9 AC . -17.66 20.99 -11.42
H3D MQ9 AC . -20.00 21.78 -11.78
H72 MQ9 AC . -24.62 22.71 -10.11
H71 MQ9 AC . -24.84 22.93 -8.37
H8 MQ9 AC . -26.33 21.01 -8.26
H103 MQ9 AC . -24.92 21.44 -11.73
H102 MQ9 AC . -24.03 19.99 -11.24
H101 MQ9 AC . -25.49 19.83 -12.25
H112 MQ9 AC . -27.92 19.63 -9.65
H111 MQ9 AC . -27.28 18.89 -11.12
H121 MQ9 AC . -27.11 17.10 -9.66
H122 MQ9 AC . -25.51 17.84 -9.42
H13 MQ9 AC . -26.15 18.55 -7.10
H153 MQ9 AC . -29.62 18.25 -8.86
H152 MQ9 AC . -30.14 17.11 -7.59
H151 MQ9 AC . -28.93 16.62 -8.79
H162 MQ9 AC . -29.54 18.13 -5.59
H161 MQ9 AC . -27.95 17.47 -5.18
H172 MQ9 AC . -28.74 20.11 -4.71
H171 MQ9 AC . -27.82 20.25 -6.23
H18 MQ9 AC . -25.76 19.29 -5.12
H203 MQ9 AC . -28.25 20.85 -2.50
H202 MQ9 AC . -27.57 19.78 -1.24
H201 MQ9 AC . -28.64 19.10 -2.51
H212 MQ9 AC . -25.31 18.77 -1.63
H211 MQ9 AC . -24.54 18.87 -3.22
H222 MQ9 AC . -24.41 21.37 -3.01
H221 MQ9 AC . -25.18 21.26 -1.40
H23 MQ9 AC . -22.24 20.44 -2.08
H253 MQ9 AC . -24.81 19.12 0.46
H252 MQ9 AC . -23.85 19.84 1.76
H251 MQ9 AC . -24.78 20.87 0.66
H262 MQ9 AC . -21.65 18.79 0.97
H261 MQ9 AC . -20.91 19.49 -0.47
H272 MQ9 AC . -20.51 21.58 0.63
H271 MQ9 AC . -21.58 21.16 2.01
H28 MQ9 AC . -19.84 18.94 2.22
H303 MQ9 AC . -17.40 18.63 2.38
H302 MQ9 AC . -17.65 19.49 3.93
H301 MQ9 AC . -16.41 20.07 2.79
H312 MQ9 AC . -17.03 22.03 1.35
H311 MQ9 AC . -18.75 22.54 1.33
H321 MQ9 AC . -16.82 22.47 3.67
H322 MQ9 AC . -18.56 22.32 3.97
H33 MQ9 AC . -17.04 24.86 3.34
H353 MQ9 AC . -20.44 23.24 3.52
H352 MQ9 AC . -21.28 24.72 3.02
H351 MQ9 AC . -20.46 23.68 1.81
H362 MQ9 AC . -19.74 26.67 2.10
H361 MQ9 AC . -18.15 26.74 2.89
H372 MQ9 AC . -19.24 27.78 4.61
H371 MQ9 AC . -20.84 27.32 4.02
H38 MQ9 AC . -21.05 25.89 5.47
H403 MQ9 AC . -17.51 26.92 6.55
H402 MQ9 AC . -18.85 27.84 7.30
H401 MQ9 AC . -18.04 26.54 8.21
H412 MQ9 AC . -19.99 23.81 7.13
H411 MQ9 AC . -18.74 24.46 8.21
H422 MQ9 AC . -20.48 26.12 9.11
H421 MQ9 AC . -20.82 24.41 9.48
H43 MQ9 AC . -22.23 25.94 7.10
H453 MQ9 AC . -22.63 22.72 9.26
H452 MQ9 AC . -24.27 23.24 9.70
H451 MQ9 AC . -22.85 24.08 10.38
H462 MQ9 AC . -25.39 24.90 8.23
H461 MQ9 AC . -24.47 25.55 6.84
H472 MQ9 AC . -25.93 23.33 6.48
H471 MQ9 AC . -24.58 22.53 7.32
H48 MQ9 AC . -23.10 23.87 5.39
H503 MQ9 AC . -22.73 22.22 3.24
H502 MQ9 AC . -24.17 22.39 2.22
H501 MQ9 AC . -23.36 23.83 2.86
H513 MQ9 AC . -26.05 21.66 3.23
H512 MQ9 AC . -26.66 22.68 4.55
H511 MQ9 AC . -25.83 21.13 4.92
P 9YF BC . -13.28 16.30 -31.43
O1 9YF BC . -12.58 16.54 -32.74
O2 9YF BC . -12.31 16.66 -30.15
O3 9YF BC . -9.98 16.71 -31.82
O4 9YF BC . -7.84 18.01 -30.78
C 9YF BC . -14.78 14.59 -29.21
O 9YF BC . -13.61 14.69 -31.35
C1 9YF BC . -14.75 14.18 -30.69
C10 9YF BC . -14.41 10.16 -27.99
C11 9YF BC . -15.91 10.31 -28.34
C12 9YF BC . -16.77 9.21 -27.70
C13 9YF BC . -18.19 9.11 -28.33
C14 9YF BC . -19.09 10.39 -28.36
C15 9YF BC . -19.48 11.02 -26.99
C16 9YF BC . -20.20 10.07 -26.01
C17 9YF BC . -20.77 10.82 -24.78
C18 9YF BC . -20.86 9.94 -23.53
C19 9YF BC . -22.15 10.19 -22.73
C2 9YF BC . -11.45 17.77 -30.20
C20 9YF BC . -22.02 9.73 -21.28
C21 9YF BC . -23.17 8.91 -20.70
C22 9YF BC . -22.72 8.27 -19.38
C23 9YF BC . -23.82 7.52 -18.65
C24 9YF BC . -15.97 15.52 -28.92
C25 9YF BC . -16.49 17.65 -28.18
C26 9YF BC . -17.89 17.54 -27.55
C27 9YF BC . -19.01 17.10 -28.51
C28 9YF BC . -20.39 17.22 -27.82
C29 9YF BC . -21.07 15.88 -27.47
C3 9YF BC . -10.07 17.25 -30.54
C30 9YF BC . -20.59 15.27 -26.14
C31 9YF BC . -21.02 16.09 -24.90
C32 9YF BC . -21.42 15.15 -23.74
C33 9YF BC . -21.38 15.84 -22.35
C34 9YF BC . -22.47 16.93 -22.23
C35 9YF BC . -21.46 14.77 -21.22
C36 9YF BC . -20.93 15.22 -19.83
C37 9YF BC . -21.98 15.94 -18.94
C38 9YF BC . -21.65 17.43 -18.76
C39 9YF BC . -22.85 18.32 -18.46
C4 9YF BC . -9.12 18.43 -30.50
C40 9YF BC . -22.44 19.79 -18.69
C41 9YF BC . -23.53 20.75 -18.21
C42 9YF BC . -23.27 21.32 -16.84
C43 9YF BC . -24.49 22.10 -16.36
C5 9YF BC . -9.10 18.96 -29.09
C6 9YF BC . -10.44 19.55 -28.68
C7 9YF BC . -11.49 18.44 -28.82
C8 9YF BC . -13.88 12.70 -27.93
C9 9YF BC . -13.52 11.31 -28.50
O10 9YF BC . -13.23 13.12 -27.06
O11 9YF BC . -15.59 16.58 -28.10
O12 9YF BC . -16.16 18.64 -28.71
O5 9YF BC . -8.06 19.89 -29.06
O6 9YF BC . -10.79 20.65 -29.45
O7 9YF BC . -12.76 19.00 -28.67
O8 9YF BC . -14.52 17.14 -31.37
O9 9YF BC . -14.98 13.44 -28.43
H2 9YF BC . -9.08 16.69 -32.10
H3 9YF BC . -7.23 18.54 -30.30
H4 9YF BC . -13.87 15.05 -28.88
H5 9YF BC . -14.70 13.09 -30.74
H6 9YF BC . -15.63 14.46 -31.24
H7 9YF BC . -14.05 9.24 -28.43
H8 9YF BC . -14.28 10.09 -26.92
H9 9YF BC . -16.30 11.25 -27.97
H10 9YF BC . -16.03 10.29 -29.42
H11 9YF BC . -16.88 9.40 -26.64
H12 9YF BC . -16.28 8.25 -27.83
H13 9YF BC . -18.73 8.32 -27.82
H14 9YF BC . -18.07 8.80 -29.36
H15 9YF BC . -20.01 10.12 -28.87
H16 9YF BC . -18.60 11.16 -28.95
H17 9YF BC . -18.58 11.39 -26.55
H18 9YF BC . -20.14 11.86 -27.18
H19 9YF BC . -19.50 9.31 -25.68
H20 9YF BC . -21.02 9.58 -26.54
H21 9YF BC . -21.75 11.20 -25.05
H22 9YF BC . -20.13 11.67 -24.57
H23 9YF BC . -20.00 10.16 -22.92
H24 9YF BC . -20.84 8.89 -23.80
H25 9YF BC . -22.36 11.26 -22.72
H26 9YF BC . -22.97 9.68 -23.21
H27 9YF BC . -11.78 18.47 -30.96
H28 9YF BC . -21.10 9.17 -21.14
H29 9YF BC . -21.99 10.64 -20.68
H30 9YF BC . -23.48 8.13 -21.40
H31 9YF BC . -24.00 9.58 -20.51
H32 9YF BC . -21.91 7.58 -19.54
H33 9YF BC . -22.37 9.05 -18.72
H34 9YF BC . -24.73 8.13 -18.64
H35 9YF BC . -23.51 7.33 -17.63
H36 9YF BC . -24.02 6.58 -19.15
H37 9YF BC . -16.40 15.96 -29.81
H38 9YF BC . -16.72 14.93 -28.44
H39 9YF BC . -18.11 18.49 -27.07
H40 9YF BC . -17.83 16.77 -26.82
H41 9YF BC . -18.99 17.73 -29.40
H42 9YF BC . -18.84 16.08 -28.81
H43 9YF BC . -21.05 17.73 -28.52
H44 9YF BC . -20.31 17.83 -26.94
H45 9YF BC . -20.89 15.15 -28.26
H46 9YF BC . -22.14 16.05 -27.41
H47 9YF BC . -9.77 16.49 -29.83
H48 9YF BC . -21.00 14.27 -26.08
H49 9YF BC . -19.52 15.18 -26.17
H50 9YF BC . -21.86 16.71 -25.18
H51 9YF BC . -20.20 16.73 -24.61
H52 9YF BC . -20.72 14.32 -23.74
H53 9YF BC . -22.42 14.76 -23.92
H54 9YF BC . -20.44 16.35 -22.28
H55 9YF BC . -22.00 17.88 -21.98
H56 9YF BC . -23.01 17.05 -23.15
H57 9YF BC . -23.20 16.69 -21.46
H58 9YF BC . -22.48 14.40 -21.14
H59 9YF BC . -20.83 13.92 -21.49
H60 9YF BC . -20.61 14.34 -19.30
H61 9YF BC . -20.05 15.83 -19.94
H62 9YF BC . -22.98 15.81 -19.33
H63 9YF BC . -21.96 15.47 -17.97
H64 9YF BC . -20.96 17.51 -17.92
H65 9YF BC . -21.20 17.82 -19.67
H66 9YF BC . -23.68 18.07 -19.11
H67 9YF BC . -23.14 18.17 -17.42
H68 9YF BC . -9.41 19.19 -31.21
H69 9YF BC . -22.31 19.94 -19.76
H70 9YF BC . -21.50 19.99 -18.19
H71 9YF BC . -23.63 21.56 -18.93
H72 9YF BC . -24.46 20.20 -18.12
H73 9YF BC . -22.39 21.94 -16.87
H74 9YF BC . -23.14 20.49 -16.19
H75 9YF BC . -25.28 21.39 -16.09
H76 9YF BC . -24.86 22.75 -17.14
H77 9YF BC . -24.23 22.67 -15.48
H78 9YF BC . -8.90 18.15 -28.45
H79 9YF BC . -10.38 19.83 -27.63
H80 9YF BC . -11.33 17.69 -28.06
H81 9YF BC . -12.50 11.09 -28.22
H82 9YF BC . -13.58 11.33 -29.58
H83 9YF BC . -7.81 20.05 -28.16
H84 9YF BC . -11.73 20.72 -29.49
H85 9YF BC . -13.41 18.35 -28.87
FE1 FES CC . -0.37 29.58 -5.26
FE2 FES CC . 1.57 29.51 -7.12
S1 FES CC . 0.80 27.84 -5.91
S2 FES CC . 0.32 31.22 -6.55
P 9YF DC . 14.78 28.19 16.65
O1 9YF DC . 15.93 29.07 17.09
O2 9YF DC . 15.27 27.08 15.53
O3 9YF DC . 14.77 29.16 13.62
O4 9YF DC . 15.84 28.96 11.26
C 9YF DC . 11.36 29.26 16.85
O 9YF DC . 13.56 29.12 15.98
C1 9YF DC . 12.74 29.92 16.81
C10 9YF DC . 12.39 25.27 16.03
C11 9YF DC . 11.54 25.18 17.32
C12 9YF DC . 11.97 23.99 18.19
C13 9YF DC . 11.10 22.76 17.90
C14 9YF DC . 9.71 22.82 18.56
C15 9YF DC . 8.60 22.28 17.63
C16 9YF DC . 8.64 20.75 17.63
C17 9YF DC . 7.37 20.24 16.94
C18 9YF DC . 7.44 18.73 16.73
C19 9YF DC . 6.07 18.07 16.74
C2 9YF DC . 16.18 27.41 14.51
C20 9YF DC . 5.12 18.75 15.74
C21 9YF DC . 4.18 17.76 15.09
C22 9YF DC . 4.86 17.20 13.85
C23 9YF DC . 4.11 15.99 13.29
C24 9YF DC . 10.29 30.27 17.23
C25 9YF DC . 10.06 32.37 18.33
C26 9YF DC . 8.61 32.74 17.98
C27 9YF DC . 7.95 33.84 18.83
C28 9YF DC . 8.06 35.26 18.24
C29 9YF DC . 6.97 35.66 17.20
C3 9YF DC . 15.47 28.00 13.31
C30 9YF DC . 5.53 35.83 17.77
C31 9YF DC . 4.64 34.90 16.94
C32 9YF DC . 3.18 34.59 17.32
C33 9YF DC . 2.57 33.59 16.28
C34 9YF DC . 3.01 32.11 16.52
C35 9YF DC . 1.03 33.68 16.26
C36 9YF DC . 0.36 32.85 15.13
C37 9YF DC . -0.15 31.45 15.53
C38 9YF DC . -1.36 31.06 14.65
C39 9YF DC . -1.59 29.53 14.67
C4 9YF DC . 16.53 28.41 12.31
C40 9YF DC . -2.25 29.04 13.38
C41 9YF DC . -2.40 27.50 13.38
C42 9YF DC . -2.75 27.03 11.97
C43 9YF DC . -3.58 25.76 11.95
C5 9YF DC . 17.37 27.23 11.83
C6 9YF DC . 17.94 26.45 13.00
C7 9YF DC . 16.89 26.14 14.07
C8 9YF DC . 10.83 27.36 15.41
C9 9YF DC . 11.84 26.27 14.97
O10 9YF DC . 9.69 27.06 15.58
O11 9YF DC . 10.51 31.02 18.39
O12 9YF DC . 10.85 33.23 18.51
O5 9YF DC . 18.45 27.71 11.09
O6 9YF DC . 19.00 27.18 13.57
O7 9YF DC . 17.52 25.58 15.17
O8 9YF DC . 14.26 27.46 17.88
O9 9YF DC . 11.19 28.72 15.57
H2 9YF DC . 13.89 28.95 13.89
H3 9YF DC . 15.80 29.91 11.37
H4 9YF DC . 11.38 28.47 17.58
H5 9YF DC . 12.67 30.92 16.38
H6 9YF DC . 13.15 29.99 17.80
H7 9YF DC . 12.42 24.30 15.57
H8 9YF DC . 13.39 25.53 16.30
H9 9YF DC . 10.50 25.06 17.04
H10 9YF DC . 11.66 26.08 17.90
H11 9YF DC . 11.89 24.26 19.24
H12 9YF DC . 13.01 23.74 17.98
H13 9YF DC . 10.99 22.69 16.83
H14 9YF DC . 11.61 21.86 18.24
H15 9YF DC . 9.46 23.84 18.82
H16 9YF DC . 9.75 22.25 19.49
H17 9YF DC . 7.64 22.61 18.01
H18 9YF DC . 8.71 22.66 16.62
H19 9YF DC . 8.66 20.36 18.64
H20 9YF DC . 9.51 20.39 17.10
H21 9YF DC . 7.28 20.74 15.98
H22 9YF DC . 6.52 20.47 17.57
H23 9YF DC . 8.06 18.26 17.48
H24 9YF DC . 7.87 18.52 15.76
H25 9YF DC . 6.21 17.03 16.50
H26 9YF DC . 5.64 18.16 17.73
H27 9YF DC . 16.91 28.13 14.88
H28 9YF DC . 4.51 19.47 16.27
H29 9YF DC . 5.67 19.26 14.95
H30 9YF DC . 3.28 18.28 14.78
H31 9YF DC . 3.94 16.97 15.80
H32 9YF DC . 4.88 17.97 13.10
H33 9YF DC . 5.89 16.97 14.03
H34 9YF DC . 4.83 15.27 12.93
H35 9YF DC . 3.48 16.29 12.48
H36 9YF DC . 3.51 15.52 14.06
H37 9YF DC . 10.22 30.98 16.41
H38 9YF DC . 9.34 29.75 17.33
H39 9YF DC . 7.98 31.85 18.06
H40 9YF DC . 8.60 33.06 16.96
H41 9YF DC . 6.90 33.57 18.96
H42 9YF DC . 8.41 33.85 19.81
H43 9YF DC . 9.01 35.38 17.76
H44 9YF DC . 7.99 35.97 19.06
H45 9YF DC . 7.02 34.96 16.37
H46 9YF DC . 7.25 36.61 16.77
H47 9YF DC . 14.80 27.26 12.87
H48 9YF DC . 5.48 35.57 18.82
H49 9YF DC . 5.22 36.86 17.63
H50 9YF DC . 5.15 33.96 16.97
H51 9YF DC . 4.62 35.34 15.96
H52 9YF DC . 2.62 35.52 17.34
H53 9YF DC . 3.16 34.13 18.31
H54 9YF DC . 2.90 33.88 15.30
H55 9YF DC . 2.29 31.62 17.17
H56 9YF DC . 3.04 31.60 15.56
H57 9YF DC . 3.98 32.03 16.98
H58 9YF DC . 0.75 34.71 16.09
H59 9YF DC . 0.64 33.39 17.24
H60 9YF DC . 1.02 32.76 14.28
H61 9YF DC . -0.51 33.41 14.84
H62 9YF DC . 0.67 30.76 15.40
H63 9YF DC . -0.47 31.43 16.57
H64 9YF DC . -2.25 31.54 15.02
H65 9YF DC . -1.20 31.40 13.63
H66 9YF DC . -0.65 29.00 14.79
H67 9YF DC . -2.24 29.28 15.50
H68 9YF DC . 17.17 29.17 12.74
H69 9YF DC . -1.62 29.31 12.54
H70 9YF DC . -3.22 29.51 13.26
H71 9YF DC . -3.19 27.23 14.06
H72 9YF DC . -1.47 27.03 13.68
H73 9YF DC . -3.30 27.81 11.47
H74 9YF DC . -1.84 26.86 11.43
H75 9YF DC . -3.58 25.37 10.94
H76 9YF DC . -4.59 25.98 12.26
H77 9YF DC . -3.14 25.02 12.63
H78 9YF DC . 16.76 26.58 11.23
H79 9YF DC . 18.35 25.52 12.63
H80 9YF DC . 16.18 25.44 13.67
H81 9YF DC . 11.34 25.63 14.26
H82 9YF DC . 12.67 26.75 14.47
H83 9YF DC . 18.19 28.49 10.62
H84 9YF DC . 19.42 27.68 12.88
H85 9YF DC . 18.42 25.88 15.20
P 9YF EC . 16.62 14.32 14.55
O1 9YF EC . 17.85 14.98 15.05
O2 9YF EC . 16.79 12.68 14.58
O3 9YF EC . 15.04 12.01 16.49
O4 9YF EC . 13.59 9.82 16.30
C 9YF EC . 14.52 15.36 17.65
O 9YF EC . 15.25 14.70 15.41
C1 9YF EC . 15.04 15.80 16.28
C10 9YF EC . 16.24 14.92 21.78
C11 9YF EC . 15.60 16.33 21.75
C12 9YF EC . 14.07 16.37 21.77
C13 9YF EC . 13.47 15.64 23.00
C14 9YF EC . 12.05 16.10 23.34
C15 9YF EC . 11.05 15.92 22.17
C16 9YF EC . 9.64 16.38 22.59
C17 9YF EC . 8.57 15.30 22.39
C18 9YF EC . 8.49 14.36 23.60
C19 9YF EC . 7.37 14.78 24.52
C2 9YF EC . 15.66 11.92 14.23
C20 9YF EC . 7.57 14.03 25.83
C21 9YF EC . 6.39 14.18 26.78
C22 9YF EC . 5.37 13.06 26.55
C23 9YF EC . 4.11 13.34 27.35
C24 9YF EC . 13.06 14.93 17.57
C25 9YF EC . 12.52 12.95 18.68
C26 9YF EC . 11.24 12.17 18.63
C27 9YF EC . 10.02 12.93 19.19
C28 9YF EC . 9.08 12.03 20.02
C29 9YF EC . 7.61 12.01 19.55
C3 9YF EC . 15.31 11.13 15.45
C30 9YF EC . 6.79 13.04 20.33
C31 9YF EC . 5.29 12.90 20.06
C32 9YF EC . 4.54 14.15 20.59
C33 9YF EC . 4.04 13.96 22.05
C34 9YF EC . 3.99 15.36 22.71
C35 9YF EC . 2.62 13.34 22.10
C36 9YF EC . 2.55 12.03 22.90
C37 9YF EC . 2.61 12.21 24.43
C38 9YF EC . 1.32 11.86 25.17
C39 9YF EC . 0.29 13.03 25.17
C4 9YF EC . 14.05 10.39 15.13
C40 9YF EC . -0.96 12.70 24.36
C41 9YF EC . -1.92 11.79 25.17
C42 9YF EC . -3.07 11.30 24.31
C43 9YF EC . -4.41 11.72 24.93
C5 9YF EC . 14.24 9.37 14.04
C6 9YF EC . 15.07 9.82 12.87
C7 9YF EC . 16.00 11.01 13.05
C8 9YF EC . 16.19 14.48 19.21
C9 9YF EC . 15.81 13.98 20.63
O10 9YF EC . 17.24 14.99 19.03
O11 9YF EC . 12.66 14.34 18.77
O12 9YF EC . 13.47 12.30 18.60
O5 9YF EC . 12.99 9.07 13.54
O6 9YF EC . 14.15 10.04 11.87
O7 9YF EC . 15.91 11.77 11.90
O8 9YF EC . 16.53 14.56 13.08
O9 9YF EC . 15.33 14.30 18.10
H2 9YF EC . 15.85 12.32 16.86
H3 9YF EC . 13.39 10.50 16.92
H4 9YF EC . 14.60 16.18 18.35
H5 9YF EC . 14.29 16.46 15.83
H6 9YF EC . 15.96 16.33 16.42
H7 9YF EC . 16.01 14.43 22.72
H8 9YF EC . 17.32 15.03 21.75
H9 9YF EC . 15.97 16.89 22.60
H10 9YF EC . 15.94 16.85 20.85
H11 9YF EC . 13.76 17.41 21.81
H12 9YF EC . 13.69 15.93 20.87
H13 9YF EC . 13.49 14.57 22.81
H14 9YF EC . 14.10 15.83 23.86
H15 9YF EC . 12.07 17.15 23.62
H16 9YF EC . 11.70 15.51 24.19
H17 9YF EC . 11.33 16.52 21.31
H18 9YF EC . 11.06 14.88 21.87
H19 9YF EC . 9.37 17.22 21.97
H20 9YF EC . 9.64 16.71 23.62
H21 9YF EC . 8.82 14.73 21.51
H22 9YF EC . 7.61 15.76 22.22
H23 9YF EC . 9.43 14.37 24.12
H24 9YF EC . 8.28 13.36 23.25
H25 9YF EC . 7.39 15.86 24.69
H26 9YF EC . 6.43 14.48 24.08
H27 9YF EC . 14.84 12.56 13.94
H28 9YF EC . 7.67 13.00 25.57
H29 9YF EC . 8.46 14.38 26.33
H30 9YF EC . 5.90 15.14 26.61
H31 9YF EC . 6.76 14.13 27.79
H32 9YF EC . 5.79 12.10 26.87
H33 9YF EC . 5.15 13.02 25.49
H34 9YF EC . 4.37 13.65 28.36
H35 9YF EC . 3.51 12.44 27.40
H36 9YF EC . 3.54 14.12 26.86
H37 9YF EC . 12.43 15.81 17.40
H38 9YF EC . 12.91 14.24 16.75
H39 9YF EC . 11.43 11.23 19.13
H40 9YF EC . 11.07 11.98 17.58
H41 9YF EC . 10.36 13.70 19.86
H42 9YF EC . 9.49 13.39 18.39
H43 9YF EC . 9.15 12.40 21.03
H44 9YF EC . 9.41 11.00 20.04
H45 9YF EC . 7.19 11.04 19.76
H46 9YF EC . 7.52 12.18 18.49
H47 9YF EC . 16.11 10.46 15.76
H48 9YF EC . 6.93 12.91 21.39
H49 9YF EC . 7.15 14.01 20.01
H50 9YF EC . 4.91 11.99 20.52
H51 9YF EC . 5.14 12.85 18.99
H52 9YF EC . 3.71 14.36 19.92
H53 9YF EC . 5.19 15.01 20.55
H54 9YF EC . 4.74 13.35 22.60
H55 9YF EC . 3.33 16.01 22.14
H56 9YF EC . 3.65 15.27 23.73
H57 9YF EC . 4.99 15.81 22.73
H58 9YF EC . 2.28 13.08 21.11
H59 9YF EC . 1.91 14.04 22.52
H60 9YF EC . 3.35 11.36 22.59
H61 9YF EC . 1.60 11.60 22.64
H62 9YF EC . 3.35 11.53 24.82
H63 9YF EC . 2.92 13.22 24.67
H64 9YF EC . 0.91 10.96 24.78
H65 9YF EC . 1.57 11.66 26.21
H66 9YF EC . 0.01 13.24 26.19
H67 9YF EC . 0.73 13.93 24.75
H68 9YF EC . 13.30 11.08 14.84
H69 9YF EC . -0.68 12.23 23.42
H70 9YF EC . -1.49 13.62 24.14
H71 9YF EC . -1.38 10.92 25.55
H72 9YF EC . -2.29 12.35 26.03
H73 9YF EC . -3.04 10.22 24.26
H74 9YF EC . -3.00 11.70 23.31
H75 9YF EC . -4.46 12.81 24.96
H76 9YF EC . -4.50 11.31 25.93
H77 9YF EC . -5.21 11.34 24.30
H78 9YF EC . 14.71 8.49 14.40
H79 9YF EC . 15.67 8.99 12.55
H80 9YF EC . 17.01 10.66 13.16
H81 9YF EC . 16.34 13.07 20.84
H82 9YF EC . 14.75 13.76 20.69
H83 9YF EC . 13.04 8.34 12.94
H84 9YF EC . 14.31 9.42 11.17
H85 9YF EC . 16.53 12.48 11.94
#